data_8B9C
#
_entry.id   8B9C
#
_cell.length_a   1.00
_cell.length_b   1.00
_cell.length_c   1.00
_cell.angle_alpha   90.00
_cell.angle_beta   90.00
_cell.angle_gamma   90.00
#
_symmetry.space_group_name_H-M   'P 1'
#
loop_
_entity.id
_entity.type
_entity.pdbx_description
1 polymer 'DNA replication licensing factor MCM2'
2 polymer 'DNA replication licensing factor MCM3'
3 polymer 'DNA replication licensing factor MCM4'
4 polymer 'Minichromosome maintenance protein 5'
5 polymer 'DNA replication licensing factor MCM6'
6 polymer 'DNA replication licensing factor MCM7'
7 polymer 'DNA primase large subunit'
8 polymer 'DNA polymerase alpha subunit B'
9 polymer 'DNA replication complex GINS protein PSF1'
10 polymer 'DNA replication complex GINS protein PSF2'
11 polymer 'DNA replication complex GINS protein PSF3'
12 polymer 'DNA replication complex GINS protein SLD5'
13 polymer 'Cell division control protein 45'
14 polymer 'Mediator of replication checkpoint protein 1'
15 polymer 'Leading strand'
16 polymer 'Lagging strand'
17 polymer 'DNA primase small subunit'
18 polymer 'Topoisomerase 1-associated factor 1'
19 polymer 'Chromosome segregation in meiosis protein 3'
20 polymer 'DNA polymerase alpha catalytic subunit A'
21 non-polymer 'PHOSPHOAMINOPHOSPHONIC ACID-ADENYLATE ESTER'
22 non-polymer 'MAGNESIUM ION'
23 non-polymer 'ZINC ION'
#
loop_
_entity_poly.entity_id
_entity_poly.type
_entity_poly.pdbx_seq_one_letter_code
_entity_poly.pdbx_strand_id
1 'polypeptide(L)'
;MSDNRRRRREEDDSDSENELPPSSPQQHFRGGMNPVSSPIGSPDMINPEGDDNEVDDVPDIDEVEEQMNEVDLMDDNMYE
DYAADHNRDRYDPDQVDDREQQELSLSERRRIDAQLNERDRLLRNVAYIDDEDEEQEGAAQLDEMGLPVQRRRRRRQYED
LENSDDDLLSDMDIDPLREELTLESLSNVKANSYSEWITQPNVSRTIARELKSFLLEYTDETGRSVYGARIRTLGEMNSE
SLEVNYRHLAESKAILALFLAKCPEEMLKIFDLVAMEATELHYPDYARIHSEIHVRISDFPTIYSLRELRESNLSSLVRV
TGVVTRRTGVFPQLKYVKFNCLKCGSILGPFFQDSNEEIRISFCTNCKSKGPFRVNGEKTVYRNYQRVTLQEAPGTVPPG
RLPRHREVILLADLVDVSKPGEEVEVTGIYKNNYDGNLNAKNGFPVFATIIEANSIKRREGNTANEGEEGLDVFSWTEEE
EREFRKISRDRGIIDKIISSMAPSIYGHRDIKTAVACSLFGGVPKNVNGKHSIRGDINVLLLGDPGTAKSQILKYVEKTA
HRAVFATGQGASAVGLTASVRKDPITKEWTLEGGALVLADKGVCLIDEFDKMNDQDRTSIHEAMEQQSISISKAGIVTTL
QARCSIIAAANPNGGRYNSTLPLAQNVSLTEPILSRFDILCVVRDLVDEEADERLATFVVDSHVRSHPENDEDREGEELK
NNGESAIEQGEDEINEQLNARQRRLQRQRKKEEEISPIPQELLMKYIHYARTKIYPKLHQMDMDKVSRVYADLRRESIST
GSFPITVRHLESILRIAESFAKMRLSEFVSSYDLDRAIKVVVDSFVDAQKVSVRRQLRRSFAIYTLGH
;
2
2 'polypeptide(L)'
;MKRRWKKNFIAVSAANRFKKISSSGALENLYFQGEAPVMEGSTGFDGDATTFFAPDAVFGDRVRRFQEFLDTFTSYRDSV
RSIQVYNSNNAANYNDDQDDADERDLLGDDDGDDLEKEKKAASSTSLNILPHRIIISLDDLREFDRSFWSGILVEPAYFI
PPAEKALTDLADSMDDVPHPNASAVSSRHPWKLSFKGSFGAHALSPRTLTAQHLNKLVSVEGIVTKTSLVRPKLIRSVHY
AAKTGRFHYRDYTDATTTLTTRIPTPAIYPTEDTEGNKLTTEYGYSTFIDHQRITVQEMPEMAPAGQLPRSIDVILDDDL
VDKTKPGDRVNVVGVFKSLGAGGMNQSNSNTLIGFKTLILGNTVYPLHARSTGVAARQMLTDFDIRNINKLSKKKDIFDI
LSQSLAPSIYGHDHIKKAILLMLMGGVEKNLENGSHLRGDINILMVGDPSTAKSQLLRFVLNTASLAIATTGRGSSGVGL
TAAVTTDRETGERRLEAGAMVLADRGVVCIDEFDKMTDVDRVAIHEVMEQQTVTIAKAGIHTTLNARCSVIAAANPVFGQ
YDVNRDPHQNIALPDSLLSRFDLLFVVTDDINEIRDRSISEHVLRTHRYLPPGYLEGEPVRERLNLSLAVGEDADINPEE
HSNSGAGVENEGEDDEDHVFEKFNPLLQAGAKLAKNKGNYNGTEIPKLVTIPFLRKYVQYAKERVIPQLTQEAINVIVKN
YTDLRNDDNTKKSPITARTLETLIRLATAHAKVRLSKTVNKVDAKVAANLLRFALLGEDIGNDIDEEESEYEEALSKRSP
QKSPKKRQRVRQPASNSGSPIKSTPRRSTASSVNATPSSARRILRFQDDEQNAGEDDNDIMSPLPADEEAELQRRLQLGL
RVSPRRREHLHAPEEGSSGPLTEVGTPRLPNVSSAGQDDEQQQSVISFDNVEPGTISTGRLSLISGIIARLMQTEIFEEE
SYPVASLFERINEELPEEEKFSAQEYLAGLKIMSDRNNLMVADDKVWRV
;
3
3 'polypeptide(L)'
;MSQQSSSPTKEDNNSSSPVVPNPDSVPPQLSSPALFYSSSSSQGDIYGRNNSQNLSQGEGNIRAAIGSSPLNFPSSSQRQ
NSDVFQSQGRQGRIRSSASASGRSRYHSDLRSDRALPTSSSSLGRNGQNRVHMRRNDIHTSDLSSPRRIVDFDTRSGVNT
LDTSSSSAPPSEASEPLRIIWGTNVSIQECTTNFRNFLMSFKYKFRKILDEREEFINNTTDEELYYIKQLNEMRELGTSN
LNLDARNLLAYKQTEDLYHQLLNYPQEVISIMDQTIKDCMVSLIVDNNLDYDLDEIETKFYKVRPYNVGSCKGMRELNPN
DIDKLINLKGLVLRSTPVIPDMKVAFFKCNVCDHTMAVEIDRGVIQEPARCERIDCNEPNSMSLIHNRCSFADKQVIKLQ
ETPDFVPDGQTPHSISLCVYDELVDSCRAGDRIEVTGTFRSIPIRANSRQRVLKSLYKTYVDVVHVKKVSDKRLDVDTST
IEQELMQNKVDHNEVEEVRQITDQDLAKIREVAAREDLYSLLARSIAPSIYELEDVKKGILLQLFGGTNKTFTKGGRYRG
DINILLCGDPSTSKSQILQYVHKITPRGVYTSGKGSSAVGLTAYITRDVDTKQLVLESGALVLSDGGVCCIDEFDKMSDS
TRSVLHEVMEQQTISIAKAGIITTLNARSSILASANPIGSRYNPNLPVTENIDLPPPLLSRFDLVYLVLDKVDEKNDREL
AKHLTNLYLEDKPEHISQDDVLPVEFLTMYISYAKEHIHPIITEAAKTELVRAYVGMRKMGDDSRSDEKRITATTRQLES
MIRLAEAHAKMKLKNVVELEDVQEAVRLIRSAIKDYATDPKTGKIDMNLVQTGKSVIQRKLQEDLSREIMNVLKDQASDS
MSFNELIKQINEHSQDRVESSDIQEALSRLQQEDKVIVLGEGVRRSVRLNNRV
;
4
4 'polypeptide(L)'
;MSFDRPEIYSAPVLQGESPNDDDNTEIIKSFKNFILEFRLDSQFIYRDQLRNNILVKNYSLTVNMEHLIGYNEDIYKKLS
DEPSDIIPLFETAITQVAKRISILSRAQSANNNDKDPENTSMDTDSLLLNSLPTFQLILNSNANQIPLRDLDSEHVSKIV
RLSGIIISTSVLSSRATYLSIMCRNCRHTTSITINNFNSITGNTVSLPRSCLSTIESESSMANESNIGDESTKKNCGPDP
YIIIHESSKFIDQQFLKLQEIPELVPVGEMPRNLTMTCDRYLTNKVIPGTRVTIVGIYSIYNSKNGAGSGRSGGGNGGSG
VAIRTPYIKILGIQSDVETSSIWNSVTMFTEEEEEEFLQLSRNPKLYEILTNSIAPSIFGNEDIKKAIVCLLMGGSKKIL
PDGMRLRGDINVLLLGDPGTAKSQLLKFVEKVSPIAVYTSGKGSSAAGLTASVQRDPMTREFYLEGGAMVLADGGVVCID
EFDKMRDEDRVAIHEAMEQQTISIAKAGITTVLNSRTSVLAAANPIYGRYDDLKSPGDNIDFQTTILSRFDMIFIVKDDH
NEERDISIANHVINIHTGNANAMQNQQEENGSEISIEKMKRYITYCRLKCAPRLSPQAAEKLSSNFVTIRKQLLINELES
TERSSIPITIRQLEAIIRITESLAKLELSPIAQERHVDEAIRLFQASTMDAASQDPIGGLNQASGTSLSEIRRFEQELKR
RLPIGWSTSYQTLRREFVDTHRFSQLALDKALYALEKHETIQLRHQGQNIYRSGV
;
5
5 'polypeptide(L)'
;MSSPFPADTPSSNRPSNSSPPPSSIGAGFGSSSGLDSQIGSRLHFPSSSQPHVSNSQTGPFVNDSTQFSSQRLQTDGSAT
NDMEGNEPARSFKSRALNHVKKVDDVTGEKVREAFEQFLEDFSVQSTDTGEVEKVYRAQIEFMKIYDLNTIYIDYQHLSM
RENGALAMAISEQYYRFLPFLQKGLRRVVRKYAPELLNTSDSLKRSEGDEGQADEDEQQDDDMNGSSLPRDSGSSAAPGN
GTSAMATRSITTSTSPEQTERVFQISFFNLPTVHRIRDIRSEKIGSLLSISGTVTRTSEVRPELYKASFTCDMCRAIVDN
VEQSFKYTEPTFCPNPSCENRAFWTLNVTRSRFLDWQKVRIQENANEIPTGSMPRTLDVILRGDSVERAKPGDRCKFTGV
EIVVPDVTQLGLPGVKPSSTLDTRGISKTTEGLNSGVTGLRSLGVRDLTYKISFLACHVISIGSNIGASSPDANSNNRET
ELQMAANLQANNVYQDNERDQEVFLNSLSSDEINELKEMVKDEHIYDKLVRSIAPAVFGHEAVKKGILLQMLGGVHKSTV
EGIKLRGDINICVVGDPSTSKSQFLKYVVGFAPRSVYTSGKASSAAGLTAAVVRDEEGGDYTIEAGALMLADNGICCIDE
FDKMDISDQVAIHEAMEQQTISIAKAGIHATLNARTSILAAANPVGGRYNRKLSLRGNLNMTAPIMSRFDLFFVILDDCN
EKIDTELASHIVDLHMKRDEAIEPPFSAEQLRRYIKYARTFKPILTKEARSYLVEKYKELRKDDAQGFSRSSYRITVRQL
ESMIRLSEAIARANCVDEITPSFIAEAYDLLRQSIIRVDVDDVEMDEEFDNIESQSHAASGNNDDNDDGTGSGVITSEPP
ADIEEGQSEATARPGTSEKKKTTVTYDKYVSMMNMIVRKIAEVDREGAEELTAVDIVDWYLLQKENDLGSLAEYWEERRL
AFKVIKRLVKDRILMEIHGTRHNLRDLENEENENNKTVYVIHPNCEVLDQLEPQDSS
;
6
6 'polypeptide(L)'
;MSAALPSIQLPVDYNNLFNEITDFLVTFKQDTLSSDATRNENEDENLDAENIEQHLLEKGPKYMAMLQKVANRELNSVII
DLDDILQYQNEKFLQGTQADDLVSAIQQNANHFTELFCRAIDNNMPLPTKEIDYKDDVLDVILNQRRLRNERMLSDRTNE
IRSENLMDTTMDPPSSMNDALREVVEDETELFPPNLTRRYFLYFKPLSQNCARRYRKKAISSKPLSVRQIKGDFLGQLIT
VRGIITRVSDVKPAVEVIAYTCDQCGYEVFQEVNSRTFTPLSECTSEECSQNQTKGQLFMSTRASKFSAFQECKIQELSQ
QVPVGHIPRSLNIHVNGTLVRSLSPGDIVDVTGIFLPAPYTGFKALKAGLLTETYLEAQFVRQHKKKFASFSLTSDVEER
VMELITSGDVYNRLAKSIAPEIYGNLDVKKALLLLLVGGVDKRVGDGMKIRGDINVCLMGDPGVAKSQLLKAICKISPRG
VYTTGKGSSGVGLTAAVMKDPVTDEMILEGGALVLADNGICCIDEFDKMDESDRTAIHEVMEQQTISISKAGINTTLNAR
TSILAAANPLYGRYNPRLSPLDNINLPAALLSRFDILFLMLDIPSRDDDEKLAEHVTYVHMHNKQPDLDFTPVEPSKMRE
YIAYAKTKRPVMSEAVNDYVVQAYIRLRQDSKREMDSKFSFGQATPRTLLGIIRLSQALAKLRLADMVDIDDVEEALRLV
RVSKESLYQETNKSKEDESPTTKIFTIIKKMLQETGKNTLSYENIVKTVRLRGFTMLQLSNCIQEYSYLNVWHLINEGNT
LKFVDDGTMDTDQEDSLVSTPKLAPQTTASANVSAQDSDIDLQDA
;
7
7 'polypeptide(L)'
;MFRQSKRRIASRKNFSSYDDIVKSELDVGNTNAANQIILSSSSSEEEKKLYARLYESKLSFYDLPPQGEITLEQFEIWAI
DRLKILLEIESCLSRNKSIKEIETIIKPQFQKLLPFNTESLEDRKKDYYSHFILRLCFCRSKELREKFVRAETFLFKIRF
NMLTSTDQTKFVQSLDLPLLQFISNEEKAELSHQLYQTVSASLQFQLNLNEEHQRKQYFQQEKFIKLPFENVIELVGNRL
VFLKDGYAYLPQFQQLNLLSNEFASKLNQELIKTYQYLPRLNEDDRLLPILNHLSSGYTIADFNQQKANQFSENVDDEIN
AQSVWSEEISSNYPLCIKNLMEGLKKNHHLRYYGRQQLSLFLKGIGLSADEALKFWSEAFTRNGNMTMEKFNKEYRYSFR
HNYGLEGNRINYKPWDCHTILSKPRPGRGDYHGCPFRDWSHERLSAELRSMKLTQAQIISVLDSCQKGEYTIACTKVFEM
THNSASADLEIGEQTHIAHPNLYFERSRQLQKKQQKLEKEKLFNNGNH
;
A
8 'polypeptide(L)'
;MSGSIDVITHFGPDADKPEIITALENLTKLHALSVEDLYIKWEQFSNQRRQTHTDLTSKNIDEFKQFLQLQMEKRANQIS
SSSKVNTSTKKPVIKKSLNSSPLFGLSIPKTPTLKKRKLHGPFSLSDSKQTYNVGSEAETNEKGNSSLKLEFTPGMAEDA
VGDSAPLSHAKSSDAKTPGSSTFQTPTTNTPTTSRQNVPAGEILDSLNPENIEISSGNPNVGLLSTEEPSYNQVKVEPFY
DAKKYKFRTMRQNLQEASDVLDDQIESFTKIIQNHYKLSPNDFADPTIQSQSEIYAVGRIVPDSPTYDKFLNPESLSLET
SRMGGVGRRVRLDLSQVNELSFFLGQIVAFKGKNANGDYFTVNSILPLPYPNSPVSTSQELQEFQANLEGSSLKVIVTCG
PYFANDNFSLELLQEFIDSINNEVKPHVLIMFGPFIDITHPLIASGKLPNFPQFKTQPKTLDELFLKLFTPILKTISPHI
QTVLIPSTKDAISNHAAYPQASLIRKALQLPKRNFKCMANPSSFQINEIYFGCSNVDTFKDLKEVIKGGTTSSRYRLDRV
SEHILQQRRYYPIFPGSIRTRIKPKDVSTKKETNDMESKEEKVYEHISGADLDVSYLGLTEFVGGFSPDIMIIPSELQHF
ARVVQNVVVINPGRFIRATGNRGSYAQITVQCPDLEDGKLTLVEGEEPVYLHNVWKRARVDLIAS
;
B
9 'polypeptide(L)'
;MYGDLGNKLVLEAKRTKQLYARSNQDVNLPMYHEDIIRNILKEVSNLRKNTEYLKEQQQLGMLDDKVAKCQYFVTLLCME
RNKRCLLAYQRLRTDILDSMAWNNNGLDLMSSITFSQQDTNNLSHQEQEYLKEYCDLITDLKSGDLVDIDLSGSLVPPSD
VFIDVRVLKDAGEIQTEYGVFNLIKDSQFFVRQSDVERLIQQGYLQKI
;
C
10 'polypeptide(L)'
;MSLPAHLQQTFSPEEIQFIVENEPIKIFPRITTRQKIRGDDRGTGNHTRWQLITTDDKALNNMVAMRSTEVVLWIALLLK
QQSKCSIVAPQWLTTKELDRKIQYEKTHPDRFSELPWNWLVLARILFNKAKDDFHDPIHELRGKIQDLREIRQIKVLKGL
KYLNESHLQLDNLSLLEINELRPFITEIMDKLREIHTASLTAGTENDEEEFNI
;
D
11 'polypeptide(L)'
;MGSSHHHHHHSSGLVPRGSHMASMGYYDIDDVLADGTEFPCKFQYDIPGLGYLENNPGRPITKNTKLSLPLWLARILAIV
GGDEALVDEEPVPFVELLPPDMFSTKVMNAIKTDPVALDLHSINSHFFSLAIKWIMLFSEKELANVVSELLLQRAQELNH
HASSLSIDLNADSTGKNSANTNIATSTFLLKLEEMEKEIYKKSHESYKDTKRWMFKK
;
E
12 'polypeptide(L)'
;MDINIDDILAELDKETTAVDSTKITQGSSSTTHRDANTIVGSSLDLNDKTQIYVSPQQDFSDLMKSWKNERCSPELLPYP
HQLMKRLLNRISMQSQLIENISMGFLDMQNASNANPPMPNESKLPLLCMETELERLKFVIRSYIRCRLSKIDKFSLYLRQ
LNEDENSLISLTDLLSKDEIKYHDTHSLIWLKLVNDSILKYMPEELQAINDTEGSVNMIDEPDWNKFVFIHVNGPPDGKW
NEDPLLQENEFGKPCYTVTIPDLKEEVELTIGSIYVMRYEVIRDLLRDDKVALI
;
F
13 'polypeptide(L)'
;MYYGISQFSEAYNKILRNSSSHSSCQLVIFVSCLNIDALCATKMLSLLFKKQLVQSQIVPIFGYSELRRHYSQLDDNINS
LLLVGFGGVIDLEAFLEIDPQEYVIDTDEKSGEQSFRRDIYVLDAHRPWNLDNIFGSQIIQCFDDGTVDDTLGEQKEAYY
KLLELDEESGDDELSGDENDNNGGDDEATDADEVTDEDYKDDDGDYKDDDETISNKRGNSSIGPNDLSKRKQRKKQIHEY
EGVLEEYYSQGTTVVNSISAQIYSLLSAIGETNLSNLWLNILGTTSLDIAYAQVYNRLYPLLQDEVKRLTPSSRNSVKTP
DTLTLNIQPDYYLFLLRHSSLYDSFYYSNYVNAKLSLWNENGKKRLHKMFARMGIPLSTAQETWLYMDHSIKRELGIIFD
KNLDRYGLQDIIRDGFVRTLGYRGSISASEFVEALTALLEVGNSTDKDSVKINNDNNDDTDGEEEEDNSAQKLTNLRKRW
VSNFWLSWDALDDRKVELLNRGIQLAQDLQRAIFNTGVAILEKKLIKHLRIYRLCVLQDGPDLDLYRNPLTLLRLGNWLI
ECCAESEDKQLLPMVLASIDENTDTYLVAGLTPRYPRGLDTIHTKKPILNNFSMAFQQITAETDAKVRIDNFESSIIEIR
REDLSPFLEKLTLSGLL
;
G
14 'polypeptide(L)'
;MDDALHALSSLTAKKRTTTYKKVAVPILDENDNTNGNGPNDIDNPPELTGNGFLFANATLNRVKNRLEGKKAPEQNHNNG
KDRSENSLPTQLISNLYDGGEELEKSEVKDNSYSEKNVSSSFTQTQRIPVSIQQDKVFNVPIHSVNDGKPTQLIKEDGLV
NETSQALKTPLTTGRPGATQRIDSSGATSQTQPIKSIEPQSQIITTSSNHSNALSPKIPIIPTELIGTSPLFQSIQNRGP
DTQMDVPPQTAHDEDKTQAIGIPQATHQEQKTQIDTVAQTLQDEVPHTLKIREIQSELASEDSKREKARNVEYKKPQKPI
PTKKFFSKESFLADFDDSSSNEDDDIKLENAHPKPVQNDDELHENKSVELNLTDETRINEKRVPLLSSYANNLKREIDSS
KCITLDLDSDSDEYGDDDMDSIKLSKDESVLPISQLSKATILNLKARLSKQNQKLSQRPNKSKDPKVDHNVLLNTLRKAS
RKQILDHQKEVIETKGLKLEDMAKEKEIVENLLEQEILRNKRIRQKEKRREKLEENDFQLNAHDSGSDSGSESSGFALSG
NEIADYESSGSENDNRRESDSEKEDDEIILKQKKSHHVKHIINESDSDTEVEAKPKEKADESLPKRIAINLGHYGDNIGE
DTDKFQETNVLDTQNIEEVMAERNTIENEVKDDVYVNEEADEAIRRQLIDKEKLQLKQKEKEHEAKIKELKKRGVTNFFE
MEAEESEDEWHGIGGADGEGSDDYDSDLEKMIDDYSKNNFNPHEIREMLAAENKEMDIKMINKILYDIKNGGFRNKRAKN
SLELELSDDDEDDVLQQYRLKRRELMRKRRLEIGDDAKLVKNPKSSAFFESMVEDIIEYKNPFGAEEEYNLDITSTATDL
DTQDNSINVGDNTGNNEQKPVDQKNKKVIISEDFVQKSLSFLKSNNYEDFETDKELSRIQHGNDEAIEDLYTLKQNSSIK
SFTNSQTDSTTSKTVNTIIDLEKRPEDEDEVENGDTSLVGVFKHPSIIKSFASRTDINDKFKEGNKTVKILKSYKTVGSS
KASITYMGKTRKLIAPKRKTEGSHRYHHDHHNKKMKMKTKTKSNKLFESGQDSFDNDYKDDDGDYKDDD
;
P
15 'polydeoxyribonucleotide'
;(DT)(DA)(DG)(DA)(DG)(DT)(DA)(DG)(DG)(DA)(DA)(DG)(DT)(DG)(DA)(DG)(DG)(DT)(DA)(DA)
(DG)(DT)(DG)(DA)(DT)(DT)(DA)(DG)(DA)(DG)(DA)(DA)(DT)(DT)(DG)(DG)(DA)(DG)(DA)(DG)
(DT)(DG)(DT)(DG)(DT)(DT)(DT)(DT)(DT)(DT)(DT)(DT)(DT)(DT)(DT)(DT)(DT)(DT)(DT)(DT)
(DT)(DT)(DT)(DT)(DT)(DT)(DT)(DT)(DT)(DT)(DT)(DT)(DT)(DT)(DT)(DT)(DT)(DT)(DT)(DT)
(DT)(DT)(DT)(DT)
;
Q
16 'polydeoxyribonucleotide'
;(DT)(DT)(DT)(DT)(DT)(DT)(DT)(DT)(DT)(DT)(DT)(DT)(DT)(DT)(DT)(DT)(DT)(DT)(DT)(DT)
(DT)(DT)(DT)(DT)(DT)(DT)(DT)(DT)(DT)(DT)(DT)(DT)(DT)(DT)(DT)(DT)(DT)(DT)(DT)(DT)
(DT)(DT)(DT)(DT)(DT)(DT)(DT)(DT)(DT)(DT)(DT)(DT)(DT)(DT)(DT)(DT)(DT)(DT)(DT)(DT)
(DA)(DC)(DA)(DC)(DA)(DC)(DT)(DC)(DT)(DC)(DC)(DA)(DA)(DT)(DT)(DC)(DT)(DC)(DT)(DA)
(DA)(DT)(DC)(DA)(DC)(DT)(DT)(DA)(DC)(DC)(DA)(DT)(DC)(DA)(DC)(DT)(DT)(DC)(DC)(DT)
(DA)(DC)(DT)(DC)(DT)(DA)
;
R
17 'polypeptide(L)'
;MKRRWKKNFIAVSAANRFKKISSSGALENLYFQGEMTNSVKTNGPSSSDMEYYYKSLYPFKHIFNWLNHSPKPSRDMINR
EFAMAFRSGAYKRYNSFNSVQDFKAQIEKANPDRFEIGAIYNKPPRERDTLLKSELKALEKELVFDIDMDDYDAFRTCCS
GAQVCSKCWKFISLAMKITNTALREDFGYKDFIWVFSGRRGAHCWVSDKRARALTDVQRRNVLDYVNVIRDRNTDKRLAL
KRPYHPHLARSLEQLKPFFVSIMLEEQNPWEDDQHAIQTLLPALYDKQLIDSLKKYWLDNPRRSSKEKWNDIDQIATSLF
KGPKQDSHIIKLRECKEDLVLMTLYPKLDVEVTKQTIHLLKAPFCIHPATGNVCVPIDESFAPEKAPKLIDLQTEMEKNN
DVSLTALQPFINQFQAYVSSLLKNELGSVKREREDDDEPASLDF
;
S
18 'polypeptide(L)'
;MSADLQQGTTNAADFSLTVLRARIALLATAIGGPDYTSQIDPPPYKLGDDCLACLKDLKRWFKLVDDQQKRWDVAMAVAE
YRILTDDLLPILIDWENKCSLAAKLAKNNPDHEEFRNKAYYDKIALNCLQLLVLMTWPLIVTEQSSSNQITLYGELKKHQ
LVYKKTILSMESGKVLRAAIRLALDVIKIDRLSRTPRDNMVLKLVLNFFRNVIAIEPGEFTINTKKSMPKKGITSIDTLP
PNVSMDDISLNTVISSFHKNKVFGFLLTLTSSLSKEFDQDFINIPLLEIMFYFTKDVNQELLFPRQFETGTHSKVVNKNE
SSSANNIVTSAGFELSKLLQKEHQMRKNVIKHTSARHSRFGGLLSIQTPDKTRLTVSGSQALVDEKIALQKLDDSKKWNK
RIIKKHQSVAAEGLPNSLLNSQTGKAIFFTESNGKHFKEFINNFIDSGFNILLHSVTNYFTTEQDRMVTLEQVEYLLFFA
WFVKYQLLRSKIDNSADIKQVSEALKEVTFILVSSLLRSAYDLKNWTVTHAGMIAFNELLNLVSRTKAAQEEDSTDIEFI
VSRLFSDERIQLLSNLPKIGSKYSLQFMKSCIELTHSVLKVLEQYSDDKTLVIEGKSRRQKKFNISEGDITKLIEEENVD
RDEALDILTSSLRSIEVNFQKVQANYMTEPVIETYINFLERFRELEDDSIKKVFSFFHRVFVQAKEQALLFRFDLIILLR
EMLSPDGLDRMSRSRKYVSQFSDYFLARLKKRLKKSPAWFVGLLFPPLHNSEVGFYQRYGEYNVLNNESMYAAPASQFKP
IPDEEALPPSILLDMKYGVLVSTLLDDGKTELLDQLLKHITHTLDIFKSWLTVNVNAGKETVNPPNEYFTLTGVLNNDPI
FKDKDYRALLLLIGYSIPRKINEPCFLPGTVEVSDLTVSCELVKKYLSTPFETPNGLPSSSYLLRVRSEKDSFSHNEQDG
WEGDDDYDYNDPYIVPDDQILSKSDAAYFKDLDNNASDKLKGTKFSKGIARSKKKDKRKRRKGEAKTNLPMFGDQDDERP
QTVRERHGVFSKEFISDSEDDEDLMNPIFFENETYMRWLLDKNNGQLTEDRYIQFAKFAAERMNNGGVVTGDYTSLFGGS
IPSIESIRATESSSFAPDKSLISLASHVASEMSIFDVNNNNNNQLSDDDVNSESRNSLGSSQPSNSQNMFQSEVYSRKES
TKRSLEASAADESDEDEEAIRLFGKKSRVVLSQGDSDD
;
X
19 'polypeptide(L)'
;GEMDQDFDSLLLGFNDSDSVQKDPTVPNGLDGSVVDPTIADPTAITARKRRPQVKLTAEKLLSDKGLPYVLKNAHKRIRI
SSKKNSYDNLSNIIQFYQLWAHELFPKAKFKDFMKICQTVGKTDPVLREYRVSLFRDEMGMSFDVGTRETGQDLERQSPM
VEEHVTSAEERPIVADSFAQDKRNVNNVDYDNDEDDDIYHLSYRNRRGRVLDERGNNETVLNNVVPPKEDLDALLKTFRV
QGPVGLEENEKKLLLGWLDAHRKMEKGSMTEEDVQLIQSLEEWEMNDIEGQHTHYDLLPGGDEFGVDQDELDAMKEMGF
;
Y
20 'polypeptide(L)'
;MSSKSEKLEKLRKLQAARNGTSIDDYEGDESDGDRIYDEIDEKEYRARKRQELLHDDFVVDDDGVGYVDRGVEEDWREVD
NSSSDEDTGNLASKDSKRKKNIKREKDHQITDMLRTQHSKSTLLAHAKKSQKKSIPIDNFDDILGEFESGEVEKPNILLP
SKLRENLNSSPTSEFKSSIKRVNGNDESSHDAGISKKVKIDPDSSTDKYLEIESSPLKLQSRKLRYANDVQDLLDDVENS
PVVATKRQNVLQDTLLANPPSAQSLADEEDDEDSDEDIILKRRTMRSVTTTRRVNIDSRSNPSTSPFVTAPGTPIGIKGL
TPSKSLQSNTDVATLAVNVKKEDVVDPETDTFQMFWLDYCEVNNTLILFGKVKLKDDNCVSAMVQINGLCRELFFLPREG
KTPTDIHEEIIPLLMDKYGLDNIRAKPQKMKYSFELPDIPSESDYLKVLLPYQTPKSSRDTIPSDLSSDTFYHVFGGNSN
IFESFVIQNRIMGPCWLDIKGADFNSIRNASHCAVEVSVDKPQNITPTTTKTMPNLRCLSLSIQTLMNPKENKQEIVSIT
LSAYRNISLDSPIPENIKPDDLCTLVRPPQSTSFPLGLAALAKQKLPGRVRLFNNEKAMLSCFCAMLKVEDPDVIIGHRL
QNVYLDVLAHRMHDLNIPTFSSIGRRLRRTWPEKFGRGNSNMNHFFISDICSGRLICDIANEMGQSLTPKCQSWDLSEMY
QVTCEKEHKPLDIDYQNPQYQNDVNSMTMALQENITNCMISAEVSYRIQLLTLTKQLTNLAGNAWAQTLGGTRAGRNEYI
LLHEFSRNGFIVPDKEGNRSRAQKQRQNEENADAPVNSKKAKYQGGLVFEPEKGLHKNYVLVMDFNSLYPSIIQEFNICF
TTVDRNKEDIDELPSVPPSEVDQGVLPRLLANLVDRRREVKKVMKTETDPHKRVQCDIRQQALKLTANSMYGCLGYVNSR
FYAKPLAMLVTNKGREILMNTRQLAESMNLLVVYGDTDSVMIDTGCDNYADAIKIGLGFKRLVNERYRLLEIDIDNVFKK
LLLHAKKKYAALTVNLDKNGNGTTVLEVKGLDMKRREFCPLSRDVSIHVLNTILSDKDPEEALQEVYDYLEDIRIKVETN
NIRIDKYKINMKLSKDPKAYPGGKNMPAVQVALRMRKAGRVVKAGSVITFVITKQDEIDNAADTPALSVAERAHALNEVM
IKSNNLIPDPQYYLEKQIFAPVERLLERIDSFNVVRLSEALGLDSKKYFRREGGNNNGEDINNLQPLETTITDVERFKDT
VTLELSCPSCDKRFPFGGIVSSNYYRVSYNGLQCKHCEQLFTPLQLTSQIEHSIRAHISLYYAGWLQCDDSTCGIVTRQV
SVFGKRCLNDGCTGVMRYKYSDKQLYNQLLYFDSLFDCEKNKKQELKPIYLPDDLDYPKEQLTESSIKALTEQNRELMET
GRSVVQKYLNDCGRRYVDMTSIFDFMLN
;
J
#
loop_
_chem_comp.id
_chem_comp.type
_chem_comp.name
_chem_comp.formula
ANP non-polymer 'PHOSPHOAMINOPHOSPHONIC ACID-ADENYLATE ESTER' 'C10 H17 N6 O12 P3'
DA DNA linking 2'-DEOXYADENOSINE-5'-MONOPHOSPHATE 'C10 H14 N5 O6 P'
DC DNA linking 2'-DEOXYCYTIDINE-5'-MONOPHOSPHATE 'C9 H14 N3 O7 P'
DG DNA linking 2'-DEOXYGUANOSINE-5'-MONOPHOSPHATE 'C10 H14 N5 O7 P'
DT DNA linking THYMIDINE-5'-MONOPHOSPHATE 'C10 H15 N2 O8 P'
MG non-polymer 'MAGNESIUM ION' 'Mg 2'
ZN non-polymer 'ZINC ION' 'Zn 2'
#
# COMPACT_ATOMS: atom_id res chain seq x y z
N LEU A 177 12.46 57.01 -35.95
CA LEU A 177 12.63 57.08 -34.47
C LEU A 177 11.93 58.30 -33.89
N ARG A 178 12.46 59.48 -34.22
CA ARG A 178 11.94 60.72 -33.62
C ARG A 178 10.65 61.17 -34.29
N GLU A 179 10.65 61.23 -35.63
CA GLU A 179 9.48 61.74 -36.36
C GLU A 179 8.28 60.83 -36.15
N GLU A 180 7.09 61.43 -36.25
CA GLU A 180 5.81 60.73 -36.12
C GLU A 180 4.96 60.96 -37.37
N LEU A 181 4.05 60.03 -37.60
CA LEU A 181 3.10 60.11 -38.71
C LEU A 181 1.87 60.91 -38.31
N THR A 182 1.17 61.42 -39.33
CA THR A 182 -0.14 62.00 -39.16
C THR A 182 -1.20 60.89 -39.18
N LEU A 183 -2.40 61.23 -38.73
CA LEU A 183 -3.51 60.29 -38.81
C LEU A 183 -3.87 59.99 -40.27
N GLU A 184 -3.78 61.00 -41.13
CA GLU A 184 -4.04 60.79 -42.55
C GLU A 184 -2.98 59.89 -43.18
N SER A 185 -1.75 59.91 -42.65
CA SER A 185 -0.70 59.04 -43.18
C SER A 185 -1.02 57.57 -42.93
N LEU A 186 -1.73 57.25 -41.85
CA LEU A 186 -2.10 55.88 -41.56
C LEU A 186 -3.23 55.35 -42.45
N SER A 187 -3.85 56.21 -43.26
CA SER A 187 -4.91 55.75 -44.17
C SER A 187 -4.40 54.72 -45.16
N ASN A 188 -3.12 54.79 -45.53
CA ASN A 188 -2.49 53.86 -46.49
C ASN A 188 -1.67 52.84 -45.71
N VAL A 189 -2.14 51.59 -45.71
CA VAL A 189 -1.34 50.49 -45.19
C VAL A 189 -0.24 50.21 -46.21
N LYS A 190 1.02 50.40 -45.78
CA LYS A 190 2.16 50.38 -46.69
C LYS A 190 2.92 49.06 -46.68
N ALA A 191 2.81 48.26 -45.62
CA ALA A 191 3.42 46.95 -45.56
C ALA A 191 2.50 45.91 -46.18
N ASN A 192 3.02 44.68 -46.30
CA ASN A 192 2.28 43.62 -46.97
C ASN A 192 1.12 43.06 -46.16
N SER A 193 1.03 43.37 -44.87
CA SER A 193 -0.07 42.88 -44.05
C SER A 193 -0.31 43.86 -42.90
N TYR A 194 -1.48 43.73 -42.28
CA TYR A 194 -1.85 44.63 -41.19
C TYR A 194 -0.89 44.47 -40.01
N SER A 195 -0.68 43.24 -39.55
CA SER A 195 0.10 43.01 -38.34
C SER A 195 1.54 43.50 -38.48
N GLU A 196 2.13 43.30 -39.66
CA GLU A 196 3.46 43.81 -39.93
C GLU A 196 3.49 45.34 -40.10
N TRP A 197 2.33 45.99 -40.19
CA TRP A 197 2.24 47.45 -40.27
C TRP A 197 2.00 48.07 -38.90
N ILE A 198 1.22 47.41 -38.03
CA ILE A 198 0.99 47.92 -36.69
C ILE A 198 2.26 47.82 -35.86
N THR A 199 3.02 46.74 -36.03
CA THR A 199 4.13 46.46 -35.13
C THR A 199 5.36 47.34 -35.40
N GLN A 200 5.35 48.15 -36.46
CA GLN A 200 6.50 49.00 -36.72
C GLN A 200 6.56 50.13 -35.68
N PRO A 201 7.78 50.62 -35.35
CA PRO A 201 7.87 51.56 -34.21
C PRO A 201 7.18 52.89 -34.42
N ASN A 202 7.39 53.56 -35.55
CA ASN A 202 6.76 54.87 -35.77
C ASN A 202 5.25 54.75 -35.84
N VAL A 203 4.74 53.73 -36.53
CA VAL A 203 3.30 53.50 -36.60
C VAL A 203 2.73 53.23 -35.22
N SER A 204 3.44 52.42 -34.43
CA SER A 204 2.98 52.09 -33.08
C SER A 204 2.95 53.32 -32.19
N ARG A 205 3.98 54.17 -32.27
CA ARG A 205 4.00 55.39 -31.49
C ARG A 205 2.88 56.33 -31.89
N THR A 206 2.60 56.42 -33.19
CA THR A 206 1.48 57.24 -33.66
C THR A 206 0.16 56.73 -33.11
N ILE A 207 -0.04 55.40 -33.13
CA ILE A 207 -1.28 54.83 -32.62
C ILE A 207 -1.41 55.07 -31.12
N ALA A 208 -0.30 54.95 -30.39
CA ALA A 208 -0.33 55.18 -28.94
C ALA A 208 -0.72 56.62 -28.64
N ARG A 209 -0.11 57.58 -29.35
CA ARG A 209 -0.44 58.98 -29.15
C ARG A 209 -1.91 59.26 -29.48
N GLU A 210 -2.41 58.70 -30.58
CA GLU A 210 -3.80 58.95 -30.96
C GLU A 210 -4.78 58.34 -29.97
N LEU A 211 -4.48 57.12 -29.47
CA LEU A 211 -5.38 56.52 -28.49
C LEU A 211 -5.38 57.30 -27.19
N LYS A 212 -4.21 57.78 -26.74
CA LYS A 212 -4.18 58.61 -25.54
C LYS A 212 -4.94 59.91 -25.76
N SER A 213 -4.83 60.49 -26.96
CA SER A 213 -5.59 61.71 -27.24
C SER A 213 -7.09 61.46 -27.28
N PHE A 214 -7.50 60.27 -27.71
CA PHE A 214 -8.92 59.93 -27.70
C PHE A 214 -9.42 59.75 -26.27
N LEU A 215 -8.66 59.05 -25.44
CA LEU A 215 -9.14 58.72 -24.10
C LEU A 215 -9.27 59.95 -23.21
N LEU A 216 -8.41 60.94 -23.39
CA LEU A 216 -8.41 62.15 -22.57
C LEU A 216 -9.42 63.20 -23.02
N GLU A 217 -10.12 62.98 -24.15
CA GLU A 217 -10.83 64.05 -24.84
C GLU A 217 -12.28 63.75 -25.20
N TYR A 218 -12.69 62.48 -25.29
CA TYR A 218 -14.05 62.17 -25.71
C TYR A 218 -15.06 62.68 -24.68
N THR A 219 -16.23 63.10 -25.17
CA THR A 219 -17.23 63.79 -24.36
C THR A 219 -18.62 63.25 -24.64
N ASP A 220 -19.49 63.39 -23.64
CA ASP A 220 -20.93 63.37 -23.86
C ASP A 220 -21.34 64.66 -24.56
N GLU A 221 -22.60 64.70 -25.03
CA GLU A 221 -23.16 65.95 -25.55
C GLU A 221 -23.14 67.05 -24.49
N THR A 222 -23.24 66.69 -23.21
CA THR A 222 -23.19 67.62 -22.10
C THR A 222 -21.76 67.95 -21.66
N GLY A 223 -20.76 67.77 -22.52
CA GLY A 223 -19.39 67.74 -22.07
C GLY A 223 -19.19 66.46 -21.28
N ARG A 224 -18.77 66.57 -20.02
CA ARG A 224 -18.88 65.49 -19.04
C ARG A 224 -18.15 64.23 -19.49
N SER A 225 -16.83 64.35 -19.60
CA SER A 225 -15.98 63.32 -20.20
C SER A 225 -16.15 61.98 -19.50
N VAL A 226 -16.68 61.00 -20.25
CA VAL A 226 -17.10 59.73 -19.65
C VAL A 226 -15.90 58.96 -19.12
N TYR A 227 -14.79 58.93 -19.87
CA TYR A 227 -13.68 58.08 -19.49
C TYR A 227 -12.88 58.67 -18.32
N GLY A 228 -12.83 59.99 -18.20
CA GLY A 228 -12.32 60.57 -16.96
C GLY A 228 -13.14 60.15 -15.76
N ALA A 229 -14.46 60.03 -15.93
CA ALA A 229 -15.32 59.59 -14.84
C ALA A 229 -15.13 58.10 -14.55
N ARG A 230 -14.84 57.31 -15.58
CA ARG A 230 -14.67 55.87 -15.38
C ARG A 230 -13.33 55.55 -14.74
N ILE A 231 -12.27 56.25 -15.15
CA ILE A 231 -10.98 56.10 -14.50
C ILE A 231 -11.08 56.53 -13.05
N ARG A 232 -11.90 57.55 -12.76
CA ARG A 232 -12.10 57.97 -11.38
C ARG A 232 -12.70 56.83 -10.55
N THR A 233 -13.72 56.15 -11.09
CA THR A 233 -14.34 55.05 -10.34
C THR A 233 -13.51 53.77 -10.34
N LEU A 234 -12.53 53.65 -11.25
CA LEU A 234 -11.64 52.48 -11.23
C LEU A 234 -10.88 52.39 -9.91
N GLY A 235 -10.36 53.51 -9.43
CA GLY A 235 -9.66 53.51 -8.16
C GLY A 235 -10.57 53.46 -6.95
N GLU A 236 -11.80 53.99 -7.07
CA GLU A 236 -12.74 53.95 -5.97
C GLU A 236 -13.08 52.53 -5.54
N MET A 237 -13.04 51.58 -6.47
CA MET A 237 -13.32 50.17 -6.20
C MET A 237 -12.06 49.32 -6.20
N ASN A 238 -10.87 49.92 -6.35
CA ASN A 238 -9.61 49.19 -6.31
C ASN A 238 -9.55 48.13 -7.43
N SER A 239 -10.11 48.48 -8.59
CA SER A 239 -10.38 47.52 -9.63
C SER A 239 -9.17 47.36 -10.55
N GLU A 240 -9.37 46.56 -11.60
CA GLU A 240 -8.30 46.14 -12.50
C GLU A 240 -8.65 46.25 -13.97
N SER A 241 -9.93 46.44 -14.32
CA SER A 241 -10.40 46.41 -15.70
C SER A 241 -11.09 47.72 -16.05
N LEU A 242 -10.59 48.40 -17.08
CA LEU A 242 -11.25 49.55 -17.67
C LEU A 242 -12.09 49.08 -18.84
N GLU A 243 -13.27 49.68 -18.99
CA GLU A 243 -14.25 49.29 -20.01
C GLU A 243 -14.38 50.40 -21.03
N VAL A 244 -14.29 50.03 -22.31
CA VAL A 244 -14.34 50.97 -23.43
C VAL A 244 -15.44 50.51 -24.38
N ASN A 245 -16.32 51.43 -24.75
CA ASN A 245 -17.39 51.11 -25.70
C ASN A 245 -16.85 51.24 -27.12
N TYR A 246 -17.19 50.25 -27.96
CA TYR A 246 -16.68 50.24 -29.34
C TYR A 246 -17.28 51.38 -30.16
N ARG A 247 -18.56 51.71 -29.92
CA ARG A 247 -19.22 52.74 -30.71
C ARG A 247 -18.53 54.09 -30.53
N HIS A 248 -18.06 54.39 -29.32
CA HIS A 248 -17.33 55.63 -29.09
C HIS A 248 -16.04 55.65 -29.88
N LEU A 249 -15.31 54.53 -29.91
CA LEU A 249 -14.06 54.47 -30.66
C LEU A 249 -14.30 54.53 -32.16
N ALA A 250 -15.46 54.07 -32.62
CA ALA A 250 -15.82 54.18 -34.04
C ALA A 250 -16.35 55.55 -34.40
N GLU A 251 -16.86 56.31 -33.43
CA GLU A 251 -17.45 57.62 -33.74
C GLU A 251 -16.39 58.64 -34.14
N SER A 252 -15.16 58.47 -33.67
CA SER A 252 -14.04 59.31 -34.10
C SER A 252 -12.78 58.45 -34.11
N LYS A 253 -11.87 58.77 -35.03
CA LYS A 253 -10.68 57.96 -35.27
C LYS A 253 -11.09 56.54 -35.67
N ALA A 254 -11.81 56.46 -36.80
CA ALA A 254 -12.42 55.22 -37.24
C ALA A 254 -11.40 54.16 -37.63
N ILE A 255 -10.26 54.59 -38.18
CA ILE A 255 -9.24 53.65 -38.65
C ILE A 255 -8.71 52.80 -37.50
N LEU A 256 -8.66 53.38 -36.29
CA LEU A 256 -8.25 52.58 -35.14
C LEU A 256 -9.27 51.51 -34.82
N ALA A 257 -10.56 51.80 -34.99
CA ALA A 257 -11.58 50.76 -34.82
C ALA A 257 -11.41 49.66 -35.85
N LEU A 258 -11.11 50.02 -37.10
CA LEU A 258 -10.88 49.01 -38.13
C LEU A 258 -9.69 48.13 -37.78
N PHE A 259 -8.58 48.75 -37.36
CA PHE A 259 -7.40 47.98 -36.98
C PHE A 259 -7.69 47.08 -35.78
N LEU A 260 -8.48 47.58 -34.82
CA LEU A 260 -8.84 46.75 -33.67
C LEU A 260 -9.64 45.54 -34.11
N ALA A 261 -10.59 45.73 -35.03
CA ALA A 261 -11.37 44.61 -35.52
C ALA A 261 -10.49 43.60 -36.25
N LYS A 262 -9.46 44.08 -36.97
CA LYS A 262 -8.64 43.18 -37.76
C LYS A 262 -7.53 42.52 -36.93
N CYS A 263 -6.88 43.26 -36.03
CA CYS A 263 -5.73 42.78 -35.27
C CYS A 263 -5.89 43.11 -33.79
N PRO A 264 -6.79 42.41 -33.09
CA PRO A 264 -7.01 42.72 -31.67
C PRO A 264 -5.79 42.45 -30.79
N GLU A 265 -5.02 41.40 -31.08
CA GLU A 265 -3.99 40.95 -30.15
C GLU A 265 -2.86 41.97 -29.99
N GLU A 266 -2.61 42.78 -31.01
CA GLU A 266 -1.62 43.85 -30.94
C GLU A 266 -2.24 45.14 -30.39
N MET A 267 -3.41 45.48 -30.93
CA MET A 267 -4.07 46.73 -30.58
C MET A 267 -4.37 46.79 -29.10
N LEU A 268 -4.76 45.67 -28.49
CA LEU A 268 -5.08 45.68 -27.07
C LEU A 268 -3.84 45.82 -26.21
N LYS A 269 -2.69 45.30 -26.66
CA LYS A 269 -1.44 45.57 -25.94
C LYS A 269 -1.14 47.06 -25.90
N ILE A 270 -1.21 47.73 -27.06
CA ILE A 270 -0.96 49.16 -27.09
C ILE A 270 -2.00 49.90 -26.25
N PHE A 271 -3.27 49.47 -26.33
CA PHE A 271 -4.34 50.16 -25.64
C PHE A 271 -4.18 50.05 -24.12
N ASP A 272 -3.77 48.87 -23.63
CA ASP A 272 -3.54 48.69 -22.20
C ASP A 272 -2.39 49.58 -21.73
N LEU A 273 -1.31 49.65 -22.51
CA LEU A 273 -0.20 50.50 -22.10
C LEU A 273 -0.56 51.98 -22.14
N VAL A 274 -1.56 52.37 -22.92
CA VAL A 274 -2.08 53.73 -22.84
C VAL A 274 -2.99 53.91 -21.62
N ALA A 275 -3.80 52.90 -21.32
CA ALA A 275 -4.75 53.00 -20.21
C ALA A 275 -4.03 53.16 -18.88
N MET A 276 -2.86 52.54 -18.74
CA MET A 276 -2.12 52.71 -17.49
C MET A 276 -1.66 54.16 -17.33
N GLU A 277 -1.24 54.81 -18.41
CA GLU A 277 -0.88 56.23 -18.33
C GLU A 277 -2.09 57.06 -17.93
N ALA A 278 -3.24 56.77 -18.54
CA ALA A 278 -4.45 57.53 -18.24
C ALA A 278 -4.86 57.37 -16.78
N THR A 279 -4.72 56.16 -16.23
CA THR A 279 -5.12 55.97 -14.83
C THR A 279 -4.10 56.61 -13.88
N GLU A 280 -2.81 56.57 -14.21
CA GLU A 280 -1.84 57.20 -13.33
C GLU A 280 -1.93 58.72 -13.37
N LEU A 281 -2.52 59.29 -14.42
CA LEU A 281 -2.77 60.72 -14.40
C LEU A 281 -3.76 61.11 -13.30
N HIS A 282 -4.71 60.22 -12.98
CA HIS A 282 -5.62 60.46 -11.86
C HIS A 282 -4.99 60.09 -10.53
N TYR A 283 -4.46 58.87 -10.44
CA TYR A 283 -3.95 58.28 -9.19
C TYR A 283 -2.47 57.94 -9.38
N PRO A 284 -1.56 58.86 -9.08
CA PRO A 284 -0.14 58.49 -9.09
C PRO A 284 0.15 57.40 -8.07
N ASP A 285 1.10 56.54 -8.40
CA ASP A 285 1.46 55.36 -7.61
C ASP A 285 0.30 54.38 -7.49
N TYR A 286 -0.54 54.30 -8.53
CA TYR A 286 -1.48 53.20 -8.63
C TYR A 286 -0.82 51.89 -9.05
N ALA A 287 0.44 51.94 -9.52
CA ALA A 287 1.16 50.72 -9.81
C ALA A 287 1.35 49.86 -8.57
N ARG A 288 1.39 50.48 -7.39
CA ARG A 288 1.49 49.74 -6.14
C ARG A 288 0.19 49.02 -5.79
N ILE A 289 -0.95 49.45 -6.36
CA ILE A 289 -2.22 48.77 -6.13
C ILE A 289 -2.35 47.58 -7.08
N HIS A 290 -2.20 47.82 -8.38
CA HIS A 290 -2.18 46.79 -9.40
C HIS A 290 -1.13 47.15 -10.43
N SER A 291 -0.42 46.15 -10.92
CA SER A 291 0.70 46.38 -11.83
C SER A 291 0.30 46.53 -13.29
N GLU A 292 -0.93 46.15 -13.65
CA GLU A 292 -1.31 46.11 -15.06
C GLU A 292 -2.83 46.14 -15.17
N ILE A 293 -3.31 46.84 -16.19
CA ILE A 293 -4.74 47.07 -16.40
C ILE A 293 -5.14 46.50 -17.77
N HIS A 294 -6.34 45.93 -17.83
CA HIS A 294 -6.89 45.32 -19.02
C HIS A 294 -8.06 46.15 -19.54
N VAL A 295 -8.08 46.36 -20.85
CA VAL A 295 -9.17 47.07 -21.51
C VAL A 295 -10.21 46.06 -21.95
N ARG A 296 -11.47 46.31 -21.59
CA ARG A 296 -12.61 45.48 -21.99
C ARG A 296 -13.42 46.21 -23.05
N ILE A 297 -13.65 45.55 -24.17
CA ILE A 297 -14.40 46.11 -25.29
C ILE A 297 -15.87 45.70 -25.14
N SER A 298 -16.77 46.60 -25.50
CA SER A 298 -18.21 46.39 -25.36
C SER A 298 -18.92 46.87 -26.61
N ASP A 299 -20.09 46.28 -26.87
CA ASP A 299 -20.97 46.68 -27.97
C ASP A 299 -20.28 46.53 -29.33
N PHE A 300 -19.65 45.39 -29.55
CA PHE A 300 -19.11 45.08 -30.86
C PHE A 300 -20.28 44.87 -31.83
N PRO A 301 -20.31 45.53 -33.00
CA PRO A 301 -21.57 45.68 -33.73
C PRO A 301 -21.96 44.53 -34.64
N THR A 302 -21.36 43.34 -34.54
CA THR A 302 -21.77 42.19 -35.33
C THR A 302 -21.66 40.92 -34.49
N ILE A 303 -22.58 39.99 -34.75
CA ILE A 303 -22.82 38.84 -33.88
C ILE A 303 -22.89 37.59 -34.75
N TYR A 304 -22.33 36.49 -34.23
CA TYR A 304 -22.48 35.16 -34.80
C TYR A 304 -23.01 34.21 -33.75
N SER A 305 -23.77 33.21 -34.21
CA SER A 305 -23.95 32.00 -33.44
C SER A 305 -22.75 31.09 -33.69
N LEU A 306 -22.78 29.89 -33.11
CA LEU A 306 -21.71 28.92 -33.32
C LEU A 306 -21.83 28.17 -34.65
N ARG A 307 -22.79 28.55 -35.51
CA ARG A 307 -22.88 27.96 -36.85
C ARG A 307 -21.94 28.66 -37.82
N GLU A 308 -21.96 30.00 -37.81
CA GLU A 308 -21.38 30.79 -38.89
C GLU A 308 -19.87 30.92 -38.84
N LEU A 309 -19.21 30.43 -37.79
CA LEU A 309 -17.77 30.58 -37.69
C LEU A 309 -17.06 29.72 -38.73
N ARG A 310 -16.11 30.33 -39.45
CA ARG A 310 -15.34 29.68 -40.50
C ARG A 310 -13.87 30.04 -40.33
N GLU A 311 -13.03 29.48 -41.21
CA GLU A 311 -11.59 29.68 -41.06
C GLU A 311 -11.19 31.14 -41.30
N SER A 312 -12.00 31.90 -42.04
CA SER A 312 -11.69 33.31 -42.27
C SER A 312 -11.71 34.12 -40.98
N ASN A 313 -12.47 33.67 -39.98
CA ASN A 313 -12.58 34.39 -38.71
C ASN A 313 -11.36 34.24 -37.82
N LEU A 314 -10.38 33.41 -38.19
CA LEU A 314 -9.27 33.11 -37.30
C LEU A 314 -8.45 34.36 -36.99
N SER A 315 -8.18 34.57 -35.70
CA SER A 315 -7.46 35.71 -35.14
C SER A 315 -8.24 37.01 -35.20
N SER A 316 -9.51 36.99 -35.59
CA SER A 316 -10.37 38.16 -35.61
C SER A 316 -11.23 38.19 -34.34
N LEU A 317 -11.64 39.40 -33.96
CA LEU A 317 -12.52 39.56 -32.81
C LEU A 317 -13.94 39.18 -33.20
N VAL A 318 -14.61 38.42 -32.32
CA VAL A 318 -15.95 37.89 -32.57
C VAL A 318 -16.81 38.11 -31.34
N ARG A 319 -18.13 38.09 -31.56
CA ARG A 319 -19.13 38.24 -30.51
C ARG A 319 -20.12 37.09 -30.64
N VAL A 320 -20.33 36.37 -29.54
CA VAL A 320 -21.00 35.07 -29.54
C VAL A 320 -21.93 35.00 -28.33
N THR A 321 -22.99 34.21 -28.47
CA THR A 321 -24.01 34.02 -27.43
C THR A 321 -24.31 32.53 -27.29
N GLY A 322 -24.68 32.14 -26.07
CA GLY A 322 -25.04 30.75 -25.84
C GLY A 322 -25.27 30.49 -24.37
N VAL A 323 -25.43 29.20 -24.05
CA VAL A 323 -25.65 28.72 -22.69
C VAL A 323 -24.37 28.01 -22.23
N VAL A 324 -23.95 28.31 -21.00
CA VAL A 324 -22.74 27.71 -20.46
C VAL A 324 -23.09 26.32 -19.92
N THR A 325 -22.47 25.30 -20.52
CA THR A 325 -22.85 23.92 -20.23
C THR A 325 -22.05 23.31 -19.08
N ARG A 326 -20.79 23.70 -18.93
CA ARG A 326 -19.91 23.08 -17.96
C ARG A 326 -18.81 24.05 -17.58
N ARG A 327 -18.35 23.95 -16.33
CA ARG A 327 -17.38 24.87 -15.77
C ARG A 327 -16.37 24.11 -14.92
N THR A 328 -15.09 24.39 -15.12
CA THR A 328 -14.02 23.81 -14.32
C THR A 328 -13.79 24.63 -13.06
N GLY A 329 -13.00 24.08 -12.15
CA GLY A 329 -12.51 24.85 -11.03
C GLY A 329 -11.42 25.82 -11.44
N VAL A 330 -11.16 26.78 -10.57
CA VAL A 330 -10.15 27.80 -10.80
C VAL A 330 -8.79 27.25 -10.36
N PHE A 331 -7.76 27.55 -11.14
CA PHE A 331 -6.40 27.12 -10.90
C PHE A 331 -5.47 28.31 -11.14
N PRO A 332 -4.26 28.27 -10.59
CA PRO A 332 -3.22 29.23 -11.04
C PRO A 332 -2.46 28.70 -12.25
N GLN A 333 -1.88 29.64 -12.99
CA GLN A 333 -1.14 29.34 -14.21
C GLN A 333 0.09 30.23 -14.26
N LEU A 334 1.21 29.65 -14.70
CA LEU A 334 2.45 30.39 -14.81
C LEU A 334 2.33 31.45 -15.90
N LYS A 335 2.71 32.69 -15.57
CA LYS A 335 2.48 33.80 -16.49
C LYS A 335 3.59 33.92 -17.53
N TYR A 336 4.84 33.80 -17.10
CA TYR A 336 6.00 34.05 -17.95
C TYR A 336 6.88 32.81 -18.01
N VAL A 337 7.44 32.56 -19.19
CA VAL A 337 8.36 31.45 -19.41
C VAL A 337 9.47 31.91 -20.34
N LYS A 379 12.64 33.84 -10.05
CA LYS A 379 11.59 34.84 -10.27
C LYS A 379 10.44 34.24 -11.06
N THR A 380 9.23 34.41 -10.54
CA THR A 380 8.05 33.79 -11.14
C THR A 380 6.81 34.57 -10.74
N VAL A 381 5.80 34.54 -11.63
CA VAL A 381 4.53 35.21 -11.44
C VAL A 381 3.44 34.30 -11.98
N TYR A 382 2.23 34.42 -11.42
CA TYR A 382 1.10 33.56 -11.74
C TYR A 382 -0.14 34.39 -12.06
N ARG A 383 -1.14 33.71 -12.62
CA ARG A 383 -2.45 34.30 -12.88
C ARG A 383 -3.50 33.21 -12.74
N ASN A 384 -4.75 33.63 -12.59
CA ASN A 384 -5.85 32.70 -12.48
C ASN A 384 -6.26 32.18 -13.86
N TYR A 385 -6.92 31.03 -13.86
CA TYR A 385 -7.27 30.34 -15.10
C TYR A 385 -8.53 29.52 -14.85
N GLN A 386 -9.33 29.37 -15.91
CA GLN A 386 -10.58 28.62 -15.85
C GLN A 386 -11.11 28.47 -17.26
N ARG A 387 -11.71 27.31 -17.55
CA ARG A 387 -12.28 27.00 -18.85
C ARG A 387 -13.77 26.74 -18.73
N VAL A 388 -14.51 27.17 -19.75
CA VAL A 388 -15.96 27.11 -19.79
C VAL A 388 -16.40 26.55 -21.13
N THR A 389 -17.40 25.67 -21.11
CA THR A 389 -18.00 25.12 -22.31
C THR A 389 -19.27 25.91 -22.62
N LEU A 390 -19.41 26.34 -23.87
CA LEU A 390 -20.51 27.18 -24.32
C LEU A 390 -21.28 26.44 -25.40
N GLN A 391 -22.61 26.49 -25.31
CA GLN A 391 -23.52 25.76 -26.19
C GLN A 391 -24.57 26.70 -26.76
N GLU A 392 -25.03 26.38 -27.97
CA GLU A 392 -26.07 27.17 -28.61
C GLU A 392 -27.35 27.16 -27.78
N ALA A 393 -27.98 28.33 -27.67
CA ALA A 393 -29.26 28.41 -26.99
C ALA A 393 -30.28 27.57 -27.76
N PRO A 394 -31.20 26.86 -27.08
CA PRO A 394 -32.19 26.06 -27.83
C PRO A 394 -33.07 26.86 -28.77
N GLY A 395 -33.37 28.12 -28.43
CA GLY A 395 -34.22 28.92 -29.31
C GLY A 395 -33.57 29.23 -30.63
N THR A 396 -32.24 29.30 -30.67
CA THR A 396 -31.52 29.65 -31.89
C THR A 396 -31.33 28.47 -32.83
N VAL A 397 -31.30 27.25 -32.29
CA VAL A 397 -30.96 26.07 -33.11
C VAL A 397 -32.04 25.85 -34.16
N PRO A 398 -31.71 25.61 -35.43
CA PRO A 398 -32.77 25.35 -36.41
C PRO A 398 -33.48 24.04 -36.12
N PRO A 399 -34.66 23.81 -36.70
CA PRO A 399 -35.36 22.55 -36.45
C PRO A 399 -34.62 21.36 -37.03
N GLY A 400 -34.67 20.23 -36.30
CA GLY A 400 -34.12 19.00 -36.80
C GLY A 400 -32.61 18.91 -36.82
N ARG A 401 -31.91 19.78 -36.08
CA ARG A 401 -30.46 19.78 -35.99
C ARG A 401 -30.05 19.74 -34.52
N LEU A 402 -28.91 19.10 -34.26
CA LEU A 402 -28.36 19.08 -32.92
C LEU A 402 -27.63 20.39 -32.62
N PRO A 403 -27.50 20.79 -31.35
CA PRO A 403 -26.76 22.00 -31.04
C PRO A 403 -25.25 21.79 -31.12
N ARG A 404 -24.53 22.88 -31.40
CA ARG A 404 -23.08 22.89 -31.47
C ARG A 404 -22.48 23.37 -30.16
N HIS A 405 -21.16 23.20 -30.03
CA HIS A 405 -20.43 23.53 -28.81
C HIS A 405 -19.13 24.25 -29.14
N ARG A 406 -18.68 25.06 -28.17
CA ARG A 406 -17.33 25.64 -28.19
C ARG A 406 -16.88 25.80 -26.75
N GLU A 407 -15.58 25.98 -26.57
CA GLU A 407 -14.93 26.08 -25.27
C GLU A 407 -14.20 27.41 -25.16
N VAL A 408 -14.34 28.06 -24.00
CA VAL A 408 -13.85 29.41 -23.76
C VAL A 408 -12.85 29.37 -22.62
N ILE A 409 -11.78 30.16 -22.74
CA ILE A 409 -10.76 30.28 -21.71
C ILE A 409 -10.96 31.60 -20.99
N LEU A 410 -11.04 31.54 -19.67
CA LEU A 410 -11.19 32.71 -18.81
C LEU A 410 -9.92 32.91 -18.01
N LEU A 411 -9.42 34.15 -17.98
CA LEU A 411 -8.18 34.53 -17.32
C LEU A 411 -8.49 35.54 -16.21
N ALA A 412 -7.44 36.17 -15.68
CA ALA A 412 -7.34 36.65 -14.30
C ALA A 412 -8.60 37.26 -13.70
N ASP A 413 -9.12 38.33 -14.31
CA ASP A 413 -10.23 39.06 -13.72
C ASP A 413 -11.58 38.40 -13.99
N LEU A 414 -11.68 37.51 -14.97
CA LEU A 414 -12.96 37.01 -15.46
C LEU A 414 -13.38 35.68 -14.86
N VAL A 415 -12.56 35.05 -14.03
CA VAL A 415 -12.90 33.73 -13.50
C VAL A 415 -14.10 33.83 -12.56
N ASP A 416 -14.96 32.81 -12.62
CA ASP A 416 -16.18 32.72 -11.82
C ASP A 416 -17.13 33.89 -12.08
N VAL A 417 -17.09 34.46 -13.29
CA VAL A 417 -18.05 35.49 -13.67
C VAL A 417 -19.42 34.90 -13.98
N SER A 418 -19.49 33.62 -14.35
CA SER A 418 -20.74 32.97 -14.75
C SER A 418 -20.83 31.59 -14.12
N LYS A 419 -22.07 31.10 -14.01
CA LYS A 419 -22.44 29.85 -13.37
C LYS A 419 -23.06 28.90 -14.39
N PRO A 420 -23.00 27.58 -14.21
CA PRO A 420 -23.64 26.67 -15.16
C PRO A 420 -25.14 26.91 -15.31
N GLY A 421 -25.63 26.77 -16.53
CA GLY A 421 -27.03 26.97 -16.84
C GLY A 421 -27.40 28.38 -17.24
N GLU A 422 -26.53 29.36 -17.02
CA GLU A 422 -26.80 30.73 -17.43
C GLU A 422 -26.73 30.87 -18.94
N GLU A 423 -27.45 31.86 -19.46
CA GLU A 423 -27.37 32.27 -20.86
C GLU A 423 -26.48 33.50 -20.94
N VAL A 424 -25.40 33.40 -21.72
CA VAL A 424 -24.26 34.30 -21.62
C VAL A 424 -23.89 34.81 -23.00
N GLU A 425 -23.30 36.01 -23.04
CA GLU A 425 -22.82 36.66 -24.25
C GLU A 425 -21.34 36.98 -24.09
N VAL A 426 -20.54 36.63 -25.11
CA VAL A 426 -19.08 36.62 -25.01
C VAL A 426 -18.48 37.38 -26.18
N THR A 427 -17.44 38.16 -25.90
CA THR A 427 -16.59 38.80 -26.89
C THR A 427 -15.16 38.33 -26.68
N GLY A 428 -14.47 38.00 -27.76
CA GLY A 428 -13.10 37.54 -27.62
C GLY A 428 -12.48 37.21 -28.96
N ILE A 429 -11.22 36.75 -28.90
CA ILE A 429 -10.46 36.37 -30.08
C ILE A 429 -10.75 34.90 -30.39
N TYR A 430 -10.85 34.59 -31.68
CA TYR A 430 -11.03 33.22 -32.17
C TYR A 430 -9.66 32.71 -32.63
N LYS A 431 -9.23 31.60 -32.04
CA LYS A 431 -7.84 31.16 -32.08
C LYS A 431 -7.78 29.66 -32.29
N ASN A 432 -6.64 29.19 -32.81
CA ASN A 432 -6.49 27.78 -33.15
C ASN A 432 -5.06 27.31 -32.88
N ASN A 433 -4.90 25.99 -32.78
CA ASN A 433 -3.61 25.37 -32.49
C ASN A 433 -3.60 23.94 -32.99
N TYR A 434 -2.39 23.42 -33.17
CA TYR A 434 -2.20 22.03 -33.58
C TYR A 434 -2.55 21.07 -32.44
N ASP A 435 -3.09 19.91 -32.81
CA ASP A 435 -3.42 18.85 -31.87
C ASP A 435 -3.12 17.51 -32.52
N GLY A 436 -2.26 16.72 -31.89
CA GLY A 436 -1.84 15.45 -32.48
C GLY A 436 -2.96 14.44 -32.58
N ASN A 437 -3.81 14.36 -31.55
CA ASN A 437 -4.84 13.33 -31.51
C ASN A 437 -5.89 13.54 -32.61
N LEU A 438 -6.27 14.79 -32.86
CA LEU A 438 -7.20 15.09 -33.94
C LEU A 438 -6.62 14.64 -35.28
N ASN A 439 -5.36 14.97 -35.53
CA ASN A 439 -4.70 14.57 -36.78
C ASN A 439 -4.64 13.05 -36.90
N ALA A 440 -4.32 12.37 -35.80
CA ALA A 440 -4.20 10.92 -35.83
C ALA A 440 -5.56 10.27 -36.13
N LYS A 441 -6.62 10.73 -35.46
CA LYS A 441 -7.91 10.07 -35.61
C LYS A 441 -8.55 10.41 -36.95
N ASN A 442 -8.48 11.66 -37.39
CA ASN A 442 -9.13 12.05 -38.63
C ASN A 442 -8.31 11.71 -39.86
N GLY A 443 -6.99 11.65 -39.73
CA GLY A 443 -6.14 11.35 -40.87
C GLY A 443 -5.96 12.47 -41.86
N PHE A 444 -6.23 13.71 -41.46
CA PHE A 444 -6.03 14.90 -42.28
C PHE A 444 -5.40 15.99 -41.41
N PRO A 445 -4.66 16.95 -42.01
CA PRO A 445 -4.03 17.98 -41.18
C PRO A 445 -5.05 18.98 -40.67
N VAL A 446 -5.70 18.63 -39.56
CA VAL A 446 -6.87 19.34 -39.05
C VAL A 446 -6.51 19.96 -37.70
N PHE A 447 -6.72 21.27 -37.58
CA PHE A 447 -6.39 22.04 -36.39
C PHE A 447 -7.62 22.23 -35.52
N ALA A 448 -7.39 22.42 -34.23
CA ALA A 448 -8.44 22.64 -33.24
C ALA A 448 -8.53 24.12 -32.89
N THR A 449 -9.75 24.57 -32.52
CA THR A 449 -10.04 25.99 -32.35
C THR A 449 -10.66 26.25 -30.98
N ILE A 450 -10.32 27.42 -30.42
CA ILE A 450 -10.73 27.85 -29.08
C ILE A 450 -11.04 29.34 -29.16
N ILE A 451 -11.90 29.82 -28.26
CA ILE A 451 -12.20 31.24 -28.09
C ILE A 451 -11.54 31.72 -26.81
N GLU A 452 -10.83 32.85 -26.89
CA GLU A 452 -10.18 33.49 -25.75
C GLU A 452 -10.98 34.75 -25.41
N ALA A 453 -11.72 34.70 -24.30
CA ALA A 453 -12.65 35.77 -23.96
C ALA A 453 -11.90 37.06 -23.61
N ASN A 454 -12.47 38.18 -24.06
CA ASN A 454 -12.05 39.53 -23.66
C ASN A 454 -13.04 40.21 -22.74
N SER A 455 -14.33 39.94 -22.89
CA SER A 455 -15.34 40.42 -21.96
C SER A 455 -16.53 39.47 -22.02
N ILE A 456 -17.30 39.44 -20.93
CA ILE A 456 -18.43 38.52 -20.78
C ILE A 456 -19.62 39.32 -20.25
N LYS A 457 -20.81 38.97 -20.72
CA LYS A 457 -22.04 39.69 -20.45
C LYS A 457 -23.16 38.68 -20.30
N ARG A 458 -24.21 39.06 -19.55
CA ARG A 458 -25.41 38.26 -19.39
C ARG A 458 -26.64 38.96 -19.97
N SER A 475 -31.93 46.68 -8.57
CA SER A 475 -31.96 47.89 -7.76
C SER A 475 -33.14 48.78 -8.19
N TRP A 476 -33.32 49.88 -7.46
CA TRP A 476 -34.45 50.78 -7.69
C TRP A 476 -34.09 52.16 -7.18
N THR A 477 -34.84 53.16 -7.67
CA THR A 477 -34.66 54.55 -7.28
C THR A 477 -35.69 54.94 -6.23
N GLU A 478 -35.58 56.17 -5.73
CA GLU A 478 -36.56 56.71 -4.79
C GLU A 478 -37.95 56.78 -5.42
N GLU A 479 -38.02 57.02 -6.72
CA GLU A 479 -39.32 57.11 -7.40
C GLU A 479 -40.08 55.81 -7.30
N GLU A 480 -39.40 54.68 -7.50
CA GLU A 480 -40.05 53.38 -7.35
C GLU A 480 -40.55 53.17 -5.92
N GLU A 481 -39.74 53.55 -4.93
CA GLU A 481 -40.15 53.40 -3.53
C GLU A 481 -41.40 54.23 -3.23
N ARG A 482 -41.42 55.48 -3.70
CA ARG A 482 -42.57 56.33 -3.49
C ARG A 482 -43.81 55.78 -4.19
N GLU A 483 -43.63 55.23 -5.39
CA GLU A 483 -44.76 54.62 -6.10
C GLU A 483 -45.30 53.41 -5.36
N PHE A 484 -44.40 52.56 -4.85
CA PHE A 484 -44.80 51.40 -4.04
C PHE A 484 -45.61 51.86 -2.84
N ARG A 485 -45.10 52.84 -2.11
CA ARG A 485 -45.79 53.33 -0.92
C ARG A 485 -47.13 53.96 -1.27
N LYS A 486 -47.20 54.64 -2.43
CA LYS A 486 -48.46 55.23 -2.88
C LYS A 486 -49.51 54.15 -3.12
N ILE A 487 -49.16 53.10 -3.86
CA ILE A 487 -50.16 52.06 -4.13
C ILE A 487 -50.50 51.30 -2.85
N SER A 488 -49.51 51.11 -1.96
CA SER A 488 -49.78 50.39 -0.72
C SER A 488 -50.70 51.18 0.20
N ARG A 489 -50.62 52.52 0.16
CA ARG A 489 -51.50 53.34 0.97
C ARG A 489 -52.97 53.24 0.54
N ASP A 490 -53.25 52.78 -0.67
CA ASP A 490 -54.62 52.65 -1.14
C ASP A 490 -55.30 51.42 -0.54
N ARG A 491 -56.61 51.55 -0.35
CA ARG A 491 -57.41 50.44 0.16
C ARG A 491 -57.47 49.30 -0.84
N GLY A 492 -57.57 48.08 -0.33
CA GLY A 492 -57.78 46.92 -1.18
C GLY A 492 -56.57 46.51 -2.00
N ILE A 493 -55.36 46.90 -1.58
CA ILE A 493 -54.16 46.54 -2.33
C ILE A 493 -53.95 45.03 -2.32
N ILE A 494 -54.31 44.37 -1.21
CA ILE A 494 -54.19 42.91 -1.11
C ILE A 494 -55.02 42.24 -2.20
N ASP A 495 -56.29 42.65 -2.30
CA ASP A 495 -57.19 42.09 -3.29
C ASP A 495 -56.69 42.36 -4.71
N LYS A 496 -56.14 43.56 -4.95
CA LYS A 496 -55.62 43.87 -6.28
C LYS A 496 -54.41 43.02 -6.61
N ILE A 497 -53.52 42.78 -5.64
CA ILE A 497 -52.36 41.92 -5.87
C ILE A 497 -52.83 40.51 -6.22
N ILE A 498 -53.81 39.99 -5.47
CA ILE A 498 -54.33 38.66 -5.74
C ILE A 498 -54.97 38.61 -7.13
N SER A 499 -55.72 39.67 -7.48
CA SER A 499 -56.35 39.73 -8.79
C SER A 499 -55.32 39.72 -9.91
N SER A 500 -54.21 40.45 -9.73
CA SER A 500 -53.15 40.45 -10.72
C SER A 500 -52.50 39.08 -10.88
N MET A 501 -52.60 38.21 -9.87
CA MET A 501 -51.93 36.92 -9.91
C MET A 501 -52.50 36.03 -10.99
N ALA A 502 -51.61 35.49 -11.84
CA ALA A 502 -51.91 34.58 -12.94
C ALA A 502 -53.03 35.13 -13.82
N PRO A 503 -52.78 36.17 -14.61
CA PRO A 503 -53.86 36.78 -15.39
C PRO A 503 -54.53 35.84 -16.39
N SER A 504 -53.76 34.96 -17.03
CA SER A 504 -54.32 34.15 -18.11
C SER A 504 -55.31 33.09 -17.63
N ILE A 505 -55.34 32.78 -16.33
CA ILE A 505 -56.14 31.70 -15.77
C ILE A 505 -57.39 32.30 -15.14
N TYR A 506 -58.56 31.82 -15.57
CA TYR A 506 -59.84 32.29 -15.04
C TYR A 506 -60.18 31.59 -13.73
N GLY A 507 -60.80 32.34 -12.82
CA GLY A 507 -61.29 31.79 -11.58
C GLY A 507 -60.17 31.29 -10.67
N HIS A 508 -60.57 30.42 -9.73
CA HIS A 508 -59.64 29.80 -8.78
C HIS A 508 -58.93 30.86 -7.94
N ARG A 509 -59.73 31.72 -7.30
CA ARG A 509 -59.18 32.84 -6.53
C ARG A 509 -58.37 32.35 -5.33
N ASP A 510 -58.85 31.30 -4.66
CA ASP A 510 -58.18 30.79 -3.46
C ASP A 510 -56.76 30.29 -3.79
N ILE A 511 -56.62 29.60 -4.92
CA ILE A 511 -55.29 29.13 -5.35
C ILE A 511 -54.36 30.33 -5.57
N LYS A 512 -54.85 31.39 -6.22
CA LYS A 512 -54.06 32.59 -6.44
C LYS A 512 -53.66 33.23 -5.11
N THR A 513 -54.59 33.29 -4.17
CA THR A 513 -54.31 33.82 -2.83
C THR A 513 -53.19 33.05 -2.16
N ALA A 514 -53.31 31.72 -2.15
CA ALA A 514 -52.29 30.89 -1.52
C ALA A 514 -50.93 31.05 -2.19
N VAL A 515 -50.91 31.14 -3.53
CA VAL A 515 -49.66 31.30 -4.25
C VAL A 515 -49.00 32.63 -3.91
N ALA A 516 -49.80 33.71 -3.87
CA ALA A 516 -49.27 35.02 -3.49
C ALA A 516 -48.72 35.01 -2.08
N CYS A 517 -49.46 34.42 -1.15
CA CYS A 517 -49.00 34.31 0.24
C CYS A 517 -47.69 33.54 0.33
N SER A 518 -47.56 32.47 -0.46
CA SER A 518 -46.32 31.69 -0.45
C SER A 518 -45.16 32.50 -1.04
N LEU A 519 -45.41 33.26 -2.11
CA LEU A 519 -44.35 34.03 -2.73
C LEU A 519 -43.85 35.15 -1.82
N PHE A 520 -44.74 35.77 -1.04
CA PHE A 520 -44.29 36.80 -0.10
C PHE A 520 -43.70 36.18 1.18
N GLY A 521 -44.41 35.22 1.79
CA GLY A 521 -43.92 34.53 2.98
C GLY A 521 -43.96 35.34 4.28
N GLY A 522 -43.75 34.66 5.42
CA GLY A 522 -43.58 35.31 6.72
C GLY A 522 -42.12 35.63 6.97
N VAL A 523 -41.73 35.62 8.25
CA VAL A 523 -40.36 35.93 8.68
C VAL A 523 -39.76 34.68 9.33
N PRO A 524 -38.56 34.22 8.93
CA PRO A 524 -37.92 33.10 9.65
C PRO A 524 -37.42 33.52 11.03
N LYS A 525 -37.72 32.71 12.05
CA LYS A 525 -37.38 33.03 13.44
C LYS A 525 -36.84 31.79 14.17
N ASN A 526 -36.06 32.02 15.24
CA ASN A 526 -35.46 30.92 16.01
C ASN A 526 -35.27 31.34 17.47
N VAL A 527 -35.31 30.34 18.37
CA VAL A 527 -35.24 30.56 19.82
C VAL A 527 -34.27 29.55 20.45
N ASN A 528 -33.26 30.08 21.16
CA ASN A 528 -32.39 29.23 21.98
C ASN A 528 -33.20 28.59 23.11
N GLY A 529 -32.88 27.34 23.41
CA GLY A 529 -33.84 26.41 24.00
C GLY A 529 -34.45 25.47 22.98
N LYS A 530 -33.85 25.37 21.78
CA LYS A 530 -34.15 24.39 20.73
C LYS A 530 -35.58 24.49 20.16
N HIS A 531 -35.89 25.63 19.53
CA HIS A 531 -37.12 25.84 18.77
C HIS A 531 -36.82 26.70 17.55
N SER A 532 -37.60 26.53 16.47
CA SER A 532 -37.43 27.32 15.25
C SER A 532 -38.76 27.38 14.48
N ILE A 533 -38.93 28.46 13.69
CA ILE A 533 -40.16 28.74 12.95
C ILE A 533 -39.79 29.17 11.53
N ARG A 534 -40.44 28.55 10.52
CA ARG A 534 -40.22 28.95 9.12
C ARG A 534 -40.72 30.36 8.85
N GLY A 535 -40.07 31.02 7.88
CA GLY A 535 -40.72 32.11 7.15
C GLY A 535 -41.45 31.59 5.93
N ASP A 536 -40.92 30.52 5.33
CA ASP A 536 -41.48 29.90 4.14
C ASP A 536 -42.85 29.26 4.38
N ILE A 537 -43.75 29.42 3.42
CA ILE A 537 -45.11 28.87 3.44
C ILE A 537 -45.18 27.80 2.35
N ASN A 538 -45.50 26.57 2.74
CA ASN A 538 -45.59 25.44 1.82
C ASN A 538 -47.06 25.16 1.49
N VAL A 539 -47.33 24.87 0.20
CA VAL A 539 -48.69 24.71 -0.32
C VAL A 539 -48.76 23.43 -1.15
N LEU A 540 -49.86 22.67 -0.99
CA LEU A 540 -50.13 21.47 -1.79
C LEU A 540 -51.54 21.58 -2.39
N LEU A 541 -51.67 21.27 -3.68
CA LEU A 541 -52.91 21.43 -4.43
C LEU A 541 -53.30 20.13 -5.16
N LEU A 542 -54.47 19.58 -4.85
CA LEU A 542 -54.99 18.41 -5.57
C LEU A 542 -55.83 18.88 -6.75
N GLY A 543 -55.39 18.52 -7.95
CA GLY A 543 -56.05 18.94 -9.19
C GLY A 543 -56.76 17.80 -9.88
N ASP A 544 -58.03 18.04 -10.23
CA ASP A 544 -58.70 17.23 -11.23
C ASP A 544 -57.97 17.41 -12.56
N PRO A 545 -58.11 16.47 -13.51
CA PRO A 545 -57.36 16.59 -14.77
C PRO A 545 -57.72 17.84 -15.55
N GLY A 546 -56.70 18.66 -15.81
CA GLY A 546 -56.84 19.83 -16.66
C GLY A 546 -57.29 21.10 -15.95
N THR A 547 -57.34 21.12 -14.62
CA THR A 547 -57.77 22.32 -13.89
C THR A 547 -56.63 23.29 -13.59
N ALA A 548 -55.84 23.65 -14.62
CA ALA A 548 -54.97 24.81 -14.65
C ALA A 548 -53.76 24.74 -13.71
N LYS A 549 -53.39 23.55 -13.20
CA LYS A 549 -52.29 23.50 -12.24
C LYS A 549 -50.93 23.78 -12.90
N SER A 550 -50.67 23.14 -14.05
CA SER A 550 -49.37 23.29 -14.70
C SER A 550 -49.18 24.72 -15.18
N GLN A 551 -50.24 25.35 -15.67
CA GLN A 551 -50.13 26.72 -16.17
C GLN A 551 -49.75 27.69 -15.05
N ILE A 552 -50.38 27.56 -13.87
CA ILE A 552 -50.02 28.44 -12.78
C ILE A 552 -48.61 28.15 -12.29
N LEU A 553 -48.19 26.88 -12.32
CA LEU A 553 -46.81 26.58 -11.94
C LEU A 553 -45.81 27.24 -12.90
N LYS A 554 -46.09 27.18 -14.20
CA LYS A 554 -45.24 27.88 -15.17
C LYS A 554 -45.25 29.38 -14.94
N TYR A 555 -46.44 29.93 -14.62
CA TYR A 555 -46.53 31.36 -14.32
C TYR A 555 -45.66 31.72 -13.13
N VAL A 556 -45.70 30.92 -12.08
CA VAL A 556 -44.88 31.17 -10.90
C VAL A 556 -43.41 31.06 -11.26
N GLU A 557 -43.07 30.12 -12.13
CA GLU A 557 -41.68 29.98 -12.57
C GLU A 557 -41.19 31.27 -13.25
N LYS A 558 -42.03 31.85 -14.11
CA LYS A 558 -41.64 33.11 -14.75
C LYS A 558 -41.69 34.28 -13.78
N THR A 559 -42.63 34.25 -12.82
CA THR A 559 -42.82 35.37 -11.91
C THR A 559 -41.70 35.44 -10.87
N ALA A 560 -41.36 34.30 -10.27
CA ALA A 560 -40.51 34.30 -9.09
C ALA A 560 -39.07 34.67 -9.43
N HIS A 561 -38.35 35.15 -8.41
CA HIS A 561 -36.98 35.61 -8.59
C HIS A 561 -36.05 34.44 -8.91
N ARG A 562 -36.11 33.39 -8.09
CA ARG A 562 -35.30 32.19 -8.25
C ARG A 562 -36.18 30.99 -7.95
N ALA A 563 -36.04 29.93 -8.73
CA ALA A 563 -36.90 28.77 -8.48
C ALA A 563 -36.37 27.53 -9.16
N VAL A 564 -36.91 26.39 -8.73
CA VAL A 564 -36.64 25.08 -9.28
C VAL A 564 -37.97 24.45 -9.67
N PHE A 565 -37.99 23.79 -10.83
CA PHE A 565 -39.18 23.16 -11.37
C PHE A 565 -38.89 21.69 -11.63
N ALA A 566 -39.81 20.82 -11.21
CA ALA A 566 -39.69 19.39 -11.44
C ALA A 566 -41.08 18.76 -11.52
N ALA A 595 -32.30 18.37 -6.02
CA ALA A 595 -32.17 19.68 -6.65
C ALA A 595 -32.49 20.84 -5.69
N LEU A 596 -32.68 20.54 -4.40
CA LEU A 596 -33.08 21.54 -3.42
C LEU A 596 -32.01 22.63 -3.21
N VAL A 597 -30.75 22.32 -3.50
CA VAL A 597 -29.67 23.32 -3.34
C VAL A 597 -29.94 24.53 -4.24
N LEU A 598 -30.40 24.28 -5.48
CA LEU A 598 -30.67 25.38 -6.40
C LEU A 598 -31.86 26.24 -5.95
N ALA A 599 -32.69 25.76 -5.02
CA ALA A 599 -33.85 26.50 -4.54
C ALA A 599 -33.56 27.36 -3.31
N ASP A 600 -32.29 27.52 -2.91
CA ASP A 600 -31.93 28.23 -1.67
C ASP A 600 -32.46 29.67 -1.64
N LYS A 601 -33.29 29.97 -0.63
CA LYS A 601 -34.04 31.21 -0.46
C LYS A 601 -35.01 31.52 -1.62
N GLY A 602 -35.30 30.54 -2.49
CA GLY A 602 -36.26 30.65 -3.56
C GLY A 602 -37.49 29.79 -3.35
N VAL A 603 -38.20 29.51 -4.45
CA VAL A 603 -39.42 28.69 -4.45
C VAL A 603 -39.15 27.39 -5.20
N CYS A 604 -39.66 26.28 -4.66
CA CYS A 604 -39.55 24.96 -5.27
C CYS A 604 -40.92 24.54 -5.80
N LEU A 605 -40.97 24.09 -7.06
CA LEU A 605 -42.21 23.76 -7.75
C LEU A 605 -42.25 22.28 -8.13
N ILE A 606 -43.34 21.61 -7.79
CA ILE A 606 -43.58 20.20 -8.12
C ILE A 606 -44.94 20.10 -8.79
N ASP A 607 -44.97 19.48 -9.99
CA ASP A 607 -46.20 19.36 -10.78
C ASP A 607 -46.79 17.96 -10.77
N GLU A 608 -45.97 16.92 -10.60
CA GLU A 608 -46.45 15.54 -10.53
C GLU A 608 -45.54 14.73 -9.62
N PHE A 609 -46.03 13.57 -9.20
CA PHE A 609 -45.24 12.59 -8.44
C PHE A 609 -45.20 11.26 -9.20
N ASP A 614 -39.77 6.11 -4.54
CA ASP A 614 -39.89 6.28 -3.10
C ASP A 614 -38.80 7.19 -2.55
N GLN A 615 -37.61 7.13 -3.17
CA GLN A 615 -36.49 7.93 -2.70
C GLN A 615 -36.76 9.42 -2.86
N ASP A 616 -37.49 9.81 -3.91
CA ASP A 616 -37.88 11.20 -4.06
C ASP A 616 -38.73 11.66 -2.88
N ARG A 617 -39.75 10.87 -2.54
CA ARG A 617 -40.58 11.17 -1.39
C ARG A 617 -39.76 11.18 -0.11
N THR A 618 -38.81 10.26 0.03
CA THR A 618 -37.95 10.22 1.21
C THR A 618 -37.13 11.51 1.34
N SER A 619 -36.58 11.97 0.21
CA SER A 619 -35.85 13.23 0.17
C SER A 619 -36.76 14.39 0.59
N ILE A 620 -38.01 14.38 0.11
CA ILE A 620 -38.97 15.42 0.49
C ILE A 620 -39.34 15.33 1.98
N HIS A 621 -39.40 14.12 2.54
CA HIS A 621 -39.65 13.97 3.99
C HIS A 621 -38.56 14.67 4.78
N GLU A 622 -37.30 14.38 4.44
CA GLU A 622 -36.18 15.03 5.12
C GLU A 622 -36.18 16.53 4.88
N ALA A 623 -36.54 16.96 3.66
CA ALA A 623 -36.56 18.38 3.32
C ALA A 623 -37.61 19.15 4.12
N MET A 624 -38.81 18.57 4.30
CA MET A 624 -39.85 19.25 5.08
C MET A 624 -39.57 19.19 6.57
N GLU A 625 -38.95 18.11 7.04
CA GLU A 625 -38.61 17.99 8.47
C GLU A 625 -37.58 19.02 8.90
N GLN A 626 -36.56 19.25 8.07
CA GLN A 626 -35.43 20.12 8.36
C GLN A 626 -35.57 21.44 7.58
N GLN A 627 -34.53 22.27 7.65
CA GLN A 627 -34.27 23.33 6.67
C GLN A 627 -32.90 23.18 6.01
N SER A 628 -32.12 22.15 6.38
CA SER A 628 -30.81 21.86 5.85
C SER A 628 -30.71 20.37 5.54
N ILE A 629 -29.94 20.03 4.51
CA ILE A 629 -29.77 18.65 4.03
C ILE A 629 -28.35 18.20 4.38
N SER A 630 -28.20 16.93 4.78
CA SER A 630 -26.90 16.36 5.15
C SER A 630 -26.69 15.01 4.46
N ILE A 631 -25.43 14.67 4.17
CA ILE A 631 -25.11 13.46 3.42
C ILE A 631 -23.70 12.98 3.77
N SER A 632 -23.48 11.66 3.67
CA SER A 632 -22.17 11.05 3.86
C SER A 632 -21.94 9.98 2.79
N LYS A 633 -20.66 9.77 2.44
CA LYS A 633 -20.28 8.85 1.36
C LYS A 633 -18.83 8.42 1.51
N ALA A 634 -18.60 7.11 1.67
CA ALA A 634 -17.25 6.51 1.67
C ALA A 634 -16.27 7.22 2.62
N GLY A 635 -16.77 7.62 3.79
CA GLY A 635 -16.00 8.33 4.81
C GLY A 635 -16.19 9.84 4.81
N ILE A 636 -16.65 10.43 3.70
CA ILE A 636 -16.87 11.88 3.62
C ILE A 636 -18.19 12.22 4.33
N VAL A 637 -18.26 13.42 4.92
CA VAL A 637 -19.46 13.95 5.57
C VAL A 637 -19.60 15.43 5.21
N THR A 638 -20.82 15.87 4.87
CA THR A 638 -21.04 17.28 4.50
C THR A 638 -22.51 17.68 4.67
N THR A 639 -22.77 19.00 4.69
CA THR A 639 -24.11 19.57 4.89
C THR A 639 -24.41 20.68 3.87
N LEU A 640 -25.70 20.90 3.60
CA LEU A 640 -26.21 21.83 2.59
C LEU A 640 -27.49 22.49 3.11
N GLN A 641 -27.88 23.63 2.52
CA GLN A 641 -29.09 24.37 2.93
C GLN A 641 -30.19 24.25 1.89
N ALA A 642 -31.43 24.06 2.35
CA ALA A 642 -32.63 24.08 1.50
C ALA A 642 -33.37 25.41 1.58
N ARG A 643 -33.82 25.79 2.77
CA ARG A 643 -34.35 27.13 3.14
C ARG A 643 -35.25 27.77 2.05
N CYS A 644 -36.33 27.07 1.71
CA CYS A 644 -37.14 27.46 0.55
C CYS A 644 -38.61 27.13 0.78
N SER A 645 -39.48 27.76 -0.03
CA SER A 645 -40.92 27.50 0.00
C SER A 645 -41.26 26.47 -1.07
N ILE A 646 -42.10 25.49 -0.71
CA ILE A 646 -42.43 24.37 -1.58
C ILE A 646 -43.90 24.49 -2.00
N ILE A 647 -44.13 24.52 -3.31
CA ILE A 647 -45.48 24.48 -3.89
C ILE A 647 -45.56 23.20 -4.71
N ALA A 648 -46.52 22.34 -4.39
CA ALA A 648 -46.66 21.03 -5.01
C ALA A 648 -48.09 20.81 -5.52
N ALA A 649 -48.21 19.95 -6.53
CA ALA A 649 -49.51 19.55 -7.05
C ALA A 649 -49.51 18.06 -7.38
N ALA A 650 -50.69 17.45 -7.32
CA ALA A 650 -50.82 16.00 -7.47
C ALA A 650 -52.20 15.65 -8.02
N ASN A 651 -52.28 14.46 -8.63
CA ASN A 651 -53.54 13.91 -9.12
C ASN A 651 -54.15 12.99 -8.06
N PRO A 652 -55.45 13.12 -7.70
CA PRO A 652 -55.95 12.42 -6.52
C PRO A 652 -56.25 10.95 -6.72
N ASN A 653 -55.21 10.11 -6.72
CA ASN A 653 -55.33 8.64 -6.69
C ASN A 653 -56.20 8.12 -7.84
N GLY A 654 -55.78 8.45 -9.05
CA GLY A 654 -56.47 8.01 -10.26
C GLY A 654 -57.22 9.12 -10.97
N GLY A 655 -58.39 8.79 -11.52
CA GLY A 655 -59.04 9.70 -12.44
C GLY A 655 -59.79 10.84 -11.80
N ARG A 656 -60.30 10.66 -10.58
CA ARG A 656 -61.23 11.63 -10.01
C ARG A 656 -61.20 11.60 -8.49
N TYR A 657 -61.29 12.79 -7.90
CA TYR A 657 -61.41 12.96 -6.47
C TYR A 657 -62.77 12.48 -5.96
N ASN A 658 -62.79 11.95 -4.74
CA ASN A 658 -64.01 11.51 -4.06
C ASN A 658 -64.24 12.41 -2.85
N SER A 659 -65.30 13.21 -2.90
CA SER A 659 -65.57 14.17 -1.83
C SER A 659 -66.13 13.51 -0.58
N THR A 660 -66.71 12.31 -0.71
CA THR A 660 -67.30 11.65 0.46
C THR A 660 -66.27 11.19 1.48
N LEU A 661 -64.97 11.10 1.09
CA LEU A 661 -63.91 10.52 1.90
C LEU A 661 -62.94 11.58 2.40
N PRO A 662 -62.19 11.32 3.47
CA PRO A 662 -61.18 12.30 3.91
C PRO A 662 -60.03 12.40 2.91
N LEU A 663 -59.11 13.32 3.21
CA LEU A 663 -58.02 13.64 2.29
C LEU A 663 -57.08 12.45 2.09
N ALA A 664 -56.82 11.65 3.14
CA ALA A 664 -55.83 10.58 3.07
C ALA A 664 -56.21 9.53 2.03
N GLN A 665 -57.50 9.24 1.88
CA GLN A 665 -57.96 8.26 0.91
C GLN A 665 -57.60 8.68 -0.52
N ASN A 666 -57.53 9.99 -0.78
CA ASN A 666 -57.34 10.52 -2.13
C ASN A 666 -55.88 10.80 -2.48
N VAL A 667 -54.92 10.47 -1.61
CA VAL A 667 -53.51 10.78 -1.83
C VAL A 667 -52.65 9.56 -1.51
N SER A 668 -51.40 9.62 -1.99
CA SER A 668 -50.37 8.62 -1.73
C SER A 668 -49.30 9.16 -0.80
N LEU A 669 -49.71 9.88 0.24
CA LEU A 669 -48.84 10.65 1.13
C LEU A 669 -48.97 10.17 2.57
N THR A 670 -47.87 10.28 3.32
CA THR A 670 -47.89 10.00 4.76
C THR A 670 -48.49 11.18 5.53
N GLU A 671 -49.03 10.90 6.72
CA GLU A 671 -49.66 11.93 7.53
C GLU A 671 -48.75 13.11 7.87
N PRO A 672 -47.45 12.95 8.19
CA PRO A 672 -46.62 14.14 8.48
C PRO A 672 -46.52 15.13 7.32
N ILE A 673 -46.69 14.70 6.08
CA ILE A 673 -46.68 15.65 4.96
C ILE A 673 -47.86 16.61 5.09
N LEU A 674 -49.05 16.05 5.29
CA LEU A 674 -50.25 16.87 5.44
C LEU A 674 -50.17 17.70 6.71
N SER A 675 -49.51 17.18 7.75
CA SER A 675 -49.34 17.91 9.00
C SER A 675 -48.41 19.12 8.83
N ARG A 676 -47.31 18.97 8.10
CA ARG A 676 -46.27 20.01 8.03
C ARG A 676 -46.46 21.06 6.92
N PHE A 677 -47.31 20.81 5.92
CA PHE A 677 -47.62 21.84 4.93
C PHE A 677 -48.57 22.90 5.51
N ASP A 678 -48.34 24.18 5.13
CA ASP A 678 -49.14 25.28 5.69
C ASP A 678 -50.56 25.32 5.14
N ILE A 679 -50.73 25.15 3.83
CA ILE A 679 -52.03 25.28 3.17
C ILE A 679 -52.25 24.05 2.28
N LEU A 680 -53.46 23.46 2.37
CA LEU A 680 -53.90 22.34 1.56
C LEU A 680 -55.19 22.73 0.85
N CYS A 681 -55.34 22.33 -0.43
CA CYS A 681 -56.54 22.68 -1.17
C CYS A 681 -56.82 21.66 -2.28
N VAL A 682 -58.11 21.51 -2.63
CA VAL A 682 -58.58 20.60 -3.66
C VAL A 682 -59.36 21.42 -4.70
N VAL A 683 -59.05 21.20 -5.98
CA VAL A 683 -59.68 21.91 -7.10
C VAL A 683 -60.35 20.88 -8.00
N ARG A 684 -61.61 21.14 -8.36
CA ARG A 684 -62.45 20.17 -9.05
C ARG A 684 -63.18 20.81 -10.22
N ASP A 685 -63.43 20.01 -11.26
CA ASP A 685 -64.12 20.44 -12.48
C ASP A 685 -65.64 20.35 -12.27
N LEU A 686 -66.18 21.35 -11.60
CA LEU A 686 -67.60 21.38 -11.30
C LEU A 686 -68.42 21.71 -12.53
N VAL A 687 -69.69 21.33 -12.50
CA VAL A 687 -70.60 21.46 -13.63
C VAL A 687 -71.50 22.68 -13.38
N ASP A 688 -71.49 23.62 -14.32
CA ASP A 688 -72.39 24.77 -14.27
C ASP A 688 -72.40 25.41 -15.65
N GLU A 689 -73.61 25.63 -16.18
CA GLU A 689 -73.74 26.19 -17.52
C GLU A 689 -73.13 27.58 -17.61
N GLU A 690 -73.41 28.43 -16.61
CA GLU A 690 -72.90 29.80 -16.65
C GLU A 690 -71.38 29.84 -16.50
N ALA A 691 -70.84 29.03 -15.59
CA ALA A 691 -69.38 28.97 -15.44
C ALA A 691 -68.72 28.45 -16.71
N ASP A 692 -69.32 27.44 -17.33
CA ASP A 692 -68.79 26.92 -18.60
C ASP A 692 -68.80 27.99 -19.67
N GLU A 693 -69.89 28.76 -19.78
CA GLU A 693 -69.96 29.82 -20.77
C GLU A 693 -68.91 30.89 -20.52
N ARG A 694 -68.73 31.28 -19.25
CA ARG A 694 -67.72 32.27 -18.91
C ARG A 694 -66.33 31.77 -19.27
N LEU A 695 -66.02 30.51 -18.94
CA LEU A 695 -64.73 29.93 -19.27
C LEU A 695 -64.50 29.91 -20.78
N ALA A 696 -65.52 29.46 -21.54
CA ALA A 696 -65.36 29.35 -22.99
C ALA A 696 -65.17 30.72 -23.63
N THR A 697 -65.95 31.72 -23.19
CA THR A 697 -65.81 33.07 -23.72
C THR A 697 -64.42 33.63 -23.43
N PHE A 698 -63.96 33.46 -22.19
CA PHE A 698 -62.62 33.93 -21.83
C PHE A 698 -61.55 33.22 -22.64
N VAL A 699 -61.72 31.92 -22.86
CA VAL A 699 -60.70 31.13 -23.56
C VAL A 699 -60.60 31.57 -25.02
N VAL A 700 -61.74 31.68 -25.71
CA VAL A 700 -61.69 32.10 -27.10
C VAL A 700 -61.24 33.56 -27.21
N ASP A 701 -61.61 34.41 -26.25
CA ASP A 701 -61.15 35.79 -26.26
C ASP A 701 -59.65 35.88 -26.11
N SER A 702 -59.07 35.11 -25.19
CA SER A 702 -57.63 35.07 -25.03
C SER A 702 -56.96 34.49 -26.27
N HIS A 703 -57.58 33.49 -26.89
CA HIS A 703 -57.03 32.88 -28.09
C HIS A 703 -56.94 33.89 -29.23
N VAL A 704 -58.00 34.68 -29.42
CA VAL A 704 -57.97 35.72 -30.44
C VAL A 704 -56.96 36.80 -30.07
N ARG A 705 -56.89 37.16 -28.78
CA ARG A 705 -56.00 38.22 -28.33
C ARG A 705 -54.52 37.86 -28.54
N SER A 706 -54.19 36.56 -28.60
CA SER A 706 -52.81 36.10 -28.76
C SER A 706 -52.40 35.89 -30.21
N HIS A 707 -53.29 36.15 -31.18
CA HIS A 707 -53.02 35.76 -32.55
C HIS A 707 -51.82 36.54 -33.09
N PRO A 708 -50.91 35.91 -33.87
CA PRO A 708 -49.77 36.67 -34.41
C PRO A 708 -50.16 37.85 -35.27
N GLU A 709 -51.20 37.72 -36.08
CA GLU A 709 -51.70 38.85 -36.86
C GLU A 709 -52.45 39.81 -35.94
N LEU A 745 -47.38 50.28 -30.88
CA LEU A 745 -47.23 50.25 -29.43
C LEU A 745 -48.59 50.29 -28.73
N GLN A 746 -49.54 51.05 -29.30
CA GLN A 746 -50.82 51.28 -28.63
C GLN A 746 -51.60 49.98 -28.43
N ARG A 747 -51.54 49.08 -29.42
CA ARG A 747 -52.19 47.78 -29.29
C ARG A 747 -51.67 47.03 -28.07
N GLN A 748 -50.35 47.04 -27.87
CA GLN A 748 -49.75 46.37 -26.72
C GLN A 748 -50.23 47.00 -25.41
N ARG A 749 -50.30 48.34 -25.37
CA ARG A 749 -50.72 49.01 -24.14
C ARG A 749 -52.16 48.66 -23.78
N LYS A 750 -53.05 48.70 -24.79
CA LYS A 750 -54.45 48.34 -24.55
C LYS A 750 -54.57 46.89 -24.09
N LYS A 751 -53.85 45.99 -24.78
CA LYS A 751 -53.85 44.58 -24.42
C LYS A 751 -53.38 44.36 -22.99
N GLU A 752 -52.26 44.99 -22.63
CA GLU A 752 -51.70 44.86 -21.29
C GLU A 752 -52.67 45.36 -20.22
N GLU A 753 -53.19 46.58 -20.40
CA GLU A 753 -54.04 47.15 -19.35
C GLU A 753 -55.35 46.40 -19.22
N GLU A 754 -55.87 45.84 -20.32
CA GLU A 754 -57.04 44.97 -20.19
C GLU A 754 -56.70 43.66 -19.51
N ILE A 755 -55.45 43.18 -19.66
CA ILE A 755 -55.10 41.87 -19.11
C ILE A 755 -55.13 41.87 -17.59
N SER A 756 -54.53 42.89 -16.96
CA SER A 756 -54.28 42.91 -15.52
C SER A 756 -54.58 44.28 -14.94
N PRO A 757 -54.91 44.37 -13.64
CA PRO A 757 -55.04 45.70 -13.02
C PRO A 757 -53.72 46.35 -12.62
N ILE A 758 -52.66 45.56 -12.45
CA ILE A 758 -51.34 46.06 -12.07
C ILE A 758 -50.38 45.70 -13.19
N PRO A 759 -49.50 46.60 -13.64
CA PRO A 759 -48.43 46.16 -14.56
C PRO A 759 -47.49 45.20 -13.85
N GLN A 760 -47.33 44.00 -14.43
CA GLN A 760 -46.64 42.92 -13.76
C GLN A 760 -45.15 43.19 -13.57
N GLU A 761 -44.55 44.07 -14.37
CA GLU A 761 -43.17 44.51 -14.11
C GLU A 761 -43.08 45.19 -12.76
N LEU A 762 -43.99 46.15 -12.52
CA LEU A 762 -44.06 46.80 -11.22
C LEU A 762 -44.35 45.81 -10.11
N LEU A 763 -45.19 44.81 -10.37
CA LEU A 763 -45.51 43.82 -9.35
C LEU A 763 -44.29 42.98 -9.00
N MET A 764 -43.51 42.57 -9.99
CA MET A 764 -42.30 41.80 -9.71
C MET A 764 -41.29 42.62 -8.92
N LYS A 765 -41.08 43.88 -9.33
CA LYS A 765 -40.21 44.76 -8.57
C LYS A 765 -40.74 44.96 -7.14
N TYR A 766 -42.06 45.09 -7.00
CA TYR A 766 -42.69 45.24 -5.70
C TYR A 766 -42.45 44.02 -4.82
N ILE A 767 -42.58 42.83 -5.41
CA ILE A 767 -42.35 41.59 -4.66
C ILE A 767 -40.91 41.54 -4.18
N HIS A 768 -39.96 41.85 -5.07
CA HIS A 768 -38.54 41.84 -4.69
C HIS A 768 -38.28 42.85 -3.57
N TYR A 769 -38.82 44.06 -3.71
CA TYR A 769 -38.65 45.09 -2.70
C TYR A 769 -39.21 44.66 -1.36
N ALA A 770 -40.44 44.14 -1.34
CA ALA A 770 -41.07 43.71 -0.10
C ALA A 770 -40.28 42.57 0.55
N ARG A 771 -39.82 41.60 -0.27
CA ARG A 771 -39.06 40.48 0.27
C ARG A 771 -37.75 40.94 0.88
N THR A 772 -37.09 41.94 0.27
CA THR A 772 -35.79 42.39 0.76
C THR A 772 -35.89 43.35 1.95
N LYS A 773 -36.98 44.12 2.05
CA LYS A 773 -37.04 45.26 2.97
C LYS A 773 -37.96 45.05 4.19
N ILE A 774 -39.09 44.35 4.04
CA ILE A 774 -40.18 44.37 5.03
C ILE A 774 -40.13 43.11 5.88
N TYR A 775 -40.20 43.28 7.22
CA TYR A 775 -40.06 42.17 8.18
C TYR A 775 -41.06 42.34 9.34
N PRO A 776 -42.34 41.99 9.14
CA PRO A 776 -43.38 42.38 10.10
C PRO A 776 -43.30 41.70 11.47
N LYS A 777 -43.98 42.31 12.45
CA LYS A 777 -44.08 41.79 13.82
C LYS A 777 -45.54 41.73 14.31
N LEU A 778 -45.80 40.81 15.25
CA LEU A 778 -47.12 40.66 15.86
C LEU A 778 -47.40 41.76 16.88
N HIS A 779 -48.69 42.05 17.07
CA HIS A 779 -49.18 42.96 18.11
C HIS A 779 -49.82 42.14 19.23
N GLN A 780 -49.46 42.48 20.48
CA GLN A 780 -49.74 41.62 21.62
C GLN A 780 -51.16 41.74 22.17
N MET A 781 -51.96 42.69 21.69
CA MET A 781 -53.30 42.88 22.23
C MET A 781 -54.21 41.70 21.93
N ASP A 782 -54.43 41.41 20.65
CA ASP A 782 -55.44 40.46 20.22
C ASP A 782 -55.03 39.00 20.39
N MET A 783 -53.78 38.71 20.78
CA MET A 783 -53.34 37.31 20.85
C MET A 783 -54.09 36.52 21.91
N ASP A 784 -54.68 37.18 22.91
CA ASP A 784 -55.57 36.47 23.83
C ASP A 784 -56.76 35.89 23.08
N LYS A 785 -57.32 36.65 22.14
CA LYS A 785 -58.42 36.16 21.34
C LYS A 785 -57.99 34.98 20.46
N VAL A 786 -56.76 35.04 19.93
CA VAL A 786 -56.27 33.94 19.09
C VAL A 786 -56.16 32.65 19.91
N SER A 787 -55.66 32.75 21.15
CA SER A 787 -55.56 31.58 22.01
C SER A 787 -56.93 30.99 22.32
N ARG A 788 -57.90 31.86 22.61
CA ARG A 788 -59.26 31.41 22.88
C ARG A 788 -59.86 30.73 21.66
N VAL A 789 -59.63 31.29 20.46
CA VAL A 789 -60.12 30.68 19.23
C VAL A 789 -59.47 29.32 19.02
N TYR A 790 -58.16 29.22 19.28
CA TYR A 790 -57.46 27.94 19.14
C TYR A 790 -58.04 26.88 20.08
N ALA A 791 -58.28 27.25 21.35
CA ALA A 791 -58.88 26.33 22.31
C ALA A 791 -60.29 25.92 21.87
N ASP A 792 -61.08 26.89 21.39
CA ASP A 792 -62.43 26.59 20.94
C ASP A 792 -62.42 25.64 19.76
N LEU A 793 -61.52 25.88 18.79
CA LEU A 793 -61.42 24.99 17.63
C LEU A 793 -61.02 23.59 18.05
N ARG A 794 -60.07 23.46 18.98
CA ARG A 794 -59.69 22.14 19.49
C ARG A 794 -60.87 21.45 20.17
N ARG A 795 -61.60 22.18 21.02
CA ARG A 795 -62.75 21.62 21.72
C ARG A 795 -63.80 21.13 20.73
N GLU A 796 -64.12 21.95 19.73
CA GLU A 796 -65.12 21.56 18.74
C GLU A 796 -64.65 20.37 17.91
N SER A 797 -63.36 20.34 17.56
CA SER A 797 -62.82 19.21 16.81
C SER A 797 -62.97 17.91 17.61
N ILE A 798 -62.62 17.94 18.90
CA ILE A 798 -62.77 16.75 19.73
C ILE A 798 -64.24 16.38 19.89
N SER A 799 -65.11 17.38 20.01
CA SER A 799 -66.52 17.14 20.31
C SER A 799 -67.20 16.31 19.23
N THR A 800 -66.93 16.63 17.97
CA THR A 800 -67.49 15.88 16.85
C THR A 800 -66.68 14.63 16.49
N GLY A 801 -65.57 14.37 17.20
CA GLY A 801 -64.73 13.23 16.87
C GLY A 801 -63.79 13.44 15.70
N SER A 802 -63.52 14.68 15.33
CA SER A 802 -62.59 14.96 14.24
C SER A 802 -61.15 14.75 14.70
N PHE A 803 -60.24 14.59 13.73
CA PHE A 803 -58.82 14.65 14.03
C PHE A 803 -58.52 16.04 14.61
N PRO A 804 -57.73 16.15 15.69
CA PRO A 804 -57.61 17.46 16.36
C PRO A 804 -56.75 18.46 15.60
N ILE A 805 -57.01 19.75 15.87
CA ILE A 805 -56.14 20.82 15.41
C ILE A 805 -54.92 20.91 16.33
N THR A 806 -53.80 21.45 15.80
CA THR A 806 -52.48 21.33 16.44
C THR A 806 -51.72 22.67 16.41
N VAL A 807 -50.58 22.69 17.10
CA VAL A 807 -49.72 23.89 17.14
C VAL A 807 -49.21 24.25 15.75
N ARG A 808 -49.08 23.27 14.84
CA ARG A 808 -48.67 23.57 13.47
C ARG A 808 -49.66 24.52 12.80
N HIS A 809 -50.95 24.32 13.04
CA HIS A 809 -51.97 25.19 12.47
C HIS A 809 -51.85 26.61 13.03
N LEU A 810 -51.63 26.73 14.34
CA LEU A 810 -51.47 28.05 14.96
C LEU A 810 -50.24 28.79 14.41
N GLU A 811 -49.11 28.08 14.33
CA GLU A 811 -47.89 28.66 13.77
C GLU A 811 -48.12 29.09 12.32
N SER A 812 -48.81 28.27 11.55
CA SER A 812 -49.14 28.63 10.16
C SER A 812 -50.00 29.87 10.09
N ILE A 813 -50.96 30.01 11.02
CA ILE A 813 -51.81 31.20 11.06
C ILE A 813 -50.96 32.44 11.27
N LEU A 814 -50.06 32.40 12.26
CA LEU A 814 -49.22 33.57 12.55
C LEU A 814 -48.31 33.90 11.36
N ARG A 815 -47.71 32.87 10.74
CA ARG A 815 -46.84 33.08 9.58
C ARG A 815 -47.63 33.66 8.39
N ILE A 816 -48.83 33.15 8.14
CA ILE A 816 -49.65 33.66 7.05
C ILE A 816 -50.08 35.10 7.32
N ALA A 817 -50.35 35.43 8.59
CA ALA A 817 -50.68 36.81 8.95
C ALA A 817 -49.49 37.73 8.69
N GLU A 818 -48.27 37.27 8.99
CA GLU A 818 -47.08 38.05 8.64
C GLU A 818 -46.99 38.26 7.13
N SER A 819 -47.32 37.23 6.35
CA SER A 819 -47.30 37.38 4.89
C SER A 819 -48.32 38.42 4.41
N PHE A 820 -49.53 38.41 5.00
CA PHE A 820 -50.52 39.44 4.66
C PHE A 820 -50.00 40.84 5.00
N ALA A 821 -49.35 40.99 6.16
CA ALA A 821 -48.76 42.28 6.51
C ALA A 821 -47.68 42.69 5.52
N LYS A 822 -46.81 41.75 5.14
CA LYS A 822 -45.74 42.03 4.19
C LYS A 822 -46.28 42.44 2.82
N MET A 823 -47.42 41.87 2.40
CA MET A 823 -47.96 42.15 1.07
C MET A 823 -48.32 43.62 0.88
N ARG A 824 -48.79 44.31 1.93
CA ARG A 824 -49.03 45.75 1.87
C ARG A 824 -47.87 46.59 2.43
N LEU A 825 -46.69 45.99 2.63
CA LEU A 825 -45.51 46.68 3.16
C LEU A 825 -45.73 47.17 4.59
N SER A 826 -46.60 46.50 5.34
CA SER A 826 -46.87 46.86 6.72
C SER A 826 -45.94 46.09 7.65
N GLU A 827 -45.20 46.83 8.49
CA GLU A 827 -44.35 46.20 9.49
C GLU A 827 -45.14 45.68 10.70
N PHE A 828 -46.44 45.92 10.78
CA PHE A 828 -47.30 45.43 11.85
C PHE A 828 -48.34 44.45 11.30
N VAL A 829 -48.46 43.29 11.94
CA VAL A 829 -49.63 42.45 11.73
C VAL A 829 -50.82 43.14 12.40
N SER A 830 -52.00 42.96 11.81
CA SER A 830 -53.23 43.60 12.29
C SER A 830 -54.33 42.54 12.42
N SER A 831 -55.44 42.96 13.04
CA SER A 831 -56.53 42.04 13.34
C SER A 831 -57.10 41.40 12.08
N TYR A 832 -57.27 42.20 11.02
CA TYR A 832 -57.79 41.66 9.76
C TYR A 832 -56.82 40.66 9.14
N ASP A 833 -55.51 40.84 9.33
CA ASP A 833 -54.56 39.83 8.85
C ASP A 833 -54.78 38.50 9.54
N LEU A 834 -54.93 38.54 10.87
CA LEU A 834 -55.19 37.33 11.64
C LEU A 834 -56.52 36.71 11.24
N ASP A 835 -57.54 37.54 10.99
CA ASP A 835 -58.84 37.02 10.53
C ASP A 835 -58.71 36.29 9.20
N ARG A 836 -58.00 36.90 8.24
CA ARG A 836 -57.82 36.27 6.93
C ARG A 836 -57.02 34.97 7.05
N ALA A 837 -55.96 34.99 7.85
CA ALA A 837 -55.15 33.79 8.06
C ALA A 837 -55.97 32.68 8.73
N ILE A 838 -56.79 33.05 9.73
CA ILE A 838 -57.65 32.08 10.40
C ILE A 838 -58.63 31.48 9.40
N LYS A 839 -59.24 32.32 8.56
CA LYS A 839 -60.18 31.83 7.56
C LYS A 839 -59.50 30.83 6.62
N VAL A 840 -58.32 31.20 6.10
CA VAL A 840 -57.60 30.33 5.16
C VAL A 840 -57.28 28.98 5.82
N VAL A 841 -56.69 29.01 7.01
CA VAL A 841 -56.27 27.76 7.66
C VAL A 841 -57.49 26.93 8.08
N VAL A 842 -58.53 27.55 8.61
CA VAL A 842 -59.72 26.80 9.03
C VAL A 842 -60.42 26.18 7.83
N ASP A 843 -60.55 26.92 6.71
CA ASP A 843 -61.17 26.36 5.52
C ASP A 843 -60.34 25.19 4.98
N SER A 844 -59.01 25.35 4.96
CA SER A 844 -58.14 24.27 4.53
C SER A 844 -58.29 23.04 5.43
N PHE A 845 -58.37 23.27 6.74
CA PHE A 845 -58.57 22.20 7.71
C PHE A 845 -59.91 21.50 7.51
N VAL A 846 -60.96 22.28 7.18
CA VAL A 846 -62.29 21.72 6.95
C VAL A 846 -62.33 20.89 5.68
N ASP A 847 -61.64 21.34 4.63
CA ASP A 847 -61.66 20.63 3.35
C ASP A 847 -61.07 19.21 3.45
N ALA A 848 -60.23 18.94 4.45
CA ALA A 848 -59.59 17.64 4.59
C ALA A 848 -60.51 16.56 5.17
N GLN A 849 -61.68 16.94 5.70
CA GLN A 849 -62.49 16.05 6.53
C GLN A 849 -63.57 15.33 5.74
N LYS A 850 -64.13 14.30 6.37
CA LYS A 850 -65.27 13.58 5.82
C LYS A 850 -66.52 14.47 5.84
N VAL A 851 -67.52 14.05 5.07
CA VAL A 851 -68.64 14.93 4.72
C VAL A 851 -69.48 15.28 5.96
N SER A 852 -69.80 14.29 6.79
CA SER A 852 -70.60 14.57 7.99
C SER A 852 -69.84 15.46 8.95
N VAL A 853 -68.56 15.15 9.17
CA VAL A 853 -67.69 16.00 9.97
C VAL A 853 -67.60 17.38 9.33
N ARG A 854 -67.55 17.44 8.00
CA ARG A 854 -67.51 18.73 7.31
C ARG A 854 -68.75 19.56 7.60
N ARG A 855 -69.92 18.95 7.55
CA ARG A 855 -71.15 19.67 7.81
C ARG A 855 -71.20 20.18 9.25
N GLN A 856 -70.83 19.33 10.22
CA GLN A 856 -70.80 19.78 11.61
C GLN A 856 -69.80 20.91 11.81
N LEU A 857 -68.61 20.79 11.22
CA LEU A 857 -67.59 21.82 11.36
C LEU A 857 -68.06 23.14 10.79
N ARG A 858 -68.58 23.14 9.57
CA ARG A 858 -69.01 24.38 8.93
C ARG A 858 -70.20 24.98 9.65
N ARG A 859 -71.09 24.15 10.20
CA ARG A 859 -72.18 24.70 11.00
C ARG A 859 -71.67 25.38 12.26
N SER A 860 -70.70 24.77 12.95
CA SER A 860 -70.13 25.41 14.13
C SER A 860 -69.19 26.56 13.77
N PHE A 861 -68.35 26.36 12.75
CA PHE A 861 -67.26 27.30 12.44
C PHE A 861 -67.73 28.54 11.68
N ALA A 862 -69.05 28.72 11.47
CA ALA A 862 -69.58 29.84 10.70
C ALA A 862 -69.07 31.20 11.20
N ILE A 863 -68.86 31.31 12.50
CA ILE A 863 -68.33 32.55 13.08
C ILE A 863 -66.84 32.75 12.83
N TYR A 864 -66.17 31.81 12.16
CA TYR A 864 -64.79 31.97 11.71
C TYR A 864 -64.67 31.94 10.19
N THR A 865 -65.26 30.94 9.54
CA THR A 865 -65.07 30.80 8.09
C THR A 865 -65.72 31.95 7.33
N LEU A 866 -66.89 32.40 7.79
CA LEU A 866 -67.61 33.53 7.19
C LEU A 866 -67.57 34.77 8.08
N GLY A 867 -68.03 34.64 9.34
CA GLY A 867 -67.96 35.74 10.28
C GLY A 867 -66.64 35.75 11.04
N HIS A 868 -66.49 36.78 11.89
CA HIS A 868 -65.33 36.89 12.77
C HIS A 868 -65.71 37.57 14.07
N ASP B 56 32.72 -6.38 9.64
CA ASP B 56 32.60 -7.79 9.17
C ASP B 56 32.95 -8.79 10.27
N ALA B 57 33.94 -8.43 11.10
CA ALA B 57 34.39 -9.33 12.15
C ALA B 57 33.32 -9.55 13.21
N VAL B 58 32.44 -8.57 13.42
CA VAL B 58 31.39 -8.69 14.43
C VAL B 58 30.43 -9.84 14.14
N PHE B 59 30.31 -10.23 12.86
CA PHE B 59 29.42 -11.34 12.51
C PHE B 59 29.86 -12.63 13.19
N GLY B 60 31.17 -12.90 13.25
CA GLY B 60 31.63 -14.13 13.84
C GLY B 60 31.37 -14.23 15.33
N ASP B 61 31.61 -13.13 16.05
CA ASP B 61 31.43 -13.13 17.50
C ASP B 61 29.97 -13.37 17.89
N ARG B 62 29.04 -12.83 17.12
CA ARG B 62 27.62 -13.04 17.42
C ARG B 62 27.23 -14.50 17.19
N VAL B 63 27.81 -15.13 16.17
CA VAL B 63 27.62 -16.56 15.95
C VAL B 63 28.16 -17.34 17.13
N ARG B 64 29.34 -16.96 17.64
CA ARG B 64 29.91 -17.64 18.80
C ARG B 64 29.02 -17.49 20.03
N ARG B 65 28.50 -16.28 20.25
CA ARG B 65 27.68 -16.04 21.44
C ARG B 65 26.38 -16.82 21.38
N PHE B 66 25.76 -16.89 20.19
CA PHE B 66 24.55 -17.70 20.09
C PHE B 66 24.86 -19.19 20.17
N GLN B 67 26.06 -19.61 19.75
CA GLN B 67 26.46 -21.00 19.97
C GLN B 67 26.55 -21.29 21.47
N GLU B 68 27.10 -20.35 22.24
CA GLU B 68 27.13 -20.50 23.69
C GLU B 68 25.73 -20.60 24.26
N PHE B 69 24.80 -19.78 23.74
CA PHE B 69 23.41 -19.86 24.19
C PHE B 69 22.81 -21.23 23.90
N LEU B 70 23.04 -21.74 22.69
CA LEU B 70 22.46 -23.03 22.33
C LEU B 70 23.06 -24.17 23.14
N ASP B 71 24.34 -24.07 23.49
CA ASP B 71 24.94 -25.08 24.35
C ASP B 71 24.42 -24.99 25.78
N THR B 72 24.14 -23.78 26.27
CA THR B 72 23.73 -23.63 27.67
C THR B 72 22.33 -24.19 27.90
N PHE B 73 21.35 -23.73 27.12
CA PHE B 73 19.96 -24.15 27.27
C PHE B 73 19.76 -25.38 26.37
N THR B 74 19.76 -26.56 26.98
CA THR B 74 19.87 -27.81 26.23
C THR B 74 18.55 -28.28 25.63
N SER B 75 17.40 -27.73 26.04
CA SER B 75 16.12 -28.20 25.52
C SER B 75 15.95 -27.95 24.02
N TYR B 76 16.75 -27.06 23.43
CA TYR B 76 16.68 -26.82 21.99
C TYR B 76 17.51 -27.81 21.20
N ARG B 77 18.55 -28.39 21.80
CA ARG B 77 19.28 -29.47 21.15
C ARG B 77 18.37 -30.67 20.92
N ASP B 78 17.55 -30.99 21.92
CA ASP B 78 16.64 -32.12 21.81
C ASP B 78 15.64 -31.92 20.68
N SER B 79 15.18 -30.68 20.47
CA SER B 79 14.27 -30.41 19.37
C SER B 79 14.91 -30.69 18.03
N VAL B 80 16.15 -30.20 17.84
CA VAL B 80 16.89 -30.43 16.60
C VAL B 80 17.04 -31.93 16.35
N ARG B 81 17.48 -32.66 17.38
CA ARG B 81 17.74 -34.08 17.21
C ARG B 81 16.46 -34.86 16.96
N SER B 82 15.37 -34.52 17.66
CA SER B 82 14.12 -35.24 17.48
C SER B 82 13.55 -35.03 16.08
N ILE B 83 13.59 -33.79 15.58
CA ILE B 83 13.12 -33.55 14.21
C ILE B 83 14.00 -34.31 13.22
N GLN B 84 15.31 -34.31 13.44
CA GLN B 84 16.22 -34.97 12.49
C GLN B 84 15.99 -36.48 12.46
N VAL B 85 15.88 -37.11 13.64
CA VAL B 85 15.71 -38.57 13.65
C VAL B 85 14.33 -38.96 13.14
N TYR B 86 13.29 -38.16 13.42
CA TYR B 86 11.98 -38.45 12.88
C TYR B 86 11.99 -38.40 11.36
N ASN B 87 12.59 -37.34 10.79
CA ASN B 87 12.66 -37.25 9.33
C ASN B 87 13.50 -38.37 8.74
N SER B 88 14.60 -38.74 9.40
CA SER B 88 15.45 -39.80 8.89
C SER B 88 14.75 -41.16 8.92
N ASN B 89 13.86 -41.39 9.89
CA ASN B 89 13.19 -42.69 9.97
C ASN B 89 12.25 -42.91 8.79
N ASN B 90 11.25 -42.03 8.62
CA ASN B 90 10.26 -42.23 7.58
C ASN B 90 10.81 -42.08 6.18
N ALA B 91 11.99 -41.47 6.02
CA ALA B 91 12.61 -41.38 4.69
C ALA B 91 12.91 -42.76 4.12
N ALA B 92 13.17 -43.75 4.98
CA ALA B 92 13.47 -45.10 4.52
C ALA B 92 12.24 -45.92 4.17
N ASN B 93 11.04 -45.43 4.43
CA ASN B 93 9.83 -46.18 4.13
C ASN B 93 9.65 -46.33 2.62
N ASN B 128 4.07 -35.19 5.73
CA ASN B 128 4.71 -36.18 6.60
C ASN B 128 5.97 -35.60 7.23
N ILE B 129 6.91 -35.18 6.39
CA ILE B 129 8.18 -34.67 6.87
C ILE B 129 7.97 -33.36 7.62
N LEU B 130 8.64 -33.23 8.77
CA LEU B 130 8.49 -32.05 9.61
C LEU B 130 9.38 -30.92 9.11
N PRO B 131 8.99 -29.66 9.33
CA PRO B 131 9.81 -28.56 8.82
C PRO B 131 11.06 -28.34 9.66
N HIS B 132 12.06 -27.71 9.02
CA HIS B 132 13.31 -27.33 9.68
C HIS B 132 13.15 -25.98 10.36
N ARG B 133 12.36 -25.97 11.43
CA ARG B 133 12.03 -24.75 12.16
C ARG B 133 11.99 -25.03 13.66
N ILE B 134 12.41 -24.03 14.43
CA ILE B 134 12.46 -24.12 15.89
C ILE B 134 11.96 -22.81 16.48
N ILE B 135 11.24 -22.92 17.60
CA ILE B 135 10.69 -21.79 18.33
C ILE B 135 11.48 -21.66 19.62
N ILE B 136 12.05 -20.48 19.86
CA ILE B 136 12.82 -20.19 21.06
C ILE B 136 12.01 -19.28 21.97
N SER B 137 12.13 -19.50 23.28
CA SER B 137 11.57 -18.57 24.26
C SER B 137 12.51 -17.37 24.40
N LEU B 138 11.97 -16.17 24.20
CA LEU B 138 12.75 -14.95 24.31
C LEU B 138 13.18 -14.66 25.74
N ASP B 139 12.46 -15.19 26.73
CA ASP B 139 12.83 -14.99 28.13
C ASP B 139 14.16 -15.68 28.45
N ASP B 140 14.37 -16.88 27.90
CA ASP B 140 15.65 -17.55 28.09
C ASP B 140 16.79 -16.71 27.54
N LEU B 141 16.57 -16.10 26.37
CA LEU B 141 17.61 -15.26 25.78
C LEU B 141 17.82 -13.99 26.60
N ARG B 142 16.77 -13.46 27.23
CA ARG B 142 16.95 -12.33 28.15
C ARG B 142 17.84 -12.74 29.33
N GLU B 143 17.50 -13.85 29.97
CA GLU B 143 18.25 -14.25 31.16
C GLU B 143 19.66 -14.69 30.84
N PHE B 144 19.92 -15.14 29.61
CA PHE B 144 21.27 -15.57 29.25
C PHE B 144 22.18 -14.38 28.96
N ASP B 145 21.72 -13.44 28.14
CA ASP B 145 22.55 -12.31 27.73
C ASP B 145 21.63 -11.17 27.32
N ARG B 146 21.61 -10.10 28.12
CA ARG B 146 20.73 -8.97 27.84
C ARG B 146 21.14 -8.26 26.55
N SER B 147 22.44 -8.14 26.30
CA SER B 147 22.92 -7.41 25.12
C SER B 147 22.46 -8.10 23.84
N PHE B 148 22.44 -9.44 23.82
CA PHE B 148 21.95 -10.16 22.65
C PHE B 148 20.44 -10.07 22.56
N TRP B 149 19.75 -10.05 23.70
CA TRP B 149 18.29 -9.97 23.70
C TRP B 149 17.82 -8.65 23.10
N SER B 150 18.35 -7.53 23.59
CA SER B 150 18.00 -6.23 23.02
C SER B 150 18.48 -6.09 21.59
N GLY B 151 19.62 -6.73 21.25
CA GLY B 151 20.05 -6.70 19.87
C GLY B 151 19.08 -7.39 18.93
N ILE B 152 18.56 -8.55 19.34
CA ILE B 152 17.54 -9.22 18.54
C ILE B 152 16.29 -8.35 18.45
N LEU B 153 15.90 -7.73 19.56
CA LEU B 153 14.59 -7.10 19.64
C LEU B 153 14.55 -5.68 19.09
N VAL B 154 15.70 -5.04 18.85
CA VAL B 154 15.74 -3.66 18.37
C VAL B 154 16.50 -3.55 17.06
N GLU B 155 17.45 -4.46 16.81
CA GLU B 155 18.23 -4.49 15.57
C GLU B 155 18.19 -5.89 14.98
N PRO B 156 17.01 -6.36 14.57
CA PRO B 156 16.89 -7.75 14.07
C PRO B 156 17.71 -8.02 12.81
N ALA B 157 17.87 -7.03 11.92
CA ALA B 157 18.59 -7.26 10.68
C ALA B 157 20.05 -7.63 10.90
N TYR B 158 20.63 -7.23 12.04
CA TYR B 158 22.03 -7.49 12.35
C TYR B 158 22.24 -8.65 13.31
N PHE B 159 21.19 -9.19 13.93
CA PHE B 159 21.29 -10.24 14.95
C PHE B 159 20.57 -11.53 14.59
N ILE B 160 19.43 -11.46 13.89
CA ILE B 160 18.74 -12.70 13.51
C ILE B 160 19.55 -13.57 12.55
N PRO B 161 20.20 -13.04 11.51
CA PRO B 161 20.94 -13.92 10.57
C PRO B 161 22.05 -14.73 11.23
N PRO B 162 22.96 -14.12 12.02
CA PRO B 162 24.02 -14.95 12.63
C PRO B 162 23.51 -16.02 13.58
N ALA B 163 22.45 -15.74 14.34
CA ALA B 163 21.88 -16.76 15.21
C ALA B 163 21.34 -17.93 14.42
N GLU B 164 20.65 -17.64 13.31
CA GLU B 164 20.13 -18.68 12.44
C GLU B 164 21.27 -19.51 11.83
N LYS B 165 22.37 -18.83 11.47
CA LYS B 165 23.56 -19.53 10.99
C LYS B 165 24.11 -20.48 12.05
N ALA B 166 24.14 -20.02 13.31
CA ALA B 166 24.64 -20.87 14.39
C ALA B 166 23.73 -22.09 14.59
N LEU B 167 22.41 -21.89 14.49
CA LEU B 167 21.50 -23.02 14.58
C LEU B 167 21.73 -24.02 13.45
N THR B 168 21.97 -23.52 12.24
CA THR B 168 22.24 -24.42 11.12
C THR B 168 23.53 -25.20 11.36
N ASP B 169 24.55 -24.54 11.93
CA ASP B 169 25.79 -25.24 12.25
C ASP B 169 25.56 -26.32 13.29
N LEU B 170 24.77 -26.03 14.32
CA LEU B 170 24.46 -27.04 15.33
C LEU B 170 23.78 -28.25 14.70
N ALA B 171 22.75 -28.00 13.88
CA ALA B 171 22.03 -29.11 13.27
C ALA B 171 22.90 -29.87 12.28
N ASP B 172 23.84 -29.19 11.62
CA ASP B 172 24.68 -29.86 10.63
C ASP B 172 25.73 -30.73 11.28
N SER B 173 26.30 -30.30 12.42
CA SER B 173 27.34 -31.09 13.07
C SER B 173 26.80 -32.41 13.61
N MET B 174 25.54 -32.43 14.05
CA MET B 174 24.93 -33.67 14.51
C MET B 174 24.84 -34.67 13.35
N ASP B 175 24.87 -35.95 13.71
CA ASP B 175 24.98 -37.01 12.72
C ASP B 175 23.78 -37.03 11.78
N ASP B 176 24.05 -37.41 10.53
CA ASP B 176 23.06 -37.35 9.46
C ASP B 176 23.29 -38.51 8.50
N VAL B 177 22.26 -38.82 7.71
CA VAL B 177 22.29 -39.99 6.83
C VAL B 177 23.38 -39.80 5.77
N PRO B 178 24.26 -40.80 5.48
CA PRO B 178 25.23 -40.62 4.39
C PRO B 178 24.64 -40.68 2.99
N HIS B 179 25.54 -40.61 1.99
CA HIS B 179 25.32 -40.60 0.54
C HIS B 179 24.07 -39.81 0.13
N PRO B 180 24.05 -38.49 0.33
CA PRO B 180 22.92 -37.69 -0.12
C PRO B 180 22.83 -37.66 -1.65
N ASN B 181 21.61 -37.47 -2.14
CA ASN B 181 21.37 -37.40 -3.58
C ASN B 181 21.85 -36.06 -4.13
N ALA B 182 21.68 -35.89 -5.45
CA ALA B 182 22.13 -34.67 -6.12
C ALA B 182 21.39 -33.45 -5.59
N SER B 183 20.07 -33.54 -5.45
CA SER B 183 19.30 -32.39 -4.98
C SER B 183 19.64 -32.06 -3.52
N ALA B 184 19.86 -33.08 -2.70
CA ALA B 184 20.15 -32.85 -1.29
C ALA B 184 21.51 -32.18 -1.08
N VAL B 185 22.46 -32.41 -1.98
CA VAL B 185 23.84 -31.95 -1.77
C VAL B 185 23.90 -30.42 -1.74
N SER B 186 23.09 -29.76 -2.55
CA SER B 186 23.14 -28.30 -2.73
C SER B 186 21.73 -27.70 -2.62
N SER B 187 21.03 -28.03 -1.53
CA SER B 187 19.65 -27.59 -1.38
C SER B 187 19.53 -26.09 -1.09
N ARG B 188 20.52 -25.49 -0.43
CA ARG B 188 20.44 -24.10 0.04
C ARG B 188 19.25 -23.92 0.98
N HIS B 189 19.18 -24.80 1.99
CA HIS B 189 18.04 -24.89 2.90
C HIS B 189 18.52 -24.91 4.35
N PRO B 190 18.78 -23.75 4.95
CA PRO B 190 19.13 -23.72 6.36
C PRO B 190 17.89 -23.79 7.26
N TRP B 191 18.15 -24.05 8.54
CA TRP B 191 17.12 -23.99 9.57
C TRP B 191 16.70 -22.55 9.81
N LYS B 192 15.58 -22.38 10.50
CA LYS B 192 14.97 -21.06 10.70
C LYS B 192 14.36 -20.99 12.10
N LEU B 193 14.23 -19.76 12.60
CA LEU B 193 13.88 -19.47 13.98
C LEU B 193 12.46 -18.95 14.11
N SER B 194 11.96 -18.97 15.34
CA SER B 194 10.68 -18.38 15.70
C SER B 194 10.72 -18.07 17.19
N PHE B 195 9.80 -17.20 17.63
CA PHE B 195 9.87 -16.58 18.95
C PHE B 195 8.52 -16.66 19.65
N LYS B 196 8.59 -16.63 20.99
CA LYS B 196 7.40 -16.57 21.82
C LYS B 196 7.73 -15.84 23.12
N GLY B 197 6.76 -15.12 23.66
CA GLY B 197 6.81 -14.62 25.02
C GLY B 197 7.32 -13.21 25.20
N SER B 198 6.53 -12.40 25.91
CA SER B 198 6.96 -11.16 26.55
C SER B 198 7.60 -10.16 25.58
N PHE B 199 6.80 -9.68 24.64
CA PHE B 199 7.27 -8.64 23.73
C PHE B 199 7.21 -7.25 24.34
N GLY B 200 6.43 -7.04 25.39
CA GLY B 200 6.43 -5.75 26.06
C GLY B 200 5.80 -4.67 25.22
N ALA B 201 6.55 -3.58 25.03
CA ALA B 201 6.02 -2.41 24.33
C ALA B 201 5.72 -2.68 22.86
N HIS B 202 6.39 -3.67 22.26
CA HIS B 202 6.28 -3.91 20.82
C HIS B 202 5.06 -4.78 20.45
N ALA B 203 4.18 -5.10 21.40
CA ALA B 203 2.92 -5.77 21.09
C ALA B 203 1.92 -4.72 20.67
N LEU B 204 1.47 -4.79 19.40
CA LEU B 204 0.75 -3.70 18.76
C LEU B 204 -0.49 -4.21 18.05
N SER B 205 -1.17 -3.30 17.36
CA SER B 205 -2.34 -3.54 16.55
C SER B 205 -2.18 -2.71 15.29
N PRO B 206 -2.89 -3.03 14.19
CA PRO B 206 -2.69 -2.27 12.95
C PRO B 206 -2.98 -0.78 13.05
N ARG B 207 -3.89 -0.37 13.92
CA ARG B 207 -4.17 1.06 14.06
C ARG B 207 -2.96 1.82 14.58
N THR B 208 -2.26 1.25 15.55
CA THR B 208 -1.21 1.96 16.29
C THR B 208 0.20 1.72 15.74
N LEU B 209 0.36 0.91 14.69
CA LEU B 209 1.70 0.73 14.12
C LEU B 209 2.14 2.02 13.42
N THR B 210 3.30 2.52 13.82
CA THR B 210 3.72 3.89 13.55
C THR B 210 5.14 3.89 13.00
N ALA B 211 5.51 4.97 12.32
CA ALA B 211 6.81 5.08 11.67
C ALA B 211 7.98 4.94 12.62
N GLN B 212 7.78 5.21 13.92
CA GLN B 212 8.85 5.02 14.89
C GLN B 212 9.27 3.55 14.99
N HIS B 213 8.37 2.62 14.68
CA HIS B 213 8.61 1.19 14.85
C HIS B 213 9.26 0.53 13.64
N LEU B 214 9.67 1.29 12.62
CA LEU B 214 10.28 0.68 11.44
C LEU B 214 11.60 0.03 11.81
N ASN B 215 11.84 -1.15 11.21
CA ASN B 215 13.01 -2.00 11.40
C ASN B 215 13.07 -2.67 12.77
N LYS B 216 12.03 -2.54 13.60
CA LYS B 216 11.94 -3.26 14.86
C LYS B 216 11.17 -4.57 14.66
N LEU B 217 11.34 -5.47 15.63
CA LEU B 217 10.63 -6.73 15.67
C LEU B 217 9.35 -6.55 16.49
N VAL B 218 8.20 -6.75 15.86
CA VAL B 218 6.90 -6.39 16.43
C VAL B 218 5.95 -7.58 16.35
N SER B 219 4.88 -7.50 17.15
CA SER B 219 3.79 -8.46 17.15
C SER B 219 2.47 -7.70 16.99
N VAL B 220 1.63 -8.19 16.07
CA VAL B 220 0.38 -7.53 15.72
C VAL B 220 -0.76 -8.54 15.81
N GLU B 221 -1.98 -8.02 15.96
CA GLU B 221 -3.19 -8.82 16.10
C GLU B 221 -4.31 -8.23 15.24
N GLY B 222 -5.07 -9.10 14.60
CA GLY B 222 -6.16 -8.65 13.76
C GLY B 222 -6.83 -9.79 13.05
N ILE B 223 -7.60 -9.45 12.01
CA ILE B 223 -8.39 -10.40 11.23
C ILE B 223 -7.84 -10.44 9.82
N VAL B 224 -7.69 -11.65 9.28
CA VAL B 224 -7.28 -11.82 7.89
C VAL B 224 -8.45 -11.47 6.98
N THR B 225 -8.18 -10.65 5.96
CA THR B 225 -9.19 -10.19 5.02
C THR B 225 -8.95 -10.64 3.59
N LYS B 226 -7.69 -10.81 3.17
CA LYS B 226 -7.36 -11.24 1.82
C LYS B 226 -6.14 -12.14 1.85
N THR B 227 -6.07 -13.05 0.87
CA THR B 227 -4.93 -13.93 0.69
C THR B 227 -4.66 -14.10 -0.79
N SER B 228 -3.38 -14.00 -1.18
CA SER B 228 -2.98 -14.17 -2.56
C SER B 228 -2.81 -15.65 -2.90
N LEU B 229 -2.73 -15.94 -4.19
CA LEU B 229 -2.39 -17.29 -4.64
C LEU B 229 -0.94 -17.61 -4.32
N VAL B 230 -0.68 -18.89 -4.05
CA VAL B 230 0.68 -19.36 -3.84
C VAL B 230 1.42 -19.37 -5.17
N ARG B 231 2.67 -18.90 -5.16
CA ARG B 231 3.55 -18.83 -6.32
C ARG B 231 4.93 -19.37 -5.95
N PRO B 232 5.65 -20.00 -6.88
CA PRO B 232 7.05 -20.33 -6.62
C PRO B 232 7.98 -19.16 -6.91
N LYS B 233 9.16 -19.22 -6.29
CA LYS B 233 10.16 -18.16 -6.40
C LYS B 233 11.55 -18.77 -6.53
N LEU B 234 12.30 -18.31 -7.53
CA LEU B 234 13.65 -18.78 -7.77
C LEU B 234 14.63 -18.13 -6.79
N ILE B 235 15.53 -18.93 -6.22
CA ILE B 235 16.62 -18.41 -5.38
C ILE B 235 17.98 -18.93 -5.82
N ARG B 236 18.01 -20.09 -6.48
CA ARG B 236 19.27 -20.67 -6.94
C ARG B 236 19.00 -21.52 -8.17
N SER B 237 19.96 -21.54 -9.09
CA SER B 237 19.92 -22.38 -10.29
C SER B 237 21.26 -23.07 -10.47
N VAL B 238 21.21 -24.26 -11.06
CA VAL B 238 22.38 -25.12 -11.28
C VAL B 238 22.48 -25.38 -12.79
N HIS B 239 23.72 -25.40 -13.29
CA HIS B 239 23.99 -25.60 -14.71
C HIS B 239 25.11 -26.59 -14.92
N TYR B 240 25.01 -27.37 -15.99
CA TYR B 240 26.01 -28.35 -16.39
C TYR B 240 26.68 -27.90 -17.67
N ALA B 241 28.01 -27.81 -17.64
CA ALA B 241 28.79 -27.44 -18.82
C ALA B 241 29.02 -28.68 -19.67
N ALA B 242 28.69 -28.58 -20.96
CA ALA B 242 28.67 -29.77 -21.81
C ALA B 242 30.07 -30.33 -22.04
N LYS B 243 31.05 -29.48 -22.31
CA LYS B 243 32.37 -29.96 -22.71
C LYS B 243 33.21 -30.34 -21.50
N THR B 244 33.31 -29.46 -20.51
CA THR B 244 34.23 -29.68 -19.40
C THR B 244 33.70 -30.67 -18.36
N GLY B 245 32.39 -30.91 -18.34
CA GLY B 245 31.83 -31.80 -17.33
C GLY B 245 31.74 -31.20 -15.94
N ARG B 246 31.77 -29.87 -15.82
CA ARG B 246 31.72 -29.17 -14.54
C ARG B 246 30.33 -28.60 -14.29
N PHE B 247 29.83 -28.80 -13.08
CA PHE B 247 28.56 -28.23 -12.65
C PHE B 247 28.79 -26.84 -12.06
N HIS B 248 28.05 -25.85 -12.56
CA HIS B 248 28.09 -24.48 -12.08
C HIS B 248 26.75 -24.10 -11.45
N TYR B 249 26.75 -23.00 -10.70
CA TYR B 249 25.54 -22.53 -10.04
C TYR B 249 25.66 -21.03 -9.78
N ARG B 250 24.53 -20.42 -9.46
CA ARG B 250 24.51 -19.02 -9.04
C ARG B 250 23.24 -18.77 -8.21
N ASP B 251 23.26 -17.68 -7.47
CA ASP B 251 22.21 -17.33 -6.52
C ASP B 251 21.53 -16.02 -6.93
N TYR B 252 20.30 -15.85 -6.43
CA TYR B 252 19.47 -14.70 -6.73
C TYR B 252 18.91 -14.12 -5.43
N THR B 253 18.59 -12.82 -5.46
CA THR B 253 18.05 -12.13 -4.30
C THR B 253 16.99 -11.12 -4.74
N ASP B 254 16.08 -10.83 -3.82
CA ASP B 254 15.05 -9.82 -4.00
C ASP B 254 14.80 -9.19 -2.64
N ALA B 255 14.18 -8.00 -2.64
CA ALA B 255 14.10 -7.18 -1.44
C ALA B 255 13.36 -7.87 -0.29
N THR B 256 12.39 -8.73 -0.60
CA THR B 256 11.61 -9.41 0.42
C THR B 256 12.23 -10.74 0.87
N THR B 257 13.35 -11.17 0.28
CA THR B 257 13.93 -12.47 0.60
C THR B 257 14.94 -12.43 1.74
N THR B 258 15.49 -11.25 2.06
CA THR B 258 16.57 -11.11 3.02
C THR B 258 16.31 -9.93 3.93
N LEU B 259 16.71 -10.07 5.19
CA LEU B 259 16.60 -8.96 6.13
C LEU B 259 17.57 -7.85 5.77
N THR B 260 18.80 -8.19 5.44
CA THR B 260 19.78 -7.21 4.99
C THR B 260 19.58 -6.92 3.51
N THR B 261 20.18 -5.83 3.05
CA THR B 261 19.92 -5.25 1.73
C THR B 261 21.09 -5.48 0.80
N ARG B 262 20.79 -5.89 -0.43
CA ARG B 262 21.79 -6.21 -1.44
C ARG B 262 21.33 -5.71 -2.80
N ILE B 263 22.27 -5.70 -3.74
CA ILE B 263 21.99 -5.24 -5.11
C ILE B 263 21.00 -6.22 -5.76
N PRO B 264 19.92 -5.76 -6.41
CA PRO B 264 18.97 -6.73 -6.99
C PRO B 264 19.56 -7.45 -8.19
N THR B 265 18.98 -8.64 -8.48
CA THR B 265 19.43 -9.56 -9.52
C THR B 265 18.44 -9.61 -10.68
N PRO B 266 18.89 -9.79 -11.93
CA PRO B 266 17.98 -9.59 -13.07
C PRO B 266 17.08 -10.78 -13.40
N ALA B 267 17.18 -11.90 -12.70
CA ALA B 267 16.37 -13.09 -12.95
C ALA B 267 16.65 -13.75 -14.29
N ILE B 268 17.83 -13.50 -14.89
CA ILE B 268 18.21 -14.08 -16.17
C ILE B 268 18.96 -15.39 -15.93
N TYR B 269 18.69 -16.38 -16.78
CA TYR B 269 19.45 -17.63 -16.78
C TYR B 269 20.70 -17.48 -17.64
N PRO B 270 21.91 -17.78 -17.15
CA PRO B 270 23.07 -17.69 -18.04
C PRO B 270 23.08 -18.83 -19.05
N THR B 271 23.37 -18.47 -20.30
CA THR B 271 23.39 -19.43 -21.40
C THR B 271 24.77 -19.94 -21.76
N GLU B 272 25.83 -19.20 -21.43
CA GLU B 272 27.18 -19.49 -21.91
C GLU B 272 28.18 -19.33 -20.78
N ASP B 273 29.21 -20.17 -20.80
CA ASP B 273 30.24 -20.18 -19.77
C ASP B 273 31.18 -18.99 -19.95
N THR B 274 31.94 -18.70 -18.89
CA THR B 274 33.04 -17.74 -19.00
C THR B 274 34.01 -18.14 -20.09
N GLU B 275 34.29 -19.43 -20.23
CA GLU B 275 35.21 -19.94 -21.24
C GLU B 275 34.53 -20.29 -22.56
N GLY B 276 33.30 -19.79 -22.78
CA GLY B 276 32.63 -19.95 -24.06
C GLY B 276 31.82 -21.23 -24.21
N ASN B 277 31.89 -22.15 -23.26
CA ASN B 277 31.12 -23.38 -23.37
C ASN B 277 29.62 -23.09 -23.22
N LYS B 278 28.83 -23.72 -24.08
CA LYS B 278 27.38 -23.62 -23.97
C LYS B 278 26.91 -24.37 -22.73
N LEU B 279 25.96 -23.77 -22.00
CA LEU B 279 25.45 -24.30 -20.74
C LEU B 279 24.05 -24.89 -20.93
N THR B 280 23.69 -25.76 -19.99
CA THR B 280 22.36 -26.34 -19.90
C THR B 280 21.86 -26.16 -18.47
N THR B 281 20.56 -25.94 -18.32
CA THR B 281 19.94 -25.71 -17.01
C THR B 281 19.42 -27.01 -16.46
N GLU B 282 19.76 -27.30 -15.19
CA GLU B 282 19.38 -28.54 -14.52
C GLU B 282 18.25 -28.24 -13.55
N TYR B 283 17.02 -28.34 -14.03
CA TYR B 283 15.87 -28.31 -13.14
C TYR B 283 15.89 -29.57 -12.27
N GLY B 284 15.35 -29.46 -11.06
CA GLY B 284 15.39 -30.52 -10.07
C GLY B 284 16.59 -30.44 -9.16
N TYR B 285 17.71 -29.91 -9.63
CA TYR B 285 18.84 -29.56 -8.78
C TYR B 285 18.74 -28.12 -8.30
N SER B 286 18.14 -27.25 -9.11
CA SER B 286 17.84 -25.89 -8.69
C SER B 286 16.84 -25.90 -7.54
N THR B 287 16.72 -24.75 -6.88
CA THR B 287 15.90 -24.59 -5.69
C THR B 287 14.89 -23.48 -5.92
N PHE B 288 13.62 -23.78 -5.62
CA PHE B 288 12.53 -22.80 -5.63
C PHE B 288 11.80 -22.88 -4.30
N ILE B 289 11.21 -21.76 -3.89
CA ILE B 289 10.47 -21.66 -2.63
C ILE B 289 9.12 -21.04 -2.88
N ASP B 290 8.21 -21.25 -1.94
CA ASP B 290 6.84 -20.78 -2.02
C ASP B 290 6.73 -19.36 -1.45
N HIS B 291 5.70 -18.65 -1.90
CA HIS B 291 5.52 -17.24 -1.55
C HIS B 291 4.03 -16.94 -1.50
N GLN B 292 3.62 -16.13 -0.52
CA GLN B 292 2.22 -15.75 -0.37
C GLN B 292 2.14 -14.46 0.43
N ARG B 293 1.29 -13.54 -0.04
CA ARG B 293 0.99 -12.29 0.64
C ARG B 293 -0.42 -12.37 1.21
N ILE B 294 -0.61 -11.77 2.39
CA ILE B 294 -1.93 -11.65 3.02
C ILE B 294 -2.09 -10.23 3.53
N THR B 295 -3.30 -9.93 4.01
CA THR B 295 -3.65 -8.64 4.59
C THR B 295 -4.35 -8.87 5.91
N VAL B 296 -4.01 -8.05 6.91
CA VAL B 296 -4.55 -8.16 8.26
C VAL B 296 -5.11 -6.80 8.67
N GLN B 297 -6.32 -6.81 9.23
CA GLN B 297 -7.07 -5.61 9.58
C GLN B 297 -7.39 -5.63 11.07
N GLU B 298 -7.51 -4.44 11.66
CA GLU B 298 -7.91 -4.33 13.05
C GLU B 298 -9.30 -4.91 13.26
N MET B 299 -9.53 -5.48 14.43
CA MET B 299 -10.79 -6.13 14.70
C MET B 299 -11.92 -5.09 14.74
N PRO B 300 -13.13 -5.40 14.24
CA PRO B 300 -14.21 -4.40 14.28
C PRO B 300 -14.62 -3.97 15.68
N GLU B 301 -14.36 -4.79 16.70
CA GLU B 301 -14.73 -4.39 18.06
C GLU B 301 -13.98 -3.16 18.54
N MET B 302 -12.81 -2.86 17.96
CA MET B 302 -11.98 -1.74 18.36
C MET B 302 -12.11 -0.52 17.46
N ALA B 303 -13.01 -0.53 16.48
CA ALA B 303 -13.09 0.57 15.53
C ALA B 303 -13.70 1.80 16.20
N PRO B 304 -13.05 2.99 16.14
CA PRO B 304 -13.64 4.17 16.79
C PRO B 304 -14.59 4.97 15.89
N ALA B 305 -15.74 5.33 16.44
CA ALA B 305 -16.60 6.41 15.90
C ALA B 305 -17.08 6.12 14.47
N GLY B 306 -17.21 4.85 14.11
CA GLY B 306 -17.55 4.51 12.74
C GLY B 306 -16.51 4.94 11.72
N GLN B 307 -15.27 5.11 12.15
CA GLN B 307 -14.19 5.53 11.27
C GLN B 307 -13.73 4.38 10.38
N LEU B 308 -13.06 4.73 9.29
CA LEU B 308 -12.53 3.71 8.39
C LEU B 308 -11.52 2.83 9.11
N PRO B 309 -11.55 1.50 8.95
CA PRO B 309 -10.53 0.68 9.58
C PRO B 309 -9.23 0.65 8.77
N ARG B 310 -8.16 0.24 9.45
CA ARG B 310 -6.81 0.26 8.90
C ARG B 310 -6.21 -1.14 8.93
N SER B 311 -5.25 -1.38 8.03
CA SER B 311 -4.78 -2.73 7.78
C SER B 311 -3.34 -2.71 7.27
N ILE B 312 -2.68 -3.88 7.35
CA ILE B 312 -1.29 -4.07 6.98
C ILE B 312 -1.18 -5.33 6.12
N ASP B 313 -0.22 -5.33 5.19
CA ASP B 313 0.12 -6.49 4.38
C ASP B 313 1.27 -7.25 5.01
N VAL B 314 1.20 -8.59 4.92
CA VAL B 314 2.19 -9.49 5.51
C VAL B 314 2.70 -10.43 4.42
N ILE B 315 3.97 -10.81 4.53
CA ILE B 315 4.64 -11.70 3.58
C ILE B 315 4.96 -13.01 4.29
N LEU B 316 4.62 -14.12 3.64
CA LEU B 316 4.87 -15.47 4.16
C LEU B 316 5.61 -16.28 3.10
N ASP B 317 6.33 -17.30 3.56
CA ASP B 317 7.11 -18.12 2.65
C ASP B 317 7.48 -19.44 3.31
N ASP B 318 7.90 -20.40 2.47
CA ASP B 318 8.28 -21.74 2.89
C ASP B 318 7.16 -22.41 3.70
N ASP B 319 7.36 -22.63 5.00
CA ASP B 319 6.41 -23.46 5.74
C ASP B 319 5.13 -22.72 6.10
N LEU B 320 5.18 -21.39 6.20
CA LEU B 320 4.04 -20.61 6.69
C LEU B 320 2.92 -20.48 5.68
N VAL B 321 3.07 -20.98 4.46
CA VAL B 321 2.08 -20.73 3.41
C VAL B 321 0.80 -21.51 3.71
N ASP B 322 -0.35 -20.86 3.45
CA ASP B 322 -1.68 -21.46 3.44
C ASP B 322 -2.15 -21.93 4.81
N LYS B 323 -1.50 -21.50 5.89
CA LYS B 323 -1.97 -21.82 7.24
C LYS B 323 -3.10 -20.90 7.72
N THR B 324 -3.61 -20.01 6.88
CA THR B 324 -4.72 -19.13 7.25
C THR B 324 -5.67 -18.98 6.07
N LYS B 325 -6.88 -18.53 6.38
CA LYS B 325 -7.92 -18.26 5.41
C LYS B 325 -8.63 -16.98 5.84
N PRO B 326 -9.39 -16.34 4.95
CA PRO B 326 -10.09 -15.11 5.35
C PRO B 326 -11.07 -15.34 6.49
N GLY B 327 -11.19 -14.32 7.35
CA GLY B 327 -12.02 -14.39 8.53
C GLY B 327 -11.32 -14.91 9.78
N ASP B 328 -10.11 -15.42 9.65
CA ASP B 328 -9.38 -15.92 10.81
C ASP B 328 -8.89 -14.76 11.68
N ARG B 329 -9.07 -14.90 12.99
CA ARG B 329 -8.40 -14.03 13.95
C ARG B 329 -7.02 -14.62 14.25
N VAL B 330 -5.99 -13.79 14.13
CA VAL B 330 -4.62 -14.27 14.05
C VAL B 330 -3.69 -13.25 14.72
N ASN B 331 -2.59 -13.75 15.27
CA ASN B 331 -1.53 -12.93 15.85
C ASN B 331 -0.23 -13.27 15.13
N VAL B 332 0.42 -12.25 14.57
CA VAL B 332 1.57 -12.39 13.68
C VAL B 332 2.78 -11.74 14.32
N VAL B 333 3.94 -12.38 14.16
CA VAL B 333 5.23 -11.89 14.64
C VAL B 333 6.13 -11.71 13.43
N GLY B 334 6.84 -10.58 13.37
CA GLY B 334 7.75 -10.37 12.25
C GLY B 334 8.41 -9.01 12.32
N VAL B 335 9.27 -8.77 11.34
CA VAL B 335 10.04 -7.53 11.24
C VAL B 335 9.28 -6.54 10.38
N PHE B 336 9.16 -5.31 10.87
CA PHE B 336 8.43 -4.24 10.19
C PHE B 336 9.43 -3.41 9.39
N LYS B 337 9.27 -3.37 8.07
CA LYS B 337 10.28 -2.85 7.16
C LYS B 337 9.62 -2.03 6.05
N SER B 338 10.43 -1.23 5.37
CA SER B 338 10.03 -0.39 4.25
C SER B 338 10.67 -0.88 2.95
N LEU B 339 10.18 -0.34 1.84
CA LEU B 339 10.58 -0.78 0.50
C LEU B 339 10.57 0.38 -0.48
N GLY B 340 11.28 0.17 -1.59
CA GLY B 340 11.09 0.97 -2.78
C GLY B 340 11.82 2.30 -2.77
N ALA B 341 11.65 3.03 -3.87
CA ALA B 341 12.28 4.32 -4.06
C ALA B 341 11.46 5.48 -3.52
N GLY B 342 10.16 5.28 -3.29
CA GLY B 342 9.33 6.32 -2.71
C GLY B 342 9.21 7.57 -3.55
N GLY B 343 9.34 7.44 -4.87
CA GLY B 343 9.20 8.57 -5.76
C GLY B 343 10.42 9.47 -5.86
N MET B 344 11.48 9.21 -5.09
CA MET B 344 12.68 10.02 -5.23
C MET B 344 13.43 9.68 -6.51
N ASN B 345 13.33 8.45 -6.97
CA ASN B 345 13.54 8.19 -8.38
C ASN B 345 12.49 8.98 -9.15
N GLN B 346 12.93 9.69 -10.19
CA GLN B 346 12.21 10.86 -10.71
C GLN B 346 10.76 10.55 -11.08
N SER B 347 9.85 11.34 -10.52
CA SER B 347 8.41 11.09 -10.63
C SER B 347 7.68 12.42 -10.64
N ASN B 348 6.43 12.37 -11.11
CA ASN B 348 5.59 13.55 -11.20
C ASN B 348 4.99 13.98 -9.87
N SER B 349 5.13 13.18 -8.80
CA SER B 349 4.38 13.40 -7.58
C SER B 349 4.87 14.58 -6.75
N ASN B 350 6.05 15.14 -7.06
CA ASN B 350 6.75 16.07 -6.17
C ASN B 350 7.00 15.42 -4.80
N THR B 351 7.20 14.10 -4.77
CA THR B 351 7.61 13.33 -3.59
C THR B 351 6.65 13.50 -2.41
N LEU B 352 5.40 13.89 -2.63
CA LEU B 352 4.44 13.92 -1.52
C LEU B 352 4.04 12.51 -1.10
N ILE B 353 4.04 11.56 -2.04
CA ILE B 353 3.70 10.17 -1.71
C ILE B 353 4.80 9.56 -0.84
N GLY B 354 4.38 8.68 0.09
CA GLY B 354 5.30 8.06 1.02
C GLY B 354 5.83 6.72 0.54
N PHE B 355 6.77 6.18 1.31
CA PHE B 355 7.34 4.88 1.02
C PHE B 355 6.36 3.75 1.37
N LYS B 356 6.57 2.60 0.76
CA LYS B 356 5.78 1.40 1.04
C LYS B 356 6.37 0.67 2.24
N THR B 357 5.52 -0.11 2.92
CA THR B 357 5.91 -0.83 4.13
C THR B 357 5.23 -2.19 4.20
N LEU B 358 5.83 -3.09 4.97
CA LEU B 358 5.37 -4.47 5.10
C LEU B 358 5.80 -5.03 6.45
N ILE B 359 5.24 -6.19 6.78
CA ILE B 359 5.73 -7.05 7.86
C ILE B 359 6.15 -8.37 7.23
N LEU B 360 7.38 -8.80 7.50
CA LEU B 360 7.88 -10.08 7.02
C LEU B 360 7.57 -11.15 8.05
N GLY B 361 6.63 -12.03 7.72
CA GLY B 361 6.14 -13.03 8.66
C GLY B 361 7.20 -14.00 9.15
N ASN B 362 7.47 -13.95 10.45
CA ASN B 362 8.40 -14.85 11.13
C ASN B 362 7.68 -15.98 11.86
N THR B 363 6.54 -15.69 12.48
CA THR B 363 5.75 -16.69 13.19
C THR B 363 4.30 -16.25 13.17
N VAL B 364 3.40 -17.23 13.18
CA VAL B 364 1.96 -17.01 13.15
C VAL B 364 1.32 -17.91 14.19
N TYR B 365 0.40 -17.35 14.99
CA TYR B 365 -0.37 -18.06 16.00
C TYR B 365 -1.85 -17.77 15.79
N PRO B 366 -2.75 -18.74 15.97
CA PRO B 366 -4.19 -18.43 15.88
C PRO B 366 -4.70 -17.85 17.19
N LEU B 367 -5.97 -17.45 17.17
CA LEU B 367 -6.69 -16.98 18.34
C LEU B 367 -8.02 -17.71 18.43
N HIS B 368 -8.43 -18.03 19.66
CA HIS B 368 -9.56 -18.92 19.87
C HIS B 368 -10.91 -18.25 19.67
N ALA B 369 -10.99 -16.93 19.78
CA ALA B 369 -12.24 -16.19 19.61
C ALA B 369 -13.30 -16.64 20.62
N ALA B 376 -14.03 -25.22 17.14
CA ALA B 376 -13.34 -25.16 18.42
C ALA B 376 -12.69 -26.51 18.74
N ARG B 377 -11.64 -26.48 19.56
CA ARG B 377 -10.88 -27.67 19.87
C ARG B 377 -10.22 -27.52 21.23
N GLN B 378 -10.07 -28.66 21.92
CA GLN B 378 -9.25 -28.76 23.12
C GLN B 378 -8.38 -30.00 23.01
N MET B 379 -7.24 -29.98 23.72
CA MET B 379 -6.28 -31.05 23.73
C MET B 379 -6.21 -31.64 25.14
N LEU B 380 -6.34 -32.95 25.23
CA LEU B 380 -6.43 -33.62 26.52
C LEU B 380 -5.05 -33.81 27.13
N THR B 381 -4.99 -33.68 28.46
CA THR B 381 -3.84 -34.13 29.23
C THR B 381 -4.12 -35.54 29.78
N ASP B 382 -3.08 -36.16 30.31
CA ASP B 382 -3.18 -37.54 30.80
C ASP B 382 -4.25 -37.68 31.89
N PHE B 383 -4.33 -36.68 32.77
CA PHE B 383 -5.32 -36.71 33.84
C PHE B 383 -6.73 -36.76 33.29
N ASP B 384 -6.97 -36.09 32.15
CA ASP B 384 -8.28 -36.17 31.51
C ASP B 384 -8.60 -37.58 31.04
N ILE B 385 -7.62 -38.28 30.47
CA ILE B 385 -7.85 -39.65 30.03
C ILE B 385 -8.18 -40.53 31.22
N ARG B 386 -7.45 -40.37 32.33
CA ARG B 386 -7.72 -41.16 33.53
C ARG B 386 -9.13 -40.90 34.05
N ASN B 387 -9.51 -39.62 34.16
CA ASN B 387 -10.84 -39.29 34.69
C ASN B 387 -11.94 -39.79 33.76
N ILE B 388 -11.76 -39.66 32.44
CA ILE B 388 -12.78 -40.08 31.50
C ILE B 388 -12.98 -41.59 31.57
N ASN B 389 -11.89 -42.35 31.64
CA ASN B 389 -12.02 -43.79 31.74
C ASN B 389 -12.63 -44.21 33.08
N LYS B 390 -12.25 -43.54 34.17
CA LYS B 390 -12.78 -43.93 35.48
C LYS B 390 -14.27 -43.61 35.59
N LEU B 391 -14.70 -42.46 35.08
CA LEU B 391 -16.11 -42.08 35.19
C LEU B 391 -17.02 -43.01 34.40
N SER B 392 -16.51 -43.59 33.31
CA SER B 392 -17.37 -44.37 32.41
C SER B 392 -17.92 -45.63 33.06
N LYS B 393 -17.35 -46.09 34.16
CA LYS B 393 -17.77 -47.33 34.81
C LYS B 393 -18.84 -47.13 35.87
N LYS B 394 -19.34 -45.90 36.07
CA LYS B 394 -20.49 -45.72 36.93
C LYS B 394 -21.69 -46.43 36.33
N LYS B 395 -22.65 -46.77 37.20
CA LYS B 395 -23.79 -47.57 36.77
C LYS B 395 -24.70 -46.82 35.82
N ASP B 396 -24.81 -45.50 35.97
CA ASP B 396 -25.81 -44.69 35.27
C ASP B 396 -25.17 -43.42 34.71
N ILE B 397 -24.10 -43.60 33.93
CA ILE B 397 -23.37 -42.45 33.37
C ILE B 397 -24.30 -41.63 32.47
N PHE B 398 -25.21 -42.31 31.77
CA PHE B 398 -26.11 -41.64 30.84
C PHE B 398 -26.99 -40.62 31.55
N ASP B 399 -27.54 -41.00 32.72
CA ASP B 399 -28.36 -40.07 33.49
C ASP B 399 -27.55 -38.87 33.96
N ILE B 400 -26.33 -39.11 34.45
CA ILE B 400 -25.49 -38.02 34.97
C ILE B 400 -25.19 -37.02 33.85
N LEU B 401 -24.72 -37.53 32.71
CA LEU B 401 -24.35 -36.65 31.62
C LEU B 401 -25.57 -35.93 31.04
N SER B 402 -26.69 -36.63 30.89
CA SER B 402 -27.88 -36.00 30.33
C SER B 402 -28.42 -34.91 31.24
N GLN B 403 -28.48 -35.17 32.56
CA GLN B 403 -28.97 -34.17 33.48
C GLN B 403 -27.99 -33.01 33.66
N SER B 404 -26.70 -33.21 33.34
CA SER B 404 -25.77 -32.09 33.37
C SER B 404 -25.92 -31.16 32.17
N LEU B 405 -26.73 -31.52 31.16
CA LEU B 405 -26.98 -30.63 30.03
C LEU B 405 -28.10 -29.66 30.36
N ALA B 406 -27.82 -28.37 30.25
CA ALA B 406 -28.76 -27.30 30.55
C ALA B 406 -29.46 -27.48 31.89
N PRO B 407 -28.73 -27.48 33.01
CA PRO B 407 -29.38 -27.63 34.32
C PRO B 407 -30.33 -26.48 34.66
N SER B 408 -30.15 -25.31 34.03
CA SER B 408 -31.04 -24.18 34.31
C SER B 408 -32.44 -24.34 33.73
N ILE B 409 -32.69 -25.38 32.93
CA ILE B 409 -34.00 -25.66 32.34
C ILE B 409 -34.60 -26.83 33.09
N TYR B 410 -35.78 -26.62 33.68
CA TYR B 410 -36.47 -27.65 34.44
C TYR B 410 -37.21 -28.60 33.51
N GLY B 411 -37.08 -29.89 33.77
CA GLY B 411 -37.86 -30.89 33.06
C GLY B 411 -37.28 -31.23 31.69
N HIS B 412 -38.10 -31.96 30.92
CA HIS B 412 -37.74 -32.40 29.57
C HIS B 412 -36.51 -33.30 29.60
N ASP B 413 -36.58 -34.37 30.39
CA ASP B 413 -35.46 -35.30 30.50
C ASP B 413 -35.17 -35.98 29.16
N HIS B 414 -36.21 -36.46 28.49
CA HIS B 414 -36.02 -37.26 27.28
C HIS B 414 -35.42 -36.44 26.16
N ILE B 415 -35.79 -35.17 26.05
CA ILE B 415 -35.21 -34.33 25.01
C ILE B 415 -33.72 -34.10 25.28
N LYS B 416 -33.34 -33.94 26.55
CA LYS B 416 -31.93 -33.80 26.89
C LYS B 416 -31.15 -35.06 26.53
N LYS B 417 -31.72 -36.23 26.83
CA LYS B 417 -31.06 -37.49 26.47
C LYS B 417 -30.93 -37.62 24.95
N ALA B 418 -31.97 -37.23 24.22
CA ALA B 418 -31.91 -37.26 22.75
C ALA B 418 -30.84 -36.33 22.23
N ILE B 419 -30.68 -35.14 22.84
CA ILE B 419 -29.65 -34.21 22.39
C ILE B 419 -28.27 -34.77 22.67
N LEU B 420 -28.10 -35.45 23.80
CA LEU B 420 -26.80 -36.07 24.08
C LEU B 420 -26.47 -37.15 23.05
N LEU B 421 -27.46 -38.00 22.73
CA LEU B 421 -27.22 -39.04 21.72
C LEU B 421 -26.97 -38.43 20.35
N MET B 422 -27.61 -37.29 20.05
CA MET B 422 -27.30 -36.57 18.82
C MET B 422 -25.84 -36.11 18.81
N LEU B 423 -25.39 -35.55 19.92
CA LEU B 423 -24.02 -35.04 19.98
C LEU B 423 -23.00 -36.17 19.86
N MET B 424 -23.34 -37.38 20.28
CA MET B 424 -22.43 -38.51 20.08
C MET B 424 -22.50 -39.02 18.65
N GLY B 425 -23.71 -39.29 18.14
CA GLY B 425 -23.88 -39.70 16.77
C GLY B 425 -23.58 -41.17 16.53
N GLY B 426 -23.99 -41.65 15.36
CA GLY B 426 -23.76 -43.03 14.95
C GLY B 426 -22.40 -43.22 14.30
N VAL B 427 -22.34 -44.21 13.41
CA VAL B 427 -21.11 -44.55 12.68
C VAL B 427 -21.43 -44.52 11.19
N GLU B 428 -20.65 -43.74 10.44
CA GLU B 428 -20.83 -43.59 9.01
C GLU B 428 -20.19 -44.75 8.26
N LYS B 429 -20.93 -45.36 7.33
CA LYS B 429 -20.51 -46.53 6.59
C LYS B 429 -20.24 -46.15 5.14
N ASN B 430 -19.17 -46.70 4.57
CA ASN B 430 -18.91 -46.64 3.13
C ASN B 430 -18.61 -48.06 2.65
N LEU B 431 -19.50 -48.63 1.85
CA LEU B 431 -19.34 -49.99 1.37
C LEU B 431 -18.34 -50.02 0.21
N GLU B 432 -17.87 -51.23 -0.10
CA GLU B 432 -16.76 -51.39 -1.04
C GLU B 432 -17.15 -50.95 -2.45
N ASN B 433 -18.42 -51.09 -2.82
CA ASN B 433 -18.88 -50.68 -4.15
C ASN B 433 -19.19 -49.17 -4.24
N GLY B 434 -18.76 -48.37 -3.27
CA GLY B 434 -19.01 -46.95 -3.28
C GLY B 434 -20.32 -46.53 -2.65
N SER B 435 -21.15 -47.45 -2.19
CA SER B 435 -22.43 -47.09 -1.62
C SER B 435 -22.26 -46.51 -0.22
N HIS B 436 -23.13 -45.59 0.14
CA HIS B 436 -23.04 -44.80 1.36
C HIS B 436 -24.29 -44.99 2.20
N LEU B 437 -24.09 -45.16 3.51
CA LEU B 437 -25.18 -45.34 4.47
C LEU B 437 -25.06 -44.29 5.57
N ARG B 438 -26.14 -43.56 5.81
CA ARG B 438 -26.14 -42.39 6.68
C ARG B 438 -25.82 -42.75 8.14
N GLY B 439 -25.25 -41.79 8.88
CA GLY B 439 -24.86 -41.95 10.27
C GLY B 439 -25.40 -40.94 11.26
N ASP B 440 -25.72 -39.72 10.82
CA ASP B 440 -26.02 -38.61 11.72
C ASP B 440 -27.52 -38.52 12.00
N ILE B 441 -27.86 -38.03 13.20
CA ILE B 441 -29.22 -38.06 13.74
C ILE B 441 -29.82 -36.67 13.66
N ASN B 442 -31.08 -36.58 13.20
CA ASN B 442 -31.84 -35.34 13.12
C ASN B 442 -33.03 -35.39 14.07
N ILE B 443 -33.33 -34.25 14.71
CA ILE B 443 -34.35 -34.15 15.74
C ILE B 443 -35.22 -32.94 15.44
N LEU B 444 -36.53 -33.07 15.70
CA LEU B 444 -37.49 -31.97 15.59
C LEU B 444 -38.35 -31.94 16.84
N MET B 445 -38.71 -30.73 17.27
CA MET B 445 -39.58 -30.53 18.43
C MET B 445 -40.57 -29.41 18.12
N VAL B 446 -41.84 -29.66 18.38
CA VAL B 446 -42.93 -28.72 18.10
C VAL B 446 -43.79 -28.61 19.36
N GLY B 447 -44.22 -27.40 19.68
CA GLY B 447 -44.94 -27.24 20.93
C GLY B 447 -45.53 -25.86 21.11
N ASP B 448 -46.17 -25.68 22.27
CA ASP B 448 -46.91 -24.48 22.60
C ASP B 448 -45.95 -23.29 22.77
N PRO B 449 -46.48 -22.07 22.91
CA PRO B 449 -45.62 -20.94 23.25
C PRO B 449 -45.05 -21.05 24.66
N SER B 450 -43.91 -20.38 24.84
CA SER B 450 -43.18 -20.20 26.10
C SER B 450 -42.58 -21.48 26.68
N THR B 451 -42.70 -22.63 26.02
CA THR B 451 -42.22 -23.89 26.60
C THR B 451 -40.77 -24.19 26.24
N ALA B 452 -39.88 -23.21 26.42
CA ALA B 452 -38.43 -23.41 26.44
C ALA B 452 -37.88 -24.05 25.17
N LYS B 453 -38.60 -23.99 24.04
CA LYS B 453 -38.08 -24.59 22.81
C LYS B 453 -36.85 -23.84 22.33
N SER B 454 -36.95 -22.51 22.20
CA SER B 454 -35.82 -21.73 21.71
C SER B 454 -34.70 -21.69 22.73
N GLN B 455 -35.04 -21.64 24.02
CA GLN B 455 -34.03 -21.60 25.07
C GLN B 455 -33.21 -22.89 25.09
N LEU B 456 -33.89 -24.03 24.93
CA LEU B 456 -33.16 -25.30 24.89
C LEU B 456 -32.39 -25.45 23.60
N LEU B 457 -32.95 -24.98 22.48
CA LEU B 457 -32.23 -25.01 21.21
C LEU B 457 -30.98 -24.15 21.25
N ARG B 458 -31.00 -23.07 22.03
CA ARG B 458 -29.85 -22.20 22.17
C ARG B 458 -28.68 -22.89 22.87
N PHE B 459 -28.95 -23.91 23.68
CA PHE B 459 -27.88 -24.55 24.45
C PHE B 459 -26.93 -25.33 23.56
N VAL B 460 -27.45 -25.99 22.52
CA VAL B 460 -26.61 -26.79 21.64
C VAL B 460 -25.59 -25.91 20.92
N LEU B 461 -25.96 -24.66 20.63
CA LEU B 461 -25.06 -23.75 19.94
C LEU B 461 -23.81 -23.42 20.75
N ASN B 462 -23.84 -23.59 22.08
CA ASN B 462 -22.75 -23.21 22.97
C ASN B 462 -22.06 -24.40 23.63
N THR B 463 -22.29 -25.63 23.12
CA THR B 463 -21.53 -26.79 23.57
C THR B 463 -21.04 -27.69 22.44
N ALA B 464 -21.57 -27.55 21.23
CA ALA B 464 -21.05 -28.30 20.08
C ALA B 464 -19.76 -27.66 19.59
N SER B 465 -18.87 -28.49 19.03
CA SER B 465 -17.58 -27.99 18.59
C SER B 465 -17.71 -27.10 17.36
N LEU B 466 -18.64 -27.41 16.47
CA LEU B 466 -18.93 -26.60 15.29
C LEU B 466 -20.44 -26.49 15.15
N ALA B 467 -20.97 -25.27 15.18
CA ALA B 467 -22.40 -25.06 15.13
C ALA B 467 -22.72 -23.76 14.42
N ILE B 468 -23.73 -23.80 13.55
CA ILE B 468 -24.27 -22.65 12.85
C ILE B 468 -25.75 -22.53 13.21
N ALA B 469 -26.20 -21.31 13.47
CA ALA B 469 -27.56 -21.01 13.87
C ALA B 469 -28.22 -20.08 12.87
N THR B 470 -29.51 -20.32 12.62
CA THR B 470 -30.28 -19.51 11.69
C THR B 470 -31.74 -19.56 12.11
N THR B 471 -32.50 -18.56 11.67
CA THR B 471 -33.96 -18.54 11.82
C THR B 471 -34.60 -18.92 10.49
N GLY B 472 -35.76 -19.58 10.60
CA GLY B 472 -36.34 -20.23 9.42
C GLY B 472 -36.74 -19.26 8.32
N ARG B 473 -37.28 -18.10 8.71
CA ARG B 473 -37.76 -17.12 7.73
C ARG B 473 -36.68 -16.16 7.25
N GLY B 474 -35.56 -16.05 7.97
CA GLY B 474 -34.45 -15.23 7.57
C GLY B 474 -33.46 -15.90 6.65
N SER B 475 -33.82 -17.03 6.05
CA SER B 475 -32.92 -17.78 5.18
C SER B 475 -33.69 -18.31 3.97
N SER B 476 -33.04 -18.22 2.81
CA SER B 476 -33.57 -18.74 1.55
C SER B 476 -32.95 -20.10 1.25
N GLY B 477 -33.52 -20.80 0.27
CA GLY B 477 -33.04 -22.12 -0.08
C GLY B 477 -31.62 -22.10 -0.62
N VAL B 478 -31.34 -21.19 -1.54
CA VAL B 478 -29.99 -21.08 -2.09
C VAL B 478 -29.01 -20.59 -1.01
N GLY B 479 -29.42 -19.63 -0.19
CA GLY B 479 -28.57 -19.20 0.90
C GLY B 479 -28.33 -20.28 1.93
N LEU B 480 -29.33 -21.14 2.15
CA LEU B 480 -29.20 -22.24 3.10
C LEU B 480 -28.42 -23.41 2.54
N THR B 481 -28.32 -23.55 1.21
CA THR B 481 -27.54 -24.61 0.59
C THR B 481 -26.34 -24.08 -0.20
N ALA B 482 -26.57 -23.24 -1.23
CA ALA B 482 -25.48 -22.78 -2.09
C ALA B 482 -26.02 -21.80 -3.11
N ALA B 483 -25.13 -20.99 -3.67
CA ALA B 483 -25.51 -19.95 -4.63
C ALA B 483 -24.37 -19.68 -5.60
N VAL B 484 -24.73 -19.07 -6.72
CA VAL B 484 -23.82 -18.75 -7.81
C VAL B 484 -23.36 -17.30 -7.67
N THR B 485 -22.14 -17.03 -8.09
CA THR B 485 -21.60 -15.68 -8.05
C THR B 485 -20.49 -15.57 -9.08
N THR B 486 -20.10 -14.32 -9.37
CA THR B 486 -18.98 -14.04 -10.25
C THR B 486 -18.35 -12.70 -9.90
N ARG B 493 -17.28 -19.07 -13.68
CA ARG B 493 -18.18 -18.62 -12.62
C ARG B 493 -17.89 -19.37 -11.33
N ARG B 494 -18.06 -18.68 -10.21
CA ARG B 494 -17.77 -19.22 -8.89
C ARG B 494 -19.06 -19.61 -8.18
N LEU B 495 -19.00 -20.70 -7.42
CA LEU B 495 -20.13 -21.19 -6.63
C LEU B 495 -19.80 -20.99 -5.15
N GLU B 496 -20.74 -20.40 -4.42
CA GLU B 496 -20.56 -19.99 -3.04
C GLU B 496 -21.42 -20.84 -2.11
N ALA B 497 -20.84 -21.24 -0.99
CA ALA B 497 -21.50 -22.19 -0.10
C ALA B 497 -22.54 -21.52 0.79
N GLY B 498 -23.56 -22.30 1.15
CA GLY B 498 -24.57 -21.88 2.11
C GLY B 498 -24.28 -22.45 3.49
N ALA B 499 -25.24 -22.21 4.40
CA ALA B 499 -25.03 -22.53 5.81
C ALA B 499 -24.85 -24.03 6.04
N MET B 500 -25.67 -24.86 5.39
CA MET B 500 -25.57 -26.29 5.59
C MET B 500 -24.27 -26.85 5.03
N VAL B 501 -23.68 -26.19 4.03
CA VAL B 501 -22.40 -26.63 3.50
C VAL B 501 -21.25 -26.19 4.41
N LEU B 502 -21.38 -25.03 5.07
CA LEU B 502 -20.30 -24.57 5.93
C LEU B 502 -20.12 -25.49 7.13
N ALA B 503 -21.20 -25.78 7.85
CA ALA B 503 -21.18 -26.79 8.90
C ALA B 503 -21.23 -28.15 8.20
N ASP B 504 -20.05 -28.69 7.91
CA ASP B 504 -19.97 -29.98 7.24
C ASP B 504 -20.11 -31.12 8.26
N ARG B 505 -19.15 -31.26 9.16
CA ARG B 505 -19.20 -32.23 10.25
C ARG B 505 -19.55 -31.55 11.56
N GLY B 506 -20.75 -31.02 11.64
CA GLY B 506 -21.22 -30.29 12.81
C GLY B 506 -22.72 -30.40 12.92
N VAL B 507 -23.32 -29.39 13.56
CA VAL B 507 -24.76 -29.35 13.82
C VAL B 507 -25.26 -27.99 13.35
N VAL B 508 -26.49 -27.96 12.83
CA VAL B 508 -27.14 -26.73 12.37
C VAL B 508 -28.45 -26.58 13.11
N CYS B 509 -28.68 -25.38 13.65
CA CYS B 509 -29.87 -25.07 14.45
C CYS B 509 -30.76 -24.12 13.66
N ILE B 510 -32.03 -24.50 13.52
CA ILE B 510 -33.02 -23.74 12.75
C ILE B 510 -34.18 -23.44 13.68
N ASP B 511 -34.35 -22.16 14.03
CA ASP B 511 -35.45 -21.71 14.85
C ASP B 511 -36.55 -21.12 13.96
N GLU B 512 -37.78 -21.15 14.47
CA GLU B 512 -38.96 -20.70 13.72
C GLU B 512 -39.07 -21.46 12.40
N PHE B 513 -38.96 -22.77 12.49
CA PHE B 513 -38.96 -23.63 11.31
C PHE B 513 -40.28 -23.53 10.55
N ASP B 514 -41.39 -23.29 11.26
CA ASP B 514 -42.70 -23.24 10.62
C ASP B 514 -42.84 -22.07 9.65
N LYS B 515 -42.09 -20.99 9.83
CA LYS B 515 -42.22 -19.82 8.98
C LYS B 515 -41.52 -19.97 7.64
N MET B 516 -40.68 -20.98 7.47
CA MET B 516 -39.99 -21.19 6.20
C MET B 516 -40.99 -21.52 5.11
N THR B 517 -40.83 -20.90 3.94
CA THR B 517 -41.75 -21.12 2.84
C THR B 517 -41.55 -22.51 2.25
N ASP B 518 -42.56 -22.96 1.48
CA ASP B 518 -42.48 -24.26 0.83
C ASP B 518 -41.33 -24.30 -0.17
N VAL B 519 -41.10 -23.21 -0.89
CA VAL B 519 -40.06 -23.18 -1.91
C VAL B 519 -38.67 -23.34 -1.27
N ASP B 520 -38.50 -22.86 -0.04
CA ASP B 520 -37.22 -22.97 0.65
C ASP B 520 -37.02 -24.36 1.26
N ARG B 521 -38.09 -24.98 1.76
CA ARG B 521 -37.96 -26.25 2.47
C ARG B 521 -37.47 -27.36 1.55
N VAL B 522 -37.97 -27.42 0.32
CA VAL B 522 -37.69 -28.54 -0.57
C VAL B 522 -36.22 -28.62 -0.97
N ALA B 523 -35.45 -27.53 -0.81
CA ALA B 523 -34.01 -27.60 -1.04
C ALA B 523 -33.32 -28.52 -0.04
N ILE B 524 -33.94 -28.78 1.11
CA ILE B 524 -33.30 -29.49 2.21
C ILE B 524 -33.45 -31.02 2.10
N HIS B 525 -34.31 -31.52 1.20
CA HIS B 525 -34.59 -32.96 1.16
C HIS B 525 -33.34 -33.79 0.79
N GLU B 526 -32.43 -33.26 -0.03
CA GLU B 526 -31.20 -33.98 -0.34
C GLU B 526 -30.24 -33.97 0.83
N VAL B 527 -30.06 -32.81 1.48
CA VAL B 527 -28.97 -32.62 2.42
C VAL B 527 -29.13 -33.52 3.64
N MET B 528 -30.37 -33.83 4.02
CA MET B 528 -30.61 -34.61 5.22
C MET B 528 -30.49 -36.12 5.02
N GLU B 529 -30.41 -36.60 3.76
CA GLU B 529 -30.18 -38.03 3.50
C GLU B 529 -28.94 -38.29 2.67
N GLN B 530 -28.83 -37.67 1.48
CA GLN B 530 -27.64 -37.89 0.66
C GLN B 530 -26.44 -37.13 1.18
N GLN B 531 -26.65 -36.11 2.02
CA GLN B 531 -25.58 -35.32 2.62
C GLN B 531 -24.67 -34.69 1.57
N THR B 532 -25.27 -34.22 0.49
CA THR B 532 -24.55 -33.52 -0.57
C THR B 532 -25.44 -32.42 -1.14
N VAL B 533 -24.78 -31.43 -1.76
CA VAL B 533 -25.42 -30.34 -2.46
C VAL B 533 -24.91 -30.34 -3.89
N THR B 534 -25.83 -30.32 -4.85
CA THR B 534 -25.50 -30.35 -6.26
C THR B 534 -26.25 -29.22 -6.96
N ILE B 535 -25.54 -28.52 -7.86
CA ILE B 535 -26.05 -27.37 -8.58
C ILE B 535 -25.90 -27.65 -10.07
N ALA B 536 -26.93 -27.28 -10.85
CA ALA B 536 -26.86 -27.37 -12.32
C ALA B 536 -27.50 -26.10 -12.87
N LYS B 537 -26.69 -25.06 -13.03
CA LYS B 537 -27.14 -23.75 -13.49
C LYS B 537 -26.17 -23.28 -14.57
N ALA B 538 -26.44 -22.09 -15.10
CA ALA B 538 -25.74 -21.59 -16.28
C ALA B 538 -24.24 -21.51 -16.07
N GLY B 539 -23.50 -22.40 -16.73
CA GLY B 539 -22.05 -22.43 -16.66
C GLY B 539 -21.45 -23.17 -15.50
N ILE B 540 -22.25 -23.89 -14.70
CA ILE B 540 -21.76 -24.59 -13.51
C ILE B 540 -22.42 -25.95 -13.44
N HIS B 541 -21.63 -26.95 -13.03
CA HIS B 541 -22.15 -28.21 -12.50
C HIS B 541 -21.13 -28.76 -11.53
N THR B 542 -21.51 -28.87 -10.26
CA THR B 542 -20.62 -29.35 -9.22
C THR B 542 -21.42 -30.03 -8.12
N THR B 543 -20.74 -30.85 -7.34
CA THR B 543 -21.29 -31.47 -6.13
C THR B 543 -20.46 -31.02 -4.93
N LEU B 544 -21.13 -30.80 -3.80
CA LEU B 544 -20.51 -30.37 -2.56
C LEU B 544 -20.96 -31.27 -1.42
N ASN B 545 -20.16 -31.30 -0.36
CA ASN B 545 -20.40 -32.15 0.80
C ASN B 545 -21.08 -31.36 1.91
N ALA B 546 -22.09 -31.97 2.54
CA ALA B 546 -22.76 -31.39 3.71
C ALA B 546 -23.26 -32.55 4.58
N ARG B 547 -22.49 -32.86 5.63
CA ARG B 547 -22.68 -34.06 6.43
C ARG B 547 -23.31 -33.80 7.80
N CYS B 548 -23.91 -32.64 8.01
CA CYS B 548 -24.26 -32.21 9.35
C CYS B 548 -25.56 -32.86 9.85
N SER B 549 -25.80 -32.69 11.15
CA SER B 549 -27.04 -33.05 11.81
C SER B 549 -27.90 -31.81 12.02
N VAL B 550 -29.21 -31.96 11.85
CA VAL B 550 -30.16 -30.86 11.91
C VAL B 550 -31.00 -31.00 13.17
N ILE B 551 -31.13 -29.90 13.91
CA ILE B 551 -32.05 -29.80 15.04
C ILE B 551 -32.85 -28.51 14.86
N ALA B 552 -34.16 -28.58 15.06
CA ALA B 552 -35.02 -27.44 14.74
C ALA B 552 -36.25 -27.43 15.63
N ALA B 553 -36.89 -26.26 15.69
CA ALA B 553 -38.07 -26.02 16.51
C ALA B 553 -39.15 -25.34 15.67
N ALA B 554 -40.41 -25.58 16.04
CA ALA B 554 -41.54 -25.06 15.29
C ALA B 554 -42.73 -24.87 16.22
N ASN B 555 -43.75 -24.15 15.72
CA ASN B 555 -45.02 -23.92 16.38
C ASN B 555 -46.12 -24.73 15.68
N PRO B 556 -47.13 -25.24 16.38
CA PRO B 556 -48.21 -25.95 15.69
C PRO B 556 -49.06 -24.99 14.88
N VAL B 557 -49.93 -25.58 14.04
CA VAL B 557 -50.70 -24.82 13.08
C VAL B 557 -51.66 -23.86 13.77
N PHE B 558 -52.42 -24.37 14.75
CA PHE B 558 -53.47 -23.59 15.40
C PHE B 558 -52.96 -22.69 16.51
N GLY B 559 -51.66 -22.49 16.66
CA GLY B 559 -51.10 -21.68 17.71
C GLY B 559 -50.84 -22.42 19.01
N GLN B 560 -51.70 -23.37 19.35
CA GLN B 560 -51.46 -24.33 20.42
C GLN B 560 -51.89 -25.69 19.94
N TYR B 561 -51.26 -26.74 20.48
CA TYR B 561 -51.56 -28.09 20.01
C TYR B 561 -52.98 -28.46 20.41
N ASP B 562 -53.74 -28.96 19.43
CA ASP B 562 -55.14 -29.35 19.60
C ASP B 562 -55.18 -30.88 19.60
N VAL B 563 -55.36 -31.46 20.79
CA VAL B 563 -55.44 -32.92 20.89
C VAL B 563 -56.67 -33.47 20.19
N ASN B 564 -57.73 -32.65 20.05
CA ASN B 564 -58.98 -33.08 19.43
C ASN B 564 -58.95 -33.07 17.91
N ARG B 565 -57.78 -32.89 17.28
CA ARG B 565 -57.62 -33.00 15.85
C ARG B 565 -56.38 -33.83 15.54
N ASP B 566 -56.31 -34.30 14.30
CA ASP B 566 -55.27 -35.25 13.92
C ASP B 566 -53.89 -34.60 14.00
N PRO B 567 -52.82 -35.39 14.22
CA PRO B 567 -51.47 -34.79 14.23
C PRO B 567 -51.08 -34.16 12.90
N HIS B 568 -51.54 -34.72 11.79
CA HIS B 568 -51.26 -34.13 10.48
C HIS B 568 -51.92 -32.75 10.37
N GLN B 569 -53.13 -32.61 10.90
CA GLN B 569 -53.80 -31.31 10.91
C GLN B 569 -53.04 -30.32 11.78
N ASN B 570 -52.50 -30.77 12.91
CA ASN B 570 -51.75 -29.87 13.79
C ASN B 570 -50.37 -29.56 13.23
N ILE B 571 -49.77 -30.47 12.46
CA ILE B 571 -48.40 -30.35 11.95
C ILE B 571 -48.49 -30.34 10.44
N ALA B 572 -48.46 -29.15 9.84
CA ALA B 572 -48.58 -28.98 8.39
C ALA B 572 -47.20 -29.07 7.75
N LEU B 573 -46.72 -30.31 7.59
CA LEU B 573 -45.52 -30.62 6.84
C LEU B 573 -45.76 -31.93 6.07
N PRO B 574 -45.14 -32.11 4.90
CA PRO B 574 -45.37 -33.34 4.15
C PRO B 574 -44.75 -34.55 4.85
N ASP B 575 -45.30 -35.72 4.52
CA ASP B 575 -44.81 -36.97 5.11
C ASP B 575 -43.36 -37.25 4.73
N SER B 576 -42.97 -36.90 3.49
CA SER B 576 -41.60 -37.16 3.04
C SER B 576 -40.56 -36.37 3.84
N LEU B 577 -40.95 -35.23 4.42
CA LEU B 577 -40.02 -34.45 5.23
C LEU B 577 -39.96 -34.96 6.67
N LEU B 578 -41.12 -35.22 7.27
CA LEU B 578 -41.14 -35.72 8.65
C LEU B 578 -40.43 -37.07 8.77
N SER B 579 -40.40 -37.86 7.68
CA SER B 579 -39.69 -39.13 7.72
C SER B 579 -38.20 -38.93 7.97
N ARG B 580 -37.63 -37.82 7.51
CA ARG B 580 -36.19 -37.59 7.60
C ARG B 580 -35.72 -37.22 9.01
N PHE B 581 -36.63 -36.80 9.90
CA PHE B 581 -36.28 -36.53 11.29
C PHE B 581 -36.34 -37.82 12.09
N ASP B 582 -35.27 -38.12 12.83
CA ASP B 582 -35.22 -39.36 13.59
C ASP B 582 -36.22 -39.36 14.74
N LEU B 583 -36.26 -38.27 15.51
CA LEU B 583 -37.11 -38.14 16.70
C LEU B 583 -37.94 -36.88 16.60
N LEU B 584 -39.27 -37.02 16.76
CA LEU B 584 -40.22 -35.92 16.71
C LEU B 584 -40.89 -35.83 18.07
N PHE B 585 -40.71 -34.68 18.74
CA PHE B 585 -41.20 -34.46 20.10
C PHE B 585 -42.32 -33.43 20.10
N VAL B 586 -43.41 -33.75 20.80
CA VAL B 586 -44.53 -32.83 21.02
C VAL B 586 -44.52 -32.45 22.50
N VAL B 587 -44.60 -31.15 22.76
CA VAL B 587 -44.48 -30.60 24.12
C VAL B 587 -45.52 -29.51 24.28
N THR B 588 -46.13 -29.44 25.47
CA THR B 588 -47.26 -28.56 25.72
C THR B 588 -47.17 -27.98 27.12
N ASP B 589 -47.89 -26.87 27.33
CA ASP B 589 -47.95 -26.17 28.61
C ASP B 589 -49.29 -26.51 29.28
N ASP B 590 -49.31 -27.66 29.94
CA ASP B 590 -50.50 -28.11 30.67
C ASP B 590 -50.51 -27.46 32.06
N ILE B 591 -51.61 -26.80 32.39
CA ILE B 591 -51.72 -26.08 33.66
C ILE B 591 -52.00 -27.08 34.77
N ASN B 592 -51.17 -27.04 35.82
CA ASN B 592 -51.33 -27.87 36.99
C ASN B 592 -50.67 -27.16 38.17
N GLU B 593 -51.26 -27.32 39.36
CA GLU B 593 -50.81 -26.57 40.54
C GLU B 593 -49.35 -26.87 40.88
N ILE B 594 -49.04 -28.13 41.18
CA ILE B 594 -47.71 -28.46 41.68
C ILE B 594 -46.66 -28.25 40.60
N ARG B 595 -47.01 -28.51 39.33
CA ARG B 595 -46.09 -28.25 38.22
C ARG B 595 -45.73 -26.76 38.15
N ASP B 596 -46.76 -25.90 38.24
CA ASP B 596 -46.53 -24.46 38.20
C ASP B 596 -45.68 -24.01 39.38
N ARG B 597 -45.97 -24.53 40.57
CA ARG B 597 -45.20 -24.15 41.75
C ARG B 597 -43.74 -24.57 41.61
N SER B 598 -43.50 -25.79 41.14
CA SER B 598 -42.13 -26.28 40.98
C SER B 598 -41.37 -25.43 39.98
N ILE B 599 -41.98 -25.14 38.83
CA ILE B 599 -41.28 -24.38 37.79
C ILE B 599 -41.00 -22.96 38.28
N SER B 600 -41.98 -22.32 38.92
CA SER B 600 -41.81 -20.95 39.38
C SER B 600 -40.73 -20.85 40.45
N GLU B 601 -40.74 -21.79 41.41
CA GLU B 601 -39.68 -21.81 42.41
C GLU B 601 -38.32 -22.05 41.76
N HIS B 602 -38.28 -22.90 40.72
CA HIS B 602 -37.02 -23.17 40.05
C HIS B 602 -36.46 -21.93 39.38
N VAL B 603 -37.29 -21.21 38.61
CA VAL B 603 -36.76 -20.03 37.92
C VAL B 603 -36.42 -18.94 38.92
N LEU B 604 -37.16 -18.84 40.03
CA LEU B 604 -36.81 -17.83 41.03
C LEU B 604 -35.49 -18.16 41.72
N ARG B 605 -35.22 -19.45 41.95
CA ARG B 605 -33.90 -19.82 42.46
C ARG B 605 -32.80 -19.51 41.45
N THR B 606 -33.10 -19.67 40.16
CA THR B 606 -32.11 -19.41 39.12
C THR B 606 -31.73 -17.93 39.09
N HIS B 607 -32.72 -17.05 39.24
CA HIS B 607 -32.47 -15.61 39.13
C HIS B 607 -31.74 -15.02 40.32
N ARG B 608 -31.55 -15.76 41.40
CA ARG B 608 -30.82 -15.30 42.58
C ARG B 608 -29.34 -15.68 42.55
N TYR B 609 -28.84 -16.19 41.43
CA TYR B 609 -27.42 -16.50 41.31
C TYR B 609 -26.60 -15.22 41.33
N LEU B 610 -25.40 -15.32 41.90
CA LEU B 610 -24.38 -14.27 41.85
C LEU B 610 -23.08 -14.91 41.38
N PRO B 611 -22.33 -14.31 40.46
CA PRO B 611 -21.04 -14.92 40.06
C PRO B 611 -20.03 -14.83 41.19
N PRO B 612 -18.93 -15.60 41.11
CA PRO B 612 -18.04 -15.73 42.29
C PRO B 612 -17.40 -14.43 42.77
N GLY B 613 -16.90 -13.60 41.86
CA GLY B 613 -15.98 -12.54 42.24
C GLY B 613 -16.62 -11.19 42.54
N TYR B 614 -17.91 -11.19 42.89
CA TYR B 614 -18.70 -9.96 42.97
C TYR B 614 -19.47 -9.92 44.28
N LEU B 615 -19.50 -8.72 44.89
CA LEU B 615 -20.33 -8.46 46.04
C LEU B 615 -21.78 -8.26 45.58
N GLU B 616 -22.70 -8.44 46.53
CA GLU B 616 -24.13 -8.37 46.21
C GLU B 616 -24.51 -6.96 45.77
N GLY B 617 -25.10 -6.86 44.58
CA GLY B 617 -25.50 -5.60 44.00
C GLY B 617 -24.55 -5.02 42.98
N GLU B 618 -23.33 -5.57 42.86
CA GLU B 618 -22.40 -5.06 41.88
C GLU B 618 -22.84 -5.49 40.48
N PRO B 619 -22.66 -4.65 39.45
CA PRO B 619 -22.90 -5.14 38.09
C PRO B 619 -21.83 -6.13 37.67
N VAL B 620 -22.23 -7.07 36.83
CA VAL B 620 -21.31 -8.11 36.38
C VAL B 620 -20.24 -7.52 35.47
N PRO B 686 -27.38 -36.13 43.97
CA PRO B 686 -26.73 -36.29 42.67
C PRO B 686 -25.61 -35.27 42.42
N LYS B 687 -24.79 -35.53 41.41
CA LYS B 687 -23.68 -34.66 41.03
C LYS B 687 -23.76 -34.36 39.55
N LEU B 688 -23.29 -33.18 39.18
CA LEU B 688 -23.29 -32.70 37.80
C LEU B 688 -21.87 -32.37 37.38
N VAL B 689 -21.40 -33.01 36.31
CA VAL B 689 -20.11 -32.67 35.76
C VAL B 689 -20.17 -31.28 35.12
N THR B 690 -19.04 -30.60 35.09
CA THR B 690 -18.96 -29.30 34.45
C THR B 690 -18.95 -29.45 32.93
N ILE B 691 -19.48 -28.43 32.25
CA ILE B 691 -19.52 -28.47 30.78
C ILE B 691 -18.13 -28.52 30.16
N PRO B 692 -17.12 -27.78 30.65
CA PRO B 692 -15.76 -27.95 30.08
C PRO B 692 -15.21 -29.36 30.18
N PHE B 693 -15.65 -30.16 31.16
CA PHE B 693 -15.30 -31.57 31.18
C PHE B 693 -16.17 -32.39 30.24
N LEU B 694 -17.45 -32.03 30.12
CA LEU B 694 -18.35 -32.78 29.24
C LEU B 694 -17.92 -32.65 27.78
N ARG B 695 -17.43 -31.48 27.39
CA ARG B 695 -16.93 -31.30 26.03
C ARG B 695 -15.74 -32.21 25.75
N LYS B 696 -14.83 -32.32 26.71
CA LYS B 696 -13.70 -33.25 26.56
C LYS B 696 -14.19 -34.69 26.47
N TYR B 697 -15.18 -35.04 27.29
CA TYR B 697 -15.74 -36.40 27.25
C TYR B 697 -16.33 -36.71 25.89
N VAL B 698 -17.09 -35.76 25.34
CA VAL B 698 -17.72 -35.97 24.04
C VAL B 698 -16.67 -36.08 22.95
N GLN B 699 -15.65 -35.23 22.98
CA GLN B 699 -14.57 -35.27 21.99
C GLN B 699 -13.85 -36.62 22.03
N TYR B 700 -13.46 -37.06 23.23
CA TYR B 700 -12.75 -38.33 23.38
C TYR B 700 -13.62 -39.49 22.90
N ALA B 701 -14.89 -39.51 23.30
CA ALA B 701 -15.75 -40.62 22.92
C ALA B 701 -16.01 -40.63 21.42
N LYS B 702 -16.11 -39.46 20.80
CA LYS B 702 -16.37 -39.42 19.37
C LYS B 702 -15.14 -39.85 18.57
N GLU B 703 -13.94 -39.54 19.06
CA GLU B 703 -12.73 -39.85 18.30
C GLU B 703 -12.23 -41.28 18.52
N ARG B 704 -12.23 -41.77 19.77
CA ARG B 704 -11.42 -42.93 20.13
C ARG B 704 -12.16 -44.26 20.17
N VAL B 705 -13.50 -44.27 20.11
CA VAL B 705 -14.27 -45.51 20.20
C VAL B 705 -15.29 -45.55 19.06
N ILE B 706 -15.39 -46.71 18.42
CA ILE B 706 -16.24 -46.93 17.25
C ILE B 706 -16.98 -48.24 17.49
N PRO B 707 -18.11 -48.26 18.22
CA PRO B 707 -18.73 -49.55 18.57
C PRO B 707 -19.24 -50.31 17.35
N GLN B 708 -18.95 -51.61 17.34
CA GLN B 708 -19.45 -52.53 16.32
C GLN B 708 -20.69 -53.26 16.83
N LEU B 709 -21.58 -53.61 15.90
CA LEU B 709 -22.85 -54.24 16.25
C LEU B 709 -22.64 -55.72 16.57
N THR B 710 -23.63 -56.29 17.28
CA THR B 710 -23.60 -57.67 17.73
C THR B 710 -24.95 -58.34 17.48
N GLN B 711 -24.94 -59.67 17.55
CA GLN B 711 -26.14 -60.45 17.29
C GLN B 711 -27.23 -60.17 18.33
N GLU B 712 -26.84 -60.04 19.60
CA GLU B 712 -27.82 -59.87 20.67
C GLU B 712 -28.60 -58.57 20.50
N ALA B 713 -27.95 -57.51 20.04
CA ALA B 713 -28.65 -56.27 19.75
C ALA B 713 -29.59 -56.41 18.56
N ILE B 714 -29.14 -57.14 17.53
CA ILE B 714 -29.95 -57.31 16.33
C ILE B 714 -31.24 -58.06 16.65
N ASN B 715 -31.15 -59.03 17.57
CA ASN B 715 -32.34 -59.79 17.97
C ASN B 715 -33.42 -58.88 18.55
N VAL B 716 -33.01 -57.84 19.28
CA VAL B 716 -33.97 -56.88 19.83
C VAL B 716 -34.47 -55.93 18.73
N ILE B 717 -33.55 -55.46 17.89
CA ILE B 717 -33.89 -54.42 16.92
C ILE B 717 -34.92 -54.92 15.92
N VAL B 718 -34.73 -56.14 15.41
CA VAL B 718 -35.63 -56.68 14.39
C VAL B 718 -37.04 -56.84 14.94
N LYS B 719 -37.15 -57.42 16.14
CA LYS B 719 -38.46 -57.63 16.76
C LYS B 719 -39.16 -56.31 17.02
N ASN B 720 -38.42 -55.32 17.55
CA ASN B 720 -39.05 -54.03 17.83
C ASN B 720 -39.52 -53.36 16.55
N TYR B 721 -38.71 -53.41 15.49
CA TYR B 721 -39.09 -52.78 14.24
C TYR B 721 -40.35 -53.42 13.66
N THR B 722 -40.37 -54.75 13.57
CA THR B 722 -41.52 -55.40 12.92
C THR B 722 -42.79 -55.25 13.75
N ASP B 723 -42.68 -55.26 15.08
CA ASP B 723 -43.87 -55.03 15.90
C ASP B 723 -44.35 -53.59 15.79
N LEU B 724 -43.43 -52.63 15.79
CA LEU B 724 -43.82 -51.23 15.77
C LEU B 724 -44.47 -50.85 14.45
N ARG B 725 -43.99 -51.42 13.33
CA ARG B 725 -44.51 -51.05 12.03
C ARG B 725 -45.93 -51.59 11.81
N ASN B 726 -46.17 -52.84 12.21
CA ASN B 726 -47.38 -53.54 11.82
C ASN B 726 -48.55 -53.33 12.77
N ASP B 727 -48.29 -53.11 14.06
CA ASP B 727 -49.38 -52.97 15.02
C ASP B 727 -50.09 -51.64 14.82
N ASP B 728 -51.42 -51.69 14.79
CA ASP B 728 -52.23 -50.51 14.54
C ASP B 728 -52.33 -49.67 15.80
N ASN B 729 -51.92 -48.41 15.69
CA ASN B 729 -51.97 -47.46 16.79
C ASN B 729 -52.14 -46.07 16.22
N THR B 730 -52.44 -45.11 17.10
CA THR B 730 -52.50 -43.71 16.73
C THR B 730 -51.12 -43.06 16.78
N LYS B 731 -50.14 -43.65 16.09
CA LYS B 731 -48.78 -43.12 16.12
C LYS B 731 -48.69 -41.83 15.31
N LYS B 732 -47.80 -40.95 15.77
CA LYS B 732 -47.78 -39.54 15.34
C LYS B 732 -46.78 -39.25 14.22
N SER B 733 -46.17 -40.29 13.63
CA SER B 733 -45.19 -40.10 12.56
C SER B 733 -45.27 -41.28 11.61
N PRO B 734 -45.03 -41.11 10.30
CA PRO B 734 -45.00 -42.27 9.42
C PRO B 734 -43.79 -43.16 9.74
N ILE B 735 -44.00 -44.46 9.65
CA ILE B 735 -42.99 -45.47 9.95
C ILE B 735 -42.60 -46.13 8.64
N THR B 736 -41.30 -46.09 8.32
CA THR B 736 -40.77 -46.50 7.03
C THR B 736 -39.47 -47.27 7.28
N ALA B 737 -38.75 -47.54 6.20
CA ALA B 737 -37.44 -48.19 6.32
C ALA B 737 -36.43 -47.33 7.07
N ARG B 738 -36.64 -46.00 7.15
CA ARG B 738 -35.71 -45.14 7.87
C ARG B 738 -35.80 -45.30 9.39
N THR B 739 -36.91 -45.84 9.90
CA THR B 739 -37.07 -46.07 11.33
C THR B 739 -36.08 -47.12 11.85
N LEU B 740 -35.85 -48.18 11.06
CA LEU B 740 -34.87 -49.18 11.43
C LEU B 740 -33.47 -48.56 11.55
N GLU B 741 -33.13 -47.69 10.60
CA GLU B 741 -31.86 -46.98 10.68
C GLU B 741 -31.80 -46.11 11.93
N THR B 742 -32.92 -45.48 12.29
CA THR B 742 -32.95 -44.67 13.51
C THR B 742 -32.65 -45.54 14.73
N LEU B 743 -33.25 -46.73 14.80
CA LEU B 743 -32.98 -47.64 15.91
C LEU B 743 -31.50 -48.02 15.97
N ILE B 744 -30.91 -48.35 14.81
CA ILE B 744 -29.50 -48.75 14.78
C ILE B 744 -28.61 -47.60 15.22
N ARG B 745 -28.89 -46.38 14.71
CA ARG B 745 -28.10 -45.21 15.08
C ARG B 745 -28.17 -44.94 16.58
N LEU B 746 -29.37 -44.99 17.15
CA LEU B 746 -29.52 -44.69 18.58
C LEU B 746 -28.81 -45.72 19.43
N ALA B 747 -28.92 -47.00 19.07
CA ALA B 747 -28.20 -48.04 19.80
C ALA B 747 -26.70 -47.82 19.75
N THR B 748 -26.18 -47.50 18.55
CA THR B 748 -24.73 -47.25 18.41
C THR B 748 -24.30 -46.05 19.25
N ALA B 749 -25.09 -44.98 19.23
CA ALA B 749 -24.73 -43.79 20.01
C ALA B 749 -24.73 -44.08 21.51
N HIS B 750 -25.75 -44.81 21.99
CA HIS B 750 -25.77 -45.14 23.41
C HIS B 750 -24.60 -46.02 23.80
N ALA B 751 -24.22 -46.97 22.93
CA ALA B 751 -23.01 -47.74 23.19
C ALA B 751 -21.77 -46.85 23.22
N LYS B 752 -21.76 -45.80 22.39
CA LYS B 752 -20.62 -44.90 22.37
C LYS B 752 -20.55 -44.06 23.65
N VAL B 753 -21.69 -43.73 24.24
CA VAL B 753 -21.69 -43.03 25.53
C VAL B 753 -21.00 -43.91 26.58
N ARG B 754 -21.24 -45.21 26.52
CA ARG B 754 -20.70 -46.17 27.47
C ARG B 754 -19.22 -46.47 27.26
N LEU B 755 -18.61 -45.95 26.18
CA LEU B 755 -17.22 -46.27 25.81
C LEU B 755 -17.04 -47.76 25.60
N SER B 756 -18.08 -48.45 25.15
CA SER B 756 -18.00 -49.86 24.84
C SER B 756 -17.48 -50.06 23.43
N LYS B 757 -16.65 -51.08 23.24
CA LYS B 757 -16.19 -51.42 21.91
C LYS B 757 -17.26 -52.14 21.09
N THR B 758 -18.36 -52.58 21.71
CA THR B 758 -19.42 -53.29 21.01
C THR B 758 -20.77 -52.88 21.56
N VAL B 759 -21.77 -52.89 20.67
CA VAL B 759 -23.16 -52.67 21.07
C VAL B 759 -23.68 -53.95 21.72
N ASN B 760 -24.40 -53.79 22.83
CA ASN B 760 -24.96 -54.89 23.60
C ASN B 760 -26.49 -54.78 23.61
N LYS B 761 -27.12 -55.76 24.27
CA LYS B 761 -28.58 -55.80 24.37
C LYS B 761 -29.14 -54.59 25.10
N VAL B 762 -28.40 -54.10 26.11
CA VAL B 762 -28.86 -52.98 26.92
C VAL B 762 -29.05 -51.73 26.05
N ASP B 763 -28.10 -51.48 25.15
CA ASP B 763 -28.15 -50.29 24.31
C ASP B 763 -29.38 -50.32 23.40
N ALA B 764 -29.63 -51.48 22.76
CA ALA B 764 -30.81 -51.61 21.90
C ALA B 764 -32.08 -51.43 22.71
N LYS B 765 -32.12 -51.98 23.92
CA LYS B 765 -33.30 -51.82 24.78
C LYS B 765 -33.57 -50.36 25.09
N VAL B 766 -32.52 -49.61 25.44
CA VAL B 766 -32.68 -48.21 25.79
C VAL B 766 -33.10 -47.40 24.57
N ALA B 767 -32.50 -47.68 23.40
CA ALA B 767 -32.87 -46.96 22.18
C ALA B 767 -34.33 -47.21 21.82
N ALA B 768 -34.78 -48.47 21.94
CA ALA B 768 -36.18 -48.77 21.68
C ALA B 768 -37.10 -48.05 22.65
N ASN B 769 -36.73 -47.98 23.94
CA ASN B 769 -37.59 -47.30 24.90
C ASN B 769 -37.67 -45.80 24.61
N LEU B 770 -36.58 -45.20 24.13
CA LEU B 770 -36.64 -43.77 23.78
C LEU B 770 -37.48 -43.54 22.54
N LEU B 771 -37.30 -44.36 21.51
CA LEU B 771 -38.08 -44.20 20.29
C LEU B 771 -39.57 -44.42 20.56
N ARG B 772 -39.90 -45.40 21.41
CA ARG B 772 -41.30 -45.63 21.74
C ARG B 772 -41.91 -44.43 22.45
N PHE B 773 -41.15 -43.82 23.38
CA PHE B 773 -41.67 -42.62 24.04
C PHE B 773 -41.92 -41.51 23.05
N ALA B 774 -40.95 -41.23 22.17
CA ALA B 774 -41.11 -40.10 21.24
C ALA B 774 -42.21 -40.37 20.22
N LEU B 775 -42.34 -41.61 19.75
CA LEU B 775 -43.24 -41.94 18.66
C LEU B 775 -44.67 -42.10 19.16
N LEU B 776 -44.88 -43.01 20.13
CA LEU B 776 -46.21 -43.35 20.61
C LEU B 776 -46.62 -42.58 21.86
N GLY B 777 -45.76 -41.70 22.38
CA GLY B 777 -46.18 -40.68 23.31
C GLY B 777 -46.36 -41.11 24.75
N GLU B 778 -46.06 -42.36 25.10
CA GLU B 778 -46.29 -42.86 26.46
C GLU B 778 -45.26 -43.91 26.83
N ASP B 779 -44.77 -43.82 28.06
CA ASP B 779 -44.00 -44.89 28.69
C ASP B 779 -44.47 -45.06 30.12
N SER C 174 23.47 -29.64 -71.01
CA SER C 174 23.11 -29.02 -72.32
C SER C 174 22.75 -27.54 -72.14
N GLU C 175 21.70 -27.28 -71.38
CA GLU C 175 21.18 -25.94 -71.15
C GLU C 175 20.68 -25.84 -69.72
N PRO C 176 20.63 -24.62 -69.14
CA PRO C 176 20.06 -24.49 -67.80
C PRO C 176 18.57 -24.81 -67.79
N LEU C 177 18.11 -25.30 -66.64
CA LEU C 177 16.74 -25.76 -66.47
C LEU C 177 16.08 -25.06 -65.27
N ARG C 178 14.76 -24.97 -65.32
CA ARG C 178 13.96 -24.38 -64.26
C ARG C 178 13.36 -25.50 -63.42
N ILE C 179 13.55 -25.41 -62.10
CA ILE C 179 13.18 -26.47 -61.17
C ILE C 179 12.40 -25.85 -60.02
N ILE C 180 11.25 -26.45 -59.69
CA ILE C 180 10.51 -26.05 -58.50
C ILE C 180 11.40 -26.30 -57.29
N TRP C 181 11.44 -25.33 -56.38
CA TRP C 181 12.43 -25.32 -55.31
C TRP C 181 12.29 -26.52 -54.37
N GLY C 182 13.33 -27.35 -54.35
CA GLY C 182 13.37 -28.48 -53.44
C GLY C 182 12.63 -29.73 -53.89
N THR C 183 12.45 -29.92 -55.19
CA THR C 183 11.63 -30.99 -55.74
C THR C 183 12.31 -31.82 -56.82
N ASN C 184 13.15 -31.19 -57.64
CA ASN C 184 13.66 -31.74 -58.90
C ASN C 184 12.53 -32.01 -59.90
N VAL C 185 11.44 -31.23 -59.81
CA VAL C 185 10.37 -31.24 -60.81
C VAL C 185 10.71 -30.18 -61.86
N SER C 186 10.63 -30.56 -63.13
CA SER C 186 10.95 -29.66 -64.24
C SER C 186 9.67 -29.03 -64.77
N ILE C 187 9.68 -27.70 -64.92
CA ILE C 187 8.48 -26.98 -65.33
C ILE C 187 8.13 -27.28 -66.78
N GLN C 188 9.13 -27.61 -67.61
CA GLN C 188 8.89 -27.91 -69.03
C GLN C 188 7.91 -29.07 -69.19
N GLU C 189 8.13 -30.15 -68.44
CA GLU C 189 7.27 -31.32 -68.55
C GLU C 189 5.84 -31.00 -68.16
N CYS C 190 5.66 -30.26 -67.06
CA CYS C 190 4.32 -29.89 -66.62
C CYS C 190 3.62 -29.02 -67.67
N THR C 191 4.34 -28.04 -68.22
CA THR C 191 3.77 -27.16 -69.22
C THR C 191 3.33 -27.93 -70.46
N THR C 192 4.21 -28.78 -70.98
CA THR C 192 3.87 -29.54 -72.19
C THR C 192 2.72 -30.51 -71.95
N ASN C 193 2.74 -31.21 -70.81
CA ASN C 193 1.68 -32.17 -70.51
C ASN C 193 0.33 -31.47 -70.38
N PHE C 194 0.28 -30.33 -69.69
CA PHE C 194 -0.99 -29.65 -69.53
C PHE C 194 -1.45 -29.03 -70.84
N ARG C 195 -0.53 -28.59 -71.70
CA ARG C 195 -0.91 -28.11 -73.02
C ARG C 195 -1.57 -29.24 -73.83
N ASN C 196 -0.94 -30.42 -73.83
CA ASN C 196 -1.49 -31.55 -74.57
C ASN C 196 -2.87 -31.93 -74.04
N PHE C 197 -3.01 -32.00 -72.71
CA PHE C 197 -4.30 -32.31 -72.10
C PHE C 197 -5.34 -31.27 -72.49
N LEU C 198 -4.98 -29.98 -72.41
CA LEU C 198 -5.94 -28.92 -72.68
C LEU C 198 -6.39 -28.93 -74.13
N MET C 199 -5.49 -29.22 -75.06
CA MET C 199 -5.79 -29.14 -76.48
C MET C 199 -6.18 -30.47 -77.12
N SER C 200 -6.24 -31.58 -76.35
CA SER C 200 -6.65 -32.87 -76.92
C SER C 200 -7.59 -33.70 -76.05
N PHE C 201 -7.96 -33.24 -74.85
CA PHE C 201 -8.89 -34.02 -74.05
C PHE C 201 -10.27 -34.01 -74.67
N LYS C 202 -10.93 -35.17 -74.62
CA LYS C 202 -12.33 -35.31 -75.00
C LYS C 202 -13.04 -36.13 -73.92
N TYR C 203 -14.32 -35.82 -73.72
CA TYR C 203 -15.06 -36.29 -72.55
C TYR C 203 -15.19 -37.81 -72.48
N LYS C 204 -14.98 -38.51 -73.58
CA LYS C 204 -15.16 -39.96 -73.61
C LYS C 204 -14.24 -40.67 -72.62
N PHE C 205 -13.03 -40.14 -72.41
CA PHE C 205 -12.07 -40.76 -71.49
C PHE C 205 -12.61 -40.82 -70.06
N ARG C 206 -13.25 -39.73 -69.63
CA ARG C 206 -13.84 -39.70 -68.29
C ARG C 206 -14.90 -40.79 -68.15
N LYS C 207 -15.65 -41.05 -69.22
CA LYS C 207 -16.62 -42.13 -69.20
C LYS C 207 -15.95 -43.50 -69.23
N ILE C 208 -14.74 -43.60 -69.81
CA ILE C 208 -13.99 -44.84 -69.66
C ILE C 208 -13.65 -45.06 -68.19
N LEU C 209 -13.21 -44.01 -67.49
CA LEU C 209 -12.99 -44.15 -66.06
C LEU C 209 -14.30 -44.36 -65.31
N ASP C 210 -15.42 -43.89 -65.85
CA ASP C 210 -16.72 -44.13 -65.23
C ASP C 210 -17.07 -45.61 -65.37
N GLU C 211 -18.20 -45.99 -64.78
CA GLU C 211 -18.50 -47.40 -64.54
C GLU C 211 -18.74 -48.19 -65.83
N ARG C 212 -19.31 -47.56 -66.86
CA ARG C 212 -19.69 -48.25 -68.08
C ARG C 212 -19.29 -47.44 -69.30
N GLU C 213 -18.79 -48.16 -70.33
CA GLU C 213 -18.72 -47.60 -71.66
C GLU C 213 -20.10 -47.45 -72.29
N GLU C 214 -21.11 -48.19 -71.79
CA GLU C 214 -22.46 -48.13 -72.33
C GLU C 214 -23.07 -46.74 -72.22
N PHE C 215 -22.62 -45.92 -71.26
CA PHE C 215 -23.15 -44.58 -71.12
C PHE C 215 -22.81 -43.67 -72.29
N ILE C 216 -21.80 -44.03 -73.09
CA ILE C 216 -21.19 -43.08 -74.02
C ILE C 216 -22.19 -42.68 -75.09
N ASN C 217 -22.34 -41.37 -75.28
CA ASN C 217 -22.97 -40.80 -76.46
C ASN C 217 -21.87 -40.53 -77.46
N ASN C 218 -21.84 -41.31 -78.55
CA ASN C 218 -20.72 -41.27 -79.47
C ASN C 218 -20.62 -39.90 -80.17
N THR C 219 -21.76 -39.27 -80.43
CA THR C 219 -21.74 -38.00 -81.17
C THR C 219 -21.13 -36.88 -80.32
N THR C 220 -21.58 -36.73 -79.09
CA THR C 220 -21.18 -35.59 -78.27
C THR C 220 -19.84 -35.83 -77.59
N ASP C 221 -19.63 -37.02 -77.01
CA ASP C 221 -18.50 -37.24 -76.12
C ASP C 221 -17.15 -37.23 -76.84
N GLU C 222 -17.13 -37.36 -78.17
CA GLU C 222 -15.87 -37.28 -78.91
C GLU C 222 -15.35 -35.86 -79.05
N GLU C 223 -16.13 -34.84 -78.69
CA GLU C 223 -15.74 -33.46 -78.94
C GLU C 223 -14.60 -33.04 -78.03
N LEU C 224 -13.81 -32.09 -78.53
CA LEU C 224 -12.76 -31.45 -77.71
C LEU C 224 -13.44 -30.49 -76.75
N TYR C 225 -13.57 -30.94 -75.50
CA TYR C 225 -14.33 -30.22 -74.48
C TYR C 225 -13.73 -28.85 -74.19
N TYR C 226 -12.42 -28.81 -73.94
CA TYR C 226 -11.81 -27.58 -73.46
C TYR C 226 -11.58 -26.56 -74.58
N ILE C 227 -11.40 -27.02 -75.83
CA ILE C 227 -11.37 -26.08 -76.95
C ILE C 227 -12.72 -25.39 -77.09
N LYS C 228 -13.80 -26.15 -76.91
CA LYS C 228 -15.14 -25.57 -76.90
C LYS C 228 -15.28 -24.54 -75.79
N GLN C 229 -14.78 -24.88 -74.60
CA GLN C 229 -14.82 -23.95 -73.47
C GLN C 229 -14.03 -22.68 -73.77
N LEU C 230 -12.87 -22.82 -74.41
CA LEU C 230 -12.02 -21.66 -74.69
C LEU C 230 -12.66 -20.76 -75.75
N ASN C 231 -13.29 -21.36 -76.77
CA ASN C 231 -14.03 -20.56 -77.74
C ASN C 231 -15.16 -19.79 -77.06
N GLU C 232 -15.88 -20.45 -76.15
CA GLU C 232 -16.93 -19.76 -75.42
C GLU C 232 -16.37 -18.64 -74.55
N MET C 233 -15.21 -18.87 -73.92
CA MET C 233 -14.58 -17.84 -73.11
C MET C 233 -14.19 -16.63 -73.97
N ARG C 234 -13.64 -16.88 -75.16
CA ARG C 234 -13.30 -15.79 -76.06
C ARG C 234 -14.53 -14.99 -76.45
N GLU C 235 -15.58 -15.67 -76.90
CA GLU C 235 -16.71 -14.98 -77.52
C GLU C 235 -17.69 -14.39 -76.49
N LEU C 236 -17.71 -14.91 -75.26
CA LEU C 236 -18.48 -14.31 -74.18
C LEU C 236 -17.69 -13.27 -73.38
N GLY C 237 -16.39 -13.14 -73.61
CA GLY C 237 -15.60 -12.14 -72.92
C GLY C 237 -15.47 -12.37 -71.43
N THR C 238 -15.04 -13.58 -71.06
CA THR C 238 -14.91 -13.98 -69.67
C THR C 238 -13.55 -14.64 -69.47
N SER C 239 -13.13 -14.73 -68.20
CA SER C 239 -11.73 -14.88 -67.85
C SER C 239 -11.36 -16.12 -67.05
N ASN C 240 -12.33 -16.85 -66.51
CA ASN C 240 -12.08 -17.94 -65.56
C ASN C 240 -12.62 -19.26 -66.09
N LEU C 241 -11.84 -20.32 -65.87
CA LEU C 241 -12.15 -21.66 -66.36
C LEU C 241 -12.22 -22.63 -65.19
N ASN C 242 -13.32 -23.36 -65.09
CA ASN C 242 -13.43 -24.43 -64.11
C ASN C 242 -12.68 -25.67 -64.60
N LEU C 243 -12.31 -26.52 -63.64
CA LEU C 243 -11.58 -27.74 -63.97
C LEU C 243 -11.74 -28.72 -62.82
N ASP C 244 -12.53 -29.77 -63.01
CA ASP C 244 -12.58 -30.85 -62.03
C ASP C 244 -11.37 -31.76 -62.22
N ALA C 245 -10.64 -32.00 -61.12
CA ALA C 245 -9.31 -32.60 -61.20
C ALA C 245 -9.32 -34.04 -61.70
N ARG C 246 -10.48 -34.72 -61.67
CA ARG C 246 -10.51 -36.13 -62.07
C ARG C 246 -10.16 -36.33 -63.54
N ASN C 247 -10.36 -35.30 -64.37
CA ASN C 247 -9.99 -35.41 -65.78
C ASN C 247 -8.48 -35.57 -65.96
N LEU C 248 -7.69 -35.06 -65.02
CA LEU C 248 -6.25 -35.24 -65.11
C LEU C 248 -5.86 -36.71 -64.97
N LEU C 249 -6.65 -37.49 -64.24
CA LEU C 249 -6.37 -38.92 -64.09
C LEU C 249 -6.80 -39.72 -65.33
N ALA C 250 -7.81 -39.26 -66.06
CA ALA C 250 -8.27 -40.01 -67.22
C ALA C 250 -7.24 -39.98 -68.34
N TYR C 251 -6.71 -38.80 -68.64
CA TYR C 251 -5.71 -38.65 -69.69
C TYR C 251 -4.37 -39.17 -69.20
N LYS C 252 -3.74 -40.04 -69.99
CA LYS C 252 -2.60 -40.81 -69.49
C LYS C 252 -1.39 -39.91 -69.20
N GLN C 253 -1.19 -38.86 -69.99
CA GLN C 253 0.01 -38.05 -69.85
C GLN C 253 0.01 -37.21 -68.58
N THR C 254 -1.15 -37.00 -67.95
CA THR C 254 -1.30 -36.13 -66.79
C THR C 254 -1.61 -36.90 -65.50
N GLU C 255 -1.37 -38.21 -65.48
CA GLU C 255 -1.66 -38.99 -64.27
C GLU C 255 -0.79 -38.54 -63.10
N ASP C 256 0.48 -38.25 -63.36
CA ASP C 256 1.37 -37.77 -62.31
C ASP C 256 1.17 -36.30 -61.99
N LEU C 257 0.70 -35.50 -62.95
CA LEU C 257 0.47 -34.08 -62.70
C LEU C 257 -0.60 -33.86 -61.63
N TYR C 258 -1.53 -34.80 -61.48
CA TYR C 258 -2.57 -34.71 -60.47
C TYR C 258 -1.97 -34.64 -59.05
N HIS C 259 -1.04 -35.55 -58.77
CA HIS C 259 -0.38 -35.56 -57.46
C HIS C 259 0.44 -34.30 -57.26
N GLN C 260 1.19 -33.88 -58.30
CA GLN C 260 1.99 -32.68 -58.21
C GLN C 260 1.14 -31.44 -57.96
N LEU C 261 -0.08 -31.42 -58.48
CA LEU C 261 -0.99 -30.33 -58.19
C LEU C 261 -1.30 -30.29 -56.70
N LEU C 262 -1.63 -31.44 -56.12
CA LEU C 262 -1.95 -31.43 -54.69
C LEU C 262 -0.73 -31.07 -53.83
N ASN C 263 0.45 -31.54 -54.21
CA ASN C 263 1.63 -31.34 -53.36
C ASN C 263 2.26 -29.95 -53.53
N TYR C 264 2.13 -29.34 -54.71
CA TYR C 264 2.77 -28.05 -55.02
C TYR C 264 1.76 -27.14 -55.73
N PRO C 265 0.76 -26.62 -55.00
CA PRO C 265 -0.30 -25.86 -55.69
C PRO C 265 0.17 -24.53 -56.27
N GLN C 266 1.01 -23.78 -55.54
CA GLN C 266 1.31 -22.39 -55.91
C GLN C 266 2.00 -22.30 -57.26
N GLU C 267 2.97 -23.18 -57.51
CA GLU C 267 3.69 -23.17 -58.78
C GLU C 267 2.85 -23.75 -59.90
N VAL C 268 2.16 -24.87 -59.63
CA VAL C 268 1.44 -25.58 -60.67
C VAL C 268 0.28 -24.75 -61.20
N ILE C 269 -0.43 -24.05 -60.32
CA ILE C 269 -1.57 -23.25 -60.75
C ILE C 269 -1.09 -22.09 -61.63
N SER C 270 0.04 -21.48 -61.29
CA SER C 270 0.61 -20.43 -62.13
C SER C 270 0.99 -20.97 -63.51
N ILE C 271 1.59 -22.17 -63.54
CA ILE C 271 1.93 -22.81 -64.81
C ILE C 271 0.66 -22.99 -65.66
N MET C 272 -0.41 -23.46 -65.03
CA MET C 272 -1.67 -23.68 -65.76
C MET C 272 -2.24 -22.37 -66.30
N ASP C 273 -2.15 -21.29 -65.51
CA ASP C 273 -2.65 -19.99 -65.96
C ASP C 273 -1.90 -19.52 -67.21
N GLN C 274 -0.57 -19.53 -67.16
CA GLN C 274 0.18 -19.07 -68.32
C GLN C 274 -0.01 -19.98 -69.53
N THR C 275 -0.28 -21.27 -69.29
CA THR C 275 -0.62 -22.16 -70.39
C THR C 275 -1.93 -21.76 -71.06
N ILE C 276 -2.95 -21.47 -70.25
CA ILE C 276 -4.27 -21.14 -70.79
C ILE C 276 -4.20 -19.86 -71.62
N LYS C 277 -3.50 -18.84 -71.11
CA LYS C 277 -3.43 -17.58 -71.85
C LYS C 277 -2.72 -17.77 -73.20
N ASP C 278 -1.61 -18.53 -73.20
CA ASP C 278 -0.93 -18.78 -74.47
C ASP C 278 -1.80 -19.56 -75.45
N CYS C 279 -2.57 -20.53 -74.94
CA CYS C 279 -3.47 -21.28 -75.84
C CYS C 279 -4.54 -20.38 -76.45
N MET C 280 -5.08 -19.46 -75.64
CA MET C 280 -6.09 -18.53 -76.17
C MET C 280 -5.51 -17.65 -77.27
N VAL C 281 -4.27 -17.18 -77.10
CA VAL C 281 -3.63 -16.41 -78.17
C VAL C 281 -3.43 -17.28 -79.41
N SER C 282 -2.97 -18.52 -79.20
CA SER C 282 -2.65 -19.41 -80.31
C SER C 282 -3.88 -19.71 -81.15
N LEU C 283 -5.04 -19.79 -80.51
CA LEU C 283 -6.27 -20.07 -81.26
C LEU C 283 -6.56 -18.97 -82.28
N ILE C 284 -6.50 -17.71 -81.86
CA ILE C 284 -6.85 -16.64 -82.79
C ILE C 284 -5.78 -16.48 -83.86
N VAL C 285 -4.50 -16.61 -83.50
CA VAL C 285 -3.46 -16.39 -84.51
C VAL C 285 -3.38 -17.56 -85.49
N ASP C 286 -3.55 -18.79 -85.00
CA ASP C 286 -3.50 -19.95 -85.89
C ASP C 286 -4.73 -20.01 -86.79
N ASN C 287 -5.92 -19.90 -86.20
CA ASN C 287 -7.16 -19.86 -86.98
C ASN C 287 -7.38 -18.51 -87.65
N ASN C 288 -6.48 -17.53 -87.48
CA ASN C 288 -6.47 -16.21 -88.13
C ASN C 288 -7.84 -15.55 -88.10
N LEU C 289 -8.29 -15.27 -86.87
CA LEU C 289 -9.59 -14.67 -86.61
C LEU C 289 -9.44 -13.16 -86.43
N ASP C 290 -10.59 -12.48 -86.39
CA ASP C 290 -10.64 -11.02 -86.38
C ASP C 290 -10.39 -10.40 -85.00
N TYR C 291 -10.32 -11.20 -83.95
CA TYR C 291 -10.31 -10.66 -82.60
C TYR C 291 -9.00 -9.93 -82.29
N ASP C 292 -9.12 -8.87 -81.49
CA ASP C 292 -7.97 -8.03 -81.17
C ASP C 292 -6.96 -8.81 -80.33
N LEU C 293 -5.73 -8.91 -80.84
CA LEU C 293 -4.66 -9.56 -80.09
C LEU C 293 -4.32 -8.77 -78.83
N ASP C 294 -4.34 -7.44 -78.93
CA ASP C 294 -4.02 -6.59 -77.77
C ASP C 294 -4.99 -6.81 -76.63
N GLU C 295 -6.28 -6.98 -76.94
CA GLU C 295 -7.28 -7.22 -75.91
C GLU C 295 -6.98 -8.49 -75.14
N ILE C 296 -6.66 -9.58 -75.85
CA ILE C 296 -6.38 -10.84 -75.18
C ILE C 296 -5.08 -10.75 -74.39
N GLU C 297 -4.08 -10.05 -74.94
CA GLU C 297 -2.83 -9.89 -74.21
C GLU C 297 -3.04 -9.09 -72.93
N THR C 298 -3.97 -8.14 -72.93
CA THR C 298 -4.20 -7.31 -71.76
C THR C 298 -4.80 -8.11 -70.60
N LYS C 299 -5.70 -9.05 -70.91
CA LYS C 299 -6.48 -9.72 -69.88
C LYS C 299 -5.64 -10.71 -69.08
N PHE C 300 -6.11 -10.98 -67.86
CA PHE C 300 -5.61 -12.08 -67.04
C PHE C 300 -6.57 -13.26 -67.15
N TYR C 301 -6.01 -14.47 -67.19
CA TYR C 301 -6.78 -15.70 -67.22
C TYR C 301 -6.34 -16.59 -66.06
N LYS C 302 -7.31 -17.23 -65.41
CA LYS C 302 -7.10 -18.03 -64.20
C LYS C 302 -7.83 -19.36 -64.32
N VAL C 303 -7.18 -20.42 -63.85
CA VAL C 303 -7.80 -21.72 -63.64
C VAL C 303 -8.29 -21.79 -62.20
N ARG C 304 -9.32 -22.59 -61.97
CA ARG C 304 -9.92 -22.78 -60.65
C ARG C 304 -10.22 -24.25 -60.43
N PRO C 305 -9.27 -25.03 -59.89
CA PRO C 305 -9.53 -26.46 -59.74
C PRO C 305 -10.53 -26.75 -58.63
N TYR C 306 -11.24 -27.87 -58.77
CA TYR C 306 -12.22 -28.28 -57.77
C TYR C 306 -12.43 -29.80 -57.88
N ASN C 307 -13.26 -30.32 -56.98
CA ASN C 307 -13.49 -31.77 -56.85
C ASN C 307 -12.17 -32.52 -56.71
N VAL C 308 -11.32 -32.02 -55.82
CA VAL C 308 -9.95 -32.53 -55.75
C VAL C 308 -9.93 -33.93 -55.12
N GLY C 309 -10.78 -34.17 -54.12
CA GLY C 309 -10.74 -35.45 -53.43
C GLY C 309 -11.69 -35.47 -52.25
N SER C 310 -11.39 -36.36 -51.31
CA SER C 310 -12.24 -36.50 -50.13
C SER C 310 -12.17 -35.26 -49.25
N CYS C 311 -13.32 -34.89 -48.69
CA CYS C 311 -13.35 -33.76 -47.76
C CYS C 311 -12.67 -34.15 -46.45
N LYS C 312 -12.11 -33.14 -45.77
CA LYS C 312 -11.32 -33.32 -44.58
C LYS C 312 -11.97 -32.58 -43.41
N GLY C 313 -12.01 -33.24 -42.25
CA GLY C 313 -12.59 -32.61 -41.08
C GLY C 313 -11.78 -31.40 -40.66
N MET C 314 -12.49 -30.38 -40.15
CA MET C 314 -11.84 -29.13 -39.78
C MET C 314 -10.85 -29.33 -38.64
N ARG C 315 -11.20 -30.17 -37.67
CA ARG C 315 -10.33 -30.39 -36.52
C ARG C 315 -9.13 -31.28 -36.83
N GLU C 316 -9.17 -32.04 -37.93
CA GLU C 316 -8.16 -33.05 -38.23
C GLU C 316 -7.05 -32.55 -39.16
N LEU C 317 -7.04 -31.26 -39.51
CA LEU C 317 -5.91 -30.71 -40.24
C LEU C 317 -4.71 -30.61 -39.31
N ASN C 318 -3.56 -31.11 -39.77
CA ASN C 318 -2.35 -31.25 -38.99
C ASN C 318 -1.20 -30.45 -39.61
N PRO C 319 -0.11 -30.20 -38.88
CA PRO C 319 0.99 -29.41 -39.45
C PRO C 319 1.66 -30.03 -40.68
N ASN C 320 1.46 -31.31 -40.96
CA ASN C 320 2.00 -31.91 -42.19
C ASN C 320 1.14 -31.62 -43.41
N ASP C 321 0.03 -30.90 -43.27
CA ASP C 321 -0.82 -30.50 -44.39
C ASP C 321 -0.54 -29.09 -44.89
N ILE C 322 0.50 -28.42 -44.36
CA ILE C 322 0.73 -27.02 -44.69
C ILE C 322 1.13 -26.90 -46.15
N ASP C 323 0.52 -25.93 -46.84
CA ASP C 323 0.76 -25.59 -48.24
C ASP C 323 0.28 -26.65 -49.23
N LYS C 324 -0.52 -27.62 -48.78
CA LYS C 324 -1.20 -28.57 -49.67
C LYS C 324 -2.66 -28.17 -49.86
N LEU C 325 -3.25 -28.67 -50.93
CA LEU C 325 -4.65 -28.36 -51.24
C LEU C 325 -5.59 -29.12 -50.31
N ILE C 326 -6.69 -28.46 -49.96
CA ILE C 326 -7.64 -28.95 -48.95
C ILE C 326 -9.05 -28.70 -49.46
N ASN C 327 -9.99 -29.52 -48.99
CA ASN C 327 -11.41 -29.39 -49.31
C ASN C 327 -12.20 -29.42 -48.00
N LEU C 328 -13.11 -28.47 -47.84
CA LEU C 328 -13.89 -28.32 -46.61
C LEU C 328 -15.37 -28.12 -46.92
N LYS C 329 -16.21 -28.56 -46.00
CA LYS C 329 -17.64 -28.30 -46.00
C LYS C 329 -17.99 -27.51 -44.74
N GLY C 330 -18.98 -26.63 -44.84
CA GLY C 330 -19.37 -25.85 -43.69
C GLY C 330 -20.46 -24.85 -44.00
N LEU C 331 -20.72 -24.00 -43.00
CA LEU C 331 -21.78 -23.00 -43.03
C LEU C 331 -21.18 -21.63 -42.74
N VAL C 332 -21.66 -20.61 -43.44
CA VAL C 332 -21.07 -19.27 -43.40
C VAL C 332 -21.71 -18.48 -42.26
N LEU C 333 -20.89 -17.93 -41.39
CA LEU C 333 -21.36 -17.07 -40.30
C LEU C 333 -21.41 -15.60 -40.70
N ARG C 334 -20.28 -15.03 -41.12
CA ARG C 334 -20.23 -13.60 -41.41
C ARG C 334 -19.09 -13.31 -42.37
N SER C 335 -19.14 -12.11 -42.96
CA SER C 335 -18.14 -11.64 -43.91
C SER C 335 -17.79 -10.18 -43.59
N THR C 336 -16.49 -9.88 -43.56
CA THR C 336 -16.05 -8.51 -43.33
C THR C 336 -16.16 -7.70 -44.62
N PRO C 337 -16.19 -6.36 -44.54
CA PRO C 337 -16.19 -5.56 -45.75
C PRO C 337 -14.89 -5.68 -46.53
N VAL C 338 -14.97 -5.30 -47.81
CA VAL C 338 -13.83 -5.43 -48.70
C VAL C 338 -12.67 -4.55 -48.22
N ILE C 339 -11.47 -5.11 -48.25
CA ILE C 339 -10.24 -4.45 -47.79
C ILE C 339 -9.39 -4.16 -49.02
N PRO C 340 -8.84 -2.94 -49.18
CA PRO C 340 -7.95 -2.71 -50.32
C PRO C 340 -6.57 -3.29 -50.06
N ASP C 341 -6.02 -3.99 -51.06
CA ASP C 341 -4.72 -4.65 -50.98
C ASP C 341 -3.84 -4.13 -52.11
N MET C 342 -2.68 -3.57 -51.74
CA MET C 342 -1.79 -2.95 -52.71
C MET C 342 -1.10 -4.01 -53.56
N LYS C 343 -0.84 -3.65 -54.82
CA LYS C 343 -0.18 -4.54 -55.77
C LYS C 343 0.96 -3.87 -56.52
N VAL C 344 0.87 -2.56 -56.75
CA VAL C 344 1.89 -1.78 -57.46
C VAL C 344 2.07 -0.46 -56.73
N ALA C 345 3.32 -0.05 -56.55
CA ALA C 345 3.68 1.21 -55.93
C ALA C 345 4.08 2.24 -56.97
N PHE C 346 3.93 3.51 -56.63
CA PHE C 346 4.19 4.64 -57.53
C PHE C 346 5.06 5.64 -56.81
N PHE C 347 6.23 5.93 -57.37
CA PHE C 347 7.18 6.86 -56.80
C PHE C 347 7.32 8.09 -57.70
N LYS C 348 7.70 9.22 -57.08
CA LYS C 348 7.91 10.47 -57.78
C LYS C 348 9.09 11.19 -57.16
N CYS C 349 9.95 11.76 -58.00
CA CYS C 349 11.11 12.48 -57.51
C CYS C 349 10.68 13.85 -57.00
N ASN C 350 11.24 14.24 -55.85
CA ASN C 350 10.85 15.51 -55.24
C ASN C 350 11.43 16.70 -55.99
N VAL C 351 12.65 16.59 -56.48
CA VAL C 351 13.35 17.73 -57.08
C VAL C 351 13.14 17.80 -58.59
N CYS C 352 13.26 16.68 -59.30
CA CYS C 352 13.22 16.65 -60.76
C CYS C 352 11.97 16.01 -61.34
N ASP C 353 11.05 15.51 -60.51
CA ASP C 353 9.74 15.02 -60.94
C ASP C 353 9.83 13.81 -61.87
N HIS C 354 10.93 13.04 -61.79
CA HIS C 354 10.98 11.71 -62.39
C HIS C 354 10.11 10.74 -61.59
N THR C 355 9.48 9.80 -62.30
CA THR C 355 8.53 8.86 -61.73
C THR C 355 8.89 7.43 -62.11
N MET C 356 8.57 6.50 -61.22
CA MET C 356 8.81 5.07 -61.44
C MET C 356 7.69 4.26 -60.81
N ALA C 357 7.29 3.19 -61.49
CA ALA C 357 6.35 2.20 -60.97
C ALA C 357 7.12 0.95 -60.56
N VAL C 358 6.76 0.40 -59.40
CA VAL C 358 7.52 -0.67 -58.76
C VAL C 358 6.59 -1.81 -58.40
N GLU C 359 7.08 -3.04 -58.56
CA GLU C 359 6.30 -4.25 -58.31
C GLU C 359 6.41 -4.66 -56.85
N ILE C 360 5.27 -5.08 -56.28
CA ILE C 360 5.20 -5.57 -54.92
C ILE C 360 5.20 -7.09 -54.96
N ASP C 361 6.12 -7.71 -54.22
CA ASP C 361 6.13 -9.15 -54.01
C ASP C 361 6.57 -9.45 -52.60
N ARG C 362 5.94 -10.46 -51.99
CA ARG C 362 6.23 -10.87 -50.61
C ARG C 362 5.98 -9.74 -49.62
N GLY C 363 5.05 -8.83 -49.94
CA GLY C 363 4.59 -7.83 -49.00
C GLY C 363 5.52 -6.67 -48.76
N VAL C 364 6.67 -6.60 -49.45
CA VAL C 364 7.71 -5.60 -49.18
C VAL C 364 7.82 -4.68 -50.38
N ILE C 365 7.83 -3.38 -50.12
CA ILE C 365 8.03 -2.37 -51.16
C ILE C 365 9.54 -2.22 -51.36
N GLN C 366 9.98 -2.41 -52.61
CA GLN C 366 11.40 -2.31 -52.96
C GLN C 366 11.69 -0.88 -53.42
N GLU C 367 11.82 0.01 -52.44
CA GLU C 367 12.05 1.42 -52.72
C GLU C 367 13.44 1.62 -53.35
N PRO C 368 13.58 2.50 -54.34
CA PRO C 368 14.92 2.74 -54.89
C PRO C 368 15.82 3.47 -53.90
N ALA C 369 17.13 3.24 -54.03
CA ALA C 369 18.09 3.92 -53.18
C ALA C 369 18.30 5.38 -53.61
N ARG C 370 18.41 5.61 -54.91
CA ARG C 370 18.67 6.94 -55.46
C ARG C 370 17.78 7.15 -56.68
N CYS C 371 17.52 8.43 -56.98
CA CYS C 371 16.74 8.76 -58.17
C CYS C 371 17.49 8.30 -59.42
N GLU C 372 16.78 7.59 -60.29
CA GLU C 372 17.42 6.87 -61.39
C GLU C 372 17.66 7.72 -62.62
N ARG C 373 17.14 8.95 -62.66
CA ARG C 373 17.48 9.85 -63.76
C ARG C 373 18.97 10.14 -63.72
N ILE C 374 19.59 10.19 -64.91
CA ILE C 374 21.05 10.16 -65.00
C ILE C 374 21.66 11.40 -64.36
N ASP C 375 21.11 12.58 -64.70
CA ASP C 375 21.64 13.84 -64.18
C ASP C 375 21.13 14.18 -62.78
N CYS C 376 20.16 13.43 -62.24
CA CYS C 376 19.62 13.64 -60.90
C CYS C 376 19.90 12.43 -60.02
N ASN C 377 21.13 11.93 -60.05
CA ASN C 377 21.52 10.76 -59.25
C ASN C 377 21.81 11.23 -57.83
N GLU C 378 20.73 11.34 -57.04
CA GLU C 378 20.75 11.88 -55.68
C GLU C 378 20.13 10.89 -54.69
N PRO C 379 20.58 10.85 -53.43
CA PRO C 379 19.98 9.92 -52.46
C PRO C 379 18.72 10.48 -51.82
N ASN C 380 17.87 9.56 -51.36
CA ASN C 380 16.64 9.88 -50.62
C ASN C 380 15.71 10.79 -51.41
N SER C 381 15.74 10.70 -52.73
CA SER C 381 15.13 11.70 -53.58
C SER C 381 13.75 11.31 -54.10
N MET C 382 13.39 10.02 -54.04
CA MET C 382 12.07 9.55 -54.47
C MET C 382 11.12 9.52 -53.28
N SER C 383 9.83 9.53 -53.58
CA SER C 383 8.79 9.52 -52.55
C SER C 383 7.52 8.91 -53.11
N LEU C 384 6.76 8.27 -52.23
CA LEU C 384 5.57 7.52 -52.59
C LEU C 384 4.36 8.43 -52.69
N ILE C 385 3.48 8.15 -53.66
CA ILE C 385 2.22 8.85 -53.86
C ILE C 385 1.14 7.80 -53.69
N HIS C 386 0.32 7.93 -52.64
CA HIS C 386 -0.57 6.84 -52.24
C HIS C 386 -1.66 6.61 -53.28
N ASN C 387 -2.37 7.66 -53.66
CA ASN C 387 -3.60 7.51 -54.44
C ASN C 387 -3.36 7.27 -55.93
N ARG C 388 -2.09 7.20 -56.38
CA ARG C 388 -1.75 6.76 -57.72
C ARG C 388 -1.19 5.35 -57.77
N CYS C 389 -1.15 4.63 -56.65
CA CYS C 389 -0.84 3.21 -56.65
C CYS C 389 -2.00 2.43 -57.29
N SER C 390 -1.83 1.11 -57.37
CA SER C 390 -2.86 0.18 -57.84
C SER C 390 -3.12 -0.85 -56.75
N PHE C 391 -4.40 -1.15 -56.53
CA PHE C 391 -4.86 -1.99 -55.43
C PHE C 391 -5.72 -3.14 -55.95
N ALA C 392 -6.08 -4.03 -55.03
CA ALA C 392 -6.95 -5.16 -55.35
C ALA C 392 -7.78 -5.49 -54.12
N ASP C 393 -8.89 -6.18 -54.37
CA ASP C 393 -9.86 -6.48 -53.32
C ASP C 393 -9.47 -7.71 -52.52
N LYS C 394 -9.65 -7.63 -51.21
CA LYS C 394 -9.53 -8.77 -50.31
C LYS C 394 -10.71 -8.79 -49.37
N GLN C 395 -11.12 -9.99 -48.97
CA GLN C 395 -12.20 -10.17 -48.01
C GLN C 395 -11.94 -11.42 -47.20
N VAL C 396 -12.44 -11.44 -45.97
CA VAL C 396 -12.30 -12.54 -45.03
C VAL C 396 -13.68 -13.08 -44.70
N ILE C 397 -13.85 -14.39 -44.82
CA ILE C 397 -15.12 -15.07 -44.55
C ILE C 397 -14.90 -16.02 -43.38
N LYS C 398 -15.88 -16.08 -42.48
CA LYS C 398 -15.85 -16.92 -41.29
C LYS C 398 -16.72 -18.14 -41.54
N LEU C 399 -16.10 -19.31 -41.58
CA LEU C 399 -16.76 -20.58 -41.84
C LEU C 399 -16.85 -21.39 -40.56
N GLN C 400 -18.01 -22.01 -40.32
CA GLN C 400 -18.26 -22.78 -39.10
C GLN C 400 -18.38 -24.27 -39.43
N GLU C 401 -17.89 -25.08 -38.51
CA GLU C 401 -18.01 -26.53 -38.60
C GLU C 401 -19.48 -26.96 -38.66
N THR C 402 -19.80 -27.85 -39.60
CA THR C 402 -21.14 -28.41 -39.65
C THR C 402 -21.36 -29.35 -38.45
N PRO C 403 -22.61 -29.49 -37.97
CA PRO C 403 -22.82 -30.37 -36.79
C PRO C 403 -22.51 -31.84 -37.04
N ASP C 404 -22.39 -32.29 -38.29
CA ASP C 404 -22.20 -33.71 -38.55
C ASP C 404 -20.88 -34.24 -37.99
N PHE C 405 -19.89 -33.36 -37.79
CA PHE C 405 -18.52 -33.77 -37.43
C PHE C 405 -18.13 -33.47 -35.99
N VAL C 406 -18.99 -32.82 -35.21
CA VAL C 406 -18.55 -32.30 -33.91
C VAL C 406 -18.30 -33.48 -32.97
N PRO C 407 -17.28 -33.44 -32.10
CA PRO C 407 -17.10 -34.53 -31.14
C PRO C 407 -18.27 -34.61 -30.16
N ASP C 408 -18.36 -35.76 -29.50
CA ASP C 408 -19.41 -35.99 -28.53
C ASP C 408 -19.26 -35.04 -27.35
N GLY C 409 -20.37 -34.40 -26.98
CA GLY C 409 -20.36 -33.50 -25.82
C GLY C 409 -19.50 -32.27 -26.00
N GLN C 410 -19.51 -31.67 -27.19
CA GLN C 410 -18.72 -30.48 -27.48
C GLN C 410 -19.51 -29.58 -28.43
N THR C 411 -18.96 -28.38 -28.67
CA THR C 411 -19.56 -27.31 -29.45
C THR C 411 -18.75 -27.06 -30.73
N PRO C 412 -19.37 -26.68 -31.86
CA PRO C 412 -18.61 -26.58 -33.11
C PRO C 412 -17.58 -25.46 -33.10
N HIS C 413 -16.53 -25.65 -33.91
CA HIS C 413 -15.46 -24.70 -34.14
C HIS C 413 -15.64 -24.00 -35.48
N SER C 414 -14.74 -23.06 -35.78
CA SER C 414 -14.80 -22.27 -37.00
C SER C 414 -13.39 -22.00 -37.52
N ILE C 415 -13.31 -21.71 -38.83
CA ILE C 415 -12.05 -21.39 -39.50
C ILE C 415 -12.31 -20.23 -40.46
N SER C 416 -11.25 -19.48 -40.76
CA SER C 416 -11.32 -18.24 -41.53
C SER C 416 -10.77 -18.46 -42.93
N LEU C 417 -11.48 -17.93 -43.93
CA LEU C 417 -11.12 -18.05 -45.34
C LEU C 417 -10.79 -16.67 -45.89
N CYS C 418 -9.67 -16.57 -46.63
CA CYS C 418 -9.28 -15.37 -47.35
C CYS C 418 -9.60 -15.55 -48.83
N VAL C 419 -10.27 -14.56 -49.42
CA VAL C 419 -10.80 -14.66 -50.77
C VAL C 419 -10.55 -13.33 -51.48
N TYR C 420 -10.29 -13.39 -52.80
CA TYR C 420 -9.80 -12.25 -53.56
C TYR C 420 -10.56 -12.08 -54.87
N ASP C 421 -10.60 -10.84 -55.34
CA ASP C 421 -11.01 -10.46 -56.70
C ASP C 421 -12.41 -10.93 -57.06
N GLU C 422 -12.54 -11.99 -57.88
CA GLU C 422 -13.84 -12.37 -58.44
C GLU C 422 -14.81 -12.83 -57.35
N LEU C 423 -14.31 -13.62 -56.41
CA LEU C 423 -15.11 -14.34 -55.43
C LEU C 423 -15.41 -13.50 -54.18
N VAL C 424 -15.24 -12.18 -54.23
CA VAL C 424 -15.23 -11.37 -53.02
C VAL C 424 -16.61 -11.39 -52.34
N ASP C 425 -17.63 -10.91 -53.04
CA ASP C 425 -18.96 -10.69 -52.47
C ASP C 425 -19.93 -11.82 -52.79
N SER C 426 -19.44 -13.05 -52.94
CA SER C 426 -20.30 -14.13 -53.42
C SER C 426 -21.30 -14.59 -52.36
N CYS C 427 -20.90 -14.62 -51.09
CA CYS C 427 -21.55 -15.42 -50.07
C CYS C 427 -22.08 -14.56 -48.94
N ARG C 428 -23.23 -14.97 -48.40
CA ARG C 428 -23.94 -14.27 -47.34
C ARG C 428 -24.01 -15.13 -46.09
N ALA C 429 -24.42 -14.50 -44.99
CA ALA C 429 -24.63 -15.22 -43.74
C ALA C 429 -25.71 -16.28 -43.90
N GLY C 430 -25.45 -17.45 -43.32
CA GLY C 430 -26.38 -18.57 -43.39
C GLY C 430 -26.22 -19.46 -44.61
N ASP C 431 -25.34 -19.12 -45.55
CA ASP C 431 -25.10 -19.98 -46.70
C ASP C 431 -24.36 -21.25 -46.30
N ARG C 432 -24.57 -22.29 -47.09
CA ARG C 432 -23.93 -23.59 -46.90
C ARG C 432 -23.15 -23.90 -48.17
N ILE C 433 -21.84 -24.12 -48.03
CA ILE C 433 -20.91 -24.15 -49.17
C ILE C 433 -19.89 -25.27 -48.98
N GLU C 434 -19.17 -25.55 -50.07
CA GLU C 434 -17.98 -26.37 -50.07
C GLU C 434 -16.89 -25.60 -50.82
N VAL C 435 -15.67 -25.62 -50.30
CA VAL C 435 -14.58 -24.79 -50.79
C VAL C 435 -13.37 -25.66 -51.09
N THR C 436 -12.37 -25.03 -51.72
CA THR C 436 -11.13 -25.68 -52.12
C THR C 436 -10.03 -24.64 -52.05
N GLY C 437 -8.96 -24.93 -51.32
CA GLY C 437 -7.91 -23.94 -51.21
C GLY C 437 -6.70 -24.47 -50.46
N THR C 438 -5.61 -23.71 -50.59
CA THR C 438 -4.38 -24.03 -49.89
C THR C 438 -4.51 -23.71 -48.41
N PHE C 439 -4.00 -24.61 -47.57
CA PHE C 439 -4.00 -24.44 -46.12
C PHE C 439 -2.66 -23.85 -45.72
N ARG C 440 -2.67 -22.58 -45.30
CA ARG C 440 -1.47 -21.79 -45.07
C ARG C 440 -1.25 -21.56 -43.57
N SER C 441 -0.04 -21.10 -43.25
CA SER C 441 0.29 -20.67 -41.90
C SER C 441 1.31 -19.54 -41.99
N ILE C 442 1.26 -18.64 -41.02
CA ILE C 442 2.14 -17.46 -41.00
C ILE C 442 2.49 -17.09 -39.56
N PRO C 443 3.57 -16.35 -39.32
CA PRO C 443 3.86 -15.87 -37.96
C PRO C 443 3.05 -14.62 -37.63
N ILE C 444 3.16 -14.20 -36.36
CA ILE C 444 2.57 -12.96 -35.89
C ILE C 444 3.54 -12.30 -34.92
N ARG C 445 3.59 -10.97 -34.96
CA ARG C 445 4.57 -10.22 -34.18
C ARG C 445 4.18 -10.14 -32.71
N ALA C 446 5.19 -10.00 -31.85
CA ALA C 446 4.95 -9.77 -30.43
C ALA C 446 4.50 -8.34 -30.17
N ASN C 447 5.10 -7.37 -30.86
CA ASN C 447 4.73 -5.98 -30.75
C ASN C 447 4.93 -5.29 -32.09
N SER C 448 4.26 -4.16 -32.27
CA SER C 448 4.32 -3.41 -33.51
C SER C 448 5.61 -2.62 -33.69
N ARG C 449 6.46 -2.55 -32.66
CA ARG C 449 7.69 -1.76 -32.75
C ARG C 449 8.83 -2.52 -33.42
N GLN C 450 8.90 -3.84 -33.23
CA GLN C 450 10.10 -4.62 -33.50
C GLN C 450 9.74 -5.87 -34.29
N ARG C 451 10.79 -6.53 -34.79
CA ARG C 451 10.69 -7.73 -35.61
C ARG C 451 10.52 -9.01 -34.80
N VAL C 452 10.25 -8.92 -33.50
CA VAL C 452 10.18 -10.11 -32.66
C VAL C 452 8.90 -10.87 -32.99
N LEU C 453 9.03 -12.14 -33.33
CA LEU C 453 7.92 -13.01 -33.67
C LEU C 453 7.64 -13.99 -32.53
N LYS C 454 6.40 -14.48 -32.49
CA LYS C 454 5.99 -15.49 -31.54
C LYS C 454 6.19 -16.88 -32.13
N SER C 455 6.31 -17.88 -31.24
CA SER C 455 6.58 -19.23 -31.68
C SER C 455 5.35 -19.87 -32.33
N LEU C 456 4.17 -19.64 -31.77
CA LEU C 456 2.94 -20.15 -32.38
C LEU C 456 2.65 -19.40 -33.66
N TYR C 457 2.12 -20.13 -34.65
CA TYR C 457 1.79 -19.61 -35.97
C TYR C 457 0.28 -19.59 -36.18
N LYS C 458 -0.19 -18.50 -36.77
CA LYS C 458 -1.57 -18.44 -37.24
C LYS C 458 -1.74 -19.37 -38.44
N THR C 459 -2.99 -19.81 -38.65
CA THR C 459 -3.34 -20.65 -39.79
C THR C 459 -4.63 -20.15 -40.40
N TYR C 460 -4.78 -20.34 -41.70
CA TYR C 460 -5.99 -19.97 -42.42
C TYR C 460 -6.02 -20.74 -43.74
N VAL C 461 -7.07 -20.50 -44.52
CA VAL C 461 -7.28 -21.14 -45.82
C VAL C 461 -7.33 -20.07 -46.89
N ASP C 462 -6.74 -20.36 -48.04
CA ASP C 462 -6.63 -19.44 -49.18
C ASP C 462 -7.43 -20.06 -50.33
N VAL C 463 -8.71 -19.71 -50.42
CA VAL C 463 -9.62 -20.38 -51.34
C VAL C 463 -9.29 -20.01 -52.78
N VAL C 464 -9.49 -20.98 -53.68
CA VAL C 464 -9.42 -20.79 -55.12
C VAL C 464 -10.71 -21.20 -55.82
N HIS C 465 -11.71 -21.71 -55.09
CA HIS C 465 -12.98 -22.09 -55.69
C HIS C 465 -14.00 -22.28 -54.59
N VAL C 466 -15.25 -21.96 -54.90
CA VAL C 466 -16.37 -22.09 -53.97
C VAL C 466 -17.53 -22.74 -54.72
N LYS C 467 -18.24 -23.63 -54.04
CA LYS C 467 -19.35 -24.37 -54.62
C LYS C 467 -20.48 -24.45 -53.61
N LYS C 468 -21.71 -24.31 -54.11
CA LYS C 468 -22.89 -24.52 -53.29
C LYS C 468 -23.20 -26.00 -53.20
N VAL C 469 -23.60 -26.45 -52.02
CA VAL C 469 -23.87 -27.87 -51.81
C VAL C 469 -25.10 -28.30 -52.60
N ILE C 501 -32.51 -26.20 -67.35
CA ILE C 501 -31.11 -26.09 -67.73
C ILE C 501 -30.92 -26.75 -69.09
N THR C 502 -30.85 -28.08 -69.11
CA THR C 502 -30.79 -28.82 -70.36
C THR C 502 -32.20 -29.03 -70.91
N ASP C 503 -32.27 -29.29 -72.22
CA ASP C 503 -33.56 -29.53 -72.85
C ASP C 503 -34.19 -30.83 -72.35
N GLN C 504 -33.36 -31.80 -71.95
CA GLN C 504 -33.90 -33.03 -71.38
C GLN C 504 -34.61 -32.76 -70.05
N ASP C 505 -34.07 -31.85 -69.25
CA ASP C 505 -34.73 -31.48 -68.00
C ASP C 505 -36.09 -30.84 -68.27
N LEU C 506 -36.16 -29.95 -69.26
CA LEU C 506 -37.42 -29.32 -69.61
C LEU C 506 -38.42 -30.35 -70.14
N ALA C 507 -37.94 -31.30 -70.94
CA ALA C 507 -38.82 -32.36 -71.44
C ALA C 507 -39.36 -33.21 -70.31
N LYS C 508 -38.51 -33.56 -69.35
CA LYS C 508 -38.96 -34.34 -68.19
C LYS C 508 -39.98 -33.55 -67.36
N ILE C 509 -39.72 -32.26 -67.15
CA ILE C 509 -40.63 -31.45 -66.35
C ILE C 509 -41.98 -31.31 -67.03
N ARG C 510 -41.98 -31.03 -68.34
CA ARG C 510 -43.24 -30.89 -69.06
C ARG C 510 -43.99 -32.21 -69.13
N GLU C 511 -43.27 -33.32 -69.29
CA GLU C 511 -43.93 -34.63 -69.35
C GLU C 511 -44.55 -35.00 -68.00
N VAL C 512 -43.85 -34.72 -66.91
CA VAL C 512 -44.37 -35.02 -65.58
C VAL C 512 -45.59 -34.16 -65.29
N ALA C 513 -45.57 -32.89 -65.71
CA ALA C 513 -46.68 -32.00 -65.47
C ALA C 513 -47.97 -32.44 -66.13
N ALA C 514 -47.88 -33.28 -67.17
CA ALA C 514 -49.07 -33.77 -67.88
C ALA C 514 -49.74 -34.95 -67.19
N ARG C 515 -49.14 -35.52 -66.14
CA ARG C 515 -49.74 -36.67 -65.48
C ARG C 515 -51.03 -36.29 -64.78
N GLU C 516 -51.98 -37.24 -64.76
CA GLU C 516 -53.27 -37.00 -64.13
C GLU C 516 -53.15 -36.97 -62.62
N ASP C 517 -52.34 -37.86 -62.04
CA ASP C 517 -52.16 -37.97 -60.60
C ASP C 517 -51.04 -37.07 -60.07
N LEU C 518 -50.82 -35.93 -60.72
CA LEU C 518 -49.70 -35.06 -60.37
C LEU C 518 -49.83 -34.52 -58.95
N TYR C 519 -51.02 -34.05 -58.58
CA TYR C 519 -51.21 -33.39 -57.28
C TYR C 519 -50.96 -34.36 -56.13
N SER C 520 -51.47 -35.58 -56.24
CA SER C 520 -51.22 -36.58 -55.20
C SER C 520 -49.77 -37.07 -55.24
N LEU C 521 -49.20 -37.19 -56.45
CA LEU C 521 -47.83 -37.65 -56.60
C LEU C 521 -46.85 -36.72 -55.89
N LEU C 522 -46.97 -35.42 -56.15
CA LEU C 522 -46.07 -34.46 -55.51
C LEU C 522 -46.26 -34.44 -53.99
N ALA C 523 -47.50 -34.49 -53.54
CA ALA C 523 -47.78 -34.36 -52.10
C ALA C 523 -47.20 -35.53 -51.32
N ARG C 524 -47.45 -36.76 -51.77
CA ARG C 524 -46.95 -37.93 -51.07
C ARG C 524 -45.43 -38.09 -51.19
N SER C 525 -44.77 -37.34 -52.06
CA SER C 525 -43.33 -37.49 -52.31
C SER C 525 -42.46 -36.54 -51.49
N ILE C 526 -43.03 -35.54 -50.83
CA ILE C 526 -42.19 -34.62 -50.05
C ILE C 526 -41.68 -35.31 -48.79
N ALA C 527 -42.46 -36.25 -48.24
CA ALA C 527 -42.11 -36.96 -47.01
C ALA C 527 -42.52 -38.42 -47.20
N PRO C 528 -41.74 -39.21 -47.95
CA PRO C 528 -42.21 -40.55 -48.35
C PRO C 528 -42.54 -41.49 -47.20
N SER C 529 -41.74 -41.52 -46.12
CA SER C 529 -41.91 -42.54 -45.10
C SER C 529 -43.05 -42.25 -44.14
N ILE C 530 -43.67 -41.07 -44.19
CA ILE C 530 -44.75 -40.72 -43.28
C ILE C 530 -46.07 -41.25 -43.83
N TYR C 531 -46.85 -41.88 -42.96
CA TYR C 531 -48.07 -42.58 -43.34
C TYR C 531 -49.26 -41.62 -43.34
N GLU C 532 -49.99 -41.59 -44.46
CA GLU C 532 -51.22 -40.81 -44.66
C GLU C 532 -50.94 -39.34 -44.32
N LEU C 533 -51.80 -38.64 -43.57
CA LEU C 533 -51.71 -37.19 -43.37
C LEU C 533 -51.61 -36.46 -44.71
N GLU C 534 -52.49 -36.84 -45.64
CA GLU C 534 -52.39 -36.33 -47.01
C GLU C 534 -52.66 -34.83 -47.08
N ASP C 535 -53.66 -34.35 -46.35
CA ASP C 535 -54.03 -32.94 -46.42
C ASP C 535 -52.90 -32.05 -45.89
N VAL C 536 -52.23 -32.50 -44.84
CA VAL C 536 -51.09 -31.75 -44.30
C VAL C 536 -49.98 -31.64 -45.34
N LYS C 537 -49.71 -32.75 -46.04
CA LYS C 537 -48.70 -32.76 -47.08
C LYS C 537 -49.09 -31.82 -48.23
N LYS C 538 -50.37 -31.82 -48.61
CA LYS C 538 -50.82 -30.94 -49.69
C LYS C 538 -50.63 -29.47 -49.31
N GLY C 539 -51.03 -29.10 -48.09
CA GLY C 539 -50.84 -27.74 -47.64
C GLY C 539 -49.38 -27.34 -47.59
N ILE C 540 -48.52 -28.25 -47.16
CA ILE C 540 -47.09 -27.94 -47.10
C ILE C 540 -46.52 -27.76 -48.50
N LEU C 541 -46.98 -28.57 -49.46
CA LEU C 541 -46.58 -28.41 -50.85
C LEU C 541 -46.97 -27.03 -51.38
N LEU C 542 -48.22 -26.62 -51.11
CA LEU C 542 -48.65 -25.32 -51.58
C LEU C 542 -47.90 -24.19 -50.89
N GLN C 543 -47.46 -24.40 -49.64
CA GLN C 543 -46.54 -23.43 -49.03
C GLN C 543 -45.23 -23.37 -49.80
N LEU C 544 -44.71 -24.53 -50.19
CA LEU C 544 -43.42 -24.56 -50.90
C LEU C 544 -43.50 -23.80 -52.21
N PHE C 545 -44.58 -23.98 -52.96
CA PHE C 545 -44.72 -23.23 -54.21
C PHE C 545 -44.92 -21.74 -53.95
N GLY C 546 -45.85 -21.40 -53.07
CA GLY C 546 -46.11 -20.01 -52.75
C GLY C 546 -46.97 -19.32 -53.80
N GLY C 547 -47.40 -18.10 -53.47
CA GLY C 547 -48.20 -17.29 -54.36
C GLY C 547 -47.36 -16.51 -55.35
N THR C 548 -47.89 -15.34 -55.76
CA THR C 548 -47.18 -14.40 -56.62
C THR C 548 -46.94 -13.11 -55.85
N ASN C 549 -45.73 -12.55 -55.99
CA ASN C 549 -45.38 -11.29 -55.35
C ASN C 549 -45.91 -10.12 -56.19
N LYS C 550 -46.69 -9.24 -55.57
CA LYS C 550 -47.30 -8.08 -56.24
C LYS C 550 -46.74 -6.79 -55.66
N THR C 551 -46.33 -5.88 -56.54
CA THR C 551 -45.91 -4.52 -56.15
C THR C 551 -46.58 -3.51 -57.08
N PHE C 552 -47.11 -2.43 -56.50
CA PHE C 552 -47.78 -1.36 -57.24
C PHE C 552 -46.88 -0.13 -57.32
N THR C 553 -47.20 0.79 -58.23
CA THR C 553 -46.54 2.11 -58.21
C THR C 553 -46.96 2.91 -56.99
N LYS C 554 -48.18 2.71 -56.50
CA LYS C 554 -48.67 3.29 -55.26
C LYS C 554 -49.71 2.34 -54.66
N GLY C 555 -49.79 2.33 -53.33
CA GLY C 555 -50.66 1.42 -52.60
C GLY C 555 -49.99 0.18 -52.03
N GLY C 556 -48.68 0.03 -52.24
CA GLY C 556 -47.87 -0.93 -51.51
C GLY C 556 -47.58 -2.23 -52.25
N ARG C 557 -47.14 -3.23 -51.46
CA ARG C 557 -46.76 -4.55 -51.96
C ARG C 557 -47.43 -5.62 -51.10
N TYR C 558 -47.72 -6.77 -51.72
CA TYR C 558 -48.59 -7.79 -51.15
C TYR C 558 -47.87 -9.13 -51.19
N ARG C 559 -47.86 -9.81 -50.04
CA ARG C 559 -46.99 -10.97 -49.85
C ARG C 559 -47.49 -12.16 -50.65
N GLY C 560 -46.54 -12.95 -51.17
CA GLY C 560 -46.82 -14.24 -51.76
C GLY C 560 -46.70 -15.43 -50.83
N ASP C 561 -46.17 -15.23 -49.62
CA ASP C 561 -45.82 -16.33 -48.74
C ASP C 561 -47.02 -16.80 -47.92
N ILE C 562 -46.99 -18.09 -47.58
CA ILE C 562 -48.06 -18.75 -46.84
C ILE C 562 -47.51 -19.13 -45.46
N ASN C 563 -48.32 -18.92 -44.43
CA ASN C 563 -48.01 -19.33 -43.07
C ASN C 563 -48.96 -20.45 -42.66
N ILE C 564 -48.42 -21.47 -42.00
CA ILE C 564 -49.17 -22.67 -41.62
C ILE C 564 -48.91 -22.93 -40.15
N LEU C 565 -49.94 -23.43 -39.48
CA LEU C 565 -49.88 -23.87 -38.08
C LEU C 565 -50.41 -25.29 -38.00
N LEU C 566 -49.64 -26.17 -37.35
CA LEU C 566 -50.04 -27.53 -37.05
C LEU C 566 -50.29 -27.62 -35.56
N CYS C 567 -51.50 -28.05 -35.18
CA CYS C 567 -51.90 -28.14 -33.79
C CYS C 567 -52.65 -29.44 -33.58
N GLY C 568 -52.39 -30.11 -32.46
CA GLY C 568 -53.09 -31.35 -32.19
C GLY C 568 -52.42 -32.15 -31.08
N ASP C 569 -52.81 -33.43 -31.03
CA ASP C 569 -52.43 -34.32 -29.94
C ASP C 569 -50.96 -34.69 -30.02
N PRO C 570 -50.37 -35.22 -28.94
CA PRO C 570 -48.99 -35.71 -29.01
C PRO C 570 -48.91 -37.03 -29.78
N SER C 571 -47.67 -37.39 -30.11
CA SER C 571 -47.32 -38.58 -30.86
C SER C 571 -47.85 -38.59 -32.30
N THR C 572 -48.35 -37.46 -32.80
CA THR C 572 -48.98 -37.41 -34.13
C THR C 572 -48.00 -37.12 -35.26
N SER C 573 -46.69 -37.03 -34.98
CA SER C 573 -45.64 -36.94 -36.00
C SER C 573 -45.56 -35.57 -36.67
N LYS C 574 -45.85 -34.50 -35.94
CA LYS C 574 -45.70 -33.15 -36.48
C LYS C 574 -44.24 -32.79 -36.70
N SER C 575 -43.40 -33.05 -35.70
CA SER C 575 -42.00 -32.64 -35.76
C SER C 575 -41.25 -33.38 -36.86
N GLN C 576 -41.58 -34.65 -37.09
CA GLN C 576 -40.96 -35.40 -38.19
C GLN C 576 -41.22 -34.71 -39.53
N ILE C 577 -42.44 -34.20 -39.72
CA ILE C 577 -42.75 -33.46 -40.93
C ILE C 577 -41.94 -32.17 -40.99
N LEU C 578 -41.75 -31.52 -39.83
CA LEU C 578 -40.91 -30.33 -39.83
C LEU C 578 -39.47 -30.65 -40.23
N GLN C 579 -38.97 -31.84 -39.89
CA GLN C 579 -37.64 -32.23 -40.35
C GLN C 579 -37.58 -32.28 -41.87
N TYR C 580 -38.58 -32.91 -42.48
CA TYR C 580 -38.61 -32.98 -43.95
C TYR C 580 -38.63 -31.59 -44.57
N VAL C 581 -39.46 -30.70 -44.03
CA VAL C 581 -39.55 -29.35 -44.61
C VAL C 581 -38.24 -28.59 -44.40
N HIS C 582 -37.58 -28.80 -43.27
CA HIS C 582 -36.32 -28.12 -43.02
C HIS C 582 -35.26 -28.56 -44.03
N LYS C 583 -35.23 -29.85 -44.38
CA LYS C 583 -34.19 -30.32 -45.28
C LYS C 583 -34.52 -30.08 -46.76
N ILE C 584 -35.80 -29.99 -47.13
CA ILE C 584 -36.14 -29.79 -48.54
C ILE C 584 -35.81 -28.37 -48.98
N THR C 585 -36.12 -27.38 -48.15
CA THR C 585 -36.06 -25.98 -48.60
C THR C 585 -34.62 -25.56 -48.90
N PRO C 586 -34.40 -24.73 -49.94
CA PRO C 586 -33.01 -24.25 -50.16
C PRO C 586 -32.44 -23.43 -49.02
N ARG C 587 -33.26 -22.58 -48.41
CA ARG C 587 -32.88 -21.73 -47.29
C ARG C 587 -33.93 -21.86 -46.21
N GLY C 588 -33.50 -21.90 -44.95
CA GLY C 588 -34.43 -22.01 -43.85
C GLY C 588 -33.74 -22.35 -42.56
N VAL C 589 -34.54 -22.35 -41.49
CA VAL C 589 -34.07 -22.55 -40.13
C VAL C 589 -35.08 -23.40 -39.39
N TYR C 590 -34.58 -24.24 -38.48
CA TYR C 590 -35.38 -24.96 -37.50
C TYR C 590 -35.00 -24.47 -36.11
N THR C 591 -36.00 -24.26 -35.26
CA THR C 591 -35.76 -23.78 -33.90
C THR C 591 -36.91 -24.22 -33.01
N SER C 592 -36.76 -23.97 -31.71
CA SER C 592 -37.69 -24.41 -30.68
C SER C 592 -38.21 -23.20 -29.90
N GLY C 593 -39.33 -23.40 -29.22
CA GLY C 593 -39.95 -22.31 -28.48
C GLY C 593 -39.10 -21.83 -27.32
N LYS C 594 -38.62 -22.76 -26.49
CA LYS C 594 -37.82 -22.38 -25.33
C LYS C 594 -36.41 -21.94 -25.69
N GLY C 595 -35.95 -22.20 -26.91
CA GLY C 595 -34.62 -21.81 -27.34
C GLY C 595 -34.51 -20.42 -27.95
N SER C 596 -35.62 -19.70 -28.08
CA SER C 596 -35.68 -18.46 -28.86
C SER C 596 -36.02 -17.28 -27.95
N SER C 597 -35.26 -16.20 -28.11
CA SER C 597 -35.56 -14.90 -27.52
C SER C 597 -36.07 -13.96 -28.60
N ALA C 598 -36.59 -12.81 -28.16
CA ALA C 598 -37.06 -11.81 -29.11
C ALA C 598 -35.92 -11.28 -29.97
N VAL C 599 -34.77 -11.01 -29.36
CA VAL C 599 -33.62 -10.49 -30.10
C VAL C 599 -33.11 -11.55 -31.08
N GLY C 600 -32.95 -12.78 -30.60
CA GLY C 600 -32.39 -13.82 -31.45
C GLY C 600 -33.24 -14.14 -32.65
N LEU C 601 -34.57 -13.97 -32.53
CA LEU C 601 -35.46 -14.32 -33.62
C LEU C 601 -35.43 -13.30 -34.74
N THR C 602 -35.12 -12.02 -34.45
CA THR C 602 -35.15 -10.95 -35.45
C THR C 602 -33.78 -10.34 -35.73
N ALA C 603 -33.14 -9.71 -34.73
CA ALA C 603 -31.92 -8.94 -34.98
C ALA C 603 -31.36 -8.46 -33.66
N TYR C 604 -30.06 -8.16 -33.66
CA TYR C 604 -29.27 -8.06 -32.44
C TYR C 604 -28.28 -6.91 -32.54
N ILE C 605 -28.33 -5.99 -31.57
CA ILE C 605 -27.39 -4.88 -31.50
C ILE C 605 -26.10 -5.39 -30.86
N THR C 606 -24.97 -5.12 -31.52
CA THR C 606 -23.67 -5.61 -31.05
C THR C 606 -22.55 -4.63 -31.38
N LEU C 614 -20.46 0.06 -33.02
CA LEU C 614 -21.88 -0.28 -32.96
C LEU C 614 -22.34 -0.85 -34.28
N VAL C 615 -22.78 -2.11 -34.26
CA VAL C 615 -23.11 -2.87 -35.46
C VAL C 615 -24.39 -3.67 -35.19
N LEU C 616 -25.18 -3.87 -36.23
CA LEU C 616 -26.38 -4.68 -36.18
C LEU C 616 -26.08 -6.08 -36.72
N GLU C 617 -26.79 -7.08 -36.20
CA GLU C 617 -26.56 -8.48 -36.53
C GLU C 617 -27.89 -9.18 -36.72
N SER C 618 -27.88 -10.21 -37.56
CA SER C 618 -29.11 -10.85 -38.04
C SER C 618 -29.57 -11.96 -37.11
N GLY C 619 -30.89 -12.16 -37.06
CA GLY C 619 -31.51 -13.25 -36.35
C GLY C 619 -32.04 -14.31 -37.28
N ALA C 620 -32.87 -15.19 -36.71
CA ALA C 620 -33.34 -16.37 -37.46
C ALA C 620 -34.23 -15.96 -38.63
N LEU C 621 -35.22 -15.10 -38.39
CA LEU C 621 -36.14 -14.71 -39.44
C LEU C 621 -35.46 -13.92 -40.55
N VAL C 622 -34.34 -13.27 -40.27
CA VAL C 622 -33.60 -12.55 -41.29
C VAL C 622 -32.74 -13.50 -42.10
N LEU C 623 -32.10 -14.47 -41.43
CA LEU C 623 -31.34 -15.50 -42.16
C LEU C 623 -32.24 -16.34 -43.04
N SER C 624 -33.50 -16.54 -42.64
CA SER C 624 -34.46 -17.34 -43.38
C SER C 624 -35.16 -16.58 -44.50
N ASP C 625 -34.64 -15.43 -44.91
CA ASP C 625 -35.32 -14.61 -45.91
C ASP C 625 -35.44 -15.35 -47.23
N GLY C 626 -36.66 -15.35 -47.78
CA GLY C 626 -36.94 -16.09 -48.99
C GLY C 626 -37.09 -17.59 -48.82
N GLY C 627 -37.05 -18.09 -47.60
CA GLY C 627 -37.16 -19.52 -47.31
C GLY C 627 -38.32 -19.85 -46.40
N VAL C 628 -38.18 -20.92 -45.62
CA VAL C 628 -39.19 -21.36 -44.67
C VAL C 628 -38.54 -21.47 -43.29
N CYS C 629 -39.19 -20.87 -42.29
CA CYS C 629 -38.70 -20.87 -40.91
C CYS C 629 -39.59 -21.81 -40.10
N CYS C 630 -39.00 -22.92 -39.63
CA CYS C 630 -39.72 -23.91 -38.86
C CYS C 630 -39.57 -23.62 -37.37
N ILE C 631 -40.70 -23.52 -36.66
CA ILE C 631 -40.73 -23.24 -35.23
C ILE C 631 -41.50 -24.39 -34.58
N ASP C 632 -40.87 -25.06 -33.63
CA ASP C 632 -41.44 -26.20 -32.92
C ASP C 632 -41.63 -25.82 -31.45
N GLU C 633 -42.57 -26.50 -30.80
CA GLU C 633 -42.98 -26.17 -29.43
C GLU C 633 -43.41 -24.70 -29.36
N PHE C 634 -44.24 -24.31 -30.33
CA PHE C 634 -44.70 -22.93 -30.44
C PHE C 634 -45.46 -22.48 -29.20
N ASP C 635 -46.14 -23.41 -28.53
CA ASP C 635 -46.95 -23.07 -27.36
C ASP C 635 -46.14 -22.79 -26.11
N LYS C 636 -44.83 -23.04 -26.12
CA LYS C 636 -44.01 -22.85 -24.93
C LYS C 636 -43.46 -21.44 -24.79
N MET C 637 -43.20 -20.75 -25.92
CA MET C 637 -42.65 -19.41 -25.85
C MET C 637 -43.69 -18.42 -25.32
N SER C 638 -43.19 -17.39 -24.64
CA SER C 638 -44.03 -16.46 -23.91
C SER C 638 -44.77 -15.51 -24.85
N ASP C 639 -45.76 -14.81 -24.29
CA ASP C 639 -46.47 -13.79 -25.06
C ASP C 639 -45.55 -12.65 -25.48
N SER C 640 -44.52 -12.36 -24.69
CA SER C 640 -43.57 -11.30 -25.05
C SER C 640 -42.83 -11.67 -26.34
N THR C 641 -42.34 -12.89 -26.42
CA THR C 641 -41.60 -13.33 -27.61
C THR C 641 -42.53 -13.45 -28.81
N ARG C 642 -43.73 -14.00 -28.60
CA ARG C 642 -44.65 -14.20 -29.71
C ARG C 642 -45.19 -12.89 -30.29
N SER C 643 -45.21 -11.82 -29.49
CA SER C 643 -45.68 -10.53 -29.99
C SER C 643 -44.79 -9.97 -31.08
N VAL C 644 -43.53 -10.40 -31.15
CA VAL C 644 -42.63 -9.95 -32.22
C VAL C 644 -43.14 -10.39 -33.59
N LEU C 645 -43.82 -11.53 -33.67
CA LEU C 645 -44.18 -12.12 -34.96
C LEU C 645 -45.32 -11.39 -35.67
N HIS C 646 -46.02 -10.47 -35.00
CA HIS C 646 -47.13 -9.78 -35.64
C HIS C 646 -46.66 -8.98 -36.85
N GLU C 647 -45.68 -8.09 -36.64
CA GLU C 647 -45.23 -7.18 -37.67
C GLU C 647 -44.58 -7.94 -38.82
N VAL C 648 -43.76 -8.94 -38.49
CA VAL C 648 -43.01 -9.66 -39.53
C VAL C 648 -43.96 -10.49 -40.37
N MET C 649 -44.97 -11.11 -39.75
CA MET C 649 -45.93 -11.90 -40.51
C MET C 649 -46.81 -11.02 -41.39
N GLU C 650 -47.29 -9.89 -40.85
CA GLU C 650 -48.20 -9.05 -41.61
C GLU C 650 -47.48 -8.34 -42.76
N GLN C 651 -46.42 -7.61 -42.44
CA GLN C 651 -45.77 -6.72 -43.40
C GLN C 651 -44.57 -7.33 -44.11
N GLN C 652 -43.98 -8.39 -43.55
CA GLN C 652 -42.72 -8.95 -44.06
C GLN C 652 -41.60 -7.93 -43.99
N THR C 653 -41.59 -7.12 -42.93
CA THR C 653 -40.51 -6.17 -42.66
C THR C 653 -40.27 -6.12 -41.15
N ILE C 654 -39.06 -5.70 -40.78
CA ILE C 654 -38.63 -5.61 -39.39
C ILE C 654 -38.16 -4.18 -39.16
N SER C 655 -38.87 -3.43 -38.34
CA SER C 655 -38.51 -2.07 -37.98
C SER C 655 -37.82 -2.07 -36.62
N ILE C 656 -36.72 -1.31 -36.53
CA ILE C 656 -35.87 -1.25 -35.35
C ILE C 656 -35.62 0.22 -35.04
N ALA C 657 -35.65 0.58 -33.76
CA ALA C 657 -35.32 1.94 -33.33
C ALA C 657 -34.72 1.85 -31.92
N LYS C 658 -33.39 1.75 -31.87
CA LYS C 658 -32.65 1.65 -30.62
C LYS C 658 -31.50 2.65 -30.65
N ALA C 659 -30.72 2.67 -29.57
CA ALA C 659 -29.66 3.65 -29.40
C ALA C 659 -28.61 3.54 -30.50
N GLY C 660 -28.56 4.55 -31.37
CA GLY C 660 -27.55 4.63 -32.40
C GLY C 660 -27.90 3.94 -33.71
N ILE C 661 -29.00 3.18 -33.77
CA ILE C 661 -29.43 2.50 -34.99
C ILE C 661 -30.93 2.64 -35.10
N ILE C 662 -31.40 3.00 -36.30
CA ILE C 662 -32.83 3.06 -36.60
C ILE C 662 -32.96 2.77 -38.09
N THR C 663 -33.69 1.72 -38.44
CA THR C 663 -33.78 1.28 -39.83
C THR C 663 -34.94 0.30 -39.96
N THR C 664 -35.17 -0.13 -41.21
CA THR C 664 -36.14 -1.17 -41.53
C THR C 664 -35.48 -2.18 -42.46
N LEU C 665 -35.81 -3.46 -42.27
CA LEU C 665 -35.21 -4.57 -43.00
C LEU C 665 -36.32 -5.44 -43.58
N ASN C 666 -35.99 -6.11 -44.69
CA ASN C 666 -36.94 -6.99 -45.38
C ASN C 666 -36.85 -8.41 -44.85
N ALA C 667 -38.01 -9.07 -44.68
CA ALA C 667 -38.08 -10.47 -44.26
C ALA C 667 -39.20 -11.18 -45.04
N ARG C 668 -38.85 -11.73 -46.20
CA ARG C 668 -39.79 -12.52 -47.00
C ARG C 668 -39.78 -13.99 -46.56
N SER C 669 -40.22 -14.20 -45.32
CA SER C 669 -40.07 -15.47 -44.62
C SER C 669 -41.41 -16.14 -44.39
N SER C 670 -41.49 -17.43 -44.69
CA SER C 670 -42.67 -18.26 -44.44
C SER C 670 -42.46 -19.02 -43.14
N ILE C 671 -43.49 -19.08 -42.30
CA ILE C 671 -43.44 -19.72 -40.98
C ILE C 671 -44.24 -21.01 -41.05
N LEU C 672 -43.66 -22.08 -40.51
CA LEU C 672 -44.33 -23.36 -40.30
C LEU C 672 -44.23 -23.70 -38.82
N ALA C 673 -45.37 -23.75 -38.15
CA ALA C 673 -45.45 -23.81 -36.70
C ALA C 673 -46.05 -25.13 -36.23
N SER C 674 -45.67 -25.53 -35.01
CA SER C 674 -46.14 -26.75 -34.39
C SER C 674 -46.45 -26.47 -32.92
N ALA C 675 -47.57 -27.03 -32.44
CA ALA C 675 -47.99 -26.80 -31.06
C ALA C 675 -48.93 -27.91 -30.63
N ASN C 676 -49.16 -27.98 -29.32
CA ASN C 676 -50.12 -28.87 -28.69
C ASN C 676 -51.15 -28.03 -27.93
N PRO C 677 -52.40 -28.50 -27.79
CA PRO C 677 -53.43 -27.66 -27.20
C PRO C 677 -53.22 -27.47 -25.70
N ILE C 678 -54.01 -26.54 -25.14
CA ILE C 678 -54.03 -26.35 -23.70
C ILE C 678 -54.53 -27.63 -23.02
N GLY C 679 -53.88 -28.00 -21.93
CA GLY C 679 -54.10 -29.28 -21.31
C GLY C 679 -53.30 -30.42 -21.92
N SER C 680 -52.59 -30.20 -23.01
CA SER C 680 -51.63 -31.11 -23.62
C SER C 680 -52.29 -32.27 -24.36
N ARG C 681 -53.61 -32.39 -24.34
CA ARG C 681 -54.34 -33.35 -25.15
C ARG C 681 -55.69 -32.71 -25.45
N TYR C 682 -56.17 -32.88 -26.68
CA TYR C 682 -57.35 -32.14 -27.13
C TYR C 682 -58.58 -32.53 -26.31
N ASN C 683 -59.22 -31.52 -25.71
CA ASN C 683 -60.36 -31.72 -24.84
C ASN C 683 -61.64 -31.47 -25.65
N PRO C 684 -62.47 -32.49 -25.94
CA PRO C 684 -63.65 -32.22 -26.77
C PRO C 684 -64.74 -31.41 -26.08
N ASN C 685 -64.63 -31.18 -24.77
CA ASN C 685 -65.65 -30.43 -24.03
C ASN C 685 -65.47 -28.93 -24.08
N LEU C 686 -64.39 -28.41 -24.73
CA LEU C 686 -64.16 -26.99 -24.94
C LEU C 686 -64.27 -26.65 -26.43
N PRO C 687 -64.61 -25.41 -26.79
CA PRO C 687 -64.61 -25.05 -28.22
C PRO C 687 -63.20 -25.03 -28.79
N VAL C 688 -63.14 -25.08 -30.12
CA VAL C 688 -61.85 -25.21 -30.82
C VAL C 688 -60.94 -24.02 -30.53
N THR C 689 -61.49 -22.79 -30.54
CA THR C 689 -60.67 -21.62 -30.31
C THR C 689 -60.10 -21.60 -28.90
N GLU C 690 -60.86 -22.14 -27.92
CA GLU C 690 -60.34 -22.19 -26.56
C GLU C 690 -59.29 -23.29 -26.41
N ASN C 691 -59.42 -24.38 -27.15
CA ASN C 691 -58.37 -25.41 -27.13
C ASN C 691 -57.08 -24.88 -27.74
N ILE C 692 -57.17 -24.15 -28.85
CA ILE C 692 -55.97 -23.66 -29.52
C ILE C 692 -55.27 -22.62 -28.66
N ASP C 693 -56.05 -21.67 -28.12
CA ASP C 693 -55.68 -20.76 -27.05
C ASP C 693 -54.76 -19.61 -27.50
N LEU C 694 -54.32 -19.57 -28.76
CA LEU C 694 -53.57 -18.41 -29.20
C LEU C 694 -54.49 -17.19 -29.25
N PRO C 695 -53.99 -15.99 -28.97
CA PRO C 695 -54.86 -14.82 -28.99
C PRO C 695 -55.32 -14.51 -30.41
N PRO C 696 -56.48 -13.88 -30.59
CA PRO C 696 -57.02 -13.67 -31.96
C PRO C 696 -56.11 -12.88 -32.89
N PRO C 697 -55.42 -11.81 -32.42
CA PRO C 697 -54.56 -11.08 -33.37
C PRO C 697 -53.45 -11.91 -33.99
N LEU C 698 -52.96 -12.94 -33.30
CA LEU C 698 -51.94 -13.82 -33.86
C LEU C 698 -52.53 -14.99 -34.61
N LEU C 699 -53.64 -15.55 -34.13
CA LEU C 699 -54.29 -16.65 -34.84
C LEU C 699 -54.86 -16.19 -36.18
N SER C 700 -55.20 -14.91 -36.30
CA SER C 700 -55.75 -14.39 -37.55
C SER C 700 -54.72 -14.35 -38.67
N ARG C 701 -53.42 -14.40 -38.36
CA ARG C 701 -52.36 -14.20 -39.34
C ARG C 701 -51.92 -15.47 -40.07
N PHE C 702 -52.43 -16.64 -39.69
CA PHE C 702 -52.07 -17.89 -40.33
C PHE C 702 -53.03 -18.20 -41.46
N ASP C 703 -52.49 -18.64 -42.61
CA ASP C 703 -53.31 -18.96 -43.76
C ASP C 703 -54.07 -20.27 -43.55
N LEU C 704 -53.40 -21.28 -43.00
CA LEU C 704 -53.99 -22.61 -42.76
C LEU C 704 -53.74 -23.02 -41.32
N VAL C 705 -54.78 -23.54 -40.67
CA VAL C 705 -54.70 -24.07 -39.31
C VAL C 705 -55.23 -25.50 -39.35
N TYR C 706 -54.41 -26.45 -38.91
CA TYR C 706 -54.71 -27.87 -38.96
C TYR C 706 -55.00 -28.39 -37.57
N LEU C 707 -56.07 -29.18 -37.44
CA LEU C 707 -56.31 -30.03 -36.28
C LEU C 707 -55.99 -31.46 -36.66
N VAL C 708 -55.12 -32.11 -35.88
CA VAL C 708 -54.76 -33.50 -36.05
C VAL C 708 -55.01 -34.20 -34.72
N LEU C 709 -55.71 -35.33 -34.77
CA LEU C 709 -56.27 -35.97 -33.58
C LEU C 709 -55.88 -37.43 -33.51
N ASP C 710 -55.60 -37.89 -32.29
CA ASP C 710 -55.17 -39.27 -32.04
C ASP C 710 -56.40 -40.14 -31.75
N LYS C 711 -57.17 -40.38 -32.80
CA LYS C 711 -58.40 -41.15 -32.70
C LYS C 711 -58.09 -42.63 -32.83
N VAL C 712 -58.64 -43.42 -31.91
CA VAL C 712 -58.42 -44.87 -31.91
C VAL C 712 -59.31 -45.52 -32.96
N ASP C 713 -58.73 -46.45 -33.71
CA ASP C 713 -59.47 -47.22 -34.71
C ASP C 713 -58.65 -48.42 -35.15
N GLU C 714 -59.24 -49.61 -35.06
CA GLU C 714 -58.48 -50.83 -35.32
C GLU C 714 -58.01 -50.91 -36.77
N LYS C 715 -58.84 -50.44 -37.71
CA LYS C 715 -58.45 -50.42 -39.11
C LYS C 715 -57.22 -49.56 -39.33
N ASN C 716 -57.23 -48.36 -38.75
CA ASN C 716 -56.06 -47.48 -38.84
C ASN C 716 -54.87 -48.08 -38.09
N ASP C 717 -55.11 -48.67 -36.92
CA ASP C 717 -54.02 -49.11 -36.07
C ASP C 717 -53.26 -50.28 -36.68
N ARG C 718 -53.97 -51.22 -37.31
CA ARG C 718 -53.28 -52.34 -37.93
C ARG C 718 -52.36 -51.87 -39.05
N GLU C 719 -52.84 -50.94 -39.89
CA GLU C 719 -52.01 -50.41 -40.97
C GLU C 719 -50.81 -49.66 -40.42
N LEU C 720 -51.02 -48.83 -39.38
CA LEU C 720 -49.90 -48.09 -38.80
C LEU C 720 -48.87 -49.02 -38.19
N ALA C 721 -49.33 -50.03 -37.46
CA ALA C 721 -48.40 -50.98 -36.83
C ALA C 721 -47.63 -51.77 -37.86
N LYS C 722 -48.30 -52.20 -38.93
CA LYS C 722 -47.59 -52.91 -39.98
C LYS C 722 -46.60 -52.01 -40.69
N HIS C 723 -46.93 -50.73 -40.87
CA HIS C 723 -46.01 -49.80 -41.52
C HIS C 723 -44.75 -49.60 -40.68
N LEU C 724 -44.91 -49.33 -39.39
CA LEU C 724 -43.74 -49.01 -38.57
C LEU C 724 -42.89 -50.25 -38.32
N THR C 725 -43.50 -51.41 -38.14
CA THR C 725 -42.73 -52.62 -37.86
C THR C 725 -41.98 -53.12 -39.08
N ASN C 726 -42.41 -52.77 -40.29
CA ASN C 726 -41.70 -53.22 -41.49
C ASN C 726 -40.33 -52.58 -41.63
N LEU C 727 -40.10 -51.43 -41.01
CA LEU C 727 -38.79 -50.78 -41.11
C LEU C 727 -37.69 -51.56 -40.41
N TYR C 728 -38.03 -52.44 -39.48
CA TYR C 728 -37.04 -53.19 -38.72
C TYR C 728 -36.75 -54.58 -39.30
N LEU C 729 -37.34 -54.93 -40.45
CA LEU C 729 -37.02 -56.18 -41.11
C LEU C 729 -35.71 -56.14 -41.89
N GLU C 730 -35.07 -54.97 -42.00
CA GLU C 730 -33.80 -54.84 -42.71
C GLU C 730 -32.86 -53.95 -41.90
N ASP C 731 -31.56 -54.17 -42.09
CA ASP C 731 -30.56 -53.41 -41.34
C ASP C 731 -30.55 -51.94 -41.74
N LYS C 732 -30.52 -51.66 -43.04
CA LYS C 732 -30.58 -50.31 -43.61
C LYS C 732 -31.73 -50.37 -44.62
N PRO C 733 -32.96 -50.01 -44.23
CA PRO C 733 -34.12 -50.38 -45.05
C PRO C 733 -34.12 -49.79 -46.45
N GLU C 734 -34.51 -50.64 -47.41
CA GLU C 734 -34.92 -50.21 -48.74
C GLU C 734 -36.41 -49.93 -48.83
N HIS C 735 -37.19 -50.40 -47.86
CA HIS C 735 -38.65 -50.31 -47.94
C HIS C 735 -39.09 -48.85 -47.90
N ILE C 736 -40.22 -48.59 -48.57
CA ILE C 736 -40.75 -47.24 -48.69
C ILE C 736 -42.27 -47.35 -48.82
N SER C 737 -42.96 -46.29 -48.42
CA SER C 737 -44.41 -46.39 -48.17
C SER C 737 -45.22 -46.63 -49.43
N GLN C 738 -44.72 -46.20 -50.60
CA GLN C 738 -45.51 -46.20 -51.82
C GLN C 738 -44.63 -46.60 -53.00
N ASP C 739 -45.27 -47.20 -54.01
CA ASP C 739 -44.54 -47.73 -55.15
C ASP C 739 -43.88 -46.63 -55.97
N ASP C 740 -44.60 -45.53 -56.21
CA ASP C 740 -44.19 -44.48 -57.16
C ASP C 740 -44.04 -43.17 -56.41
N VAL C 741 -42.79 -42.74 -56.21
CA VAL C 741 -42.46 -41.43 -55.68
C VAL C 741 -41.30 -40.87 -56.47
N LEU C 742 -41.24 -39.54 -56.57
CA LEU C 742 -40.18 -38.88 -57.32
C LEU C 742 -38.92 -38.76 -56.45
N PRO C 743 -37.71 -38.83 -57.03
CA PRO C 743 -36.52 -38.53 -56.25
C PRO C 743 -36.49 -37.08 -55.80
N VAL C 744 -35.75 -36.83 -54.72
CA VAL C 744 -35.73 -35.51 -54.10
C VAL C 744 -35.12 -34.47 -55.05
N GLU C 745 -34.08 -34.86 -55.79
CA GLU C 745 -33.40 -33.94 -56.69
C GLU C 745 -34.34 -33.42 -57.78
N PHE C 746 -35.04 -34.34 -58.45
CA PHE C 746 -35.94 -33.94 -59.53
C PHE C 746 -37.11 -33.11 -59.00
N LEU C 747 -37.63 -33.47 -57.83
CA LEU C 747 -38.71 -32.70 -57.22
C LEU C 747 -38.25 -31.28 -56.91
N THR C 748 -37.02 -31.14 -56.40
CA THR C 748 -36.45 -29.82 -56.16
C THR C 748 -36.33 -29.04 -57.47
N MET C 749 -35.89 -29.71 -58.53
CA MET C 749 -35.78 -29.05 -59.84
C MET C 749 -37.13 -28.52 -60.31
N TYR C 750 -38.17 -29.37 -60.20
CA TYR C 750 -39.52 -28.98 -60.59
C TYR C 750 -39.98 -27.74 -59.82
N ILE C 751 -39.84 -27.78 -58.49
CA ILE C 751 -40.33 -26.68 -57.67
C ILE C 751 -39.56 -25.39 -57.98
N SER C 752 -38.24 -25.49 -58.13
CA SER C 752 -37.44 -24.29 -58.41
C SER C 752 -37.81 -23.67 -59.75
N TYR C 753 -37.92 -24.50 -60.79
CA TYR C 753 -38.28 -23.99 -62.11
C TYR C 753 -39.67 -23.35 -62.09
N ALA C 754 -40.63 -24.01 -61.44
CA ALA C 754 -41.99 -23.47 -61.38
C ALA C 754 -42.01 -22.15 -60.63
N LYS C 755 -41.21 -22.02 -59.58
CA LYS C 755 -41.12 -20.75 -58.88
C LYS C 755 -40.56 -19.66 -59.78
N GLU C 756 -39.51 -19.97 -60.54
CA GLU C 756 -38.85 -18.94 -61.32
C GLU C 756 -39.70 -18.48 -62.51
N HIS C 757 -40.22 -19.42 -63.30
CA HIS C 757 -40.72 -19.07 -64.64
C HIS C 757 -42.22 -18.75 -64.70
N ILE C 758 -43.02 -19.21 -63.75
CA ILE C 758 -44.48 -19.19 -63.86
C ILE C 758 -45.03 -18.07 -62.97
N HIS C 759 -45.99 -17.30 -63.52
CA HIS C 759 -46.61 -16.17 -62.81
C HIS C 759 -48.09 -16.09 -63.18
N PRO C 760 -48.95 -16.83 -62.46
CA PRO C 760 -50.39 -16.81 -62.82
C PRO C 760 -51.06 -15.46 -62.55
N ILE C 761 -52.20 -15.25 -63.23
CA ILE C 761 -53.05 -14.08 -63.06
C ILE C 761 -54.51 -14.53 -62.89
N ILE C 762 -55.31 -13.68 -62.23
CA ILE C 762 -56.72 -14.01 -61.94
C ILE C 762 -57.57 -13.91 -63.23
N THR C 763 -58.67 -14.67 -63.28
CA THR C 763 -59.62 -14.73 -64.39
C THR C 763 -61.00 -14.29 -63.89
N GLU C 764 -61.87 -13.82 -64.81
CA GLU C 764 -63.18 -13.29 -64.39
C GLU C 764 -64.04 -14.36 -63.69
N ALA C 765 -64.04 -15.59 -64.21
CA ALA C 765 -64.76 -16.68 -63.54
C ALA C 765 -64.25 -16.88 -62.12
N ALA C 766 -62.93 -16.81 -61.95
CA ALA C 766 -62.34 -16.90 -60.62
C ALA C 766 -62.79 -15.77 -59.71
N LYS C 767 -62.95 -14.55 -60.26
CA LYS C 767 -63.48 -13.44 -59.46
C LYS C 767 -64.86 -13.78 -58.91
N THR C 768 -65.75 -14.24 -59.79
CA THR C 768 -67.12 -14.54 -59.34
C THR C 768 -67.12 -15.63 -58.27
N GLU C 769 -66.32 -16.68 -58.47
CA GLU C 769 -66.30 -17.75 -57.46
C GLU C 769 -65.71 -17.26 -56.14
N LEU C 770 -64.67 -16.43 -56.18
CA LEU C 770 -64.08 -15.93 -54.94
C LEU C 770 -65.08 -15.07 -54.16
N VAL C 771 -65.79 -14.17 -54.86
CA VAL C 771 -66.79 -13.35 -54.18
C VAL C 771 -67.90 -14.22 -53.59
N ARG C 772 -68.40 -15.19 -54.38
CA ARG C 772 -69.47 -16.08 -53.91
C ARG C 772 -69.03 -16.88 -52.70
N ALA C 773 -67.83 -17.47 -52.75
CA ALA C 773 -67.34 -18.30 -51.66
C ALA C 773 -67.10 -17.47 -50.40
N TYR C 774 -66.47 -16.30 -50.54
CA TYR C 774 -66.21 -15.46 -49.38
C TYR C 774 -67.52 -14.98 -48.75
N VAL C 775 -68.50 -14.58 -49.56
CA VAL C 775 -69.80 -14.17 -49.02
C VAL C 775 -70.50 -15.35 -48.36
N GLY C 776 -70.39 -16.55 -48.93
CA GLY C 776 -71.00 -17.72 -48.32
C GLY C 776 -70.44 -18.03 -46.95
N MET C 777 -69.10 -18.00 -46.82
CA MET C 777 -68.48 -18.24 -45.51
C MET C 777 -68.76 -17.10 -44.53
N ARG C 778 -68.82 -15.87 -45.05
CA ARG C 778 -69.01 -14.69 -44.22
C ARG C 778 -70.45 -14.58 -43.70
N LYS C 779 -71.44 -14.79 -44.57
CA LYS C 779 -72.84 -14.64 -44.20
C LYS C 779 -73.27 -15.84 -43.35
N MET C 780 -73.53 -15.59 -42.06
CA MET C 780 -73.84 -16.62 -41.09
C MET C 780 -75.03 -16.19 -40.22
N THR C 792 -65.58 -16.87 -37.24
CA THR C 792 -66.18 -16.00 -38.25
C THR C 792 -65.13 -15.55 -39.27
N ALA C 793 -65.51 -15.62 -40.54
CA ALA C 793 -64.61 -15.21 -41.62
C ALA C 793 -64.37 -13.71 -41.61
N THR C 794 -63.15 -13.30 -41.94
CA THR C 794 -62.68 -11.92 -41.93
C THR C 794 -62.12 -11.59 -43.31
N THR C 795 -61.65 -10.35 -43.48
CA THR C 795 -61.02 -9.94 -44.74
C THR C 795 -59.83 -10.83 -45.11
N ARG C 796 -59.10 -11.33 -44.10
CA ARG C 796 -57.90 -12.12 -44.39
C ARG C 796 -58.23 -13.46 -45.06
N GLN C 797 -59.44 -13.98 -44.88
CA GLN C 797 -59.80 -15.25 -45.54
C GLN C 797 -59.81 -15.09 -47.06
N LEU C 798 -60.24 -13.93 -47.55
CA LEU C 798 -60.27 -13.70 -49.00
C LEU C 798 -58.86 -13.70 -49.58
N GLU C 799 -57.95 -12.94 -48.97
CA GLU C 799 -56.59 -12.84 -49.49
C GLU C 799 -55.85 -14.17 -49.42
N SER C 800 -56.05 -14.93 -48.34
CA SER C 800 -55.43 -16.25 -48.24
C SER C 800 -55.99 -17.19 -49.29
N MET C 801 -57.28 -17.09 -49.60
CA MET C 801 -57.85 -17.92 -50.66
C MET C 801 -57.22 -17.60 -52.01
N ILE C 802 -57.06 -16.31 -52.32
CA ILE C 802 -56.44 -15.90 -53.58
C ILE C 802 -55.01 -16.44 -53.65
N ARG C 803 -54.27 -16.28 -52.55
CA ARG C 803 -52.88 -16.72 -52.51
C ARG C 803 -52.76 -18.24 -52.66
N LEU C 804 -53.66 -19.00 -52.01
CA LEU C 804 -53.66 -20.46 -52.16
C LEU C 804 -54.02 -20.86 -53.59
N ALA C 805 -54.98 -20.17 -54.21
CA ALA C 805 -55.33 -20.49 -55.59
C ALA C 805 -54.16 -20.20 -56.53
N GLU C 806 -53.45 -19.09 -56.30
CA GLU C 806 -52.25 -18.79 -57.08
C GLU C 806 -51.22 -19.89 -56.93
N ALA C 807 -51.00 -20.35 -55.69
CA ALA C 807 -50.04 -21.42 -55.45
C ALA C 807 -50.45 -22.70 -56.17
N HIS C 808 -51.75 -23.00 -56.16
CA HIS C 808 -52.24 -24.17 -56.87
C HIS C 808 -52.00 -24.04 -58.37
N ALA C 809 -52.16 -22.83 -58.91
CA ALA C 809 -51.98 -22.62 -60.34
C ALA C 809 -50.54 -22.89 -60.78
N LYS C 810 -49.57 -22.41 -60.00
CA LYS C 810 -48.16 -22.60 -60.33
C LYS C 810 -47.80 -24.08 -60.40
N MET C 811 -48.35 -24.87 -59.48
CA MET C 811 -48.02 -26.29 -59.38
C MET C 811 -48.36 -27.06 -60.65
N LYS C 812 -49.33 -26.58 -61.44
CA LYS C 812 -49.67 -27.15 -62.73
C LYS C 812 -49.00 -26.45 -63.92
N LEU C 813 -48.13 -25.47 -63.66
CA LEU C 813 -47.45 -24.71 -64.72
C LEU C 813 -48.41 -23.96 -65.62
N LYS C 814 -49.52 -23.49 -65.05
CA LYS C 814 -50.48 -22.64 -65.76
C LYS C 814 -50.14 -21.17 -65.57
N ASN C 815 -50.52 -20.36 -66.55
CA ASN C 815 -50.37 -18.91 -66.50
C ASN C 815 -51.63 -18.18 -66.04
N VAL C 816 -52.71 -18.89 -65.71
CA VAL C 816 -53.98 -18.28 -65.32
C VAL C 816 -54.60 -19.06 -64.16
N VAL C 817 -55.18 -18.32 -63.20
CA VAL C 817 -55.88 -18.92 -62.06
C VAL C 817 -57.34 -19.08 -62.45
N GLU C 818 -57.90 -20.26 -62.19
CA GLU C 818 -59.19 -20.66 -62.76
C GLU C 818 -60.13 -21.18 -61.66
N LEU C 819 -61.37 -21.48 -62.09
CA LEU C 819 -62.42 -21.92 -61.18
C LEU C 819 -62.00 -23.15 -60.36
N GLU C 820 -61.32 -24.10 -61.00
CA GLU C 820 -60.86 -25.30 -60.31
C GLU C 820 -59.90 -24.95 -59.18
N ASP C 821 -58.99 -24.01 -59.43
CA ASP C 821 -58.00 -23.65 -58.42
C ASP C 821 -58.67 -22.98 -57.21
N VAL C 822 -59.63 -22.08 -57.47
CA VAL C 822 -60.36 -21.41 -56.38
C VAL C 822 -61.11 -22.45 -55.56
N GLN C 823 -61.79 -23.38 -56.22
CA GLN C 823 -62.56 -24.39 -55.48
C GLN C 823 -61.64 -25.30 -54.68
N GLU C 824 -60.46 -25.63 -55.20
CA GLU C 824 -59.50 -26.42 -54.44
C GLU C 824 -59.02 -25.67 -53.19
N ALA C 825 -58.74 -24.37 -53.34
CA ALA C 825 -58.30 -23.57 -52.20
C ALA C 825 -59.39 -23.51 -51.13
N VAL C 826 -60.64 -23.29 -51.54
CA VAL C 826 -61.77 -23.30 -50.59
C VAL C 826 -61.86 -24.64 -49.88
N ARG C 827 -61.78 -25.74 -50.66
CA ARG C 827 -61.91 -27.08 -50.08
C ARG C 827 -60.83 -27.34 -49.04
N LEU C 828 -59.59 -26.97 -49.34
CA LEU C 828 -58.51 -27.23 -48.41
C LEU C 828 -58.68 -26.42 -47.13
N ILE C 829 -59.11 -25.16 -47.25
CA ILE C 829 -59.36 -24.37 -46.04
C ILE C 829 -60.45 -25.01 -45.19
N ARG C 830 -61.55 -25.46 -45.82
CA ARG C 830 -62.61 -26.09 -45.03
C ARG C 830 -62.14 -27.40 -44.42
N SER C 831 -61.28 -28.15 -45.12
CA SER C 831 -60.85 -29.45 -44.61
C SER C 831 -59.88 -29.31 -43.44
N ALA C 832 -59.05 -28.26 -43.44
CA ALA C 832 -57.96 -28.19 -42.48
C ALA C 832 -58.47 -28.13 -41.04
N ILE C 833 -59.46 -27.27 -40.77
CA ILE C 833 -59.90 -26.99 -39.41
C ILE C 833 -61.13 -27.82 -39.03
N LYS C 834 -61.42 -28.88 -39.79
CA LYS C 834 -62.45 -29.86 -39.41
C LYS C 834 -63.83 -29.20 -39.31
N ASP C 835 -64.11 -28.29 -40.25
CA ASP C 835 -65.32 -27.48 -40.18
C ASP C 835 -66.59 -28.33 -40.32
N TYR C 836 -66.55 -29.33 -41.19
CA TYR C 836 -67.73 -30.18 -41.42
C TYR C 836 -68.18 -30.87 -40.14
N ALA C 837 -67.25 -31.30 -39.30
CA ALA C 837 -67.58 -31.94 -38.04
C ALA C 837 -67.91 -30.93 -36.93
N THR C 838 -67.70 -29.64 -37.15
CA THR C 838 -67.92 -28.64 -36.12
C THR C 838 -69.40 -28.35 -35.95
N ASP C 839 -69.85 -28.27 -34.71
CA ASP C 839 -71.18 -27.79 -34.41
C ASP C 839 -71.23 -26.31 -34.82
N PRO C 840 -72.14 -25.89 -35.71
CA PRO C 840 -72.09 -24.50 -36.19
C PRO C 840 -72.40 -23.46 -35.12
N LYS C 841 -73.09 -23.83 -34.05
CA LYS C 841 -73.54 -22.89 -33.02
C LYS C 841 -72.64 -22.90 -31.78
N THR C 842 -72.34 -24.07 -31.24
CA THR C 842 -71.58 -24.18 -30.00
C THR C 842 -70.07 -24.15 -30.23
N GLY C 843 -69.61 -24.55 -31.41
CA GLY C 843 -68.18 -24.55 -31.72
C GLY C 843 -67.42 -25.78 -31.26
N LYS C 844 -68.08 -26.80 -30.74
CA LYS C 844 -67.45 -28.04 -30.36
C LYS C 844 -67.49 -29.03 -31.52
N ILE C 845 -66.56 -29.99 -31.49
CA ILE C 845 -66.41 -30.98 -32.54
C ILE C 845 -66.97 -32.31 -32.05
N ASP C 846 -67.84 -32.91 -32.86
CA ASP C 846 -68.34 -34.25 -32.59
C ASP C 846 -67.26 -35.25 -32.98
N MET C 847 -66.68 -35.92 -31.98
CA MET C 847 -65.59 -36.85 -32.24
C MET C 847 -66.03 -38.04 -33.09
N ASN C 848 -67.32 -38.40 -33.01
CA ASN C 848 -67.81 -39.54 -33.78
C ASN C 848 -67.69 -39.30 -35.29
N LEU C 849 -67.80 -38.06 -35.74
CA LEU C 849 -67.75 -37.75 -37.17
C LEU C 849 -66.34 -37.74 -37.72
N VAL C 850 -65.31 -37.71 -36.88
CA VAL C 850 -63.93 -37.69 -37.36
C VAL C 850 -63.61 -38.99 -38.07
N ASP D 21 26.44 32.47 2.03
CA ASP D 21 26.85 31.37 2.96
C ASP D 21 26.73 31.80 4.41
N ASP D 22 27.17 33.03 4.72
CA ASP D 22 27.12 33.51 6.09
C ASP D 22 25.70 33.82 6.54
N ASP D 23 24.79 34.11 5.61
CA ASP D 23 23.44 34.48 5.99
C ASP D 23 22.70 33.35 6.69
N ASN D 24 23.00 32.09 6.31
CA ASN D 24 22.37 30.96 6.98
C ASN D 24 22.78 30.87 8.44
N THR D 25 23.98 31.34 8.79
CA THR D 25 24.45 31.29 10.17
C THR D 25 23.88 32.43 11.00
N GLU D 26 23.78 33.63 10.44
CA GLU D 26 23.30 34.77 11.20
C GLU D 26 21.83 34.61 11.58
N ILE D 27 21.02 34.07 10.67
CA ILE D 27 19.61 33.86 10.95
C ILE D 27 19.42 32.85 12.07
N ILE D 28 20.17 31.74 12.01
CA ILE D 28 20.10 30.73 13.06
C ILE D 28 20.56 31.32 14.39
N LYS D 29 21.61 32.14 14.36
CA LYS D 29 22.05 32.81 15.58
C LYS D 29 20.97 33.72 16.13
N SER D 30 20.26 34.43 15.25
CA SER D 30 19.23 35.35 15.70
C SER D 30 18.09 34.62 16.39
N PHE D 31 17.62 33.52 15.79
CA PHE D 31 16.52 32.78 16.43
C PHE D 31 16.98 32.09 17.71
N LYS D 32 18.23 31.61 17.72
CA LYS D 32 18.80 31.03 18.94
C LYS D 32 18.81 32.05 20.06
N ASN D 33 19.21 33.29 19.77
CA ASN D 33 19.18 34.32 20.79
C ASN D 33 17.76 34.75 21.12
N PHE D 34 16.81 34.58 20.21
CA PHE D 34 15.42 34.86 20.55
C PHE D 34 14.92 33.92 21.63
N ILE D 35 15.19 32.61 21.47
CA ILE D 35 14.66 31.68 22.46
C ILE D 35 15.29 31.88 23.83
N LEU D 36 16.57 32.27 23.88
CA LEU D 36 17.31 32.29 25.14
C LEU D 36 17.07 33.54 25.98
N GLU D 37 16.30 34.52 25.49
CA GLU D 37 16.26 35.85 26.09
C GLU D 37 14.89 36.46 26.30
N PHE D 38 13.82 35.88 25.74
CA PHE D 38 12.52 36.55 25.78
C PHE D 38 11.87 36.36 27.14
N ARG D 39 11.97 37.38 27.99
CA ARG D 39 11.15 37.52 29.18
C ARG D 39 10.00 38.48 28.91
N LEU D 40 8.85 38.20 29.52
CA LEU D 40 7.79 39.19 29.62
C LEU D 40 7.86 39.95 30.95
N ASP D 41 7.70 39.23 32.08
CA ASP D 41 7.77 39.84 33.40
C ASP D 41 8.93 39.31 34.23
N SER D 42 8.96 38.00 34.54
CA SER D 42 10.09 37.40 35.25
C SER D 42 10.40 35.98 34.85
N GLN D 43 9.70 35.40 33.87
CA GLN D 43 9.84 34.00 33.48
C GLN D 43 10.30 33.92 32.04
N PHE D 44 11.39 33.19 31.80
CA PHE D 44 11.82 32.89 30.44
C PHE D 44 10.86 31.84 29.89
N ILE D 45 9.77 32.32 29.28
CA ILE D 45 8.62 31.46 28.98
C ILE D 45 8.99 30.37 27.99
N TYR D 46 9.84 30.67 27.00
CA TYR D 46 10.17 29.68 25.99
C TYR D 46 11.25 28.72 26.44
N ARG D 47 12.22 29.16 27.24
CA ARG D 47 13.14 28.22 27.86
C ARG D 47 12.39 27.24 28.75
N ASP D 48 11.44 27.74 29.53
CA ASP D 48 10.64 26.87 30.39
C ASP D 48 9.80 25.91 29.56
N GLN D 49 9.15 26.40 28.50
CA GLN D 49 8.34 25.51 27.67
C GLN D 49 9.20 24.44 27.00
N LEU D 50 10.37 24.83 26.50
CA LEU D 50 11.20 23.87 25.80
C LEU D 50 11.76 22.81 26.76
N ARG D 51 12.06 23.20 28.01
CA ARG D 51 12.47 22.18 28.96
C ARG D 51 11.29 21.27 29.33
N ASN D 52 10.13 21.86 29.63
CA ASN D 52 9.00 21.06 30.09
C ASN D 52 8.48 20.12 29.00
N ASN D 53 8.69 20.47 27.73
CA ASN D 53 8.26 19.58 26.64
C ASN D 53 9.15 18.35 26.57
N ILE D 54 10.45 18.50 26.82
CA ILE D 54 11.38 17.37 26.67
C ILE D 54 11.11 16.30 27.73
N LEU D 55 10.70 16.71 28.93
CA LEU D 55 10.54 15.75 30.01
C LEU D 55 9.44 14.72 29.73
N VAL D 56 8.42 15.11 28.98
CA VAL D 56 7.36 14.20 28.55
C VAL D 56 7.61 13.67 27.13
N LYS D 57 8.85 13.81 26.62
CA LYS D 57 9.22 13.30 25.31
C LYS D 57 8.34 13.89 24.20
N ASN D 58 8.12 15.19 24.28
CA ASN D 58 7.47 15.98 23.23
C ASN D 58 8.55 16.90 22.65
N TYR D 59 8.91 16.66 21.40
CA TYR D 59 9.94 17.43 20.71
C TYR D 59 9.29 18.43 19.76
N SER D 60 8.84 19.54 20.32
CA SER D 60 8.26 20.62 19.54
C SER D 60 8.23 21.88 20.39
N LEU D 61 7.96 23.00 19.73
CA LEU D 61 7.85 24.29 20.40
C LEU D 61 6.74 25.09 19.73
N THR D 62 5.91 25.76 20.53
CA THR D 62 4.74 26.51 20.07
C THR D 62 5.04 28.00 20.25
N VAL D 63 5.56 28.62 19.21
CA VAL D 63 5.89 30.04 19.22
C VAL D 63 4.66 30.84 18.85
N ASN D 64 4.56 32.05 19.39
CA ASN D 64 3.47 32.99 19.12
C ASN D 64 4.02 34.14 18.29
N MET D 65 3.27 34.51 17.24
CA MET D 65 3.77 35.50 16.29
C MET D 65 3.96 36.87 16.95
N GLU D 66 3.03 37.26 17.83
CA GLU D 66 3.06 38.60 18.39
C GLU D 66 4.30 38.82 19.23
N HIS D 67 4.71 37.80 19.99
CA HIS D 67 5.95 37.90 20.77
C HIS D 67 7.16 38.04 19.86
N LEU D 68 7.18 37.30 18.75
CA LEU D 68 8.28 37.43 17.79
C LEU D 68 8.32 38.83 17.21
N ILE D 69 7.16 39.41 16.89
CA ILE D 69 7.11 40.76 16.36
C ILE D 69 7.60 41.76 17.41
N GLY D 70 7.19 41.57 18.66
CA GLY D 70 7.63 42.47 19.71
C GLY D 70 9.12 42.42 19.95
N TYR D 71 9.72 41.22 19.87
CA TYR D 71 11.15 41.09 20.13
C TYR D 71 11.97 41.83 19.08
N ASN D 72 11.71 41.56 17.80
CA ASN D 72 12.45 42.21 16.71
C ASN D 72 11.63 42.05 15.44
N GLU D 73 11.18 43.17 14.87
CA GLU D 73 10.31 43.11 13.71
C GLU D 73 11.04 42.64 12.46
N ASP D 74 12.35 42.82 12.39
CA ASP D 74 13.11 42.40 11.22
C ASP D 74 13.05 40.88 11.03
N ILE D 75 13.12 40.13 12.13
CA ILE D 75 13.06 38.67 12.04
C ILE D 75 11.70 38.25 11.48
N TYR D 76 10.63 38.90 11.95
CA TYR D 76 9.31 38.59 11.42
C TYR D 76 9.19 38.98 9.95
N LYS D 77 9.83 40.08 9.54
CA LYS D 77 9.80 40.46 8.14
C LYS D 77 10.47 39.39 7.27
N LYS D 78 11.64 38.92 7.71
CA LYS D 78 12.32 37.84 6.98
C LYS D 78 11.45 36.59 6.91
N LEU D 79 10.83 36.23 8.04
CA LEU D 79 9.97 35.05 8.06
C LEU D 79 8.77 35.22 7.12
N SER D 80 8.22 36.43 7.07
CA SER D 80 7.03 36.66 6.25
C SER D 80 7.34 36.65 4.77
N ASP D 81 8.54 37.10 4.38
CA ASP D 81 8.86 37.18 2.96
C ASP D 81 9.07 35.80 2.35
N GLU D 82 9.83 34.94 3.04
CA GLU D 82 10.27 33.65 2.50
C GLU D 82 10.08 32.56 3.56
N PRO D 83 8.84 32.15 3.83
CA PRO D 83 8.63 31.13 4.88
C PRO D 83 9.26 29.78 4.58
N SER D 84 9.14 29.32 3.32
CA SER D 84 9.60 27.97 2.96
C SER D 84 11.09 27.80 3.20
N ASP D 85 11.87 28.87 3.05
CA ASP D 85 13.31 28.79 3.25
C ASP D 85 13.69 28.95 4.71
N ILE D 86 12.96 29.78 5.46
CA ILE D 86 13.41 30.21 6.79
C ILE D 86 12.87 29.33 7.92
N ILE D 87 11.75 28.63 7.72
CA ILE D 87 11.23 27.76 8.78
C ILE D 87 12.23 26.68 9.20
N PRO D 88 12.90 25.97 8.28
CA PRO D 88 13.92 24.98 8.72
C PRO D 88 15.05 25.57 9.56
N LEU D 89 15.49 26.79 9.26
CA LEU D 89 16.56 27.40 10.03
C LEU D 89 16.14 27.61 11.48
N PHE D 90 14.92 28.08 11.70
CA PHE D 90 14.43 28.26 13.05
C PHE D 90 14.27 26.91 13.76
N GLU D 91 13.88 25.87 13.02
CA GLU D 91 13.78 24.55 13.65
C GLU D 91 15.14 24.04 14.12
N THR D 92 16.18 24.18 13.29
CA THR D 92 17.49 23.71 13.74
C THR D 92 18.03 24.59 14.87
N ALA D 93 17.65 25.87 14.89
CA ALA D 93 17.99 26.69 16.06
C ALA D 93 17.33 26.15 17.32
N ILE D 94 16.09 25.69 17.21
CA ILE D 94 15.42 25.09 18.37
C ILE D 94 16.18 23.85 18.84
N THR D 95 16.69 23.03 17.90
CA THR D 95 17.45 21.85 18.33
C THR D 95 18.73 22.27 19.07
N GLN D 96 19.43 23.27 18.54
CA GLN D 96 20.68 23.70 19.17
C GLN D 96 20.43 24.24 20.57
N VAL D 97 19.31 24.94 20.79
CA VAL D 97 19.00 25.36 22.16
C VAL D 97 18.60 24.16 23.00
N ALA D 98 17.87 23.20 22.43
CA ALA D 98 17.36 22.07 23.20
C ALA D 98 18.50 21.23 23.77
N LYS D 99 19.61 21.14 23.04
CA LYS D 99 20.72 20.33 23.56
C LYS D 99 21.39 20.97 24.78
N ARG D 100 21.47 22.30 24.83
CA ARG D 100 22.20 22.94 25.92
C ARG D 100 21.47 22.75 27.25
N ILE D 101 20.15 22.87 27.27
CA ILE D 101 19.41 22.89 28.52
C ILE D 101 19.13 21.50 29.07
N SER D 102 19.60 20.43 28.41
CA SER D 102 19.30 19.06 28.84
C SER D 102 20.46 18.08 28.75
N ILE D 103 21.63 18.47 28.24
CA ILE D 103 22.76 17.56 28.11
C ILE D 103 24.02 18.29 28.58
N LEU D 104 24.83 17.61 29.38
CA LEU D 104 26.09 18.15 29.88
C LEU D 104 27.18 18.03 28.82
N SER D 131 20.05 10.11 21.10
CA SER D 131 20.18 11.51 20.73
C SER D 131 18.84 12.07 20.30
N LEU D 132 18.74 13.40 20.22
CA LEU D 132 17.46 14.06 19.98
C LEU D 132 17.19 14.17 18.48
N PRO D 133 15.93 14.14 18.03
CA PRO D 133 15.63 14.43 16.62
C PRO D 133 15.52 15.93 16.41
N THR D 134 15.17 16.30 15.18
CA THR D 134 14.91 17.69 14.86
C THR D 134 13.51 18.08 15.34
N PHE D 135 13.43 19.25 15.96
CA PHE D 135 12.20 19.69 16.61
C PHE D 135 11.25 20.32 15.59
N GLN D 136 9.95 20.22 15.87
CA GLN D 136 8.91 20.79 15.03
C GLN D 136 8.49 22.14 15.57
N LEU D 137 8.46 23.14 14.70
CA LEU D 137 7.96 24.46 15.04
C LEU D 137 6.47 24.54 14.77
N ILE D 138 5.74 25.16 15.70
CA ILE D 138 4.30 25.34 15.62
C ILE D 138 4.01 26.80 15.92
N LEU D 139 3.05 27.38 15.20
CA LEU D 139 2.78 28.81 15.22
C LEU D 139 1.34 29.10 15.62
N ASN D 140 1.15 30.24 16.28
CA ASN D 140 -0.15 30.81 16.59
C ASN D 140 -0.18 32.24 16.08
N SER D 141 -1.34 32.68 15.60
CA SER D 141 -1.45 34.00 14.98
C SER D 141 -2.87 34.52 15.13
N ASN D 142 -2.99 35.85 15.05
CA ASN D 142 -4.27 36.55 15.09
C ASN D 142 -4.52 37.40 13.84
N ALA D 143 -3.76 37.18 12.77
CA ALA D 143 -3.96 37.94 11.55
C ALA D 143 -5.35 37.68 10.97
N ASN D 144 -5.79 38.59 10.09
CA ASN D 144 -7.13 38.52 9.54
C ASN D 144 -7.35 37.24 8.75
N GLN D 145 -8.45 36.56 9.06
CA GLN D 145 -8.80 35.35 8.31
C GLN D 145 -9.19 35.69 6.89
N ILE D 146 -8.67 34.91 5.95
CA ILE D 146 -9.08 34.99 4.55
C ILE D 146 -10.20 33.97 4.34
N PRO D 147 -11.35 34.34 3.77
CA PRO D 147 -12.31 33.29 3.41
C PRO D 147 -11.72 32.37 2.36
N LEU D 148 -12.06 31.08 2.47
CA LEU D 148 -11.48 30.06 1.59
C LEU D 148 -11.77 30.32 0.12
N ARG D 149 -12.90 30.98 -0.17
CA ARG D 149 -13.29 31.22 -1.55
C ARG D 149 -12.44 32.29 -2.23
N ASP D 150 -11.75 33.14 -1.46
CA ASP D 150 -11.01 34.28 -2.02
C ASP D 150 -9.55 33.99 -2.31
N LEU D 151 -9.01 32.83 -1.90
CA LEU D 151 -7.62 32.54 -2.18
C LEU D 151 -7.38 32.39 -3.68
N ASP D 152 -6.29 32.95 -4.16
CA ASP D 152 -6.03 33.03 -5.59
C ASP D 152 -4.52 33.14 -5.81
N SER D 153 -4.13 33.49 -7.04
CA SER D 153 -2.72 33.48 -7.42
C SER D 153 -1.87 34.48 -6.67
N GLU D 154 -2.47 35.48 -6.03
CA GLU D 154 -1.70 36.47 -5.29
C GLU D 154 -1.11 35.92 -3.99
N HIS D 155 -1.58 34.75 -3.52
CA HIS D 155 -1.24 34.23 -2.20
C HIS D 155 -0.26 33.06 -2.23
N VAL D 156 0.28 32.70 -3.39
CA VAL D 156 1.12 31.51 -3.49
C VAL D 156 2.41 31.74 -2.72
N SER D 157 2.74 30.80 -1.84
CA SER D 157 3.93 30.88 -0.99
C SER D 157 3.82 32.06 -0.04
N LYS D 158 2.69 32.15 0.66
CA LYS D 158 2.47 33.10 1.74
C LYS D 158 1.82 32.37 2.90
N ILE D 159 2.10 32.86 4.11
CA ILE D 159 1.41 32.33 5.29
C ILE D 159 -0.02 32.82 5.26
N VAL D 160 -0.96 31.90 5.44
CA VAL D 160 -2.40 32.15 5.30
C VAL D 160 -3.11 31.56 6.51
N ARG D 161 -4.08 32.31 7.03
CA ARG D 161 -4.92 31.88 8.14
C ARG D 161 -6.37 31.79 7.65
N LEU D 162 -6.99 30.62 7.84
CA LEU D 162 -8.34 30.37 7.36
C LEU D 162 -9.03 29.40 8.30
N SER D 163 -10.29 29.09 8.00
CA SER D 163 -11.10 28.22 8.84
C SER D 163 -12.13 27.49 7.98
N GLY D 164 -12.65 26.41 8.51
CA GLY D 164 -13.63 25.62 7.79
C GLY D 164 -13.99 24.37 8.57
N ILE D 165 -14.54 23.39 7.87
CA ILE D 165 -14.98 22.13 8.45
C ILE D 165 -14.14 21.01 7.81
N ILE D 166 -13.59 20.13 8.65
CA ILE D 166 -12.88 18.95 8.15
C ILE D 166 -13.93 17.96 7.66
N ILE D 167 -13.75 17.45 6.43
CA ILE D 167 -14.69 16.49 5.86
C ILE D 167 -14.08 15.11 5.59
N SER D 168 -12.75 14.94 5.62
CA SER D 168 -12.15 13.64 5.36
C SER D 168 -10.74 13.61 5.95
N THR D 169 -10.25 12.38 6.21
CA THR D 169 -8.93 12.15 6.81
C THR D 169 -8.32 10.90 6.19
N SER D 170 -7.07 11.01 5.75
CA SER D 170 -6.35 9.88 5.19
C SER D 170 -5.70 9.04 6.28
N VAL D 171 -5.24 7.85 5.91
CA VAL D 171 -4.38 7.05 6.78
C VAL D 171 -2.97 7.62 6.80
N LEU D 172 -2.20 7.23 7.81
CA LEU D 172 -0.84 7.73 7.96
C LEU D 172 0.08 7.10 6.93
N SER D 173 1.10 7.85 6.52
CA SER D 173 2.08 7.41 5.54
C SER D 173 3.45 7.92 5.96
N SER D 174 4.49 7.27 5.43
CA SER D 174 5.86 7.46 5.90
C SER D 174 6.65 8.34 4.94
N ARG D 175 7.35 9.33 5.50
CA ARG D 175 8.31 10.17 4.78
C ARG D 175 9.68 10.02 5.41
N ALA D 176 10.72 10.25 4.63
CA ALA D 176 12.10 10.09 5.06
C ALA D 176 12.70 11.44 5.47
N THR D 177 13.51 11.43 6.52
CA THR D 177 14.26 12.60 6.98
C THR D 177 15.76 12.38 6.88
N TYR D 178 16.30 11.35 7.52
CA TYR D 178 17.67 10.90 7.34
C TYR D 178 17.65 9.62 6.53
N LEU D 179 18.55 9.53 5.56
CA LEU D 179 18.50 8.49 4.55
C LEU D 179 19.92 8.12 4.15
N SER D 180 20.19 6.82 4.04
CA SER D 180 21.51 6.29 3.72
C SER D 180 21.50 5.75 2.30
N ILE D 181 22.68 5.80 1.66
CA ILE D 181 22.83 5.52 0.24
C ILE D 181 24.00 4.58 0.02
N MET D 182 23.83 3.63 -0.90
CA MET D 182 24.84 2.71 -1.35
C MET D 182 25.11 2.98 -2.83
N CYS D 183 26.38 2.99 -3.20
CA CYS D 183 26.81 3.27 -4.57
C CYS D 183 27.11 1.94 -5.25
N ARG D 184 26.40 1.68 -6.35
CA ARG D 184 26.30 0.31 -6.88
C ARG D 184 27.65 -0.23 -7.36
N ASN D 185 28.44 0.61 -8.05
CA ASN D 185 29.64 0.09 -8.71
C ASN D 185 30.78 -0.13 -7.72
N CYS D 186 31.24 0.96 -7.10
CA CYS D 186 32.38 0.88 -6.19
C CYS D 186 32.02 0.37 -4.80
N ARG D 187 30.73 0.32 -4.46
CA ARG D 187 30.26 -0.08 -3.13
C ARG D 187 30.73 0.88 -2.04
N HIS D 188 30.88 2.15 -2.39
CA HIS D 188 30.99 3.25 -1.43
C HIS D 188 29.60 3.63 -0.92
N THR D 189 29.55 4.27 0.24
CA THR D 189 28.29 4.62 0.90
C THR D 189 28.36 6.03 1.47
N THR D 190 27.20 6.66 1.56
CA THR D 190 27.06 8.03 2.05
C THR D 190 25.64 8.20 2.59
N SER D 191 25.23 9.44 2.86
CA SER D 191 23.92 9.71 3.43
C SER D 191 23.45 11.12 3.07
N ILE D 192 22.14 11.33 3.22
CA ILE D 192 21.47 12.58 2.87
C ILE D 192 20.44 12.89 3.95
N THR D 193 20.20 14.18 4.18
CA THR D 193 19.21 14.68 5.13
C THR D 193 18.12 15.45 4.39
N ILE D 194 16.91 14.91 4.40
CA ILE D 194 15.74 15.53 3.76
C ILE D 194 15.04 16.41 4.77
N ASN D 195 14.40 17.48 4.28
CA ASN D 195 13.40 18.21 5.07
C ASN D 195 12.22 18.54 4.16
N ASN D 196 11.04 18.60 4.76
CA ASN D 196 9.77 18.50 4.04
C ASN D 196 9.18 19.89 3.77
N PHE D 197 9.87 20.66 2.92
CA PHE D 197 9.37 21.96 2.47
C PHE D 197 9.67 22.15 1.00
N ASN D 198 8.73 22.78 0.30
CA ASN D 198 8.88 23.13 -1.12
C ASN D 198 9.20 24.61 -1.26
N VAL D 205 12.98 17.53 -4.42
CA VAL D 205 14.16 16.73 -4.12
C VAL D 205 14.09 15.40 -4.86
N SER D 206 15.24 14.88 -5.24
CA SER D 206 15.35 13.59 -5.91
C SER D 206 16.74 13.04 -5.64
N LEU D 207 16.92 11.75 -5.93
CA LEU D 207 18.20 11.10 -5.67
C LEU D 207 19.29 11.75 -6.53
N PRO D 208 20.50 11.92 -6.01
CA PRO D 208 21.54 12.60 -6.80
C PRO D 208 22.09 11.69 -7.87
N ARG D 209 22.91 12.29 -8.74
CA ARG D 209 23.62 11.57 -9.80
C ARG D 209 25.11 11.89 -9.86
N SER D 210 25.65 12.69 -8.93
CA SER D 210 27.07 12.94 -8.84
C SER D 210 27.74 11.75 -8.15
N CYS D 211 28.12 10.76 -8.94
CA CYS D 211 28.72 9.55 -8.41
C CYS D 211 30.08 9.86 -7.77
N LEU D 212 30.44 9.05 -6.77
CA LEU D 212 31.59 9.30 -5.92
C LEU D 212 32.40 8.03 -5.71
N SER D 213 33.70 8.21 -5.49
CA SER D 213 34.68 7.15 -5.22
C SER D 213 34.98 6.33 -6.48
N ASN D 235 35.07 5.01 -14.65
CA ASN D 235 34.18 5.93 -13.96
C ASN D 235 33.18 5.16 -13.09
N CYS D 236 32.59 5.86 -12.12
CA CYS D 236 31.70 5.24 -11.15
C CYS D 236 30.28 5.07 -11.66
N GLY D 237 29.94 5.63 -12.82
CA GLY D 237 28.71 5.30 -13.51
C GLY D 237 27.70 6.43 -13.56
N PRO D 238 26.65 6.27 -14.38
CA PRO D 238 25.71 7.39 -14.61
C PRO D 238 24.64 7.55 -13.53
N ASP D 239 24.20 6.46 -12.91
CA ASP D 239 23.12 6.51 -11.92
C ASP D 239 23.27 5.33 -10.96
N PRO D 240 24.30 5.35 -10.11
CA PRO D 240 24.66 4.15 -9.33
C PRO D 240 24.07 4.03 -7.94
N TYR D 241 23.24 4.97 -7.48
CA TYR D 241 22.87 5.04 -6.07
C TYR D 241 21.59 4.28 -5.76
N ILE D 242 21.61 3.55 -4.64
CA ILE D 242 20.44 2.86 -4.11
C ILE D 242 20.35 3.15 -2.61
N ILE D 243 19.18 2.86 -2.05
CA ILE D 243 18.85 3.21 -0.67
C ILE D 243 19.06 2.00 0.21
N ILE D 244 19.70 2.21 1.36
CA ILE D 244 19.73 1.23 2.45
C ILE D 244 18.58 1.60 3.38
N HIS D 245 17.44 0.94 3.21
CA HIS D 245 16.35 1.09 4.17
C HIS D 245 16.69 0.49 5.53
N GLU D 246 17.71 -0.36 5.61
CA GLU D 246 18.13 -0.99 6.84
C GLU D 246 18.74 -0.01 7.84
N SER D 247 19.12 1.19 7.42
CA SER D 247 19.80 2.16 8.28
C SER D 247 19.32 3.59 8.02
N SER D 248 18.00 3.79 7.96
CA SER D 248 17.39 5.09 7.66
C SER D 248 16.26 5.39 8.63
N LYS D 249 15.92 6.68 8.69
CA LYS D 249 14.95 7.24 9.64
C LYS D 249 13.80 7.88 8.89
N PHE D 250 12.60 7.81 9.47
CA PHE D 250 11.36 8.19 8.81
C PHE D 250 10.44 8.91 9.79
N ILE D 251 9.40 9.56 9.25
CA ILE D 251 8.41 10.28 10.04
C ILE D 251 7.02 10.02 9.45
N ASP D 252 5.99 10.44 10.19
CA ASP D 252 4.61 10.27 9.78
C ASP D 252 4.12 11.46 8.95
N GLN D 253 3.10 11.21 8.13
CA GLN D 253 2.47 12.22 7.29
C GLN D 253 1.00 11.87 7.13
N GLN D 254 0.16 12.89 6.97
CA GLN D 254 -1.27 12.69 6.83
C GLN D 254 -1.88 13.78 5.95
N PHE D 255 -2.95 13.43 5.25
CA PHE D 255 -3.69 14.33 4.36
C PHE D 255 -5.08 14.60 4.92
N LEU D 256 -5.57 15.83 4.69
CA LEU D 256 -6.89 16.25 5.15
C LEU D 256 -7.56 17.08 4.07
N LYS D 257 -8.87 17.24 4.19
CA LYS D 257 -9.68 18.06 3.30
C LYS D 257 -10.49 19.05 4.13
N LEU D 258 -10.43 20.32 3.75
CA LEU D 258 -11.14 21.41 4.41
C LEU D 258 -12.20 21.97 3.48
N GLN D 259 -13.42 22.12 4.00
CA GLN D 259 -14.56 22.64 3.26
C GLN D 259 -14.96 23.99 3.86
N GLU D 260 -15.35 24.93 3.00
CA GLU D 260 -15.67 26.28 3.47
C GLU D 260 -16.88 26.25 4.39
N ILE D 261 -16.98 27.30 5.22
CA ILE D 261 -17.99 27.36 6.28
C ILE D 261 -19.39 27.35 5.66
N PRO D 262 -20.37 26.62 6.20
CA PRO D 262 -21.71 26.63 5.58
C PRO D 262 -22.40 27.99 5.55
N GLU D 263 -22.24 28.83 6.58
CA GLU D 263 -22.91 30.14 6.58
C GLU D 263 -22.17 31.21 5.77
N LEU D 264 -21.15 30.86 4.97
CA LEU D 264 -20.46 31.81 4.09
C LEU D 264 -20.66 31.54 2.59
N VAL D 265 -21.26 30.42 2.21
CA VAL D 265 -21.40 30.06 0.78
C VAL D 265 -22.39 31.01 0.10
N PRO D 266 -22.14 31.50 -1.11
CA PRO D 266 -23.20 32.19 -1.87
C PRO D 266 -24.39 31.28 -2.18
N VAL D 267 -25.57 31.89 -2.31
CA VAL D 267 -26.80 31.11 -2.50
C VAL D 267 -26.77 30.34 -3.83
N GLY D 268 -27.31 29.12 -3.82
CA GLY D 268 -27.44 28.31 -5.01
C GLY D 268 -26.18 27.62 -5.51
N GLU D 269 -25.09 27.62 -4.73
CA GLU D 269 -23.84 26.97 -5.10
C GLU D 269 -23.46 25.89 -4.09
N MET D 270 -22.77 24.84 -4.58
CA MET D 270 -22.20 23.82 -3.69
C MET D 270 -20.87 24.32 -3.10
N PRO D 271 -20.56 24.02 -1.83
CA PRO D 271 -19.37 24.61 -1.20
C PRO D 271 -18.05 24.12 -1.79
N ARG D 272 -17.08 25.03 -1.83
CA ARG D 272 -15.73 24.76 -2.31
C ARG D 272 -14.85 24.22 -1.18
N ASN D 273 -13.78 23.52 -1.55
CA ASN D 273 -12.91 22.85 -0.57
C ASN D 273 -11.46 22.83 -1.03
N LEU D 274 -10.57 22.54 -0.08
CA LEU D 274 -9.12 22.47 -0.30
C LEU D 274 -8.58 21.17 0.29
N THR D 275 -7.35 20.84 -0.11
CA THR D 275 -6.60 19.69 0.41
C THR D 275 -5.33 20.18 1.07
N MET D 276 -4.87 19.46 2.10
CA MET D 276 -3.78 19.95 2.92
C MET D 276 -3.07 18.79 3.61
N THR D 277 -1.89 19.11 4.16
CA THR D 277 -0.92 18.14 4.65
C THR D 277 -0.43 18.53 6.04
N CYS D 278 -0.10 17.53 6.85
CA CYS D 278 0.53 17.75 8.15
C CYS D 278 1.41 16.55 8.48
N ASP D 279 2.34 16.75 9.41
CA ASP D 279 3.32 15.73 9.74
C ASP D 279 3.70 15.81 11.22
N ARG D 280 4.23 14.70 11.72
CA ARG D 280 4.72 14.54 13.11
C ARG D 280 3.58 14.88 14.06
N TYR D 281 3.77 15.78 15.04
CA TYR D 281 2.83 15.91 16.14
C TYR D 281 1.48 16.48 15.72
N LEU D 282 1.39 17.12 14.55
CA LEU D 282 0.11 17.60 14.06
C LEU D 282 -0.75 16.51 13.44
N THR D 283 -0.22 15.30 13.27
CA THR D 283 -1.01 14.20 12.72
C THR D 283 -1.95 13.63 13.78
N ASN D 284 -3.10 13.14 13.32
CA ASN D 284 -4.03 12.39 14.16
C ASN D 284 -4.57 13.26 15.30
N LYS D 285 -4.87 14.52 14.99
CA LYS D 285 -5.32 15.51 15.95
C LYS D 285 -6.78 15.90 15.79
N VAL D 286 -7.39 15.65 14.63
CA VAL D 286 -8.77 16.03 14.34
C VAL D 286 -9.49 14.86 13.69
N ILE D 287 -10.82 14.96 13.66
CA ILE D 287 -11.70 13.92 13.11
C ILE D 287 -12.71 14.58 12.18
N PRO D 288 -13.37 13.80 11.31
CA PRO D 288 -14.35 14.39 10.37
C PRO D 288 -15.50 15.12 11.07
N GLY D 289 -15.98 16.18 10.41
CA GLY D 289 -17.14 16.94 10.85
C GLY D 289 -16.87 18.06 11.84
N THR D 290 -15.62 18.26 12.27
CA THR D 290 -15.29 19.29 13.25
C THR D 290 -14.91 20.60 12.57
N ARG D 291 -15.41 21.71 13.12
CA ARG D 291 -14.99 23.03 12.64
C ARG D 291 -13.64 23.38 13.24
N VAL D 292 -12.73 23.90 12.40
CA VAL D 292 -11.35 24.15 12.78
C VAL D 292 -10.86 25.47 12.20
N THR D 293 -9.77 25.97 12.78
CA THR D 293 -9.01 27.11 12.28
C THR D 293 -7.59 26.63 11.97
N ILE D 294 -7.02 27.14 10.88
CA ILE D 294 -5.76 26.63 10.33
C ILE D 294 -4.82 27.78 10.05
N VAL D 295 -3.53 27.56 10.33
CA VAL D 295 -2.44 28.44 9.92
C VAL D 295 -1.49 27.59 9.09
N GLY D 296 -1.15 28.06 7.90
CA GLY D 296 -0.28 27.28 7.04
C GLY D 296 0.13 28.03 5.80
N ILE D 297 1.17 27.51 5.15
CA ILE D 297 1.67 28.06 3.90
C ILE D 297 0.76 27.58 2.77
N TYR D 298 0.39 28.50 1.87
CA TYR D 298 -0.42 28.20 0.70
C TYR D 298 0.53 28.07 -0.49
N SER D 299 0.48 26.91 -1.16
CA SER D 299 1.44 26.61 -2.22
C SER D 299 0.78 25.68 -3.24
N ILE D 300 1.58 25.27 -4.23
CA ILE D 300 1.10 24.50 -5.38
C ILE D 300 1.99 23.28 -5.55
N TYR D 301 1.44 22.27 -6.24
CA TYR D 301 2.19 21.06 -6.56
C TYR D 301 1.69 20.49 -7.87
N ASN D 302 2.56 19.71 -8.51
CA ASN D 302 2.26 19.15 -9.83
C ASN D 302 1.41 17.89 -9.69
N SER D 303 0.51 17.70 -10.65
CA SER D 303 -0.29 16.49 -10.71
C SER D 303 -0.82 16.28 -12.12
N GLY D 320 -4.63 21.28 -20.50
CA GLY D 320 -4.13 22.59 -20.11
C GLY D 320 -2.64 22.74 -20.31
N VAL D 321 -2.13 23.94 -20.05
CA VAL D 321 -0.72 24.27 -20.24
C VAL D 321 -0.25 25.11 -19.06
N ALA D 322 0.91 24.75 -18.50
CA ALA D 322 1.57 25.54 -17.46
C ALA D 322 0.69 25.74 -16.24
N ILE D 323 0.01 24.68 -15.82
CA ILE D 323 -1.09 24.73 -14.85
C ILE D 323 -0.80 23.72 -13.74
N ARG D 324 -1.06 24.13 -12.50
CA ARG D 324 -0.72 23.33 -11.32
C ARG D 324 -1.81 23.48 -10.27
N THR D 325 -1.89 22.48 -9.39
CA THR D 325 -2.93 22.35 -8.38
C THR D 325 -2.50 23.04 -7.07
N PRO D 326 -3.37 23.74 -6.33
CA PRO D 326 -2.97 24.30 -5.04
C PRO D 326 -3.30 23.41 -3.85
N TYR D 327 -2.60 23.68 -2.74
CA TYR D 327 -2.82 23.00 -1.47
C TYR D 327 -2.22 23.86 -0.36
N ILE D 328 -2.33 23.37 0.88
CA ILE D 328 -1.85 24.09 2.06
C ILE D 328 -0.98 23.15 2.88
N LYS D 329 0.11 23.70 3.45
CA LYS D 329 0.99 23.01 4.39
C LYS D 329 0.68 23.56 5.78
N ILE D 330 0.13 22.71 6.65
CA ILE D 330 -0.35 23.18 7.95
C ILE D 330 0.82 23.45 8.87
N LEU D 331 0.69 24.53 9.67
CA LEU D 331 1.63 24.86 10.74
C LEU D 331 0.96 25.03 12.10
N GLY D 332 -0.35 24.82 12.21
CA GLY D 332 -1.05 24.93 13.48
C GLY D 332 -2.54 24.72 13.33
N ILE D 333 -3.18 24.19 14.37
CA ILE D 333 -4.60 23.86 14.35
C ILE D 333 -5.22 24.31 15.67
N GLN D 334 -6.42 24.87 15.59
CA GLN D 334 -7.30 25.07 16.73
C GLN D 334 -8.69 24.57 16.36
N SER D 335 -9.44 24.12 17.36
CA SER D 335 -10.75 23.51 17.16
C SER D 335 -11.76 24.03 18.17
N MET D 348 -18.19 9.06 33.74
CA MET D 348 -17.25 9.77 34.60
C MET D 348 -17.97 10.82 35.42
N PHE D 349 -17.68 10.86 36.72
CA PHE D 349 -18.30 11.78 37.65
C PHE D 349 -17.26 12.31 38.62
N THR D 350 -17.53 13.50 39.15
CA THR D 350 -16.78 14.04 40.28
C THR D 350 -17.48 13.64 41.58
N GLU D 351 -16.80 13.91 42.69
CA GLU D 351 -17.37 13.59 44.00
C GLU D 351 -18.59 14.46 44.28
N GLU D 352 -18.47 15.77 44.02
CA GLU D 352 -19.56 16.70 44.28
C GLU D 352 -20.80 16.39 43.43
N GLU D 353 -20.62 15.75 42.27
CA GLU D 353 -21.77 15.32 41.47
C GLU D 353 -22.50 14.14 42.12
N GLU D 354 -21.75 13.12 42.50
CA GLU D 354 -22.39 11.94 43.06
C GLU D 354 -22.97 12.21 44.45
N GLU D 355 -22.49 13.25 45.15
CA GLU D 355 -23.12 13.61 46.41
C GLU D 355 -24.57 14.05 46.20
N GLU D 356 -24.82 14.85 45.16
CA GLU D 356 -26.19 15.24 44.84
C GLU D 356 -27.03 14.02 44.48
N PHE D 357 -26.46 13.10 43.70
CA PHE D 357 -27.25 11.92 43.33
C PHE D 357 -27.57 11.06 44.55
N LEU D 358 -26.63 10.94 45.49
CA LEU D 358 -26.90 10.20 46.72
C LEU D 358 -27.97 10.88 47.56
N GLN D 359 -27.94 12.21 47.64
CA GLN D 359 -28.98 12.94 48.37
C GLN D 359 -30.35 12.68 47.74
N LEU D 360 -30.41 12.66 46.41
CA LEU D 360 -31.66 12.31 45.75
C LEU D 360 -32.09 10.88 46.07
N SER D 361 -31.12 9.97 46.16
CA SER D 361 -31.43 8.56 46.36
C SER D 361 -32.17 8.30 47.68
N ARG D 362 -31.86 9.08 48.72
CA ARG D 362 -32.47 8.91 50.03
C ARG D 362 -33.72 9.78 50.24
N ASN D 363 -34.18 10.47 49.21
CA ASN D 363 -35.44 11.21 49.33
C ASN D 363 -36.60 10.23 49.46
N PRO D 364 -37.54 10.42 50.40
CA PRO D 364 -38.60 9.42 50.55
C PRO D 364 -39.63 9.40 49.42
N LYS D 365 -39.65 10.43 48.56
CA LYS D 365 -40.65 10.55 47.50
C LYS D 365 -39.99 10.66 46.12
N LEU D 366 -38.87 9.96 45.92
CA LEU D 366 -38.11 10.09 44.68
C LEU D 366 -38.90 9.56 43.48
N TYR D 367 -39.64 8.47 43.66
CA TYR D 367 -40.42 7.89 42.57
C TYR D 367 -41.44 8.89 42.04
N GLU D 368 -42.15 9.55 42.96
CA GLU D 368 -43.09 10.59 42.58
C GLU D 368 -42.39 11.73 41.85
N ILE D 369 -41.20 12.11 42.33
CA ILE D 369 -40.47 13.23 41.74
C ILE D 369 -40.06 12.90 40.31
N LEU D 370 -39.56 11.69 40.08
CA LEU D 370 -39.14 11.34 38.72
C LEU D 370 -40.33 11.20 37.79
N THR D 371 -41.44 10.65 38.27
CA THR D 371 -42.63 10.56 37.42
C THR D 371 -43.15 11.96 37.07
N ASN D 372 -43.15 12.88 38.04
CA ASN D 372 -43.62 14.23 37.78
C ASN D 372 -42.73 14.96 36.77
N SER D 373 -41.45 14.63 36.73
CA SER D 373 -40.51 15.34 35.87
C SER D 373 -40.62 14.93 34.39
N ILE D 374 -41.37 13.88 34.07
CA ILE D 374 -41.41 13.33 32.71
C ILE D 374 -42.62 13.90 31.98
N ALA D 375 -42.34 14.58 30.86
CA ALA D 375 -43.34 15.27 30.04
C ALA D 375 -44.32 16.08 30.89
N PRO D 376 -43.85 17.08 31.65
CA PRO D 376 -44.75 17.76 32.59
C PRO D 376 -45.93 18.46 31.94
N SER D 377 -45.82 18.84 30.66
CA SER D 377 -46.95 19.48 29.99
C SER D 377 -48.13 18.53 29.81
N ILE D 378 -47.85 17.24 29.63
CA ILE D 378 -48.92 16.27 29.38
C ILE D 378 -49.72 16.05 30.65
N PHE D 379 -51.03 16.22 30.55
CA PHE D 379 -51.92 16.07 31.69
C PHE D 379 -52.24 14.60 31.94
N GLY D 380 -52.35 14.24 33.22
CA GLY D 380 -52.73 12.89 33.59
C GLY D 380 -51.69 11.86 33.16
N ASN D 381 -52.17 10.65 32.89
CA ASN D 381 -51.34 9.54 32.40
C ASN D 381 -50.21 9.22 33.39
N GLU D 382 -50.61 8.91 34.63
CA GLU D 382 -49.64 8.61 35.69
C GLU D 382 -48.87 7.33 35.40
N ASP D 383 -49.61 6.23 35.14
CA ASP D 383 -48.97 4.94 34.96
C ASP D 383 -48.09 4.91 33.71
N ILE D 384 -48.43 5.72 32.71
CA ILE D 384 -47.57 5.81 31.52
C ILE D 384 -46.20 6.34 31.93
N LYS D 385 -46.19 7.41 32.73
CA LYS D 385 -44.94 8.00 33.18
C LYS D 385 -44.15 7.03 34.06
N LYS D 386 -44.85 6.31 34.94
CA LYS D 386 -44.17 5.30 35.76
C LYS D 386 -43.53 4.21 34.90
N ALA D 387 -44.26 3.74 33.88
CA ALA D 387 -43.71 2.73 32.99
C ALA D 387 -42.51 3.26 32.22
N ILE D 388 -42.52 4.54 31.84
CA ILE D 388 -41.37 5.10 31.14
C ILE D 388 -40.16 5.17 32.08
N VAL D 389 -40.38 5.48 33.35
CA VAL D 389 -39.28 5.45 34.32
C VAL D 389 -38.68 4.04 34.39
N CYS D 390 -39.55 3.04 34.48
CA CYS D 390 -39.06 1.66 34.54
C CYS D 390 -38.33 1.27 33.26
N LEU D 391 -38.82 1.73 32.11
CA LEU D 391 -38.14 1.46 30.85
C LEU D 391 -36.76 2.07 30.82
N LEU D 392 -36.63 3.32 31.30
CA LEU D 392 -35.33 3.98 31.29
C LEU D 392 -34.36 3.30 32.24
N MET D 393 -34.84 2.84 33.40
CA MET D 393 -33.91 2.29 34.39
C MET D 393 -33.49 0.85 34.06
N GLY D 394 -34.45 0.00 33.71
CA GLY D 394 -34.14 -1.36 33.30
C GLY D 394 -33.82 -2.28 34.46
N GLY D 395 -33.75 -3.57 34.15
CA GLY D 395 -33.45 -4.60 35.14
C GLY D 395 -31.97 -4.86 35.30
N SER D 396 -31.59 -6.12 35.51
CA SER D 396 -30.19 -6.52 35.72
C SER D 396 -29.88 -7.75 34.89
N LYS D 397 -28.80 -7.66 34.13
CA LYS D 397 -28.32 -8.77 33.30
C LYS D 397 -27.60 -9.80 34.18
N LYS D 398 -27.73 -11.08 33.80
CA LYS D 398 -27.13 -12.17 34.56
C LYS D 398 -26.65 -13.25 33.60
N ILE D 399 -25.60 -13.97 34.03
CA ILE D 399 -25.00 -15.06 33.28
C ILE D 399 -24.79 -16.22 34.25
N LEU D 400 -25.11 -17.44 33.80
CA LEU D 400 -25.16 -18.61 34.64
C LEU D 400 -24.00 -19.56 34.33
N PRO D 401 -23.72 -20.54 35.22
CA PRO D 401 -22.59 -21.46 34.94
C PRO D 401 -22.73 -22.26 33.66
N ASP D 402 -23.94 -22.70 33.31
CA ASP D 402 -24.14 -23.47 32.08
C ASP D 402 -24.25 -22.59 30.84
N GLY D 403 -23.92 -21.30 30.93
CA GLY D 403 -23.80 -20.45 29.77
C GLY D 403 -25.07 -19.75 29.33
N MET D 404 -26.21 -20.05 29.94
CA MET D 404 -27.44 -19.36 29.58
C MET D 404 -27.39 -17.92 30.06
N ARG D 405 -28.05 -17.04 29.32
CA ARG D 405 -27.91 -15.59 29.46
C ARG D 405 -29.30 -15.00 29.66
N LEU D 406 -29.43 -14.13 30.66
CA LEU D 406 -30.70 -13.61 31.13
C LEU D 406 -30.81 -12.13 30.80
N ARG D 407 -31.91 -11.74 30.17
CA ARG D 407 -32.06 -10.41 29.61
C ARG D 407 -32.29 -9.37 30.71
N GLY D 408 -31.92 -8.12 30.39
CA GLY D 408 -32.08 -6.99 31.29
C GLY D 408 -33.06 -5.92 30.82
N ASP D 409 -33.32 -5.87 29.52
CA ASP D 409 -34.05 -4.76 28.92
C ASP D 409 -35.54 -4.81 29.26
N ILE D 410 -36.22 -3.71 28.91
CA ILE D 410 -37.66 -3.53 29.11
C ILE D 410 -38.27 -3.07 27.79
N ASN D 411 -39.52 -3.48 27.54
CA ASN D 411 -40.24 -3.14 26.33
C ASN D 411 -41.66 -2.70 26.70
N VAL D 412 -42.12 -1.61 26.06
CA VAL D 412 -43.42 -1.01 26.37
C VAL D 412 -44.08 -0.58 25.06
N LEU D 413 -45.41 -0.65 25.04
CA LEU D 413 -46.25 -0.26 23.90
C LEU D 413 -47.32 0.72 24.40
N LEU D 414 -47.68 1.67 23.54
CA LEU D 414 -48.61 2.75 23.89
C LEU D 414 -49.68 2.87 22.83
N LEU D 415 -50.95 2.70 23.22
CA LEU D 415 -52.07 2.76 22.28
C LEU D 415 -52.91 4.01 22.51
N ALA D 421 -51.11 13.41 21.32
CA ALA D 421 -50.63 13.26 22.69
C ALA D 421 -49.46 12.28 22.75
N LYS D 422 -49.67 11.10 22.18
CA LYS D 422 -48.66 10.04 22.26
C LYS D 422 -47.37 10.42 21.51
N SER D 423 -47.44 11.34 20.55
CA SER D 423 -46.24 11.74 19.81
C SER D 423 -45.23 12.41 20.73
N GLN D 424 -45.70 13.21 21.70
CA GLN D 424 -44.82 13.99 22.56
C GLN D 424 -43.90 13.11 23.40
N LEU D 425 -44.45 12.02 23.94
CA LEU D 425 -43.72 11.22 24.91
C LEU D 425 -42.49 10.57 24.29
N LEU D 426 -42.59 10.12 23.04
CA LEU D 426 -41.44 9.50 22.39
C LEU D 426 -40.31 10.50 22.19
N LYS D 427 -40.65 11.73 21.81
CA LYS D 427 -39.64 12.78 21.69
C LYS D 427 -38.99 13.06 23.04
N PHE D 428 -39.80 13.10 24.11
CA PHE D 428 -39.23 13.32 25.45
C PHE D 428 -38.28 12.18 25.83
N VAL D 429 -38.69 10.94 25.56
CA VAL D 429 -37.84 9.79 25.87
C VAL D 429 -36.55 9.87 25.07
N GLU D 430 -36.63 10.32 23.82
CA GLU D 430 -35.43 10.54 23.01
C GLU D 430 -34.51 11.56 23.66
N LYS D 431 -35.07 12.66 24.17
CA LYS D 431 -34.25 13.71 24.77
C LYS D 431 -33.62 13.27 26.08
N VAL D 432 -34.38 12.58 26.95
CA VAL D 432 -33.89 12.28 28.30
C VAL D 432 -32.89 11.13 28.28
N SER D 433 -33.05 10.18 27.36
CA SER D 433 -32.29 8.94 27.42
C SER D 433 -30.80 9.23 27.16
N PRO D 434 -29.88 8.46 27.77
CA PRO D 434 -28.46 8.64 27.40
C PRO D 434 -28.17 8.41 25.93
N ILE D 435 -28.76 7.36 25.34
CA ILE D 435 -28.63 7.05 23.92
C ILE D 435 -30.02 6.75 23.39
N ALA D 436 -30.34 7.28 22.22
CA ALA D 436 -31.70 7.19 21.69
C ALA D 436 -31.69 7.26 20.17
N VAL D 437 -32.63 6.53 19.56
CA VAL D 437 -32.89 6.58 18.12
C VAL D 437 -34.39 6.71 17.93
N TYR D 438 -34.79 7.55 16.98
CA TYR D 438 -36.19 7.83 16.65
C TYR D 438 -36.44 7.46 15.20
N THR D 439 -37.56 6.77 14.95
CA THR D 439 -37.90 6.38 13.59
C THR D 439 -39.40 6.14 13.48
N SER D 440 -39.89 6.22 12.24
CA SER D 440 -41.22 5.79 11.87
C SER D 440 -41.16 4.37 11.31
N GLY D 441 -42.34 3.75 11.18
CA GLY D 441 -42.41 2.33 10.91
C GLY D 441 -41.77 1.89 9.61
N LYS D 442 -41.77 2.75 8.59
CA LYS D 442 -41.20 2.36 7.30
C LYS D 442 -39.68 2.35 7.30
N GLY D 443 -39.04 2.96 8.28
CA GLY D 443 -37.60 2.93 8.40
C GLY D 443 -36.91 3.94 7.50
N SER D 444 -35.60 4.07 7.69
CA SER D 444 -34.80 5.05 6.96
C SER D 444 -34.37 4.57 5.58
N SER D 445 -34.41 3.26 5.32
CA SER D 445 -33.97 2.72 4.03
C SER D 445 -34.73 1.43 3.77
N ALA D 446 -34.29 0.69 2.75
CA ALA D 446 -34.86 -0.63 2.46
C ALA D 446 -34.50 -1.66 3.52
N ALA D 447 -33.54 -1.37 4.39
CA ALA D 447 -33.31 -2.22 5.57
C ALA D 447 -34.53 -2.29 6.48
N GLY D 448 -35.41 -1.28 6.43
CA GLY D 448 -36.57 -1.29 7.29
C GLY D 448 -36.14 -1.10 8.73
N LEU D 449 -36.90 -1.72 9.64
CA LEU D 449 -36.53 -1.69 11.04
C LEU D 449 -35.33 -2.60 11.31
N THR D 450 -35.41 -3.87 10.90
CA THR D 450 -34.39 -4.85 11.29
C THR D 450 -33.17 -4.85 10.38
N ALA D 451 -33.33 -5.32 9.14
CA ALA D 451 -32.22 -5.51 8.21
C ALA D 451 -32.74 -6.11 6.91
N SER D 452 -31.93 -6.09 5.85
CA SER D 452 -32.30 -6.72 4.60
C SER D 452 -31.05 -6.86 3.73
N VAL D 453 -31.21 -7.63 2.65
CA VAL D 453 -30.15 -7.87 1.66
C VAL D 453 -30.52 -7.11 0.40
N GLN D 454 -29.53 -6.44 -0.20
CA GLN D 454 -29.74 -5.57 -1.35
C GLN D 454 -28.66 -5.83 -2.39
N ARG D 455 -28.92 -5.37 -3.62
CA ARG D 455 -28.05 -5.57 -4.76
C ARG D 455 -27.70 -4.25 -5.43
N ARG D 460 -23.82 -7.09 -10.55
CA ARG D 460 -23.76 -6.40 -9.25
C ARG D 460 -23.84 -7.39 -8.10
N GLU D 461 -22.89 -7.29 -7.17
CA GLU D 461 -22.83 -8.18 -6.03
C GLU D 461 -23.84 -7.78 -4.97
N PHE D 462 -24.23 -8.76 -4.16
CA PHE D 462 -25.16 -8.54 -3.06
C PHE D 462 -24.43 -8.00 -1.84
N TYR D 463 -25.15 -7.24 -1.02
CA TYR D 463 -24.66 -6.77 0.26
C TYR D 463 -25.81 -6.75 1.26
N LEU D 464 -25.46 -6.43 2.52
CA LEU D 464 -26.41 -6.40 3.63
C LEU D 464 -26.23 -5.10 4.40
N GLU D 465 -27.36 -4.57 4.90
CA GLU D 465 -27.35 -3.39 5.77
C GLU D 465 -28.42 -3.54 6.83
N GLY D 466 -28.16 -2.96 7.99
CA GLY D 466 -29.06 -3.04 9.14
C GLY D 466 -29.92 -1.80 9.29
N GLY D 467 -31.13 -2.00 9.79
CA GLY D 467 -32.07 -0.93 10.03
C GLY D 467 -31.90 -0.32 11.40
N ALA D 468 -32.98 0.29 11.90
CA ALA D 468 -32.97 0.95 13.21
C ALA D 468 -33.35 0.01 14.34
N MET D 469 -32.75 -1.18 14.36
CA MET D 469 -32.62 -2.05 15.52
C MET D 469 -31.18 -2.40 15.78
N VAL D 470 -30.39 -2.60 14.72
CA VAL D 470 -28.97 -2.81 14.86
C VAL D 470 -28.27 -1.51 15.27
N LEU D 471 -28.69 -0.39 14.69
CA LEU D 471 -28.01 0.88 14.92
C LEU D 471 -28.18 1.36 16.36
N ALA D 472 -29.31 1.04 16.99
CA ALA D 472 -29.58 1.44 18.37
C ALA D 472 -29.03 0.47 19.40
N ASP D 473 -28.11 -0.42 19.00
CA ASP D 473 -27.58 -1.42 19.92
C ASP D 473 -26.88 -0.76 21.11
N GLY D 474 -27.25 -1.21 22.31
CA GLY D 474 -26.71 -0.65 23.53
C GLY D 474 -27.50 0.49 24.13
N GLY D 475 -28.50 1.02 23.42
CA GLY D 475 -29.30 2.14 23.87
C GLY D 475 -30.78 1.85 23.75
N VAL D 476 -31.55 2.93 23.59
CA VAL D 476 -33.01 2.89 23.49
C VAL D 476 -33.40 3.24 22.06
N VAL D 477 -34.51 2.66 21.60
CA VAL D 477 -35.09 2.94 20.29
C VAL D 477 -36.59 3.13 20.46
N CYS D 478 -37.14 4.16 19.81
CA CYS D 478 -38.56 4.48 19.86
C CYS D 478 -39.12 4.51 18.44
N ILE D 479 -40.24 3.85 18.24
CA ILE D 479 -40.90 3.73 16.94
C ILE D 479 -42.19 4.54 16.99
N ASP D 480 -42.40 5.40 15.98
CA ASP D 480 -43.48 6.38 16.03
C ASP D 480 -44.83 5.78 15.64
N GLU D 481 -44.85 4.87 14.66
CA GLU D 481 -46.07 4.15 14.28
C GLU D 481 -45.70 2.70 14.03
N PHE D 482 -45.97 1.85 15.01
CA PHE D 482 -45.63 0.44 14.93
C PHE D 482 -46.48 -0.32 13.92
N ASP D 483 -47.66 0.20 13.55
CA ASP D 483 -48.52 -0.49 12.61
C ASP D 483 -48.02 -0.40 11.16
N LYS D 484 -47.23 0.62 10.84
CA LYS D 484 -46.66 0.79 9.50
C LYS D 484 -45.39 -0.06 9.30
N MET D 485 -45.10 -1.00 10.19
CA MET D 485 -44.00 -1.92 10.03
C MET D 485 -44.16 -2.72 8.74
N ARG D 486 -43.04 -2.95 8.04
CA ARG D 486 -43.05 -3.69 6.80
C ARG D 486 -43.17 -5.20 7.07
N ASP D 487 -43.39 -5.95 5.99
CA ASP D 487 -43.71 -7.37 6.10
C ASP D 487 -42.56 -8.18 6.68
N GLU D 488 -41.34 -7.94 6.20
CA GLU D 488 -40.19 -8.68 6.70
C GLU D 488 -39.92 -8.36 8.17
N ASP D 489 -40.08 -7.10 8.54
CA ASP D 489 -39.84 -6.69 9.92
C ASP D 489 -40.84 -7.32 10.88
N ARG D 490 -42.08 -7.57 10.41
CA ARG D 490 -43.11 -8.19 11.23
C ARG D 490 -42.65 -9.55 11.76
N VAL D 491 -41.94 -10.31 10.93
CA VAL D 491 -41.42 -11.61 11.36
C VAL D 491 -40.05 -11.48 12.02
N ALA D 492 -39.21 -10.54 11.58
CA ALA D 492 -37.85 -10.44 12.11
C ALA D 492 -37.81 -9.87 13.53
N ILE D 493 -38.81 -9.05 13.90
CA ILE D 493 -38.78 -8.45 15.24
C ILE D 493 -38.94 -9.52 16.32
N HIS D 494 -39.48 -10.69 15.99
CA HIS D 494 -39.54 -11.80 16.95
C HIS D 494 -38.15 -12.15 17.45
N GLU D 495 -37.22 -12.42 16.52
CA GLU D 495 -35.85 -12.70 16.91
C GLU D 495 -35.17 -11.46 17.47
N ALA D 496 -35.50 -10.27 16.95
CA ALA D 496 -34.85 -9.06 17.44
C ALA D 496 -35.16 -8.79 18.91
N MET D 497 -36.36 -9.17 19.36
CA MET D 497 -36.79 -8.90 20.73
C MET D 497 -36.48 -10.07 21.67
N GLU D 498 -36.83 -11.30 21.29
CA GLU D 498 -36.62 -12.42 22.19
C GLU D 498 -35.14 -12.71 22.37
N GLN D 499 -34.40 -12.83 21.26
CA GLN D 499 -32.99 -13.22 21.30
C GLN D 499 -32.04 -12.05 21.44
N GLN D 500 -32.50 -10.82 21.19
CA GLN D 500 -31.63 -9.66 21.05
C GLN D 500 -30.59 -9.87 19.96
N THR D 501 -30.99 -10.55 18.89
CA THR D 501 -30.12 -10.79 17.74
C THR D 501 -30.96 -10.82 16.48
N ILE D 502 -30.29 -10.59 15.35
CA ILE D 502 -30.86 -10.77 14.02
C ILE D 502 -29.90 -11.63 13.23
N SER D 503 -30.41 -12.70 12.62
CA SER D 503 -29.62 -13.67 11.89
C SER D 503 -30.18 -13.83 10.49
N ILE D 504 -29.28 -13.88 9.51
CA ILE D 504 -29.61 -13.93 8.09
C ILE D 504 -28.71 -14.95 7.42
N ALA D 505 -29.29 -15.77 6.53
CA ALA D 505 -28.54 -16.66 5.65
C ALA D 505 -29.16 -16.58 4.25
N LYS D 506 -28.72 -15.60 3.46
CA LYS D 506 -29.31 -15.34 2.14
C LYS D 506 -28.23 -14.95 1.14
N ALA D 507 -28.31 -15.54 -0.06
CA ALA D 507 -27.49 -15.15 -1.21
C ALA D 507 -26.00 -15.27 -0.89
N GLY D 508 -25.62 -16.29 -0.13
CA GLY D 508 -24.25 -16.51 0.28
C GLY D 508 -23.83 -15.73 1.51
N ILE D 509 -24.57 -14.71 1.92
CA ILE D 509 -24.31 -14.04 3.18
C ILE D 509 -24.74 -14.97 4.30
N THR D 510 -23.92 -15.04 5.36
CA THR D 510 -24.26 -15.83 6.55
C THR D 510 -23.65 -15.11 7.76
N THR D 511 -24.46 -14.32 8.45
CA THR D 511 -23.99 -13.53 9.58
C THR D 511 -25.09 -13.40 10.62
N VAL D 512 -24.69 -12.98 11.81
CA VAL D 512 -25.60 -12.69 12.93
C VAL D 512 -25.27 -11.30 13.44
N LEU D 513 -26.31 -10.55 13.80
CA LEU D 513 -26.20 -9.15 14.20
C LEU D 513 -26.75 -8.98 15.61
N ASN D 514 -26.15 -8.06 16.36
CA ASN D 514 -26.56 -7.78 17.74
C ASN D 514 -27.69 -6.75 17.76
N SER D 515 -28.66 -6.96 18.64
CA SER D 515 -29.84 -6.11 18.76
C SER D 515 -30.17 -5.86 20.23
N ARG D 516 -29.15 -5.54 21.03
CA ARG D 516 -29.31 -5.38 22.47
C ARG D 516 -29.86 -3.99 22.74
N THR D 517 -31.18 -3.88 22.91
CA THR D 517 -31.82 -2.59 23.09
C THR D 517 -33.18 -2.76 23.77
N SER D 518 -33.68 -1.64 24.30
CA SER D 518 -35.04 -1.53 24.83
C SER D 518 -35.89 -0.75 23.83
N VAL D 519 -37.09 -1.27 23.54
CA VAL D 519 -37.96 -0.72 22.51
C VAL D 519 -39.15 -0.05 23.18
N LEU D 520 -39.43 1.19 22.76
CA LEU D 520 -40.69 1.86 23.02
C LEU D 520 -41.42 1.96 21.68
N ALA D 521 -42.75 1.83 21.71
CA ALA D 521 -43.51 1.79 20.48
C ALA D 521 -44.90 2.33 20.71
N ALA D 522 -45.55 2.74 19.63
CA ALA D 522 -46.91 3.25 19.69
C ALA D 522 -47.62 2.93 18.38
N ALA D 523 -48.95 2.78 18.49
CA ALA D 523 -49.78 2.46 17.33
C ALA D 523 -51.19 2.96 17.60
N ASN D 524 -51.92 3.18 16.51
CA ASN D 524 -53.28 3.72 16.55
C ASN D 524 -53.34 5.04 17.32
N THR D 544 -54.38 -8.74 18.30
CA THR D 544 -53.29 -9.30 17.50
C THR D 544 -52.24 -9.93 18.41
N THR D 545 -51.50 -10.90 17.87
CA THR D 545 -50.57 -11.69 18.67
C THR D 545 -49.26 -10.96 18.96
N ILE D 546 -48.95 -9.89 18.23
CA ILE D 546 -47.67 -9.21 18.41
C ILE D 546 -47.56 -8.53 19.78
N LEU D 547 -48.68 -8.29 20.46
CA LEU D 547 -48.63 -7.69 21.79
C LEU D 547 -47.89 -8.57 22.81
N SER D 548 -47.79 -9.88 22.56
CA SER D 548 -47.13 -10.77 23.50
C SER D 548 -45.65 -10.44 23.71
N ARG D 549 -45.01 -9.78 22.75
CA ARG D 549 -43.58 -9.51 22.87
C ARG D 549 -43.27 -8.44 23.91
N PHE D 550 -44.22 -7.56 24.21
CA PHE D 550 -43.98 -6.43 25.11
C PHE D 550 -44.24 -6.79 26.56
N ASP D 551 -43.49 -6.14 27.46
CA ASP D 551 -43.66 -6.37 28.88
C ASP D 551 -44.91 -5.68 29.43
N MET D 552 -45.21 -4.49 28.91
CA MET D 552 -46.36 -3.70 29.37
C MET D 552 -46.98 -2.99 28.18
N ILE D 553 -48.31 -2.90 28.19
CA ILE D 553 -49.09 -2.22 27.16
C ILE D 553 -50.10 -1.31 27.86
N PHE D 554 -50.25 -0.10 27.34
CA PHE D 554 -51.19 0.86 27.90
C PHE D 554 -51.78 1.68 26.77
N ILE D 555 -52.89 2.36 27.08
CA ILE D 555 -53.63 3.19 26.14
C ILE D 555 -53.64 4.61 26.66
N VAL D 556 -53.23 5.56 25.82
CA VAL D 556 -53.11 6.95 26.23
C VAL D 556 -54.50 7.56 26.42
N LYS D 557 -54.61 8.47 27.38
CA LYS D 557 -55.85 9.13 27.75
C LYS D 557 -55.68 10.64 27.65
N ASP D 558 -56.80 11.32 27.41
CA ASP D 558 -56.81 12.76 27.12
C ASP D 558 -57.79 13.48 28.03
N ASP D 559 -57.50 14.76 28.29
CA ASP D 559 -58.40 15.68 28.95
C ASP D 559 -58.34 17.02 28.24
N HIS D 560 -59.42 17.78 28.32
CA HIS D 560 -59.71 18.89 27.42
C HIS D 560 -59.98 20.19 28.18
N ASN D 561 -59.08 20.53 29.10
CA ASN D 561 -59.19 21.79 29.83
C ASN D 561 -58.74 22.94 28.93
N GLU D 562 -59.59 23.96 28.82
CA GLU D 562 -59.29 25.10 27.95
C GLU D 562 -58.07 25.86 28.44
N GLU D 563 -57.86 25.92 29.76
CA GLU D 563 -56.72 26.63 30.32
C GLU D 563 -55.41 26.04 29.81
N ARG D 564 -55.35 24.70 29.68
CA ARG D 564 -54.14 24.04 29.18
C ARG D 564 -53.80 24.51 27.76
N ASP D 565 -54.80 24.46 26.88
CA ASP D 565 -54.60 24.89 25.50
C ASP D 565 -54.22 26.37 25.43
N ILE D 566 -54.87 27.20 26.26
CA ILE D 566 -54.57 28.63 26.27
C ILE D 566 -53.13 28.86 26.72
N SER D 567 -52.68 28.13 27.75
CA SER D 567 -51.30 28.23 28.21
C SER D 567 -50.32 27.83 27.12
N ILE D 568 -50.61 26.73 26.42
CA ILE D 568 -49.74 26.29 25.32
C ILE D 568 -49.68 27.35 24.23
N ALA D 569 -50.84 27.91 23.88
CA ALA D 569 -50.89 28.95 22.85
C ALA D 569 -50.10 30.18 23.27
N ASN D 570 -50.22 30.57 24.54
CA ASN D 570 -49.47 31.73 25.04
C ASN D 570 -47.97 31.47 24.96
N HIS D 571 -47.54 30.25 25.30
CA HIS D 571 -46.11 29.91 25.17
C HIS D 571 -45.68 29.95 23.70
N VAL D 572 -46.53 29.47 22.79
CA VAL D 572 -46.22 29.50 21.37
C VAL D 572 -46.06 30.95 20.90
N ILE D 573 -46.96 31.83 21.34
CA ILE D 573 -46.83 33.25 21.00
C ILE D 573 -45.56 33.84 21.61
N ASN D 574 -45.18 33.39 22.82
CA ASN D 574 -43.95 33.88 23.44
C ASN D 574 -42.72 33.53 22.61
N ILE D 575 -42.63 32.29 22.10
CA ILE D 575 -41.47 31.95 21.27
C ILE D 575 -41.58 32.63 19.88
N HIS D 576 -42.80 32.84 19.38
CA HIS D 576 -42.98 33.49 18.08
C HIS D 576 -42.68 34.99 18.13
N THR D 577 -42.91 35.63 19.27
CA THR D 577 -42.68 37.07 19.45
C THR D 577 -41.23 37.39 19.86
N GLU D 593 -39.11 18.20 41.35
CA GLU D 593 -38.91 18.24 39.92
C GLU D 593 -37.42 18.31 39.58
N ILE D 594 -37.04 17.71 38.46
CA ILE D 594 -35.65 17.57 38.05
C ILE D 594 -35.55 17.94 36.57
N SER D 595 -34.49 18.67 36.23
CA SER D 595 -34.26 19.07 34.85
C SER D 595 -33.75 17.89 34.01
N ILE D 596 -33.75 18.08 32.69
CA ILE D 596 -33.44 16.98 31.77
C ILE D 596 -32.01 16.49 31.95
N GLU D 597 -31.03 17.41 31.94
CA GLU D 597 -29.63 17.02 31.96
C GLU D 597 -29.27 16.34 33.28
N LYS D 598 -29.74 16.90 34.40
CA LYS D 598 -29.50 16.29 35.69
C LYS D 598 -30.10 14.90 35.78
N MET D 599 -31.33 14.75 35.28
CA MET D 599 -31.99 13.45 35.32
C MET D 599 -31.25 12.43 34.44
N LYS D 600 -30.79 12.86 33.27
CA LYS D 600 -30.04 11.97 32.38
C LYS D 600 -28.75 11.50 33.05
N ARG D 601 -28.03 12.43 33.68
CA ARG D 601 -26.80 12.06 34.37
C ARG D 601 -27.10 11.13 35.55
N TYR D 602 -28.19 11.38 36.27
CA TYR D 602 -28.57 10.51 37.39
C TYR D 602 -28.90 9.10 36.90
N ILE D 603 -29.62 9.00 35.78
CA ILE D 603 -29.93 7.69 35.20
C ILE D 603 -28.65 6.97 34.82
N THR D 604 -27.71 7.70 34.22
CA THR D 604 -26.42 7.10 33.87
C THR D 604 -25.70 6.58 35.10
N TYR D 605 -25.69 7.38 36.17
CA TYR D 605 -25.03 6.98 37.42
C TYR D 605 -25.67 5.73 38.00
N CYS D 606 -27.01 5.69 38.06
CA CYS D 606 -27.69 4.53 38.61
C CYS D 606 -27.46 3.29 37.76
N ARG D 607 -27.44 3.44 36.43
CA ARG D 607 -27.16 2.30 35.57
C ARG D 607 -25.75 1.78 35.79
N LEU D 608 -24.79 2.67 36.07
CA LEU D 608 -23.42 2.23 36.23
C LEU D 608 -23.14 1.61 37.60
N LYS D 609 -23.83 2.06 38.65
CA LYS D 609 -23.39 1.76 40.01
C LYS D 609 -24.06 0.52 40.64
N CYS D 610 -25.28 0.16 40.23
CA CYS D 610 -26.08 -0.79 40.99
C CYS D 610 -26.75 -1.82 40.06
N ALA D 611 -26.95 -3.01 40.60
CA ALA D 611 -27.64 -4.09 39.89
C ALA D 611 -28.22 -5.07 40.92
N PRO D 612 -29.39 -4.75 41.49
CA PRO D 612 -29.83 -5.46 42.70
C PRO D 612 -30.38 -6.86 42.42
N ARG D 613 -30.60 -7.58 43.53
CA ARG D 613 -31.02 -8.98 43.53
C ARG D 613 -32.29 -9.14 44.36
N LEU D 614 -33.07 -10.17 44.05
CA LEU D 614 -34.27 -10.47 44.81
C LEU D 614 -33.92 -11.05 46.17
N SER D 615 -34.69 -10.63 47.20
CA SER D 615 -34.64 -11.28 48.50
C SER D 615 -35.52 -12.53 48.50
N PRO D 616 -35.31 -13.45 49.47
CA PRO D 616 -36.17 -14.65 49.51
C PRO D 616 -37.65 -14.37 49.72
N GLN D 617 -37.99 -13.34 50.49
CA GLN D 617 -39.39 -13.01 50.74
C GLN D 617 -40.10 -12.66 49.44
N ALA D 618 -39.42 -11.90 48.58
CA ALA D 618 -39.96 -11.61 47.26
C ALA D 618 -40.17 -12.88 46.44
N ALA D 619 -39.26 -13.85 46.58
CA ALA D 619 -39.40 -15.10 45.84
C ALA D 619 -40.66 -15.84 46.26
N GLU D 620 -40.88 -15.98 47.58
CA GLU D 620 -42.09 -16.64 48.06
C GLU D 620 -43.34 -15.89 47.62
N LYS D 621 -43.32 -14.56 47.74
CA LYS D 621 -44.46 -13.74 47.33
C LYS D 621 -44.79 -13.94 45.86
N LEU D 622 -43.78 -13.87 45.00
CA LEU D 622 -44.00 -13.97 43.57
C LEU D 622 -44.48 -15.35 43.16
N SER D 623 -43.89 -16.41 43.73
CA SER D 623 -44.33 -17.76 43.37
C SER D 623 -45.77 -18.01 43.82
N SER D 624 -46.12 -17.56 45.02
CA SER D 624 -47.49 -17.73 45.49
C SER D 624 -48.47 -16.97 44.62
N ASN D 625 -48.13 -15.73 44.23
CA ASN D 625 -49.02 -14.96 43.36
C ASN D 625 -49.17 -15.63 41.99
N PHE D 626 -48.08 -16.18 41.46
CA PHE D 626 -48.10 -16.85 40.16
C PHE D 626 -49.05 -18.04 40.18
N VAL D 627 -48.88 -18.94 41.15
CA VAL D 627 -49.75 -20.10 41.21
C VAL D 627 -51.19 -19.69 41.53
N THR D 628 -51.38 -18.61 42.31
CA THR D 628 -52.72 -18.13 42.60
C THR D 628 -53.44 -17.70 41.33
N ILE D 629 -52.76 -16.91 40.49
CA ILE D 629 -53.42 -16.43 39.27
C ILE D 629 -53.70 -17.59 38.33
N ARG D 630 -52.76 -18.54 38.22
CA ARG D 630 -53.00 -19.66 37.31
C ARG D 630 -54.14 -20.54 37.81
N LYS D 631 -54.26 -20.76 39.11
CA LYS D 631 -55.40 -21.51 39.64
C LYS D 631 -56.71 -20.78 39.42
N GLN D 632 -56.71 -19.45 39.62
CA GLN D 632 -57.93 -18.67 39.40
C GLN D 632 -58.36 -18.74 37.94
N LEU D 633 -57.41 -18.67 37.02
CA LEU D 633 -57.76 -18.82 35.61
C LEU D 633 -58.23 -20.23 35.29
N LEU D 634 -57.65 -21.23 35.96
CA LEU D 634 -58.06 -22.61 35.71
C LEU D 634 -59.51 -22.85 36.12
N ILE D 635 -59.90 -22.39 37.31
CA ILE D 635 -61.27 -22.64 37.76
C ILE D 635 -62.27 -21.85 36.92
N ASN D 636 -61.88 -20.68 36.41
CA ASN D 636 -62.77 -19.88 35.59
C ASN D 636 -63.13 -20.61 34.30
N PRO D 647 -53.22 -16.59 28.80
CA PRO D 647 -52.93 -17.07 30.14
C PRO D 647 -51.57 -16.62 30.67
N ILE D 648 -51.44 -16.58 32.00
CA ILE D 648 -50.15 -16.29 32.61
C ILE D 648 -49.17 -17.41 32.26
N THR D 649 -47.92 -17.03 32.03
CA THR D 649 -46.88 -17.97 31.64
C THR D 649 -45.55 -17.45 32.17
N ILE D 650 -44.54 -18.31 32.09
CA ILE D 650 -43.24 -18.03 32.70
C ILE D 650 -42.59 -16.80 32.06
N ARG D 651 -42.84 -16.58 30.76
CA ARG D 651 -42.28 -15.44 30.06
C ARG D 651 -42.76 -14.11 30.62
N GLN D 652 -43.88 -14.09 31.35
CA GLN D 652 -44.38 -12.89 32.01
C GLN D 652 -43.93 -12.78 33.46
N LEU D 653 -43.75 -13.91 34.15
CA LEU D 653 -43.11 -13.89 35.47
C LEU D 653 -41.70 -13.31 35.38
N GLU D 654 -40.94 -13.73 34.36
CA GLU D 654 -39.61 -13.20 34.19
C GLU D 654 -39.60 -11.74 33.77
N ALA D 655 -40.75 -11.20 33.31
CA ALA D 655 -40.87 -9.77 33.07
C ALA D 655 -41.20 -9.01 34.35
N ILE D 656 -42.06 -9.59 35.19
CA ILE D 656 -42.37 -8.99 36.48
C ILE D 656 -41.11 -8.89 37.33
N ILE D 657 -40.23 -9.88 37.24
CA ILE D 657 -38.98 -9.83 37.99
C ILE D 657 -38.13 -8.65 37.53
N ARG D 658 -38.06 -8.42 36.21
CA ARG D 658 -37.27 -7.31 35.70
C ARG D 658 -37.85 -5.97 36.13
N ILE D 659 -39.18 -5.85 36.15
CA ILE D 659 -39.80 -4.62 36.62
C ILE D 659 -39.50 -4.40 38.10
N THR D 660 -39.52 -5.48 38.89
CA THR D 660 -39.20 -5.36 40.32
C THR D 660 -37.77 -4.88 40.51
N GLU D 661 -36.82 -5.43 39.76
CA GLU D 661 -35.43 -5.01 39.88
C GLU D 661 -35.26 -3.56 39.47
N SER D 662 -35.95 -3.14 38.39
CA SER D 662 -35.85 -1.74 37.95
C SER D 662 -36.41 -0.80 39.02
N LEU D 663 -37.48 -1.20 39.69
CA LEU D 663 -38.02 -0.36 40.76
C LEU D 663 -37.05 -0.27 41.94
N ALA D 664 -36.43 -1.39 42.32
CA ALA D 664 -35.43 -1.34 43.38
C ALA D 664 -34.19 -0.55 42.96
N LYS D 665 -33.96 -0.38 41.66
CA LYS D 665 -32.75 0.31 41.20
C LYS D 665 -32.73 1.78 41.58
N LEU D 666 -33.89 2.42 41.66
CA LEU D 666 -33.95 3.86 41.94
C LEU D 666 -33.36 4.18 43.31
N GLU D 667 -33.73 3.41 44.32
CA GLU D 667 -33.24 3.65 45.68
C GLU D 667 -31.76 3.30 45.85
N LEU D 668 -31.13 2.64 44.86
CA LEU D 668 -29.79 2.07 45.00
C LEU D 668 -29.72 1.06 46.14
N SER D 669 -30.83 0.42 46.45
CA SER D 669 -30.84 -0.65 47.43
C SER D 669 -30.27 -1.92 46.79
N PRO D 670 -29.26 -2.57 47.39
CA PRO D 670 -28.69 -3.75 46.72
C PRO D 670 -29.64 -4.94 46.63
N ILE D 671 -30.69 -4.98 47.46
CA ILE D 671 -31.66 -6.07 47.46
C ILE D 671 -33.05 -5.50 47.15
N ALA D 672 -33.81 -6.25 46.36
CA ALA D 672 -35.23 -5.93 46.15
C ALA D 672 -36.07 -6.53 47.27
N GLN D 673 -37.22 -5.91 47.52
CA GLN D 673 -38.03 -6.20 48.69
C GLN D 673 -39.51 -6.26 48.29
N GLU D 674 -40.35 -6.64 49.25
CA GLU D 674 -41.79 -6.78 48.99
C GLU D 674 -42.44 -5.46 48.62
N ARG D 675 -41.88 -4.33 49.08
CA ARG D 675 -42.37 -3.02 48.65
C ARG D 675 -42.35 -2.90 47.13
N HIS D 676 -41.25 -3.33 46.53
CA HIS D 676 -41.10 -3.24 45.09
C HIS D 676 -41.96 -4.29 44.38
N VAL D 677 -42.11 -5.47 44.97
CA VAL D 677 -42.94 -6.52 44.36
C VAL D 677 -44.39 -6.07 44.30
N ASP D 678 -44.88 -5.45 45.37
CA ASP D 678 -46.25 -4.97 45.40
C ASP D 678 -46.48 -3.93 44.30
N GLU D 679 -45.59 -2.94 44.21
CA GLU D 679 -45.75 -1.93 43.15
C GLU D 679 -45.60 -2.55 41.77
N ALA D 680 -44.77 -3.59 41.63
CA ALA D 680 -44.59 -4.25 40.35
C ALA D 680 -45.88 -4.91 39.88
N ILE D 681 -46.50 -5.73 40.73
CA ILE D 681 -47.73 -6.39 40.32
C ILE D 681 -48.87 -5.38 40.18
N ARG D 682 -48.85 -4.32 40.99
CA ARG D 682 -49.84 -3.25 40.85
C ARG D 682 -49.73 -2.58 39.49
N LEU D 683 -48.52 -2.30 39.04
CA LEU D 683 -48.29 -1.69 37.74
C LEU D 683 -48.42 -2.69 36.59
N PHE D 684 -48.45 -3.99 36.88
CA PHE D 684 -48.58 -5.01 35.86
C PHE D 684 -49.95 -5.02 35.17
N GLN D 685 -50.94 -4.32 35.73
CA GLN D 685 -52.29 -4.36 35.18
C GLN D 685 -52.36 -3.61 33.86
N ALA D 686 -51.82 -4.21 32.80
CA ALA D 686 -51.95 -3.62 31.47
C ALA D 686 -53.39 -3.75 30.97
N SER D 687 -53.85 -5.00 30.80
CA SER D 687 -55.22 -5.30 30.39
C SER D 687 -55.61 -4.59 29.08
N PHE E 92 33.68 30.50 -49.82
CA PHE E 92 32.69 29.44 -49.48
C PHE E 92 32.37 28.61 -50.73
N LYS E 93 31.97 27.36 -50.51
CA LYS E 93 31.74 26.41 -51.60
C LYS E 93 30.31 26.54 -52.15
N SER E 94 29.99 27.74 -52.62
CA SER E 94 28.68 27.97 -53.22
C SER E 94 28.55 27.19 -54.52
N ARG E 95 27.32 26.73 -54.78
CA ARG E 95 27.07 25.83 -55.91
C ARG E 95 25.60 25.96 -56.31
N ALA E 96 25.35 26.13 -57.60
CA ALA E 96 24.00 26.18 -58.14
C ALA E 96 23.54 24.77 -58.50
N LEU E 97 22.22 24.58 -58.46
CA LEU E 97 21.61 23.31 -58.86
C LEU E 97 21.47 23.31 -60.39
N ASN E 98 22.63 23.15 -61.05
CA ASN E 98 22.71 23.17 -62.51
C ASN E 98 21.83 22.11 -63.15
N HIS E 99 21.66 20.97 -62.48
CA HIS E 99 20.96 19.80 -63.01
C HIS E 99 19.46 19.84 -62.76
N VAL E 100 18.91 20.98 -62.33
CA VAL E 100 17.57 21.00 -61.75
C VAL E 100 16.44 20.80 -62.77
N LYS E 101 16.72 20.95 -64.07
CA LYS E 101 15.66 21.00 -65.10
C LYS E 101 14.76 19.76 -65.06
N LYS E 102 13.47 20.02 -64.93
CA LYS E 102 12.50 19.02 -64.48
C LYS E 102 11.96 18.17 -65.62
N VAL E 103 11.38 17.02 -65.23
CA VAL E 103 10.59 16.19 -66.13
C VAL E 103 9.17 16.76 -66.18
N ASP E 104 8.54 16.65 -67.35
CA ASP E 104 7.23 17.26 -67.61
C ASP E 104 6.31 16.26 -68.28
N ASP E 105 5.04 16.31 -67.90
CA ASP E 105 4.00 15.41 -68.42
C ASP E 105 3.29 16.14 -69.56
N VAL E 106 3.43 15.60 -70.78
CA VAL E 106 2.87 16.25 -71.96
C VAL E 106 1.35 16.18 -71.95
N THR E 107 0.80 15.05 -71.47
CA THR E 107 -0.65 14.85 -71.42
C THR E 107 -1.31 15.92 -70.57
N GLY E 108 -0.69 16.27 -69.45
CA GLY E 108 -1.26 17.29 -68.58
C GLY E 108 -1.38 18.64 -69.26
N GLU E 109 -0.32 19.07 -69.95
CA GLU E 109 -0.36 20.35 -70.64
C GLU E 109 -1.37 20.35 -71.77
N LYS E 110 -1.44 19.26 -72.54
CA LYS E 110 -2.41 19.22 -73.62
C LYS E 110 -3.85 19.21 -73.09
N VAL E 111 -4.10 18.49 -72.00
CA VAL E 111 -5.41 18.52 -71.37
C VAL E 111 -5.72 19.92 -70.85
N ARG E 112 -4.72 20.57 -70.24
CA ARG E 112 -4.88 21.93 -69.73
C ARG E 112 -5.35 22.89 -70.81
N GLU E 113 -4.62 22.91 -71.93
CA GLU E 113 -4.92 23.86 -72.98
C GLU E 113 -5.98 23.38 -73.96
N ALA E 114 -6.53 22.17 -73.77
CA ALA E 114 -7.78 21.78 -74.43
C ALA E 114 -9.00 22.15 -73.59
N PHE E 115 -8.92 21.92 -72.28
CA PHE E 115 -9.95 22.41 -71.37
C PHE E 115 -10.08 23.92 -71.43
N GLU E 116 -8.95 24.61 -71.63
CA GLU E 116 -8.96 26.04 -71.93
C GLU E 116 -9.88 26.36 -73.11
N GLN E 117 -9.71 25.64 -74.21
CA GLN E 117 -10.51 25.89 -75.40
C GLN E 117 -11.96 25.55 -75.17
N PHE E 118 -12.24 24.50 -74.40
CA PHE E 118 -13.62 24.16 -74.07
C PHE E 118 -14.28 25.29 -73.29
N LEU E 119 -13.56 25.84 -72.30
CA LEU E 119 -14.11 26.96 -71.55
C LEU E 119 -14.33 28.17 -72.44
N GLU E 120 -13.42 28.40 -73.38
CA GLU E 120 -13.55 29.55 -74.28
C GLU E 120 -14.78 29.41 -75.18
N ASP E 121 -14.91 28.29 -75.88
CA ASP E 121 -15.75 28.19 -77.07
C ASP E 121 -16.55 26.89 -77.10
N PHE E 122 -17.24 26.56 -76.01
CA PHE E 122 -18.23 25.50 -76.10
C PHE E 122 -19.36 25.89 -77.05
N SER E 123 -19.80 27.15 -76.96
CA SER E 123 -20.60 27.82 -78.01
C SER E 123 -21.91 27.10 -78.29
N VAL E 124 -22.66 26.79 -77.23
CA VAL E 124 -24.02 26.30 -77.40
C VAL E 124 -24.92 27.45 -77.81
N GLN E 125 -25.94 27.14 -78.61
CA GLN E 125 -26.88 28.16 -79.05
C GLN E 125 -27.90 28.47 -77.97
N SER E 126 -28.61 29.58 -78.16
CA SER E 126 -29.54 30.06 -77.16
C SER E 126 -30.70 29.10 -76.99
N THR E 127 -31.33 29.16 -75.81
CA THR E 127 -32.50 28.35 -75.52
C THR E 127 -33.65 28.66 -76.47
N ASP E 128 -33.75 29.91 -76.95
CA ASP E 128 -34.87 30.38 -77.75
C ASP E 128 -34.55 30.63 -79.21
N THR E 129 -33.27 30.80 -79.57
CA THR E 129 -32.88 31.23 -80.90
C THR E 129 -31.57 30.56 -81.30
N GLY E 130 -31.29 30.60 -82.60
CA GLY E 130 -30.04 30.09 -83.13
C GLY E 130 -28.93 31.12 -83.06
N GLU E 131 -28.55 31.50 -81.84
CA GLU E 131 -27.48 32.47 -81.60
C GLU E 131 -26.52 31.91 -80.57
N VAL E 132 -25.22 32.00 -80.85
CA VAL E 132 -24.21 31.48 -79.94
C VAL E 132 -24.22 32.30 -78.67
N GLU E 133 -24.22 31.61 -77.53
CA GLU E 133 -24.36 32.22 -76.20
C GLU E 133 -23.10 32.16 -75.36
N LYS E 134 -22.34 31.07 -75.43
CA LYS E 134 -21.09 30.90 -74.68
C LYS E 134 -21.35 30.99 -73.17
N VAL E 135 -22.05 29.97 -72.68
CA VAL E 135 -22.63 30.00 -71.34
C VAL E 135 -21.56 30.08 -70.25
N TYR E 136 -20.41 29.44 -70.45
CA TYR E 136 -19.44 29.36 -69.35
C TYR E 136 -18.70 30.68 -69.14
N ARG E 137 -18.43 31.43 -70.22
CA ARG E 137 -17.94 32.80 -70.07
C ARG E 137 -18.95 33.66 -69.31
N ALA E 138 -20.23 33.48 -69.62
CA ALA E 138 -21.27 34.19 -68.88
C ALA E 138 -21.28 33.80 -67.41
N GLN E 139 -21.04 32.52 -67.12
CA GLN E 139 -20.98 32.06 -65.73
C GLN E 139 -19.80 32.70 -65.01
N ILE E 140 -18.66 32.83 -65.69
CA ILE E 140 -17.51 33.53 -65.11
C ILE E 140 -17.87 34.98 -64.81
N GLU E 141 -18.60 35.63 -65.73
CA GLU E 141 -19.04 37.00 -65.49
C GLU E 141 -19.98 37.08 -64.29
N PHE E 142 -20.87 36.09 -64.16
CA PHE E 142 -21.77 36.01 -63.00
C PHE E 142 -20.96 35.91 -61.70
N MET E 143 -19.96 35.02 -61.69
CA MET E 143 -19.09 34.88 -60.53
C MET E 143 -18.37 36.19 -60.21
N LYS E 144 -17.92 36.89 -61.24
CA LYS E 144 -17.33 38.21 -61.04
C LYS E 144 -18.31 39.17 -60.38
N ILE E 145 -19.57 39.11 -60.81
CA ILE E 145 -20.58 40.02 -60.26
C ILE E 145 -20.80 39.74 -58.79
N TYR E 146 -20.83 38.46 -58.38
CA TYR E 146 -21.17 38.07 -57.02
C TYR E 146 -20.00 37.53 -56.20
N ASP E 147 -18.76 37.63 -56.70
CA ASP E 147 -17.56 37.27 -55.93
C ASP E 147 -17.60 35.81 -55.47
N LEU E 148 -18.09 34.92 -56.32
CA LEU E 148 -18.15 33.50 -55.99
C LEU E 148 -16.78 32.87 -56.16
N ASN E 149 -16.70 31.56 -55.85
CA ASN E 149 -15.44 30.82 -55.93
C ASN E 149 -15.58 29.42 -56.49
N THR E 150 -16.74 29.06 -57.06
CA THR E 150 -16.97 27.73 -57.61
C THR E 150 -17.69 27.84 -58.94
N ILE E 151 -17.38 26.90 -59.83
CA ILE E 151 -17.93 26.85 -61.18
C ILE E 151 -18.47 25.45 -61.42
N TYR E 152 -19.66 25.37 -62.02
CA TYR E 152 -20.36 24.13 -62.29
C TYR E 152 -20.30 23.81 -63.78
N ILE E 153 -20.04 22.55 -64.10
CA ILE E 153 -19.88 22.09 -65.47
C ILE E 153 -20.78 20.88 -65.68
N ASP E 154 -21.40 20.80 -66.86
CA ASP E 154 -22.28 19.69 -67.21
C ASP E 154 -21.48 18.62 -67.92
N TYR E 155 -21.58 17.38 -67.45
CA TYR E 155 -20.81 16.30 -68.04
C TYR E 155 -21.29 15.97 -69.45
N GLN E 156 -22.57 16.18 -69.74
CA GLN E 156 -23.06 15.96 -71.10
C GLN E 156 -22.42 16.93 -72.08
N HIS E 157 -22.19 18.16 -71.65
CA HIS E 157 -21.51 19.13 -72.50
C HIS E 157 -20.07 18.69 -72.78
N LEU E 158 -19.41 18.12 -71.77
CA LEU E 158 -18.04 17.64 -71.97
C LEU E 158 -18.00 16.37 -72.82
N SER E 159 -19.06 15.55 -72.76
CA SER E 159 -19.07 14.29 -73.50
C SER E 159 -19.03 14.51 -75.00
N MET E 160 -19.78 15.50 -75.49
CA MET E 160 -19.87 15.77 -76.92
C MET E 160 -18.67 16.54 -77.46
N ARG E 161 -17.73 16.97 -76.61
CA ARG E 161 -16.61 17.80 -77.04
C ARG E 161 -15.49 16.92 -77.57
N GLU E 162 -15.08 17.19 -78.81
CA GLU E 162 -13.85 16.65 -79.40
C GLU E 162 -13.82 15.12 -79.36
N ASN E 163 -14.94 14.50 -79.71
CA ASN E 163 -15.07 13.05 -79.81
C ASN E 163 -14.91 12.35 -78.45
N GLY E 164 -15.06 13.07 -77.35
CA GLY E 164 -15.16 12.45 -76.04
C GLY E 164 -13.84 12.04 -75.40
N ALA E 165 -12.70 12.24 -76.06
CA ALA E 165 -11.43 11.83 -75.47
C ALA E 165 -11.12 12.63 -74.21
N LEU E 166 -11.37 13.94 -74.23
CA LEU E 166 -11.12 14.76 -73.05
C LEU E 166 -11.97 14.32 -71.87
N ALA E 167 -13.24 14.00 -72.12
CA ALA E 167 -14.11 13.52 -71.06
C ALA E 167 -13.61 12.19 -70.50
N MET E 168 -13.11 11.31 -71.37
CA MET E 168 -12.55 10.05 -70.91
C MET E 168 -11.33 10.29 -70.02
N ALA E 169 -10.43 11.17 -70.45
CA ALA E 169 -9.24 11.46 -69.67
C ALA E 169 -9.58 12.05 -68.32
N ILE E 170 -10.57 12.95 -68.27
CA ILE E 170 -10.98 13.52 -66.99
C ILE E 170 -11.66 12.46 -66.13
N SER E 171 -12.43 11.56 -66.74
CA SER E 171 -13.21 10.60 -65.97
C SER E 171 -12.33 9.53 -65.33
N GLU E 172 -11.41 8.94 -66.11
CA GLU E 172 -10.66 7.78 -65.63
C GLU E 172 -9.43 8.15 -64.80
N GLN E 173 -8.91 9.36 -64.92
CA GLN E 173 -7.69 9.80 -64.24
C GLN E 173 -7.88 11.19 -63.66
N TYR E 174 -8.96 11.37 -62.90
CA TYR E 174 -9.26 12.67 -62.29
C TYR E 174 -8.13 13.14 -61.38
N TYR E 175 -7.58 12.23 -60.58
CA TYR E 175 -6.58 12.64 -59.58
C TYR E 175 -5.31 13.14 -60.23
N ARG E 176 -4.92 12.56 -61.36
CA ARG E 176 -3.74 13.06 -62.07
C ARG E 176 -3.99 14.45 -62.65
N PHE E 177 -5.15 14.64 -63.29
CA PHE E 177 -5.38 15.80 -64.14
C PHE E 177 -6.05 16.97 -63.43
N LEU E 178 -6.47 16.84 -62.18
CA LEU E 178 -7.13 17.96 -61.51
C LEU E 178 -6.26 19.22 -61.41
N PRO E 179 -4.96 19.17 -61.06
CA PRO E 179 -4.18 20.42 -61.07
C PRO E 179 -4.11 21.10 -62.42
N PHE E 180 -4.03 20.33 -63.50
CA PHE E 180 -3.93 20.91 -64.84
C PHE E 180 -5.22 21.62 -65.21
N LEU E 181 -6.38 21.08 -64.80
CA LEU E 181 -7.64 21.77 -65.03
C LEU E 181 -7.69 23.11 -64.29
N GLN E 182 -7.17 23.14 -63.05
CA GLN E 182 -7.10 24.39 -62.30
C GLN E 182 -6.24 25.40 -63.02
N LYS E 183 -5.07 24.97 -63.51
CA LYS E 183 -4.19 25.86 -64.25
C LYS E 183 -4.87 26.37 -65.52
N GLY E 184 -5.64 25.51 -66.18
CA GLY E 184 -6.37 25.94 -67.36
C GLY E 184 -7.42 27.00 -67.05
N LEU E 185 -8.17 26.81 -65.97
CA LEU E 185 -9.21 27.77 -65.62
C LEU E 185 -8.63 29.12 -65.18
N ARG E 186 -7.48 29.09 -64.49
CA ARG E 186 -6.88 30.32 -63.98
C ARG E 186 -6.58 31.30 -65.11
N ARG E 187 -6.04 30.80 -66.23
CA ARG E 187 -5.70 31.65 -67.35
C ARG E 187 -6.93 32.31 -67.95
N VAL E 188 -8.02 31.56 -68.09
CA VAL E 188 -9.23 32.12 -68.68
C VAL E 188 -9.82 33.19 -67.77
N VAL E 189 -9.87 32.93 -66.46
CA VAL E 189 -10.41 33.93 -65.54
C VAL E 189 -9.52 35.16 -65.53
N ARG E 190 -8.20 34.98 -65.66
CA ARG E 190 -7.31 36.13 -65.84
C ARG E 190 -7.68 36.91 -67.10
N LYS E 191 -7.95 36.19 -68.19
CA LYS E 191 -8.19 36.85 -69.48
C LYS E 191 -9.45 37.72 -69.42
N TYR E 192 -10.53 37.19 -68.85
CA TYR E 192 -11.84 37.84 -68.95
C TYR E 192 -12.32 38.53 -67.68
N ALA E 193 -11.78 38.18 -66.50
CA ALA E 193 -12.24 38.75 -65.24
C ALA E 193 -11.11 38.74 -64.22
N PRO E 194 -10.08 39.56 -64.42
CA PRO E 194 -8.95 39.56 -63.47
C PRO E 194 -9.30 39.99 -62.06
N GLU E 195 -10.45 40.63 -61.86
CA GLU E 195 -10.89 40.98 -60.51
C GLU E 195 -11.14 39.75 -59.64
N LEU E 196 -11.42 38.59 -60.24
CA LEU E 196 -11.69 37.38 -59.47
C LEU E 196 -10.44 36.69 -58.97
N LEU E 197 -9.25 37.01 -59.52
CA LEU E 197 -8.05 36.27 -59.14
C LEU E 197 -7.67 36.51 -57.68
N ASN E 198 -7.93 37.70 -57.16
CA ASN E 198 -7.66 38.04 -55.76
C ASN E 198 -8.89 37.77 -54.91
N THR E 199 -8.65 37.52 -53.62
CA THR E 199 -9.72 37.39 -52.65
C THR E 199 -10.28 38.78 -52.32
N SER E 255 -5.81 49.25 -48.89
CA SER E 255 -5.75 47.92 -48.31
C SER E 255 -4.37 47.29 -48.55
N PRO E 256 -3.94 46.32 -47.71
CA PRO E 256 -2.71 45.58 -48.04
C PRO E 256 -2.94 44.58 -49.16
N GLU E 257 -1.92 43.77 -49.47
CA GLU E 257 -2.01 42.83 -50.58
C GLU E 257 -3.06 41.76 -50.28
N GLN E 258 -3.67 41.25 -51.35
CA GLN E 258 -4.77 40.29 -51.28
C GLN E 258 -4.33 38.97 -51.88
N THR E 259 -4.54 37.89 -51.13
CA THR E 259 -4.11 36.57 -51.56
C THR E 259 -5.02 36.05 -52.68
N GLU E 260 -4.55 35.00 -53.35
CA GLU E 260 -5.25 34.47 -54.50
C GLU E 260 -6.47 33.66 -54.10
N ARG E 261 -7.44 33.63 -55.01
CA ARG E 261 -8.67 32.86 -54.80
C ARG E 261 -8.44 31.40 -55.17
N VAL E 262 -8.94 30.51 -54.31
CA VAL E 262 -8.80 29.06 -54.53
C VAL E 262 -10.07 28.59 -55.23
N PHE E 263 -10.01 28.55 -56.56
CA PHE E 263 -11.17 28.15 -57.33
C PHE E 263 -11.47 26.66 -57.13
N GLN E 264 -12.74 26.31 -57.37
CA GLN E 264 -13.23 24.94 -57.26
C GLN E 264 -14.01 24.64 -58.53
N ILE E 265 -13.66 23.52 -59.18
CA ILE E 265 -14.40 23.01 -60.33
C ILE E 265 -15.36 21.95 -59.81
N SER E 266 -16.57 21.93 -60.38
CA SER E 266 -17.61 20.99 -59.99
C SER E 266 -18.27 20.44 -61.23
N PHE E 267 -18.74 19.19 -61.13
CA PHE E 267 -19.38 18.48 -62.22
C PHE E 267 -20.71 17.93 -61.75
N PHE E 268 -21.63 17.74 -62.69
CA PHE E 268 -22.94 17.18 -62.37
C PHE E 268 -23.52 16.51 -63.61
N ASN E 269 -24.62 15.78 -63.39
CA ASN E 269 -25.31 15.06 -64.45
C ASN E 269 -24.44 13.96 -65.04
N LEU E 270 -23.76 13.22 -64.17
CA LEU E 270 -22.96 12.09 -64.63
C LEU E 270 -23.87 10.97 -65.11
N PRO E 271 -23.34 10.03 -65.92
CA PRO E 271 -24.23 9.02 -66.55
C PRO E 271 -24.97 8.12 -65.58
N THR E 272 -24.37 7.71 -64.46
CA THR E 272 -25.00 6.72 -63.60
C THR E 272 -24.55 6.88 -62.15
N VAL E 273 -25.39 6.41 -61.25
CA VAL E 273 -25.21 6.53 -59.81
C VAL E 273 -24.97 5.14 -59.24
N HIS E 274 -23.90 4.99 -58.46
CA HIS E 274 -23.55 3.74 -57.81
C HIS E 274 -24.06 3.72 -56.37
N ARG E 275 -24.11 2.51 -55.81
CA ARG E 275 -24.43 2.30 -54.41
C ARG E 275 -23.15 2.30 -53.58
N ILE E 276 -23.32 2.39 -52.27
CA ILE E 276 -22.17 2.24 -51.37
C ILE E 276 -21.60 0.83 -51.48
N ARG E 277 -22.45 -0.16 -51.74
CA ARG E 277 -22.04 -1.55 -51.88
C ARG E 277 -21.21 -1.80 -53.13
N ASP E 278 -21.20 -0.86 -54.09
CA ASP E 278 -20.48 -1.03 -55.35
C ASP E 278 -19.09 -0.41 -55.33
N ILE E 279 -18.66 0.20 -54.22
CA ILE E 279 -17.32 0.78 -54.16
C ILE E 279 -16.31 -0.35 -54.13
N ARG E 280 -15.39 -0.36 -55.10
CA ARG E 280 -14.39 -1.40 -55.25
C ARG E 280 -13.05 -0.74 -55.57
N SER E 281 -11.97 -1.42 -55.19
CA SER E 281 -10.64 -0.81 -55.25
C SER E 281 -10.15 -0.58 -56.67
N GLU E 282 -10.76 -1.23 -57.68
CA GLU E 282 -10.34 -0.97 -59.06
C GLU E 282 -10.69 0.45 -59.51
N LYS E 283 -11.67 1.09 -58.88
CA LYS E 283 -12.15 2.41 -59.26
C LYS E 283 -11.45 3.55 -58.50
N ILE E 284 -10.34 3.27 -57.81
CA ILE E 284 -9.69 4.30 -57.01
C ILE E 284 -9.17 5.40 -57.92
N GLY E 285 -9.49 6.65 -57.55
CA GLY E 285 -9.04 7.82 -58.29
C GLY E 285 -9.95 8.27 -59.41
N SER E 286 -11.02 7.55 -59.71
CA SER E 286 -11.92 7.90 -60.79
C SER E 286 -13.02 8.83 -60.29
N LEU E 287 -13.81 9.34 -61.25
CA LEU E 287 -14.91 10.26 -60.97
C LEU E 287 -16.21 9.47 -60.91
N LEU E 288 -16.99 9.69 -59.84
CA LEU E 288 -18.14 8.85 -59.51
C LEU E 288 -19.25 9.71 -58.92
N SER E 289 -20.41 9.08 -58.71
CA SER E 289 -21.53 9.67 -58.02
C SER E 289 -22.19 8.60 -57.16
N ILE E 290 -22.64 9.01 -55.96
CA ILE E 290 -23.10 8.08 -54.93
C ILE E 290 -24.31 8.72 -54.23
N SER E 291 -25.20 7.86 -53.72
CA SER E 291 -26.40 8.28 -53.03
C SER E 291 -26.57 7.47 -51.75
N GLY E 292 -27.21 8.06 -50.75
CA GLY E 292 -27.50 7.36 -49.52
C GLY E 292 -28.17 8.29 -48.52
N THR E 293 -28.39 7.74 -47.33
CA THR E 293 -29.00 8.46 -46.21
C THR E 293 -27.93 8.89 -45.24
N VAL E 294 -27.97 10.15 -44.82
CA VAL E 294 -27.01 10.68 -43.85
C VAL E 294 -27.41 10.20 -42.46
N THR E 295 -26.40 9.91 -41.62
CA THR E 295 -26.62 9.42 -40.26
C THR E 295 -25.82 10.21 -39.22
N ARG E 296 -24.71 10.80 -39.61
CA ARG E 296 -23.92 11.63 -38.70
C ARG E 296 -23.23 12.73 -39.49
N THR E 297 -22.91 13.82 -38.79
CA THR E 297 -22.12 14.91 -39.35
C THR E 297 -21.22 15.46 -38.26
N SER E 298 -20.03 15.91 -38.67
CA SER E 298 -19.05 16.51 -37.78
C SER E 298 -19.14 18.02 -37.86
N GLU E 299 -18.56 18.69 -36.85
CA GLU E 299 -18.48 20.13 -36.90
C GLU E 299 -17.39 20.57 -37.88
N VAL E 300 -17.52 21.81 -38.36
CA VAL E 300 -16.59 22.33 -39.33
C VAL E 300 -15.27 22.63 -38.62
N ARG E 301 -14.16 22.19 -39.22
CA ARG E 301 -12.81 22.34 -38.69
C ARG E 301 -11.92 22.98 -39.75
N PRO E 302 -10.87 23.75 -39.35
CA PRO E 302 -9.94 24.27 -40.36
C PRO E 302 -8.83 23.28 -40.69
N GLU E 303 -8.63 23.03 -41.99
CA GLU E 303 -7.59 22.15 -42.48
C GLU E 303 -6.45 22.97 -43.04
N LEU E 304 -5.22 22.62 -42.67
CA LEU E 304 -4.05 23.32 -43.19
C LEU E 304 -3.81 22.92 -44.64
N TYR E 305 -3.72 23.91 -45.53
CA TYR E 305 -3.60 23.72 -46.96
C TYR E 305 -2.21 24.04 -47.48
N LYS E 306 -1.66 25.19 -47.10
CA LYS E 306 -0.28 25.56 -47.40
C LYS E 306 0.30 26.22 -46.17
N ALA E 307 1.57 25.92 -45.88
CA ALA E 307 2.22 26.27 -44.63
C ALA E 307 3.41 27.19 -44.87
N SER E 308 3.83 27.86 -43.80
CA SER E 308 5.00 28.73 -43.83
C SER E 308 5.60 28.78 -42.43
N PHE E 309 6.93 28.67 -42.35
CA PHE E 309 7.65 28.50 -41.10
C PHE E 309 8.81 29.48 -41.04
N THR E 310 9.30 29.70 -39.82
CA THR E 310 10.43 30.58 -39.56
C THR E 310 11.35 29.94 -38.53
N CYS E 311 12.66 30.11 -38.73
CA CYS E 311 13.65 29.47 -37.88
C CYS E 311 13.83 30.23 -36.57
N ASP E 312 14.07 29.48 -35.49
CA ASP E 312 14.28 30.08 -34.18
C ASP E 312 15.71 30.57 -34.01
N MET E 313 16.69 29.77 -34.42
CA MET E 313 18.09 30.11 -34.19
C MET E 313 18.57 31.25 -35.10
N CYS E 314 17.89 31.51 -36.21
CA CYS E 314 18.25 32.60 -37.10
C CYS E 314 16.99 33.14 -37.74
N ARG E 315 17.11 34.35 -38.30
CA ARG E 315 15.98 35.03 -38.94
C ARG E 315 15.92 34.58 -40.40
N ALA E 316 15.21 33.48 -40.63
CA ALA E 316 14.99 32.91 -41.96
C ALA E 316 13.58 32.38 -42.02
N ILE E 317 13.02 32.33 -43.24
CA ILE E 317 11.62 31.95 -43.46
C ILE E 317 11.55 30.93 -44.60
N VAL E 318 10.70 29.93 -44.40
CA VAL E 318 10.34 28.94 -45.42
C VAL E 318 8.86 29.10 -45.71
N ASP E 319 8.50 28.96 -46.99
CA ASP E 319 7.15 29.28 -47.45
C ASP E 319 6.65 28.21 -48.42
N ASN E 320 5.33 28.05 -48.48
CA ASN E 320 4.66 27.20 -49.46
C ASN E 320 5.10 25.75 -49.33
N VAL E 321 4.99 25.21 -48.12
CA VAL E 321 5.22 23.80 -47.85
C VAL E 321 3.90 23.07 -48.03
N GLU E 322 3.96 21.86 -48.60
CA GLU E 322 2.80 21.08 -48.98
C GLU E 322 2.63 19.91 -48.02
N GLN E 323 1.38 19.63 -47.67
CA GLN E 323 1.05 18.81 -46.50
C GLN E 323 0.63 17.38 -46.85
N SER E 324 -0.35 17.23 -47.73
CA SER E 324 -1.02 15.94 -47.98
C SER E 324 -1.65 15.48 -46.65
N PHE E 325 -1.41 14.25 -46.20
CA PHE E 325 -2.24 13.63 -45.18
C PHE E 325 -1.78 13.91 -43.75
N LYS E 326 -0.52 14.29 -43.53
CA LYS E 326 0.01 14.51 -42.18
C LYS E 326 0.70 15.86 -42.12
N TYR E 327 0.72 16.42 -40.91
CA TYR E 327 1.37 17.70 -40.66
C TYR E 327 2.86 17.59 -40.94
N THR E 328 3.35 18.45 -41.83
CA THR E 328 4.67 18.32 -42.44
C THR E 328 5.43 19.64 -42.29
N GLU E 329 6.74 19.52 -42.11
CA GLU E 329 7.61 20.65 -41.76
C GLU E 329 8.88 20.59 -42.60
N PRO E 330 9.62 21.70 -42.69
CA PRO E 330 10.78 21.72 -43.59
C PRO E 330 11.87 20.75 -43.18
N THR E 331 12.82 20.55 -44.11
CA THR E 331 13.92 19.62 -43.94
C THR E 331 15.23 20.30 -43.57
N PHE E 332 15.47 21.54 -44.00
CA PHE E 332 16.70 22.25 -43.70
C PHE E 332 16.39 23.69 -43.33
N CYS E 333 17.36 24.32 -42.68
CA CYS E 333 17.36 25.77 -42.53
C CYS E 333 17.86 26.40 -43.82
N PRO E 334 17.08 27.26 -44.50
CA PRO E 334 17.53 27.73 -45.83
C PRO E 334 18.78 28.59 -45.78
N ASN E 335 18.99 29.34 -44.72
CA ASN E 335 20.19 30.15 -44.58
C ASN E 335 21.37 29.24 -44.29
N PRO E 336 22.43 29.19 -45.12
CA PRO E 336 23.55 28.28 -44.82
C PRO E 336 24.37 28.67 -43.60
N SER E 337 24.14 29.84 -43.01
CA SER E 337 24.82 30.23 -41.78
C SER E 337 24.24 29.55 -40.55
N CYS E 338 23.17 28.75 -40.68
CA CYS E 338 22.51 28.09 -39.57
C CYS E 338 22.11 26.68 -40.00
N GLU E 339 22.26 25.72 -39.08
CA GLU E 339 21.97 24.31 -39.33
C GLU E 339 20.83 23.77 -38.50
N ASN E 340 20.17 24.58 -37.68
CA ASN E 340 19.14 24.08 -36.80
C ASN E 340 17.92 23.62 -37.60
N ARG E 341 17.50 22.38 -37.36
CA ARG E 341 16.26 21.83 -37.91
C ARG E 341 15.09 21.92 -36.95
N ALA E 342 15.34 22.13 -35.65
CA ALA E 342 14.30 22.08 -34.63
C ALA E 342 13.68 23.45 -34.40
N PHE E 343 12.58 23.45 -33.65
CA PHE E 343 11.96 24.67 -33.12
C PHE E 343 11.35 25.54 -34.21
N TRP E 344 10.83 24.93 -35.27
CA TRP E 344 10.00 25.67 -36.21
C TRP E 344 8.70 26.11 -35.53
N THR E 345 8.12 27.20 -36.03
CA THR E 345 6.78 27.63 -35.65
C THR E 345 5.99 27.98 -36.90
N LEU E 346 4.72 27.61 -36.90
CA LEU E 346 3.86 27.83 -38.05
C LEU E 346 3.28 29.24 -37.98
N ASN E 347 3.55 30.05 -39.01
CA ASN E 347 3.04 31.41 -39.09
C ASN E 347 1.58 31.34 -39.52
N VAL E 348 0.66 31.58 -38.59
CA VAL E 348 -0.76 31.45 -38.87
C VAL E 348 -1.21 32.51 -39.87
N THR E 349 -0.60 33.70 -39.84
CA THR E 349 -0.99 34.75 -40.76
C THR E 349 -0.66 34.39 -42.21
N ARG E 350 0.58 33.96 -42.46
CA ARG E 350 1.03 33.71 -43.82
C ARG E 350 0.50 32.40 -44.38
N SER E 351 0.30 31.39 -43.52
CA SER E 351 -0.24 30.12 -43.99
C SER E 351 -1.71 30.27 -44.36
N ARG E 352 -2.23 29.25 -45.06
CA ARG E 352 -3.58 29.25 -45.61
C ARG E 352 -4.29 27.97 -45.23
N PHE E 353 -5.58 28.09 -44.91
CA PHE E 353 -6.41 27.00 -44.42
C PHE E 353 -7.60 26.76 -45.35
N LEU E 354 -8.32 25.66 -45.10
CA LEU E 354 -9.54 25.32 -45.81
C LEU E 354 -10.57 24.80 -44.83
N ASP E 355 -11.84 24.93 -45.20
CA ASP E 355 -12.93 24.37 -44.42
C ASP E 355 -13.07 22.88 -44.72
N TRP E 356 -13.42 22.11 -43.69
CA TRP E 356 -13.36 20.66 -43.74
C TRP E 356 -14.45 20.08 -42.85
N GLN E 357 -15.20 19.12 -43.36
CA GLN E 357 -16.26 18.46 -42.60
C GLN E 357 -16.35 16.99 -42.97
N LYS E 358 -16.60 16.16 -41.96
CA LYS E 358 -16.80 14.73 -42.12
C LYS E 358 -18.28 14.42 -41.96
N VAL E 359 -18.82 13.59 -42.87
CA VAL E 359 -20.18 13.09 -42.76
C VAL E 359 -20.16 11.59 -43.05
N ARG E 360 -21.20 10.91 -42.57
CA ARG E 360 -21.30 9.47 -42.58
C ARG E 360 -22.67 9.09 -43.14
N ILE E 361 -22.69 8.08 -44.01
CA ILE E 361 -23.89 7.69 -44.74
C ILE E 361 -24.07 6.17 -44.67
N GLN E 362 -25.29 5.73 -44.97
CA GLN E 362 -25.60 4.31 -45.06
C GLN E 362 -26.53 4.08 -46.25
N GLU E 363 -26.66 2.81 -46.63
CA GLU E 363 -27.41 2.44 -47.82
C GLU E 363 -28.89 2.76 -47.66
N ASN E 364 -29.54 3.01 -48.79
CA ASN E 364 -30.99 3.18 -48.81
C ASN E 364 -31.66 1.86 -48.41
N ALA E 365 -32.72 1.97 -47.60
CA ALA E 365 -33.34 0.77 -47.04
C ALA E 365 -33.99 -0.09 -48.12
N ASN E 366 -34.63 0.53 -49.10
CA ASN E 366 -35.35 -0.21 -50.14
C ASN E 366 -34.43 -0.97 -51.08
N GLU E 367 -33.13 -0.70 -51.07
CA GLU E 367 -32.16 -1.31 -51.99
C GLU E 367 -31.44 -2.52 -51.40
N ILE E 368 -31.59 -2.79 -50.12
CA ILE E 368 -30.76 -3.80 -49.44
C ILE E 368 -31.09 -5.18 -50.01
N PRO E 369 -30.10 -6.03 -50.37
CA PRO E 369 -30.44 -7.34 -50.92
C PRO E 369 -30.99 -8.30 -49.88
N THR E 370 -31.33 -9.51 -50.33
CA THR E 370 -32.03 -10.47 -49.49
C THR E 370 -31.15 -10.95 -48.34
N GLY E 371 -31.69 -10.90 -47.13
CA GLY E 371 -30.99 -11.42 -45.97
C GLY E 371 -29.76 -10.65 -45.55
N SER E 372 -29.52 -9.47 -46.13
CA SER E 372 -28.34 -8.68 -45.84
C SER E 372 -28.72 -7.48 -44.98
N MET E 373 -27.70 -6.72 -44.59
CA MET E 373 -27.83 -5.55 -43.73
C MET E 373 -27.03 -4.40 -44.32
N PRO E 374 -27.39 -3.15 -44.02
CA PRO E 374 -26.80 -2.03 -44.76
C PRO E 374 -25.37 -1.71 -44.33
N ARG E 375 -24.53 -1.43 -45.32
CA ARG E 375 -23.16 -0.97 -45.11
C ARG E 375 -23.13 0.55 -45.02
N THR E 376 -21.99 1.08 -44.61
CA THR E 376 -21.81 2.51 -44.35
C THR E 376 -20.52 3.00 -45.00
N LEU E 377 -20.36 4.32 -45.02
CA LEU E 377 -19.22 4.96 -45.66
C LEU E 377 -19.02 6.34 -45.02
N ASP E 378 -17.79 6.84 -45.09
CA ASP E 378 -17.44 8.18 -44.65
C ASP E 378 -17.11 9.06 -45.84
N VAL E 379 -17.61 10.30 -45.81
CA VAL E 379 -17.49 11.23 -46.92
C VAL E 379 -16.94 12.55 -46.39
N ILE E 380 -16.12 13.21 -47.21
CA ILE E 380 -15.45 14.46 -46.86
C ILE E 380 -16.09 15.58 -47.67
N LEU E 381 -16.38 16.69 -47.01
CA LEU E 381 -16.90 17.91 -47.65
C LEU E 381 -15.97 19.06 -47.35
N ARG E 382 -15.74 19.91 -48.34
CA ARG E 382 -14.81 21.02 -48.24
C ARG E 382 -15.35 22.24 -48.96
N GLY E 383 -14.88 23.41 -48.53
CA GLY E 383 -15.22 24.65 -49.19
C GLY E 383 -16.61 25.15 -48.87
N ASP E 384 -17.32 25.60 -49.89
CA ASP E 384 -18.64 26.19 -49.76
C ASP E 384 -19.76 25.16 -49.59
N SER E 385 -19.45 23.87 -49.46
CA SER E 385 -20.45 22.81 -49.32
C SER E 385 -20.56 22.27 -47.90
N VAL E 386 -19.83 22.84 -46.93
CA VAL E 386 -19.92 22.35 -45.56
C VAL E 386 -21.23 22.81 -44.94
N GLU E 387 -21.77 21.98 -44.03
CA GLU E 387 -23.04 22.17 -43.35
C GLU E 387 -24.24 22.15 -44.30
N ARG E 388 -24.06 21.74 -45.56
CA ARG E 388 -25.18 21.60 -46.47
C ARG E 388 -26.00 20.37 -46.13
N ALA E 389 -25.36 19.31 -45.64
CA ALA E 389 -26.03 18.07 -45.31
C ALA E 389 -26.63 18.14 -43.91
N LYS E 390 -27.65 17.29 -43.68
CA LYS E 390 -28.45 17.27 -42.47
C LYS E 390 -28.70 15.81 -42.10
N PRO E 391 -28.65 15.45 -40.80
CA PRO E 391 -28.89 14.03 -40.46
C PRO E 391 -30.32 13.61 -40.74
N GLY E 392 -30.47 12.37 -41.19
CA GLY E 392 -31.76 11.80 -41.51
C GLY E 392 -32.24 12.07 -42.92
N ASP E 393 -31.58 12.95 -43.67
CA ASP E 393 -31.99 13.30 -45.02
C ASP E 393 -31.40 12.31 -46.03
N ARG E 394 -31.95 12.33 -47.23
CA ARG E 394 -31.42 11.59 -48.38
C ARG E 394 -30.67 12.56 -49.29
N CYS E 395 -29.49 12.15 -49.73
CA CYS E 395 -28.59 13.02 -50.50
C CYS E 395 -27.95 12.25 -51.62
N LYS E 396 -27.44 12.99 -52.61
CA LYS E 396 -26.67 12.47 -53.73
C LYS E 396 -25.36 13.23 -53.80
N PHE E 397 -24.25 12.50 -53.88
CA PHE E 397 -22.91 13.05 -53.85
C PHE E 397 -22.20 12.77 -55.17
N THR E 398 -21.14 13.53 -55.41
CA THR E 398 -20.23 13.23 -56.51
C THR E 398 -18.83 13.71 -56.16
N GLY E 399 -17.84 13.01 -56.69
CA GLY E 399 -16.44 13.30 -56.39
C GLY E 399 -15.57 12.14 -56.85
N VAL E 400 -14.49 11.94 -56.11
CA VAL E 400 -13.56 10.83 -56.35
C VAL E 400 -13.34 10.08 -55.05
N GLU E 401 -13.31 8.76 -55.14
CA GLU E 401 -12.93 7.94 -53.99
C GLU E 401 -11.41 7.92 -53.86
N ILE E 402 -10.94 7.95 -52.62
CA ILE E 402 -9.52 8.05 -52.30
C ILE E 402 -9.16 6.94 -51.31
N VAL E 403 -7.87 6.88 -50.96
CA VAL E 403 -7.33 5.92 -50.02
C VAL E 403 -6.49 6.68 -49.00
N VAL E 404 -6.77 6.45 -47.72
CA VAL E 404 -6.21 7.23 -46.61
C VAL E 404 -5.25 6.33 -45.84
N PRO E 405 -4.01 6.75 -45.53
CA PRO E 405 -3.10 5.88 -44.80
C PRO E 405 -3.39 5.82 -43.30
N ASP E 406 -2.59 5.01 -42.61
CA ASP E 406 -2.50 4.99 -41.15
C ASP E 406 -1.41 5.98 -40.75
N VAL E 407 -1.84 7.20 -40.43
CA VAL E 407 -0.92 8.28 -40.12
C VAL E 407 -0.15 8.03 -38.83
N THR E 408 -0.69 7.19 -37.93
CA THR E 408 0.01 6.89 -36.69
C THR E 408 1.34 6.18 -36.97
N GLN E 409 1.35 5.25 -37.92
CA GLN E 409 2.57 4.52 -38.24
C GLN E 409 3.60 5.37 -38.99
N LEU E 410 3.21 6.54 -39.49
CA LEU E 410 4.13 7.47 -40.11
C LEU E 410 4.65 8.43 -39.03
N GLY E 411 5.58 9.30 -39.42
CA GLY E 411 6.25 10.16 -38.47
C GLY E 411 5.43 11.37 -38.02
N LEU E 412 4.24 11.12 -37.48
CA LEU E 412 3.43 12.21 -36.97
C LEU E 412 4.10 12.81 -35.73
N PRO E 413 4.33 14.13 -35.67
CA PRO E 413 4.95 14.69 -34.46
C PRO E 413 4.04 14.54 -33.24
N GLY E 414 4.60 13.99 -32.17
CA GLY E 414 3.95 13.99 -30.87
C GLY E 414 3.03 12.82 -30.57
N VAL E 415 2.94 11.83 -31.45
CA VAL E 415 2.07 10.66 -31.27
C VAL E 415 2.88 9.41 -31.52
N LYS E 416 2.67 8.39 -30.68
CA LYS E 416 3.38 7.13 -30.79
C LYS E 416 2.70 6.21 -31.80
N PRO E 417 3.41 5.19 -32.31
CA PRO E 417 2.75 4.24 -33.22
C PRO E 417 1.65 3.44 -32.54
N SER E 418 0.70 3.00 -33.35
CA SER E 418 -0.37 2.10 -32.89
C SER E 418 0.10 0.66 -33.03
N ASN E 434 -5.23 -9.00 -43.44
CA ASN E 434 -5.18 -7.84 -42.57
C ASN E 434 -3.79 -7.22 -42.50
N SER E 435 -2.76 -7.98 -42.88
CA SER E 435 -1.41 -7.46 -42.86
C SER E 435 -1.23 -6.39 -43.94
N GLY E 436 -0.31 -5.47 -43.68
CA GLY E 436 -0.05 -4.34 -44.53
C GLY E 436 1.12 -4.56 -45.45
N VAL E 437 1.80 -3.46 -45.78
CA VAL E 437 3.01 -3.46 -46.59
C VAL E 437 4.12 -2.78 -45.78
N THR E 438 5.36 -3.11 -46.12
CA THR E 438 6.51 -2.65 -45.36
C THR E 438 7.69 -2.46 -46.30
N GLY E 439 8.84 -2.08 -45.73
CA GLY E 439 10.05 -1.83 -46.47
C GLY E 439 10.28 -0.39 -46.86
N LEU E 440 9.30 0.49 -46.65
CA LEU E 440 9.45 1.89 -47.00
C LEU E 440 10.43 2.57 -46.05
N ARG E 441 11.00 3.69 -46.51
CA ARG E 441 12.01 4.41 -45.73
C ARG E 441 11.45 4.90 -44.40
N SER E 442 10.33 5.62 -44.44
CA SER E 442 9.79 6.24 -43.24
C SER E 442 9.27 5.24 -42.23
N LEU E 443 8.89 4.03 -42.67
CA LEU E 443 8.30 3.05 -41.77
C LEU E 443 9.34 2.32 -40.94
N GLY E 444 10.56 2.19 -41.44
CA GLY E 444 11.52 1.32 -40.79
C GLY E 444 11.03 -0.12 -40.86
N VAL E 445 10.81 -0.73 -39.69
CA VAL E 445 10.30 -2.09 -39.60
C VAL E 445 8.78 -2.13 -39.42
N ARG E 446 8.11 -0.99 -39.54
CA ARG E 446 6.68 -0.91 -39.26
C ARG E 446 5.87 -1.41 -40.46
N ASP E 447 4.54 -1.41 -40.29
CA ASP E 447 3.60 -1.96 -41.26
C ASP E 447 2.45 -0.98 -41.47
N LEU E 448 2.01 -0.85 -42.71
CA LEU E 448 1.09 0.21 -43.14
C LEU E 448 -0.12 -0.39 -43.85
N THR E 449 -1.32 0.07 -43.47
CA THR E 449 -2.57 -0.32 -44.11
C THR E 449 -3.33 0.95 -44.52
N TYR E 450 -4.52 0.75 -45.09
CA TYR E 450 -5.27 1.83 -45.73
C TYR E 450 -6.76 1.67 -45.49
N LYS E 451 -7.50 2.77 -45.72
CA LYS E 451 -8.96 2.82 -45.65
C LYS E 451 -9.48 3.52 -46.90
N ILE E 452 -10.73 3.23 -47.26
CA ILE E 452 -11.39 3.80 -48.43
C ILE E 452 -12.38 4.85 -47.96
N SER E 453 -12.38 6.01 -48.63
CA SER E 453 -13.35 7.06 -48.35
C SER E 453 -13.56 7.87 -49.62
N PHE E 454 -14.59 8.73 -49.59
CA PHE E 454 -15.07 9.47 -50.75
C PHE E 454 -14.86 10.95 -50.54
N LEU E 455 -14.18 11.59 -51.50
CA LEU E 455 -13.86 13.02 -51.46
C LEU E 455 -14.84 13.75 -52.39
N ALA E 456 -15.95 14.22 -51.82
CA ALA E 456 -17.02 14.82 -52.61
C ALA E 456 -16.68 16.27 -52.96
N CYS E 457 -17.49 16.83 -53.87
CA CYS E 457 -17.37 18.23 -54.29
C CYS E 457 -18.68 19.01 -54.24
N HIS E 458 -19.84 18.37 -54.25
CA HIS E 458 -21.08 19.07 -53.95
C HIS E 458 -22.15 18.07 -53.55
N VAL E 459 -23.18 18.59 -52.90
CA VAL E 459 -24.26 17.80 -52.29
C VAL E 459 -25.59 18.34 -52.79
N ILE E 460 -26.54 17.43 -53.05
CA ILE E 460 -27.90 17.79 -53.43
C ILE E 460 -28.84 16.82 -52.77
N SER E 461 -29.93 17.34 -52.20
CA SER E 461 -30.91 16.54 -51.48
C SER E 461 -31.98 16.02 -52.43
N ILE E 462 -32.46 14.80 -52.16
CA ILE E 462 -33.45 14.13 -53.00
C ILE E 462 -34.59 13.54 -52.17
N GLY E 463 -34.71 13.93 -50.89
CA GLY E 463 -35.67 13.32 -50.00
C GLY E 463 -37.12 13.53 -50.41
N ASP E 500 -43.28 32.09 -46.15
CA ASP E 500 -43.76 33.20 -46.97
C ASP E 500 -44.30 32.67 -48.30
N GLN E 501 -45.58 32.97 -48.57
CA GLN E 501 -46.20 32.47 -49.79
C GLN E 501 -45.56 33.09 -51.04
N GLU E 502 -45.07 34.33 -50.93
CA GLU E 502 -44.48 34.99 -52.10
C GLU E 502 -43.22 34.28 -52.56
N VAL E 503 -42.36 33.90 -51.61
CA VAL E 503 -41.14 33.15 -51.95
C VAL E 503 -41.51 31.82 -52.59
N PHE E 504 -42.52 31.14 -52.03
CA PHE E 504 -42.97 29.86 -52.59
C PHE E 504 -43.49 30.02 -54.01
N LEU E 505 -44.29 31.06 -54.25
CA LEU E 505 -44.82 31.29 -55.59
C LEU E 505 -43.71 31.64 -56.57
N ASN E 506 -42.74 32.44 -56.15
CA ASN E 506 -41.58 32.71 -57.00
C ASN E 506 -40.77 31.45 -57.28
N SER E 507 -40.79 30.48 -56.35
CA SER E 507 -40.08 29.23 -56.58
C SER E 507 -40.75 28.39 -57.65
N LEU E 508 -42.08 28.38 -57.70
CA LEU E 508 -42.79 27.55 -58.65
C LEU E 508 -42.61 28.05 -60.08
N SER E 509 -42.83 27.14 -61.03
CA SER E 509 -42.83 27.47 -62.45
C SER E 509 -44.20 27.97 -62.87
N SER E 510 -44.28 28.49 -64.11
CA SER E 510 -45.51 29.08 -64.59
C SER E 510 -46.62 28.04 -64.74
N ASP E 511 -46.30 26.88 -65.34
CA ASP E 511 -47.31 25.85 -65.52
C ASP E 511 -47.76 25.28 -64.17
N GLU E 512 -46.82 25.16 -63.22
CA GLU E 512 -47.18 24.74 -61.87
C GLU E 512 -48.15 25.73 -61.23
N ILE E 513 -47.89 27.03 -61.41
CA ILE E 513 -48.77 28.05 -60.85
C ILE E 513 -50.14 27.96 -61.51
N ASN E 514 -50.18 27.73 -62.82
CA ASN E 514 -51.46 27.62 -63.52
C ASN E 514 -52.26 26.43 -63.02
N GLU E 515 -51.60 25.27 -62.87
CA GLU E 515 -52.30 24.08 -62.38
C GLU E 515 -52.79 24.29 -60.95
N LEU E 516 -51.96 24.88 -60.10
CA LEU E 516 -52.35 25.13 -58.72
C LEU E 516 -53.52 26.10 -58.65
N LYS E 517 -53.49 27.16 -59.46
CA LYS E 517 -54.60 28.11 -59.50
C LYS E 517 -55.88 27.44 -59.99
N GLU E 518 -55.75 26.55 -60.99
CA GLU E 518 -56.93 25.87 -61.51
C GLU E 518 -57.58 24.99 -60.44
N MET E 519 -56.78 24.20 -59.73
CA MET E 519 -57.39 23.34 -58.71
C MET E 519 -57.85 24.14 -57.49
N VAL E 520 -57.19 25.27 -57.21
CA VAL E 520 -57.62 26.13 -56.11
C VAL E 520 -59.01 26.69 -56.38
N LYS E 521 -59.30 27.03 -57.64
CA LYS E 521 -60.55 27.67 -57.99
C LYS E 521 -61.76 26.73 -57.86
N ASP E 522 -61.55 25.42 -57.73
CA ASP E 522 -62.65 24.48 -57.82
C ASP E 522 -63.62 24.62 -56.65
N GLU E 523 -64.91 24.41 -56.95
CA GLU E 523 -65.93 24.44 -55.92
C GLU E 523 -65.82 23.24 -54.98
N HIS E 524 -65.53 22.07 -55.53
CA HIS E 524 -65.55 20.81 -54.79
C HIS E 524 -64.16 20.36 -54.34
N ILE E 525 -63.27 21.32 -54.05
CA ILE E 525 -61.88 20.98 -53.74
C ILE E 525 -61.79 20.17 -52.45
N TYR E 526 -62.56 20.53 -51.44
CA TYR E 526 -62.45 19.91 -50.11
C TYR E 526 -62.79 18.43 -50.17
N ASP E 527 -63.90 18.09 -50.83
CA ASP E 527 -64.32 16.69 -50.94
C ASP E 527 -63.28 15.88 -51.73
N LYS E 528 -62.77 16.44 -52.82
CA LYS E 528 -61.75 15.74 -53.60
C LYS E 528 -60.49 15.51 -52.79
N LEU E 529 -60.08 16.50 -52.00
CA LEU E 529 -58.90 16.35 -51.16
C LEU E 529 -59.08 15.22 -50.14
N VAL E 530 -60.25 15.19 -49.48
CA VAL E 530 -60.53 14.09 -48.54
C VAL E 530 -60.52 12.75 -49.27
N ARG E 531 -61.12 12.72 -50.46
CA ARG E 531 -61.25 11.49 -51.23
C ARG E 531 -59.90 10.94 -51.68
N SER E 532 -58.88 11.80 -51.81
CA SER E 532 -57.60 11.41 -52.39
C SER E 532 -56.60 10.86 -51.36
N ILE E 533 -56.91 10.92 -50.07
CA ILE E 533 -56.01 10.37 -49.06
C ILE E 533 -56.15 8.85 -49.04
N ALA E 534 -55.01 8.15 -49.16
CA ALA E 534 -54.95 6.69 -49.07
C ALA E 534 -55.84 6.02 -50.12
N PRO E 535 -55.45 6.05 -51.40
CA PRO E 535 -56.35 5.56 -52.47
C PRO E 535 -56.78 4.11 -52.36
N ALA E 536 -55.94 3.22 -51.84
CA ALA E 536 -56.26 1.79 -51.82
C ALA E 536 -57.27 1.41 -50.74
N VAL E 537 -57.42 2.21 -49.69
CA VAL E 537 -58.30 1.85 -48.56
C VAL E 537 -59.76 2.09 -48.95
N PHE E 538 -60.57 1.03 -48.83
CA PHE E 538 -62.01 1.10 -49.07
C PHE E 538 -62.72 1.77 -47.89
N GLY E 539 -63.43 2.86 -48.15
CA GLY E 539 -64.23 3.53 -47.13
C GLY E 539 -63.39 4.22 -46.06
N HIS E 540 -63.98 4.37 -44.87
CA HIS E 540 -63.34 5.01 -43.73
C HIS E 540 -62.95 6.46 -44.04
N GLU E 541 -63.93 7.23 -44.53
CA GLU E 541 -63.67 8.62 -44.90
C GLU E 541 -63.27 9.47 -43.69
N ALA E 542 -63.78 9.13 -42.51
CA ALA E 542 -63.52 9.94 -41.32
C ALA E 542 -62.04 9.97 -40.97
N VAL E 543 -61.39 8.80 -41.01
CA VAL E 543 -59.97 8.72 -40.71
C VAL E 543 -59.16 9.48 -41.75
N LYS E 544 -59.59 9.42 -43.02
CA LYS E 544 -58.91 10.16 -44.07
C LYS E 544 -59.01 11.67 -43.84
N LYS E 545 -60.19 12.15 -43.46
CA LYS E 545 -60.36 13.56 -43.14
C LYS E 545 -59.47 13.97 -41.97
N GLY E 546 -59.43 13.14 -40.93
CA GLY E 546 -58.55 13.42 -39.80
C GLY E 546 -57.09 13.46 -40.19
N ILE E 547 -56.68 12.56 -41.08
CA ILE E 547 -55.29 12.53 -41.55
C ILE E 547 -54.97 13.81 -42.32
N LEU E 548 -55.90 14.25 -43.17
CA LEU E 548 -55.68 15.50 -43.91
C LEU E 548 -55.52 16.68 -42.95
N LEU E 549 -56.41 16.78 -41.97
CA LEU E 549 -56.35 17.92 -41.06
C LEU E 549 -55.11 17.87 -40.19
N GLN E 550 -54.65 16.68 -39.79
CA GLN E 550 -53.38 16.59 -39.10
C GLN E 550 -52.23 17.04 -40.01
N MET E 551 -52.27 16.64 -41.28
CA MET E 551 -51.19 16.96 -42.20
C MET E 551 -51.09 18.48 -42.40
N LEU E 552 -52.22 19.17 -42.50
CA LEU E 552 -52.18 20.62 -42.65
C LEU E 552 -51.79 21.30 -41.33
N GLY E 553 -52.48 20.97 -40.24
CA GLY E 553 -52.12 21.46 -38.94
C GLY E 553 -52.69 22.84 -38.65
N GLY E 554 -52.66 23.21 -37.37
CA GLY E 554 -53.15 24.48 -36.90
C GLY E 554 -52.10 25.58 -36.94
N VAL E 555 -52.39 26.65 -36.21
CA VAL E 555 -51.56 27.86 -36.17
C VAL E 555 -50.91 27.95 -34.80
N HIS E 556 -49.58 27.99 -34.78
CA HIS E 556 -48.83 28.11 -33.54
C HIS E 556 -48.83 29.56 -33.06
N LYS E 557 -48.93 29.75 -31.74
CA LYS E 557 -49.04 31.09 -31.18
C LYS E 557 -48.67 31.05 -29.69
N SER E 558 -48.50 32.25 -29.13
CA SER E 558 -48.16 32.41 -27.72
C SER E 558 -48.81 33.68 -27.20
N THR E 559 -49.00 33.74 -25.88
CA THR E 559 -49.69 34.85 -25.23
C THR E 559 -48.69 35.89 -24.73
N VAL E 560 -49.24 36.99 -24.20
CA VAL E 560 -48.42 38.07 -23.65
C VAL E 560 -47.60 37.57 -22.46
N GLU E 561 -48.16 36.64 -21.68
CA GLU E 561 -47.47 36.10 -20.52
C GLU E 561 -46.23 35.28 -20.90
N GLY E 562 -46.06 34.91 -22.18
CA GLY E 562 -44.95 34.08 -22.61
C GLY E 562 -45.28 32.60 -22.71
N ILE E 563 -46.45 32.18 -22.24
CA ILE E 563 -46.85 30.79 -22.37
C ILE E 563 -47.21 30.50 -23.81
N LYS E 564 -46.82 29.32 -24.29
CA LYS E 564 -47.07 28.89 -25.66
C LYS E 564 -48.33 28.04 -25.73
N LEU E 565 -49.04 28.16 -26.85
CA LEU E 565 -50.25 27.40 -27.12
C LEU E 565 -49.97 26.44 -28.27
N ARG E 566 -50.24 25.16 -28.03
CA ARG E 566 -49.89 24.12 -28.99
C ARG E 566 -50.72 24.25 -30.27
N GLY E 567 -50.03 24.15 -31.41
CA GLY E 567 -50.64 24.38 -32.72
C GLY E 567 -50.79 23.17 -33.61
N ASP E 568 -50.68 21.96 -33.09
CA ASP E 568 -50.68 20.74 -33.89
C ASP E 568 -51.60 19.69 -33.26
N ILE E 569 -51.80 18.60 -34.00
CA ILE E 569 -52.89 17.65 -33.77
C ILE E 569 -52.30 16.25 -33.60
N ASN E 570 -52.75 15.54 -32.57
CA ASN E 570 -52.37 14.16 -32.31
C ASN E 570 -53.58 13.26 -32.49
N ILE E 571 -53.35 12.07 -33.07
CA ILE E 571 -54.41 11.14 -33.45
C ILE E 571 -54.03 9.75 -32.99
N CYS E 572 -55.05 8.97 -32.61
CA CYS E 572 -54.89 7.57 -32.23
C CYS E 572 -56.00 6.76 -32.86
N VAL E 573 -55.65 5.56 -33.33
CA VAL E 573 -56.58 4.65 -34.00
C VAL E 573 -56.58 3.33 -33.25
N VAL E 574 -57.76 2.84 -32.93
CA VAL E 574 -57.96 1.58 -32.22
C VAL E 574 -58.83 0.69 -33.07
N GLY E 575 -58.47 -0.59 -33.16
CA GLY E 575 -59.23 -1.51 -33.98
C GLY E 575 -58.90 -2.97 -33.72
N ASP E 576 -59.90 -3.82 -33.90
CA ASP E 576 -59.73 -5.26 -33.83
C ASP E 576 -59.12 -5.75 -35.16
N PRO E 577 -58.63 -7.00 -35.22
CA PRO E 577 -57.70 -7.36 -36.29
C PRO E 577 -58.33 -7.35 -37.68
N SER E 578 -57.46 -7.26 -38.68
CA SER E 578 -57.80 -7.23 -40.10
C SER E 578 -58.56 -5.98 -40.52
N THR E 579 -58.55 -4.94 -39.69
CA THR E 579 -59.22 -3.68 -40.04
C THR E 579 -58.35 -2.77 -40.91
N SER E 580 -57.16 -3.19 -41.31
CA SER E 580 -56.31 -2.42 -42.21
C SER E 580 -55.86 -1.11 -41.58
N LYS E 581 -55.79 -1.05 -40.26
CA LYS E 581 -55.42 0.18 -39.57
C LYS E 581 -53.98 0.58 -39.89
N SER E 582 -53.09 -0.41 -40.02
CA SER E 582 -51.68 -0.11 -40.30
C SER E 582 -51.45 0.50 -41.68
N GLN E 583 -52.41 0.34 -42.61
CA GLN E 583 -52.24 0.91 -43.94
C GLN E 583 -52.17 2.43 -43.88
N PHE E 584 -52.89 3.05 -42.96
CA PHE E 584 -52.85 4.51 -42.83
C PHE E 584 -51.45 4.98 -42.44
N LEU E 585 -50.84 4.30 -41.47
CA LEU E 585 -49.48 4.64 -41.07
C LEU E 585 -48.50 4.47 -42.23
N LYS E 586 -48.67 3.38 -42.99
CA LYS E 586 -47.79 3.14 -44.14
C LYS E 586 -47.94 4.24 -45.18
N TYR E 587 -49.17 4.65 -45.47
CA TYR E 587 -49.39 5.74 -46.42
C TYR E 587 -48.76 7.03 -45.91
N VAL E 588 -48.96 7.35 -44.63
CA VAL E 588 -48.48 8.60 -44.07
C VAL E 588 -46.95 8.65 -44.13
N VAL E 589 -46.28 7.57 -43.71
CA VAL E 589 -44.83 7.58 -43.73
C VAL E 589 -44.32 7.53 -45.17
N GLY E 590 -45.10 6.96 -46.10
CA GLY E 590 -44.70 6.98 -47.50
C GLY E 590 -44.96 8.30 -48.21
N PHE E 591 -45.78 9.18 -47.63
CA PHE E 591 -46.21 10.42 -48.28
C PHE E 591 -45.59 11.65 -47.64
N ALA E 592 -45.71 11.81 -46.32
CA ALA E 592 -45.35 13.06 -45.68
C ALA E 592 -43.84 13.31 -45.80
N PRO E 593 -43.40 14.56 -46.03
CA PRO E 593 -41.96 14.78 -46.26
C PRO E 593 -41.09 14.47 -45.04
N ARG E 594 -41.54 14.83 -43.84
CA ARG E 594 -40.81 14.59 -42.59
C ARG E 594 -41.61 13.55 -41.80
N SER E 595 -41.15 12.30 -41.81
CA SER E 595 -41.86 11.28 -41.06
C SER E 595 -40.97 10.07 -40.81
N VAL E 596 -41.33 9.33 -39.76
CA VAL E 596 -40.62 8.14 -39.32
C VAL E 596 -41.65 7.11 -38.88
N TYR E 597 -41.35 5.84 -39.12
CA TYR E 597 -42.18 4.71 -38.70
C TYR E 597 -41.44 3.90 -37.65
N THR E 598 -42.12 3.62 -36.54
CA THR E 598 -41.55 2.91 -35.41
C THR E 598 -42.57 1.92 -34.87
N SER E 599 -42.09 0.75 -34.43
CA SER E 599 -42.93 -0.28 -33.82
C SER E 599 -42.74 -0.24 -32.31
N GLY E 600 -43.86 -0.35 -31.59
CA GLY E 600 -43.81 -0.21 -30.15
C GLY E 600 -43.01 -1.30 -29.45
N LYS E 601 -42.98 -2.49 -30.02
CA LYS E 601 -42.30 -3.62 -29.36
C LYS E 601 -40.79 -3.53 -29.51
N ALA E 602 -40.30 -3.18 -30.70
CA ALA E 602 -38.89 -3.29 -31.05
C ALA E 602 -38.16 -1.96 -30.95
N SER E 603 -38.50 -1.15 -29.94
CA SER E 603 -37.86 0.15 -29.76
C SER E 603 -37.68 0.45 -28.28
N SER E 604 -36.74 1.35 -28.00
CA SER E 604 -36.34 1.73 -26.66
C SER E 604 -36.53 3.23 -26.47
N ALA E 605 -36.56 3.64 -25.20
CA ALA E 605 -36.68 5.06 -24.89
C ALA E 605 -35.49 5.85 -25.43
N ALA E 606 -34.28 5.29 -25.32
CA ALA E 606 -33.11 5.96 -25.84
C ALA E 606 -33.18 6.11 -27.36
N GLY E 607 -33.64 5.07 -28.05
CA GLY E 607 -33.81 5.15 -29.49
C GLY E 607 -34.94 6.04 -29.93
N LEU E 608 -35.92 6.30 -29.05
CA LEU E 608 -37.06 7.14 -29.41
C LEU E 608 -36.73 8.62 -29.26
N THR E 609 -36.09 9.02 -28.15
CA THR E 609 -35.78 10.42 -27.90
C THR E 609 -34.37 10.78 -28.34
N ALA E 610 -33.36 10.19 -27.71
CA ALA E 610 -31.95 10.45 -28.00
C ALA E 610 -31.12 9.56 -27.11
N ALA E 611 -29.86 9.35 -27.50
CA ALA E 611 -28.99 8.39 -26.83
C ALA E 611 -27.56 8.89 -26.85
N VAL E 612 -26.82 8.53 -25.78
CA VAL E 612 -25.38 8.76 -25.72
C VAL E 612 -24.68 7.67 -26.52
N VAL E 613 -23.57 8.03 -27.16
CA VAL E 613 -22.82 7.11 -28.00
C VAL E 613 -21.33 7.28 -27.76
N ILE E 623 -23.62 12.22 -28.48
CA ILE E 623 -25.07 12.13 -28.48
C ILE E 623 -25.54 11.99 -29.92
N GLU E 624 -26.56 11.14 -30.13
CA GLU E 624 -27.13 10.87 -31.44
C GLU E 624 -28.64 10.93 -31.34
N ALA E 625 -29.27 11.36 -32.43
CA ALA E 625 -30.69 11.69 -32.40
C ALA E 625 -31.56 10.44 -32.43
N GLY E 626 -32.69 10.51 -31.72
CA GLY E 626 -33.70 9.48 -31.75
C GLY E 626 -34.79 9.78 -32.77
N ALA E 627 -35.83 8.95 -32.73
CA ALA E 627 -36.89 9.04 -33.74
C ALA E 627 -37.65 10.36 -33.65
N LEU E 628 -37.99 10.80 -32.44
CA LEU E 628 -38.76 12.03 -32.28
C LEU E 628 -37.98 13.26 -32.76
N MET E 629 -36.66 13.22 -32.67
CA MET E 629 -35.86 14.33 -33.19
C MET E 629 -35.93 14.39 -34.72
N LEU E 630 -35.86 13.23 -35.39
CA LEU E 630 -35.94 13.22 -36.84
C LEU E 630 -37.31 13.66 -37.34
N ALA E 631 -38.36 13.46 -36.54
CA ALA E 631 -39.71 13.84 -36.91
C ALA E 631 -40.06 15.26 -36.48
N ASP E 632 -39.07 16.09 -36.17
CA ASP E 632 -39.34 17.48 -35.79
C ASP E 632 -40.00 18.20 -36.97
N ASN E 633 -41.10 18.90 -36.68
CA ASN E 633 -41.95 19.48 -37.71
C ASN E 633 -42.41 18.40 -38.70
N GLY E 634 -42.85 17.26 -38.16
CA GLY E 634 -43.30 16.15 -38.98
C GLY E 634 -44.23 15.23 -38.22
N ILE E 635 -44.60 14.14 -38.88
CA ILE E 635 -45.53 13.15 -38.34
C ILE E 635 -44.71 11.95 -37.88
N CYS E 636 -44.86 11.56 -36.61
CA CYS E 636 -44.20 10.39 -36.05
C CYS E 636 -45.23 9.28 -35.90
N CYS E 637 -44.95 8.12 -36.49
CA CYS E 637 -45.87 6.99 -36.52
C CYS E 637 -45.43 5.94 -35.52
N ILE E 638 -46.33 5.57 -34.61
CA ILE E 638 -46.12 4.49 -33.65
C ILE E 638 -47.14 3.41 -33.97
N ASP E 639 -46.66 2.20 -34.26
CA ASP E 639 -47.52 1.06 -34.57
C ASP E 639 -47.47 0.06 -33.43
N GLU E 640 -48.65 -0.47 -33.08
CA GLU E 640 -48.81 -1.34 -31.92
C GLU E 640 -48.29 -0.65 -30.67
N PHE E 641 -48.87 0.53 -30.41
CA PHE E 641 -48.52 1.33 -29.24
C PHE E 641 -48.72 0.55 -27.95
N ASP E 642 -49.77 -0.28 -27.89
CA ASP E 642 -50.13 -0.95 -26.64
C ASP E 642 -49.06 -1.93 -26.16
N LYS E 643 -48.16 -2.39 -27.04
CA LYS E 643 -47.08 -3.27 -26.64
C LYS E 643 -45.91 -2.53 -26.02
N MET E 644 -45.85 -1.20 -26.10
CA MET E 644 -44.73 -0.46 -25.56
C MET E 644 -44.73 -0.53 -24.04
N ASP E 645 -43.52 -0.66 -23.48
CA ASP E 645 -43.37 -0.69 -22.03
C ASP E 645 -43.75 0.65 -21.42
N ILE E 646 -44.28 0.57 -20.18
CA ILE E 646 -44.69 1.78 -19.45
C ILE E 646 -43.51 2.72 -19.27
N SER E 647 -42.32 2.15 -19.02
CA SER E 647 -41.11 2.94 -18.80
C SER E 647 -40.72 3.79 -20.01
N ASP E 648 -41.18 3.44 -21.21
CA ASP E 648 -40.97 4.23 -22.42
C ASP E 648 -42.19 5.06 -22.80
N GLN E 649 -43.39 4.58 -22.47
CA GLN E 649 -44.58 5.39 -22.62
C GLN E 649 -44.47 6.68 -21.82
N VAL E 650 -43.89 6.62 -20.62
CA VAL E 650 -43.73 7.83 -19.83
C VAL E 650 -42.76 8.79 -20.50
N ALA E 651 -41.73 8.26 -21.17
CA ALA E 651 -40.81 9.13 -21.90
C ALA E 651 -41.51 9.84 -23.05
N ILE E 652 -42.32 9.10 -23.81
CA ILE E 652 -43.08 9.73 -24.89
C ILE E 652 -44.06 10.75 -24.31
N HIS E 653 -44.64 10.45 -23.15
CA HIS E 653 -45.55 11.40 -22.49
C HIS E 653 -44.82 12.69 -22.12
N GLU E 654 -43.62 12.56 -21.54
CA GLU E 654 -42.86 13.73 -21.14
C GLU E 654 -42.45 14.57 -22.34
N ALA E 655 -42.04 13.93 -23.43
CA ALA E 655 -41.71 14.69 -24.64
C ALA E 655 -42.94 15.37 -25.22
N MET E 656 -44.07 14.66 -25.26
CA MET E 656 -45.30 15.22 -25.84
C MET E 656 -45.84 16.38 -25.00
N GLU E 657 -45.60 16.36 -23.69
CA GLU E 657 -46.11 17.44 -22.84
C GLU E 657 -45.48 18.78 -23.21
N GLN E 658 -44.18 18.77 -23.53
CA GLN E 658 -43.39 19.99 -23.68
C GLN E 658 -42.96 20.28 -25.10
N GLN E 659 -43.01 19.29 -26.01
CA GLN E 659 -42.36 19.39 -27.32
C GLN E 659 -40.88 19.73 -27.14
N THR E 660 -40.26 19.10 -26.16
CA THR E 660 -38.88 19.39 -25.77
C THR E 660 -38.28 18.12 -25.20
N ILE E 661 -36.97 17.96 -25.42
CA ILE E 661 -36.21 16.80 -24.94
C ILE E 661 -35.00 17.32 -24.17
N SER E 662 -34.67 16.64 -23.09
CA SER E 662 -33.61 17.03 -22.17
C SER E 662 -32.64 15.88 -21.95
N ILE E 663 -31.35 16.20 -21.89
CA ILE E 663 -30.30 15.23 -21.63
C ILE E 663 -29.41 15.81 -20.54
N ALA E 664 -29.08 14.99 -19.53
CA ALA E 664 -28.17 15.42 -18.47
C ALA E 664 -27.53 14.16 -17.89
N LYS E 665 -26.29 13.88 -18.31
CA LYS E 665 -25.57 12.71 -17.79
C LYS E 665 -24.11 12.79 -18.21
N ALA E 666 -23.25 12.21 -17.37
CA ALA E 666 -21.83 12.07 -17.66
C ALA E 666 -21.15 13.42 -17.88
N GLY E 667 -21.62 14.45 -17.19
CA GLY E 667 -21.07 15.78 -17.35
C GLY E 667 -21.53 16.53 -18.58
N ILE E 668 -22.42 15.95 -19.38
CA ILE E 668 -22.91 16.55 -20.62
C ILE E 668 -24.39 16.88 -20.41
N HIS E 669 -24.76 18.12 -20.72
CA HIS E 669 -26.13 18.61 -20.62
C HIS E 669 -26.56 19.14 -21.98
N ALA E 670 -27.83 18.93 -22.32
CA ALA E 670 -28.35 19.41 -23.58
C ALA E 670 -29.86 19.50 -23.52
N THR E 671 -30.41 20.43 -24.31
CA THR E 671 -31.85 20.60 -24.49
C THR E 671 -32.12 20.74 -25.97
N LEU E 672 -33.19 20.09 -26.43
CA LEU E 672 -33.51 19.98 -27.85
C LEU E 672 -35.01 20.17 -28.06
N ASN E 673 -35.37 20.61 -29.27
CA ASN E 673 -36.75 20.88 -29.64
C ASN E 673 -37.34 19.70 -30.39
N ALA E 674 -38.61 19.40 -30.11
CA ALA E 674 -39.29 18.20 -30.62
C ALA E 674 -40.69 18.54 -31.10
N ARG E 675 -40.82 19.58 -31.93
CA ARG E 675 -42.14 19.97 -32.42
C ARG E 675 -42.66 18.95 -33.42
N THR E 676 -43.10 17.80 -32.90
CA THR E 676 -43.54 16.66 -33.70
C THR E 676 -44.96 16.28 -33.29
N SER E 677 -45.79 15.97 -34.28
CA SER E 677 -47.14 15.46 -34.08
C SER E 677 -47.14 13.94 -34.20
N ILE E 678 -47.91 13.28 -33.34
CA ILE E 678 -47.88 11.84 -33.17
C ILE E 678 -49.12 11.21 -33.77
N LEU E 679 -48.93 10.11 -34.49
CA LEU E 679 -50.01 9.28 -35.02
C LEU E 679 -49.79 7.86 -34.52
N ALA E 680 -50.77 7.30 -33.81
CA ALA E 680 -50.60 6.06 -33.07
C ALA E 680 -51.67 5.05 -33.46
N ALA E 681 -51.31 3.77 -33.35
CA ALA E 681 -52.20 2.64 -33.55
C ALA E 681 -52.09 1.70 -32.37
N ALA E 682 -53.20 1.08 -31.99
CA ALA E 682 -53.25 0.23 -30.81
C ALA E 682 -54.31 -0.85 -30.99
N ASN E 683 -54.22 -1.90 -30.15
CA ASN E 683 -55.14 -3.03 -30.12
C ASN E 683 -56.02 -2.94 -28.87
N PRO E 684 -57.32 -3.24 -28.94
CA PRO E 684 -58.09 -3.35 -27.70
C PRO E 684 -57.65 -4.55 -26.88
N VAL E 685 -57.81 -4.44 -25.56
CA VAL E 685 -57.43 -5.52 -24.66
C VAL E 685 -58.29 -6.75 -24.97
N GLY E 686 -57.64 -7.90 -25.09
CA GLY E 686 -58.31 -9.11 -25.50
C GLY E 686 -58.52 -9.27 -26.98
N GLY E 687 -58.07 -8.30 -27.79
CA GLY E 687 -58.09 -8.42 -29.23
C GLY E 687 -59.37 -7.97 -29.90
N ARG E 688 -60.46 -7.81 -29.15
CA ARG E 688 -61.76 -7.40 -29.70
C ARG E 688 -62.39 -6.37 -28.78
N TYR E 689 -62.97 -5.34 -29.40
CA TYR E 689 -63.56 -4.25 -28.63
C TYR E 689 -64.84 -4.72 -27.94
N ASN E 690 -65.09 -4.14 -26.75
CA ASN E 690 -66.26 -4.44 -25.95
C ASN E 690 -67.19 -3.22 -25.98
N ARG E 691 -68.34 -3.38 -26.63
CA ARG E 691 -69.31 -2.29 -26.69
C ARG E 691 -69.92 -1.98 -25.32
N LYS E 692 -69.84 -2.90 -24.37
CA LYS E 692 -70.38 -2.65 -23.04
C LYS E 692 -69.54 -1.65 -22.24
N LEU E 693 -68.32 -1.37 -22.66
CA LEU E 693 -67.33 -0.67 -21.84
C LEU E 693 -66.86 0.60 -22.51
N SER E 694 -66.35 1.52 -21.68
CA SER E 694 -65.73 2.73 -22.18
C SER E 694 -64.46 2.41 -22.96
N LEU E 695 -63.98 3.41 -23.72
CA LEU E 695 -62.71 3.26 -24.40
C LEU E 695 -61.57 3.12 -23.41
N ARG E 696 -61.67 3.75 -22.24
CA ARG E 696 -60.65 3.58 -21.21
C ARG E 696 -60.59 2.13 -20.75
N GLY E 697 -61.74 1.49 -20.60
CA GLY E 697 -61.76 0.08 -20.23
C GLY E 697 -61.17 -0.81 -21.31
N ASN E 698 -61.42 -0.47 -22.58
CA ASN E 698 -60.95 -1.31 -23.68
C ASN E 698 -59.47 -1.17 -23.95
N LEU E 699 -58.90 0.02 -23.69
CA LEU E 699 -57.55 0.35 -24.12
C LEU E 699 -56.59 0.29 -22.94
N ASN E 700 -55.43 -0.35 -23.16
CA ASN E 700 -54.37 -0.43 -22.16
C ASN E 700 -53.45 0.78 -22.29
N MET E 701 -54.00 1.93 -21.90
CA MET E 701 -53.28 3.20 -21.95
C MET E 701 -53.64 4.03 -20.72
N THR E 702 -52.64 4.64 -20.11
CA THR E 702 -52.85 5.42 -18.90
C THR E 702 -53.58 6.72 -19.22
N ALA E 703 -54.34 7.21 -18.24
CA ALA E 703 -55.21 8.36 -18.47
C ALA E 703 -54.48 9.64 -18.89
N PRO E 704 -53.34 10.03 -18.31
CA PRO E 704 -52.65 11.24 -18.81
C PRO E 704 -52.28 11.19 -20.28
N ILE E 705 -51.86 10.03 -20.77
CA ILE E 705 -51.54 9.91 -22.19
C ILE E 705 -52.80 9.97 -23.03
N MET E 706 -53.89 9.33 -22.57
CA MET E 706 -55.14 9.37 -23.30
C MET E 706 -55.71 10.78 -23.38
N SER E 707 -55.43 11.61 -22.38
CA SER E 707 -55.97 12.97 -22.35
C SER E 707 -55.37 13.88 -23.42
N ARG E 708 -54.25 13.50 -24.03
CA ARG E 708 -53.47 14.38 -24.90
C ARG E 708 -53.60 14.05 -26.38
N PHE E 709 -54.43 13.09 -26.77
CA PHE E 709 -54.77 12.86 -28.16
C PHE E 709 -55.98 13.72 -28.53
N ASP E 710 -55.87 14.46 -29.63
CA ASP E 710 -56.97 15.31 -30.06
C ASP E 710 -58.17 14.47 -30.51
N LEU E 711 -57.93 13.35 -31.19
CA LEU E 711 -58.97 12.53 -31.77
C LEU E 711 -58.68 11.06 -31.52
N PHE E 712 -59.75 10.30 -31.24
CA PHE E 712 -59.72 8.84 -31.18
C PHE E 712 -60.65 8.29 -32.25
N PHE E 713 -60.20 7.24 -32.93
CA PHE E 713 -61.00 6.53 -33.92
C PHE E 713 -61.05 5.06 -33.56
N VAL E 714 -62.26 4.50 -33.53
CA VAL E 714 -62.51 3.11 -33.21
C VAL E 714 -63.06 2.43 -34.46
N ILE E 715 -62.42 1.35 -34.89
CA ILE E 715 -62.77 0.61 -36.08
C ILE E 715 -63.37 -0.73 -35.63
N LEU E 716 -64.50 -1.10 -36.23
CA LEU E 716 -65.20 -2.33 -35.90
C LEU E 716 -65.64 -3.01 -37.20
N ASP E 717 -65.80 -4.34 -37.11
CA ASP E 717 -66.09 -5.13 -38.30
C ASP E 717 -67.45 -4.75 -38.89
N ASP E 718 -68.52 -4.85 -38.07
CA ASP E 718 -69.89 -4.44 -38.43
C ASP E 718 -70.34 -5.03 -39.77
N CYS E 719 -70.28 -6.36 -39.87
CA CYS E 719 -70.52 -7.07 -41.12
C CYS E 719 -71.90 -6.80 -41.72
N ASN E 720 -71.93 -6.45 -43.00
CA ASN E 720 -73.16 -6.19 -43.77
C ASN E 720 -72.95 -6.73 -45.19
N GLU E 721 -73.92 -7.50 -45.70
CA GLU E 721 -73.78 -8.15 -47.01
C GLU E 721 -73.57 -7.13 -48.13
N LYS E 722 -74.34 -6.05 -48.15
CA LYS E 722 -74.26 -5.11 -49.27
C LYS E 722 -72.91 -4.38 -49.30
N ILE E 723 -72.26 -4.24 -48.15
CA ILE E 723 -70.92 -3.66 -48.08
C ILE E 723 -69.87 -4.72 -48.36
N ASP E 724 -70.07 -5.91 -47.79
CA ASP E 724 -69.11 -7.00 -47.90
C ASP E 724 -68.94 -7.46 -49.36
N THR E 725 -70.06 -7.55 -50.10
CA THR E 725 -69.99 -7.92 -51.52
C THR E 725 -69.13 -6.92 -52.31
N GLU E 726 -69.23 -5.63 -51.98
CA GLU E 726 -68.50 -4.60 -52.69
C GLU E 726 -67.02 -4.59 -52.28
N LEU E 727 -66.76 -4.75 -50.98
CA LEU E 727 -65.40 -4.79 -50.47
C LEU E 727 -64.63 -5.98 -51.06
N ALA E 728 -65.28 -7.15 -51.12
CA ALA E 728 -64.65 -8.31 -51.75
C ALA E 728 -64.35 -8.05 -53.21
N SER E 729 -65.27 -7.41 -53.93
CA SER E 729 -65.02 -7.08 -55.33
C SER E 729 -63.82 -6.15 -55.47
N HIS E 730 -63.74 -5.12 -54.61
CA HIS E 730 -62.62 -4.16 -54.64
C HIS E 730 -61.28 -4.86 -54.39
N ILE E 731 -61.23 -5.75 -53.40
CA ILE E 731 -59.99 -6.46 -53.08
C ILE E 731 -59.59 -7.39 -54.23
N VAL E 732 -60.56 -8.11 -54.80
CA VAL E 732 -60.25 -9.01 -55.91
C VAL E 732 -59.76 -8.21 -57.12
N ASP E 733 -60.33 -7.03 -57.35
CA ASP E 733 -59.84 -6.19 -58.44
C ASP E 733 -58.40 -5.74 -58.18
N LEU E 734 -58.09 -5.39 -56.93
CA LEU E 734 -56.71 -4.99 -56.59
C LEU E 734 -55.73 -6.13 -56.83
N HIS E 735 -56.10 -7.35 -56.46
CA HIS E 735 -55.20 -8.48 -56.69
C HIS E 735 -55.17 -8.93 -58.15
N MET E 736 -56.17 -8.55 -58.96
CA MET E 736 -56.18 -8.91 -60.38
C MET E 736 -55.41 -7.89 -61.24
N LYS E 737 -55.57 -6.59 -60.98
CA LYS E 737 -54.87 -5.50 -61.67
C LYS E 737 -53.96 -4.76 -60.68
N ARG E 738 -52.71 -4.42 -61.10
CA ARG E 738 -51.76 -3.65 -60.22
C ARG E 738 -52.17 -2.18 -59.97
N ASP E 739 -52.31 -1.36 -61.02
CA ASP E 739 -52.38 0.11 -60.87
C ASP E 739 -53.69 0.75 -61.33
N GLU E 740 -54.64 -0.01 -61.90
CA GLU E 740 -55.79 0.57 -62.58
C GLU E 740 -57.01 0.79 -61.68
N ALA E 741 -57.13 0.06 -60.57
CA ALA E 741 -58.38 0.02 -59.80
C ALA E 741 -58.60 1.24 -58.89
N ILE E 742 -57.55 1.95 -58.51
CA ILE E 742 -57.67 2.95 -57.42
C ILE E 742 -58.28 4.29 -57.88
N GLU E 743 -57.97 4.76 -59.11
CA GLU E 743 -58.52 5.97 -59.74
C GLU E 743 -58.62 7.21 -58.83
N PRO E 744 -57.51 7.67 -58.24
CA PRO E 744 -57.59 8.78 -57.26
C PRO E 744 -57.92 10.11 -57.93
N PRO E 745 -58.51 11.07 -57.20
CA PRO E 745 -58.80 12.39 -57.79
C PRO E 745 -57.58 13.17 -58.28
N PHE E 746 -56.47 13.15 -57.54
CA PHE E 746 -55.29 13.98 -57.84
C PHE E 746 -54.03 13.13 -57.83
N SER E 747 -53.02 13.64 -58.52
CA SER E 747 -51.68 13.06 -58.44
C SER E 747 -51.04 13.40 -57.10
N ALA E 748 -50.13 12.52 -56.66
CA ALA E 748 -49.44 12.73 -55.40
C ALA E 748 -48.58 14.00 -55.43
N GLU E 749 -47.82 14.18 -56.51
CA GLU E 749 -46.99 15.38 -56.63
C GLU E 749 -47.84 16.65 -56.68
N GLN E 750 -49.03 16.55 -57.28
CA GLN E 750 -49.98 17.65 -57.27
C GLN E 750 -50.47 17.94 -55.85
N LEU E 751 -50.85 16.89 -55.13
CA LEU E 751 -51.39 17.05 -53.79
C LEU E 751 -50.35 17.63 -52.83
N ARG E 752 -49.09 17.18 -52.95
CA ARG E 752 -48.05 17.72 -52.09
C ARG E 752 -47.81 19.20 -52.38
N ARG E 753 -47.84 19.60 -53.66
CA ARG E 753 -47.73 21.02 -53.95
C ARG E 753 -48.88 21.81 -53.35
N TYR E 754 -50.11 21.27 -53.42
CA TYR E 754 -51.24 21.97 -52.81
C TYR E 754 -51.07 22.10 -51.30
N ILE E 755 -50.65 21.02 -50.64
CA ILE E 755 -50.50 21.05 -49.18
C ILE E 755 -49.40 22.02 -48.78
N LYS E 756 -48.32 22.09 -49.56
CA LYS E 756 -47.30 23.10 -49.31
C LYS E 756 -47.88 24.50 -49.45
N TYR E 757 -48.70 24.73 -50.47
CA TYR E 757 -49.32 26.04 -50.65
C TYR E 757 -50.26 26.37 -49.50
N ALA E 758 -51.06 25.39 -49.06
CA ALA E 758 -52.08 25.64 -48.04
C ALA E 758 -51.47 26.06 -46.71
N ARG E 759 -50.33 25.47 -46.34
CA ARG E 759 -49.72 25.76 -45.05
C ARG E 759 -49.17 27.17 -44.91
N THR E 760 -49.15 27.96 -46.00
CA THR E 760 -48.75 29.36 -45.90
C THR E 760 -49.83 30.23 -45.26
N PHE E 761 -51.09 29.80 -45.26
CA PHE E 761 -52.17 30.58 -44.67
C PHE E 761 -52.08 30.59 -43.15
N LYS E 762 -52.53 31.70 -42.56
CA LYS E 762 -52.62 31.87 -41.11
C LYS E 762 -53.97 32.51 -40.79
N PRO E 763 -55.07 31.74 -40.87
CA PRO E 763 -56.40 32.36 -40.78
C PRO E 763 -56.68 32.94 -39.39
N ILE E 764 -57.77 33.73 -39.33
CA ILE E 764 -58.17 34.48 -38.15
C ILE E 764 -59.63 34.16 -37.84
N LEU E 765 -59.94 34.08 -36.55
CA LEU E 765 -61.26 33.65 -36.10
C LEU E 765 -62.27 34.78 -36.19
N THR E 766 -63.41 34.50 -36.83
CA THR E 766 -64.46 35.50 -37.00
C THR E 766 -65.26 35.70 -35.71
N LYS E 767 -65.91 36.86 -35.62
CA LYS E 767 -66.73 37.21 -34.45
C LYS E 767 -67.86 36.21 -34.25
N GLU E 768 -68.61 35.92 -35.32
CA GLU E 768 -69.73 35.00 -35.21
C GLU E 768 -69.26 33.61 -34.82
N ALA E 769 -68.08 33.23 -35.30
CA ALA E 769 -67.48 31.96 -34.87
C ALA E 769 -67.19 31.96 -33.37
N ARG E 770 -66.71 33.09 -32.83
CA ARG E 770 -66.48 33.18 -31.39
C ARG E 770 -67.77 33.00 -30.62
N SER E 771 -68.87 33.62 -31.09
CA SER E 771 -70.15 33.43 -30.42
C SER E 771 -70.63 31.97 -30.53
N TYR E 772 -70.39 31.35 -31.68
CA TYR E 772 -70.89 30.00 -31.94
C TYR E 772 -70.15 28.94 -31.11
N LEU E 773 -68.84 29.16 -30.91
CA LEU E 773 -68.00 28.14 -30.27
C LEU E 773 -68.44 27.84 -28.85
N VAL E 774 -68.81 28.86 -28.08
CA VAL E 774 -69.17 28.63 -26.69
C VAL E 774 -70.49 27.85 -26.61
N GLU E 775 -71.42 28.11 -27.52
CA GLU E 775 -72.65 27.34 -27.55
C GLU E 775 -72.37 25.87 -27.84
N LYS E 776 -71.51 25.60 -28.82
CA LYS E 776 -71.20 24.21 -29.14
C LYS E 776 -70.45 23.53 -27.98
N TYR E 777 -69.59 24.28 -27.30
CA TYR E 777 -68.89 23.72 -26.14
C TYR E 777 -69.85 23.44 -25.00
N LYS E 778 -70.85 24.30 -24.80
CA LYS E 778 -71.89 24.05 -23.80
C LYS E 778 -72.67 22.78 -24.15
N GLU E 779 -72.96 22.58 -25.43
CA GLU E 779 -73.60 21.34 -25.85
C GLU E 779 -72.75 20.13 -25.50
N LEU E 780 -71.44 20.21 -25.75
CA LEU E 780 -70.55 19.11 -25.39
C LEU E 780 -70.53 18.87 -23.89
N ARG E 781 -70.52 19.94 -23.10
CA ARG E 781 -70.49 19.79 -21.64
C ARG E 781 -71.79 19.16 -21.13
N LYS E 782 -72.92 19.54 -21.72
CA LYS E 782 -74.19 18.97 -21.29
C LYS E 782 -74.31 17.51 -21.71
N ASP E 783 -73.77 17.15 -22.87
CA ASP E 783 -73.63 15.74 -23.21
C ASP E 783 -72.75 15.03 -22.19
N ASP E 784 -71.69 15.69 -21.75
CA ASP E 784 -70.78 15.09 -20.78
C ASP E 784 -71.43 14.93 -19.40
N ALA E 785 -72.29 15.86 -19.02
CA ALA E 785 -72.88 15.85 -17.68
C ALA E 785 -73.75 14.62 -17.45
N SER E 792 -67.17 6.86 -20.60
CA SER E 792 -66.82 7.93 -21.53
C SER E 792 -65.86 8.92 -20.88
N TYR E 793 -64.85 9.34 -21.63
CA TYR E 793 -63.88 10.30 -21.12
C TYR E 793 -64.55 11.63 -20.84
N ARG E 794 -64.24 12.21 -19.68
CA ARG E 794 -64.89 13.45 -19.28
C ARG E 794 -64.31 14.63 -20.07
N ILE E 795 -65.19 15.47 -20.57
CA ILE E 795 -64.81 16.55 -21.48
C ILE E 795 -64.27 17.72 -20.65
N THR E 796 -63.07 18.18 -21.00
CA THR E 796 -62.36 19.24 -20.30
C THR E 796 -62.27 20.48 -21.21
N VAL E 797 -61.56 21.49 -20.71
CA VAL E 797 -61.31 22.69 -21.50
C VAL E 797 -60.44 22.37 -22.71
N ARG E 798 -59.63 21.30 -22.64
CA ARG E 798 -58.73 20.95 -23.73
C ARG E 798 -59.49 20.63 -25.01
N GLN E 799 -60.73 20.15 -24.91
CA GLN E 799 -61.51 19.83 -26.09
C GLN E 799 -61.83 21.08 -26.90
N LEU E 800 -62.10 22.20 -26.22
CA LEU E 800 -62.34 23.45 -26.94
C LEU E 800 -61.10 23.90 -27.71
N GLU E 801 -59.93 23.78 -27.09
CA GLU E 801 -58.69 24.17 -27.76
C GLU E 801 -58.42 23.27 -28.97
N SER E 802 -58.66 21.97 -28.82
CA SER E 802 -58.52 21.05 -29.94
C SER E 802 -59.50 21.38 -31.05
N MET E 803 -60.72 21.76 -30.68
CA MET E 803 -61.71 22.16 -31.68
C MET E 803 -61.26 23.41 -32.43
N ILE E 804 -60.64 24.35 -31.72
CA ILE E 804 -60.12 25.55 -32.39
C ILE E 804 -59.01 25.15 -33.36
N ARG E 805 -58.13 24.24 -32.94
CA ARG E 805 -57.08 23.75 -33.83
C ARG E 805 -57.67 23.11 -35.09
N LEU E 806 -58.70 22.29 -34.93
CA LEU E 806 -59.32 21.63 -36.08
C LEU E 806 -59.99 22.63 -37.00
N SER E 807 -60.63 23.66 -36.43
CA SER E 807 -61.24 24.69 -37.26
C SER E 807 -60.18 25.45 -38.05
N GLU E 808 -59.03 25.74 -37.42
CA GLU E 808 -57.93 26.38 -38.13
C GLU E 808 -57.46 25.52 -39.29
N ALA E 809 -57.29 24.21 -39.06
CA ALA E 809 -56.85 23.32 -40.13
C ALA E 809 -57.88 23.25 -41.25
N ILE E 810 -59.17 23.25 -40.90
CA ILE E 810 -60.21 23.18 -41.92
C ILE E 810 -60.20 24.44 -42.78
N ALA E 811 -60.08 25.61 -42.16
CA ALA E 811 -60.00 26.84 -42.94
C ALA E 811 -58.75 26.88 -43.80
N ARG E 812 -57.64 26.36 -43.27
CA ARG E 812 -56.40 26.30 -44.05
C ARG E 812 -56.57 25.39 -45.27
N ALA E 813 -57.33 24.30 -45.12
CA ALA E 813 -57.54 23.38 -46.23
C ALA E 813 -58.23 24.06 -47.40
N ASN E 814 -59.16 24.96 -47.12
CA ASN E 814 -59.94 25.64 -48.16
C ASN E 814 -59.26 26.90 -48.71
N CYS E 815 -58.07 27.25 -48.22
CA CYS E 815 -57.36 28.47 -48.64
C CYS E 815 -58.21 29.70 -48.37
N VAL E 816 -58.65 29.84 -47.13
CA VAL E 816 -59.50 30.93 -46.68
C VAL E 816 -58.91 31.50 -45.39
N ASP E 817 -58.79 32.82 -45.32
CA ASP E 817 -58.13 33.49 -44.19
C ASP E 817 -59.06 33.80 -43.03
N GLU E 818 -60.37 33.54 -43.15
CA GLU E 818 -61.34 33.75 -42.09
C GLU E 818 -61.95 32.42 -41.70
N ILE E 819 -62.12 32.21 -40.39
CA ILE E 819 -62.79 31.01 -39.89
C ILE E 819 -64.29 31.22 -40.04
N THR E 820 -64.87 30.67 -41.09
CA THR E 820 -66.32 30.68 -41.21
C THR E 820 -66.91 29.76 -40.14
N PRO E 821 -68.08 30.09 -39.55
CA PRO E 821 -68.65 29.19 -38.53
C PRO E 821 -68.98 27.79 -39.04
N SER E 822 -69.22 27.64 -40.34
CA SER E 822 -69.46 26.31 -40.91
C SER E 822 -68.27 25.38 -40.67
N PHE E 823 -67.06 25.93 -40.65
CA PHE E 823 -65.88 25.12 -40.32
C PHE E 823 -65.96 24.60 -38.88
N ILE E 824 -66.46 25.43 -37.96
CA ILE E 824 -66.60 24.97 -36.58
C ILE E 824 -67.72 23.95 -36.47
N ALA E 825 -68.78 24.09 -37.25
CA ALA E 825 -69.80 23.04 -37.29
C ALA E 825 -69.19 21.73 -37.78
N GLU E 826 -68.35 21.80 -38.81
CA GLU E 826 -67.66 20.61 -39.31
C GLU E 826 -66.77 20.00 -38.25
N ALA E 827 -66.01 20.84 -37.53
CA ALA E 827 -65.10 20.33 -36.51
C ALA E 827 -65.86 19.71 -35.35
N TYR E 828 -66.96 20.34 -34.92
CA TYR E 828 -67.78 19.80 -33.85
C TYR E 828 -68.40 18.47 -34.25
N ASP E 829 -68.85 18.35 -35.51
CA ASP E 829 -69.40 17.08 -35.97
C ASP E 829 -68.32 16.00 -36.02
N LEU E 830 -67.12 16.35 -36.50
CA LEU E 830 -66.03 15.38 -36.58
C LEU E 830 -65.62 14.92 -35.18
N LEU E 831 -65.54 15.84 -34.23
CA LEU E 831 -65.04 15.52 -32.89
C LEU E 831 -65.96 14.52 -32.19
N ARG E 832 -67.27 14.68 -32.33
CA ARG E 832 -68.21 13.85 -31.58
C ARG E 832 -68.28 12.42 -32.09
N GLN E 833 -67.70 12.11 -33.26
CA GLN E 833 -67.59 10.73 -33.67
C GLN E 833 -66.60 9.96 -32.81
N SER E 834 -65.68 10.64 -32.14
CA SER E 834 -64.73 10.00 -31.25
C SER E 834 -65.31 9.66 -29.88
N ILE E 835 -66.50 10.15 -29.56
CA ILE E 835 -67.07 10.00 -28.23
C ILE E 835 -67.89 8.71 -28.17
N LEU F 5 29.29 -18.59 -11.87
CA LEU F 5 30.74 -18.41 -11.58
C LEU F 5 31.34 -19.56 -10.75
N PRO F 6 30.78 -19.89 -9.59
CA PRO F 6 31.32 -21.02 -8.81
C PRO F 6 30.88 -22.36 -9.37
N SER F 7 31.38 -23.42 -8.75
CA SER F 7 31.11 -24.79 -9.20
C SER F 7 31.10 -25.72 -7.99
N ILE F 8 30.45 -26.88 -8.16
CA ILE F 8 30.28 -27.86 -7.10
C ILE F 8 30.49 -29.27 -7.67
N GLN F 9 30.64 -30.23 -6.75
CA GLN F 9 30.62 -31.64 -7.07
C GLN F 9 29.20 -32.19 -6.89
N LEU F 10 28.90 -33.26 -7.63
CA LEU F 10 27.63 -33.96 -7.52
C LEU F 10 27.88 -35.44 -7.73
N PRO F 11 26.98 -36.31 -7.23
CA PRO F 11 27.28 -37.75 -7.29
C PRO F 11 27.07 -38.40 -8.66
N VAL F 12 26.53 -37.69 -9.65
CA VAL F 12 26.11 -38.29 -10.93
C VAL F 12 27.08 -37.86 -12.02
N ASP F 13 27.55 -38.85 -12.80
CA ASP F 13 28.28 -38.63 -14.04
C ASP F 13 27.43 -39.17 -15.19
N TYR F 14 27.17 -38.32 -16.18
CA TYR F 14 26.25 -38.69 -17.25
C TYR F 14 26.85 -39.67 -18.25
N ASN F 15 28.17 -39.81 -18.31
CA ASN F 15 28.78 -40.77 -19.22
C ASN F 15 28.38 -42.20 -18.88
N ASN F 16 28.42 -42.54 -17.58
CA ASN F 16 28.02 -43.86 -17.15
C ASN F 16 26.56 -44.13 -17.46
N LEU F 17 25.69 -43.16 -17.22
CA LEU F 17 24.27 -43.34 -17.50
C LEU F 17 24.01 -43.46 -18.99
N PHE F 18 24.77 -42.74 -19.81
CA PHE F 18 24.65 -42.88 -21.26
C PHE F 18 25.04 -44.29 -21.71
N ASN F 19 26.12 -44.83 -21.13
CA ASN F 19 26.51 -46.21 -21.43
C ASN F 19 25.42 -47.19 -21.00
N GLU F 20 24.83 -46.96 -19.83
CA GLU F 20 23.72 -47.81 -19.38
C GLU F 20 22.55 -47.74 -20.35
N ILE F 21 22.24 -46.54 -20.84
CA ILE F 21 21.11 -46.37 -21.76
C ILE F 21 21.37 -47.14 -23.06
N THR F 22 22.57 -47.00 -23.63
CA THR F 22 22.81 -47.65 -24.92
C THR F 22 22.89 -49.17 -24.76
N ASP F 23 23.32 -49.68 -23.59
CA ASP F 23 23.21 -51.11 -23.35
C ASP F 23 21.75 -51.54 -23.21
N PHE F 24 20.95 -50.75 -22.48
CA PHE F 24 19.56 -51.13 -22.23
C PHE F 24 18.76 -51.18 -23.52
N LEU F 25 18.99 -50.23 -24.43
CA LEU F 25 18.20 -50.20 -25.65
C LEU F 25 18.45 -51.40 -26.55
N VAL F 26 19.67 -51.95 -26.52
CA VAL F 26 20.05 -53.04 -27.43
C VAL F 26 19.98 -54.43 -26.78
N THR F 27 19.81 -54.52 -25.45
CA THR F 27 19.86 -55.80 -24.75
C THR F 27 18.53 -56.28 -24.19
N PHE F 28 17.66 -55.39 -23.71
CA PHE F 28 16.51 -55.81 -22.92
C PHE F 28 15.50 -56.58 -23.75
N LYS F 29 14.89 -57.59 -23.13
CA LYS F 29 13.80 -58.35 -23.73
C LYS F 29 12.89 -58.88 -22.63
N GLN F 30 11.60 -59.01 -22.95
CA GLN F 30 10.62 -59.52 -22.00
C GLN F 30 10.47 -61.04 -22.12
N GLY F 60 13.82 -61.05 -30.70
CA GLY F 60 14.93 -60.18 -30.43
C GLY F 60 14.64 -59.21 -29.29
N PRO F 61 15.55 -58.27 -29.04
CA PRO F 61 15.31 -57.28 -27.99
C PRO F 61 14.09 -56.43 -28.29
N LYS F 62 13.46 -55.93 -27.22
CA LYS F 62 12.15 -55.30 -27.33
C LYS F 62 12.20 -54.04 -28.21
N TYR F 63 13.12 -53.13 -27.91
CA TYR F 63 13.08 -51.80 -28.51
C TYR F 63 13.68 -51.74 -29.90
N MET F 64 14.52 -52.71 -30.28
CA MET F 64 15.06 -52.71 -31.63
C MET F 64 13.96 -52.98 -32.66
N ALA F 65 12.93 -53.74 -32.29
CA ALA F 65 11.78 -53.90 -33.16
C ALA F 65 11.08 -52.55 -33.39
N MET F 66 10.90 -51.79 -32.31
CA MET F 66 10.28 -50.47 -32.44
C MET F 66 11.12 -49.55 -33.32
N LEU F 67 12.44 -49.57 -33.13
CA LEU F 67 13.30 -48.72 -33.95
C LEU F 67 13.34 -49.17 -35.40
N GLN F 68 13.20 -50.48 -35.65
CA GLN F 68 13.05 -50.95 -37.03
C GLN F 68 11.77 -50.42 -37.65
N LYS F 69 10.67 -50.43 -36.88
CA LYS F 69 9.42 -49.87 -37.39
C LYS F 69 9.56 -48.37 -37.64
N VAL F 70 10.31 -47.67 -36.80
CA VAL F 70 10.58 -46.25 -37.03
C VAL F 70 11.37 -46.06 -38.33
N ALA F 71 12.39 -46.89 -38.54
CA ALA F 71 13.21 -46.77 -39.74
C ALA F 71 12.39 -47.05 -40.99
N ASN F 72 11.42 -47.98 -40.91
CA ASN F 72 10.53 -48.27 -42.02
C ASN F 72 9.45 -47.20 -42.23
N ARG F 73 9.42 -46.14 -41.43
CA ARG F 73 8.41 -45.09 -41.49
C ARG F 73 7.02 -45.60 -41.13
N GLU F 74 6.94 -46.68 -40.34
CA GLU F 74 5.68 -47.25 -39.91
C GLU F 74 5.19 -46.70 -38.58
N LEU F 75 6.08 -46.13 -37.77
CA LEU F 75 5.81 -45.78 -36.39
C LEU F 75 6.34 -44.39 -36.10
N ASN F 76 5.58 -43.61 -35.33
CA ASN F 76 5.87 -42.20 -35.09
C ASN F 76 6.33 -41.88 -33.68
N SER F 77 6.18 -42.79 -32.72
CA SER F 77 6.49 -42.48 -31.33
C SER F 77 7.02 -43.72 -30.62
N VAL F 78 7.86 -43.47 -29.62
CA VAL F 78 8.49 -44.48 -28.79
C VAL F 78 8.10 -44.19 -27.35
N ILE F 79 7.54 -45.18 -26.66
CA ILE F 79 7.12 -45.05 -25.26
C ILE F 79 8.05 -45.92 -24.42
N ILE F 80 8.82 -45.28 -23.55
CA ILE F 80 9.77 -45.98 -22.69
C ILE F 80 9.05 -46.37 -21.40
N ASP F 81 9.15 -47.65 -21.05
CA ASP F 81 8.70 -48.14 -19.76
C ASP F 81 9.87 -48.11 -18.80
N LEU F 82 9.60 -47.51 -17.61
CA LEU F 82 10.51 -47.60 -16.45
C LEU F 82 10.45 -48.94 -15.72
N ASP F 83 9.37 -49.69 -15.89
CA ASP F 83 9.33 -51.06 -15.37
C ASP F 83 10.43 -51.90 -16.01
N ASP F 84 10.68 -51.68 -17.31
CA ASP F 84 11.77 -52.37 -17.97
C ASP F 84 13.11 -51.99 -17.37
N ILE F 85 13.29 -50.72 -17.01
CA ILE F 85 14.57 -50.30 -16.46
C ILE F 85 14.77 -50.91 -15.07
N LEU F 86 13.71 -50.95 -14.27
CA LEU F 86 13.82 -51.58 -12.95
C LEU F 86 14.13 -53.08 -13.09
N GLN F 87 13.44 -53.76 -14.01
CA GLN F 87 13.71 -55.18 -14.25
C GLN F 87 15.15 -55.39 -14.73
N TYR F 88 15.62 -54.53 -15.63
CA TYR F 88 16.98 -54.61 -16.13
C TYR F 88 18.00 -54.43 -15.00
N GLN F 89 17.76 -53.45 -14.12
CA GLN F 89 18.65 -53.24 -12.98
C GLN F 89 18.68 -54.45 -12.07
N ASN F 90 17.51 -55.02 -11.77
CA ASN F 90 17.45 -56.19 -10.90
C ASN F 90 18.18 -57.38 -11.53
N GLU F 91 17.98 -57.61 -12.82
CA GLU F 91 18.64 -58.73 -13.49
C GLU F 91 20.15 -58.53 -13.52
N LYS F 92 20.62 -57.32 -13.82
CA LYS F 92 22.05 -57.06 -13.82
C LYS F 92 22.64 -57.22 -12.42
N PHE F 93 21.88 -56.83 -11.39
CA PHE F 93 22.35 -57.01 -10.02
C PHE F 93 22.47 -58.49 -9.67
N LEU F 94 21.45 -59.29 -10.03
CA LEU F 94 21.48 -60.71 -9.70
C LEU F 94 22.59 -61.45 -10.42
N GLN F 95 23.08 -60.92 -11.54
CA GLN F 95 24.25 -61.47 -12.21
C GLN F 95 25.57 -61.10 -11.50
N GLY F 96 25.51 -60.37 -10.39
CA GLY F 96 26.70 -60.12 -9.59
C GLY F 96 27.51 -58.92 -9.99
N THR F 97 26.86 -57.86 -10.49
CA THR F 97 27.52 -56.64 -10.92
C THR F 97 26.78 -55.43 -10.39
N GLN F 98 27.53 -54.37 -10.12
CA GLN F 98 26.94 -53.11 -9.67
C GLN F 98 26.42 -52.31 -10.86
N ALA F 99 25.39 -51.51 -10.60
CA ALA F 99 24.78 -50.68 -11.63
C ALA F 99 24.14 -49.46 -10.99
N ASP F 100 24.20 -48.34 -11.71
CA ASP F 100 23.58 -47.11 -11.23
C ASP F 100 22.06 -47.21 -11.29
N ASP F 101 21.40 -46.56 -10.34
CA ASP F 101 19.94 -46.57 -10.25
C ASP F 101 19.39 -45.53 -11.22
N LEU F 102 19.29 -45.94 -12.50
CA LEU F 102 18.86 -45.03 -13.55
C LEU F 102 17.40 -44.60 -13.37
N VAL F 103 16.57 -45.42 -12.74
CA VAL F 103 15.15 -45.13 -12.60
C VAL F 103 14.96 -43.86 -11.77
N SER F 104 15.51 -43.84 -10.57
CA SER F 104 15.45 -42.64 -9.75
C SER F 104 16.20 -41.48 -10.38
N ALA F 105 17.25 -41.78 -11.16
CA ALA F 105 18.01 -40.72 -11.80
C ALA F 105 17.17 -39.97 -12.82
N ILE F 106 16.35 -40.69 -13.60
CA ILE F 106 15.49 -40.02 -14.59
C ILE F 106 14.17 -39.56 -14.00
N GLN F 107 13.79 -40.05 -12.80
CA GLN F 107 12.66 -39.44 -12.11
C GLN F 107 13.05 -38.12 -11.44
N GLN F 108 14.29 -38.00 -10.97
CA GLN F 108 14.69 -36.80 -10.24
C GLN F 108 14.89 -35.61 -11.17
N ASN F 109 15.43 -35.85 -12.36
CA ASN F 109 15.86 -34.79 -13.29
C ASN F 109 15.40 -35.14 -14.71
N ALA F 110 14.09 -35.37 -14.87
CA ALA F 110 13.57 -36.02 -16.07
C ALA F 110 13.86 -35.27 -17.36
N ASN F 111 14.04 -33.95 -17.30
CA ASN F 111 14.11 -33.16 -18.54
C ASN F 111 15.36 -33.50 -19.36
N HIS F 112 16.50 -33.71 -18.69
CA HIS F 112 17.75 -33.91 -19.41
C HIS F 112 17.76 -35.22 -20.20
N PHE F 113 17.04 -36.23 -19.72
CA PHE F 113 17.17 -37.57 -20.28
C PHE F 113 16.35 -37.79 -21.56
N THR F 114 15.47 -36.85 -21.93
CA THR F 114 14.85 -36.94 -23.25
C THR F 114 15.88 -36.73 -24.34
N GLU F 115 16.90 -35.92 -24.08
CA GLU F 115 17.97 -35.69 -25.05
C GLU F 115 18.93 -36.88 -25.13
N LEU F 116 19.30 -37.45 -23.98
CA LEU F 116 20.22 -38.59 -23.97
C LEU F 116 19.63 -39.79 -24.70
N PHE F 117 18.37 -40.10 -24.43
CA PHE F 117 17.72 -41.21 -25.11
C PHE F 117 17.62 -40.96 -26.61
N CYS F 118 17.34 -39.72 -27.00
CA CYS F 118 17.25 -39.40 -28.43
C CYS F 118 18.60 -39.56 -29.11
N ARG F 119 19.68 -39.11 -28.46
CA ARG F 119 21.00 -39.28 -29.05
C ARG F 119 21.37 -40.75 -29.15
N ALA F 120 21.04 -41.54 -28.12
CA ALA F 120 21.30 -42.97 -28.17
C ALA F 120 20.51 -43.63 -29.30
N ILE F 121 19.26 -43.24 -29.48
CA ILE F 121 18.43 -43.81 -30.54
C ILE F 121 18.99 -43.45 -31.91
N ASP F 122 19.41 -42.19 -32.09
CA ASP F 122 19.99 -41.78 -33.36
C ASP F 122 21.28 -42.55 -33.66
N ASN F 123 22.10 -42.76 -32.64
CA ASN F 123 23.35 -43.50 -32.85
C ASN F 123 23.09 -44.94 -33.28
N ASN F 124 22.12 -45.60 -32.64
CA ASN F 124 21.91 -47.04 -32.80
C ASN F 124 20.80 -47.39 -33.79
N MET F 125 20.27 -46.43 -34.53
CA MET F 125 19.09 -46.69 -35.37
C MET F 125 19.47 -47.65 -36.51
N PRO F 126 18.73 -48.75 -36.72
CA PRO F 126 19.07 -49.66 -37.82
C PRO F 126 18.60 -49.13 -39.16
N LEU F 127 19.08 -49.77 -40.22
CA LEU F 127 18.73 -49.37 -41.57
C LEU F 127 17.34 -49.89 -41.94
N PRO F 128 16.69 -49.30 -42.94
CA PRO F 128 15.33 -49.77 -43.31
C PRO F 128 15.33 -51.20 -43.84
N THR F 129 14.21 -51.88 -43.60
CA THR F 129 13.95 -53.21 -44.13
C THR F 129 13.20 -53.18 -45.46
N LYS F 130 12.49 -52.09 -45.77
CA LYS F 130 11.60 -52.01 -46.92
C LYS F 130 11.82 -50.70 -47.66
N GLU F 131 11.51 -50.72 -48.96
CA GLU F 131 11.58 -49.52 -49.78
C GLU F 131 10.60 -48.47 -49.26
N ILE F 132 10.98 -47.20 -49.44
CA ILE F 132 10.34 -46.07 -48.77
C ILE F 132 9.80 -45.03 -49.74
N ASP F 133 10.28 -44.97 -50.98
CA ASP F 133 10.05 -43.84 -51.90
C ASP F 133 10.62 -42.55 -51.29
N TYR F 134 11.95 -42.54 -51.20
CA TYR F 134 12.67 -41.48 -50.51
C TYR F 134 12.43 -40.11 -51.13
N LYS F 135 12.12 -40.04 -52.42
CA LYS F 135 12.00 -38.76 -53.11
C LYS F 135 10.82 -37.92 -52.63
N ASP F 136 9.90 -38.48 -51.85
CA ASP F 136 8.79 -37.70 -51.32
C ASP F 136 9.23 -36.65 -50.31
N ASP F 137 10.46 -36.74 -49.78
CA ASP F 137 10.94 -35.86 -48.72
C ASP F 137 11.67 -34.67 -49.32
N VAL F 138 11.21 -33.46 -48.98
CA VAL F 138 11.89 -32.24 -49.42
C VAL F 138 13.24 -32.11 -48.72
N LEU F 139 13.28 -32.41 -47.42
CA LEU F 139 14.51 -32.24 -46.64
C LEU F 139 15.62 -33.14 -47.17
N ASP F 140 15.27 -34.35 -47.61
CA ASP F 140 16.27 -35.25 -48.20
C ASP F 140 16.90 -34.62 -49.44
N VAL F 141 16.07 -34.07 -50.32
CA VAL F 141 16.58 -33.44 -51.55
C VAL F 141 17.47 -32.25 -51.19
N ILE F 142 17.00 -31.41 -50.26
CA ILE F 142 17.74 -30.20 -49.90
C ILE F 142 19.10 -30.56 -49.31
N LEU F 143 19.12 -31.52 -48.37
CA LEU F 143 20.37 -31.87 -47.73
C LEU F 143 21.31 -32.60 -48.68
N ASN F 144 20.77 -33.42 -49.59
CA ASN F 144 21.60 -34.07 -50.60
C ASN F 144 22.25 -33.04 -51.51
N GLN F 145 21.47 -32.05 -51.96
CA GLN F 145 22.04 -31.01 -52.81
C GLN F 145 23.07 -30.18 -52.06
N ARG F 146 22.81 -29.89 -50.78
CA ARG F 146 23.78 -29.13 -49.99
C ARG F 146 25.08 -29.91 -49.80
N ARG F 147 24.96 -31.23 -49.57
CA ARG F 147 26.16 -32.06 -49.45
C ARG F 147 26.93 -32.08 -50.77
N LEU F 148 26.20 -32.13 -51.90
CA LEU F 148 26.87 -32.11 -53.20
C LEU F 148 27.57 -30.76 -53.41
N ARG F 149 26.95 -29.67 -52.96
CA ARG F 149 27.59 -28.36 -53.04
C ARG F 149 28.89 -28.35 -52.24
N ASN F 150 28.86 -28.91 -51.03
CA ASN F 150 30.08 -28.99 -50.23
C ASN F 150 31.13 -29.88 -50.90
N GLU F 151 30.70 -30.99 -51.51
CA GLU F 151 31.63 -31.87 -52.20
C GLU F 151 32.32 -31.16 -53.36
N ARG F 152 31.54 -30.45 -54.18
CA ARG F 152 32.12 -29.68 -55.27
C ARG F 152 33.04 -28.58 -54.76
N MET F 153 32.63 -27.92 -53.68
CA MET F 153 33.45 -26.86 -53.10
C MET F 153 34.80 -27.40 -52.63
N LEU F 154 34.82 -28.60 -52.07
CA LEU F 154 36.04 -29.19 -51.54
C LEU F 154 36.94 -29.78 -52.62
N SER F 155 36.52 -29.77 -53.88
CA SER F 155 37.36 -30.28 -54.96
C SER F 155 38.54 -29.35 -55.21
N GLU F 190 28.60 -28.52 -36.88
CA GLU F 190 27.80 -29.47 -37.65
C GLU F 190 27.03 -28.76 -38.76
N LEU F 191 26.73 -29.51 -39.82
CA LEU F 191 26.15 -28.90 -41.02
C LEU F 191 24.77 -28.34 -40.76
N PHE F 192 23.93 -29.08 -40.03
CA PHE F 192 22.57 -28.67 -39.70
C PHE F 192 22.22 -29.28 -38.36
N PRO F 193 21.26 -28.69 -37.62
CA PRO F 193 20.93 -29.23 -36.30
C PRO F 193 20.30 -30.61 -36.42
N PRO F 194 20.62 -31.55 -35.52
CA PRO F 194 20.06 -32.90 -35.67
C PRO F 194 18.56 -32.97 -35.47
N ASN F 195 17.95 -31.96 -34.82
CA ASN F 195 16.51 -31.96 -34.60
C ASN F 195 15.73 -31.93 -35.92
N LEU F 196 16.34 -31.43 -36.99
CA LEU F 196 15.66 -31.27 -38.27
C LEU F 196 15.27 -32.59 -38.91
N THR F 197 15.91 -33.70 -38.53
CA THR F 197 15.70 -35.00 -39.16
C THR F 197 15.18 -36.08 -38.21
N ARG F 198 14.76 -35.71 -36.99
CA ARG F 198 14.18 -36.68 -36.07
C ARG F 198 12.71 -36.86 -36.42
N ARG F 199 12.39 -38.00 -37.03
CA ARG F 199 11.05 -38.30 -37.50
C ARG F 199 10.14 -38.90 -36.42
N TYR F 200 10.54 -38.87 -35.15
CA TYR F 200 9.83 -39.57 -34.09
C TYR F 200 9.71 -38.70 -32.84
N PHE F 201 8.86 -39.14 -31.93
CA PHE F 201 8.67 -38.55 -30.61
C PHE F 201 8.99 -39.61 -29.56
N LEU F 202 9.26 -39.14 -28.34
CA LEU F 202 9.66 -40.02 -27.24
C LEU F 202 8.98 -39.57 -25.95
N TYR F 203 8.48 -40.54 -25.19
CA TYR F 203 7.81 -40.29 -23.92
C TYR F 203 8.19 -41.37 -22.91
N PHE F 204 8.13 -41.02 -21.63
CA PHE F 204 8.30 -41.95 -20.53
C PHE F 204 6.94 -42.32 -19.96
N LYS F 205 6.85 -43.55 -19.44
CA LYS F 205 5.67 -44.07 -18.76
C LYS F 205 6.04 -44.40 -17.31
N PRO F 206 5.30 -43.94 -16.30
CA PRO F 206 5.79 -44.07 -14.92
C PRO F 206 5.78 -45.51 -14.43
N LEU F 207 6.41 -45.69 -13.27
CA LEU F 207 6.48 -47.00 -12.62
C LEU F 207 5.10 -47.51 -12.25
N SER F 208 4.89 -48.81 -12.39
CA SER F 208 3.70 -49.44 -11.84
C SER F 208 3.73 -49.38 -10.32
N GLN F 209 2.62 -48.95 -9.72
CA GLN F 209 2.55 -48.85 -8.27
C GLN F 209 2.67 -50.22 -7.61
N ASN F 210 2.21 -51.27 -8.28
CA ASN F 210 2.27 -52.62 -7.70
C ASN F 210 3.66 -53.20 -7.68
N CYS F 211 4.55 -52.70 -8.59
CA CYS F 211 6.01 -52.91 -8.47
C CYS F 211 6.66 -51.94 -7.49
N ALA F 212 6.09 -50.75 -7.31
CA ALA F 212 6.72 -49.70 -6.50
C ALA F 212 6.88 -50.12 -5.04
N ALA F 219 7.52 -45.37 -5.17
CA ALA F 219 8.11 -44.19 -5.81
C ALA F 219 7.03 -43.15 -6.08
N ILE F 220 7.45 -41.88 -6.13
CA ILE F 220 6.49 -40.77 -6.12
C ILE F 220 5.69 -40.74 -7.43
N SER F 221 6.32 -41.08 -8.54
CA SER F 221 5.65 -41.02 -9.84
C SER F 221 4.47 -41.97 -9.93
N SER F 222 4.44 -43.04 -9.13
CA SER F 222 3.33 -44.00 -9.13
C SER F 222 2.18 -43.59 -8.23
N LYS F 223 2.36 -42.58 -7.36
CA LYS F 223 1.38 -42.22 -6.35
C LYS F 223 0.69 -40.92 -6.76
N PRO F 224 -0.61 -40.91 -7.10
CA PRO F 224 -1.24 -39.66 -7.57
C PRO F 224 -1.23 -38.55 -6.52
N LEU F 225 -1.09 -37.33 -7.00
CA LEU F 225 -1.18 -36.11 -6.20
C LEU F 225 -2.37 -35.29 -6.65
N SER F 226 -3.10 -34.72 -5.69
CA SER F 226 -4.06 -33.69 -6.02
C SER F 226 -3.33 -32.38 -6.32
N VAL F 227 -4.05 -31.45 -6.95
CA VAL F 227 -3.43 -30.23 -7.47
C VAL F 227 -2.92 -29.32 -6.36
N ARG F 228 -3.43 -29.47 -5.13
CA ARG F 228 -2.91 -28.69 -4.01
C ARG F 228 -1.55 -29.18 -3.53
N GLN F 229 -1.29 -30.47 -3.64
CA GLN F 229 -0.06 -31.06 -3.10
C GLN F 229 1.15 -30.84 -4.00
N ILE F 230 1.01 -30.16 -5.14
CA ILE F 230 2.11 -29.94 -6.07
C ILE F 230 2.81 -28.66 -5.61
N LYS F 231 3.75 -28.81 -4.68
CA LYS F 231 4.48 -27.68 -4.14
C LYS F 231 5.58 -27.26 -5.09
N GLY F 232 6.34 -26.24 -4.70
CA GLY F 232 7.48 -25.79 -5.49
C GLY F 232 8.69 -26.71 -5.44
N ASP F 233 8.68 -27.71 -4.57
CA ASP F 233 9.77 -28.67 -4.52
C ASP F 233 9.84 -29.53 -5.78
N PHE F 234 8.71 -29.75 -6.45
CA PHE F 234 8.62 -30.72 -7.53
C PHE F 234 9.09 -30.19 -8.88
N LEU F 235 9.52 -28.93 -8.98
CA LEU F 235 9.87 -28.36 -10.28
C LEU F 235 11.08 -29.09 -10.86
N GLY F 236 10.89 -29.68 -12.04
CA GLY F 236 11.90 -30.46 -12.73
C GLY F 236 11.66 -31.95 -12.70
N GLN F 237 10.83 -32.44 -11.80
CA GLN F 237 10.63 -33.87 -11.61
C GLN F 237 9.48 -34.39 -12.48
N LEU F 238 9.35 -35.72 -12.50
CA LEU F 238 8.28 -36.42 -13.21
C LEU F 238 7.27 -36.88 -12.17
N ILE F 239 6.00 -36.48 -12.35
CA ILE F 239 4.96 -36.68 -11.34
C ILE F 239 3.67 -37.12 -12.03
N THR F 240 2.68 -37.45 -11.19
CA THR F 240 1.35 -37.87 -11.62
C THR F 240 0.31 -37.02 -10.89
N VAL F 241 -0.74 -36.65 -11.61
CA VAL F 241 -1.76 -35.73 -11.12
C VAL F 241 -3.14 -36.30 -11.42
N ARG F 242 -4.07 -36.10 -10.48
CA ARG F 242 -5.45 -36.57 -10.58
C ARG F 242 -6.38 -35.39 -10.48
N GLY F 243 -7.33 -35.29 -11.41
CA GLY F 243 -8.27 -34.19 -11.38
C GLY F 243 -9.19 -34.22 -12.59
N ILE F 244 -9.97 -33.15 -12.72
CA ILE F 244 -10.93 -32.97 -13.80
C ILE F 244 -10.43 -31.89 -14.73
N ILE F 245 -10.60 -32.13 -16.03
CA ILE F 245 -10.22 -31.16 -17.06
C ILE F 245 -11.34 -30.13 -17.19
N THR F 246 -10.95 -28.86 -17.35
CA THR F 246 -11.88 -27.74 -17.41
C THR F 246 -12.06 -27.18 -18.81
N ARG F 247 -11.00 -27.08 -19.60
CA ARG F 247 -11.11 -26.56 -20.96
C ARG F 247 -9.95 -27.10 -21.79
N VAL F 248 -10.15 -27.11 -23.10
CA VAL F 248 -9.17 -27.64 -24.05
C VAL F 248 -9.11 -26.69 -25.24
N SER F 249 -7.89 -26.41 -25.70
CA SER F 249 -7.68 -25.59 -26.88
C SER F 249 -7.61 -26.46 -28.13
N ASP F 250 -7.79 -25.82 -29.28
CA ASP F 250 -7.69 -26.47 -30.57
C ASP F 250 -6.25 -26.38 -31.09
N VAL F 251 -5.93 -27.30 -32.00
CA VAL F 251 -4.53 -27.53 -32.38
C VAL F 251 -4.04 -26.40 -33.28
N LYS F 252 -2.78 -26.01 -33.10
CA LYS F 252 -2.10 -25.06 -33.98
C LYS F 252 -0.62 -25.42 -34.04
N PRO F 253 0.08 -25.08 -35.13
CA PRO F 253 1.48 -25.48 -35.25
C PRO F 253 2.42 -24.61 -34.43
N ALA F 254 3.59 -25.17 -34.13
CA ALA F 254 4.67 -24.47 -33.45
C ALA F 254 6.00 -24.82 -34.12
N VAL F 255 6.83 -23.81 -34.33
CA VAL F 255 8.11 -24.01 -35.02
C VAL F 255 9.10 -24.69 -34.09
N GLU F 256 9.97 -25.51 -34.68
CA GLU F 256 11.15 -26.06 -34.01
C GLU F 256 12.44 -25.68 -34.72
N VAL F 257 12.48 -25.79 -36.05
CA VAL F 257 13.63 -25.38 -36.85
C VAL F 257 13.10 -24.60 -38.05
N ILE F 258 13.67 -23.41 -38.27
CA ILE F 258 13.25 -22.50 -39.34
C ILE F 258 14.33 -22.51 -40.41
N ALA F 259 13.90 -22.36 -41.67
CA ALA F 259 14.77 -22.44 -42.84
C ALA F 259 14.67 -21.15 -43.64
N TYR F 260 15.81 -20.73 -44.20
CA TYR F 260 15.92 -19.50 -44.98
C TYR F 260 16.62 -19.78 -46.30
N THR F 261 16.55 -18.78 -47.20
CA THR F 261 17.21 -18.83 -48.50
C THR F 261 17.87 -17.48 -48.77
N CYS F 262 19.14 -17.51 -49.21
CA CYS F 262 19.87 -16.31 -49.62
C CYS F 262 19.75 -16.16 -51.13
N ASP F 263 19.35 -14.97 -51.58
CA ASP F 263 19.00 -14.77 -52.99
C ASP F 263 20.23 -14.73 -53.89
N GLN F 264 21.26 -13.98 -53.49
CA GLN F 264 22.36 -13.69 -54.42
C GLN F 264 23.30 -14.87 -54.57
N CYS F 265 23.69 -15.49 -53.47
CA CYS F 265 24.67 -16.58 -53.47
C CYS F 265 24.02 -17.96 -53.49
N GLY F 266 22.69 -18.06 -53.41
CA GLY F 266 22.01 -19.32 -53.55
C GLY F 266 22.34 -20.36 -52.50
N TYR F 267 22.27 -19.96 -51.23
CA TYR F 267 22.69 -20.80 -50.11
C TYR F 267 21.65 -20.71 -49.00
N GLU F 268 21.50 -21.82 -48.28
CA GLU F 268 20.44 -21.99 -47.28
C GLU F 268 21.05 -22.08 -45.88
N VAL F 269 20.34 -21.52 -44.91
CA VAL F 269 20.75 -21.53 -43.51
C VAL F 269 19.53 -21.85 -42.65
N PHE F 270 19.81 -22.32 -41.43
CA PHE F 270 18.77 -22.79 -40.51
C PHE F 270 18.90 -22.08 -39.17
N GLN F 271 17.78 -22.05 -38.45
CA GLN F 271 17.69 -21.47 -37.12
C GLN F 271 16.78 -22.36 -36.28
N GLU F 272 17.15 -22.56 -35.02
CA GLU F 272 16.39 -23.36 -34.07
C GLU F 272 15.76 -22.47 -33.02
N VAL F 273 14.51 -22.77 -32.67
CA VAL F 273 13.70 -21.97 -31.76
C VAL F 273 13.33 -22.84 -30.57
N ASN F 274 13.57 -22.32 -29.36
CA ASN F 274 13.16 -22.95 -28.10
C ASN F 274 12.24 -22.05 -27.29
N SER F 275 12.58 -20.78 -27.16
CA SER F 275 11.80 -19.87 -26.34
C SER F 275 10.46 -19.56 -27.01
N ARG F 276 9.59 -18.89 -26.25
CA ARG F 276 8.28 -18.53 -26.77
C ARG F 276 8.34 -17.53 -27.92
N THR F 277 9.44 -16.79 -28.06
CA THR F 277 9.60 -15.78 -29.10
C THR F 277 11.01 -15.86 -29.68
N PHE F 278 11.18 -15.25 -30.85
CA PHE F 278 12.47 -15.26 -31.53
C PHE F 278 12.54 -14.07 -32.49
N THR F 279 13.78 -13.76 -32.90
CA THR F 279 14.07 -12.74 -33.91
C THR F 279 14.49 -13.42 -35.20
N PRO F 280 13.83 -13.22 -36.36
CA PRO F 280 14.31 -13.88 -37.57
C PRO F 280 15.63 -13.29 -38.06
N LEU F 281 16.39 -14.11 -38.78
CA LEU F 281 17.64 -13.66 -39.36
C LEU F 281 17.38 -12.74 -40.56
N SER F 282 18.35 -11.85 -40.82
CA SER F 282 18.24 -10.90 -41.93
C SER F 282 19.54 -10.67 -42.69
N GLU F 283 20.62 -11.38 -42.38
CA GLU F 283 21.90 -11.23 -43.09
C GLU F 283 22.55 -12.59 -43.28
N CYS F 284 23.09 -12.81 -44.47
CA CYS F 284 23.79 -14.07 -44.79
C CYS F 284 25.21 -13.97 -44.27
N THR F 285 25.45 -14.55 -43.10
CA THR F 285 26.76 -14.52 -42.45
C THR F 285 27.67 -15.67 -42.89
N SER F 286 27.31 -16.40 -43.94
CA SER F 286 28.12 -17.52 -44.40
C SER F 286 29.50 -17.03 -44.85
N GLU F 287 30.52 -17.84 -44.53
CA GLU F 287 31.90 -17.42 -44.77
C GLU F 287 32.19 -17.27 -46.26
N GLU F 288 31.73 -18.21 -47.07
CA GLU F 288 31.92 -18.10 -48.52
C GLU F 288 31.17 -16.88 -49.06
N CYS F 289 29.94 -16.68 -48.61
CA CYS F 289 29.16 -15.53 -49.02
C CYS F 289 29.83 -14.23 -48.56
N SER F 290 30.44 -14.24 -47.38
CA SER F 290 31.12 -13.05 -46.88
C SER F 290 32.39 -12.75 -47.67
N GLN F 291 33.19 -13.78 -47.96
CA GLN F 291 34.48 -13.55 -48.61
C GLN F 291 34.32 -13.11 -50.07
N ASN F 292 33.19 -13.41 -50.69
CA ASN F 292 32.82 -12.80 -51.96
C ASN F 292 32.20 -11.41 -51.78
N GLN F 293 32.09 -10.90 -50.55
CA GLN F 293 31.51 -9.59 -50.26
C GLN F 293 30.09 -9.48 -50.81
N THR F 294 29.33 -10.57 -50.66
CA THR F 294 28.00 -10.70 -51.26
C THR F 294 26.96 -10.49 -50.17
N LYS F 295 26.65 -9.21 -49.91
CA LYS F 295 25.70 -8.87 -48.85
C LYS F 295 24.27 -9.14 -49.30
N GLY F 296 23.95 -10.43 -49.43
CA GLY F 296 22.66 -10.86 -49.91
C GLY F 296 21.58 -10.81 -48.85
N GLN F 297 20.34 -10.99 -49.31
CA GLN F 297 19.15 -10.91 -48.48
C GLN F 297 18.61 -12.30 -48.20
N LEU F 298 18.16 -12.52 -46.96
CA LEU F 298 17.57 -13.80 -46.55
C LEU F 298 16.05 -13.72 -46.60
N PHE F 299 15.42 -14.83 -46.98
CA PHE F 299 13.97 -14.96 -47.03
C PHE F 299 13.54 -16.27 -46.39
N MET F 300 12.43 -16.23 -45.65
CA MET F 300 11.92 -17.39 -44.95
C MET F 300 11.22 -18.33 -45.92
N SER F 301 11.19 -19.62 -45.57
CA SER F 301 10.53 -20.64 -46.36
C SER F 301 9.81 -21.62 -45.43
N THR F 302 8.55 -21.92 -45.76
CA THR F 302 7.80 -22.94 -45.02
C THR F 302 8.11 -24.34 -45.50
N ARG F 303 8.43 -24.50 -46.79
CA ARG F 303 8.47 -25.82 -47.41
C ARG F 303 9.57 -26.71 -46.84
N ALA F 304 10.57 -26.14 -46.17
CA ALA F 304 11.65 -26.91 -45.54
C ALA F 304 11.76 -26.66 -44.04
N SER F 305 10.83 -25.92 -43.45
CA SER F 305 10.80 -25.75 -42.01
C SER F 305 10.16 -26.98 -41.35
N LYS F 306 10.43 -27.13 -40.05
CA LYS F 306 9.90 -28.21 -39.23
C LYS F 306 8.92 -27.64 -38.22
N PHE F 307 7.70 -28.18 -38.21
CA PHE F 307 6.67 -27.84 -37.23
C PHE F 307 6.38 -29.05 -36.35
N SER F 308 5.63 -28.80 -35.27
CA SER F 308 5.11 -29.86 -34.42
C SER F 308 3.79 -29.39 -33.84
N ALA F 309 2.84 -30.33 -33.74
CA ALA F 309 1.51 -29.99 -33.26
C ALA F 309 1.55 -29.62 -31.79
N PHE F 310 0.71 -28.65 -31.41
CA PHE F 310 0.67 -28.11 -30.06
C PHE F 310 -0.77 -27.98 -29.61
N GLN F 311 -1.00 -28.17 -28.32
CA GLN F 311 -2.32 -28.03 -27.72
C GLN F 311 -2.13 -27.74 -26.24
N GLU F 312 -3.01 -26.89 -25.69
CA GLU F 312 -2.93 -26.47 -24.29
C GLU F 312 -4.28 -26.74 -23.62
N CYS F 313 -4.22 -27.23 -22.38
CA CYS F 313 -5.39 -27.60 -21.60
C CYS F 313 -5.21 -27.11 -20.17
N LYS F 314 -6.22 -27.36 -19.34
CA LYS F 314 -6.21 -26.96 -17.95
C LYS F 314 -6.93 -28.01 -17.12
N ILE F 315 -6.36 -28.36 -15.97
CA ILE F 315 -6.88 -29.40 -15.08
C ILE F 315 -7.17 -28.77 -13.74
N GLN F 316 -8.17 -29.33 -13.05
CA GLN F 316 -8.72 -28.75 -11.83
C GLN F 316 -9.10 -29.85 -10.86
N GLU F 317 -8.91 -29.58 -9.57
CA GLU F 317 -9.09 -30.62 -8.56
C GLU F 317 -10.55 -30.98 -8.39
N LEU F 318 -10.77 -32.22 -7.95
CA LEU F 318 -12.13 -32.70 -7.72
C LEU F 318 -12.81 -31.89 -6.63
N SER F 319 -14.11 -31.66 -6.80
CA SER F 319 -14.84 -30.81 -5.87
C SER F 319 -14.95 -31.43 -4.48
N GLN F 320 -15.02 -32.76 -4.40
CA GLN F 320 -15.16 -33.45 -3.12
C GLN F 320 -13.85 -33.54 -2.34
N GLN F 321 -12.73 -33.04 -2.87
CA GLN F 321 -11.47 -32.97 -2.17
C GLN F 321 -11.09 -31.54 -1.77
N VAL F 322 -11.93 -30.56 -2.02
CA VAL F 322 -11.62 -29.17 -1.68
C VAL F 322 -11.81 -28.98 -0.18
N PRO F 323 -10.82 -28.46 0.56
CA PRO F 323 -11.08 -28.20 1.98
C PRO F 323 -12.08 -27.08 2.16
N VAL F 324 -12.66 -27.04 3.36
CA VAL F 324 -13.76 -26.12 3.65
C VAL F 324 -13.28 -24.67 3.56
N GLY F 325 -14.08 -23.83 2.90
CA GLY F 325 -13.83 -22.41 2.84
C GLY F 325 -12.84 -21.96 1.79
N HIS F 326 -12.25 -22.87 1.02
CA HIS F 326 -11.27 -22.55 0.00
C HIS F 326 -11.90 -22.62 -1.39
N ILE F 327 -11.17 -22.05 -2.36
CA ILE F 327 -11.58 -22.00 -3.76
C ILE F 327 -10.71 -23.02 -4.49
N PRO F 328 -11.22 -23.81 -5.45
CA PRO F 328 -10.36 -24.81 -6.09
C PRO F 328 -9.25 -24.19 -6.93
N ARG F 329 -8.15 -24.92 -7.03
CA ARG F 329 -6.97 -24.53 -7.80
C ARG F 329 -6.86 -25.38 -9.06
N SER F 330 -5.94 -24.99 -9.93
CA SER F 330 -5.83 -25.59 -11.25
C SER F 330 -4.39 -25.48 -11.76
N LEU F 331 -4.09 -26.26 -12.80
CA LEU F 331 -2.78 -26.31 -13.45
C LEU F 331 -2.95 -26.24 -14.96
N ASN F 332 -1.90 -25.75 -15.63
CA ASN F 332 -1.86 -25.69 -17.09
C ASN F 332 -1.07 -26.87 -17.63
N ILE F 333 -1.62 -27.53 -18.65
CA ILE F 333 -1.02 -28.72 -19.27
C ILE F 333 -0.70 -28.38 -20.72
N HIS F 334 0.46 -28.85 -21.18
CA HIS F 334 0.89 -28.74 -22.57
C HIS F 334 1.03 -30.15 -23.15
N VAL F 335 0.72 -30.27 -24.44
CA VAL F 335 0.73 -31.55 -25.15
C VAL F 335 1.35 -31.32 -26.52
N ASN F 336 2.28 -32.21 -26.90
CA ASN F 336 2.94 -32.16 -28.21
C ASN F 336 2.96 -33.56 -28.81
N GLY F 337 3.11 -33.61 -30.14
CA GLY F 337 3.31 -34.87 -30.82
C GLY F 337 2.03 -35.66 -31.02
N THR F 338 2.19 -36.98 -31.10
CA THR F 338 1.06 -37.89 -31.30
C THR F 338 0.10 -37.93 -30.12
N LEU F 339 0.50 -37.41 -28.96
CA LEU F 339 -0.35 -37.35 -27.78
C LEU F 339 -1.46 -36.29 -27.91
N VAL F 340 -1.44 -35.47 -28.97
CA VAL F 340 -2.39 -34.37 -29.10
C VAL F 340 -3.82 -34.90 -29.20
N ARG F 341 -4.77 -34.08 -28.73
CA ARG F 341 -6.22 -34.35 -28.74
C ARG F 341 -6.54 -35.69 -28.11
N SER F 342 -5.88 -35.98 -26.98
CA SER F 342 -6.23 -37.08 -26.11
C SER F 342 -7.23 -36.65 -25.04
N LEU F 343 -6.98 -35.50 -24.41
CA LEU F 343 -7.84 -35.00 -23.35
C LEU F 343 -9.11 -34.38 -23.93
N SER F 344 -10.17 -34.37 -23.12
CA SER F 344 -11.44 -33.75 -23.46
C SER F 344 -12.04 -33.16 -22.19
N PRO F 345 -12.88 -32.13 -22.30
CA PRO F 345 -13.45 -31.54 -21.09
C PRO F 345 -14.41 -32.49 -20.38
N GLY F 346 -14.45 -32.39 -19.06
CA GLY F 346 -15.30 -33.22 -18.24
C GLY F 346 -14.72 -34.56 -17.82
N ASP F 347 -13.56 -34.93 -18.35
CA ASP F 347 -12.97 -36.22 -18.01
C ASP F 347 -12.35 -36.20 -16.63
N ILE F 348 -12.52 -37.30 -15.90
CA ILE F 348 -11.73 -37.59 -14.71
C ILE F 348 -10.58 -38.48 -15.16
N VAL F 349 -9.36 -38.08 -14.84
CA VAL F 349 -8.18 -38.63 -15.52
C VAL F 349 -6.98 -38.56 -14.59
N ASP F 350 -6.03 -39.49 -14.80
CA ASP F 350 -4.73 -39.50 -14.14
C ASP F 350 -3.67 -39.11 -15.18
N VAL F 351 -3.32 -37.83 -15.21
CA VAL F 351 -2.27 -37.32 -16.08
C VAL F 351 -0.94 -37.47 -15.37
N THR F 352 0.12 -37.77 -16.13
CA THR F 352 1.48 -37.81 -15.62
C THR F 352 2.39 -37.08 -16.60
N GLY F 353 3.38 -36.38 -16.06
CA GLY F 353 4.20 -35.54 -16.91
C GLY F 353 5.34 -34.91 -16.13
N ILE F 354 5.98 -33.94 -16.77
CA ILE F 354 7.12 -33.22 -16.22
C ILE F 354 6.63 -31.82 -15.85
N PHE F 355 7.00 -31.37 -14.65
CA PHE F 355 6.54 -30.12 -14.06
C PHE F 355 7.69 -29.13 -14.10
N LEU F 356 7.52 -28.04 -14.84
CA LEU F 356 8.61 -27.14 -15.23
C LEU F 356 8.21 -25.69 -15.03
N PRO F 357 9.16 -24.76 -14.99
CA PRO F 357 8.84 -23.34 -15.01
C PRO F 357 8.84 -22.78 -16.43
N ALA F 358 8.33 -21.54 -16.55
CA ALA F 358 8.19 -20.83 -17.81
C ALA F 358 8.91 -19.48 -17.71
N PRO F 359 10.18 -19.38 -18.11
CA PRO F 359 10.90 -18.11 -17.91
C PRO F 359 10.40 -17.00 -18.81
N TYR F 360 10.60 -15.76 -18.36
CA TYR F 360 10.32 -14.59 -19.17
C TYR F 360 11.44 -14.35 -20.18
N THR F 361 11.19 -13.44 -21.12
CA THR F 361 12.10 -13.15 -22.21
C THR F 361 12.26 -11.64 -22.37
N GLY F 362 13.49 -11.22 -22.68
CA GLY F 362 13.73 -9.84 -23.07
C GLY F 362 13.58 -8.84 -21.94
N PHE F 363 13.11 -7.65 -22.30
CA PHE F 363 12.97 -6.56 -21.34
C PHE F 363 12.00 -6.89 -20.22
N LYS F 364 11.01 -7.75 -20.50
CA LYS F 364 10.07 -8.19 -19.47
C LYS F 364 10.80 -8.89 -18.33
N ALA F 365 11.80 -9.72 -18.66
CA ALA F 365 12.52 -10.49 -17.65
C ALA F 365 13.26 -9.57 -16.67
N LEU F 366 13.76 -8.43 -17.16
CA LEU F 366 14.58 -7.55 -16.33
C LEU F 366 13.78 -6.96 -15.17
N LYS F 367 12.45 -6.83 -15.32
CA LYS F 367 11.60 -6.20 -14.31
C LYS F 367 10.38 -7.05 -13.99
N ALA F 368 10.44 -8.36 -14.20
CA ALA F 368 9.39 -9.28 -13.78
C ALA F 368 9.59 -9.79 -12.36
N GLY F 369 10.82 -9.76 -11.84
CA GLY F 369 11.11 -10.32 -10.54
C GLY F 369 11.35 -11.81 -10.62
N LEU F 370 11.52 -12.42 -9.44
CA LEU F 370 11.90 -13.81 -9.33
C LEU F 370 10.71 -14.77 -9.28
N LEU F 371 9.47 -14.28 -9.36
CA LEU F 371 8.30 -15.14 -9.34
C LEU F 371 8.09 -15.76 -10.70
N THR F 372 8.04 -17.10 -10.76
CA THR F 372 8.04 -17.86 -12.00
C THR F 372 6.68 -18.50 -12.24
N GLU F 373 6.19 -18.39 -13.47
CA GLU F 373 5.05 -19.16 -13.94
C GLU F 373 5.49 -20.60 -14.23
N THR F 374 4.52 -21.51 -14.22
CA THR F 374 4.82 -22.93 -14.28
C THR F 374 3.71 -23.68 -15.00
N TYR F 375 4.03 -24.89 -15.48
CA TYR F 375 3.11 -25.72 -16.23
C TYR F 375 3.61 -27.16 -16.20
N LEU F 376 2.85 -28.05 -16.84
CA LEU F 376 3.11 -29.49 -16.86
C LEU F 376 3.23 -29.98 -18.29
N GLU F 377 4.33 -30.68 -18.60
CA GLU F 377 4.53 -31.32 -19.90
C GLU F 377 3.95 -32.72 -19.86
N ALA F 378 2.85 -32.94 -20.59
CA ALA F 378 2.20 -34.25 -20.58
C ALA F 378 3.07 -35.30 -21.23
N GLN F 379 3.03 -36.52 -20.66
CA GLN F 379 3.81 -37.66 -21.15
C GLN F 379 2.95 -38.90 -21.37
N PHE F 380 1.92 -39.10 -20.54
CA PHE F 380 1.10 -40.29 -20.60
C PHE F 380 -0.17 -40.03 -19.81
N VAL F 381 -1.27 -40.67 -20.24
CA VAL F 381 -2.61 -40.37 -19.73
C VAL F 381 -3.34 -41.68 -19.45
N ARG F 382 -3.93 -41.79 -18.26
CA ARG F 382 -4.72 -42.93 -17.83
C ARG F 382 -6.11 -42.44 -17.47
N GLN F 383 -7.12 -42.99 -18.13
CA GLN F 383 -8.52 -42.68 -17.83
C GLN F 383 -9.06 -43.66 -16.79
N HIS F 384 -10.00 -43.18 -15.97
CA HIS F 384 -10.55 -43.99 -14.90
C HIS F 384 -11.52 -45.04 -15.42
N LYS F 385 -12.41 -44.67 -16.32
CA LYS F 385 -13.45 -45.53 -16.86
C LYS F 385 -13.31 -45.61 -18.37
N LYS F 386 -13.27 -46.83 -18.90
CA LYS F 386 -13.19 -47.02 -20.35
C LYS F 386 -14.54 -46.69 -20.97
N LYS F 387 -14.56 -45.70 -21.85
CA LYS F 387 -15.76 -45.40 -22.61
C LYS F 387 -16.14 -46.58 -23.47
N PHE F 388 -17.44 -46.73 -23.74
CA PHE F 388 -17.93 -47.85 -24.54
C PHE F 388 -17.36 -47.81 -25.95
N ALA F 389 -17.09 -46.60 -26.48
CA ALA F 389 -16.55 -46.50 -27.83
C ALA F 389 -15.12 -47.02 -27.94
N SER F 390 -14.41 -47.15 -26.82
CA SER F 390 -13.03 -47.62 -26.82
C SER F 390 -12.89 -49.14 -26.85
N PHE F 391 -14.00 -49.87 -26.92
CA PHE F 391 -13.97 -51.32 -26.83
C PHE F 391 -13.35 -51.96 -28.06
N SER F 392 -12.54 -52.97 -27.84
CA SER F 392 -12.11 -53.89 -28.90
C SER F 392 -11.86 -55.25 -28.26
N LEU F 393 -12.25 -56.31 -28.98
CA LEU F 393 -12.30 -57.66 -28.40
C LEU F 393 -10.94 -58.34 -28.53
N THR F 394 -10.01 -57.89 -27.69
CA THR F 394 -8.79 -58.66 -27.47
C THR F 394 -9.14 -59.97 -26.76
N SER F 395 -8.30 -60.98 -26.95
CA SER F 395 -8.55 -62.29 -26.36
C SER F 395 -8.57 -62.25 -24.84
N ASP F 396 -7.91 -61.26 -24.23
CA ASP F 396 -7.99 -61.09 -22.78
C ASP F 396 -9.43 -60.81 -22.34
N VAL F 397 -10.16 -60.00 -23.10
CA VAL F 397 -11.57 -59.75 -22.81
C VAL F 397 -12.44 -60.94 -23.23
N GLU F 398 -12.02 -61.63 -24.31
CA GLU F 398 -12.74 -62.82 -24.77
C GLU F 398 -12.77 -63.89 -23.68
N GLU F 399 -11.64 -64.11 -23.02
CA GLU F 399 -11.55 -65.14 -21.98
C GLU F 399 -12.51 -64.86 -20.83
N ARG F 400 -12.67 -63.59 -20.47
CA ARG F 400 -13.54 -63.23 -19.35
C ARG F 400 -15.01 -63.27 -19.74
N VAL F 401 -15.38 -62.79 -20.93
CA VAL F 401 -16.78 -62.88 -21.33
C VAL F 401 -17.18 -64.34 -21.54
N MET F 402 -16.24 -65.21 -21.92
CA MET F 402 -16.57 -66.63 -22.05
C MET F 402 -16.95 -67.24 -20.71
N GLU F 403 -16.42 -66.72 -19.60
CA GLU F 403 -16.84 -67.21 -18.28
C GLU F 403 -18.34 -66.99 -18.08
N LEU F 404 -18.80 -65.77 -18.31
CA LEU F 404 -20.23 -65.47 -18.15
C LEU F 404 -21.07 -66.22 -19.16
N ILE F 405 -20.57 -66.37 -20.40
CA ILE F 405 -21.33 -67.06 -21.43
C ILE F 405 -21.51 -68.53 -21.07
N THR F 406 -20.43 -69.18 -20.63
CA THR F 406 -20.51 -70.59 -20.26
C THR F 406 -21.32 -70.80 -18.99
N SER F 407 -21.24 -69.86 -18.03
CA SER F 407 -21.99 -70.02 -16.79
C SER F 407 -23.49 -69.98 -17.04
N GLY F 408 -23.95 -69.09 -17.91
CA GLY F 408 -25.34 -69.05 -18.33
C GLY F 408 -26.23 -68.26 -17.39
N ASP F 409 -27.43 -67.96 -17.89
CA ASP F 409 -28.43 -67.18 -17.16
C ASP F 409 -27.86 -65.81 -16.77
N VAL F 410 -27.24 -65.14 -17.76
CA VAL F 410 -26.56 -63.88 -17.49
C VAL F 410 -27.55 -62.78 -17.13
N TYR F 411 -28.79 -62.85 -17.64
CA TYR F 411 -29.78 -61.81 -17.39
C TYR F 411 -30.07 -61.67 -15.90
N ASN F 412 -30.41 -62.77 -15.24
CA ASN F 412 -30.74 -62.71 -13.82
C ASN F 412 -29.52 -62.34 -12.98
N ARG F 413 -28.35 -62.90 -13.31
CA ARG F 413 -27.15 -62.61 -12.50
C ARG F 413 -26.76 -61.14 -12.61
N LEU F 414 -26.78 -60.60 -13.83
CA LEU F 414 -26.43 -59.20 -14.02
C LEU F 414 -27.44 -58.29 -13.34
N ALA F 415 -28.73 -58.62 -13.42
CA ALA F 415 -29.74 -57.81 -12.74
C ALA F 415 -29.55 -57.86 -11.23
N LYS F 416 -29.32 -59.05 -10.68
CA LYS F 416 -29.11 -59.20 -9.25
C LYS F 416 -27.85 -58.47 -8.78
N SER F 417 -26.84 -58.36 -9.64
CA SER F 417 -25.58 -57.76 -9.25
C SER F 417 -25.66 -56.25 -9.09
N ILE F 418 -26.69 -55.59 -9.61
CA ILE F 418 -26.81 -54.14 -9.48
C ILE F 418 -27.23 -53.83 -8.04
N ALA F 419 -26.38 -53.09 -7.33
CA ALA F 419 -26.59 -52.66 -5.94
C ALA F 419 -27.00 -53.83 -5.05
N PRO F 420 -26.11 -54.78 -4.76
CA PRO F 420 -26.52 -55.92 -3.93
C PRO F 420 -26.95 -55.54 -2.52
N GLU F 421 -26.54 -54.38 -2.00
CA GLU F 421 -26.91 -54.00 -0.64
C GLU F 421 -28.36 -53.54 -0.49
N ILE F 422 -29.13 -53.45 -1.59
CA ILE F 422 -30.56 -53.11 -1.56
C ILE F 422 -31.35 -54.39 -1.77
N TYR F 423 -32.19 -54.73 -0.79
CA TYR F 423 -33.01 -55.93 -0.79
C TYR F 423 -34.18 -55.84 -1.78
N GLY F 424 -34.56 -57.00 -2.32
CA GLY F 424 -35.74 -57.09 -3.20
C GLY F 424 -35.57 -56.33 -4.51
N ASN F 425 -36.68 -55.74 -4.97
CA ASN F 425 -36.71 -54.79 -6.10
C ASN F 425 -36.15 -55.38 -7.40
N LEU F 426 -36.35 -56.67 -7.66
CA LEU F 426 -35.65 -57.34 -8.77
C LEU F 426 -36.12 -56.83 -10.13
N ASP F 427 -37.43 -56.66 -10.32
CA ASP F 427 -37.95 -56.22 -11.61
C ASP F 427 -37.44 -54.82 -11.97
N VAL F 428 -37.37 -53.94 -10.98
CA VAL F 428 -36.85 -52.59 -11.18
C VAL F 428 -35.40 -52.66 -11.66
N LYS F 429 -34.61 -53.53 -11.03
CA LYS F 429 -33.21 -53.70 -11.42
C LYS F 429 -33.09 -54.23 -12.84
N LYS F 430 -33.95 -55.18 -13.22
CA LYS F 430 -33.92 -55.70 -14.59
C LYS F 430 -34.25 -54.61 -15.60
N ALA F 431 -35.25 -53.79 -15.29
CA ALA F 431 -35.59 -52.66 -16.15
C ALA F 431 -34.41 -51.70 -16.29
N LEU F 432 -33.71 -51.44 -15.19
CA LEU F 432 -32.60 -50.49 -15.25
C LEU F 432 -31.39 -51.10 -15.97
N LEU F 433 -31.21 -52.42 -15.92
CA LEU F 433 -30.22 -53.06 -16.77
C LEU F 433 -30.57 -52.83 -18.24
N LEU F 434 -31.84 -53.01 -18.61
CA LEU F 434 -32.22 -52.76 -19.99
C LEU F 434 -32.07 -51.28 -20.35
N LEU F 435 -32.20 -50.38 -19.38
CA LEU F 435 -31.84 -48.98 -19.61
C LEU F 435 -30.36 -48.87 -19.95
N LEU F 436 -29.51 -49.62 -19.23
CA LEU F 436 -28.08 -49.53 -19.47
C LEU F 436 -27.71 -50.03 -20.86
N VAL F 437 -28.40 -51.06 -21.36
CA VAL F 437 -28.07 -51.62 -22.66
C VAL F 437 -28.62 -50.73 -23.77
N GLY F 438 -29.94 -50.62 -23.87
CA GLY F 438 -30.58 -49.73 -24.82
C GLY F 438 -30.81 -50.37 -26.18
N GLY F 439 -31.65 -49.71 -26.97
CA GLY F 439 -32.09 -50.22 -28.26
C GLY F 439 -31.15 -49.89 -29.39
N VAL F 440 -31.68 -49.99 -30.61
CA VAL F 440 -30.92 -49.86 -31.85
C VAL F 440 -31.35 -48.58 -32.55
N ASP F 441 -30.36 -47.76 -32.93
CA ASP F 441 -30.63 -46.58 -33.73
C ASP F 441 -31.09 -46.98 -35.13
N LYS F 442 -31.97 -46.17 -35.71
CA LYS F 442 -32.52 -46.42 -37.04
C LYS F 442 -32.55 -45.14 -37.83
N ARG F 443 -32.35 -45.28 -39.15
CA ARG F 443 -32.25 -44.15 -40.06
C ARG F 443 -32.79 -44.58 -41.42
N VAL F 444 -33.95 -44.06 -41.79
CA VAL F 444 -34.63 -44.50 -43.00
C VAL F 444 -33.99 -43.83 -44.21
N GLY F 445 -34.13 -44.49 -45.38
CA GLY F 445 -33.47 -44.04 -46.60
C GLY F 445 -33.83 -42.64 -47.04
N ASP F 446 -35.00 -42.13 -46.64
CA ASP F 446 -35.42 -40.78 -47.02
C ASP F 446 -34.94 -39.71 -46.05
N GLY F 447 -34.29 -40.08 -44.94
CA GLY F 447 -33.70 -39.14 -44.02
C GLY F 447 -34.34 -39.12 -42.64
N MET F 448 -35.46 -39.81 -42.43
CA MET F 448 -36.04 -39.90 -41.10
C MET F 448 -35.17 -40.76 -40.21
N LYS F 449 -35.09 -40.37 -38.93
CA LYS F 449 -34.35 -41.12 -37.92
C LYS F 449 -35.22 -41.25 -36.68
N ILE F 450 -35.00 -42.34 -35.94
CA ILE F 450 -35.86 -42.74 -34.83
C ILE F 450 -34.97 -42.97 -33.62
N ARG F 451 -35.48 -42.57 -32.45
CA ARG F 451 -34.71 -42.66 -31.22
C ARG F 451 -34.39 -44.10 -30.88
N GLY F 452 -33.17 -44.31 -30.36
CA GLY F 452 -32.72 -45.61 -29.88
C GLY F 452 -32.70 -45.70 -28.36
N ASP F 453 -32.50 -44.57 -27.69
CA ASP F 453 -32.36 -44.55 -26.24
C ASP F 453 -33.67 -44.92 -25.56
N ILE F 454 -33.55 -45.39 -24.33
CA ILE F 454 -34.68 -45.77 -23.49
C ILE F 454 -34.73 -44.80 -22.31
N ASN F 455 -35.95 -44.34 -21.98
CA ASN F 455 -36.20 -43.45 -20.86
C ASN F 455 -37.04 -44.19 -19.82
N VAL F 456 -36.70 -44.00 -18.55
CA VAL F 456 -37.33 -44.72 -17.44
C VAL F 456 -37.61 -43.71 -16.33
N CYS F 457 -38.68 -43.95 -15.57
CA CYS F 457 -39.09 -43.11 -14.45
C CYS F 457 -39.53 -43.98 -13.30
N LEU F 458 -39.22 -43.55 -12.08
CA LEU F 458 -39.59 -44.23 -10.85
C LEU F 458 -40.53 -43.32 -10.06
N MET F 459 -41.70 -43.84 -9.70
CA MET F 459 -42.73 -43.11 -8.98
C MET F 459 -43.10 -43.93 -7.75
N GLY F 460 -42.94 -43.35 -6.56
CA GLY F 460 -43.23 -44.15 -5.38
C GLY F 460 -43.18 -43.35 -4.09
N ASP F 461 -43.66 -44.00 -3.03
CA ASP F 461 -43.77 -43.49 -1.67
C ASP F 461 -42.43 -43.04 -1.11
N PRO F 462 -42.39 -42.23 -0.05
CA PRO F 462 -41.10 -41.82 0.53
C PRO F 462 -40.44 -42.94 1.32
N GLY F 463 -39.22 -43.27 0.95
CA GLY F 463 -38.38 -44.17 1.73
C GLY F 463 -38.35 -45.61 1.25
N VAL F 464 -38.28 -45.82 -0.07
CA VAL F 464 -38.18 -47.17 -0.65
C VAL F 464 -36.95 -47.27 -1.57
N ALA F 465 -35.87 -46.60 -1.18
CA ALA F 465 -34.54 -46.72 -1.81
C ALA F 465 -34.52 -46.23 -3.26
N LYS F 466 -35.35 -45.25 -3.62
CA LYS F 466 -35.33 -44.70 -4.97
C LYS F 466 -34.05 -43.92 -5.24
N SER F 467 -33.76 -42.92 -4.40
CA SER F 467 -32.54 -42.12 -4.57
C SER F 467 -31.30 -42.98 -4.46
N GLN F 468 -31.33 -43.96 -3.54
CA GLN F 468 -30.19 -44.86 -3.33
C GLN F 468 -29.92 -45.69 -4.58
N LEU F 469 -30.97 -46.30 -5.16
CA LEU F 469 -30.79 -47.13 -6.34
C LEU F 469 -30.35 -46.30 -7.55
N LEU F 470 -30.91 -45.10 -7.69
CA LEU F 470 -30.52 -44.17 -8.74
C LEU F 470 -29.03 -43.83 -8.66
N LYS F 471 -28.57 -43.41 -7.49
CA LYS F 471 -27.17 -43.08 -7.33
C LYS F 471 -26.28 -44.31 -7.45
N ALA F 472 -26.81 -45.49 -7.17
CA ALA F 472 -26.04 -46.72 -7.40
C ALA F 472 -25.80 -46.93 -8.89
N ILE F 473 -26.84 -46.74 -9.71
CA ILE F 473 -26.64 -46.86 -11.16
C ILE F 473 -25.74 -45.75 -11.69
N CYS F 474 -25.67 -44.61 -10.99
CA CYS F 474 -24.76 -43.54 -11.42
C CYS F 474 -23.29 -44.00 -11.48
N LYS F 475 -22.91 -45.04 -10.72
CA LYS F 475 -21.53 -45.51 -10.70
C LYS F 475 -21.19 -46.33 -11.94
N ILE F 476 -22.11 -47.19 -12.40
CA ILE F 476 -21.77 -48.19 -13.41
C ILE F 476 -21.48 -47.53 -14.75
N SER F 477 -22.24 -46.52 -15.12
CA SER F 477 -22.16 -45.96 -16.46
C SER F 477 -20.83 -45.21 -16.64
N PRO F 478 -20.13 -45.38 -17.78
CA PRO F 478 -18.87 -44.64 -17.93
C PRO F 478 -19.06 -43.15 -18.05
N ARG F 479 -20.07 -42.71 -18.79
CA ARG F 479 -20.46 -41.30 -18.89
C ARG F 479 -21.81 -41.13 -18.20
N GLY F 480 -21.87 -40.22 -17.24
CA GLY F 480 -23.13 -39.95 -16.58
C GLY F 480 -23.01 -38.80 -15.60
N VAL F 481 -24.15 -38.18 -15.32
CA VAL F 481 -24.25 -37.06 -14.39
C VAL F 481 -25.49 -37.25 -13.52
N TYR F 482 -25.42 -36.71 -12.31
CA TYR F 482 -26.51 -36.74 -11.34
C TYR F 482 -26.95 -35.32 -11.03
N THR F 483 -28.26 -35.10 -11.00
CA THR F 483 -28.84 -33.78 -10.82
C THR F 483 -30.13 -33.95 -10.01
N THR F 484 -30.49 -32.89 -9.27
CA THR F 484 -31.72 -32.84 -8.50
C THR F 484 -32.60 -31.71 -9.03
N GLY F 485 -33.91 -31.85 -8.83
CA GLY F 485 -34.86 -30.95 -9.46
C GLY F 485 -34.76 -29.52 -8.96
N LYS F 486 -34.64 -29.34 -7.64
CA LYS F 486 -34.70 -28.00 -7.08
C LYS F 486 -33.45 -27.20 -7.43
N GLY F 487 -32.29 -27.86 -7.51
CA GLY F 487 -31.02 -27.20 -7.74
C GLY F 487 -30.69 -26.92 -9.19
N SER F 488 -31.65 -27.10 -10.11
CA SER F 488 -31.39 -27.11 -11.54
C SER F 488 -32.23 -26.07 -12.26
N SER F 489 -31.59 -25.34 -13.18
CA SER F 489 -32.26 -24.43 -14.09
C SER F 489 -32.42 -25.12 -15.44
N GLY F 490 -33.53 -24.86 -16.12
CA GLY F 490 -33.74 -25.42 -17.44
C GLY F 490 -32.68 -25.00 -18.44
N VAL F 491 -32.16 -23.77 -18.30
CA VAL F 491 -31.05 -23.32 -19.12
C VAL F 491 -29.80 -24.15 -18.84
N GLY F 492 -29.37 -24.14 -17.57
CA GLY F 492 -28.18 -24.90 -17.20
C GLY F 492 -28.34 -26.39 -17.36
N LEU F 493 -29.58 -26.90 -17.33
CA LEU F 493 -29.82 -28.30 -17.61
C LEU F 493 -29.61 -28.65 -19.08
N THR F 494 -29.78 -27.68 -19.99
CA THR F 494 -29.70 -27.91 -21.42
C THR F 494 -28.52 -27.22 -22.08
N ALA F 495 -28.46 -25.88 -22.03
CA ALA F 495 -27.36 -25.10 -22.62
C ALA F 495 -27.60 -23.63 -22.37
N ALA F 496 -26.52 -22.83 -22.30
CA ALA F 496 -26.60 -21.43 -21.91
C ALA F 496 -25.79 -20.55 -22.85
N VAL F 497 -26.29 -19.35 -23.09
CA VAL F 497 -25.63 -18.32 -23.91
C VAL F 497 -25.16 -17.25 -22.94
N MET F 498 -23.90 -17.34 -22.53
CA MET F 498 -23.33 -16.46 -21.52
C MET F 498 -22.44 -15.40 -22.16
N LYS F 499 -22.58 -14.17 -21.66
CA LYS F 499 -21.70 -13.05 -22.03
C LYS F 499 -20.42 -13.10 -21.20
N ASP F 500 -19.69 -14.21 -21.34
CA ASP F 500 -18.69 -14.55 -20.32
C ASP F 500 -17.45 -13.67 -20.38
N PRO F 501 -16.76 -13.48 -21.51
CA PRO F 501 -15.49 -12.75 -21.47
C PRO F 501 -15.69 -11.27 -21.15
N VAL F 502 -14.57 -10.65 -20.76
CA VAL F 502 -14.55 -9.21 -20.54
C VAL F 502 -14.74 -8.43 -21.84
N THR F 503 -14.54 -9.06 -23.01
CA THR F 503 -14.65 -8.39 -24.30
C THR F 503 -16.09 -8.27 -24.80
N ASP F 504 -17.09 -8.51 -23.95
CA ASP F 504 -18.51 -8.43 -24.31
C ASP F 504 -18.91 -9.46 -25.37
N GLU F 505 -18.11 -10.50 -25.59
CA GLU F 505 -18.45 -11.54 -26.55
C GLU F 505 -19.49 -12.48 -25.95
N MET F 506 -20.32 -13.02 -26.83
CA MET F 506 -21.32 -14.03 -26.48
C MET F 506 -20.80 -15.40 -26.89
N ILE F 507 -20.86 -16.37 -25.97
CA ILE F 507 -20.39 -17.72 -26.23
C ILE F 507 -21.39 -18.72 -25.67
N LEU F 508 -21.59 -19.81 -26.41
CA LEU F 508 -22.46 -20.91 -25.99
C LEU F 508 -21.65 -21.93 -25.19
N GLU F 509 -22.24 -22.41 -24.11
CA GLU F 509 -21.66 -23.47 -23.29
C GLU F 509 -22.75 -24.43 -22.88
N GLY F 510 -22.58 -25.71 -23.20
CA GLY F 510 -23.64 -26.67 -22.99
C GLY F 510 -23.87 -26.99 -21.52
N GLY F 511 -25.07 -27.49 -21.23
CA GLY F 511 -25.48 -27.83 -19.90
C GLY F 511 -25.26 -29.29 -19.56
N ALA F 512 -26.03 -29.77 -18.57
CA ALA F 512 -25.84 -31.14 -18.08
C ALA F 512 -26.19 -32.17 -19.15
N LEU F 513 -27.28 -31.97 -19.88
CA LEU F 513 -27.70 -32.95 -20.87
C LEU F 513 -26.72 -33.07 -22.04
N VAL F 514 -25.89 -32.05 -22.26
CA VAL F 514 -24.83 -32.14 -23.27
C VAL F 514 -23.64 -32.91 -22.71
N LEU F 515 -23.29 -32.68 -21.43
CA LEU F 515 -22.20 -33.42 -20.81
C LEU F 515 -22.52 -34.91 -20.70
N ALA F 516 -23.80 -35.26 -20.60
CA ALA F 516 -24.24 -36.65 -20.59
C ALA F 516 -24.51 -37.19 -22.00
N ASP F 517 -23.91 -36.58 -23.03
CA ASP F 517 -24.10 -37.08 -24.38
C ASP F 517 -23.56 -38.49 -24.50
N ASN F 518 -24.34 -39.37 -25.14
CA ASN F 518 -24.03 -40.79 -25.26
C ASN F 518 -23.96 -41.48 -23.88
N GLY F 519 -24.63 -40.92 -22.88
CA GLY F 519 -24.66 -41.49 -21.54
C GLY F 519 -26.02 -41.39 -20.89
N ILE F 520 -26.07 -41.63 -19.58
CA ILE F 520 -27.31 -41.56 -18.79
C ILE F 520 -27.30 -40.25 -18.01
N CYS F 521 -28.47 -39.62 -17.90
CA CYS F 521 -28.67 -38.45 -17.06
C CYS F 521 -29.68 -38.81 -15.97
N CYS F 522 -29.28 -38.61 -14.70
CA CYS F 522 -30.11 -38.92 -13.55
C CYS F 522 -30.66 -37.62 -12.97
N ILE F 523 -31.98 -37.53 -12.85
CA ILE F 523 -32.67 -36.34 -12.36
C ILE F 523 -33.52 -36.79 -11.17
N ASP F 524 -33.01 -36.56 -9.97
CA ASP F 524 -33.73 -36.88 -8.75
C ASP F 524 -34.65 -35.71 -8.37
N GLU F 525 -35.66 -35.99 -7.55
CA GLU F 525 -36.65 -34.99 -7.12
C GLU F 525 -37.34 -34.35 -8.32
N PHE F 526 -37.73 -35.18 -9.28
CA PHE F 526 -38.32 -34.72 -10.53
C PHE F 526 -39.62 -33.94 -10.31
N ASP F 527 -40.35 -34.23 -9.22
CA ASP F 527 -41.62 -33.56 -8.97
C ASP F 527 -41.43 -32.14 -8.45
N LYS F 528 -40.29 -31.82 -7.85
CA LYS F 528 -40.06 -30.48 -7.31
C LYS F 528 -39.65 -29.46 -8.36
N MET F 529 -39.16 -29.91 -9.52
CA MET F 529 -38.73 -28.98 -10.56
C MET F 529 -39.92 -28.21 -11.11
N ASP F 530 -39.68 -26.94 -11.44
CA ASP F 530 -40.75 -26.04 -11.85
C ASP F 530 -41.35 -26.49 -13.18
N GLU F 531 -42.67 -26.29 -13.31
CA GLU F 531 -43.40 -26.74 -14.49
C GLU F 531 -42.85 -26.13 -15.78
N SER F 532 -42.44 -24.87 -15.73
CA SER F 532 -41.91 -24.23 -16.94
C SER F 532 -40.55 -24.81 -17.31
N ASP F 533 -39.69 -25.06 -16.33
CA ASP F 533 -38.35 -25.55 -16.64
C ASP F 533 -38.36 -26.97 -17.16
N ARG F 534 -39.34 -27.78 -16.76
CA ARG F 534 -39.41 -29.17 -17.25
C ARG F 534 -39.67 -29.24 -18.75
N THR F 535 -40.25 -28.18 -19.34
CA THR F 535 -40.52 -28.20 -20.77
C THR F 535 -39.25 -28.16 -21.61
N ALA F 536 -38.13 -27.71 -21.05
CA ALA F 536 -36.87 -27.71 -21.78
C ALA F 536 -36.43 -29.13 -22.14
N ILE F 537 -36.82 -30.12 -21.35
CA ILE F 537 -36.41 -31.51 -21.58
C ILE F 537 -37.10 -32.14 -22.78
N HIS F 538 -38.16 -31.51 -23.31
CA HIS F 538 -39.02 -32.15 -24.30
C HIS F 538 -38.26 -32.51 -25.58
N GLU F 539 -37.49 -31.56 -26.12
CA GLU F 539 -36.78 -31.81 -27.38
C GLU F 539 -35.72 -32.88 -27.20
N VAL F 540 -34.95 -32.81 -26.11
CA VAL F 540 -33.82 -33.71 -25.90
C VAL F 540 -34.29 -35.15 -25.76
N MET F 541 -35.47 -35.36 -25.15
CA MET F 541 -35.93 -36.72 -24.85
C MET F 541 -36.18 -37.52 -26.12
N GLU F 542 -36.86 -36.91 -27.09
CA GLU F 542 -37.29 -37.61 -28.30
C GLU F 542 -36.34 -37.39 -29.47
N GLN F 543 -35.97 -36.14 -29.76
CA GLN F 543 -35.16 -35.83 -30.92
C GLN F 543 -33.67 -35.91 -30.67
N GLN F 544 -33.24 -35.98 -29.41
CA GLN F 544 -31.83 -36.10 -29.04
C GLN F 544 -31.00 -34.94 -29.60
N THR F 545 -31.56 -33.73 -29.56
CA THR F 545 -30.83 -32.56 -30.02
C THR F 545 -31.39 -31.32 -29.34
N ILE F 546 -30.60 -30.25 -29.40
CA ILE F 546 -30.91 -28.97 -28.79
C ILE F 546 -30.85 -27.92 -29.88
N SER F 547 -31.77 -26.96 -29.83
CA SER F 547 -31.82 -25.87 -30.80
C SER F 547 -31.95 -24.55 -30.03
N ILE F 548 -31.09 -23.60 -30.37
CA ILE F 548 -31.03 -22.29 -29.70
C ILE F 548 -30.96 -21.22 -30.76
N SER F 549 -31.73 -20.14 -30.56
CA SER F 549 -31.68 -18.96 -31.42
C SER F 549 -31.77 -17.73 -30.52
N LYS F 550 -30.61 -17.27 -30.05
CA LYS F 550 -30.51 -16.15 -29.12
C LYS F 550 -29.48 -15.17 -29.67
N ALA F 551 -29.18 -14.14 -28.86
CA ALA F 551 -28.33 -13.03 -29.29
C ALA F 551 -26.97 -13.49 -29.80
N GLY F 552 -26.74 -13.31 -31.10
CA GLY F 552 -25.48 -13.62 -31.72
C GLY F 552 -25.17 -15.09 -31.91
N ILE F 553 -26.09 -15.99 -31.54
CA ILE F 553 -25.85 -17.43 -31.60
C ILE F 553 -27.09 -18.09 -32.20
N ASN F 554 -26.88 -18.94 -33.21
CA ASN F 554 -27.96 -19.67 -33.86
C ASN F 554 -27.36 -20.99 -34.38
N THR F 555 -27.48 -22.04 -33.57
CA THR F 555 -26.87 -23.33 -33.87
C THR F 555 -27.70 -24.44 -33.23
N THR F 556 -27.40 -25.67 -33.63
CA THR F 556 -27.95 -26.88 -33.03
C THR F 556 -26.81 -27.73 -32.46
N LEU F 557 -27.04 -28.28 -31.27
CA LEU F 557 -26.11 -29.18 -30.60
C LEU F 557 -26.67 -30.60 -30.56
N ASN F 558 -25.78 -31.55 -30.35
CA ASN F 558 -26.13 -32.97 -30.25
C ASN F 558 -26.23 -33.38 -28.78
N ALA F 559 -27.32 -34.05 -28.42
CA ALA F 559 -27.51 -34.63 -27.08
C ALA F 559 -28.14 -36.01 -27.24
N ARG F 560 -27.29 -37.04 -27.30
CA ARG F 560 -27.74 -38.42 -27.43
C ARG F 560 -27.75 -39.11 -26.07
N THR F 561 -28.64 -38.63 -25.19
CA THR F 561 -28.65 -39.00 -23.78
C THR F 561 -29.97 -39.64 -23.40
N SER F 562 -29.90 -40.63 -22.50
CA SER F 562 -31.07 -41.28 -21.92
C SER F 562 -31.28 -40.75 -20.51
N ILE F 563 -32.54 -40.53 -20.14
CA ILE F 563 -32.91 -39.87 -18.89
C ILE F 563 -33.52 -40.91 -17.95
N LEU F 564 -33.11 -40.87 -16.68
CA LEU F 564 -33.69 -41.64 -15.60
C LEU F 564 -34.10 -40.67 -14.51
N ALA F 565 -35.34 -40.79 -14.01
CA ALA F 565 -35.92 -39.82 -13.10
C ALA F 565 -36.67 -40.50 -11.98
N ALA F 566 -36.81 -39.78 -10.86
CA ALA F 566 -37.47 -40.26 -9.65
C ALA F 566 -38.36 -39.17 -9.08
N ALA F 567 -39.48 -39.58 -8.49
CA ALA F 567 -40.45 -38.62 -7.96
C ALA F 567 -41.34 -39.31 -6.93
N ASN F 568 -41.96 -38.45 -6.00
CA ASN F 568 -43.04 -38.90 -5.13
C ASN F 568 -44.39 -38.55 -5.77
N PRO F 569 -45.47 -39.30 -5.55
CA PRO F 569 -46.79 -38.86 -6.01
C PRO F 569 -47.24 -37.57 -5.35
N LEU F 570 -48.36 -37.04 -5.85
CA LEU F 570 -48.98 -35.87 -5.26
C LEU F 570 -49.38 -36.14 -3.81
N TYR F 571 -49.22 -35.13 -2.96
CA TYR F 571 -49.44 -35.20 -1.52
C TYR F 571 -48.42 -36.10 -0.81
N GLY F 572 -47.33 -36.46 -1.46
CA GLY F 572 -46.34 -37.35 -0.87
C GLY F 572 -46.72 -38.81 -1.02
N ARG F 573 -47.13 -39.44 0.08
CA ARG F 573 -47.54 -40.83 0.04
C ARG F 573 -48.75 -41.01 -0.86
N TYR F 574 -48.74 -42.10 -1.64
CA TYR F 574 -49.79 -42.38 -2.61
C TYR F 574 -51.16 -42.46 -1.94
N ASN F 575 -52.15 -41.80 -2.55
CA ASN F 575 -53.50 -41.72 -2.03
C ASN F 575 -54.39 -42.68 -2.80
N PRO F 576 -54.92 -43.77 -2.20
CA PRO F 576 -55.80 -44.67 -2.98
C PRO F 576 -57.15 -44.06 -3.33
N ARG F 577 -57.55 -42.94 -2.72
CA ARG F 577 -58.88 -42.40 -3.00
C ARG F 577 -59.02 -41.92 -4.44
N LEU F 578 -57.91 -41.52 -5.07
CA LEU F 578 -57.90 -40.97 -6.42
C LEU F 578 -57.38 -42.01 -7.41
N SER F 579 -57.51 -41.69 -8.69
CA SER F 579 -57.03 -42.56 -9.74
C SER F 579 -55.51 -42.46 -9.85
N PRO F 580 -54.87 -43.39 -10.56
CA PRO F 580 -53.41 -43.27 -10.75
C PRO F 580 -53.00 -42.00 -11.47
N LEU F 581 -53.80 -41.52 -12.41
CA LEU F 581 -53.42 -40.32 -13.15
C LEU F 581 -53.45 -39.08 -12.27
N ASP F 582 -54.37 -39.03 -11.31
CA ASP F 582 -54.39 -37.92 -10.36
C ASP F 582 -53.13 -37.92 -9.49
N ASN F 583 -52.73 -39.10 -9.01
CA ASN F 583 -51.54 -39.19 -8.17
C ASN F 583 -50.27 -38.87 -8.94
N ILE F 584 -50.18 -39.34 -10.19
CA ILE F 584 -48.95 -39.18 -10.96
C ILE F 584 -48.70 -37.70 -11.23
N ASN F 585 -49.70 -36.99 -11.74
CA ASN F 585 -49.65 -35.53 -11.91
C ASN F 585 -48.50 -35.12 -12.83
N LEU F 586 -48.54 -35.67 -14.05
CA LEU F 586 -47.66 -35.28 -15.14
C LEU F 586 -48.51 -34.98 -16.38
N PRO F 587 -48.10 -34.04 -17.23
CA PRO F 587 -48.87 -33.82 -18.47
C PRO F 587 -48.71 -34.98 -19.42
N ALA F 588 -49.67 -35.06 -20.37
CA ALA F 588 -49.71 -36.19 -21.29
C ALA F 588 -48.48 -36.23 -22.19
N ALA F 589 -48.04 -35.08 -22.69
CA ALA F 589 -46.92 -35.06 -23.63
C ALA F 589 -45.63 -35.53 -23.00
N LEU F 590 -45.45 -35.28 -21.70
CA LEU F 590 -44.25 -35.71 -20.98
C LEU F 590 -44.37 -37.14 -20.45
N LEU F 591 -45.57 -37.53 -20.02
CA LEU F 591 -45.79 -38.89 -19.56
C LEU F 591 -45.59 -39.91 -20.67
N SER F 592 -45.83 -39.51 -21.92
CA SER F 592 -45.66 -40.44 -23.04
C SER F 592 -44.19 -40.68 -23.37
N ARG F 593 -43.31 -39.72 -23.06
CA ARG F 593 -41.93 -39.81 -23.49
C ARG F 593 -41.09 -40.80 -22.68
N PHE F 594 -41.58 -41.25 -21.53
CA PHE F 594 -40.91 -42.33 -20.79
C PHE F 594 -41.35 -43.67 -21.35
N ASP F 595 -40.38 -44.55 -21.62
CA ASP F 595 -40.71 -45.87 -22.13
C ASP F 595 -41.33 -46.75 -21.05
N ILE F 596 -40.83 -46.63 -19.82
CA ILE F 596 -41.37 -47.35 -18.66
C ILE F 596 -41.50 -46.37 -17.51
N LEU F 597 -42.65 -46.41 -16.82
CA LEU F 597 -42.86 -45.71 -15.57
C LEU F 597 -43.26 -46.74 -14.52
N PHE F 598 -42.40 -46.92 -13.51
CA PHE F 598 -42.57 -47.97 -12.51
C PHE F 598 -43.20 -47.36 -11.26
N LEU F 599 -44.28 -47.97 -10.78
CA LEU F 599 -45.02 -47.51 -9.61
C LEU F 599 -44.75 -48.47 -8.47
N MET F 600 -44.19 -47.95 -7.37
CA MET F 600 -43.75 -48.75 -6.23
C MET F 600 -44.30 -48.12 -4.95
N LEU F 601 -45.02 -48.93 -4.17
CA LEU F 601 -45.74 -48.49 -2.98
C LEU F 601 -45.21 -49.20 -1.74
N ASP F 602 -45.28 -48.51 -0.60
CA ASP F 602 -44.81 -49.02 0.69
C ASP F 602 -46.01 -49.45 1.52
N ILE F 603 -46.29 -50.75 1.52
CA ILE F 603 -47.42 -51.37 2.19
C ILE F 603 -46.86 -52.27 3.29
N PRO F 604 -47.18 -52.04 4.58
CA PRO F 604 -46.61 -52.90 5.63
C PRO F 604 -47.02 -54.35 5.52
N SER F 605 -46.15 -55.23 6.04
CA SER F 605 -46.43 -56.66 6.14
C SER F 605 -45.46 -57.24 7.16
N ARG F 606 -46.00 -57.92 8.19
CA ARG F 606 -45.15 -58.45 9.25
C ARG F 606 -44.13 -59.46 8.72
N ASP F 607 -44.50 -60.23 7.69
CA ASP F 607 -43.58 -61.20 7.14
C ASP F 607 -42.43 -60.53 6.39
N ASP F 608 -42.75 -59.61 5.48
CA ASP F 608 -41.73 -59.03 4.61
C ASP F 608 -40.81 -58.08 5.38
N ASP F 609 -41.37 -57.30 6.31
CA ASP F 609 -40.58 -56.35 7.08
C ASP F 609 -39.50 -57.05 7.87
N GLU F 610 -39.82 -58.22 8.43
CA GLU F 610 -38.83 -58.99 9.20
C GLU F 610 -37.64 -59.38 8.33
N LYS F 611 -37.92 -59.88 7.12
CA LYS F 611 -36.84 -60.28 6.22
C LYS F 611 -35.98 -59.10 5.81
N LEU F 612 -36.63 -57.96 5.47
CA LEU F 612 -35.87 -56.77 5.10
C LEU F 612 -35.01 -56.30 6.26
N ALA F 613 -35.56 -56.30 7.47
CA ALA F 613 -34.82 -55.84 8.64
C ALA F 613 -33.62 -56.72 8.91
N GLU F 614 -33.79 -58.04 8.78
CA GLU F 614 -32.67 -58.96 8.96
C GLU F 614 -31.56 -58.69 7.95
N HIS F 615 -31.94 -58.50 6.68
CA HIS F 615 -30.95 -58.23 5.62
C HIS F 615 -30.18 -56.94 5.90
N VAL F 616 -30.90 -55.85 6.21
CA VAL F 616 -30.25 -54.57 6.46
C VAL F 616 -29.37 -54.63 7.71
N THR F 617 -29.83 -55.30 8.77
CA THR F 617 -29.02 -55.41 9.97
C THR F 617 -27.75 -56.20 9.71
N TYR F 618 -27.83 -57.27 8.90
CA TYR F 618 -26.63 -57.98 8.50
C TYR F 618 -25.66 -57.06 7.76
N VAL F 619 -26.19 -56.26 6.82
CA VAL F 619 -25.33 -55.37 6.03
C VAL F 619 -24.63 -54.36 6.95
N HIS F 620 -25.38 -53.80 7.90
CA HIS F 620 -24.76 -52.87 8.85
C HIS F 620 -23.74 -53.57 9.74
N MET F 621 -23.93 -54.86 10.03
CA MET F 621 -22.98 -55.58 10.87
C MET F 621 -21.67 -55.85 10.14
N HIS F 622 -21.75 -56.31 8.88
CA HIS F 622 -20.61 -56.91 8.19
C HIS F 622 -20.03 -56.13 7.03
N ASN F 623 -20.69 -55.06 6.57
CA ASN F 623 -20.34 -54.32 5.35
C ASN F 623 -20.44 -55.19 4.09
N LYS F 624 -21.11 -56.35 4.16
CA LYS F 624 -21.27 -57.26 3.04
C LYS F 624 -22.73 -57.70 2.95
N GLN F 625 -23.21 -57.83 1.73
CA GLN F 625 -24.55 -58.37 1.53
C GLN F 625 -24.62 -59.82 2.01
N PRO F 626 -25.71 -60.25 2.64
CA PRO F 626 -25.78 -61.65 3.09
C PRO F 626 -25.89 -62.57 1.90
N ASP F 627 -25.09 -63.65 1.91
CA ASP F 627 -25.04 -64.55 0.77
C ASP F 627 -24.69 -65.96 1.21
N LEU F 628 -25.47 -66.96 0.58
CA LEU F 628 -25.57 -68.42 0.75
C LEU F 628 -25.44 -69.16 -0.57
N ASP F 629 -25.96 -68.58 -1.66
CA ASP F 629 -25.98 -69.14 -3.02
C ASP F 629 -25.39 -68.21 -4.06
N PHE F 630 -25.61 -66.90 -3.94
CA PHE F 630 -25.41 -65.95 -5.03
C PHE F 630 -24.12 -65.17 -4.84
N THR F 631 -23.31 -65.11 -5.90
CA THR F 631 -22.09 -64.30 -5.96
C THR F 631 -22.27 -63.24 -7.04
N PRO F 632 -22.32 -61.93 -6.73
CA PRO F 632 -22.45 -60.95 -7.81
C PRO F 632 -21.16 -60.83 -8.61
N VAL F 633 -21.33 -60.54 -9.91
CA VAL F 633 -20.20 -60.17 -10.74
C VAL F 633 -19.73 -58.77 -10.37
N GLU F 634 -18.41 -58.58 -10.36
CA GLU F 634 -17.87 -57.28 -10.00
C GLU F 634 -18.20 -56.24 -11.08
N PRO F 635 -18.16 -54.95 -10.75
CA PRO F 635 -18.52 -53.94 -11.77
C PRO F 635 -17.65 -53.93 -13.02
N SER F 636 -16.36 -54.29 -12.90
CA SER F 636 -15.49 -54.22 -14.08
C SER F 636 -15.89 -55.25 -15.13
N LYS F 637 -16.08 -56.50 -14.72
CA LYS F 637 -16.52 -57.54 -15.65
C LYS F 637 -17.92 -57.24 -16.18
N MET F 638 -18.77 -56.64 -15.34
CA MET F 638 -20.09 -56.21 -15.80
C MET F 638 -19.97 -55.17 -16.91
N ARG F 639 -19.07 -54.20 -16.73
CA ARG F 639 -18.84 -53.19 -17.76
C ARG F 639 -18.33 -53.83 -19.04
N GLU F 640 -17.43 -54.80 -18.92
CA GLU F 640 -16.91 -55.47 -20.11
C GLU F 640 -18.03 -56.20 -20.85
N TYR F 641 -18.89 -56.92 -20.12
CA TYR F 641 -19.98 -57.63 -20.78
C TYR F 641 -20.96 -56.68 -21.44
N ILE F 642 -21.30 -55.57 -20.76
CA ILE F 642 -22.26 -54.63 -21.33
C ILE F 642 -21.65 -53.95 -22.56
N ALA F 643 -20.38 -53.56 -22.48
CA ALA F 643 -19.72 -52.92 -23.62
C ALA F 643 -19.67 -53.87 -24.81
N TYR F 644 -19.38 -55.15 -24.57
CA TYR F 644 -19.39 -56.12 -25.66
C TYR F 644 -20.80 -56.30 -26.22
N ALA F 645 -21.83 -56.18 -25.39
CA ALA F 645 -23.20 -56.42 -25.83
C ALA F 645 -23.77 -55.27 -26.65
N LYS F 646 -23.21 -54.06 -26.55
CA LYS F 646 -23.74 -52.89 -27.23
C LYS F 646 -23.23 -52.73 -28.67
N THR F 647 -22.81 -53.83 -29.32
CA THR F 647 -22.24 -53.79 -30.66
C THR F 647 -23.00 -54.62 -31.68
N LYS F 648 -24.15 -55.21 -31.30
CA LYS F 648 -24.69 -56.33 -32.04
C LYS F 648 -25.70 -55.94 -33.12
N ARG F 649 -26.64 -55.05 -32.81
CA ARG F 649 -27.69 -54.62 -33.74
C ARG F 649 -28.53 -55.79 -34.22
N PRO F 650 -29.29 -56.45 -33.35
CA PRO F 650 -30.15 -57.55 -33.80
C PRO F 650 -31.34 -57.05 -34.62
N VAL F 651 -31.70 -57.83 -35.65
CA VAL F 651 -32.79 -57.49 -36.57
C VAL F 651 -34.04 -58.28 -36.21
N MET F 652 -35.19 -57.72 -36.56
CA MET F 652 -36.48 -58.36 -36.34
C MET F 652 -36.76 -59.39 -37.44
N SER F 653 -37.93 -60.04 -37.35
CA SER F 653 -38.38 -60.99 -38.35
C SER F 653 -39.89 -60.92 -38.44
N GLU F 654 -40.42 -61.50 -39.53
CA GLU F 654 -41.84 -61.39 -39.82
C GLU F 654 -42.70 -62.06 -38.74
N ALA F 655 -42.27 -63.24 -38.27
CA ALA F 655 -43.02 -63.95 -37.25
C ALA F 655 -43.16 -63.12 -35.98
N VAL F 656 -42.09 -62.44 -35.58
CA VAL F 656 -42.14 -61.55 -34.42
C VAL F 656 -43.01 -60.32 -34.72
N ASN F 657 -42.91 -59.82 -35.96
CA ASN F 657 -43.63 -58.62 -36.35
C ASN F 657 -45.14 -58.82 -36.24
N ASP F 658 -45.64 -59.97 -36.70
CA ASP F 658 -47.07 -60.26 -36.60
C ASP F 658 -47.53 -60.25 -35.15
N TYR F 659 -46.75 -60.87 -34.27
CA TYR F 659 -47.11 -60.95 -32.85
C TYR F 659 -47.22 -59.57 -32.22
N VAL F 660 -46.19 -58.73 -32.41
CA VAL F 660 -46.22 -57.41 -31.78
C VAL F 660 -47.32 -56.54 -32.39
N VAL F 661 -47.54 -56.68 -33.70
CA VAL F 661 -48.62 -55.94 -34.37
C VAL F 661 -49.96 -56.30 -33.77
N GLN F 662 -50.19 -57.58 -33.48
CA GLN F 662 -51.46 -57.98 -32.88
C GLN F 662 -51.57 -57.51 -31.43
N ALA F 663 -50.46 -57.46 -30.70
CA ALA F 663 -50.51 -56.98 -29.31
C ALA F 663 -50.91 -55.51 -29.23
N TYR F 664 -50.39 -54.69 -30.15
CA TYR F 664 -50.62 -53.24 -30.10
C TYR F 664 -52.11 -52.90 -30.20
N ILE F 665 -52.85 -53.64 -31.03
CA ILE F 665 -54.28 -53.40 -31.20
C ILE F 665 -55.00 -53.66 -29.89
N ARG F 666 -54.66 -54.76 -29.21
CA ARG F 666 -55.29 -55.07 -27.94
C ARG F 666 -55.03 -53.99 -26.91
N LEU F 667 -53.79 -53.48 -26.88
CA LEU F 667 -53.47 -52.42 -25.92
C LEU F 667 -54.32 -51.18 -26.15
N ARG F 668 -54.44 -50.74 -27.40
CA ARG F 668 -55.21 -49.51 -27.65
C ARG F 668 -56.70 -49.73 -27.44
N GLN F 669 -57.24 -50.91 -27.78
CA GLN F 669 -58.65 -51.18 -27.50
C GLN F 669 -58.93 -51.17 -26.00
N ASP F 670 -58.05 -51.81 -25.21
CA ASP F 670 -58.23 -51.80 -23.76
C ASP F 670 -58.12 -50.39 -23.20
N SER F 671 -57.25 -49.56 -23.78
CA SER F 671 -57.19 -48.17 -23.36
C SER F 671 -58.49 -47.43 -23.66
N LYS F 672 -59.06 -47.65 -24.84
CA LYS F 672 -60.30 -46.96 -25.19
C LYS F 672 -61.45 -47.40 -24.30
N ARG F 673 -61.49 -48.68 -23.91
CA ARG F 673 -62.59 -49.17 -23.10
C ARG F 673 -62.63 -48.49 -21.74
N GLU F 674 -61.46 -48.21 -21.16
CA GLU F 674 -61.33 -47.90 -19.74
C GLU F 674 -60.77 -46.50 -19.47
N MET F 675 -60.97 -45.54 -20.39
CA MET F 675 -60.57 -44.17 -20.08
C MET F 675 -61.34 -43.61 -18.90
N ASP F 676 -62.58 -44.07 -18.70
CA ASP F 676 -63.38 -43.62 -17.55
C ASP F 676 -62.98 -44.26 -16.23
N SER F 677 -62.26 -45.38 -16.27
CA SER F 677 -62.18 -46.26 -15.11
C SER F 677 -61.15 -45.75 -14.09
N LYS F 678 -61.30 -46.25 -12.87
CA LYS F 678 -60.30 -46.01 -11.84
C LYS F 678 -58.94 -46.62 -12.20
N PHE F 679 -58.95 -47.70 -12.98
CA PHE F 679 -57.71 -48.37 -13.40
C PHE F 679 -57.07 -47.74 -14.63
N SER F 680 -57.41 -46.50 -14.97
CA SER F 680 -56.88 -45.85 -16.16
C SER F 680 -55.46 -45.33 -15.92
N PHE F 681 -54.68 -45.26 -17.00
CA PHE F 681 -53.35 -44.68 -16.99
C PHE F 681 -53.12 -43.84 -18.25
N GLY F 682 -54.17 -43.25 -18.79
CA GLY F 682 -54.09 -42.54 -20.04
C GLY F 682 -54.27 -43.47 -21.23
N GLN F 683 -53.96 -42.94 -22.41
CA GLN F 683 -54.24 -43.59 -23.68
C GLN F 683 -52.94 -43.99 -24.36
N ALA F 684 -52.94 -45.17 -24.97
CA ALA F 684 -51.74 -45.71 -25.60
C ALA F 684 -51.54 -45.05 -26.96
N THR F 685 -50.41 -44.37 -27.12
CA THR F 685 -50.06 -43.68 -28.36
C THR F 685 -49.21 -44.58 -29.23
N PRO F 686 -48.89 -44.16 -30.46
CA PRO F 686 -47.93 -44.95 -31.26
C PRO F 686 -46.55 -45.07 -30.64
N ARG F 687 -46.16 -44.18 -29.72
CA ARG F 687 -44.86 -44.29 -29.07
C ARG F 687 -44.76 -45.49 -28.12
N THR F 688 -45.87 -46.16 -27.81
CA THR F 688 -45.83 -47.37 -26.99
C THR F 688 -45.43 -48.61 -27.80
N LEU F 689 -45.64 -48.60 -29.11
CA LEU F 689 -45.19 -49.70 -29.96
C LEU F 689 -43.67 -49.74 -30.05
N LEU F 690 -43.06 -48.58 -30.35
CA LEU F 690 -41.61 -48.53 -30.48
C LEU F 690 -40.92 -48.77 -29.14
N GLY F 691 -41.59 -48.49 -28.02
CA GLY F 691 -41.05 -48.89 -26.74
C GLY F 691 -40.93 -50.39 -26.59
N ILE F 692 -41.95 -51.13 -27.04
CA ILE F 692 -41.89 -52.59 -27.04
C ILE F 692 -40.74 -53.07 -27.91
N ILE F 693 -40.59 -52.47 -29.11
CA ILE F 693 -39.52 -52.89 -30.00
C ILE F 693 -38.15 -52.61 -29.37
N ARG F 694 -37.99 -51.45 -28.74
CA ARG F 694 -36.71 -51.10 -28.13
C ARG F 694 -36.36 -52.05 -26.99
N LEU F 695 -37.33 -52.35 -26.11
CA LEU F 695 -37.06 -53.27 -25.01
C LEU F 695 -36.74 -54.66 -25.53
N SER F 696 -37.46 -55.12 -26.55
CA SER F 696 -37.18 -56.43 -27.14
C SER F 696 -35.78 -56.48 -27.71
N GLN F 697 -35.36 -55.42 -28.41
CA GLN F 697 -34.02 -55.41 -28.99
C GLN F 697 -32.93 -55.34 -27.91
N ALA F 698 -33.18 -54.65 -26.80
CA ALA F 698 -32.22 -54.68 -25.69
C ALA F 698 -32.08 -56.09 -25.14
N LEU F 699 -33.20 -56.78 -24.95
CA LEU F 699 -33.15 -58.16 -24.47
C LEU F 699 -32.42 -59.05 -25.46
N ALA F 700 -32.61 -58.82 -26.76
CA ALA F 700 -31.89 -59.57 -27.77
C ALA F 700 -30.39 -59.28 -27.70
N LYS F 701 -30.03 -58.02 -27.40
CA LYS F 701 -28.62 -57.68 -27.27
C LYS F 701 -27.96 -58.43 -26.12
N LEU F 702 -28.65 -58.52 -24.98
CA LEU F 702 -28.00 -59.07 -23.79
C LEU F 702 -27.65 -60.56 -23.96
N ARG F 703 -28.43 -61.31 -24.72
CA ARG F 703 -28.07 -62.70 -25.05
C ARG F 703 -27.15 -62.80 -26.26
N LEU F 704 -26.59 -61.69 -26.73
CA LEU F 704 -25.57 -61.68 -27.79
C LEU F 704 -26.06 -62.31 -29.08
N ALA F 705 -27.36 -62.19 -29.35
CA ALA F 705 -27.94 -62.70 -30.58
C ALA F 705 -27.83 -61.68 -31.71
N ASP F 706 -28.07 -62.15 -32.92
CA ASP F 706 -28.21 -61.31 -34.11
C ASP F 706 -29.62 -61.36 -34.68
N MET F 707 -30.61 -61.69 -33.85
CA MET F 707 -31.97 -61.91 -34.31
C MET F 707 -32.91 -61.83 -33.13
N VAL F 708 -33.90 -60.93 -33.21
CA VAL F 708 -34.90 -60.83 -32.15
C VAL F 708 -35.79 -62.07 -32.18
N ASP F 709 -36.11 -62.60 -31.00
CA ASP F 709 -36.93 -63.79 -30.84
C ASP F 709 -38.22 -63.43 -30.09
N ILE F 710 -39.27 -64.22 -30.33
CA ILE F 710 -40.55 -63.99 -29.67
C ILE F 710 -40.43 -64.13 -28.15
N ASP F 711 -39.49 -64.95 -27.68
CA ASP F 711 -39.17 -65.04 -26.27
C ASP F 711 -38.85 -63.66 -25.69
N ASP F 712 -38.09 -62.86 -26.45
CA ASP F 712 -37.78 -61.50 -26.02
C ASP F 712 -39.03 -60.64 -25.96
N VAL F 713 -39.94 -60.81 -26.93
CA VAL F 713 -41.12 -59.96 -26.99
C VAL F 713 -42.03 -60.21 -25.80
N GLU F 714 -42.26 -61.49 -25.46
CA GLU F 714 -43.13 -61.76 -24.33
C GLU F 714 -42.52 -61.27 -23.02
N GLU F 715 -41.19 -61.37 -22.88
CA GLU F 715 -40.56 -60.79 -21.70
C GLU F 715 -40.71 -59.28 -21.66
N ALA F 716 -40.58 -58.61 -22.81
CA ALA F 716 -40.75 -57.16 -22.86
C ALA F 716 -42.17 -56.76 -22.44
N LEU F 717 -43.16 -57.52 -22.89
CA LEU F 717 -44.54 -57.24 -22.51
C LEU F 717 -44.77 -57.49 -21.02
N ARG F 718 -44.19 -58.55 -20.47
CA ARG F 718 -44.31 -58.80 -19.04
C ARG F 718 -43.68 -57.68 -18.23
N LEU F 719 -42.51 -57.20 -18.66
CA LEU F 719 -41.83 -56.14 -17.92
C LEU F 719 -42.61 -54.85 -17.95
N VAL F 720 -43.41 -54.64 -19.01
CA VAL F 720 -44.31 -53.48 -19.01
C VAL F 720 -45.54 -53.73 -18.15
N ARG F 721 -46.04 -54.97 -18.11
CA ARG F 721 -47.25 -55.26 -17.34
C ARG F 721 -47.02 -55.11 -15.84
N VAL F 722 -45.85 -55.54 -15.36
CA VAL F 722 -45.59 -55.62 -13.92
C VAL F 722 -45.57 -54.23 -13.26
N SER F 723 -45.34 -53.16 -14.04
CA SER F 723 -45.21 -51.82 -13.46
C SER F 723 -46.48 -51.36 -12.75
N LYS F 724 -47.64 -51.86 -13.17
CA LYS F 724 -48.93 -51.42 -12.64
C LYS F 724 -49.48 -52.30 -11.52
N GLU F 725 -48.83 -53.43 -11.20
CA GLU F 725 -49.39 -54.35 -10.24
C GLU F 725 -49.35 -53.84 -8.80
N SER F 726 -48.56 -52.79 -8.52
CA SER F 726 -48.53 -52.23 -7.17
C SER F 726 -49.87 -51.62 -6.78
N LEU F 727 -50.69 -51.23 -7.76
CA LEU F 727 -52.01 -50.67 -7.47
C LEU F 727 -52.94 -51.65 -6.77
N TYR F 728 -52.67 -52.96 -6.86
CA TYR F 728 -53.57 -54.00 -6.37
C TYR F 728 -53.05 -54.66 -5.08
N GLN F 729 -52.28 -53.91 -4.29
CA GLN F 729 -51.86 -54.35 -2.96
C GLN F 729 -51.05 -55.67 -3.00
N MET G 1 26.05 16.14 42.54
CA MET G 1 25.32 14.89 42.18
C MET G 1 25.37 13.92 43.34
N PHE G 2 24.48 12.93 43.34
CA PHE G 2 24.25 12.09 44.50
C PHE G 2 25.13 10.86 44.40
N ARG G 3 25.53 10.32 45.55
CA ARG G 3 26.46 9.21 45.57
C ARG G 3 26.32 8.42 46.86
N GLN G 4 26.51 7.10 46.74
CA GLN G 4 26.51 6.17 47.87
C GLN G 4 27.94 5.75 48.15
N SER G 5 28.28 5.66 49.44
CA SER G 5 29.58 5.17 49.89
C SER G 5 30.72 6.01 49.33
N SER G 44 38.84 -25.57 51.81
CA SER G 44 39.53 -24.31 52.09
C SER G 44 39.10 -23.23 51.09
N GLU G 45 38.69 -22.08 51.62
CA GLU G 45 38.23 -20.98 50.79
C GLU G 45 39.36 -20.45 49.90
N GLU G 46 40.59 -20.44 50.42
CA GLU G 46 41.72 -19.89 49.67
C GLU G 46 41.98 -20.69 48.41
N GLU G 47 41.84 -22.01 48.48
CA GLU G 47 42.02 -22.85 47.29
C GLU G 47 40.99 -22.53 46.22
N LYS G 48 39.72 -22.38 46.62
CA LYS G 48 38.67 -22.05 45.66
C LYS G 48 38.91 -20.69 45.03
N LYS G 49 39.32 -19.71 45.84
CA LYS G 49 39.65 -18.40 45.30
C LYS G 49 40.86 -18.48 44.36
N LEU G 50 41.84 -19.33 44.69
CA LEU G 50 43.02 -19.48 43.84
C LEU G 50 42.63 -19.99 42.47
N TYR G 51 41.78 -21.01 42.41
CA TYR G 51 41.42 -21.57 41.10
C TYR G 51 40.45 -20.67 40.35
N ALA G 52 39.59 -19.93 41.06
CA ALA G 52 38.78 -18.91 40.40
C ALA G 52 39.67 -17.84 39.77
N ARG G 53 40.75 -17.45 40.47
CA ARG G 53 41.71 -16.52 39.89
C ARG G 53 42.43 -17.13 38.69
N LEU G 54 42.81 -18.40 38.80
CA LEU G 54 43.62 -19.03 37.76
C LEU G 54 42.83 -19.20 36.46
N TYR G 55 41.52 -19.45 36.55
CA TYR G 55 40.67 -19.65 35.39
C TYR G 55 39.79 -18.46 35.05
N GLU G 56 40.05 -17.29 35.64
CA GLU G 56 39.37 -16.08 35.19
C GLU G 56 39.70 -15.78 33.73
N SER G 57 40.96 -15.96 33.34
CA SER G 57 41.39 -15.78 31.97
C SER G 57 40.89 -16.87 31.03
N LYS G 58 40.37 -17.99 31.57
CA LYS G 58 39.91 -19.19 30.87
C LYS G 58 41.03 -20.08 30.33
N LEU G 59 42.28 -19.60 30.35
CA LEU G 59 43.45 -20.41 30.05
C LEU G 59 44.51 -20.04 31.06
N SER G 60 45.45 -20.96 31.29
CA SER G 60 46.53 -20.73 32.22
C SER G 60 47.81 -21.31 31.66
N PHE G 61 48.92 -20.68 32.04
CA PHE G 61 50.24 -21.28 31.88
C PHE G 61 50.51 -22.35 32.93
N TYR G 62 49.56 -22.65 33.82
CA TYR G 62 49.72 -23.68 34.86
C TYR G 62 50.91 -23.32 35.74
N ASP G 63 50.76 -22.20 36.46
CA ASP G 63 51.88 -21.43 36.96
C ASP G 63 52.28 -21.74 38.40
N LEU G 64 51.41 -22.34 39.20
CA LEU G 64 51.47 -22.26 40.65
C LEU G 64 51.24 -23.64 41.27
N PRO G 65 51.67 -23.84 42.51
CA PRO G 65 51.55 -25.18 43.11
C PRO G 65 50.13 -25.42 43.61
N PRO G 66 49.49 -26.55 43.24
CA PRO G 66 48.19 -26.86 43.86
C PRO G 66 48.31 -27.14 45.34
N GLN G 67 47.17 -27.04 46.02
CA GLN G 67 47.07 -27.13 47.46
C GLN G 67 45.84 -27.97 47.82
N GLY G 68 45.72 -28.31 49.10
CA GLY G 68 44.62 -29.15 49.53
C GLY G 68 44.78 -30.58 49.03
N GLU G 69 43.64 -31.28 48.92
CA GLU G 69 43.62 -32.70 48.61
C GLU G 69 42.59 -33.05 47.54
N ILE G 70 42.89 -34.13 46.80
CA ILE G 70 41.92 -34.86 46.01
C ILE G 70 42.17 -36.36 46.25
N THR G 71 41.35 -37.20 45.63
CA THR G 71 41.45 -38.64 45.80
C THR G 71 42.43 -39.24 44.78
N LEU G 72 42.84 -40.48 45.05
CA LEU G 72 43.72 -41.21 44.15
C LEU G 72 42.99 -41.70 42.90
N GLU G 73 41.72 -42.08 43.06
CA GLU G 73 40.89 -42.40 41.91
C GLU G 73 40.75 -41.19 40.99
N GLN G 74 40.55 -40.00 41.58
CA GLN G 74 40.49 -38.78 40.80
C GLN G 74 41.82 -38.53 40.09
N PHE G 75 42.93 -38.75 40.77
CA PHE G 75 44.26 -38.61 40.19
C PHE G 75 44.39 -39.45 38.91
N GLU G 76 44.07 -40.75 39.03
CA GLU G 76 44.18 -41.65 37.88
C GLU G 76 43.24 -41.24 36.75
N ILE G 77 41.96 -40.99 37.08
CA ILE G 77 40.97 -40.75 36.04
C ILE G 77 41.23 -39.43 35.32
N TRP G 78 41.56 -38.38 36.07
CA TRP G 78 41.83 -37.08 35.46
C TRP G 78 43.05 -37.15 34.55
N ALA G 79 44.11 -37.84 35.02
CA ALA G 79 45.30 -38.02 34.18
C ALA G 79 44.94 -38.78 32.90
N ILE G 80 44.13 -39.82 33.01
CA ILE G 80 43.78 -40.60 31.82
C ILE G 80 42.94 -39.79 30.85
N ASP G 81 42.07 -38.91 31.35
CA ASP G 81 41.26 -38.09 30.47
C ASP G 81 42.13 -37.13 29.64
N ARG G 82 43.01 -36.39 30.33
CA ARG G 82 43.91 -35.51 29.59
C ARG G 82 44.82 -36.30 28.66
N LEU G 83 45.23 -37.50 29.09
CA LEU G 83 46.07 -38.34 28.25
C LEU G 83 45.34 -38.75 26.98
N LYS G 84 44.04 -39.05 27.08
CA LYS G 84 43.27 -39.41 25.90
C LYS G 84 43.19 -38.26 24.91
N ILE G 85 42.93 -37.05 25.41
CA ILE G 85 42.85 -35.90 24.50
C ILE G 85 44.22 -35.67 23.82
N LEU G 86 45.30 -35.72 24.60
CA LEU G 86 46.61 -35.49 24.00
C LEU G 86 47.02 -36.61 23.06
N LEU G 87 46.59 -37.85 23.35
CA LEU G 87 46.85 -38.96 22.44
C LEU G 87 46.16 -38.73 21.10
N GLU G 88 44.90 -38.27 21.13
CA GLU G 88 44.23 -38.01 19.86
C GLU G 88 44.88 -36.83 19.12
N ILE G 89 45.35 -35.82 19.86
CA ILE G 89 46.03 -34.70 19.21
C ILE G 89 47.29 -35.19 18.50
N GLU G 90 48.10 -36.01 19.18
CA GLU G 90 49.31 -36.53 18.56
C GLU G 90 48.99 -37.48 17.41
N SER G 91 47.90 -38.24 17.52
CA SER G 91 47.50 -39.11 16.41
C SER G 91 47.12 -38.31 15.18
N CYS G 92 46.34 -37.25 15.37
CA CYS G 92 45.95 -36.42 14.23
C CYS G 92 47.17 -35.70 13.64
N LEU G 93 48.09 -35.24 14.47
CA LEU G 93 49.29 -34.59 13.95
C LEU G 93 50.17 -35.58 13.19
N SER G 94 50.23 -36.83 13.65
CA SER G 94 50.95 -37.85 12.89
C SER G 94 50.23 -38.16 11.58
N ARG G 95 48.91 -38.00 11.55
CA ARG G 95 48.14 -38.10 10.31
C ARG G 95 48.15 -36.81 9.50
N ASN G 96 48.87 -35.77 9.94
CA ASN G 96 49.09 -34.55 9.17
C ASN G 96 47.79 -33.80 8.90
N LYS G 97 46.86 -33.83 9.85
CA LYS G 97 45.61 -33.09 9.72
C LYS G 97 45.80 -31.64 10.14
N SER G 98 44.97 -30.77 9.58
CA SER G 98 45.11 -29.34 9.78
C SER G 98 44.53 -28.93 11.13
N ILE G 99 44.69 -27.64 11.46
CA ILE G 99 44.17 -27.11 12.72
C ILE G 99 42.65 -27.21 12.76
N LYS G 100 41.99 -26.89 11.65
CA LYS G 100 40.53 -26.94 11.62
C LYS G 100 40.01 -28.35 11.83
N GLU G 101 40.65 -29.34 11.18
CA GLU G 101 40.24 -30.73 11.35
C GLU G 101 40.46 -31.20 12.78
N ILE G 102 41.61 -30.86 13.37
CA ILE G 102 41.88 -31.25 14.75
C ILE G 102 40.89 -30.59 15.69
N GLU G 103 40.55 -29.33 15.43
CA GLU G 103 39.54 -28.65 16.25
C GLU G 103 38.19 -29.33 16.13
N THR G 104 37.81 -29.73 14.92
CA THR G 104 36.56 -30.47 14.76
C THR G 104 36.59 -31.81 15.50
N ILE G 105 37.76 -32.44 15.57
CA ILE G 105 37.86 -33.75 16.20
C ILE G 105 37.88 -33.64 17.73
N ILE G 106 38.55 -32.63 18.26
CA ILE G 106 38.87 -32.58 19.68
C ILE G 106 37.81 -31.84 20.49
N LYS G 107 37.17 -30.83 19.90
CA LYS G 107 36.20 -30.01 20.63
C LYS G 107 35.04 -30.79 21.23
N PRO G 108 34.43 -31.78 20.57
CA PRO G 108 33.40 -32.59 21.26
C PRO G 108 33.92 -33.33 22.48
N GLN G 109 35.22 -33.59 22.57
CA GLN G 109 35.77 -34.39 23.65
C GLN G 109 35.94 -33.60 24.95
N PHE G 110 35.96 -32.27 24.89
CA PHE G 110 36.11 -31.48 26.11
C PHE G 110 34.94 -31.69 27.06
N GLN G 111 33.71 -31.69 26.53
CA GLN G 111 32.54 -31.85 27.39
C GLN G 111 32.48 -33.21 28.08
N LYS G 112 33.17 -34.21 27.54
CA LYS G 112 33.22 -35.55 28.11
C LYS G 112 34.43 -35.77 29.01
N LEU G 113 35.61 -35.32 28.58
CA LEU G 113 36.88 -35.62 29.22
C LEU G 113 37.51 -34.46 29.97
N LEU G 114 37.49 -33.25 29.39
CA LEU G 114 38.28 -32.13 29.91
C LEU G 114 37.59 -30.83 29.53
N PRO G 115 36.55 -30.43 30.30
CA PRO G 115 35.76 -29.26 29.88
C PRO G 115 36.56 -27.97 29.88
N PHE G 116 36.13 -27.05 29.00
CA PHE G 116 36.77 -25.76 28.79
C PHE G 116 35.69 -24.70 28.68
N ASN G 117 36.03 -23.47 29.06
CA ASN G 117 35.08 -22.35 29.09
C ASN G 117 33.92 -22.67 30.05
N THR G 118 34.29 -22.87 31.31
CA THR G 118 33.38 -23.38 32.34
C THR G 118 33.65 -22.69 33.66
N GLU G 119 32.59 -22.41 34.40
CA GLU G 119 32.68 -21.84 35.74
C GLU G 119 32.85 -22.88 36.84
N SER G 120 32.67 -24.16 36.54
CA SER G 120 32.66 -25.19 37.57
C SER G 120 34.04 -25.32 38.22
N LEU G 121 34.05 -25.34 39.56
CA LEU G 121 35.29 -25.57 40.28
C LEU G 121 35.83 -26.96 40.01
N GLU G 122 34.95 -27.95 39.89
CA GLU G 122 35.39 -29.31 39.63
C GLU G 122 36.10 -29.42 38.29
N ASP G 123 35.55 -28.81 37.25
CA ASP G 123 36.18 -28.85 35.93
C ASP G 123 37.53 -28.16 35.94
N ARG G 124 37.62 -27.01 36.61
CA ARG G 124 38.86 -26.25 36.67
C ARG G 124 39.94 -27.04 37.42
N LYS G 125 39.58 -27.62 38.56
CA LYS G 125 40.53 -28.45 39.29
C LYS G 125 40.91 -29.68 38.48
N LYS G 126 39.95 -30.26 37.76
CA LYS G 126 40.25 -31.43 36.92
C LYS G 126 41.30 -31.09 35.87
N ASP G 127 41.10 -29.98 35.17
CA ASP G 127 42.04 -29.53 34.15
C ASP G 127 43.44 -29.29 34.74
N TYR G 128 43.49 -28.48 35.79
CA TYR G 128 44.77 -28.11 36.41
C TYR G 128 45.52 -29.32 36.93
N TYR G 129 44.84 -30.15 37.72
CA TYR G 129 45.48 -31.31 38.32
C TYR G 129 45.89 -32.32 37.26
N SER G 130 45.09 -32.51 36.20
CA SER G 130 45.47 -33.45 35.16
C SER G 130 46.75 -33.01 34.46
N HIS G 131 46.87 -31.70 34.16
CA HIS G 131 48.12 -31.20 33.59
C HIS G 131 49.29 -31.46 34.52
N PHE G 132 49.11 -31.15 35.81
CA PHE G 132 50.22 -31.31 36.75
C PHE G 132 50.60 -32.77 36.93
N ILE G 133 49.65 -33.69 36.82
CA ILE G 133 49.96 -35.11 36.91
C ILE G 133 50.76 -35.55 35.70
N LEU G 134 50.36 -35.11 34.50
CA LEU G 134 51.10 -35.51 33.32
C LEU G 134 52.47 -34.86 33.24
N ARG G 135 52.72 -33.77 34.00
CA ARG G 135 54.09 -33.34 34.20
C ARG G 135 54.93 -34.45 34.82
N LEU G 136 54.41 -35.05 35.90
CA LEU G 136 55.18 -36.05 36.62
C LEU G 136 55.28 -37.33 35.81
N CYS G 137 54.27 -37.61 34.98
CA CYS G 137 54.35 -38.77 34.09
C CYS G 137 55.40 -38.58 33.00
N PHE G 138 55.45 -37.38 32.39
CA PHE G 138 56.20 -37.16 31.15
C PHE G 138 57.48 -36.35 31.33
N CYS G 139 57.87 -36.02 32.57
CA CYS G 139 59.18 -35.42 32.80
C CYS G 139 60.31 -36.44 32.75
N ARG G 140 60.01 -37.73 32.62
CA ARG G 140 60.98 -38.78 32.88
C ARG G 140 62.07 -38.89 31.81
N SER G 141 61.81 -38.46 30.58
CA SER G 141 62.78 -38.61 29.51
C SER G 141 62.57 -37.52 28.47
N LYS G 142 63.61 -37.32 27.65
CA LYS G 142 63.58 -36.28 26.63
C LYS G 142 62.47 -36.53 25.61
N GLU G 143 62.31 -37.78 25.18
CA GLU G 143 61.26 -38.10 24.22
C GLU G 143 59.88 -37.84 24.82
N LEU G 144 59.66 -38.29 26.06
CA LEU G 144 58.38 -38.04 26.72
C LEU G 144 58.15 -36.55 26.93
N ARG G 145 59.19 -35.82 27.32
CA ARG G 145 59.05 -34.37 27.50
C ARG G 145 58.68 -33.68 26.20
N GLU G 146 59.35 -34.07 25.10
CA GLU G 146 59.05 -33.46 23.81
C GLU G 146 57.63 -33.77 23.35
N LYS G 147 57.21 -35.03 23.48
CA LYS G 147 55.85 -35.40 23.07
C LYS G 147 54.80 -34.67 23.91
N PHE G 148 55.00 -34.62 25.22
CA PHE G 148 54.04 -33.95 26.09
C PHE G 148 54.00 -32.45 25.81
N VAL G 149 55.16 -31.83 25.59
CA VAL G 149 55.20 -30.40 25.28
C VAL G 149 54.49 -30.13 23.96
N ARG G 150 54.73 -30.95 22.95
CA ARG G 150 54.08 -30.76 21.65
C ARG G 150 52.56 -30.86 21.78
N ALA G 151 52.08 -31.94 22.41
CA ALA G 151 50.64 -32.15 22.52
C ALA G 151 49.98 -31.06 23.36
N GLU G 152 50.60 -30.70 24.49
CA GLU G 152 50.00 -29.72 25.38
C GLU G 152 50.02 -28.33 24.74
N THR G 153 51.08 -28.00 24.00
CA THR G 153 51.12 -26.71 23.32
C THR G 153 50.08 -26.64 22.20
N PHE G 154 49.85 -27.76 21.50
CA PHE G 154 48.81 -27.74 20.48
C PHE G 154 47.42 -27.61 21.11
N LEU G 155 47.19 -28.27 22.25
CA LEU G 155 45.94 -28.10 22.97
C LEU G 155 45.78 -26.65 23.45
N PHE G 156 46.87 -26.04 23.90
CA PHE G 156 46.87 -24.63 24.28
C PHE G 156 46.45 -23.76 23.10
N LYS G 157 47.00 -24.05 21.91
CA LYS G 157 46.63 -23.32 20.71
C LYS G 157 45.13 -23.47 20.40
N ILE G 158 44.64 -24.70 20.49
CA ILE G 158 43.23 -24.99 20.20
C ILE G 158 42.33 -24.18 21.14
N ARG G 159 42.64 -24.24 22.43
CA ARG G 159 41.81 -23.54 23.42
C ARG G 159 41.91 -22.03 23.26
N PHE G 160 43.09 -21.52 22.90
CA PHE G 160 43.24 -20.09 22.64
C PHE G 160 42.37 -19.67 21.47
N ASN G 161 42.29 -20.51 20.43
CA ASN G 161 41.42 -20.20 19.30
C ASN G 161 39.96 -20.13 19.70
N MET G 162 39.56 -20.90 20.71
CA MET G 162 38.17 -20.90 21.16
C MET G 162 37.79 -19.60 21.87
N LEU G 163 38.78 -18.85 22.37
CA LEU G 163 38.49 -17.64 23.11
C LEU G 163 37.91 -16.55 22.22
N THR G 164 37.21 -15.61 22.85
CA THR G 164 36.90 -14.33 22.23
C THR G 164 38.15 -13.45 22.28
N SER G 165 38.14 -12.40 21.45
CA SER G 165 39.29 -11.51 21.38
C SER G 165 39.51 -10.80 22.71
N THR G 166 38.44 -10.46 23.42
CA THR G 166 38.58 -9.83 24.74
C THR G 166 39.26 -10.77 25.73
N ASP G 167 38.85 -12.04 25.73
CA ASP G 167 39.47 -13.02 26.61
C ASP G 167 40.94 -13.23 26.25
N GLN G 168 41.25 -13.27 24.95
CA GLN G 168 42.64 -13.38 24.52
C GLN G 168 43.46 -12.20 25.00
N THR G 169 42.93 -10.98 24.86
CA THR G 169 43.64 -9.78 25.30
C THR G 169 43.88 -9.82 26.80
N LYS G 170 42.85 -10.17 27.58
CA LYS G 170 43.00 -10.22 29.02
C LYS G 170 43.98 -11.31 29.45
N PHE G 171 43.94 -12.46 28.79
CA PHE G 171 44.87 -13.55 29.12
C PHE G 171 46.31 -13.16 28.80
N VAL G 172 46.54 -12.51 27.66
CA VAL G 172 47.88 -12.05 27.31
C VAL G 172 48.36 -11.00 28.31
N GLN G 173 47.48 -10.06 28.66
CA GLN G 173 47.85 -9.00 29.60
C GLN G 173 48.15 -9.56 30.98
N SER G 174 47.43 -10.61 31.40
CA SER G 174 47.66 -11.21 32.71
C SER G 174 49.03 -11.86 32.80
N LEU G 175 49.59 -12.32 31.68
CA LEU G 175 50.90 -12.94 31.65
C LEU G 175 52.05 -11.94 31.65
N ASP G 176 51.76 -10.64 31.73
CA ASP G 176 52.78 -9.60 31.76
C ASP G 176 53.62 -9.60 30.49
N LEU G 177 53.00 -9.91 29.36
CA LEU G 177 53.68 -9.94 28.07
C LEU G 177 53.68 -8.55 27.43
N GLN G 181 56.93 -4.69 22.75
CA GLN G 181 56.99 -3.27 22.47
C GLN G 181 56.32 -2.91 21.14
N PHE G 182 55.21 -2.20 21.22
CA PHE G 182 54.57 -1.69 20.02
C PHE G 182 55.34 -0.49 19.48
N ILE G 183 55.36 -0.36 18.16
CA ILE G 183 56.09 0.73 17.54
C ILE G 183 55.29 2.03 17.65
N SER G 184 56.00 3.15 17.54
CA SER G 184 55.35 4.45 17.55
C SER G 184 54.61 4.68 16.24
N ASN G 185 53.66 5.62 16.28
CA ASN G 185 52.96 6.00 15.06
C ASN G 185 53.90 6.61 14.03
N GLU G 186 54.91 7.36 14.49
CA GLU G 186 55.87 7.93 13.58
C GLU G 186 56.69 6.85 12.89
N GLU G 187 57.13 5.83 13.64
CA GLU G 187 57.87 4.73 13.04
C GLU G 187 57.00 3.94 12.08
N LYS G 188 55.72 3.76 12.41
CA LYS G 188 54.80 3.10 11.50
C LYS G 188 54.65 3.90 10.21
N ALA G 189 54.55 5.22 10.33
CA ALA G 189 54.42 6.06 9.13
C ALA G 189 55.67 5.99 8.28
N GLU G 190 56.85 6.00 8.91
CA GLU G 190 58.09 5.94 8.14
C GLU G 190 58.25 4.61 7.43
N LEU G 191 57.83 3.52 8.07
CA LEU G 191 57.91 2.17 7.52
C LEU G 191 56.61 1.69 6.91
N SER G 192 55.66 2.61 6.65
CA SER G 192 54.31 2.21 6.25
C SER G 192 54.31 1.45 4.94
N HIS G 193 55.12 1.88 3.97
CA HIS G 193 55.18 1.20 2.67
C HIS G 193 55.68 -0.24 2.84
N GLN G 194 56.76 -0.43 3.59
CA GLN G 194 57.32 -1.77 3.75
C GLN G 194 56.39 -2.67 4.54
N LEU G 195 55.81 -2.15 5.63
CA LEU G 195 54.90 -2.96 6.44
C LEU G 195 53.65 -3.35 5.65
N TYR G 196 53.10 -2.41 4.88
CA TYR G 196 51.92 -2.71 4.08
C TYR G 196 52.23 -3.72 2.99
N GLN G 197 53.39 -3.58 2.33
CA GLN G 197 53.82 -4.58 1.37
C GLN G 197 53.98 -5.95 2.01
N THR G 198 54.43 -5.99 3.26
CA THR G 198 54.62 -7.26 3.95
C THR G 198 53.28 -7.91 4.27
N VAL G 199 52.33 -7.14 4.80
CA VAL G 199 51.10 -7.72 5.37
C VAL G 199 49.93 -7.77 4.39
N SER G 200 50.02 -7.10 3.22
CA SER G 200 48.85 -6.96 2.35
C SER G 200 48.34 -8.31 1.86
N ALA G 201 49.26 -9.20 1.44
CA ALA G 201 48.85 -10.55 1.06
C ALA G 201 48.26 -11.30 2.26
N SER G 202 48.88 -11.14 3.43
CA SER G 202 48.40 -11.81 4.63
C SER G 202 47.00 -11.31 5.01
N LEU G 203 46.76 -10.01 4.87
CA LEU G 203 45.43 -9.48 5.14
C LEU G 203 44.39 -10.07 4.20
N GLN G 204 44.75 -10.27 2.93
CA GLN G 204 43.82 -10.83 1.96
C GLN G 204 43.52 -12.30 2.27
N PHE G 205 44.56 -13.09 2.55
CA PHE G 205 44.37 -14.53 2.66
C PHE G 205 43.94 -14.99 4.04
N GLN G 206 44.49 -14.41 5.10
CA GLN G 206 44.17 -14.82 6.46
C GLN G 206 42.92 -14.14 7.00
N LEU G 207 42.74 -12.85 6.71
CA LEU G 207 41.57 -12.09 7.14
C LEU G 207 40.55 -11.84 6.03
N ASN G 208 40.71 -12.48 4.87
CA ASN G 208 39.72 -12.46 3.79
C ASN G 208 39.47 -11.06 3.23
N LEU G 209 40.40 -10.13 3.43
CA LEU G 209 40.23 -8.75 2.96
C LEU G 209 40.70 -8.66 1.50
N ASN G 210 39.83 -9.10 0.61
CA ASN G 210 40.17 -9.07 -0.82
C ASN G 210 40.22 -7.64 -1.35
N GLU G 211 39.31 -6.78 -0.88
CA GLU G 211 39.30 -5.39 -1.32
C GLU G 211 40.52 -4.65 -0.79
N GLU G 212 41.24 -3.97 -1.69
CA GLU G 212 42.39 -3.19 -1.27
C GLU G 212 41.99 -2.03 -0.37
N HIS G 213 40.80 -1.46 -0.60
CA HIS G 213 40.28 -0.40 0.26
C HIS G 213 40.13 -0.89 1.70
N GLN G 214 39.54 -2.07 1.88
CA GLN G 214 39.40 -2.66 3.21
C GLN G 214 40.76 -2.94 3.84
N ARG G 215 41.70 -3.44 3.04
CA ARG G 215 43.04 -3.70 3.54
C ARG G 215 43.70 -2.42 4.02
N LYS G 216 43.54 -1.33 3.26
CA LYS G 216 44.12 -0.04 3.65
C LYS G 216 43.51 0.46 4.95
N GLN G 217 42.19 0.35 5.09
CA GLN G 217 41.55 0.80 6.33
C GLN G 217 42.02 -0.01 7.53
N TYR G 218 42.08 -1.35 7.38
CA TYR G 218 42.55 -2.20 8.46
C TYR G 218 44.00 -1.88 8.81
N PHE G 219 44.85 -1.70 7.81
CA PHE G 219 46.25 -1.36 8.05
C PHE G 219 46.37 -0.02 8.77
N GLN G 220 45.52 0.94 8.42
CA GLN G 220 45.48 2.19 9.16
C GLN G 220 45.12 1.97 10.62
N GLN G 221 44.23 1.01 10.89
CA GLN G 221 43.84 0.69 12.26
C GLN G 221 44.74 -0.32 12.97
N GLU G 222 45.67 -0.96 12.26
CA GLU G 222 46.46 -2.06 12.83
C GLU G 222 47.70 -1.56 13.55
N LYS G 223 48.07 -2.24 14.63
CA LYS G 223 49.29 -2.00 15.39
C LYS G 223 50.36 -3.03 15.01
N PHE G 224 51.61 -2.67 15.30
CA PHE G 224 52.76 -3.50 14.97
C PHE G 224 53.71 -3.60 16.16
N ILE G 225 54.41 -4.72 16.24
CA ILE G 225 55.33 -5.05 17.34
C ILE G 225 56.73 -5.22 16.76
N LYS G 226 57.72 -4.64 17.45
CA LYS G 226 59.13 -4.74 17.08
C LYS G 226 59.85 -5.60 18.11
N LEU G 227 60.61 -6.58 17.61
CA LEU G 227 61.43 -7.43 18.46
C LEU G 227 62.54 -8.03 17.61
N PRO G 228 63.54 -8.66 18.23
CA PRO G 228 64.61 -9.29 17.43
C PRO G 228 64.08 -10.38 16.52
N PHE G 229 64.71 -10.52 15.35
CA PHE G 229 64.22 -11.45 14.35
C PHE G 229 64.35 -12.90 14.80
N GLU G 230 65.29 -13.21 15.70
CA GLU G 230 65.46 -14.57 16.15
C GLU G 230 64.27 -15.09 16.94
N ASN G 231 63.46 -14.20 17.51
CA ASN G 231 62.31 -14.62 18.32
C ASN G 231 61.14 -15.12 17.50
N VAL G 232 61.05 -14.74 16.21
CA VAL G 232 59.93 -15.06 15.35
C VAL G 232 60.43 -15.73 14.07
N ILE G 233 61.51 -16.52 14.21
CA ILE G 233 62.27 -16.99 13.04
C ILE G 233 61.41 -17.85 12.12
N GLU G 234 60.39 -18.53 12.65
CA GLU G 234 59.50 -19.30 11.79
C GLU G 234 58.75 -18.40 10.81
N LEU G 235 58.30 -17.24 11.28
CA LEU G 235 57.69 -16.26 10.37
C LEU G 235 58.72 -15.65 9.44
N VAL G 236 59.97 -15.54 9.89
CA VAL G 236 61.04 -15.01 9.03
C VAL G 236 61.28 -15.94 7.85
N GLY G 237 61.33 -17.25 8.11
CA GLY G 237 61.59 -18.20 7.04
C GLY G 237 60.53 -18.20 5.96
N ASN G 238 59.28 -17.94 6.34
CA ASN G 238 58.18 -17.78 5.38
C ASN G 238 58.05 -16.36 4.86
N ARG G 239 58.90 -15.42 5.30
CA ARG G 239 58.85 -14.02 4.87
C ARG G 239 57.48 -13.40 5.15
N LEU G 240 56.96 -13.67 6.34
CA LEU G 240 55.70 -13.09 6.80
C LEU G 240 55.89 -11.83 7.66
N VAL G 241 57.13 -11.44 7.96
CA VAL G 241 57.42 -10.26 8.76
C VAL G 241 58.49 -9.44 8.06
N PHE G 242 58.48 -8.13 8.34
CA PHE G 242 59.45 -7.20 7.77
C PHE G 242 60.65 -7.09 8.69
N LEU G 243 61.85 -7.18 8.12
CA LEU G 243 63.11 -7.15 8.85
C LEU G 243 63.86 -5.85 8.58
N LYS G 244 64.39 -5.26 9.65
CA LYS G 244 65.18 -4.03 9.55
C LYS G 244 66.17 -4.01 10.69
N ASP G 245 67.47 -4.04 10.35
CA ASP G 245 68.55 -3.86 11.32
C ASP G 245 68.50 -4.91 12.43
N GLY G 246 68.11 -6.13 12.08
CA GLY G 246 68.06 -7.22 13.04
C GLY G 246 66.80 -7.29 13.87
N TYR G 247 65.75 -6.53 13.52
CA TYR G 247 64.49 -6.52 14.23
C TYR G 247 63.36 -6.87 13.28
N ALA G 248 62.42 -7.69 13.76
CA ALA G 248 61.27 -8.12 12.99
C ALA G 248 60.04 -7.32 13.40
N TYR G 249 59.26 -6.88 12.40
CA TYR G 249 58.08 -6.05 12.60
C TYR G 249 56.85 -6.92 12.37
N LEU G 250 56.07 -7.12 13.43
CA LEU G 250 55.02 -8.13 13.49
C LEU G 250 53.66 -7.45 13.69
N PRO G 251 52.66 -7.66 12.84
CA PRO G 251 51.35 -7.05 13.11
C PRO G 251 50.66 -7.69 14.31
N GLN G 252 49.71 -6.94 14.87
CA GLN G 252 49.03 -7.39 16.08
C GLN G 252 48.16 -8.61 15.82
N PHE G 253 47.56 -8.73 14.63
CA PHE G 253 46.68 -9.87 14.36
C PHE G 253 47.43 -11.18 14.22
N GLN G 254 48.76 -11.15 14.12
CA GLN G 254 49.61 -12.33 14.20
C GLN G 254 50.35 -12.32 15.53
N GLN G 255 51.24 -13.31 15.71
CA GLN G 255 52.07 -13.40 16.88
C GLN G 255 51.63 -14.37 17.95
N LEU G 256 50.62 -15.20 17.68
CA LEU G 256 50.21 -16.21 18.64
C LEU G 256 51.28 -17.29 18.80
N ASN G 257 52.13 -17.48 17.79
CA ASN G 257 53.24 -18.43 17.90
C ASN G 257 54.18 -18.04 19.03
N LEU G 258 54.36 -16.74 19.28
CA LEU G 258 55.17 -16.32 20.42
C LEU G 258 54.56 -16.77 21.74
N LEU G 259 53.24 -16.61 21.89
CA LEU G 259 52.56 -17.04 23.10
C LEU G 259 52.69 -18.54 23.30
N SER G 260 52.40 -19.32 22.26
CA SER G 260 52.48 -20.78 22.39
C SER G 260 53.93 -21.24 22.59
N ASN G 261 54.90 -20.54 22.00
CA ASN G 261 56.30 -20.89 22.20
C ASN G 261 56.74 -20.59 23.61
N GLU G 262 56.28 -19.48 24.19
CA GLU G 262 56.57 -19.22 25.60
C GLU G 262 55.95 -20.28 26.49
N PHE G 263 54.72 -20.70 26.18
CA PHE G 263 54.08 -21.78 26.91
C PHE G 263 54.91 -23.06 26.83
N ALA G 264 55.35 -23.41 25.62
CA ALA G 264 56.14 -24.63 25.43
C ALA G 264 57.48 -24.55 26.15
N SER G 265 58.15 -23.40 26.07
CA SER G 265 59.46 -23.26 26.70
C SER G 265 59.35 -23.32 28.21
N LYS G 266 58.38 -22.62 28.79
CA LYS G 266 58.21 -22.65 30.24
C LYS G 266 57.77 -24.03 30.70
N LEU G 267 56.93 -24.72 29.92
CA LEU G 267 56.56 -26.09 30.27
C LEU G 267 57.77 -27.02 30.21
N ASN G 268 58.63 -26.85 29.21
CA ASN G 268 59.84 -27.66 29.12
C ASN G 268 60.76 -27.43 30.31
N GLN G 269 60.93 -26.16 30.70
CA GLN G 269 61.76 -25.86 31.85
C GLN G 269 61.17 -26.43 33.14
N GLU G 270 59.86 -26.34 33.30
CA GLU G 270 59.21 -26.92 34.48
C GLU G 270 59.33 -28.44 34.47
N LEU G 271 59.23 -29.07 33.31
CA LEU G 271 59.41 -30.52 33.21
C LEU G 271 60.83 -30.92 33.57
N ILE G 272 61.82 -30.15 33.12
CA ILE G 272 63.20 -30.40 33.51
C ILE G 272 63.34 -30.27 35.02
N LYS G 273 62.70 -29.25 35.60
CA LYS G 273 62.68 -29.13 37.05
C LYS G 273 61.96 -30.30 37.69
N THR G 274 60.77 -30.65 37.16
CA THR G 274 60.02 -31.79 37.69
C THR G 274 60.83 -33.08 37.62
N TYR G 275 61.68 -33.22 36.60
CA TYR G 275 62.55 -34.40 36.50
C TYR G 275 63.56 -34.44 37.65
N GLN G 276 64.08 -33.27 38.04
CA GLN G 276 65.19 -33.22 39.00
C GLN G 276 64.78 -33.66 40.40
N TYR G 277 63.48 -33.57 40.74
CA TYR G 277 62.97 -33.91 42.07
C TYR G 277 61.94 -35.03 42.02
N LEU G 278 61.99 -35.85 40.98
CA LEU G 278 61.37 -37.17 40.96
C LEU G 278 61.75 -38.08 42.14
N PRO G 279 62.97 -37.99 42.70
CA PRO G 279 63.23 -38.81 43.91
C PRO G 279 62.30 -38.53 45.07
N ARG G 280 61.71 -37.33 45.15
CA ARG G 280 60.71 -37.05 46.19
C ARG G 280 59.37 -37.70 45.87
N LEU G 281 59.04 -37.87 44.58
CA LEU G 281 57.83 -38.61 44.21
C LEU G 281 57.90 -40.06 44.66
N ASN G 282 59.10 -40.63 44.75
CA ASN G 282 59.28 -42.05 45.05
C ASN G 282 58.92 -42.42 46.49
N GLU G 283 58.57 -41.45 47.34
CA GLU G 283 58.22 -41.74 48.72
C GLU G 283 56.82 -42.36 48.85
N ASP G 284 55.95 -42.22 47.85
CA ASP G 284 54.63 -42.82 47.84
C ASP G 284 54.59 -43.86 46.71
N ASP G 285 54.56 -45.13 47.09
CA ASP G 285 54.56 -46.20 46.11
C ASP G 285 53.24 -46.32 45.35
N ARG G 286 52.14 -45.82 45.92
CA ARG G 286 50.82 -46.00 45.31
C ARG G 286 50.63 -45.20 44.03
N LEU G 287 51.53 -44.26 43.73
CA LEU G 287 51.42 -43.42 42.54
C LEU G 287 52.23 -43.95 41.36
N LEU G 288 53.32 -44.67 41.63
CA LEU G 288 54.20 -45.11 40.56
C LEU G 288 53.55 -46.07 39.56
N PRO G 289 52.75 -47.07 39.96
CA PRO G 289 52.06 -47.89 38.93
C PRO G 289 51.16 -47.07 38.02
N ILE G 290 50.48 -46.05 38.55
CA ILE G 290 49.61 -45.23 37.72
C ILE G 290 50.43 -44.47 36.68
N LEU G 291 51.56 -43.91 37.10
CA LEU G 291 52.40 -43.15 36.17
C LEU G 291 53.05 -44.06 35.14
N ASN G 292 53.45 -45.26 35.55
CA ASN G 292 53.97 -46.24 34.59
C ASN G 292 52.91 -46.62 33.57
N HIS G 293 51.67 -46.81 34.03
CA HIS G 293 50.57 -47.10 33.12
C HIS G 293 50.33 -45.95 32.16
N LEU G 294 50.38 -44.71 32.67
CA LEU G 294 50.14 -43.54 31.83
C LEU G 294 51.23 -43.40 30.76
N SER G 295 52.49 -43.62 31.15
CA SER G 295 53.59 -43.47 30.20
C SER G 295 53.67 -44.63 29.21
N SER G 296 53.07 -45.78 29.52
CA SER G 296 53.19 -46.95 28.64
C SER G 296 52.50 -46.73 27.31
N GLY G 297 51.44 -45.92 27.27
CA GLY G 297 50.73 -45.66 26.03
C GLY G 297 51.52 -44.83 25.03
N TYR G 298 52.57 -44.14 25.47
CA TYR G 298 53.43 -43.34 24.60
C TYR G 298 54.74 -44.01 24.23
N THR G 299 55.04 -45.17 24.82
CA THR G 299 56.27 -45.91 24.55
C THR G 299 56.00 -47.11 23.65
N MET H 1 -9.53 -68.09 29.75
CA MET H 1 -10.72 -67.24 29.50
C MET H 1 -10.53 -65.83 30.07
N SER H 2 -10.14 -65.76 31.34
CA SER H 2 -10.27 -64.53 32.11
C SER H 2 -9.42 -63.40 31.52
N GLY H 3 -8.13 -63.66 31.31
CA GLY H 3 -7.28 -62.64 30.74
C GLY H 3 -7.68 -62.25 29.33
N SER H 4 -8.08 -63.24 28.53
CA SER H 4 -8.46 -62.98 27.14
C SER H 4 -9.70 -62.08 27.06
N ILE H 5 -10.76 -62.43 27.80
CA ILE H 5 -11.97 -61.63 27.76
C ILE H 5 -11.74 -60.27 28.42
N ASP H 6 -10.92 -60.23 29.47
CA ASP H 6 -10.60 -58.96 30.12
C ASP H 6 -9.90 -58.01 29.16
N VAL H 7 -8.95 -58.53 28.38
CA VAL H 7 -8.32 -57.75 27.32
C VAL H 7 -9.36 -57.33 26.28
N ILE H 8 -10.18 -58.29 25.83
CA ILE H 8 -11.11 -58.04 24.74
C ILE H 8 -12.26 -57.13 25.17
N THR H 9 -12.56 -57.06 26.46
CA THR H 9 -13.54 -56.11 26.96
C THR H 9 -12.98 -54.71 27.21
N HIS H 10 -11.66 -54.54 27.18
CA HIS H 10 -11.02 -53.23 27.24
C HIS H 10 -10.31 -52.89 25.93
N PHE H 11 -9.38 -53.72 25.50
CA PHE H 11 -8.90 -53.64 24.13
C PHE H 11 -9.95 -54.22 23.20
N GLY H 12 -9.85 -53.89 21.92
CA GLY H 12 -10.86 -54.31 20.97
C GLY H 12 -10.87 -55.81 20.76
N PRO H 13 -11.84 -56.32 19.98
CA PRO H 13 -11.78 -57.74 19.62
C PRO H 13 -10.62 -58.10 18.70
N ASP H 14 -9.88 -57.12 18.16
CA ASP H 14 -8.69 -57.41 17.38
C ASP H 14 -7.60 -58.09 18.20
N ALA H 15 -7.65 -57.96 19.54
CA ALA H 15 -6.65 -58.57 20.41
C ALA H 15 -6.77 -60.09 20.51
N ASP H 16 -7.79 -60.70 19.88
CA ASP H 16 -8.02 -62.13 20.04
C ASP H 16 -6.87 -63.00 19.53
N LYS H 17 -6.00 -62.46 18.68
CA LYS H 17 -4.84 -63.22 18.24
C LYS H 17 -3.95 -63.56 19.44
N PRO H 18 -3.57 -64.83 19.65
CA PRO H 18 -2.98 -65.20 20.96
C PRO H 18 -1.62 -64.55 21.23
N GLU H 19 -0.88 -64.14 20.21
CA GLU H 19 0.39 -63.45 20.47
C GLU H 19 0.16 -62.11 21.14
N ILE H 20 -0.88 -61.38 20.70
CA ILE H 20 -1.21 -60.10 21.31
C ILE H 20 -1.65 -60.31 22.75
N ILE H 21 -2.46 -61.36 22.98
CA ILE H 21 -2.92 -61.69 24.33
C ILE H 21 -1.71 -61.99 25.22
N THR H 22 -0.76 -62.76 24.69
CA THR H 22 0.41 -63.14 25.47
C THR H 22 1.26 -61.91 25.80
N ALA H 23 1.42 -61.00 24.85
CA ALA H 23 2.23 -59.80 25.11
C ALA H 23 1.59 -58.93 26.18
N LEU H 24 0.29 -58.66 26.06
CA LEU H 24 -0.38 -57.83 27.07
C LEU H 24 -0.40 -58.52 28.43
N GLU H 25 -0.61 -59.84 28.45
CA GLU H 25 -0.56 -60.61 29.69
C GLU H 25 0.83 -60.51 30.32
N ASN H 26 1.88 -60.59 29.49
CA ASN H 26 3.24 -60.43 30.00
C ASN H 26 3.43 -59.06 30.62
N LEU H 27 2.89 -58.02 29.99
CA LEU H 27 3.05 -56.68 30.55
C LEU H 27 2.38 -56.56 31.91
N THR H 28 1.12 -57.01 32.03
CA THR H 28 0.44 -56.88 33.32
C THR H 28 1.10 -57.74 34.39
N LYS H 29 1.62 -58.91 34.02
CA LYS H 29 2.31 -59.73 35.01
C LYS H 29 3.64 -59.12 35.40
N LEU H 30 4.34 -58.49 34.45
CA LEU H 30 5.63 -57.89 34.74
C LEU H 30 5.50 -56.70 35.68
N HIS H 31 4.53 -55.83 35.41
CA HIS H 31 4.42 -54.55 36.10
C HIS H 31 3.30 -54.50 37.15
N ALA H 32 2.56 -55.60 37.35
CA ALA H 32 1.54 -55.75 38.38
C ALA H 32 0.29 -54.92 38.15
N LEU H 33 0.22 -54.13 37.08
CA LEU H 33 -0.97 -53.31 36.81
C LEU H 33 -2.04 -54.15 36.13
N SER H 34 -3.30 -53.84 36.46
CA SER H 34 -4.42 -54.60 35.93
C SER H 34 -4.56 -54.38 34.43
N VAL H 35 -5.47 -55.15 33.83
CA VAL H 35 -5.70 -55.05 32.39
C VAL H 35 -6.25 -53.68 32.03
N GLU H 36 -7.19 -53.16 32.82
CA GLU H 36 -7.76 -51.85 32.51
C GLU H 36 -6.74 -50.74 32.75
N ASP H 37 -5.86 -50.90 33.74
CA ASP H 37 -4.76 -49.95 33.92
C ASP H 37 -3.83 -49.97 32.72
N LEU H 38 -3.54 -51.15 32.20
CA LEU H 38 -2.72 -51.26 30.99
C LEU H 38 -3.43 -50.61 29.81
N TYR H 39 -4.75 -50.76 29.72
CA TYR H 39 -5.52 -50.13 28.66
C TYR H 39 -5.47 -48.61 28.76
N ILE H 40 -5.58 -48.09 29.99
CA ILE H 40 -5.48 -46.64 30.20
C ILE H 40 -4.10 -46.14 29.78
N LYS H 41 -3.04 -46.84 30.22
CA LYS H 41 -1.69 -46.40 29.87
C LYS H 41 -1.42 -46.55 28.38
N TRP H 42 -2.02 -47.55 27.73
CA TRP H 42 -1.99 -47.64 26.28
C TRP H 42 -2.66 -46.45 25.63
N GLU H 43 -3.76 -45.97 26.22
CA GLU H 43 -4.40 -44.77 25.70
C GLU H 43 -3.51 -43.54 25.89
N GLN H 44 -2.80 -43.46 27.01
CA GLN H 44 -1.81 -42.39 27.19
C GLN H 44 -0.75 -42.49 26.10
N PHE H 45 -0.28 -43.71 25.83
CA PHE H 45 0.76 -43.93 24.83
C PHE H 45 0.30 -43.53 23.44
N SER H 46 -0.97 -43.80 23.12
CA SER H 46 -1.50 -43.44 21.81
C SER H 46 -1.52 -41.93 21.58
N ASN H 47 -1.55 -41.14 22.66
CA ASN H 47 -1.54 -39.69 22.53
C ASN H 47 -0.16 -39.18 22.14
N GLN H 48 -0.13 -37.97 21.58
CA GLN H 48 1.05 -37.12 21.44
C GLN H 48 2.01 -37.53 20.33
N ARG H 49 1.66 -38.52 19.50
CA ARG H 49 2.54 -39.01 18.45
C ARG H 49 2.04 -38.73 17.04
N ARG H 50 0.91 -38.03 16.88
CA ARG H 50 0.25 -37.82 15.58
C ARG H 50 -0.15 -39.14 14.92
N GLN H 51 -0.24 -40.22 15.69
CA GLN H 51 -0.45 -41.57 15.17
C GLN H 51 -1.89 -41.96 15.45
N THR H 52 -2.80 -41.51 14.58
CA THR H 52 -4.18 -41.96 14.66
C THR H 52 -4.27 -43.47 14.43
N HIS H 53 -3.39 -44.02 13.61
CA HIS H 53 -3.27 -45.47 13.43
C HIS H 53 -2.35 -46.08 14.49
N THR H 54 -2.69 -45.86 15.77
CA THR H 54 -2.02 -46.56 16.87
C THR H 54 -2.64 -47.96 16.98
N ASP H 55 -2.33 -48.78 15.98
CA ASP H 55 -2.93 -50.11 15.90
C ASP H 55 -2.28 -51.03 16.92
N LEU H 56 -3.03 -52.06 17.31
CA LEU H 56 -2.61 -52.98 18.37
C LEU H 56 -1.71 -54.10 17.82
N THR H 57 -0.63 -53.69 17.15
CA THR H 57 0.32 -54.62 16.56
C THR H 57 1.43 -54.95 17.54
N SER H 58 2.27 -55.92 17.17
CA SER H 58 3.38 -56.32 18.03
C SER H 58 4.38 -55.19 18.20
N LYS H 59 4.70 -54.49 17.11
CA LYS H 59 5.67 -53.40 17.21
C LYS H 59 5.14 -52.26 18.06
N ASN H 60 3.87 -51.92 17.92
CA ASN H 60 3.26 -50.89 18.76
C ASN H 60 3.29 -51.31 20.22
N ILE H 61 3.07 -52.59 20.50
CA ILE H 61 3.14 -53.06 21.88
C ILE H 61 4.56 -53.01 22.40
N ASP H 62 5.57 -53.26 21.55
CA ASP H 62 6.95 -53.10 21.98
C ASP H 62 7.26 -51.66 22.34
N GLU H 63 6.82 -50.72 21.50
CA GLU H 63 6.98 -49.31 21.82
C GLU H 63 6.21 -48.93 23.08
N PHE H 64 5.06 -49.57 23.30
CA PHE H 64 4.30 -49.33 24.52
C PHE H 64 5.05 -49.86 25.75
N LYS H 65 5.74 -50.98 25.61
CA LYS H 65 6.58 -51.48 26.69
C LYS H 65 7.70 -50.49 27.02
N GLN H 66 8.34 -49.95 25.97
CA GLN H 66 9.36 -48.93 26.20
C GLN H 66 8.77 -47.69 26.86
N PHE H 67 7.58 -47.28 26.41
CA PHE H 67 6.88 -46.16 27.02
C PHE H 67 6.57 -46.44 28.49
N LEU H 68 6.14 -47.67 28.80
CA LEU H 68 5.83 -48.03 30.17
C LEU H 68 7.05 -47.97 31.05
N GLN H 69 8.19 -48.45 30.56
CA GLN H 69 9.42 -48.36 31.36
C GLN H 69 9.84 -46.90 31.54
N LEU H 70 9.67 -46.08 30.50
CA LEU H 70 9.98 -44.67 30.64
C LEU H 70 9.09 -43.99 31.69
N GLN H 71 7.79 -44.32 31.69
CA GLN H 71 6.90 -43.78 32.70
C GLN H 71 7.25 -44.28 34.09
N MET H 72 7.65 -45.56 34.20
CA MET H 72 8.04 -46.12 35.49
C MET H 72 9.24 -45.39 36.06
N GLU H 73 10.30 -45.26 35.26
CA GLU H 73 11.51 -44.60 35.75
C GLU H 73 11.27 -43.11 35.98
N LYS H 74 10.42 -42.47 35.19
CA LYS H 74 10.11 -41.06 35.44
C LYS H 74 9.30 -40.89 36.71
N ARG H 75 8.38 -41.81 37.00
CA ARG H 75 7.66 -41.77 38.28
C ARG H 75 8.61 -41.98 39.43
N ALA H 76 9.57 -42.89 39.28
CA ALA H 76 10.58 -43.08 40.32
C ALA H 76 11.41 -41.81 40.53
N ASN H 77 11.78 -41.14 39.44
CA ASN H 77 12.54 -39.89 39.55
C ASN H 77 11.71 -38.81 40.22
N GLN H 78 10.41 -38.75 39.92
CA GLN H 78 9.52 -37.85 40.60
C GLN H 78 9.49 -38.13 42.10
N ILE H 79 9.40 -39.41 42.47
CA ILE H 79 9.23 -39.83 43.84
C ILE H 79 10.59 -40.12 44.46
N ILE H 203 22.98 -46.02 98.06
CA ILE H 203 24.44 -45.94 98.01
C ILE H 203 25.02 -47.34 98.21
N LEU H 204 25.77 -47.80 97.21
CA LEU H 204 26.40 -49.12 97.25
C LEU H 204 27.75 -49.08 97.94
N ASP H 205 28.55 -48.06 97.66
CA ASP H 205 29.84 -47.86 98.31
C ASP H 205 30.13 -46.37 98.31
N SER H 206 31.00 -45.93 99.22
CA SER H 206 31.27 -44.51 99.39
C SER H 206 32.72 -44.29 99.80
N LEU H 207 33.32 -43.23 99.24
CA LEU H 207 34.64 -42.76 99.64
C LEU H 207 34.48 -41.49 100.47
N ASN H 208 35.09 -41.48 101.65
CA ASN H 208 35.00 -40.36 102.59
C ASN H 208 33.56 -39.95 102.92
N PRO H 209 32.72 -40.88 103.43
CA PRO H 209 31.37 -40.45 103.82
C PRO H 209 31.33 -39.76 105.17
N GLU H 210 32.30 -40.07 106.05
CA GLU H 210 32.25 -39.58 107.42
C GLU H 210 32.72 -38.13 107.57
N ASN H 211 33.45 -37.60 106.59
CA ASN H 211 34.08 -36.28 106.68
C ASN H 211 33.39 -35.21 105.84
N ILE H 212 32.67 -35.60 104.79
CA ILE H 212 32.14 -34.67 103.80
C ILE H 212 30.67 -35.01 103.60
N GLU H 213 29.82 -33.98 103.62
CA GLU H 213 28.40 -34.16 103.34
C GLU H 213 28.14 -34.11 101.83
N ILE H 214 27.04 -34.75 101.42
CA ILE H 214 26.64 -34.71 100.03
C ILE H 214 26.26 -33.27 99.67
N SER H 215 26.73 -32.81 98.51
CA SER H 215 26.42 -31.46 98.05
C SER H 215 24.91 -31.32 97.82
N SER H 216 24.44 -30.08 97.93
CA SER H 216 23.06 -29.78 97.59
C SER H 216 22.83 -29.65 96.09
N GLY H 217 23.90 -29.52 95.30
CA GLY H 217 23.78 -29.44 93.86
C GLY H 217 23.63 -28.01 93.37
N ASN H 218 23.32 -27.90 92.09
CA ASN H 218 23.16 -26.60 91.46
C ASN H 218 21.78 -26.04 91.81
N PRO H 219 21.67 -24.89 92.49
CA PRO H 219 20.33 -24.39 92.83
C PRO H 219 19.54 -23.90 91.62
N ASN H 220 20.21 -23.57 90.51
CA ASN H 220 19.51 -23.09 89.32
C ASN H 220 18.79 -24.20 88.57
N VAL H 221 19.04 -25.46 88.87
CA VAL H 221 18.36 -26.55 88.18
C VAL H 221 16.92 -26.62 88.65
N GLY H 222 15.98 -26.68 87.71
CA GLY H 222 14.57 -26.68 87.98
C GLY H 222 13.90 -25.34 87.82
N LEU H 223 14.67 -24.25 87.81
CA LEU H 223 14.12 -22.92 87.59
C LEU H 223 13.81 -22.74 86.11
N LEU H 224 12.57 -22.37 85.80
CA LEU H 224 12.13 -22.19 84.42
C LEU H 224 12.77 -20.99 83.73
N SER H 225 13.40 -20.08 84.48
CA SER H 225 13.72 -18.76 84.00
C SER H 225 14.68 -18.79 82.80
N THR H 226 14.29 -18.10 81.73
CA THR H 226 15.15 -17.94 80.56
C THR H 226 16.36 -17.06 80.82
N GLU H 227 16.42 -16.35 81.95
CA GLU H 227 17.49 -15.41 82.23
C GLU H 227 18.85 -16.10 82.21
N GLU H 228 19.87 -15.36 81.77
CA GLU H 228 21.18 -15.94 81.56
C GLU H 228 21.76 -16.44 82.89
N PRO H 229 22.38 -17.63 82.93
CA PRO H 229 22.85 -18.16 84.22
C PRO H 229 24.08 -17.42 84.71
N SER H 230 23.86 -16.32 85.44
CA SER H 230 24.91 -15.32 85.63
C SER H 230 26.01 -15.79 86.58
N TYR H 231 25.65 -16.15 87.81
CA TYR H 231 26.66 -16.34 88.86
C TYR H 231 27.20 -17.77 88.93
N ASN H 232 26.34 -18.76 89.16
CA ASN H 232 26.79 -20.11 89.49
C ASN H 232 27.12 -20.89 88.21
N GLN H 233 28.18 -20.45 87.54
CA GLN H 233 28.67 -21.06 86.29
C GLN H 233 29.91 -21.90 86.58
N VAL H 234 29.72 -23.20 86.74
CA VAL H 234 30.83 -24.14 86.72
C VAL H 234 31.43 -24.13 85.32
N LYS H 235 32.73 -23.85 85.23
CA LYS H 235 33.43 -23.77 83.96
C LYS H 235 34.06 -25.13 83.64
N VAL H 236 33.60 -25.74 82.55
CA VAL H 236 34.18 -26.97 82.00
C VAL H 236 34.98 -26.56 80.78
N GLU H 237 36.29 -26.79 80.81
CA GLU H 237 37.22 -26.37 79.76
C GLU H 237 38.08 -27.57 79.37
N PRO H 238 38.17 -27.94 78.08
CA PRO H 238 39.08 -29.03 77.73
C PRO H 238 40.54 -28.64 77.94
N PHE H 239 41.35 -29.63 78.28
CA PHE H 239 42.78 -29.44 78.52
C PHE H 239 43.57 -30.32 77.56
N TYR H 240 43.19 -30.29 76.28
CA TYR H 240 43.91 -31.01 75.25
C TYR H 240 43.63 -30.34 73.91
N ASP H 241 44.44 -30.67 72.92
CA ASP H 241 44.26 -30.18 71.56
C ASP H 241 43.32 -31.13 70.82
N ALA H 242 42.11 -30.66 70.54
CA ALA H 242 41.12 -31.52 69.88
C ALA H 242 41.52 -31.82 68.44
N LYS H 243 42.25 -30.91 67.79
CA LYS H 243 42.64 -31.14 66.40
C LYS H 243 43.56 -32.33 66.24
N LYS H 244 44.42 -32.60 67.23
CA LYS H 244 45.33 -33.73 67.12
C LYS H 244 44.59 -35.06 67.12
N TYR H 245 43.40 -35.11 67.71
CA TYR H 245 42.60 -36.34 67.71
C TYR H 245 41.86 -36.58 66.41
N LYS H 246 41.78 -35.59 65.53
CA LYS H 246 41.09 -35.74 64.24
C LYS H 246 42.04 -36.25 63.15
N PHE H 247 42.70 -37.37 63.43
CA PHE H 247 43.54 -38.05 62.45
C PHE H 247 42.73 -39.13 61.74
N ARG H 248 43.18 -39.47 60.53
CA ARG H 248 42.51 -40.51 59.75
C ARG H 248 42.89 -41.89 60.30
N THR H 249 41.90 -42.75 60.44
CA THR H 249 42.09 -44.07 61.01
C THR H 249 42.34 -45.09 59.90
N MET H 250 42.55 -46.34 60.31
CA MET H 250 42.69 -47.47 59.39
C MET H 250 43.90 -47.33 58.47
N ARG H 251 44.93 -46.63 58.93
CA ARG H 251 46.21 -46.57 58.21
C ARG H 251 47.30 -46.41 59.27
N GLN H 252 47.90 -47.54 59.66
CA GLN H 252 48.97 -47.58 60.64
C GLN H 252 50.26 -48.01 59.94
N ASN H 253 51.21 -47.08 59.84
CA ASN H 253 52.54 -47.42 59.35
C ASN H 253 53.30 -48.10 60.47
N LEU H 254 53.89 -49.27 60.17
CA LEU H 254 54.63 -50.01 61.19
C LEU H 254 55.84 -49.23 61.66
N GLN H 255 56.49 -48.48 60.75
CA GLN H 255 57.64 -47.68 61.15
C GLN H 255 57.24 -46.58 62.13
N GLU H 256 56.09 -45.92 61.89
CA GLU H 256 55.64 -44.88 62.79
C GLU H 256 55.28 -45.46 64.16
N ALA H 257 54.62 -46.62 64.18
CA ALA H 257 54.29 -47.29 65.44
C ALA H 257 55.56 -47.62 66.21
N SER H 258 56.56 -48.17 65.52
CA SER H 258 57.81 -48.52 66.17
C SER H 258 58.55 -47.28 66.67
N ASP H 259 58.44 -46.16 65.93
CA ASP H 259 59.01 -44.91 66.39
C ASP H 259 58.36 -44.44 67.69
N VAL H 260 57.04 -44.56 67.79
CA VAL H 260 56.34 -44.19 69.02
C VAL H 260 56.82 -45.07 70.18
N LEU H 261 56.89 -46.38 69.94
CA LEU H 261 57.30 -47.31 70.99
C LEU H 261 58.73 -47.03 71.47
N ASP H 262 59.62 -46.69 70.54
CA ASP H 262 60.99 -46.35 70.93
C ASP H 262 61.06 -45.02 71.68
N ASP H 263 60.28 -44.03 71.24
CA ASP H 263 60.27 -42.74 71.91
C ASP H 263 59.76 -42.85 73.34
N GLN H 264 58.86 -43.79 73.60
CA GLN H 264 58.40 -44.00 74.98
C GLN H 264 59.56 -44.41 75.89
N ILE H 265 60.38 -45.37 75.44
CA ILE H 265 61.51 -45.82 76.24
C ILE H 265 62.51 -44.68 76.43
N GLU H 266 62.76 -43.90 75.37
CA GLU H 266 63.73 -42.81 75.50
C GLU H 266 63.24 -41.73 76.47
N SER H 267 61.95 -41.38 76.40
CA SER H 267 61.40 -40.38 77.32
C SER H 267 61.50 -40.85 78.76
N PHE H 268 61.19 -42.13 79.00
CA PHE H 268 61.32 -42.63 80.36
C PHE H 268 62.77 -42.64 80.81
N THR H 269 63.70 -42.95 79.90
CA THR H 269 65.12 -42.92 80.25
C THR H 269 65.53 -41.52 80.71
N LYS H 270 65.07 -40.49 80.00
CA LYS H 270 65.36 -39.12 80.43
C LYS H 270 64.75 -38.81 81.79
N ILE H 271 63.50 -39.25 82.02
CA ILE H 271 62.85 -39.00 83.31
C ILE H 271 63.63 -39.67 84.43
N ILE H 272 64.05 -40.91 84.22
CA ILE H 272 64.76 -41.68 85.25
C ILE H 272 66.11 -41.04 85.54
N GLN H 273 66.83 -40.62 84.47
CA GLN H 273 68.12 -39.98 84.64
C GLN H 273 68.00 -38.69 85.45
N ASN H 274 66.99 -37.88 85.14
CA ASN H 274 66.83 -36.63 85.90
C ASN H 274 66.39 -36.89 87.33
N HIS H 275 65.52 -37.88 87.55
CA HIS H 275 64.99 -38.11 88.90
C HIS H 275 66.08 -38.65 89.83
N TYR H 276 66.80 -39.68 89.40
CA TYR H 276 67.82 -40.29 90.24
C TYR H 276 69.20 -39.64 90.11
N LYS H 277 69.33 -38.58 89.30
CA LYS H 277 70.59 -37.86 89.13
C LYS H 277 71.71 -38.78 88.64
N LEU H 278 71.36 -39.69 87.74
CA LEU H 278 72.32 -40.62 87.15
C LEU H 278 73.00 -39.98 85.95
N SER H 279 74.25 -40.38 85.72
CA SER H 279 74.97 -39.93 84.54
C SER H 279 74.47 -40.68 83.30
N PRO H 280 74.60 -40.10 82.10
CA PRO H 280 74.30 -40.89 80.90
C PRO H 280 75.16 -42.12 80.74
N ASN H 281 76.42 -42.07 81.22
CA ASN H 281 77.29 -43.24 81.12
C ASN H 281 76.91 -44.35 82.09
N ASP H 282 76.07 -44.05 83.10
CA ASP H 282 75.61 -45.10 83.99
C ASP H 282 74.69 -46.08 83.26
N PHE H 283 74.01 -45.63 82.20
CA PHE H 283 73.17 -46.51 81.40
C PHE H 283 74.00 -47.24 80.36
N ALA H 284 73.71 -48.53 80.19
CA ALA H 284 74.45 -49.37 79.24
C ALA H 284 73.50 -50.41 78.68
N ASP H 285 73.97 -51.11 77.65
CA ASP H 285 73.17 -52.13 76.98
C ASP H 285 73.03 -53.35 77.89
N PRO H 286 71.81 -53.76 78.29
CA PRO H 286 71.70 -54.98 79.11
C PRO H 286 71.92 -56.27 78.32
N THR H 287 71.89 -56.23 76.99
CA THR H 287 72.08 -57.44 76.20
C THR H 287 73.55 -57.82 76.04
N ILE H 288 74.47 -56.89 76.32
CA ILE H 288 75.90 -57.14 76.21
C ILE H 288 76.41 -57.66 77.55
N GLN H 289 77.34 -58.60 77.51
CA GLN H 289 77.91 -59.15 78.74
C GLN H 289 78.68 -58.07 79.48
N SER H 290 78.42 -57.94 80.77
CA SER H 290 79.11 -56.98 81.62
C SER H 290 79.20 -57.53 83.04
N GLN H 291 80.41 -57.45 83.61
CA GLN H 291 80.62 -57.85 85.00
C GLN H 291 80.22 -56.75 85.98
N SER H 292 80.20 -55.50 85.55
CA SER H 292 79.80 -54.38 86.40
C SER H 292 78.29 -54.17 86.36
N GLU H 293 77.74 -53.75 87.48
CA GLU H 293 76.32 -53.41 87.52
C GLU H 293 76.05 -52.17 86.68
N ILE H 294 74.95 -52.21 85.93
CA ILE H 294 74.55 -51.14 85.03
C ILE H 294 73.08 -50.80 85.29
N TYR H 295 72.68 -49.63 84.81
CA TYR H 295 71.28 -49.24 84.76
C TYR H 295 70.74 -49.48 83.35
N ALA H 296 69.53 -50.01 83.28
CA ALA H 296 68.89 -50.35 82.00
C ALA H 296 67.42 -49.96 82.05
N VAL H 297 66.96 -49.29 81.00
CA VAL H 297 65.56 -48.91 80.82
C VAL H 297 65.05 -49.62 79.57
N GLY H 298 63.86 -50.21 79.68
CA GLY H 298 63.30 -50.91 78.56
C GLY H 298 61.84 -51.25 78.80
N ARG H 299 61.27 -51.98 77.86
CA ARG H 299 59.87 -52.38 77.87
C ARG H 299 59.78 -53.86 78.25
N ILE H 300 58.87 -54.18 79.17
CA ILE H 300 58.60 -55.57 79.51
C ILE H 300 57.92 -56.23 78.32
N VAL H 301 58.52 -57.32 77.84
CA VAL H 301 58.01 -58.08 76.69
C VAL H 301 58.14 -59.56 76.99
N PRO H 302 57.34 -60.41 76.33
CA PRO H 302 57.46 -61.85 76.60
C PRO H 302 58.77 -62.42 76.07
N ASP H 303 59.24 -63.48 76.72
CA ASP H 303 60.49 -64.11 76.29
C ASP H 303 60.34 -64.75 74.92
N SER H 304 59.16 -65.33 74.64
CA SER H 304 58.83 -65.94 73.35
C SER H 304 57.95 -64.99 72.54
N PRO H 305 58.26 -64.65 71.29
CA PRO H 305 57.30 -63.82 70.52
C PRO H 305 55.95 -64.50 70.26
N THR H 306 55.88 -65.83 70.34
CA THR H 306 54.65 -66.59 70.15
C THR H 306 54.05 -67.05 71.48
N TYR H 307 54.09 -66.19 72.50
CA TYR H 307 53.63 -66.59 73.83
C TYR H 307 52.13 -66.86 73.82
N ASP H 308 51.71 -67.74 74.74
CA ASP H 308 50.40 -68.39 74.71
C ASP H 308 49.49 -67.91 75.85
N LYS H 309 49.46 -66.60 76.08
CA LYS H 309 48.52 -65.84 76.91
C LYS H 309 48.80 -65.89 78.41
N PHE H 310 49.76 -66.69 78.89
CA PHE H 310 50.07 -66.80 80.32
C PHE H 310 51.53 -66.47 80.54
N LEU H 311 51.78 -65.41 81.31
CA LEU H 311 53.13 -64.95 81.61
C LEU H 311 53.41 -65.12 83.10
N ASN H 312 54.52 -65.78 83.40
CA ASN H 312 55.07 -65.93 84.74
C ASN H 312 56.31 -65.06 84.85
N PRO H 313 56.87 -64.89 86.07
CA PRO H 313 58.10 -64.07 86.18
C PRO H 313 59.28 -64.61 85.39
N GLU H 314 59.33 -65.91 85.11
CA GLU H 314 60.45 -66.51 84.39
C GLU H 314 60.38 -66.36 82.88
N SER H 315 59.25 -65.85 82.34
CA SER H 315 59.05 -65.72 80.89
C SER H 315 59.05 -64.26 80.45
N LEU H 316 59.68 -63.36 81.20
CA LEU H 316 59.71 -61.94 80.90
C LEU H 316 61.07 -61.55 80.33
N SER H 317 61.05 -60.69 79.32
CA SER H 317 62.24 -60.13 78.70
C SER H 317 62.12 -58.61 78.66
N LEU H 318 63.27 -57.95 78.53
CA LEU H 318 63.36 -56.49 78.47
C LEU H 318 63.77 -56.09 77.06
N GLU H 319 62.91 -55.35 76.38
CA GLU H 319 63.25 -54.76 75.08
C GLU H 319 63.84 -53.38 75.31
N THR H 320 64.99 -53.14 74.69
CA THR H 320 65.70 -51.87 74.80
C THR H 320 65.27 -50.93 73.68
N SER H 321 65.66 -49.66 73.81
CA SER H 321 65.46 -48.70 72.75
C SER H 321 66.50 -48.91 71.65
N ARG H 322 66.32 -48.19 70.53
CA ARG H 322 67.29 -48.26 69.46
C ARG H 322 68.64 -47.70 69.90
N MET H 323 68.64 -46.59 70.63
CA MET H 323 69.90 -46.01 71.11
C MET H 323 70.46 -46.82 72.27
N GLY H 324 69.60 -47.30 73.16
CA GLY H 324 70.08 -47.94 74.38
C GLY H 324 70.70 -49.31 74.15
N GLY H 325 70.04 -50.15 73.35
CA GLY H 325 70.52 -51.51 73.10
C GLY H 325 70.28 -52.03 71.70
N VAL H 326 70.06 -51.13 70.74
CA VAL H 326 69.80 -51.49 69.35
C VAL H 326 68.55 -52.37 69.28
N GLY H 327 67.57 -52.08 70.12
CA GLY H 327 66.29 -52.76 70.06
C GLY H 327 66.31 -54.24 70.38
N ARG H 328 67.40 -54.75 70.95
CA ARG H 328 67.50 -56.17 71.25
C ARG H 328 66.75 -56.51 72.53
N ARG H 329 66.36 -57.77 72.65
CA ARG H 329 65.65 -58.30 73.81
C ARG H 329 66.56 -59.23 74.60
N VAL H 330 66.47 -59.13 75.93
CA VAL H 330 67.25 -59.95 76.85
C VAL H 330 66.30 -60.56 77.88
N ARG H 331 66.46 -61.84 78.15
CA ARG H 331 65.66 -62.49 79.17
C ARG H 331 66.03 -61.93 80.55
N LEU H 332 65.02 -61.83 81.42
CA LEU H 332 65.17 -61.27 82.75
C LEU H 332 65.23 -62.40 83.78
N ASP H 333 66.27 -62.39 84.61
CA ASP H 333 66.38 -63.27 85.76
C ASP H 333 66.00 -62.46 86.99
N LEU H 334 64.78 -62.67 87.50
CA LEU H 334 64.24 -61.94 88.63
C LEU H 334 64.35 -62.72 89.94
N SER H 335 65.33 -63.61 90.03
CA SER H 335 65.47 -64.44 91.23
C SER H 335 65.84 -63.61 92.45
N GLN H 336 66.65 -62.56 92.26
CA GLN H 336 67.09 -61.73 93.38
C GLN H 336 66.06 -60.70 93.81
N VAL H 337 64.96 -60.56 93.07
CA VAL H 337 63.87 -59.64 93.42
C VAL H 337 62.81 -60.42 94.16
N ASN H 338 62.44 -59.93 95.35
CA ASN H 338 61.44 -60.59 96.19
C ASN H 338 60.03 -60.11 95.88
N GLU H 339 59.86 -58.82 95.60
CA GLU H 339 58.55 -58.21 95.35
C GLU H 339 58.58 -57.53 93.98
N LEU H 340 57.58 -57.82 93.15
CA LEU H 340 57.45 -57.16 91.86
C LEU H 340 56.01 -57.26 91.39
N SER H 341 55.66 -56.36 90.47
CA SER H 341 54.38 -56.41 89.76
C SER H 341 54.60 -55.82 88.38
N PHE H 342 54.64 -56.69 87.36
CA PHE H 342 54.93 -56.29 85.98
C PHE H 342 53.78 -56.68 85.06
N PHE H 343 53.69 -55.96 83.95
CA PHE H 343 52.69 -56.24 82.91
C PHE H 343 53.31 -55.93 81.56
N LEU H 344 52.68 -56.45 80.51
CA LEU H 344 53.21 -56.27 79.15
C LEU H 344 53.09 -54.82 78.71
N GLY H 345 54.11 -54.35 78.01
CA GLY H 345 54.18 -52.97 77.57
C GLY H 345 54.64 -52.00 78.62
N GLN H 346 54.86 -52.44 79.86
CA GLN H 346 55.33 -51.55 80.90
C GLN H 346 56.76 -51.12 80.61
N ILE H 347 57.00 -49.82 80.72
CA ILE H 347 58.36 -49.30 80.75
C ILE H 347 58.89 -49.43 82.17
N VAL H 348 60.10 -49.97 82.31
CA VAL H 348 60.69 -50.30 83.59
C VAL H 348 62.15 -49.86 83.60
N ALA H 349 62.71 -49.75 84.80
CA ALA H 349 64.11 -49.44 85.01
C ALA H 349 64.69 -50.40 86.03
N PHE H 350 65.85 -50.97 85.69
CA PHE H 350 66.50 -51.99 86.50
C PHE H 350 67.96 -51.63 86.71
N LYS H 351 68.46 -51.98 87.90
CA LYS H 351 69.90 -52.01 88.19
C LYS H 351 70.31 -53.47 88.28
N GLY H 352 71.25 -53.87 87.45
CA GLY H 352 71.63 -55.26 87.39
C GLY H 352 72.83 -55.47 86.50
N LYS H 353 73.08 -56.74 86.17
CA LYS H 353 74.23 -57.11 85.37
C LYS H 353 73.89 -58.31 84.50
N ASN H 354 74.57 -58.40 83.37
CA ASN H 354 74.50 -59.55 82.46
C ASN H 354 75.87 -60.22 82.51
N ALA H 355 76.01 -61.16 83.45
CA ALA H 355 77.32 -61.79 83.67
C ALA H 355 77.65 -62.81 82.60
N ASN H 356 76.66 -63.54 82.10
CA ASN H 356 76.86 -64.65 81.16
C ASN H 356 76.44 -64.33 79.73
N GLY H 357 75.75 -63.21 79.49
CA GLY H 357 75.32 -62.83 78.16
C GLY H 357 73.97 -63.38 77.75
N ASP H 358 73.36 -64.27 78.54
CA ASP H 358 72.08 -64.89 78.21
C ASP H 358 70.90 -64.21 78.89
N TYR H 359 71.01 -63.90 80.18
CA TYR H 359 69.94 -63.26 80.95
C TYR H 359 70.49 -62.10 81.74
N PHE H 360 69.71 -61.03 81.84
CA PHE H 360 70.06 -59.85 82.64
C PHE H 360 69.54 -60.05 84.06
N THR H 361 70.45 -60.24 85.00
CA THR H 361 70.08 -60.47 86.40
C THR H 361 69.75 -59.14 87.06
N VAL H 362 68.49 -58.97 87.47
CA VAL H 362 68.02 -57.73 88.09
C VAL H 362 68.32 -57.80 89.58
N ASN H 363 69.12 -56.85 90.06
CA ASN H 363 69.44 -56.74 91.48
C ASN H 363 68.43 -55.89 92.23
N SER H 364 67.96 -54.80 91.60
CA SER H 364 66.97 -53.92 92.22
C SER H 364 66.13 -53.29 91.11
N ILE H 365 64.84 -53.10 91.40
CA ILE H 365 63.95 -52.34 90.51
C ILE H 365 63.96 -50.89 90.97
N LEU H 366 64.17 -49.98 90.02
CA LEU H 366 64.07 -48.56 90.30
C LEU H 366 62.62 -48.14 90.13
N PRO H 367 61.91 -47.69 91.18
CA PRO H 367 60.53 -47.23 90.97
C PRO H 367 60.49 -45.99 90.10
N LEU H 368 59.58 -45.99 89.14
CA LEU H 368 59.44 -44.84 88.26
C LEU H 368 58.86 -43.67 89.06
N PRO H 369 59.35 -42.44 88.87
CA PRO H 369 58.80 -41.32 89.64
C PRO H 369 57.37 -41.00 89.21
N TYR H 370 56.53 -40.69 90.18
CA TYR H 370 55.17 -40.31 89.87
C TYR H 370 55.16 -38.90 89.26
N PRO H 371 54.20 -38.60 88.39
CA PRO H 371 54.13 -37.24 87.86
C PRO H 371 53.66 -36.26 88.93
N ASN H 372 53.97 -34.99 88.70
CA ASN H 372 53.57 -33.95 89.64
C ASN H 372 52.04 -33.83 89.66
N SER H 373 51.53 -33.12 90.70
CA SER H 373 50.11 -32.85 90.87
C SER H 373 49.76 -31.46 90.34
N PRO H 374 48.53 -31.21 89.90
CA PRO H 374 48.20 -29.87 89.41
C PRO H 374 48.09 -28.88 90.55
N VAL H 375 48.34 -27.61 90.21
CA VAL H 375 48.37 -26.52 91.18
C VAL H 375 47.61 -25.33 90.61
N SER H 376 47.20 -24.44 91.51
CA SER H 376 46.51 -23.22 91.16
C SER H 376 47.00 -22.08 92.06
N THR H 377 46.87 -20.86 91.55
CA THR H 377 47.22 -19.68 92.31
C THR H 377 46.12 -19.34 93.30
N SER H 378 46.45 -18.47 94.26
CA SER H 378 45.47 -18.04 95.25
C SER H 378 44.32 -17.29 94.60
N GLN H 379 44.63 -16.44 93.62
CA GLN H 379 43.60 -15.66 92.94
C GLN H 379 42.62 -16.56 92.19
N GLU H 380 43.14 -17.58 91.51
CA GLU H 380 42.26 -18.53 90.81
C GLU H 380 41.36 -19.26 91.77
N LEU H 381 41.92 -19.72 92.90
CA LEU H 381 41.10 -20.44 93.88
C LEU H 381 40.04 -19.54 94.48
N GLN H 382 40.37 -18.26 94.73
CA GLN H 382 39.37 -17.33 95.22
C GLN H 382 38.28 -17.09 94.20
N GLU H 383 38.64 -17.00 92.91
CA GLU H 383 37.63 -16.84 91.87
C GLU H 383 36.70 -18.05 91.80
N PHE H 384 37.27 -19.26 91.85
CA PHE H 384 36.44 -20.45 91.84
C PHE H 384 35.58 -20.56 93.10
N GLN H 385 36.07 -20.03 94.23
CA GLN H 385 35.25 -20.01 95.44
C GLN H 385 34.09 -19.02 95.29
N ALA H 386 34.33 -17.87 94.69
CA ALA H 386 33.25 -16.92 94.47
C ALA H 386 32.24 -17.44 93.47
N ASN H 387 32.66 -18.27 92.51
CA ASN H 387 31.74 -18.77 91.49
C ASN H 387 30.68 -19.68 92.10
N LEU H 388 31.07 -20.56 93.03
CA LEU H 388 30.14 -21.48 93.68
C LEU H 388 29.53 -20.92 94.97
N GLU H 389 29.90 -19.70 95.38
CA GLU H 389 29.39 -19.07 96.59
C GLU H 389 29.66 -19.93 97.82
N GLY H 390 30.80 -20.59 97.84
CA GLY H 390 31.18 -21.44 98.95
C GLY H 390 30.53 -22.81 98.98
N SER H 391 29.65 -23.11 98.02
CA SER H 391 28.99 -24.41 97.98
C SER H 391 29.90 -25.46 97.34
N SER H 392 29.57 -26.72 97.59
CA SER H 392 30.35 -27.83 97.07
C SER H 392 29.94 -28.17 95.65
N LEU H 393 30.93 -28.54 94.83
CA LEU H 393 30.67 -29.02 93.48
C LEU H 393 30.03 -30.40 93.54
N LYS H 394 29.12 -30.66 92.60
CA LYS H 394 28.48 -31.97 92.44
C LYS H 394 28.64 -32.41 91.00
N VAL H 395 29.23 -33.59 90.80
CA VAL H 395 29.45 -34.17 89.48
C VAL H 395 28.89 -35.59 89.50
N ILE H 396 28.10 -35.92 88.48
CA ILE H 396 27.56 -37.26 88.27
C ILE H 396 28.28 -37.88 87.09
N VAL H 397 28.66 -39.14 87.22
CA VAL H 397 29.39 -39.89 86.20
C VAL H 397 28.65 -41.18 85.92
N THR H 398 28.26 -41.38 84.65
CA THR H 398 27.61 -42.60 84.19
C THR H 398 28.43 -43.19 83.06
N CYS H 399 28.29 -44.50 82.86
CA CYS H 399 28.95 -45.20 81.76
C CYS H 399 27.99 -46.19 81.12
N GLY H 400 28.10 -46.31 79.80
CA GLY H 400 27.25 -47.20 79.05
C GLY H 400 27.58 -48.66 79.30
N PRO H 401 26.79 -49.58 78.76
CA PRO H 401 25.62 -49.39 77.89
C PRO H 401 24.42 -48.85 78.67
N TYR H 402 23.48 -48.18 78.00
CA TYR H 402 22.31 -47.59 78.62
C TYR H 402 21.02 -48.39 78.40
N PHE H 403 21.12 -49.57 77.80
CA PHE H 403 19.97 -50.48 77.66
C PHE H 403 20.48 -51.91 77.76
N ALA H 404 19.55 -52.82 78.05
CA ALA H 404 19.91 -54.20 78.30
C ALA H 404 20.38 -54.88 77.01
N ASN H 405 20.80 -56.14 77.14
CA ASN H 405 21.27 -56.93 76.00
C ASN H 405 20.14 -57.50 75.15
N ASP H 406 18.89 -57.49 75.65
CA ASP H 406 17.75 -58.09 74.97
C ASP H 406 16.72 -57.09 74.46
N ASN H 407 16.97 -55.79 74.63
CA ASN H 407 16.03 -54.77 74.15
C ASN H 407 16.78 -53.44 74.04
N PHE H 408 16.05 -52.42 73.60
CA PHE H 408 16.55 -51.05 73.45
C PHE H 408 15.71 -50.09 74.26
N SER H 409 15.22 -50.52 75.42
CA SER H 409 14.43 -49.68 76.30
C SER H 409 15.35 -48.73 77.07
N LEU H 410 15.01 -47.43 77.03
CA LEU H 410 15.71 -46.38 77.78
C LEU H 410 14.84 -45.85 78.92
N GLU H 411 13.99 -46.70 79.50
CA GLU H 411 13.15 -46.27 80.61
C GLU H 411 14.01 -45.92 81.82
N LEU H 412 15.02 -46.72 82.12
CA LEU H 412 15.89 -46.44 83.26
C LEU H 412 16.65 -45.13 83.05
N LEU H 413 17.12 -44.87 81.84
CA LEU H 413 17.80 -43.60 81.56
C LEU H 413 16.84 -42.42 81.71
N GLN H 414 15.59 -42.58 81.27
CA GLN H 414 14.61 -41.51 81.43
C GLN H 414 14.33 -41.22 82.90
N GLU H 415 14.17 -42.27 83.70
CA GLU H 415 13.98 -42.10 85.14
C GLU H 415 15.21 -41.43 85.77
N PHE H 416 16.40 -41.84 85.33
CA PHE H 416 17.62 -41.25 85.86
C PHE H 416 17.72 -39.77 85.52
N ILE H 417 17.35 -39.39 84.30
CA ILE H 417 17.42 -37.98 83.92
C ILE H 417 16.36 -37.17 84.67
N ASP H 418 15.18 -37.75 84.91
CA ASP H 418 14.18 -37.05 85.72
C ASP H 418 14.71 -36.82 87.14
N SER H 419 15.36 -37.83 87.72
CA SER H 419 15.97 -37.66 89.03
C SER H 419 17.07 -36.59 88.98
N ILE H 420 17.88 -36.60 87.92
CA ILE H 420 18.95 -35.61 87.74
C ILE H 420 18.36 -34.21 87.72
N ASN H 421 17.23 -34.03 87.04
CA ASN H 421 16.65 -32.71 86.87
C ASN H 421 15.88 -32.24 88.11
N ASN H 422 15.35 -33.16 88.92
CA ASN H 422 14.43 -32.79 90.00
C ASN H 422 14.95 -32.99 91.42
N GLU H 423 15.83 -33.98 91.66
CA GLU H 423 16.30 -34.30 93.01
C GLU H 423 17.80 -34.13 93.17
N VAL H 424 18.61 -34.72 92.28
CA VAL H 424 20.06 -34.68 92.44
C VAL H 424 20.58 -33.29 92.10
N LYS H 425 20.20 -32.76 90.94
CA LYS H 425 20.55 -31.42 90.49
C LYS H 425 22.07 -31.19 90.46
N PRO H 426 22.81 -31.97 89.68
CA PRO H 426 24.26 -31.79 89.63
C PRO H 426 24.66 -30.55 88.84
N HIS H 427 25.89 -30.09 89.10
CA HIS H 427 26.46 -29.04 88.27
C HIS H 427 26.92 -29.58 86.93
N VAL H 428 27.52 -30.79 86.92
CA VAL H 428 28.09 -31.40 85.74
C VAL H 428 27.67 -32.86 85.68
N LEU H 429 27.35 -33.33 84.46
CA LEU H 429 27.06 -34.72 84.18
C LEU H 429 28.07 -35.21 83.14
N ILE H 430 28.77 -36.30 83.46
CA ILE H 430 29.71 -36.93 82.54
C ILE H 430 29.11 -38.28 82.14
N MET H 431 28.91 -38.47 80.84
CA MET H 431 28.34 -39.70 80.29
C MET H 431 29.39 -40.35 79.38
N PHE H 432 29.86 -41.54 79.79
CA PHE H 432 30.74 -42.34 78.96
C PHE H 432 29.90 -43.26 78.07
N GLY H 433 30.39 -43.48 76.85
CA GLY H 433 29.79 -44.45 75.98
C GLY H 433 30.09 -45.87 76.43
N PRO H 434 29.66 -46.86 75.62
CA PRO H 434 28.95 -46.76 74.34
C PRO H 434 27.47 -46.44 74.48
N PHE H 435 26.97 -45.48 73.71
CA PHE H 435 25.54 -45.21 73.67
C PHE H 435 24.82 -46.25 72.83
N ILE H 436 25.36 -46.55 71.65
CA ILE H 436 24.92 -47.67 70.81
C ILE H 436 26.15 -48.57 70.65
N ASP H 437 26.19 -49.64 71.44
CA ASP H 437 27.29 -50.59 71.37
C ASP H 437 27.15 -51.44 70.11
N ILE H 438 28.14 -51.37 69.23
CA ILE H 438 28.08 -52.16 67.99
C ILE H 438 28.11 -53.65 68.29
N THR H 439 28.78 -54.06 69.38
CA THR H 439 28.83 -55.45 69.79
C THR H 439 27.60 -55.89 70.58
N HIS H 440 26.51 -55.11 70.56
CA HIS H 440 25.29 -55.51 71.23
C HIS H 440 24.75 -56.79 70.57
N PRO H 441 24.23 -57.76 71.35
CA PRO H 441 23.79 -59.03 70.71
C PRO H 441 22.73 -58.88 69.63
N LEU H 442 21.74 -58.00 69.83
CA LEU H 442 20.71 -57.82 68.82
C LEU H 442 21.28 -57.21 67.55
N ILE H 443 22.24 -56.29 67.68
CA ILE H 443 22.88 -55.72 66.49
C ILE H 443 23.75 -56.77 65.80
N ALA H 444 24.48 -57.56 66.58
CA ALA H 444 25.36 -58.57 65.99
C ALA H 444 24.55 -59.65 65.26
N SER H 445 23.41 -60.04 65.83
CA SER H 445 22.54 -61.04 65.21
C SER H 445 21.59 -60.45 64.18
N GLY H 446 21.51 -59.12 64.06
CA GLY H 446 20.58 -58.50 63.15
C GLY H 446 19.14 -58.48 63.60
N LYS H 447 18.85 -58.88 64.83
CA LYS H 447 17.48 -58.98 65.34
C LYS H 447 17.00 -57.67 65.96
N LEU H 448 17.11 -56.58 65.21
CA LEU H 448 16.64 -55.32 65.74
C LEU H 448 15.11 -55.27 65.70
N PRO H 449 14.43 -54.86 66.78
CA PRO H 449 12.97 -54.88 66.77
C PRO H 449 12.40 -53.68 66.01
N ASN H 450 11.12 -53.80 65.67
CA ASN H 450 10.37 -52.64 65.22
C ASN H 450 10.04 -51.75 66.40
N PHE H 451 10.07 -50.44 66.17
CA PHE H 451 9.85 -49.43 67.21
C PHE H 451 8.48 -48.80 66.97
N PRO H 452 7.39 -49.35 67.54
CA PRO H 452 6.06 -48.81 67.22
C PRO H 452 5.85 -47.38 67.67
N GLN H 453 6.65 -46.88 68.62
CA GLN H 453 6.49 -45.51 69.10
C GLN H 453 6.86 -44.46 68.05
N PHE H 454 7.59 -44.83 67.00
CA PHE H 454 8.05 -43.89 65.98
C PHE H 454 7.18 -44.00 64.74
N LYS H 455 6.75 -42.84 64.22
CA LYS H 455 6.00 -42.82 62.96
C LYS H 455 6.85 -43.36 61.81
N THR H 456 8.08 -42.88 61.69
CA THR H 456 9.04 -43.35 60.69
C THR H 456 10.11 -44.17 61.40
N GLN H 457 10.30 -45.40 60.96
CA GLN H 457 11.29 -46.26 61.60
C GLN H 457 12.69 -45.72 61.30
N PRO H 458 13.65 -45.92 62.21
CA PRO H 458 15.03 -45.55 61.87
C PRO H 458 15.57 -46.49 60.79
N LYS H 459 16.50 -45.95 60.00
CA LYS H 459 17.13 -46.70 58.92
C LYS H 459 18.59 -47.05 59.20
N THR H 460 19.26 -46.30 60.07
CA THR H 460 20.65 -46.54 60.46
C THR H 460 20.76 -46.42 61.97
N LEU H 461 21.89 -46.87 62.51
CA LEU H 461 22.12 -46.76 63.94
C LEU H 461 22.25 -45.31 64.38
N ASP H 462 22.73 -44.43 63.49
CA ASP H 462 22.76 -43.00 63.80
C ASP H 462 21.34 -42.45 63.95
N GLU H 463 20.46 -42.81 63.03
CA GLU H 463 19.05 -42.43 63.17
C GLU H 463 18.44 -43.07 64.41
N LEU H 464 18.89 -44.27 64.78
CA LEU H 464 18.39 -44.90 66.00
C LEU H 464 18.79 -44.08 67.23
N PHE H 465 20.03 -43.57 67.26
CA PHE H 465 20.40 -42.66 68.33
C PHE H 465 19.55 -41.41 68.30
N LEU H 466 19.33 -40.85 67.11
CA LEU H 466 18.59 -39.59 67.01
C LEU H 466 17.13 -39.75 67.43
N LYS H 467 16.58 -40.95 67.31
CA LYS H 467 15.19 -41.19 67.70
C LYS H 467 15.05 -41.64 69.16
N LEU H 468 16.04 -42.37 69.70
CA LEU H 468 15.97 -42.86 71.07
C LEU H 468 16.68 -41.96 72.07
N PHE H 469 17.95 -41.63 71.84
CA PHE H 469 18.74 -40.93 72.84
C PHE H 469 18.51 -39.42 72.81
N THR H 470 18.46 -38.83 71.62
CA THR H 470 18.42 -37.37 71.51
C THR H 470 17.19 -36.73 72.16
N PRO H 471 15.96 -37.25 72.01
CA PRO H 471 14.85 -36.65 72.78
C PRO H 471 15.05 -36.75 74.29
N ILE H 472 15.67 -37.83 74.77
CA ILE H 472 15.84 -38.02 76.20
C ILE H 472 16.93 -37.09 76.73
N LEU H 473 18.03 -36.96 76.00
CA LEU H 473 19.13 -36.11 76.47
C LEU H 473 18.75 -34.63 76.42
N LYS H 474 17.88 -34.22 75.50
CA LYS H 474 17.47 -32.83 75.42
C LYS H 474 16.67 -32.39 76.63
N THR H 475 16.06 -33.31 77.37
CA THR H 475 15.30 -32.97 78.56
C THR H 475 16.20 -32.62 79.75
N ILE H 476 17.51 -32.84 79.65
CA ILE H 476 18.42 -32.43 80.72
C ILE H 476 18.35 -30.92 80.85
N SER H 477 18.41 -30.44 82.10
CA SER H 477 18.27 -29.01 82.35
C SER H 477 19.43 -28.26 81.70
N PRO H 478 19.20 -27.07 81.12
CA PRO H 478 20.33 -26.34 80.50
C PRO H 478 21.38 -25.88 81.50
N HIS H 479 21.05 -25.82 82.79
CA HIS H 479 22.02 -25.46 83.81
C HIS H 479 22.96 -26.60 84.19
N ILE H 480 22.75 -27.81 83.66
CA ILE H 480 23.62 -28.96 83.91
C ILE H 480 24.55 -29.09 82.71
N GLN H 481 25.84 -28.87 82.93
CA GLN H 481 26.82 -29.05 81.86
C GLN H 481 27.03 -30.54 81.63
N THR H 482 26.71 -31.00 80.42
CA THR H 482 26.79 -32.41 80.07
C THR H 482 28.04 -32.66 79.24
N VAL H 483 28.86 -33.61 79.68
CA VAL H 483 30.06 -34.02 78.96
C VAL H 483 29.85 -35.44 78.44
N LEU H 484 30.03 -35.62 77.13
CA LEU H 484 29.91 -36.91 76.47
C LEU H 484 31.29 -37.34 75.99
N ILE H 485 31.67 -38.57 76.34
CA ILE H 485 32.96 -39.16 75.97
C ILE H 485 32.65 -40.43 75.19
N PRO H 486 33.15 -40.61 73.97
CA PRO H 486 32.78 -41.81 73.20
C PRO H 486 33.53 -43.05 73.68
N SER H 487 33.07 -44.19 73.17
CA SER H 487 33.75 -45.47 73.29
C SER H 487 34.18 -45.93 71.91
N THR H 488 35.21 -46.77 71.87
CA THR H 488 35.63 -47.35 70.60
C THR H 488 34.61 -48.36 70.05
N LYS H 489 33.65 -48.80 70.86
CA LYS H 489 32.56 -49.67 70.41
C LYS H 489 31.31 -48.90 70.01
N ASP H 490 31.33 -47.57 70.02
CA ASP H 490 30.13 -46.79 69.78
C ASP H 490 29.86 -46.72 68.28
N ALA H 491 28.65 -47.12 67.87
CA ALA H 491 28.28 -47.05 66.47
C ALA H 491 28.13 -45.62 65.97
N ILE H 492 27.86 -44.66 66.87
CA ILE H 492 27.69 -43.27 66.46
C ILE H 492 29.01 -42.57 66.17
N SER H 493 30.16 -43.20 66.45
CA SER H 493 31.48 -42.64 66.18
C SER H 493 32.12 -43.39 65.03
N ASN H 494 32.45 -42.66 63.95
CA ASN H 494 33.19 -43.24 62.84
C ASN H 494 34.68 -43.40 63.13
N HIS H 495 35.21 -42.65 64.11
CA HIS H 495 36.60 -42.81 64.53
C HIS H 495 36.67 -44.04 65.43
N ALA H 496 36.98 -45.18 64.83
CA ALA H 496 37.02 -46.47 65.52
C ALA H 496 38.46 -46.85 65.89
N ALA H 497 39.10 -46.04 66.74
CA ALA H 497 40.42 -46.40 67.24
C ALA H 497 40.74 -45.59 68.50
N TYR H 498 41.54 -46.18 69.38
CA TYR H 498 42.02 -45.52 70.58
C TYR H 498 43.44 -45.00 70.34
N PRO H 499 43.75 -43.70 70.46
CA PRO H 499 42.92 -42.56 70.92
C PRO H 499 41.84 -42.19 69.90
N GLN H 500 40.73 -41.65 70.37
CA GLN H 500 39.50 -41.48 69.59
C GLN H 500 39.07 -40.03 69.59
N ALA H 501 38.57 -39.57 68.44
CA ALA H 501 38.06 -38.21 68.33
C ALA H 501 36.72 -38.07 69.04
N SER H 502 36.35 -36.83 69.33
CA SER H 502 35.10 -36.55 70.00
C SER H 502 33.91 -36.81 69.08
N LEU H 503 32.76 -37.03 69.69
CA LEU H 503 31.52 -37.13 68.93
C LEU H 503 31.18 -35.77 68.31
N ILE H 504 30.45 -35.82 67.20
CA ILE H 504 30.05 -34.61 66.47
C ILE H 504 28.71 -34.20 67.07
N ARG H 505 28.73 -33.14 67.89
CA ARG H 505 27.54 -32.72 68.62
C ARG H 505 26.41 -32.32 67.69
N LYS H 506 26.73 -31.63 66.60
CA LYS H 506 25.70 -31.21 65.65
C LYS H 506 25.03 -32.41 64.99
N ALA H 507 25.82 -33.45 64.68
CA ALA H 507 25.24 -34.65 64.08
C ALA H 507 24.29 -35.36 65.03
N LEU H 508 24.55 -35.27 66.35
CA LEU H 508 23.63 -35.77 67.36
C LEU H 508 22.52 -34.79 67.71
N GLN H 509 22.51 -33.60 67.10
CA GLN H 509 21.44 -32.60 67.26
C GLN H 509 21.30 -32.13 68.71
N LEU H 510 22.41 -32.18 69.51
CA LEU H 510 22.34 -31.80 70.91
C LEU H 510 22.63 -30.29 71.05
N PRO H 511 22.03 -29.60 72.03
CA PRO H 511 22.24 -28.14 72.13
C PRO H 511 23.67 -27.78 72.51
N LYS H 512 24.16 -26.69 71.91
CA LYS H 512 25.52 -26.23 72.18
C LYS H 512 25.68 -25.65 73.59
N ARG H 513 24.57 -25.22 74.21
CA ARG H 513 24.66 -24.45 75.44
C ARG H 513 25.26 -25.27 76.59
N ASN H 514 24.87 -26.55 76.69
CA ASN H 514 25.18 -27.37 77.86
C ASN H 514 25.70 -28.76 77.54
N PHE H 515 25.93 -29.10 76.27
CA PHE H 515 26.54 -30.36 75.87
C PHE H 515 27.91 -30.09 75.26
N LYS H 516 28.92 -30.83 75.73
CA LYS H 516 30.27 -30.77 75.20
C LYS H 516 30.74 -32.19 74.90
N CYS H 517 31.13 -32.42 73.66
CA CYS H 517 31.66 -33.72 73.24
C CYS H 517 33.18 -33.68 73.33
N MET H 518 33.75 -34.60 74.11
CA MET H 518 35.17 -34.67 74.36
C MET H 518 35.75 -35.94 73.74
N ALA H 519 37.07 -35.93 73.56
CA ALA H 519 37.77 -37.07 72.99
C ALA H 519 37.80 -38.21 74.02
N ASN H 520 38.44 -39.32 73.62
CA ASN H 520 38.70 -40.46 74.49
C ASN H 520 40.14 -40.92 74.26
N PRO H 521 41.09 -40.70 75.19
CA PRO H 521 40.95 -40.14 76.54
C PRO H 521 40.79 -38.62 76.47
N SER H 522 40.24 -38.01 77.52
CA SER H 522 40.05 -36.57 77.59
C SER H 522 40.54 -36.06 78.93
N SER H 523 41.31 -34.97 78.89
CA SER H 523 41.70 -34.22 80.06
C SER H 523 41.03 -32.85 80.00
N PHE H 524 40.19 -32.56 80.99
CA PHE H 524 39.45 -31.31 81.06
C PHE H 524 39.38 -30.86 82.51
N GLN H 525 39.13 -29.56 82.68
CA GLN H 525 39.16 -28.90 83.98
C GLN H 525 37.76 -28.42 84.35
N ILE H 526 37.30 -28.83 85.54
CA ILE H 526 36.07 -28.32 86.14
C ILE H 526 36.51 -27.43 87.30
N ASN H 527 36.34 -26.12 87.12
CA ASN H 527 36.81 -25.10 88.06
C ASN H 527 38.31 -25.30 88.24
N GLU H 528 38.82 -25.61 89.44
CA GLU H 528 40.23 -25.92 89.64
C GLU H 528 40.57 -27.39 89.42
N ILE H 529 39.58 -28.27 89.34
CA ILE H 529 39.82 -29.71 89.43
C ILE H 529 40.10 -30.25 88.04
N TYR H 530 41.20 -30.99 87.92
CA TYR H 530 41.60 -31.62 86.66
C TYR H 530 41.07 -33.05 86.62
N PHE H 531 40.24 -33.33 85.63
CA PHE H 531 39.67 -34.66 85.42
C PHE H 531 40.41 -35.37 84.29
N GLY H 532 40.81 -36.62 84.54
CA GLY H 532 41.39 -37.47 83.53
C GLY H 532 40.48 -38.64 83.20
N CYS H 533 39.99 -38.68 81.97
CA CYS H 533 38.98 -39.64 81.54
C CYS H 533 39.49 -40.48 80.38
N SER H 534 39.27 -41.79 80.46
CA SER H 534 39.64 -42.73 79.40
C SER H 534 38.60 -43.82 79.35
N ASN H 535 37.89 -43.93 78.22
CA ASN H 535 36.84 -44.94 78.04
C ASN H 535 37.39 -46.21 77.41
N VAL H 536 38.46 -46.75 78.00
CA VAL H 536 38.97 -48.08 77.67
C VAL H 536 39.21 -48.81 78.99
N ASP H 537 38.92 -50.11 79.00
CA ASP H 537 38.90 -50.90 80.22
C ASP H 537 40.32 -51.32 80.59
N THR H 538 41.08 -50.34 81.09
CA THR H 538 42.46 -50.63 81.49
C THR H 538 42.51 -51.56 82.68
N PHE H 539 41.56 -51.43 83.62
CA PHE H 539 41.59 -52.24 84.83
C PHE H 539 41.36 -53.72 84.51
N LYS H 540 40.42 -54.03 83.60
CA LYS H 540 40.23 -55.42 83.20
C LYS H 540 41.39 -55.91 82.36
N ASP H 541 41.86 -55.09 81.42
CA ASP H 541 42.83 -55.56 80.44
C ASP H 541 44.21 -55.78 81.05
N LEU H 542 44.60 -54.96 82.03
CA LEU H 542 45.95 -55.04 82.57
C LEU H 542 46.08 -56.31 83.41
N LYS H 543 46.83 -57.28 82.89
CA LYS H 543 47.13 -58.52 83.60
C LYS H 543 48.53 -58.42 84.17
N GLU H 544 48.65 -58.55 85.49
CA GLU H 544 49.90 -58.37 86.20
C GLU H 544 50.59 -59.71 86.45
N VAL H 545 51.91 -59.72 86.28
CA VAL H 545 52.77 -60.80 86.74
C VAL H 545 53.34 -60.36 88.08
N ILE H 546 52.94 -61.06 89.16
CA ILE H 546 53.26 -60.66 90.53
C ILE H 546 54.12 -61.73 91.19
N LYS H 547 54.93 -61.27 92.14
CA LYS H 547 55.74 -62.16 92.99
C LYS H 547 55.84 -61.53 94.36
N GLY H 548 55.86 -62.36 95.39
CA GLY H 548 56.05 -61.91 96.76
C GLY H 548 54.73 -61.79 97.51
N GLY H 549 54.82 -61.97 98.84
CA GLY H 549 53.62 -61.93 99.65
C GLY H 549 53.05 -60.54 99.82
N THR H 550 53.92 -59.54 100.01
CA THR H 550 53.45 -58.18 100.24
C THR H 550 52.72 -57.63 99.02
N THR H 551 53.26 -57.86 97.82
CA THR H 551 52.59 -57.40 96.61
C THR H 551 51.26 -58.11 96.40
N SER H 552 51.21 -59.41 96.66
CA SER H 552 49.97 -60.16 96.46
C SER H 552 48.91 -59.78 97.47
N SER H 553 49.30 -59.41 98.69
CA SER H 553 48.33 -59.03 99.71
C SER H 553 47.65 -57.70 99.39
N ARG H 554 48.27 -56.84 98.60
CA ARG H 554 47.71 -55.54 98.29
C ARG H 554 46.58 -55.68 97.26
N TYR H 555 45.65 -54.74 97.29
CA TYR H 555 44.51 -54.77 96.38
C TYR H 555 44.99 -54.55 94.95
N ARG H 556 44.45 -55.34 94.02
CA ARG H 556 44.94 -55.33 92.64
C ARG H 556 44.70 -53.97 91.98
N LEU H 557 43.52 -53.41 92.17
CA LEU H 557 43.17 -52.17 91.46
C LEU H 557 44.03 -51.01 91.92
N ASP H 558 44.50 -51.03 93.17
CA ASP H 558 45.50 -50.05 93.60
C ASP H 558 46.77 -50.17 92.78
N ARG H 559 47.25 -51.40 92.58
CA ARG H 559 48.47 -51.59 91.81
C ARG H 559 48.27 -51.18 90.35
N VAL H 560 47.09 -51.48 89.78
CA VAL H 560 46.82 -51.07 88.41
C VAL H 560 46.77 -49.55 88.29
N SER H 561 46.14 -48.88 89.26
CA SER H 561 46.10 -47.42 89.25
C SER H 561 47.51 -46.85 89.36
N GLU H 562 48.35 -47.44 90.22
CA GLU H 562 49.73 -46.98 90.32
C GLU H 562 50.50 -47.22 89.04
N HIS H 563 50.24 -48.33 88.35
CA HIS H 563 50.86 -48.56 87.05
C HIS H 563 50.44 -47.49 86.05
N ILE H 564 49.16 -47.13 86.06
CA ILE H 564 48.67 -46.07 85.18
C ILE H 564 49.35 -44.74 85.49
N LEU H 565 49.50 -44.42 86.78
CA LEU H 565 50.10 -43.14 87.14
C LEU H 565 51.60 -43.13 86.84
N GLN H 566 52.31 -44.21 87.15
CA GLN H 566 53.75 -44.26 86.89
C GLN H 566 54.05 -44.23 85.40
N GLN H 567 53.29 -44.98 84.60
CA GLN H 567 53.52 -44.97 83.16
C GLN H 567 53.07 -43.67 82.51
N ARG H 568 52.24 -42.87 83.21
CA ARG H 568 51.78 -41.58 82.71
C ARG H 568 50.95 -41.71 81.43
N ARG H 569 50.28 -42.85 81.25
CA ARG H 569 49.39 -43.08 80.12
C ARG H 569 48.16 -43.82 80.62
N TYR H 570 46.99 -43.46 80.09
CA TYR H 570 45.74 -44.04 80.58
C TYR H 570 45.64 -45.52 80.25
N TYR H 571 46.21 -45.96 79.13
CA TYR H 571 46.19 -47.36 78.70
C TYR H 571 47.62 -47.79 78.38
N PRO H 572 48.42 -48.10 79.40
CA PRO H 572 49.83 -48.43 79.15
C PRO H 572 50.10 -49.84 78.64
N ILE H 573 49.08 -50.62 78.33
CA ILE H 573 49.27 -52.00 77.90
C ILE H 573 49.66 -52.02 76.44
N PHE H 574 50.62 -52.88 76.08
CA PHE H 574 50.98 -53.12 74.69
C PHE H 574 51.48 -54.55 74.55
N PRO H 575 50.98 -55.36 73.58
CA PRO H 575 49.89 -55.13 72.63
C PRO H 575 48.56 -55.02 73.37
N GLY H 576 47.58 -54.30 72.81
CA GLY H 576 46.32 -54.13 73.49
C GLY H 576 45.57 -55.44 73.64
N SER H 577 44.60 -55.43 74.54
CA SER H 577 43.78 -56.62 74.78
C SER H 577 42.93 -56.92 73.55
N ILE H 578 42.60 -58.20 73.40
CA ILE H 578 41.67 -58.66 72.36
C ILE H 578 40.69 -59.63 73.01
N ARG H 579 39.47 -59.64 72.47
CA ARG H 579 38.42 -60.58 72.86
C ARG H 579 38.13 -61.50 71.69
N THR H 580 38.18 -62.81 71.93
CA THR H 580 37.96 -63.81 70.91
C THR H 580 36.92 -64.82 71.40
N ARG H 581 36.21 -65.41 70.45
CA ARG H 581 35.27 -66.49 70.70
C ARG H 581 35.63 -67.69 69.83
N ILE H 582 35.15 -68.86 70.25
CA ILE H 582 35.34 -70.09 69.49
C ILE H 582 34.38 -70.08 68.31
N TYR H 604 39.60 -69.65 66.47
CA TYR H 604 39.09 -68.48 67.20
C TYR H 604 38.75 -67.35 66.25
N GLU H 605 37.66 -66.64 66.55
CA GLU H 605 37.21 -65.48 65.79
C GLU H 605 37.41 -64.22 66.63
N HIS H 606 37.98 -63.19 66.02
CA HIS H 606 38.17 -61.92 66.71
C HIS H 606 36.83 -61.21 66.84
N ILE H 607 36.52 -60.73 68.06
CA ILE H 607 35.29 -60.00 68.34
C ILE H 607 35.61 -58.51 68.46
N SER H 608 36.45 -58.15 69.43
CA SER H 608 36.72 -56.75 69.76
C SER H 608 38.05 -56.67 70.49
N GLY H 609 38.46 -55.46 70.81
CA GLY H 609 39.68 -55.24 71.56
C GLY H 609 39.81 -53.78 71.94
N ALA H 610 41.00 -53.44 72.45
CA ALA H 610 41.28 -52.04 72.74
C ALA H 610 41.32 -51.20 71.47
N ASP H 611 41.68 -51.81 70.34
CA ASP H 611 41.70 -51.15 69.03
C ASP H 611 42.64 -49.95 69.05
N LEU H 612 43.91 -50.23 69.34
CA LEU H 612 44.91 -49.19 69.49
C LEU H 612 45.48 -48.79 68.13
N ASP H 613 45.46 -47.49 67.85
CA ASP H 613 46.23 -46.92 66.75
C ASP H 613 47.59 -46.55 67.34
N VAL H 614 48.60 -47.40 67.07
CA VAL H 614 49.85 -47.30 67.80
C VAL H 614 50.59 -46.02 67.44
N SER H 615 50.44 -45.51 66.22
CA SER H 615 51.17 -44.32 65.80
C SER H 615 50.76 -43.07 66.56
N TYR H 616 49.60 -43.07 67.22
CA TYR H 616 49.06 -41.90 67.91
C TYR H 616 48.95 -42.08 69.42
N LEU H 617 49.65 -43.08 70.00
CA LEU H 617 49.53 -43.32 71.43
C LEU H 617 50.10 -42.20 72.28
N GLY H 618 50.84 -41.25 71.70
CA GLY H 618 51.27 -40.08 72.47
C GLY H 618 50.11 -39.26 72.99
N LEU H 619 48.96 -39.29 72.30
CA LEU H 619 47.78 -38.59 72.77
C LEU H 619 47.13 -39.25 73.97
N THR H 620 47.51 -40.48 74.32
CA THR H 620 46.99 -41.15 75.51
C THR H 620 47.76 -40.82 76.78
N GLU H 621 48.83 -40.03 76.69
CA GLU H 621 49.59 -39.65 77.86
C GLU H 621 48.88 -38.55 78.65
N PHE H 622 49.27 -38.41 79.91
CA PHE H 622 48.73 -37.32 80.73
C PHE H 622 49.16 -35.98 80.13
N VAL H 623 48.20 -35.08 79.98
CA VAL H 623 48.46 -33.80 79.33
C VAL H 623 49.12 -32.86 80.34
N GLY H 624 50.19 -32.20 79.91
CA GLY H 624 50.94 -31.31 80.76
C GLY H 624 51.96 -31.98 81.67
N GLY H 625 52.03 -33.31 81.65
CA GLY H 625 53.01 -34.01 82.46
C GLY H 625 52.67 -34.15 83.93
N PHE H 626 51.41 -33.90 84.32
CA PHE H 626 50.96 -34.05 85.70
C PHE H 626 49.75 -34.96 85.74
N SER H 627 49.57 -35.62 86.89
CA SER H 627 48.44 -36.52 87.07
C SER H 627 47.14 -35.73 87.18
N PRO H 628 46.00 -36.35 86.90
CA PRO H 628 44.72 -35.67 87.18
C PRO H 628 44.39 -35.73 88.67
N ASP H 629 43.60 -34.75 89.11
CA ASP H 629 43.08 -34.78 90.47
C ASP H 629 42.12 -35.96 90.64
N ILE H 630 41.26 -36.18 89.65
CA ILE H 630 40.30 -37.28 89.64
C ILE H 630 40.48 -38.03 88.32
N MET H 631 40.74 -39.33 88.42
CA MET H 631 40.89 -40.20 87.25
C MET H 631 39.67 -41.12 87.17
N ILE H 632 39.03 -41.12 86.02
CA ILE H 632 37.83 -41.93 85.75
C ILE H 632 38.17 -42.85 84.59
N ILE H 633 38.16 -44.15 84.83
CA ILE H 633 38.37 -45.16 83.81
C ILE H 633 37.25 -46.19 84.01
N PRO H 634 36.14 -46.15 83.25
CA PRO H 634 35.11 -47.17 83.43
C PRO H 634 35.63 -48.56 83.11
N SER H 635 35.12 -49.55 83.84
CA SER H 635 35.53 -50.94 83.70
C SER H 635 34.34 -51.86 83.90
N GLU H 636 34.40 -53.03 83.25
CA GLU H 636 33.39 -54.05 83.47
C GLU H 636 33.47 -54.65 84.88
N LEU H 637 34.59 -54.47 85.57
CA LEU H 637 34.74 -54.98 86.93
C LEU H 637 33.82 -54.23 87.88
N GLN H 638 33.84 -54.63 89.15
CA GLN H 638 32.99 -54.00 90.15
C GLN H 638 33.37 -52.53 90.34
N HIS H 639 32.35 -51.69 90.45
CA HIS H 639 32.53 -50.27 90.74
C HIS H 639 33.34 -50.06 92.01
N PHE H 640 34.18 -49.03 92.01
CA PHE H 640 34.94 -48.64 93.18
C PHE H 640 35.28 -47.16 93.10
N ALA H 641 35.67 -46.62 94.25
CA ALA H 641 36.24 -45.27 94.34
C ALA H 641 37.34 -45.31 95.38
N ARG H 642 38.54 -44.85 95.00
CA ARG H 642 39.72 -45.00 95.84
C ARG H 642 40.67 -43.83 95.63
N VAL H 643 41.51 -43.60 96.64
CA VAL H 643 42.59 -42.62 96.59
C VAL H 643 43.90 -43.39 96.42
N VAL H 644 44.58 -43.15 95.30
CA VAL H 644 45.85 -43.80 94.99
C VAL H 644 46.86 -42.70 94.66
N GLN H 645 47.81 -42.48 95.56
CA GLN H 645 48.84 -41.44 95.42
C GLN H 645 48.22 -40.07 95.16
N ASN H 646 47.29 -39.70 96.04
CA ASN H 646 46.62 -38.40 96.04
C ASN H 646 45.76 -38.17 94.80
N VAL H 647 45.42 -39.22 94.07
CA VAL H 647 44.53 -39.15 92.91
C VAL H 647 43.29 -39.99 93.23
N VAL H 648 42.12 -39.38 93.09
CA VAL H 648 40.86 -40.10 93.30
C VAL H 648 40.58 -40.91 92.04
N VAL H 649 40.66 -42.24 92.15
CA VAL H 649 40.44 -43.15 91.03
C VAL H 649 39.05 -43.74 91.18
N ILE H 650 38.24 -43.62 90.12
CA ILE H 650 36.82 -43.97 90.15
C ILE H 650 36.53 -44.88 88.97
N ASN H 651 35.85 -45.99 89.24
CA ASN H 651 35.17 -46.80 88.23
C ASN H 651 33.69 -46.73 88.51
N PRO H 652 32.89 -45.94 87.77
CA PRO H 652 31.46 -45.84 88.10
C PRO H 652 30.69 -47.14 87.90
N GLY H 653 31.23 -48.09 87.14
CA GLY H 653 30.50 -49.28 86.79
C GLY H 653 29.56 -49.02 85.64
N ARG H 654 28.93 -50.09 85.17
CA ARG H 654 27.97 -49.98 84.09
C ARG H 654 26.67 -49.37 84.59
N PHE H 655 26.02 -48.58 83.74
CA PHE H 655 24.76 -47.95 84.11
C PHE H 655 23.65 -48.99 84.25
N ILE H 656 23.63 -49.99 83.36
CA ILE H 656 22.63 -51.06 83.38
C ILE H 656 23.36 -52.38 83.14
N ARG H 657 22.91 -53.42 83.82
CA ARG H 657 23.48 -54.75 83.64
C ARG H 657 22.92 -55.39 82.37
N ALA H 658 23.56 -56.48 81.95
CA ALA H 658 23.14 -57.19 80.74
C ALA H 658 21.73 -57.76 80.88
N THR H 659 21.34 -58.15 82.09
CA THR H 659 20.02 -58.74 82.32
C THR H 659 18.92 -57.70 82.41
N GLY H 660 19.24 -56.40 82.36
CA GLY H 660 18.26 -55.35 82.56
C GLY H 660 18.16 -54.84 83.99
N ASN H 661 18.86 -55.47 84.93
CA ASN H 661 18.87 -54.98 86.30
C ASN H 661 19.66 -53.68 86.39
N ARG H 662 19.40 -52.93 87.45
CA ARG H 662 20.06 -51.64 87.64
C ARG H 662 21.55 -51.83 87.89
N GLY H 663 22.36 -51.00 87.23
CA GLY H 663 23.80 -51.01 87.41
C GLY H 663 24.23 -50.02 88.48
N SER H 664 25.17 -49.13 88.15
CA SER H 664 25.62 -48.13 89.11
C SER H 664 26.14 -46.89 88.38
N TYR H 665 26.13 -45.77 89.12
CA TYR H 665 26.78 -44.54 88.69
C TYR H 665 27.48 -43.94 89.90
N ALA H 666 28.38 -42.99 89.63
CA ALA H 666 29.19 -42.35 90.65
C ALA H 666 28.72 -40.90 90.83
N GLN H 667 28.49 -40.53 92.09
CA GLN H 667 28.21 -39.16 92.48
C GLN H 667 29.42 -38.62 93.22
N ILE H 668 30.03 -37.56 92.68
CA ILE H 668 31.24 -36.96 93.22
C ILE H 668 30.85 -35.62 93.83
N THR H 669 31.06 -35.49 95.13
CA THR H 669 30.96 -34.21 95.84
C THR H 669 32.36 -33.76 96.19
N VAL H 670 32.73 -32.56 95.72
CA VAL H 670 34.01 -31.94 96.04
C VAL H 670 33.72 -30.64 96.77
N GLN H 671 34.26 -30.51 97.99
CA GLN H 671 34.09 -29.27 98.72
C GLN H 671 34.85 -28.14 98.02
N CYS H 672 34.40 -26.92 98.28
CA CYS H 672 34.96 -25.74 97.65
C CYS H 672 36.39 -25.52 98.13
N PRO H 673 37.30 -25.03 97.28
CA PRO H 673 38.66 -24.72 97.77
C PRO H 673 38.66 -23.49 98.67
N ASP H 674 39.16 -23.67 99.89
CA ASP H 674 39.24 -22.62 100.90
C ASP H 674 40.69 -22.50 101.33
N LEU H 675 41.24 -21.28 101.24
CA LEU H 675 42.63 -21.07 101.63
C LEU H 675 42.83 -21.10 103.15
N GLU H 676 41.76 -21.03 103.94
CA GLU H 676 41.85 -20.90 105.39
C GLU H 676 41.62 -22.20 106.15
N ASP H 677 41.05 -23.22 105.52
CA ASP H 677 40.70 -24.44 106.25
C ASP H 677 41.87 -25.41 106.42
N GLY H 678 43.00 -25.18 105.74
CA GLY H 678 44.16 -26.03 105.87
C GLY H 678 44.16 -27.28 105.01
N LYS H 679 43.09 -27.53 104.25
CA LYS H 679 43.06 -28.71 103.38
C LYS H 679 43.95 -28.54 102.15
N LEU H 680 44.27 -27.30 101.77
CA LEU H 680 45.18 -27.02 100.68
C LEU H 680 46.61 -26.89 101.20
N THR H 681 47.57 -27.42 100.43
CA THR H 681 48.97 -27.40 100.78
C THR H 681 49.68 -26.32 99.95
N LEU H 682 50.31 -25.38 100.63
CA LEU H 682 51.05 -24.32 99.96
C LEU H 682 52.40 -24.86 99.49
N VAL H 683 52.71 -24.61 98.21
CA VAL H 683 54.00 -24.94 97.61
C VAL H 683 54.74 -23.62 97.43
N GLU H 684 55.91 -23.51 98.06
CA GLU H 684 56.65 -22.25 98.06
C GLU H 684 57.44 -22.09 96.76
N GLY H 685 57.43 -20.87 96.24
CA GLY H 685 58.14 -20.59 95.01
C GLY H 685 58.16 -19.11 94.73
N GLU H 686 58.50 -18.77 93.48
CA GLU H 686 58.47 -17.37 93.07
C GLU H 686 57.06 -16.80 93.16
N GLU H 687 56.07 -17.53 92.66
CA GLU H 687 54.65 -17.22 92.81
C GLU H 687 54.01 -18.30 93.67
N PRO H 688 53.42 -18.02 94.84
CA PRO H 688 52.90 -19.13 95.66
C PRO H 688 51.71 -19.82 95.00
N VAL H 689 51.82 -21.14 94.89
CA VAL H 689 50.79 -21.99 94.31
C VAL H 689 50.40 -23.04 95.34
N TYR H 690 49.21 -23.60 95.17
CA TYR H 690 48.58 -24.50 96.13
C TYR H 690 48.25 -25.83 95.47
N LEU H 691 48.62 -26.93 96.13
CA LEU H 691 48.11 -28.23 95.72
C LEU H 691 46.62 -28.31 96.04
N HIS H 692 45.86 -28.87 95.10
CA HIS H 692 44.41 -28.89 95.26
C HIS H 692 43.99 -29.82 96.38
N ASN H 693 44.65 -30.97 96.51
CA ASN H 693 44.32 -31.97 97.53
C ASN H 693 42.86 -32.36 97.46
N VAL H 694 42.41 -32.67 96.25
CA VAL H 694 41.01 -33.04 96.03
C VAL H 694 40.65 -34.30 96.80
N TRP H 695 41.61 -35.20 96.99
CA TRP H 695 41.33 -36.43 97.72
C TRP H 695 40.99 -36.18 99.18
N LYS H 696 41.51 -35.10 99.76
CA LYS H 696 41.14 -34.74 101.13
C LYS H 696 39.74 -34.16 101.21
N ARG H 697 39.25 -33.51 100.14
CA ARG H 697 38.02 -32.73 100.15
C ARG H 697 37.02 -33.23 99.11
N ALA H 698 37.09 -34.50 98.71
CA ALA H 698 36.17 -35.11 97.76
C ALA H 698 35.48 -36.31 98.39
N ARG H 699 34.16 -36.40 98.18
CA ARG H 699 33.36 -37.57 98.49
C ARG H 699 32.86 -38.16 97.18
N VAL H 700 32.99 -39.48 97.05
CA VAL H 700 32.50 -40.23 95.88
C VAL H 700 31.53 -41.28 96.39
N ASP H 701 30.29 -41.22 95.91
CA ASP H 701 29.25 -42.18 96.26
C ASP H 701 28.89 -42.99 95.01
N LEU H 702 29.00 -44.31 95.14
CA LEU H 702 28.58 -45.23 94.08
C LEU H 702 27.14 -45.64 94.35
N ILE H 703 26.23 -45.25 93.46
CA ILE H 703 24.79 -45.30 93.69
C ILE H 703 24.15 -46.16 92.61
N ALA H 704 23.16 -46.95 93.01
CA ALA H 704 22.43 -47.76 92.05
C ALA H 704 21.70 -46.85 91.05
N SER H 705 21.75 -47.23 89.78
CA SER H 705 21.20 -46.40 88.71
C SER H 705 19.68 -46.36 88.76
N MET I 1 -20.52 -13.42 54.00
CA MET I 1 -19.61 -13.72 55.14
C MET I 1 -19.53 -12.49 56.04
N TYR I 2 -18.90 -12.63 57.20
CA TYR I 2 -19.05 -11.66 58.28
C TYR I 2 -18.28 -10.37 58.03
N GLY I 3 -17.31 -10.36 57.13
CA GLY I 3 -16.52 -9.18 56.82
C GLY I 3 -17.01 -8.35 55.65
N ASP I 4 -18.06 -8.78 54.96
CA ASP I 4 -18.52 -8.03 53.78
C ASP I 4 -19.01 -6.64 54.14
N LEU I 5 -19.79 -6.54 55.22
CA LEU I 5 -20.35 -5.25 55.61
C LEU I 5 -19.25 -4.27 56.00
N GLY I 6 -18.21 -4.75 56.69
CA GLY I 6 -17.09 -3.88 57.02
C GLY I 6 -16.34 -3.41 55.78
N ASN I 7 -16.12 -4.32 54.82
CA ASN I 7 -15.47 -3.94 53.58
C ASN I 7 -16.28 -2.90 52.82
N LYS I 8 -17.61 -2.96 52.92
CA LYS I 8 -18.44 -1.93 52.30
C LYS I 8 -18.37 -0.62 53.08
N LEU I 9 -18.32 -0.70 54.41
CA LEU I 9 -18.33 0.51 55.23
C LEU I 9 -17.04 1.31 55.05
N VAL I 10 -15.90 0.63 54.98
CA VAL I 10 -14.61 1.33 54.92
C VAL I 10 -14.47 2.13 53.62
N LEU I 11 -15.15 1.70 52.55
CA LEU I 11 -15.11 2.45 51.31
C LEU I 11 -15.71 3.85 51.49
N GLU I 12 -16.70 3.99 52.36
CA GLU I 12 -17.22 5.33 52.66
C GLU I 12 -16.17 6.18 53.37
N ALA I 13 -15.35 5.58 54.23
CA ALA I 13 -14.26 6.33 54.86
C ALA I 13 -13.26 6.82 53.82
N LYS I 14 -12.90 5.95 52.87
CA LYS I 14 -11.99 6.37 51.81
C LYS I 14 -12.62 7.48 50.96
N ARG I 15 -13.92 7.34 50.66
CA ARG I 15 -14.62 8.32 49.85
C ARG I 15 -14.66 9.68 50.53
N THR I 16 -15.04 9.71 51.80
CA THR I 16 -15.16 10.99 52.49
C THR I 16 -13.79 11.61 52.72
N LYS I 17 -12.74 10.79 52.89
CA LYS I 17 -11.40 11.36 52.98
C LYS I 17 -11.02 12.05 51.68
N GLN I 18 -11.27 11.41 50.54
CA GLN I 18 -10.92 12.05 49.27
C GLN I 18 -11.76 13.28 49.00
N LEU I 19 -13.06 13.23 49.30
CA LEU I 19 -13.93 14.39 49.14
C LEU I 19 -13.46 15.55 50.00
N TYR I 20 -13.10 15.26 51.26
CA TYR I 20 -12.60 16.29 52.15
C TYR I 20 -11.29 16.88 51.65
N ALA I 21 -10.37 16.02 51.19
CA ALA I 21 -9.06 16.49 50.76
C ALA I 21 -9.14 17.32 49.49
N ARG I 22 -10.13 17.04 48.62
CA ARG I 22 -10.18 17.75 47.34
C ARG I 22 -10.45 19.25 47.52
N SER I 23 -11.22 19.63 48.55
CA SER I 23 -11.64 21.02 48.72
C SER I 23 -11.71 21.29 50.22
N ASN I 24 -10.71 22.01 50.73
CA ASN I 24 -10.64 22.33 52.15
C ASN I 24 -11.76 23.29 52.58
N GLN I 25 -12.32 24.06 51.65
CA GLN I 25 -13.34 25.05 52.01
C GLN I 25 -14.75 24.46 52.13
N ASP I 26 -14.98 23.25 51.62
CA ASP I 26 -16.32 22.68 51.48
C ASP I 26 -16.55 21.52 52.45
N VAL I 27 -16.08 21.65 53.69
CA VAL I 27 -16.18 20.56 54.65
C VAL I 27 -17.62 20.46 55.14
N ASN I 28 -18.32 19.40 54.69
CA ASN I 28 -19.59 18.99 55.29
C ASN I 28 -19.59 17.46 55.25
N LEU I 29 -19.16 16.85 56.36
CA LEU I 29 -19.00 15.42 56.38
C LEU I 29 -20.37 14.73 56.26
N PRO I 30 -20.49 13.66 55.43
CA PRO I 30 -21.82 13.18 55.06
C PRO I 30 -22.56 12.48 56.20
N MET I 31 -23.76 11.98 55.89
CA MET I 31 -24.62 11.34 56.87
C MET I 31 -23.94 10.14 57.53
N TYR I 32 -24.06 10.09 58.85
CA TYR I 32 -23.59 8.93 59.61
C TYR I 32 -24.39 7.69 59.22
N HIS I 33 -23.68 6.63 58.83
CA HIS I 33 -24.33 5.39 58.39
C HIS I 33 -24.82 4.63 59.62
N GLU I 34 -25.96 5.07 60.15
CA GLU I 34 -26.56 4.40 61.31
C GLU I 34 -26.94 2.96 60.96
N ASP I 35 -27.54 2.74 59.79
CA ASP I 35 -28.12 1.44 59.48
C ASP I 35 -27.04 0.37 59.31
N ILE I 36 -25.96 0.68 58.59
CA ILE I 36 -24.91 -0.32 58.37
C ILE I 36 -24.23 -0.66 59.69
N ILE I 37 -23.99 0.35 60.52
CA ILE I 37 -23.37 0.11 61.82
C ILE I 37 -24.28 -0.75 62.70
N ARG I 38 -25.59 -0.48 62.66
CA ARG I 38 -26.53 -1.30 63.40
C ARG I 38 -26.52 -2.74 62.93
N ASN I 39 -26.45 -2.94 61.60
CA ASN I 39 -26.39 -4.30 61.07
C ASN I 39 -25.11 -5.02 61.51
N ILE I 40 -23.99 -4.31 61.51
CA ILE I 40 -22.73 -4.92 61.95
C ILE I 40 -22.82 -5.32 63.42
N LEU I 41 -23.39 -4.46 64.26
CA LEU I 41 -23.50 -4.79 65.67
C LEU I 41 -24.47 -5.96 65.87
N LYS I 42 -25.52 -6.04 65.06
CA LYS I 42 -26.42 -7.20 65.13
C LYS I 42 -25.69 -8.48 64.76
N GLU I 43 -24.82 -8.42 63.75
CA GLU I 43 -24.01 -9.58 63.39
C GLU I 43 -23.12 -10.00 64.56
N VAL I 44 -22.51 -9.03 65.24
CA VAL I 44 -21.68 -9.33 66.40
C VAL I 44 -22.50 -9.99 67.49
N SER I 45 -23.73 -9.52 67.70
CA SER I 45 -24.60 -10.14 68.70
C SER I 45 -24.93 -11.57 68.34
N ASN I 46 -25.17 -11.84 67.05
CA ASN I 46 -25.42 -13.20 66.59
C ASN I 46 -24.22 -14.10 66.88
N LEU I 47 -23.01 -13.61 66.60
CA LEU I 47 -21.82 -14.40 66.90
C LEU I 47 -21.66 -14.64 68.40
N ARG I 48 -22.00 -13.65 69.22
CA ARG I 48 -21.96 -13.85 70.66
C ARG I 48 -22.92 -14.95 71.09
N LYS I 49 -24.14 -14.95 70.54
CA LYS I 49 -25.10 -16.00 70.84
C LYS I 49 -24.57 -17.36 70.43
N ASN I 50 -23.93 -17.44 69.25
CA ASN I 50 -23.35 -18.71 68.81
C ASN I 50 -22.27 -19.19 69.77
N THR I 51 -21.41 -18.29 70.23
CA THR I 51 -20.36 -18.68 71.16
C THR I 51 -20.95 -19.15 72.49
N GLU I 52 -22.01 -18.49 72.97
CA GLU I 52 -22.63 -18.91 74.21
C GLU I 52 -23.27 -20.29 74.07
N TYR I 53 -23.94 -20.55 72.95
CA TYR I 53 -24.49 -21.88 72.70
C TYR I 53 -23.38 -22.92 72.64
N LEU I 54 -22.26 -22.57 72.00
CA LEU I 54 -21.14 -23.50 71.92
C LEU I 54 -20.57 -23.79 73.30
N LYS I 55 -20.55 -22.79 74.19
CA LYS I 55 -20.10 -23.03 75.55
C LYS I 55 -21.05 -23.94 76.30
N GLU I 56 -22.36 -23.79 76.06
CA GLU I 56 -23.32 -24.72 76.65
C GLU I 56 -23.05 -26.15 76.18
N GLN I 57 -22.81 -26.32 74.88
CA GLN I 57 -22.49 -27.65 74.36
C GLN I 57 -21.17 -28.17 74.91
N GLN I 58 -20.21 -27.28 75.16
CA GLN I 58 -18.95 -27.68 75.78
C GLN I 58 -19.19 -28.22 77.18
N GLN I 59 -20.02 -27.52 77.96
CA GLN I 59 -20.36 -28.02 79.29
C GLN I 59 -21.16 -29.32 79.21
N LEU I 60 -21.89 -29.53 78.11
CA LEU I 60 -22.54 -30.81 77.88
C LEU I 60 -21.55 -31.90 77.46
N GLY I 61 -20.34 -31.52 77.03
CA GLY I 61 -19.32 -32.49 76.69
C GLY I 61 -19.27 -32.91 75.24
N MET I 62 -19.72 -32.05 74.33
CA MET I 62 -19.87 -32.42 72.91
C MET I 62 -18.56 -32.20 72.16
N LEU I 63 -17.61 -33.11 72.42
CA LEU I 63 -16.30 -33.11 71.75
C LEU I 63 -15.58 -31.77 71.94
N ASP I 64 -15.66 -31.24 73.16
CA ASP I 64 -15.35 -29.84 73.38
C ASP I 64 -13.86 -29.52 73.26
N ASP I 65 -12.98 -30.51 73.33
CA ASP I 65 -11.55 -30.22 73.33
C ASP I 65 -11.10 -29.64 72.00
N LYS I 66 -11.37 -30.33 70.90
CA LYS I 66 -11.00 -29.85 69.57
C LYS I 66 -12.10 -29.00 68.94
N VAL I 67 -13.35 -29.49 68.99
CA VAL I 67 -14.41 -28.88 68.19
C VAL I 67 -14.75 -27.50 68.71
N ALA I 68 -14.92 -27.36 70.03
CA ALA I 68 -15.29 -26.06 70.58
C ALA I 68 -14.16 -25.06 70.45
N LYS I 69 -12.91 -25.52 70.62
CA LYS I 69 -11.76 -24.62 70.56
C LYS I 69 -11.63 -23.96 69.19
N CYS I 70 -11.64 -24.77 68.12
CA CYS I 70 -11.43 -24.23 66.78
C CYS I 70 -12.58 -23.33 66.36
N GLN I 71 -13.83 -23.77 66.59
CA GLN I 71 -14.98 -22.97 66.21
C GLN I 71 -15.01 -21.65 66.96
N TYR I 72 -14.72 -21.69 68.27
CA TYR I 72 -14.68 -20.49 69.08
C TYR I 72 -13.60 -19.53 68.58
N PHE I 73 -12.41 -20.06 68.28
CA PHE I 73 -11.30 -19.25 67.80
C PHE I 73 -11.63 -18.56 66.47
N VAL I 74 -12.23 -19.31 65.54
CA VAL I 74 -12.59 -18.75 64.24
C VAL I 74 -13.65 -17.66 64.41
N THR I 75 -14.60 -17.87 65.32
CA THR I 75 -15.60 -16.83 65.61
C THR I 75 -14.95 -15.58 66.19
N LEU I 76 -13.96 -15.76 67.06
CA LEU I 76 -13.28 -14.64 67.69
C LEU I 76 -12.59 -13.76 66.65
N LEU I 77 -11.93 -14.39 65.67
CA LEU I 77 -11.30 -13.62 64.60
C LEU I 77 -12.33 -12.81 63.82
N CYS I 78 -13.49 -13.42 63.54
CA CYS I 78 -14.54 -12.71 62.81
C CYS I 78 -15.02 -11.47 63.58
N MET I 79 -15.12 -11.59 64.91
CA MET I 79 -15.53 -10.41 65.70
C MET I 79 -14.45 -9.32 65.67
N GLU I 80 -13.18 -9.70 65.77
CA GLU I 80 -12.11 -8.71 65.85
C GLU I 80 -12.02 -7.88 64.58
N ARG I 81 -12.17 -8.51 63.40
CA ARG I 81 -12.08 -7.75 62.16
C ARG I 81 -13.18 -6.69 62.06
N ASN I 82 -14.38 -6.99 62.56
CA ASN I 82 -15.45 -6.00 62.58
C ASN I 82 -15.10 -4.84 63.50
N LYS I 83 -14.51 -5.15 64.65
CA LYS I 83 -14.10 -4.07 65.56
C LYS I 83 -13.13 -3.11 64.89
N ARG I 84 -12.18 -3.67 64.12
CA ARG I 84 -11.20 -2.81 63.44
C ARG I 84 -11.88 -1.87 62.46
N CYS I 85 -12.82 -2.39 61.66
CA CYS I 85 -13.49 -1.54 60.66
C CYS I 85 -14.25 -0.39 61.32
N LEU I 86 -15.02 -0.70 62.37
CA LEU I 86 -15.81 0.33 63.04
C LEU I 86 -14.90 1.41 63.63
N LEU I 87 -13.81 1.01 64.29
CA LEU I 87 -12.92 1.99 64.90
C LEU I 87 -12.25 2.87 63.85
N ALA I 88 -11.86 2.30 62.71
CA ALA I 88 -11.22 3.10 61.66
C ALA I 88 -12.16 4.18 61.14
N TYR I 89 -13.42 3.80 60.84
CA TYR I 89 -14.38 4.77 60.33
C TYR I 89 -14.63 5.91 61.33
N GLN I 90 -14.87 5.53 62.60
CA GLN I 90 -15.15 6.56 63.60
C GLN I 90 -13.94 7.45 63.82
N ARG I 91 -12.73 6.89 63.74
CA ARG I 91 -11.53 7.71 63.95
C ARG I 91 -11.34 8.73 62.83
N LEU I 92 -11.63 8.34 61.59
CA LEU I 92 -11.55 9.31 60.49
C LEU I 92 -12.49 10.48 60.73
N ARG I 93 -13.75 10.19 61.05
CA ARG I 93 -14.69 11.31 61.26
C ARG I 93 -14.32 12.14 62.48
N THR I 94 -13.73 11.50 63.50
CA THR I 94 -13.21 12.24 64.66
C THR I 94 -12.11 13.21 64.24
N ASP I 95 -11.21 12.77 63.36
CA ASP I 95 -10.13 13.65 62.91
C ASP I 95 -10.68 14.85 62.17
N ILE I 96 -11.70 14.64 61.32
CA ILE I 96 -12.29 15.78 60.61
C ILE I 96 -12.92 16.77 61.59
N LEU I 97 -13.64 16.25 62.59
CA LEU I 97 -14.26 17.15 63.56
C LEU I 97 -13.21 17.91 64.37
N ASP I 98 -12.11 17.25 64.73
CA ASP I 98 -11.03 17.93 65.45
C ASP I 98 -10.44 19.04 64.59
N SER I 99 -10.29 18.81 63.29
CA SER I 99 -9.80 19.86 62.41
C SER I 99 -10.76 21.05 62.40
N MET I 100 -12.06 20.79 62.36
CA MET I 100 -13.02 21.90 62.33
C MET I 100 -13.08 22.64 63.67
N ALA I 101 -12.81 21.96 64.78
CA ALA I 101 -12.96 22.58 66.09
C ALA I 101 -11.98 23.74 66.29
N TRP I 102 -10.76 23.61 65.76
CA TRP I 102 -9.74 24.62 66.03
C TRP I 102 -10.07 25.94 65.35
N ASN I 103 -10.60 25.90 64.13
CA ASN I 103 -10.94 27.13 63.42
C ASN I 103 -12.19 27.79 64.00
N ASN I 104 -13.25 26.99 64.22
CA ASN I 104 -14.52 27.56 64.65
C ASN I 104 -14.44 28.12 66.06
N ASN I 105 -13.78 27.41 66.97
CA ASN I 105 -13.69 27.85 68.35
C ASN I 105 -12.70 29.02 68.48
N ASP I 119 -26.66 22.64 60.75
CA ASP I 119 -25.21 22.44 60.78
C ASP I 119 -24.88 21.12 61.48
N THR I 120 -25.55 20.85 62.59
CA THR I 120 -25.28 19.69 63.43
C THR I 120 -26.01 18.43 62.99
N ASN I 121 -26.83 18.49 61.92
CA ASN I 121 -27.79 17.42 61.67
C ASN I 121 -27.12 16.12 61.29
N ASN I 122 -26.01 16.17 60.55
CA ASN I 122 -25.38 14.95 60.07
C ASN I 122 -24.62 14.20 61.16
N LEU I 123 -24.22 14.88 62.23
CA LEU I 123 -23.44 14.25 63.28
C LEU I 123 -24.32 13.39 64.18
N SER I 124 -23.80 12.23 64.57
CA SER I 124 -24.45 11.41 65.57
C SER I 124 -24.33 12.09 66.94
N HIS I 125 -25.26 11.76 67.83
CA HIS I 125 -25.42 12.53 69.07
C HIS I 125 -24.20 12.41 69.98
N GLN I 126 -23.56 11.24 69.99
CA GLN I 126 -22.30 11.09 70.72
C GLN I 126 -21.25 12.03 70.14
N GLU I 127 -21.18 12.12 68.82
CA GLU I 127 -20.26 13.05 68.17
C GLU I 127 -20.66 14.49 68.44
N GLN I 128 -21.97 14.75 68.53
CA GLN I 128 -22.44 16.10 68.81
C GLN I 128 -21.97 16.57 70.18
N GLU I 129 -21.99 15.69 71.19
CA GLU I 129 -21.44 16.09 72.48
C GLU I 129 -19.91 16.10 72.49
N TYR I 130 -19.30 15.22 71.68
CA TYR I 130 -17.84 15.18 71.58
C TYR I 130 -17.28 16.52 71.12
N LEU I 131 -17.91 17.11 70.12
CA LEU I 131 -17.41 18.38 69.58
C LEU I 131 -17.47 19.49 70.62
N LYS I 132 -18.55 19.53 71.40
CA LYS I 132 -18.68 20.51 72.47
C LYS I 132 -17.59 20.32 73.52
N GLU I 133 -17.32 19.06 73.89
CA GLU I 133 -16.27 18.78 74.86
C GLU I 133 -14.91 19.26 74.36
N TYR I 134 -14.61 19.00 73.08
CA TYR I 134 -13.31 19.41 72.55
C TYR I 134 -13.20 20.92 72.43
N CYS I 135 -14.31 21.60 72.13
CA CYS I 135 -14.30 23.06 72.14
C CYS I 135 -14.00 23.61 73.53
N ASP I 136 -14.58 22.98 74.56
CA ASP I 136 -14.26 23.36 75.94
C ASP I 136 -12.78 23.16 76.23
N LEU I 137 -12.20 22.06 75.76
CA LEU I 137 -10.77 21.83 75.95
C LEU I 137 -9.93 22.91 75.26
N ILE I 138 -10.31 23.28 74.04
CA ILE I 138 -9.53 24.26 73.29
C ILE I 138 -9.56 25.60 74.00
N THR I 139 -10.74 26.05 74.45
CA THR I 139 -10.78 27.34 75.13
C THR I 139 -10.09 27.28 76.49
N ASP I 140 -10.04 26.10 77.12
CA ASP I 140 -9.27 25.99 78.36
C ASP I 140 -7.78 26.18 78.11
N LEU I 141 -7.26 25.55 77.04
CA LEU I 141 -5.84 25.78 76.71
C LEU I 141 -5.60 27.22 76.32
N LYS I 142 -6.51 27.81 75.53
CA LYS I 142 -6.32 29.17 75.03
C LYS I 142 -6.31 30.19 76.16
N SER I 143 -6.97 29.89 77.28
CA SER I 143 -7.01 30.77 78.44
C SER I 143 -5.85 30.46 79.39
N GLY I 144 -5.77 31.22 80.48
CA GLY I 144 -4.76 30.96 81.49
C GLY I 144 -3.39 31.37 81.01
N ASP I 145 -2.38 30.60 81.43
CA ASP I 145 -1.03 30.86 80.96
C ASP I 145 -0.93 30.56 79.47
N LEU I 146 0.09 31.15 78.84
CA LEU I 146 0.30 31.08 77.39
C LEU I 146 -0.78 31.80 76.59
N VAL I 147 -1.57 32.66 77.25
CA VAL I 147 -2.63 33.38 76.54
C VAL I 147 -2.08 34.41 75.56
N ASP I 148 -0.84 34.86 75.75
CA ASP I 148 -0.32 35.96 74.94
C ASP I 148 -0.22 35.62 73.46
N ILE I 149 -0.07 34.34 73.13
CA ILE I 149 -0.01 33.87 71.74
C ILE I 149 -1.35 33.24 71.39
N ASP I 150 -1.93 33.66 70.27
CA ASP I 150 -3.27 33.24 69.87
C ASP I 150 -3.17 31.89 69.15
N LEU I 151 -3.28 30.81 69.94
CA LEU I 151 -3.04 29.46 69.43
C LEU I 151 -3.94 29.08 68.27
N SER I 152 -5.12 29.69 68.15
CA SER I 152 -6.02 29.48 67.04
C SER I 152 -5.81 30.48 65.91
N GLY I 153 -4.76 31.28 65.96
CA GLY I 153 -4.52 32.30 64.96
C GLY I 153 -3.89 31.75 63.69
N SER I 154 -3.39 32.67 62.88
CA SER I 154 -2.83 32.31 61.58
C SER I 154 -1.51 31.58 61.74
N LEU I 155 -1.26 30.63 60.83
CA LEU I 155 -0.03 29.86 60.78
C LEU I 155 0.90 30.27 59.64
N VAL I 156 0.55 31.30 58.87
CA VAL I 156 1.36 31.79 57.76
C VAL I 156 2.28 32.88 58.32
N PRO I 157 3.58 32.90 58.02
CA PRO I 157 4.46 33.88 58.66
C PRO I 157 4.09 35.30 58.27
N PRO I 158 4.30 36.28 59.17
CA PRO I 158 3.93 37.66 58.82
C PRO I 158 4.88 38.23 57.77
N SER I 159 4.32 38.66 56.64
CA SER I 159 5.08 39.18 55.53
C SER I 159 5.24 40.70 55.57
N ASP I 160 4.14 41.41 55.81
CA ASP I 160 4.12 42.87 55.80
C ASP I 160 3.28 43.38 56.96
N VAL I 161 3.61 44.59 57.41
CA VAL I 161 2.84 45.21 58.48
C VAL I 161 1.56 45.81 57.93
N PHE I 162 1.68 46.65 56.90
CA PHE I 162 0.57 47.39 56.32
C PHE I 162 0.16 46.78 54.98
N ILE I 163 -1.15 46.72 54.74
CA ILE I 163 -1.73 46.19 53.52
C ILE I 163 -2.91 47.07 53.12
N ASP I 164 -3.36 46.87 51.89
CA ASP I 164 -4.57 47.51 51.36
C ASP I 164 -5.64 46.45 51.20
N VAL I 165 -6.80 46.69 51.81
CA VAL I 165 -7.91 45.73 51.82
C VAL I 165 -9.17 46.43 51.31
N ARG I 166 -9.95 45.70 50.52
CA ARG I 166 -11.18 46.17 49.91
C ARG I 166 -12.36 45.51 50.60
N VAL I 167 -13.48 46.23 50.64
CA VAL I 167 -14.65 45.84 51.44
C VAL I 167 -15.66 45.02 50.65
N LEU I 168 -15.83 43.75 51.04
CA LEU I 168 -16.55 42.77 50.23
C LEU I 168 -18.01 42.60 50.63
N LYS I 169 -18.34 42.71 51.92
CA LYS I 169 -19.69 42.49 52.43
C LYS I 169 -20.09 43.64 53.34
N ASP I 170 -21.36 44.03 53.25
CA ASP I 170 -21.90 45.15 54.04
C ASP I 170 -22.34 44.62 55.41
N ALA I 171 -21.37 44.48 56.30
CA ALA I 171 -21.64 44.17 57.70
C ALA I 171 -21.92 45.40 58.54
N GLY I 172 -21.95 46.60 57.95
CA GLY I 172 -22.19 47.80 58.72
C GLY I 172 -21.03 48.13 59.64
N GLU I 173 -21.36 48.82 60.73
CA GLU I 173 -20.37 49.24 61.70
C GLU I 173 -20.12 48.10 62.70
N ILE I 174 -18.84 47.82 62.97
CA ILE I 174 -18.44 46.72 63.85
C ILE I 174 -17.31 47.19 64.77
N GLN I 175 -17.17 46.47 65.87
CA GLN I 175 -16.16 46.73 66.90
C GLN I 175 -15.07 45.67 66.84
N THR I 176 -13.84 46.09 67.14
CA THR I 176 -12.69 45.21 67.19
C THR I 176 -11.74 45.78 68.23
N GLU I 177 -10.87 44.92 68.77
CA GLU I 177 -9.96 45.31 69.85
C GLU I 177 -9.10 46.52 69.49
N TYR I 178 -8.73 46.64 68.22
CA TYR I 178 -7.97 47.82 67.78
C TYR I 178 -8.87 49.05 67.66
N GLY I 179 -10.13 48.87 67.32
CA GLY I 179 -11.01 50.01 67.15
C GLY I 179 -12.30 49.62 66.45
N VAL I 180 -12.88 50.60 65.77
CA VAL I 180 -14.18 50.48 65.11
C VAL I 180 -13.98 50.70 63.62
N PHE I 181 -14.69 49.91 62.82
CA PHE I 181 -14.71 50.04 61.37
C PHE I 181 -16.14 50.21 60.89
N ASN I 182 -16.29 50.89 59.76
CA ASN I 182 -17.57 51.03 59.06
C ASN I 182 -17.37 50.48 57.66
N LEU I 183 -17.97 49.31 57.40
CA LEU I 183 -17.70 48.55 56.17
C LEU I 183 -18.70 48.95 55.10
N ILE I 184 -18.49 50.15 54.56
CA ILE I 184 -19.23 50.61 53.38
C ILE I 184 -18.80 49.76 52.19
N LYS I 185 -19.78 49.20 51.49
CA LYS I 185 -19.53 48.27 50.39
C LYS I 185 -18.67 48.89 49.31
N ASP I 186 -17.62 48.17 48.92
CA ASP I 186 -16.67 48.59 47.88
C ASP I 186 -16.00 49.92 48.23
N SER I 187 -15.59 50.06 49.48
CA SER I 187 -14.58 51.01 49.91
C SER I 187 -13.29 50.24 50.19
N GLN I 188 -12.19 50.98 50.32
CA GLN I 188 -10.86 50.40 50.46
C GLN I 188 -10.13 51.05 51.63
N PHE I 189 -9.51 50.22 52.46
CA PHE I 189 -8.70 50.67 53.59
C PHE I 189 -7.22 50.49 53.27
N PHE I 190 -6.39 51.29 53.94
CA PHE I 190 -4.95 51.06 54.04
C PHE I 190 -4.65 50.95 55.53
N VAL I 191 -4.47 49.71 56.00
CA VAL I 191 -4.50 49.41 57.44
C VAL I 191 -3.55 48.25 57.71
N ARG I 192 -3.16 48.12 58.97
CA ARG I 192 -2.24 47.06 59.37
C ARG I 192 -2.93 45.70 59.36
N GLN I 193 -2.21 44.68 58.91
CA GLN I 193 -2.77 43.34 58.75
C GLN I 193 -3.13 42.72 60.10
N SER I 194 -2.34 43.02 61.15
CA SER I 194 -2.57 42.39 62.45
C SER I 194 -3.95 42.71 63.00
N ASP I 195 -4.52 43.86 62.62
CA ASP I 195 -5.90 44.16 62.98
C ASP I 195 -6.88 43.33 62.16
N VAL I 196 -6.80 43.43 60.84
CA VAL I 196 -7.86 42.90 59.98
C VAL I 196 -7.67 41.43 59.62
N GLU I 197 -6.76 40.73 60.29
CA GLU I 197 -6.58 39.31 60.01
C GLU I 197 -7.85 38.51 60.29
N ARG I 198 -8.50 38.79 61.42
CA ARG I 198 -9.72 38.04 61.77
C ARG I 198 -10.84 38.33 60.79
N LEU I 199 -10.99 39.59 60.38
CA LEU I 199 -12.08 39.93 59.46
C LEU I 199 -11.85 39.35 58.08
N ILE I 200 -10.59 39.22 57.66
CA ILE I 200 -10.30 38.55 56.40
C ILE I 200 -10.70 37.09 56.48
N GLN I 201 -10.40 36.44 57.61
CA GLN I 201 -10.79 35.05 57.79
C GLN I 201 -12.30 34.89 57.80
N GLN I 202 -13.01 35.82 58.45
CA GLN I 202 -14.47 35.76 58.49
C GLN I 202 -15.07 36.00 57.11
N GLY I 203 -14.37 36.73 56.25
CA GLY I 203 -14.77 36.90 54.87
C GLY I 203 -15.37 38.23 54.50
N TYR I 204 -15.23 39.26 55.35
CA TYR I 204 -15.71 40.60 55.00
C TYR I 204 -14.76 41.36 54.09
N LEU I 205 -13.51 40.89 53.93
CA LEU I 205 -12.46 41.68 53.29
C LEU I 205 -11.66 40.81 52.35
N GLN I 206 -11.02 41.46 51.38
CA GLN I 206 -10.06 40.85 50.47
C GLN I 206 -8.79 41.69 50.49
N LYS I 207 -7.66 41.05 50.17
CA LYS I 207 -6.39 41.74 50.00
C LYS I 207 -6.19 42.06 48.52
N ILE I 208 -6.13 43.35 48.20
CA ILE I 208 -5.89 43.79 46.83
C ILE I 208 -4.92 44.96 46.90
N SER J 2 -5.19 18.93 63.70
CA SER J 2 -4.66 20.16 64.37
C SER J 2 -3.85 20.98 63.39
N LEU J 3 -2.62 20.53 63.12
CA LEU J 3 -1.79 21.21 62.13
C LEU J 3 -2.32 20.89 60.72
N PRO J 4 -2.18 21.80 59.75
CA PRO J 4 -2.66 21.48 58.40
C PRO J 4 -1.93 20.30 57.77
N ALA J 5 -2.63 19.65 56.83
CA ALA J 5 -2.13 18.43 56.21
C ALA J 5 -0.86 18.67 55.42
N HIS J 6 -0.74 19.83 54.78
CA HIS J 6 0.41 20.11 53.92
C HIS J 6 1.65 20.53 54.71
N LEU J 7 1.59 20.59 56.05
CA LEU J 7 2.73 20.95 56.90
C LEU J 7 3.11 19.83 57.85
N GLN J 8 2.76 18.58 57.53
CA GLN J 8 3.02 17.48 58.46
C GLN J 8 4.50 17.12 58.49
N GLN J 9 5.20 17.20 57.36
CA GLN J 9 6.56 16.71 57.21
C GLN J 9 7.53 17.70 56.59
N THR J 10 7.10 18.90 56.21
CA THR J 10 7.88 19.76 55.34
C THR J 10 7.63 21.22 55.68
N PHE J 11 8.51 22.08 55.17
CA PHE J 11 8.38 23.53 55.27
C PHE J 11 7.83 24.07 53.96
N SER J 12 6.84 24.95 54.04
CA SER J 12 6.36 25.65 52.86
C SER J 12 7.38 26.71 52.45
N PRO J 13 7.30 27.21 51.20
CA PRO J 13 8.25 28.27 50.79
C PRO J 13 8.15 29.54 51.61
N GLU J 14 6.98 29.81 52.21
CA GLU J 14 6.86 30.99 53.07
C GLU J 14 7.77 30.85 54.29
N GLU J 15 7.80 29.67 54.88
CA GLU J 15 8.69 29.42 56.01
C GLU J 15 10.15 29.49 55.59
N ILE J 16 10.46 29.05 54.36
CA ILE J 16 11.83 29.15 53.86
C ILE J 16 12.24 30.62 53.73
N GLN J 17 11.33 31.45 53.22
CA GLN J 17 11.61 32.88 53.18
C GLN J 17 11.78 33.46 54.57
N PHE J 18 10.96 33.01 55.52
CA PHE J 18 11.07 33.48 56.90
C PHE J 18 12.42 33.11 57.49
N ILE J 19 12.90 31.90 57.23
CA ILE J 19 14.18 31.46 57.78
C ILE J 19 15.32 32.28 57.20
N VAL J 20 15.29 32.53 55.88
CA VAL J 20 16.37 33.28 55.24
C VAL J 20 16.41 34.71 55.74
N GLU J 21 15.25 35.29 56.09
CA GLU J 21 15.19 36.70 56.45
C GLU J 21 15.96 37.03 57.73
N ASN J 22 16.32 36.05 58.55
CA ASN J 22 17.03 36.31 59.80
C ASN J 22 18.53 36.56 59.61
N GLU J 23 19.06 36.42 58.39
CA GLU J 23 20.50 36.57 58.18
C GLU J 23 20.90 38.05 58.21
N PRO J 24 22.18 38.34 58.42
CA PRO J 24 22.63 39.75 58.37
C PRO J 24 22.91 40.20 56.94
N ILE J 25 22.94 41.53 56.78
CA ILE J 25 23.19 42.14 55.48
C ILE J 25 23.80 43.52 55.72
N LYS J 26 24.61 43.97 54.77
CA LYS J 26 25.32 45.24 54.86
C LYS J 26 24.52 46.34 54.17
N ILE J 27 24.46 47.52 54.81
CA ILE J 27 23.66 48.64 54.31
C ILE J 27 24.40 49.95 54.47
N PHE J 28 23.97 50.94 53.68
CA PHE J 28 24.38 52.34 53.82
C PHE J 28 23.17 53.14 54.31
N PRO J 29 23.13 53.66 55.55
CA PRO J 29 21.99 54.50 55.93
C PRO J 29 22.16 55.94 55.45
N ARG J 30 21.02 56.58 55.21
CA ARG J 30 20.99 57.98 54.79
C ARG J 30 20.69 58.95 55.93
N ILE J 31 20.55 58.47 57.17
CA ILE J 31 20.24 59.30 58.33
C ILE J 31 21.13 58.83 59.48
N THR J 32 21.47 59.78 60.36
CA THR J 32 22.25 59.51 61.57
C THR J 32 21.29 59.33 62.75
N THR J 33 21.40 58.19 63.44
CA THR J 33 20.70 57.97 64.69
C THR J 33 21.58 58.21 65.92
N ARG J 34 22.91 58.21 65.74
CA ARG J 34 23.82 58.40 66.85
C ARG J 34 23.65 59.78 67.46
N GLN J 35 23.74 59.85 68.79
CA GLN J 35 23.65 61.12 69.49
C GLN J 35 24.93 61.92 69.32
N THR J 48 14.50 58.60 71.20
CA THR J 48 14.14 57.23 71.53
C THR J 48 15.14 56.25 70.93
N ARG J 49 15.04 54.99 71.36
CA ARG J 49 15.91 53.92 70.90
C ARG J 49 15.07 52.70 70.56
N TRP J 50 15.65 51.81 69.75
CA TRP J 50 14.86 50.75 69.13
C TRP J 50 14.38 49.72 70.15
N GLN J 51 15.28 49.24 71.00
CA GLN J 51 14.95 48.26 72.04
C GLN J 51 14.34 46.98 71.46
N LEU J 52 15.14 46.29 70.66
CA LEU J 52 14.78 44.98 70.14
C LEU J 52 15.15 43.89 71.14
N ILE J 53 14.56 42.71 70.96
CA ILE J 53 14.68 41.61 71.92
C ILE J 53 15.17 40.30 71.29
N THR J 54 15.22 40.23 69.96
CA THR J 54 15.74 39.06 69.25
C THR J 54 17.02 39.34 68.48
N THR J 55 17.60 40.53 68.58
CA THR J 55 18.78 40.91 67.81
C THR J 55 19.63 41.86 68.64
N ASP J 56 20.79 42.22 68.10
CA ASP J 56 21.55 43.33 68.64
C ASP J 56 20.77 44.63 68.44
N ASP J 57 20.88 45.53 69.42
CA ASP J 57 20.23 46.84 69.39
C ASP J 57 21.20 47.98 69.18
N LYS J 58 22.51 47.76 69.35
CA LYS J 58 23.47 48.85 69.31
C LYS J 58 23.65 49.41 67.90
N ALA J 59 23.61 48.53 66.89
CA ALA J 59 23.92 48.97 65.53
C ALA J 59 22.89 49.97 65.02
N LEU J 60 21.61 49.70 65.25
CA LEU J 60 20.57 50.62 64.78
C LEU J 60 20.57 51.92 65.57
N ASN J 61 20.92 51.87 66.86
CA ASN J 61 20.96 53.08 67.68
C ASN J 61 22.16 53.96 67.36
N ASN J 62 23.21 53.43 66.72
CA ASN J 62 24.47 54.13 66.51
C ASN J 62 24.78 54.29 65.02
N MET J 63 23.76 54.46 64.19
CA MET J 63 23.97 54.67 62.76
C MET J 63 24.40 56.10 62.49
N VAL J 64 25.27 56.25 61.48
CA VAL J 64 25.69 57.54 60.98
C VAL J 64 25.55 57.51 59.45
N ALA J 65 25.12 58.62 58.87
CA ALA J 65 24.77 58.65 57.46
C ALA J 65 25.97 58.33 56.58
N MET J 66 25.75 57.46 55.59
CA MET J 66 26.77 57.03 54.65
C MET J 66 27.96 56.37 55.36
N ARG J 67 27.69 55.69 56.47
CA ARG J 67 28.66 54.84 57.15
C ARG J 67 28.14 53.41 57.14
N SER J 68 28.93 52.51 56.57
CA SER J 68 28.47 51.13 56.36
C SER J 68 28.25 50.43 57.70
N THR J 69 27.22 49.60 57.75
CA THR J 69 26.88 48.87 58.96
C THR J 69 26.09 47.62 58.57
N GLU J 70 25.94 46.72 59.54
CA GLU J 70 25.39 45.39 59.33
C GLU J 70 24.16 45.20 60.20
N VAL J 71 23.05 44.78 59.59
CA VAL J 71 21.78 44.55 60.27
C VAL J 71 21.12 43.31 59.68
N VAL J 72 20.09 42.82 60.39
CA VAL J 72 19.32 41.68 59.88
C VAL J 72 18.59 42.09 58.61
N LEU J 73 18.26 41.08 57.79
CA LEU J 73 17.75 41.36 56.46
C LEU J 73 16.34 41.95 56.51
N TRP J 74 15.49 41.50 57.44
CA TRP J 74 14.12 41.97 57.43
C TRP J 74 14.03 43.44 57.82
N ILE J 75 14.84 43.89 58.78
CA ILE J 75 14.90 45.32 59.08
C ILE J 75 15.49 46.09 57.90
N ALA J 76 16.45 45.50 57.19
CA ALA J 76 17.04 46.17 56.03
C ALA J 76 15.99 46.41 54.96
N LEU J 77 15.18 45.40 54.66
CA LEU J 77 14.10 45.57 53.69
C LEU J 77 13.04 46.53 54.22
N LEU J 78 12.82 46.54 55.54
CA LEU J 78 11.87 47.48 56.12
C LEU J 78 12.32 48.92 55.92
N LEU J 79 13.61 49.19 56.11
CA LEU J 79 14.13 50.53 55.88
C LEU J 79 14.11 50.87 54.40
N LYS J 80 14.54 49.94 53.54
CA LYS J 80 14.61 50.21 52.10
C LYS J 80 13.25 50.45 51.48
N GLN J 81 12.16 50.03 52.16
CA GLN J 81 10.82 50.41 51.72
C GLN J 81 10.66 51.91 51.60
N GLN J 82 11.35 52.68 52.43
CA GLN J 82 11.37 54.13 52.42
C GLN J 82 12.79 54.61 52.04
N SER J 83 12.94 55.93 51.96
CA SER J 83 14.18 56.52 51.48
C SER J 83 15.37 56.30 52.40
N LYS J 84 15.15 55.87 53.64
CA LYS J 84 16.16 55.98 54.69
C LYS J 84 17.32 54.99 54.58
N CYS J 85 17.41 54.15 53.54
CA CYS J 85 18.45 53.12 53.52
C CYS J 85 18.75 52.70 52.10
N SER J 86 19.91 52.05 51.95
CA SER J 86 20.37 51.46 50.70
C SER J 86 21.13 50.18 51.02
N ILE J 87 20.95 49.15 50.18
CA ILE J 87 21.44 47.80 50.44
C ILE J 87 22.62 47.53 49.52
N VAL J 88 23.72 47.03 50.09
CA VAL J 88 24.88 46.58 49.33
C VAL J 88 24.65 45.13 48.94
N ALA J 89 24.87 44.82 47.67
CA ALA J 89 24.68 43.46 47.20
C ALA J 89 25.80 42.56 47.74
N PRO J 90 25.53 41.27 47.96
CA PRO J 90 26.63 40.36 48.32
C PRO J 90 27.63 40.22 47.18
N GLN J 91 28.87 39.90 47.54
CA GLN J 91 29.94 39.88 46.56
C GLN J 91 29.79 38.72 45.57
N TRP J 92 29.20 37.60 46.00
CA TRP J 92 29.00 36.50 45.07
C TRP J 92 27.99 36.84 43.99
N LEU J 93 27.06 37.77 44.27
CA LEU J 93 26.03 38.17 43.33
C LEU J 93 26.57 39.22 42.34
N THR J 94 27.58 38.82 41.57
CA THR J 94 28.16 39.67 40.54
C THR J 94 28.52 38.82 39.33
N THR J 95 28.70 39.50 38.20
CA THR J 95 28.83 38.78 36.92
C THR J 95 30.08 37.91 36.88
N LYS J 96 31.20 38.42 37.38
CA LYS J 96 32.46 37.67 37.34
C LYS J 96 32.35 36.37 38.12
N GLU J 97 31.83 36.45 39.34
CA GLU J 97 31.74 35.26 40.19
C GLU J 97 30.78 34.24 39.59
N LEU J 98 29.63 34.68 39.08
CA LEU J 98 28.68 33.74 38.49
C LEU J 98 29.25 33.08 37.24
N ASP J 99 30.02 33.84 36.44
CA ASP J 99 30.74 33.23 35.32
C ASP J 99 31.67 32.13 35.80
N ARG J 100 32.44 32.41 36.86
CA ARG J 100 33.36 31.39 37.38
C ARG J 100 32.62 30.17 37.90
N LYS J 101 31.47 30.38 38.56
CA LYS J 101 30.71 29.25 39.08
C LYS J 101 30.11 28.41 37.96
N ILE J 102 29.65 29.05 36.88
CA ILE J 102 29.16 28.27 35.74
C ILE J 102 30.29 27.46 35.12
N GLN J 103 31.49 28.05 35.04
CA GLN J 103 32.63 27.30 34.52
C GLN J 103 32.99 26.12 35.43
N TYR J 104 32.90 26.32 36.74
CA TYR J 104 33.11 25.22 37.68
C TYR J 104 32.08 24.11 37.44
N GLU J 105 30.81 24.50 37.25
CA GLU J 105 29.75 23.53 37.03
C GLU J 105 30.01 22.70 35.78
N LYS J 106 30.40 23.36 34.69
CA LYS J 106 30.68 22.63 33.46
C LYS J 106 31.92 21.76 33.58
N THR J 107 32.93 22.22 34.32
CA THR J 107 34.19 21.49 34.37
C THR J 107 34.05 20.17 35.12
N HIS J 108 33.34 20.18 36.26
CA HIS J 108 33.22 19.00 37.13
C HIS J 108 31.82 18.40 36.98
N PRO J 109 31.62 17.38 36.14
CA PRO J 109 30.25 17.00 35.77
C PRO J 109 29.44 16.29 36.85
N ASP J 110 29.97 16.10 38.06
CA ASP J 110 29.22 15.50 39.16
C ASP J 110 29.12 16.40 40.39
N ARG J 111 30.20 17.08 40.77
CA ARG J 111 30.16 17.95 41.93
C ARG J 111 29.27 19.17 41.68
N PHE J 112 28.63 19.63 42.75
CA PHE J 112 27.91 20.90 42.75
C PHE J 112 28.86 22.03 43.15
N SER J 113 28.72 23.17 42.48
CA SER J 113 29.53 24.33 42.83
C SER J 113 29.12 24.87 44.19
N GLU J 114 30.07 25.54 44.85
CA GLU J 114 29.95 25.90 46.27
C GLU J 114 29.24 27.24 46.47
N LEU J 115 28.03 27.37 45.93
CA LEU J 115 27.26 28.57 46.15
C LEU J 115 26.67 28.57 47.58
N PRO J 116 26.33 29.73 48.13
CA PRO J 116 25.73 29.74 49.48
C PRO J 116 24.38 29.05 49.52
N TRP J 117 23.99 28.65 50.72
CA TRP J 117 22.80 27.82 50.89
C TRP J 117 21.49 28.55 50.60
N ASN J 118 21.51 29.89 50.47
CA ASN J 118 20.30 30.70 50.29
C ASN J 118 20.34 31.52 48.99
N TRP J 119 21.01 31.02 47.96
CA TRP J 119 21.30 31.86 46.80
C TRP J 119 20.03 32.20 46.01
N LEU J 120 19.17 31.21 45.76
CA LEU J 120 17.95 31.45 44.99
C LEU J 120 17.04 32.43 45.71
N VAL J 121 16.80 32.20 47.01
CA VAL J 121 15.87 33.00 47.78
C VAL J 121 16.35 34.45 47.84
N LEU J 122 17.64 34.64 48.14
CA LEU J 122 18.16 35.99 48.29
C LEU J 122 18.18 36.72 46.96
N ALA J 123 18.52 36.02 45.87
CA ALA J 123 18.50 36.64 44.56
C ALA J 123 17.09 37.11 44.19
N ARG J 124 16.09 36.25 44.39
CA ARG J 124 14.73 36.59 44.02
C ARG J 124 14.05 37.52 45.02
N ILE J 125 14.66 37.77 46.18
CA ILE J 125 14.20 38.85 47.05
C ILE J 125 14.82 40.18 46.63
N LEU J 126 16.13 40.19 46.40
CA LEU J 126 16.81 41.45 46.11
C LEU J 126 16.44 42.01 44.75
N PHE J 127 16.20 41.15 43.75
CA PHE J 127 15.79 41.67 42.45
C PHE J 127 14.45 42.39 42.52
N ASN J 128 13.57 41.99 43.43
CA ASN J 128 12.28 42.66 43.56
C ASN J 128 12.38 43.90 44.44
N LYS J 129 12.97 43.78 45.64
CA LYS J 129 12.95 44.87 46.58
C LYS J 129 14.05 45.92 46.34
N ALA J 130 15.15 45.54 45.69
CA ALA J 130 16.34 46.39 45.59
C ALA J 130 16.91 46.37 44.17
N LYS J 131 16.03 46.55 43.18
CA LYS J 131 16.48 46.55 41.79
C LYS J 131 17.42 47.72 41.48
N ASP J 132 17.32 48.82 42.22
CA ASP J 132 18.04 50.04 41.89
C ASP J 132 19.46 50.11 42.47
N ASP J 133 19.81 49.24 43.42
CA ASP J 133 21.07 49.34 44.15
C ASP J 133 22.21 48.51 43.57
N PHE J 134 21.98 47.79 42.48
CA PHE J 134 23.04 46.98 41.88
C PHE J 134 23.97 47.84 41.04
N HIS J 135 25.20 47.32 40.85
CA HIS J 135 26.18 47.93 39.95
C HIS J 135 26.14 47.31 38.56
N ASP J 136 26.02 45.99 38.48
CA ASP J 136 25.92 45.33 37.18
C ASP J 136 24.54 45.57 36.58
N PRO J 137 24.41 45.42 35.25
CA PRO J 137 23.06 45.49 34.66
C PRO J 137 22.26 44.26 35.05
N ILE J 138 21.05 44.51 35.57
CA ILE J 138 20.25 43.45 36.18
C ILE J 138 19.83 42.40 35.15
N HIS J 139 19.63 42.81 33.89
CA HIS J 139 19.14 41.89 32.87
C HIS J 139 20.15 40.82 32.48
N GLU J 140 21.41 40.94 32.90
CA GLU J 140 22.42 39.89 32.72
C GLU J 140 22.46 38.92 33.90
N LEU J 141 22.36 39.47 35.11
CA LEU J 141 22.27 38.63 36.31
C LEU J 141 21.06 37.70 36.23
N ARG J 142 19.93 38.22 35.73
CA ARG J 142 18.73 37.40 35.62
C ARG J 142 18.92 36.22 34.67
N GLY J 143 19.83 36.33 33.70
CA GLY J 143 20.14 35.23 32.82
C GLY J 143 21.12 34.22 33.40
N LYS J 144 22.14 34.74 34.09
CA LYS J 144 23.16 33.83 34.62
C LYS J 144 22.63 32.99 35.78
N ILE J 145 21.72 33.55 36.58
CA ILE J 145 21.04 32.76 37.61
C ILE J 145 20.27 31.60 36.97
N GLN J 146 19.58 31.88 35.86
CA GLN J 146 18.83 30.85 35.15
C GLN J 146 19.74 29.75 34.64
N ASP J 147 20.91 30.13 34.10
CA ASP J 147 21.86 29.15 33.61
C ASP J 147 22.32 28.20 34.73
N LEU J 148 22.63 28.79 35.89
CA LEU J 148 23.06 27.97 37.03
C LEU J 148 21.98 26.99 37.45
N ARG J 149 20.72 27.47 37.53
CA ARG J 149 19.65 26.58 37.97
C ARG J 149 19.42 25.45 36.98
N GLU J 150 19.49 25.73 35.68
CA GLU J 150 19.28 24.67 34.69
C GLU J 150 20.36 23.59 34.77
N ILE J 151 21.63 24.01 34.90
CA ILE J 151 22.70 23.02 34.98
C ILE J 151 22.55 22.16 36.24
N ARG J 152 22.21 22.80 37.36
CA ARG J 152 21.99 22.05 38.59
C ARG J 152 20.81 21.08 38.46
N GLN J 153 19.78 21.47 37.70
CA GLN J 153 18.65 20.56 37.52
C GLN J 153 19.05 19.32 36.72
N ILE J 154 19.92 19.49 35.72
CA ILE J 154 20.45 18.32 34.99
C ILE J 154 21.16 17.40 35.97
N LYS J 155 22.04 17.96 36.80
CA LYS J 155 22.81 17.15 37.73
C LYS J 155 21.92 16.45 38.74
N VAL J 156 20.83 17.11 39.16
CA VAL J 156 19.87 16.46 40.05
C VAL J 156 19.22 15.28 39.35
N LEU J 157 18.79 15.46 38.09
CA LEU J 157 18.07 14.40 37.41
C LEU J 157 18.96 13.17 37.18
N LYS J 158 20.28 13.37 37.04
CA LYS J 158 21.15 12.20 37.00
C LYS J 158 21.18 11.47 38.34
N GLY J 159 21.10 12.20 39.44
CA GLY J 159 21.34 11.63 40.75
C GLY J 159 20.25 10.72 41.28
N LEU J 160 19.02 10.86 40.77
CA LEU J 160 17.89 10.09 41.30
C LEU J 160 17.90 8.62 40.88
N LYS J 161 18.91 8.15 40.16
CA LYS J 161 19.05 6.75 39.82
C LYS J 161 19.82 5.95 40.86
N TYR J 162 20.23 6.57 41.97
CA TYR J 162 20.99 5.92 43.05
C TYR J 162 20.22 5.87 44.35
N LEU J 163 18.90 6.07 44.33
CA LEU J 163 18.10 5.84 45.52
C LEU J 163 18.22 4.37 45.92
N ASN J 164 18.50 4.14 47.20
CA ASN J 164 18.91 2.82 47.68
C ASN J 164 18.35 2.61 49.07
N GLU J 165 18.76 1.51 49.70
CA GLU J 165 18.25 1.11 51.00
C GLU J 165 18.98 1.75 52.18
N SER J 166 20.16 2.34 51.95
CA SER J 166 21.07 2.68 53.05
C SER J 166 21.20 4.18 53.28
N HIS J 167 21.66 4.96 52.30
CA HIS J 167 21.91 6.38 52.51
C HIS J 167 22.27 7.04 51.19
N LEU J 168 22.49 8.35 51.25
CA LEU J 168 23.01 9.13 50.14
C LEU J 168 23.79 10.31 50.70
N GLN J 169 24.72 10.82 49.92
CA GLN J 169 25.48 12.03 50.23
C GLN J 169 25.15 13.12 49.23
N LEU J 170 25.00 14.35 49.74
CA LEU J 170 24.77 15.53 48.93
C LEU J 170 25.72 16.62 49.42
N ASP J 171 26.09 17.54 48.53
CA ASP J 171 27.01 18.61 48.86
C ASP J 171 26.63 19.87 48.11
N ASN J 172 26.60 20.99 48.83
CA ASN J 172 26.38 22.33 48.29
C ASN J 172 25.00 22.51 47.67
N LEU J 173 24.06 21.59 47.92
CA LEU J 173 22.71 21.73 47.39
C LEU J 173 21.93 22.69 48.28
N SER J 174 21.29 23.68 47.66
CA SER J 174 20.68 24.77 48.41
C SER J 174 19.48 24.28 49.23
N LEU J 175 19.06 25.13 50.16
CA LEU J 175 17.93 24.79 51.02
C LEU J 175 16.65 24.64 50.21
N LEU J 176 16.35 25.60 49.33
CA LEU J 176 15.13 25.54 48.54
C LEU J 176 15.14 24.35 47.60
N GLU J 177 16.30 24.03 47.03
CA GLU J 177 16.41 22.87 46.15
C GLU J 177 16.12 21.57 46.90
N ILE J 178 16.66 21.46 48.13
CA ILE J 178 16.38 20.28 48.95
C ILE J 178 14.90 20.22 49.28
N ASN J 179 14.30 21.35 49.65
CA ASN J 179 12.90 21.38 50.03
C ASN J 179 12.00 21.05 48.86
N GLU J 180 12.42 21.41 47.64
CA GLU J 180 11.70 21.04 46.44
C GLU J 180 11.64 19.52 46.30
N LEU J 181 12.76 18.84 46.58
CA LEU J 181 12.83 17.41 46.29
C LEU J 181 12.38 16.49 47.43
N ARG J 182 12.42 16.96 48.69
CA ARG J 182 12.25 16.19 49.92
C ARG J 182 11.18 15.08 49.90
N PRO J 183 9.90 15.38 49.62
CA PRO J 183 8.87 14.34 49.72
C PRO J 183 9.02 13.18 48.74
N PHE J 184 9.74 13.36 47.64
CA PHE J 184 9.93 12.28 46.68
C PHE J 184 11.05 11.34 47.13
N ILE J 185 12.22 11.92 47.43
CA ILE J 185 13.38 11.14 47.84
C ILE J 185 13.06 10.33 49.09
N THR J 186 12.50 10.99 50.11
CA THR J 186 12.28 10.30 51.37
C THR J 186 11.28 9.16 51.22
N GLU J 187 10.21 9.38 50.45
CA GLU J 187 9.19 8.35 50.27
C GLU J 187 9.73 7.13 49.54
N ILE J 188 10.40 7.35 48.41
CA ILE J 188 10.89 6.21 47.63
C ILE J 188 11.97 5.45 48.41
N MET J 189 12.83 6.19 49.11
CA MET J 189 13.85 5.53 49.93
C MET J 189 13.22 4.72 51.05
N ASP J 190 12.16 5.25 51.66
CA ASP J 190 11.48 4.51 52.72
C ASP J 190 10.87 3.21 52.20
N LYS J 191 10.25 3.24 51.02
CA LYS J 191 9.64 2.02 50.53
C LYS J 191 10.70 0.98 50.12
N LEU J 192 11.84 1.43 49.58
CA LEU J 192 12.92 0.48 49.34
C LEU J 192 13.42 -0.13 50.64
N ARG J 193 13.53 0.67 51.69
CA ARG J 193 13.89 0.15 53.00
C ARG J 193 12.90 -0.90 53.48
N GLU J 194 11.60 -0.62 53.32
CA GLU J 194 10.58 -1.55 53.76
C GLU J 194 10.68 -2.87 53.00
N ILE J 195 10.93 -2.80 51.70
CA ILE J 195 11.01 -4.03 50.91
C ILE J 195 12.23 -4.84 51.32
N HIS J 196 13.36 -4.17 51.59
CA HIS J 196 14.58 -4.92 51.91
C HIS J 196 14.48 -5.61 53.28
N THR J 197 14.05 -4.87 54.30
CA THR J 197 14.05 -5.43 55.65
C THR J 197 13.03 -6.55 55.82
N ALA J 198 11.96 -6.55 55.02
CA ALA J 198 10.96 -7.60 55.13
C ALA J 198 11.54 -8.96 54.77
N SER J 199 12.53 -9.00 53.88
CA SER J 199 13.16 -10.27 53.54
C SER J 199 14.05 -10.79 54.66
N LEU J 200 14.69 -9.88 55.41
CA LEU J 200 15.54 -10.31 56.51
C LEU J 200 14.74 -10.97 57.62
N THR J 201 13.59 -10.38 57.97
CA THR J 201 12.82 -10.81 59.13
C THR J 201 12.24 -12.20 58.93
N MET K 24 2.80 0.53 59.19
CA MET K 24 1.54 -0.27 59.12
C MET K 24 0.69 -0.04 60.37
N GLY K 25 0.04 1.12 60.42
CA GLY K 25 -0.73 1.48 61.59
C GLY K 25 -2.06 0.75 61.68
N TYR K 26 -2.62 0.77 62.89
CA TYR K 26 -3.90 0.11 63.12
C TYR K 26 -5.03 0.80 62.36
N TYR K 27 -5.13 2.12 62.50
CA TYR K 27 -6.25 2.88 61.95
C TYR K 27 -6.07 3.26 60.49
N ASP K 28 -5.04 2.75 59.81
CA ASP K 28 -4.80 3.11 58.42
C ASP K 28 -5.87 2.48 57.54
N ILE K 29 -6.57 3.30 56.76
CA ILE K 29 -7.67 2.80 55.94
C ILE K 29 -7.16 1.88 54.85
N ASP K 30 -6.05 2.24 54.20
CA ASP K 30 -5.54 1.44 53.08
C ASP K 30 -5.12 0.05 53.56
N ASP K 31 -4.45 -0.02 54.72
CA ASP K 31 -4.07 -1.31 55.26
C ASP K 31 -5.30 -2.12 55.66
N VAL K 32 -6.31 -1.47 56.21
CA VAL K 32 -7.57 -2.13 56.53
C VAL K 32 -8.20 -2.72 55.28
N LEU K 33 -8.16 -1.98 54.19
CA LEU K 33 -8.80 -2.38 52.94
C LEU K 33 -7.97 -3.41 52.19
N ALA K 34 -6.64 -3.34 52.28
CA ALA K 34 -5.79 -4.28 51.56
C ALA K 34 -5.86 -5.67 52.16
N ASP K 35 -6.04 -5.78 53.48
CA ASP K 35 -6.12 -7.09 54.13
C ASP K 35 -7.33 -7.90 53.69
N GLY K 36 -8.35 -7.28 53.10
CA GLY K 36 -9.54 -7.98 52.69
C GLY K 36 -9.46 -8.70 51.35
N THR K 37 -8.34 -8.63 50.65
CA THR K 37 -8.21 -9.34 49.38
C THR K 37 -8.09 -10.83 49.62
N GLU K 38 -8.67 -11.62 48.72
CA GLU K 38 -8.75 -13.07 48.88
C GLU K 38 -7.58 -13.76 48.20
N PHE K 39 -7.11 -14.84 48.82
CA PHE K 39 -6.04 -15.69 48.34
C PHE K 39 -6.52 -17.13 48.31
N PRO K 40 -5.99 -17.97 47.40
CA PRO K 40 -6.42 -19.37 47.39
C PRO K 40 -5.82 -20.14 48.55
N CYS K 41 -6.55 -21.16 49.00
CA CYS K 41 -6.19 -21.91 50.19
C CYS K 41 -6.63 -23.36 50.03
N LYS K 42 -5.99 -24.25 50.79
CA LYS K 42 -6.34 -25.66 50.84
C LYS K 42 -6.27 -26.13 52.28
N PHE K 43 -7.23 -26.98 52.67
CA PHE K 43 -7.34 -27.44 54.05
C PHE K 43 -6.55 -28.72 54.28
N GLN K 44 -6.20 -28.95 55.55
CA GLN K 44 -5.47 -30.13 55.98
C GLN K 44 -6.19 -30.94 57.06
N TYR K 45 -7.36 -30.50 57.51
CA TYR K 45 -8.20 -31.28 58.42
C TYR K 45 -9.66 -31.10 58.03
N ASP K 46 -10.45 -32.14 58.26
CA ASP K 46 -11.90 -32.03 58.23
C ASP K 46 -12.39 -31.49 59.57
N ILE K 47 -13.30 -30.52 59.51
CA ILE K 47 -13.76 -29.79 60.69
C ILE K 47 -15.29 -29.72 60.62
N PRO K 48 -16.04 -29.96 61.71
CA PRO K 48 -17.49 -29.79 61.62
C PRO K 48 -17.93 -28.33 61.65
N GLY K 49 -19.05 -28.07 60.99
CA GLY K 49 -19.79 -26.83 61.16
C GLY K 49 -19.23 -25.60 60.50
N LEU K 50 -17.99 -25.64 59.99
CA LEU K 50 -17.38 -24.48 59.35
C LEU K 50 -17.66 -24.43 57.84
N GLY K 51 -18.73 -25.08 57.39
CA GLY K 51 -19.11 -25.01 55.98
C GLY K 51 -19.56 -23.64 55.54
N TYR K 52 -19.86 -22.72 56.47
CA TYR K 52 -20.23 -21.37 56.09
C TYR K 52 -19.11 -20.65 55.37
N LEU K 53 -17.85 -21.07 55.57
CA LEU K 53 -16.76 -20.61 54.72
C LEU K 53 -17.00 -21.01 53.27
N GLU K 54 -17.57 -22.20 53.05
CA GLU K 54 -18.02 -22.66 51.74
C GLU K 54 -19.45 -22.23 51.43
N ASN K 55 -20.01 -21.28 52.19
CA ASN K 55 -21.37 -20.78 51.98
C ASN K 55 -22.42 -21.88 52.15
N ASN K 56 -22.19 -22.75 53.14
CA ASN K 56 -23.20 -23.72 53.56
C ASN K 56 -23.00 -23.97 55.05
N PRO K 57 -23.65 -23.18 55.92
CA PRO K 57 -23.41 -23.32 57.37
C PRO K 57 -23.73 -24.69 57.95
N GLY K 58 -24.55 -25.50 57.28
CA GLY K 58 -25.03 -26.75 57.82
C GLY K 58 -24.18 -27.97 57.55
N ARG K 59 -22.92 -27.82 57.13
CA ARG K 59 -22.10 -28.93 56.69
C ARG K 59 -20.67 -28.77 57.19
N PRO K 60 -19.88 -29.85 57.21
CA PRO K 60 -18.47 -29.74 57.59
C PRO K 60 -17.61 -29.27 56.42
N ILE K 61 -16.38 -28.90 56.76
CA ILE K 61 -15.27 -28.78 55.81
C ILE K 61 -14.54 -30.11 55.82
N THR K 62 -14.01 -30.50 54.66
CA THR K 62 -13.34 -31.77 54.46
C THR K 62 -11.93 -31.55 53.93
N LYS K 63 -11.04 -32.50 54.26
CA LYS K 63 -9.63 -32.36 53.93
C LYS K 63 -9.42 -32.31 52.42
N ASN K 64 -8.44 -31.52 52.00
CA ASN K 64 -8.06 -31.26 50.61
C ASN K 64 -9.13 -30.49 49.84
N THR K 65 -10.10 -29.89 50.52
CA THR K 65 -10.97 -28.91 49.89
C THR K 65 -10.21 -27.62 49.65
N LYS K 66 -10.53 -26.95 48.54
CA LYS K 66 -9.87 -25.71 48.13
C LYS K 66 -10.86 -24.56 48.17
N LEU K 67 -10.46 -23.45 48.80
CA LEU K 67 -11.31 -22.28 48.95
C LEU K 67 -10.48 -21.01 48.84
N SER K 68 -11.18 -19.92 48.53
CA SER K 68 -10.59 -18.58 48.46
C SER K 68 -11.05 -17.79 49.68
N LEU K 69 -10.08 -17.41 50.53
CA LEU K 69 -10.34 -16.78 51.83
C LEU K 69 -9.63 -15.44 51.94
N PRO K 70 -10.14 -14.48 52.71
CA PRO K 70 -9.45 -13.20 52.85
C PRO K 70 -8.14 -13.35 53.63
N LEU K 71 -7.23 -12.41 53.39
CA LEU K 71 -5.88 -12.55 53.90
C LEU K 71 -5.81 -12.45 55.41
N TRP K 72 -6.68 -11.65 56.04
CA TRP K 72 -6.62 -11.49 57.48
C TRP K 72 -6.94 -12.80 58.22
N LEU K 73 -7.64 -13.73 57.58
CA LEU K 73 -7.96 -15.04 58.13
C LEU K 73 -6.96 -16.11 57.68
N ALA K 74 -6.60 -16.13 56.40
CA ALA K 74 -5.64 -17.11 55.90
C ALA K 74 -4.26 -16.89 56.50
N ARG K 75 -3.93 -15.65 56.88
CA ARG K 75 -2.64 -15.38 57.50
C ARG K 75 -2.51 -16.07 58.85
N ILE K 76 -3.61 -16.31 59.54
CA ILE K 76 -3.61 -16.98 60.84
C ILE K 76 -3.82 -18.48 60.69
N LEU K 77 -4.77 -18.90 59.83
CA LEU K 77 -5.05 -20.32 59.69
C LEU K 77 -3.89 -21.07 59.05
N ALA K 78 -2.96 -20.38 58.39
CA ALA K 78 -1.77 -21.03 57.84
C ALA K 78 -0.69 -21.28 58.88
N ILE K 79 -0.77 -20.66 60.07
CA ILE K 79 0.28 -20.71 61.07
C ILE K 79 -0.12 -21.57 62.26
N VAL K 80 -1.31 -21.36 62.82
CA VAL K 80 -1.69 -22.02 64.06
C VAL K 80 -1.84 -23.52 63.82
N GLY K 81 -1.21 -24.31 64.69
CA GLY K 81 -1.27 -25.76 64.58
C GLY K 81 -2.62 -26.32 64.92
N PRO K 91 3.82 -30.13 64.29
CA PRO K 91 2.40 -30.20 63.93
C PRO K 91 2.12 -29.64 62.55
N VAL K 92 0.91 -29.87 62.06
CA VAL K 92 0.46 -29.43 60.74
C VAL K 92 -0.58 -28.33 60.94
N PRO K 93 -0.42 -27.14 60.35
CA PRO K 93 -1.47 -26.12 60.50
C PRO K 93 -2.70 -26.46 59.67
N PHE K 94 -3.77 -25.71 59.94
CA PHE K 94 -5.08 -26.05 59.40
C PHE K 94 -5.15 -25.88 57.89
N VAL K 95 -4.46 -24.86 57.36
CA VAL K 95 -4.61 -24.43 55.97
C VAL K 95 -3.23 -24.27 55.35
N GLU K 96 -3.14 -24.60 54.05
CA GLU K 96 -1.95 -24.37 53.24
C GLU K 96 -2.28 -23.33 52.17
N LEU K 97 -1.35 -22.41 51.94
CA LEU K 97 -1.52 -21.34 50.96
C LEU K 97 -0.97 -21.77 49.61
N LEU K 98 -1.82 -21.62 48.56
CA LEU K 98 -1.45 -21.94 47.18
C LEU K 98 -0.90 -20.70 46.49
N PRO K 99 -0.05 -20.83 45.47
CA PRO K 99 0.58 -19.64 44.87
C PRO K 99 -0.44 -18.80 44.11
N PRO K 100 -0.69 -17.55 44.49
CA PRO K 100 -1.75 -16.79 43.82
C PRO K 100 -1.37 -16.39 42.42
N ASP K 101 -2.39 -15.98 41.66
CA ASP K 101 -2.17 -15.64 40.25
C ASP K 101 -1.44 -14.31 40.07
N MET K 102 -1.58 -13.37 41.01
CA MET K 102 -0.96 -12.07 40.83
C MET K 102 0.56 -12.10 40.94
N PHE K 103 1.14 -13.20 41.45
CA PHE K 103 2.59 -13.42 41.48
C PHE K 103 3.02 -14.54 40.52
N SER K 104 2.25 -14.75 39.45
CA SER K 104 2.56 -15.82 38.51
C SER K 104 3.82 -15.49 37.70
N THR K 105 4.31 -16.50 36.99
CA THR K 105 5.54 -16.35 36.23
C THR K 105 5.39 -15.35 35.09
N LYS K 106 4.21 -15.32 34.45
CA LYS K 106 3.97 -14.37 33.36
C LYS K 106 4.11 -12.94 33.84
N VAL K 107 3.57 -12.64 35.02
CA VAL K 107 3.69 -11.30 35.59
C VAL K 107 5.15 -10.95 35.84
N MET K 108 5.94 -11.92 36.33
CA MET K 108 7.34 -11.65 36.61
C MET K 108 8.11 -11.35 35.33
N ASN K 109 7.87 -12.12 34.27
CA ASN K 109 8.54 -11.84 33.00
C ASN K 109 8.11 -10.48 32.44
N ALA K 110 6.82 -10.16 32.54
CA ALA K 110 6.34 -8.86 32.09
C ALA K 110 6.99 -7.73 32.87
N ILE K 111 7.18 -7.91 34.17
CA ILE K 111 7.87 -6.92 34.99
C ILE K 111 9.31 -6.75 34.51
N LYS K 112 10.00 -7.87 34.27
CA LYS K 112 11.42 -7.80 34.00
C LYS K 112 11.75 -7.33 32.59
N THR K 113 10.81 -7.44 31.63
CA THR K 113 11.11 -6.97 30.28
C THR K 113 11.02 -5.46 30.18
N ASP K 114 9.92 -4.87 30.64
CA ASP K 114 9.69 -3.43 30.53
C ASP K 114 8.83 -2.99 31.71
N PRO K 115 9.44 -2.52 32.81
CA PRO K 115 8.60 -2.13 33.96
C PRO K 115 7.78 -0.88 33.72
N VAL K 116 8.26 0.05 32.90
CA VAL K 116 7.60 1.34 32.76
C VAL K 116 6.26 1.19 32.03
N ALA K 117 6.19 0.32 31.02
CA ALA K 117 4.97 0.17 30.23
C ALA K 117 3.88 -0.64 30.94
N LEU K 118 4.17 -1.22 32.11
CA LEU K 118 3.29 -2.22 32.68
C LEU K 118 2.08 -1.59 33.33
N ASP K 119 0.92 -2.25 33.17
CA ASP K 119 -0.35 -1.79 33.74
C ASP K 119 -0.58 -2.52 35.06
N LEU K 120 0.11 -2.06 36.10
CA LEU K 120 -0.04 -2.67 37.42
C LEU K 120 -1.41 -2.41 38.02
N HIS K 121 -2.08 -1.33 37.62
CA HIS K 121 -3.39 -1.03 38.19
C HIS K 121 -4.39 -2.11 37.83
N SER K 122 -4.31 -2.65 36.61
CA SER K 122 -5.20 -3.74 36.23
C SER K 122 -4.84 -5.04 36.92
N ILE K 123 -3.55 -5.28 37.18
CA ILE K 123 -3.13 -6.54 37.82
C ILE K 123 -3.68 -6.61 39.23
N ASN K 124 -3.45 -5.58 40.04
CA ASN K 124 -4.06 -5.49 41.36
C ASN K 124 -3.92 -4.06 41.86
N SER K 125 -4.96 -3.58 42.53
CA SER K 125 -4.98 -2.18 42.95
C SER K 125 -3.94 -1.89 44.03
N HIS K 126 -3.64 -2.87 44.89
CA HIS K 126 -2.77 -2.70 46.05
C HIS K 126 -1.54 -3.60 45.93
N PHE K 127 -0.83 -3.51 44.81
CA PHE K 127 0.22 -4.49 44.50
C PHE K 127 1.36 -4.42 45.52
N PHE K 128 1.92 -3.23 45.75
CA PHE K 128 3.13 -3.12 46.55
C PHE K 128 2.90 -3.33 48.04
N SER K 129 1.66 -3.33 48.52
CA SER K 129 1.37 -3.69 49.90
C SER K 129 1.31 -5.21 50.07
N LEU K 130 0.55 -5.87 49.19
CA LEU K 130 0.46 -7.32 49.23
C LEU K 130 1.81 -7.97 48.97
N ALA K 131 2.65 -7.34 48.13
CA ALA K 131 3.99 -7.86 47.89
C ALA K 131 4.80 -7.90 49.18
N ILE K 132 4.78 -6.80 49.93
CA ILE K 132 5.56 -6.76 51.18
C ILE K 132 4.99 -7.74 52.20
N LYS K 133 3.65 -7.85 52.26
CA LYS K 133 3.05 -8.81 53.19
C LYS K 133 3.44 -10.25 52.86
N TRP K 134 3.43 -10.60 51.57
CA TRP K 134 3.81 -11.94 51.15
C TRP K 134 5.29 -12.19 51.42
N ILE K 135 6.15 -11.19 51.18
CA ILE K 135 7.57 -11.34 51.44
C ILE K 135 7.81 -11.59 52.92
N MET K 136 7.12 -10.83 53.79
CA MET K 136 7.22 -11.07 55.22
C MET K 136 6.75 -12.48 55.58
N LEU K 137 5.67 -12.93 54.96
CA LEU K 137 5.10 -14.23 55.31
C LEU K 137 6.06 -15.37 54.97
N PHE K 138 6.67 -15.32 53.77
CA PHE K 138 7.51 -16.42 53.28
C PHE K 138 8.99 -16.08 53.19
N SER K 139 9.40 -14.85 53.48
CA SER K 139 10.82 -14.46 53.49
C SER K 139 11.48 -14.69 52.13
N GLU K 140 10.76 -14.37 51.06
CA GLU K 140 11.32 -14.51 49.72
C GLU K 140 12.49 -13.57 49.52
N LYS K 141 13.52 -14.04 48.82
CA LYS K 141 14.69 -13.25 48.48
C LYS K 141 14.63 -12.72 47.04
N GLU K 142 14.29 -13.57 46.08
CA GLU K 142 14.33 -13.16 44.68
C GLU K 142 13.18 -12.21 44.35
N LEU K 143 12.00 -12.46 44.92
CA LEU K 143 10.85 -11.57 44.69
C LEU K 143 11.15 -10.16 45.15
N ALA K 144 11.87 -10.02 46.27
CA ALA K 144 12.26 -8.70 46.74
C ALA K 144 13.16 -7.99 45.72
N ASN K 145 14.10 -8.72 45.14
CA ASN K 145 14.99 -8.12 44.15
C ASN K 145 14.20 -7.64 42.92
N VAL K 146 13.22 -8.44 42.49
CA VAL K 146 12.40 -8.05 41.35
C VAL K 146 11.59 -6.80 41.67
N VAL K 147 10.94 -6.80 42.85
CA VAL K 147 10.02 -5.71 43.19
C VAL K 147 10.80 -4.41 43.40
N SER K 148 12.00 -4.49 43.98
CA SER K 148 12.80 -3.29 44.17
C SER K 148 13.18 -2.67 42.84
N GLU K 149 13.59 -3.50 41.87
CA GLU K 149 13.89 -2.96 40.54
C GLU K 149 12.65 -2.33 39.90
N LEU K 150 11.49 -2.97 40.06
CA LEU K 150 10.26 -2.43 39.48
C LEU K 150 9.95 -1.04 40.03
N LEU K 151 9.97 -0.91 41.36
CA LEU K 151 9.69 0.39 41.99
C LEU K 151 10.70 1.44 41.54
N LEU K 152 11.99 1.10 41.54
CA LEU K 152 13.01 2.09 41.21
C LEU K 152 12.89 2.53 39.76
N GLN K 153 12.53 1.61 38.86
CA GLN K 153 12.43 1.99 37.44
C GLN K 153 11.19 2.83 37.17
N ARG K 154 10.07 2.56 37.87
CA ARG K 154 8.86 3.36 37.64
C ARG K 154 8.94 4.75 38.27
N ALA K 155 9.70 4.89 39.36
CA ALA K 155 9.85 6.20 40.00
C ALA K 155 10.43 7.26 39.07
N GLN K 156 11.25 6.84 38.09
CA GLN K 156 11.88 7.80 37.19
C GLN K 156 10.84 8.52 36.34
N GLU K 157 10.00 7.76 35.63
CA GLU K 157 8.96 8.38 34.83
C GLU K 157 7.94 9.09 35.70
N LEU K 158 7.70 8.60 36.92
CA LEU K 158 6.82 9.32 37.83
C LEU K 158 7.37 10.72 38.13
N ASN K 159 8.68 10.82 38.39
CA ASN K 159 9.28 12.12 38.62
C ASN K 159 9.25 12.99 37.38
N HIS K 160 9.44 12.37 36.20
CA HIS K 160 9.38 13.13 34.96
C HIS K 160 8.02 13.80 34.79
N HIS K 161 6.95 13.05 34.99
CA HIS K 161 5.62 13.64 34.85
C HIS K 161 5.31 14.60 36.00
N ALA K 162 5.92 14.40 37.17
CA ALA K 162 5.73 15.36 38.25
C ALA K 162 6.37 16.71 37.92
N SER K 163 7.58 16.70 37.34
CA SER K 163 8.31 17.94 37.12
C SER K 163 7.72 18.81 36.02
N SER K 164 6.91 18.24 35.13
CA SER K 164 6.46 18.95 33.93
C SER K 164 5.25 19.80 34.28
N LEU K 165 5.46 21.11 34.38
CA LEU K 165 4.42 22.07 34.73
C LEU K 165 4.11 22.96 33.54
N SER K 166 2.82 23.20 33.31
CA SER K 166 2.40 24.08 32.24
C SER K 166 2.70 25.53 32.60
N ILE K 167 3.00 26.33 31.57
CA ILE K 167 3.28 27.75 31.72
C ILE K 167 1.97 28.52 31.56
N THR K 181 -0.58 18.67 26.22
CA THR K 181 0.16 18.17 27.39
C THR K 181 -0.67 17.20 28.21
N ASN K 182 -1.98 17.40 28.24
CA ASN K 182 -2.85 16.61 29.10
C ASN K 182 -2.88 15.14 28.68
N ILE K 183 -2.94 14.88 27.37
CA ILE K 183 -3.06 13.50 26.89
C ILE K 183 -1.79 12.71 27.22
N ALA K 184 -0.63 13.31 26.95
CA ALA K 184 0.64 12.61 27.14
C ALA K 184 0.87 12.24 28.60
N THR K 185 0.53 13.13 29.52
CA THR K 185 0.60 12.79 30.93
C THR K 185 -0.48 11.78 31.31
N SER K 186 -1.71 11.99 30.82
CA SER K 186 -2.85 11.21 31.27
C SER K 186 -2.74 9.75 30.88
N THR K 187 -2.08 9.43 29.77
CA THR K 187 -1.98 8.02 29.36
C THR K 187 -1.18 7.20 30.37
N PHE K 188 -0.10 7.77 30.92
CA PHE K 188 0.72 7.02 31.87
C PHE K 188 0.09 6.98 33.25
N LEU K 189 -0.57 8.06 33.68
CA LEU K 189 -1.08 8.15 35.04
C LEU K 189 -2.33 7.30 35.27
N LEU K 190 -2.84 6.58 34.27
CA LEU K 190 -3.88 5.59 34.45
C LEU K 190 -3.34 4.20 34.77
N LYS K 191 -2.01 4.01 34.79
CA LYS K 191 -1.38 2.74 35.10
C LYS K 191 -0.63 2.76 36.43
N LEU K 192 -0.94 3.71 37.31
CA LEU K 192 -0.32 3.80 38.62
C LEU K 192 -1.15 3.05 39.65
N GLU K 193 -0.46 2.48 40.62
CA GLU K 193 -1.12 1.87 41.76
C GLU K 193 -1.77 2.94 42.64
N GLU K 194 -2.61 2.50 43.56
CA GLU K 194 -3.05 3.39 44.63
C GLU K 194 -1.87 3.85 45.48
N MET K 195 -0.84 2.99 45.60
CA MET K 195 0.36 3.36 46.34
C MET K 195 1.10 4.50 45.66
N GLU K 196 1.22 4.45 44.33
CA GLU K 196 2.03 5.43 43.60
C GLU K 196 1.34 6.78 43.44
N LYS K 197 0.01 6.81 43.47
CA LYS K 197 -0.72 8.05 43.27
C LYS K 197 -0.41 9.06 44.37
N GLU K 198 -0.26 8.59 45.61
CA GLU K 198 0.03 9.50 46.72
C GLU K 198 1.39 10.16 46.54
N ILE K 199 2.39 9.38 46.13
CA ILE K 199 3.72 9.95 45.88
C ILE K 199 3.65 10.96 44.75
N TYR K 200 2.91 10.64 43.68
CA TYR K 200 2.79 11.57 42.57
C TYR K 200 2.15 12.88 43.00
N LYS K 201 1.06 12.79 43.77
CA LYS K 201 0.36 14.01 44.20
C LYS K 201 1.24 14.86 45.11
N LYS K 202 1.91 14.23 46.08
CA LYS K 202 2.74 14.99 47.00
C LYS K 202 4.01 15.53 46.35
N SER K 203 4.44 14.97 45.21
CA SER K 203 5.55 15.55 44.47
C SER K 203 5.08 16.73 43.62
N HIS K 204 3.97 16.55 42.91
CA HIS K 204 3.46 17.59 42.03
C HIS K 204 3.12 18.86 42.81
N GLU K 205 2.47 18.70 43.97
CA GLU K 205 2.11 19.89 44.75
C GLU K 205 3.35 20.64 45.23
N SER K 206 4.41 19.91 45.61
CA SER K 206 5.65 20.55 46.05
C SER K 206 6.26 21.38 44.94
N TYR K 207 6.41 20.78 43.74
CA TYR K 207 7.00 21.52 42.62
C TYR K 207 6.15 22.74 42.28
N LYS K 208 4.83 22.56 42.27
CA LYS K 208 3.92 23.65 41.91
C LYS K 208 4.02 24.80 42.91
N ASP K 209 4.08 24.49 44.22
CA ASP K 209 4.20 25.53 45.23
C ASP K 209 5.51 26.30 45.08
N THR K 210 6.61 25.60 44.82
CA THR K 210 7.88 26.30 44.63
C THR K 210 7.82 27.23 43.43
N LYS K 211 7.26 26.75 42.32
CA LYS K 211 7.14 27.57 41.11
C LYS K 211 6.28 28.80 41.36
N ARG K 212 5.13 28.61 42.02
CA ARG K 212 4.23 29.71 42.32
C ARG K 212 4.92 30.75 43.19
N TRP K 213 5.66 30.31 44.21
CA TRP K 213 6.36 31.27 45.05
C TRP K 213 7.41 32.03 44.26
N MET K 214 8.15 31.34 43.39
CA MET K 214 9.24 32.00 42.69
C MET K 214 8.74 33.09 41.74
N PHE K 215 7.82 32.75 40.85
CA PHE K 215 7.49 33.68 39.76
C PHE K 215 6.42 34.69 40.13
N LYS K 216 5.62 34.43 41.16
CA LYS K 216 4.72 35.37 41.89
C LYS K 216 4.51 36.78 41.32
N VAL L 54 23.99 33.48 78.50
CA VAL L 54 22.55 33.79 78.29
C VAL L 54 22.39 35.22 77.80
N SER L 55 21.62 35.39 76.73
CA SER L 55 21.25 36.71 76.24
C SER L 55 19.96 36.58 75.46
N PRO L 56 19.21 37.68 75.26
CA PRO L 56 17.99 37.59 74.43
C PRO L 56 18.27 37.14 73.00
N GLN L 57 19.44 37.46 72.46
CA GLN L 57 19.79 37.04 71.11
C GLN L 57 19.89 35.53 71.01
N GLN L 58 20.49 34.88 72.02
CA GLN L 58 20.77 33.45 71.94
C GLN L 58 19.50 32.61 72.09
N ASP L 59 18.54 33.09 72.88
CA ASP L 59 17.31 32.33 73.11
C ASP L 59 16.52 32.15 71.81
N PHE L 60 16.49 33.17 70.97
CA PHE L 60 15.76 33.04 69.72
C PHE L 60 16.42 32.03 68.79
N SER L 61 17.75 31.98 68.77
CA SER L 61 18.44 30.97 67.97
C SER L 61 18.11 29.57 68.48
N ASP L 62 18.08 29.40 69.81
CA ASP L 62 17.68 28.11 70.37
C ASP L 62 16.24 27.77 70.01
N LEU L 63 15.35 28.77 70.00
CA LEU L 63 13.96 28.52 69.62
C LEU L 63 13.86 28.06 68.17
N MET L 64 14.59 28.72 67.27
CA MET L 64 14.59 28.32 65.87
C MET L 64 15.11 26.90 65.70
N LYS L 65 16.20 26.57 66.41
CA LYS L 65 16.73 25.21 66.43
C LYS L 65 15.68 24.19 66.85
N SER L 66 15.00 24.47 67.97
CA SER L 66 14.00 23.54 68.48
C SER L 66 12.84 23.37 67.51
N TRP L 67 12.37 24.48 66.93
CA TRP L 67 11.27 24.45 65.99
C TRP L 67 11.60 23.59 64.78
N LYS L 68 12.77 23.84 64.17
CA LYS L 68 13.17 23.09 62.98
C LYS L 68 13.37 21.62 63.29
N ASN L 69 13.99 21.30 64.43
CA ASN L 69 14.17 19.90 64.78
C ASN L 69 12.85 19.21 65.06
N GLU L 70 11.92 19.89 65.73
CA GLU L 70 10.64 19.29 66.06
C GLU L 70 9.82 19.00 64.81
N ARG L 71 9.92 19.86 63.79
CA ARG L 71 9.10 19.66 62.59
C ARG L 71 9.42 18.34 61.91
N CYS L 72 10.69 17.98 61.80
CA CYS L 72 11.12 16.88 60.94
C CYS L 72 11.19 15.52 61.65
N SER L 73 11.59 15.49 62.92
CA SER L 73 11.90 14.21 63.57
C SER L 73 10.63 13.39 63.76
N PRO L 74 10.73 12.04 63.75
CA PRO L 74 9.51 11.23 63.89
C PRO L 74 8.97 11.15 65.31
N GLU L 75 9.84 11.23 66.32
CA GLU L 75 9.42 11.11 67.70
C GLU L 75 9.09 12.48 68.30
N LEU L 76 8.51 12.46 69.50
CA LEU L 76 8.23 13.66 70.26
C LEU L 76 9.44 13.98 71.14
N LEU L 77 10.13 15.07 70.81
CA LEU L 77 11.34 15.44 71.54
C LEU L 77 10.99 16.12 72.86
N PRO L 78 11.89 16.10 73.85
CA PRO L 78 11.54 16.66 75.16
C PRO L 78 11.35 18.17 75.13
N TYR L 79 10.48 18.63 76.02
CA TYR L 79 10.12 20.04 76.10
C TYR L 79 11.27 20.86 76.67
N PRO L 80 11.66 22.01 76.07
CA PRO L 80 12.57 22.92 76.78
C PRO L 80 11.85 23.69 77.87
N HIS L 81 12.07 23.28 79.12
CA HIS L 81 11.31 23.84 80.23
C HIS L 81 11.75 25.28 80.55
N GLN L 82 13.05 25.52 80.61
CA GLN L 82 13.57 26.80 81.10
C GLN L 82 13.40 27.92 80.06
N LEU L 83 13.75 27.59 78.81
CA LEU L 83 13.72 28.56 77.72
C LEU L 83 12.34 29.18 77.56
N MET L 84 11.31 28.35 77.65
CA MET L 84 9.95 28.83 77.42
C MET L 84 9.50 29.79 78.52
N LYS L 85 9.83 29.48 79.78
CA LYS L 85 9.56 30.40 80.89
C LYS L 85 10.19 31.77 80.62
N ARG L 86 11.49 31.76 80.30
CA ARG L 86 12.17 33.04 80.11
C ARG L 86 11.62 33.81 78.91
N LEU L 87 11.33 33.10 77.81
CA LEU L 87 10.80 33.74 76.61
C LEU L 87 9.43 34.36 76.87
N LEU L 88 8.54 33.64 77.54
CA LEU L 88 7.19 34.16 77.77
C LEU L 88 7.22 35.38 78.69
N ASN L 89 8.07 35.35 79.72
CA ASN L 89 8.23 36.54 80.57
C ASN L 89 8.72 37.72 79.74
N ARG L 90 9.68 37.49 78.85
CA ARG L 90 10.19 38.57 78.01
C ARG L 90 9.10 39.13 77.10
N ILE L 91 8.25 38.25 76.56
CA ILE L 91 7.16 38.71 75.69
C ILE L 91 6.22 39.63 76.46
N SER L 92 5.86 39.23 77.69
CA SER L 92 4.97 40.08 78.49
C SER L 92 5.58 41.46 78.74
N MET L 93 6.86 41.48 79.14
CA MET L 93 7.51 42.75 79.42
C MET L 93 7.58 43.63 78.16
N GLN L 94 7.89 43.03 77.01
CA GLN L 94 7.96 43.80 75.78
C GLN L 94 6.61 44.38 75.39
N SER L 95 5.53 43.62 75.61
CA SER L 95 4.19 44.14 75.32
C SER L 95 3.89 45.36 76.16
N GLN L 96 4.19 45.29 77.46
CA GLN L 96 3.93 46.43 78.32
C GLN L 96 4.79 47.63 77.92
N LEU L 97 6.03 47.39 77.53
CA LEU L 97 6.90 48.49 77.09
C LEU L 97 6.34 49.15 75.83
N ILE L 98 5.84 48.36 74.88
CA ILE L 98 5.27 48.93 73.67
C ILE L 98 4.06 49.80 74.01
N GLU L 99 3.21 49.33 74.92
CA GLU L 99 2.05 50.13 75.32
C GLU L 99 2.49 51.45 75.96
N ASN L 100 3.50 51.39 76.84
CA ASN L 100 3.95 52.61 77.51
C ASN L 100 4.53 53.60 76.53
N ILE L 101 5.35 53.14 75.58
CA ILE L 101 5.94 54.07 74.61
C ILE L 101 4.87 54.64 73.69
N SER L 102 3.88 53.81 73.32
CA SER L 102 2.80 54.31 72.47
C SER L 102 2.01 55.41 73.17
N MET L 103 1.69 55.21 74.45
CA MET L 103 0.97 56.25 75.17
C MET L 103 1.82 57.49 75.38
N GLY L 104 3.15 57.35 75.42
CA GLY L 104 4.03 58.49 75.57
C GLY L 104 4.07 59.36 74.32
N SER L 122 9.80 59.99 66.26
CA SER L 122 9.75 59.29 64.99
C SER L 122 8.99 57.97 65.14
N LYS L 123 8.20 57.62 64.12
CA LYS L 123 7.33 56.46 64.19
C LYS L 123 8.08 55.14 64.00
N LEU L 124 9.16 55.16 63.22
CA LEU L 124 9.80 53.93 62.74
C LEU L 124 10.25 52.95 63.83
N PRO L 125 10.85 53.37 64.95
CA PRO L 125 11.21 52.38 65.99
C PRO L 125 10.03 51.59 66.53
N LEU L 126 8.87 52.24 66.69
CA LEU L 126 7.67 51.52 67.13
C LEU L 126 7.26 50.47 66.11
N LEU L 127 7.35 50.80 64.83
CA LEU L 127 7.05 49.83 63.77
C LEU L 127 7.96 48.61 63.89
N CYS L 128 9.26 48.85 64.07
CA CYS L 128 10.20 47.74 64.21
C CYS L 128 9.87 46.88 65.42
N MET L 129 9.57 47.51 66.56
CA MET L 129 9.27 46.74 67.78
C MET L 129 8.01 45.89 67.61
N GLU L 130 6.95 46.49 67.05
CA GLU L 130 5.70 45.76 66.87
C GLU L 130 5.87 44.55 65.96
N THR L 131 6.48 44.77 64.78
CA THR L 131 6.59 43.65 63.86
C THR L 131 7.58 42.60 64.38
N GLU L 132 8.57 43.00 65.18
CA GLU L 132 9.44 42.02 65.81
C GLU L 132 8.66 41.14 66.77
N LEU L 133 7.76 41.73 67.57
CA LEU L 133 6.99 40.91 68.50
C LEU L 133 6.07 39.95 67.76
N GLU L 134 5.50 40.39 66.64
CA GLU L 134 4.71 39.48 65.80
C GLU L 134 5.55 38.31 65.31
N ARG L 135 6.75 38.61 64.80
CA ARG L 135 7.65 37.56 64.31
C ARG L 135 8.00 36.58 65.40
N LEU L 136 8.21 37.07 66.63
CA LEU L 136 8.54 36.17 67.73
C LEU L 136 7.36 35.27 68.08
N LYS L 137 6.15 35.82 68.11
CA LYS L 137 5.01 35.03 68.56
C LYS L 137 4.64 33.93 67.57
N PHE L 138 4.84 34.18 66.26
CA PHE L 138 4.45 33.20 65.25
C PHE L 138 5.18 31.86 65.43
N VAL L 139 6.49 31.92 65.72
CA VAL L 139 7.30 30.71 65.83
C VAL L 139 6.78 29.84 66.97
N ILE L 140 6.50 30.44 68.11
CA ILE L 140 6.04 29.69 69.27
C ILE L 140 4.68 29.08 68.99
N ARG L 141 3.81 29.83 68.32
CA ARG L 141 2.49 29.31 67.96
C ARG L 141 2.61 28.05 67.12
N SER L 142 3.42 28.10 66.06
CA SER L 142 3.59 26.94 65.19
C SER L 142 4.18 25.75 65.95
N TYR L 143 5.18 26.02 66.80
CA TYR L 143 5.85 24.96 67.55
C TYR L 143 4.89 24.22 68.46
N ILE L 144 4.07 24.98 69.22
CA ILE L 144 3.16 24.34 70.15
C ILE L 144 2.06 23.57 69.41
N ARG L 145 1.60 24.11 68.28
CA ARG L 145 0.60 23.37 67.50
C ARG L 145 1.17 22.05 66.99
N CYS L 146 2.42 22.05 66.53
CA CYS L 146 3.03 20.81 66.07
C CYS L 146 3.15 19.80 67.21
N ARG L 147 3.54 20.26 68.40
CA ARG L 147 3.68 19.33 69.51
C ARG L 147 2.34 18.72 69.92
N LEU L 148 1.27 19.54 69.93
CA LEU L 148 -0.04 18.98 70.26
C LEU L 148 -0.50 17.99 69.19
N SER L 149 -0.20 18.26 67.93
CA SER L 149 -0.53 17.32 66.86
C SER L 149 0.19 15.99 67.08
N LYS L 150 1.45 16.04 67.52
CA LYS L 150 2.16 14.80 67.84
C LYS L 150 1.53 14.08 69.02
N ILE L 151 1.09 14.83 70.04
CA ILE L 151 0.48 14.18 71.21
C ILE L 151 -0.81 13.48 70.82
N ASP L 152 -1.53 14.00 69.82
CA ASP L 152 -2.75 13.32 69.37
C ASP L 152 -2.45 11.92 68.85
N LYS L 153 -1.35 11.77 68.09
CA LYS L 153 -1.08 10.53 67.37
C LYS L 153 -0.50 9.43 68.26
N PHE L 154 0.21 9.79 69.32
CA PHE L 154 0.89 8.84 70.20
C PHE L 154 0.32 8.86 71.62
N SER L 155 -0.99 9.03 71.75
CA SER L 155 -1.59 9.14 73.07
C SER L 155 -1.47 7.82 73.85
N LEU L 156 -1.89 6.72 73.22
CA LEU L 156 -1.84 5.42 73.91
C LEU L 156 -0.40 4.99 74.15
N TYR L 157 0.49 5.30 73.21
CA TYR L 157 1.91 4.98 73.40
C TYR L 157 2.49 5.71 74.61
N LEU L 158 2.17 7.01 74.74
CA LEU L 158 2.68 7.77 75.87
C LEU L 158 2.07 7.26 77.18
N ARG L 159 0.78 6.92 77.16
CA ARG L 159 0.16 6.39 78.37
C ARG L 159 0.80 5.06 78.78
N GLN L 160 1.06 4.19 77.81
CA GLN L 160 1.72 2.92 78.11
C GLN L 160 3.14 3.15 78.62
N LEU L 161 3.84 4.13 78.05
CA LEU L 161 5.17 4.46 78.53
C LEU L 161 5.12 4.94 79.98
N ASN L 162 4.10 5.72 80.33
CA ASN L 162 3.98 6.21 81.70
C ASN L 162 3.62 5.08 82.66
N GLU L 163 2.72 4.19 82.24
CA GLU L 163 2.27 3.12 83.14
C GLU L 163 3.40 2.14 83.45
N ASP L 164 4.37 1.98 82.55
CA ASP L 164 5.50 1.10 82.81
C ASP L 164 6.32 1.65 83.97
N GLU L 165 6.27 0.96 85.11
CA GLU L 165 7.00 1.41 86.28
C GLU L 165 8.51 1.42 86.05
N ASN L 166 9.00 0.54 85.19
CA ASN L 166 10.44 0.42 84.91
C ASN L 166 10.92 1.38 83.84
N SER L 167 10.09 2.31 83.37
CA SER L 167 10.49 3.21 82.31
C SER L 167 11.64 4.11 82.76
N LEU L 168 12.59 4.33 81.86
CA LEU L 168 13.76 5.14 82.14
C LEU L 168 13.48 6.63 82.17
N ILE L 169 12.29 7.07 81.74
CA ILE L 169 11.93 8.48 81.71
C ILE L 169 10.44 8.61 82.06
N SER L 170 10.13 9.60 82.87
CA SER L 170 8.75 9.87 83.28
C SER L 170 8.07 10.79 82.27
N LEU L 171 6.74 10.71 82.22
CA LEU L 171 5.98 11.49 81.25
C LEU L 171 6.09 12.98 81.54
N THR L 172 6.14 13.37 82.82
CA THR L 172 6.24 14.79 83.16
C THR L 172 7.59 15.37 82.76
N ASP L 173 8.63 14.53 82.61
CA ASP L 173 9.89 15.01 82.08
C ASP L 173 9.76 15.41 80.62
N LEU L 174 8.94 14.68 79.87
CA LEU L 174 8.85 14.87 78.42
C LEU L 174 7.91 16.02 78.05
N LEU L 175 6.81 16.17 78.78
CA LEU L 175 5.73 17.09 78.42
C LEU L 175 5.63 18.25 79.40
N SER L 176 5.09 19.36 78.90
CA SER L 176 4.76 20.50 79.74
C SER L 176 3.43 20.26 80.46
N LYS L 177 3.14 21.11 81.45
CA LYS L 177 1.94 20.94 82.27
C LYS L 177 0.66 21.08 81.43
N ASP L 178 0.63 22.07 80.54
CA ASP L 178 -0.52 22.23 79.65
C ASP L 178 -0.68 21.01 78.75
N GLU L 179 0.44 20.50 78.24
CA GLU L 179 0.39 19.31 77.41
C GLU L 179 -0.10 18.10 78.20
N ILE L 180 0.28 18.00 79.48
CA ILE L 180 -0.21 16.93 80.34
C ILE L 180 -1.73 17.01 80.47
N LYS L 181 -2.24 18.21 80.73
CA LYS L 181 -3.70 18.41 80.84
C LYS L 181 -4.41 18.00 79.56
N TYR L 182 -3.89 18.47 78.42
CA TYR L 182 -4.49 18.17 77.13
C TYR L 182 -4.52 16.66 76.87
N HIS L 183 -3.38 16.00 77.09
CA HIS L 183 -3.29 14.57 76.86
C HIS L 183 -4.29 13.80 77.71
N ASP L 184 -4.35 14.10 79.01
CA ASP L 184 -5.22 13.36 79.90
C ASP L 184 -6.69 13.53 79.52
N THR L 185 -7.14 14.79 79.41
CA THR L 185 -8.56 15.00 79.21
C THR L 185 -8.99 14.59 77.80
N HIS L 186 -8.13 14.78 76.80
CA HIS L 186 -8.47 14.32 75.44
C HIS L 186 -8.57 12.80 75.39
N SER L 187 -7.68 12.10 76.10
CA SER L 187 -7.78 10.65 76.14
C SER L 187 -9.10 10.21 76.76
N LEU L 188 -9.52 10.88 77.84
CA LEU L 188 -10.79 10.49 78.45
C LEU L 188 -11.97 10.77 77.52
N ILE L 189 -11.95 11.89 76.79
CA ILE L 189 -13.05 12.22 75.89
C ILE L 189 -13.16 11.16 74.78
N TRP L 190 -12.02 10.87 74.13
CA TRP L 190 -12.04 9.88 73.05
C TRP L 190 -12.42 8.50 73.57
N LEU L 191 -11.99 8.16 74.79
CA LEU L 191 -12.37 6.88 75.37
C LEU L 191 -13.88 6.80 75.59
N LYS L 192 -14.49 7.89 76.08
CA LYS L 192 -15.93 7.87 76.29
C LYS L 192 -16.69 7.73 74.98
N LEU L 193 -16.19 8.34 73.90
CA LEU L 193 -16.93 8.28 72.64
C LEU L 193 -17.02 6.85 72.12
N VAL L 194 -15.90 6.15 72.01
CA VAL L 194 -15.91 4.81 71.43
C VAL L 194 -16.45 3.77 72.40
N ASN L 195 -16.24 3.96 73.71
CA ASN L 195 -16.65 2.95 74.68
C ASN L 195 -18.16 2.76 74.68
N ASP L 196 -18.92 3.86 74.63
CA ASP L 196 -20.37 3.75 74.60
C ASP L 196 -20.87 3.29 73.23
N SER L 197 -20.24 3.76 72.16
CA SER L 197 -20.77 3.52 70.82
C SER L 197 -20.51 2.10 70.35
N ILE L 198 -19.24 1.68 70.34
CA ILE L 198 -18.85 0.39 69.78
C ILE L 198 -18.70 -0.65 70.90
N LEU L 199 -17.78 -0.39 71.82
CA LEU L 199 -17.29 -1.42 72.74
C LEU L 199 -18.32 -1.84 73.78
N LYS L 200 -19.40 -1.08 73.93
CA LYS L 200 -20.51 -1.49 74.81
C LYS L 200 -21.09 -2.84 74.40
N TYR L 201 -21.02 -3.17 73.11
CA TYR L 201 -21.67 -4.34 72.53
C TYR L 201 -20.74 -5.55 72.37
N MET L 202 -19.42 -5.37 72.53
CA MET L 202 -18.49 -6.47 72.29
C MET L 202 -18.43 -7.41 73.48
N PRO L 203 -17.99 -8.66 73.29
CA PRO L 203 -17.78 -9.54 74.44
C PRO L 203 -16.56 -9.12 75.24
N GLU L 204 -16.47 -9.68 76.46
CA GLU L 204 -15.50 -9.20 77.43
C GLU L 204 -14.06 -9.40 76.97
N GLU L 205 -13.80 -10.37 76.10
CA GLU L 205 -12.43 -10.60 75.65
C GLU L 205 -11.92 -9.48 74.76
N LEU L 206 -12.80 -8.75 74.07
CA LEU L 206 -12.42 -7.75 73.09
C LEU L 206 -12.76 -6.33 73.51
N GLN L 207 -13.10 -6.09 74.78
CA GLN L 207 -13.50 -4.76 75.22
C GLN L 207 -12.32 -3.83 75.50
N ALA L 208 -11.10 -4.34 75.55
CA ALA L 208 -9.95 -3.47 75.80
C ALA L 208 -9.67 -2.61 74.57
N ILE L 209 -9.27 -1.37 74.81
CA ILE L 209 -8.98 -0.42 73.73
C ILE L 209 -7.51 -0.43 73.34
N ASN L 210 -6.60 -0.66 74.29
CA ASN L 210 -5.15 -0.65 74.07
C ASN L 210 -4.58 -2.06 74.04
N ASP L 211 -5.27 -2.99 73.39
CA ASP L 211 -4.85 -4.39 73.41
C ASP L 211 -3.60 -4.59 72.55
N THR L 212 -2.58 -5.20 73.14
CA THR L 212 -1.38 -5.60 72.43
C THR L 212 -1.46 -7.03 71.90
N GLU L 213 -2.23 -7.89 72.56
CA GLU L 213 -2.19 -9.33 72.29
C GLU L 213 -3.03 -9.75 71.08
N GLY L 214 -3.90 -8.90 70.57
CA GLY L 214 -4.76 -9.26 69.48
C GLY L 214 -3.99 -9.55 68.20
N SER L 215 -4.74 -9.97 67.17
CA SER L 215 -4.12 -10.31 65.90
C SER L 215 -3.50 -9.10 65.20
N VAL L 216 -3.90 -7.88 65.57
CA VAL L 216 -3.25 -6.66 65.13
C VAL L 216 -3.00 -5.80 66.36
N ASN L 217 -1.80 -5.25 66.45
CA ASN L 217 -1.45 -4.37 67.58
C ASN L 217 -2.25 -3.08 67.50
N MET L 218 -2.94 -2.74 68.59
CA MET L 218 -3.76 -1.54 68.64
C MET L 218 -2.99 -0.28 69.00
N ILE L 219 -1.69 -0.38 69.32
CA ILE L 219 -0.88 0.76 69.74
C ILE L 219 0.06 1.12 68.60
N ASP L 220 0.05 2.38 68.19
CA ASP L 220 0.98 2.93 67.23
C ASP L 220 2.16 3.56 67.96
N GLU L 221 3.29 3.68 67.27
CA GLU L 221 4.50 4.25 67.85
C GLU L 221 5.36 4.79 66.71
N PRO L 222 6.37 5.62 67.03
CA PRO L 222 7.16 6.24 65.96
C PRO L 222 7.92 5.23 65.10
N ASP L 223 8.11 5.60 63.84
CA ASP L 223 8.97 4.86 62.92
C ASP L 223 10.40 5.32 63.15
N TRP L 224 11.16 4.53 63.91
CA TRP L 224 12.51 4.95 64.30
C TRP L 224 13.49 4.93 63.14
N ASN L 225 13.16 4.28 62.02
CA ASN L 225 14.04 4.17 60.86
C ASN L 225 13.64 5.09 59.71
N LYS L 226 12.87 6.14 59.99
CA LYS L 226 12.52 7.11 58.94
C LYS L 226 13.78 7.80 58.43
N PHE L 227 13.81 8.05 57.13
CA PHE L 227 14.90 8.79 56.51
C PHE L 227 14.72 10.29 56.73
N VAL L 228 15.82 10.97 57.07
CA VAL L 228 15.81 12.41 57.31
C VAL L 228 17.08 13.01 56.74
N PHE L 229 16.95 14.24 56.23
CA PHE L 229 18.11 15.02 55.82
C PHE L 229 18.84 15.52 57.07
N ILE L 230 20.17 15.59 56.98
CA ILE L 230 20.99 16.11 58.07
C ILE L 230 22.13 16.96 57.52
N HIS L 231 22.65 17.82 58.38
CA HIS L 231 23.79 18.69 58.08
C HIS L 231 24.73 18.63 59.27
N VAL L 232 25.98 18.26 59.03
CA VAL L 232 26.92 17.95 60.09
C VAL L 232 27.58 19.24 60.57
N ASN L 233 27.39 19.57 61.85
CA ASN L 233 27.92 20.80 62.44
C ASN L 233 29.25 20.61 63.12
N GLY L 234 29.50 19.45 63.71
CA GLY L 234 30.63 19.25 64.59
C GLY L 234 30.30 19.73 65.99
N PRO L 235 31.26 19.70 66.90
CA PRO L 235 30.98 20.14 68.27
C PRO L 235 30.71 21.63 68.31
N PRO L 236 29.79 22.11 69.16
CA PRO L 236 29.38 23.51 69.07
C PRO L 236 30.48 24.51 69.41
N ASP L 237 31.40 24.16 70.29
CA ASP L 237 32.42 25.10 70.75
C ASP L 237 33.61 25.23 69.81
N GLY L 238 33.64 24.48 68.71
CA GLY L 238 34.83 24.46 67.88
C GLY L 238 35.99 23.69 68.47
N LYS L 239 35.74 22.87 69.49
CA LYS L 239 36.78 22.10 70.16
C LYS L 239 36.99 20.77 69.45
N TRP L 240 37.54 20.86 68.24
CA TRP L 240 37.80 19.65 67.45
C TRP L 240 38.80 18.73 68.14
N ASN L 241 39.76 19.30 68.87
CA ASN L 241 40.75 18.49 69.57
C ASN L 241 40.20 17.81 70.82
N GLU L 242 39.04 18.26 71.32
CA GLU L 242 38.49 17.75 72.58
C GLU L 242 37.42 16.68 72.39
N ASP L 243 36.70 16.71 71.27
CA ASP L 243 35.66 15.72 71.02
C ASP L 243 36.27 14.33 70.91
N PRO L 244 35.86 13.34 71.72
CA PRO L 244 36.49 12.03 71.60
C PRO L 244 36.04 11.25 70.37
N LEU L 245 34.82 11.46 69.89
CA LEU L 245 34.33 10.74 68.72
C LEU L 245 34.90 11.26 67.41
N LEU L 246 35.37 12.50 67.38
CA LEU L 246 35.73 13.17 66.13
C LEU L 246 37.14 12.75 65.70
N GLN L 247 37.21 11.67 64.93
CA GLN L 247 38.46 11.27 64.28
C GLN L 247 38.67 12.13 63.03
N GLU L 248 39.68 11.78 62.24
CA GLU L 248 40.07 12.54 61.06
C GLU L 248 40.27 11.63 59.85
N ASN L 249 39.78 12.08 58.71
CA ASN L 249 40.08 11.44 57.43
C ASN L 249 41.44 11.90 56.91
N GLU L 250 41.93 11.22 55.88
CA GLU L 250 43.19 11.57 55.27
C GLU L 250 43.10 12.95 54.61
N PHE L 251 44.12 13.78 54.87
CA PHE L 251 44.35 15.12 54.29
C PHE L 251 43.07 15.94 54.11
N GLY L 252 42.23 15.95 55.13
CA GLY L 252 40.98 16.68 55.05
C GLY L 252 40.33 16.96 56.38
N LYS L 253 39.03 17.22 56.31
CA LYS L 253 38.28 17.67 57.47
C LYS L 253 38.14 16.53 58.50
N PRO L 254 37.82 16.85 59.74
CA PRO L 254 37.46 15.80 60.69
C PRO L 254 36.14 15.14 60.29
N CYS L 255 35.83 14.03 60.97
CA CYS L 255 34.62 13.28 60.63
C CYS L 255 34.19 12.43 61.82
N TYR L 256 32.91 12.05 61.79
CA TYR L 256 32.34 11.04 62.68
C TYR L 256 32.10 9.76 61.89
N THR L 257 31.91 8.66 62.62
CA THR L 257 31.66 7.35 62.05
C THR L 257 30.48 6.71 62.74
N VAL L 258 29.59 6.08 61.95
CA VAL L 258 28.39 5.42 62.47
C VAL L 258 28.23 4.09 61.76
N THR L 259 27.66 3.13 62.49
CA THR L 259 27.43 1.77 62.00
C THR L 259 25.94 1.57 61.80
N ILE L 260 25.56 1.09 60.61
CA ILE L 260 24.17 0.81 60.26
C ILE L 260 23.95 -0.69 60.42
N PRO L 261 23.20 -1.16 61.45
CA PRO L 261 23.36 -2.57 61.86
C PRO L 261 22.66 -3.61 61.01
N ASP L 262 21.59 -3.24 60.30
CA ASP L 262 20.90 -4.22 59.45
C ASP L 262 21.80 -4.69 58.32
N LEU L 263 22.69 -3.83 57.84
CA LEU L 263 23.57 -4.11 56.71
C LEU L 263 25.01 -4.42 57.13
N LYS L 264 25.39 -4.12 58.38
CA LYS L 264 26.75 -4.28 58.86
C LYS L 264 27.74 -3.51 57.99
N GLU L 265 27.55 -2.19 58.00
CA GLU L 265 28.26 -1.28 57.12
C GLU L 265 28.53 0.00 57.89
N GLU L 266 29.54 0.76 57.45
CA GLU L 266 29.94 2.01 58.08
C GLU L 266 29.97 3.13 57.05
N VAL L 267 29.76 4.35 57.54
CA VAL L 267 29.87 5.57 56.75
C VAL L 267 30.60 6.60 57.59
N GLU L 268 31.29 7.52 56.91
CA GLU L 268 32.01 8.62 57.54
C GLU L 268 31.25 9.92 57.29
N LEU L 269 30.87 10.60 58.36
CA LEU L 269 30.08 11.84 58.28
C LEU L 269 31.03 13.01 58.48
N THR L 270 31.56 13.53 57.37
CA THR L 270 32.45 14.67 57.40
C THR L 270 31.70 15.92 57.85
N ILE L 271 32.44 16.85 58.45
CA ILE L 271 31.87 18.14 58.81
C ILE L 271 31.50 18.89 57.55
N GLY L 272 30.27 19.42 57.51
CA GLY L 272 29.83 20.31 56.46
C GLY L 272 29.07 19.66 55.32
N SER L 273 29.19 18.35 55.13
CA SER L 273 28.51 17.66 54.04
C SER L 273 27.11 17.25 54.46
N ILE L 274 26.22 17.20 53.47
CA ILE L 274 24.80 16.90 53.68
C ILE L 274 24.57 15.43 53.34
N TYR L 275 23.64 14.81 54.07
CA TYR L 275 23.34 13.40 53.91
C TYR L 275 21.85 13.17 54.06
N VAL L 276 21.38 12.05 53.51
CA VAL L 276 20.07 11.48 53.81
C VAL L 276 20.35 10.21 54.62
N MET L 277 19.83 10.18 55.85
CA MET L 277 20.25 9.19 56.84
C MET L 277 19.05 8.71 57.64
N ARG L 278 19.12 7.45 58.08
CA ARG L 278 18.11 6.91 58.96
C ARG L 278 18.13 7.63 60.30
N TYR L 279 16.96 7.75 60.92
CA TYR L 279 16.85 8.56 62.12
C TYR L 279 17.58 7.93 63.30
N GLU L 280 17.35 6.64 63.56
CA GLU L 280 17.90 6.00 64.74
C GLU L 280 19.43 5.97 64.70
N VAL L 281 20.01 5.85 63.51
CA VAL L 281 21.46 5.78 63.39
C VAL L 281 22.12 7.08 63.86
N ILE L 282 21.43 8.21 63.72
CA ILE L 282 21.96 9.54 64.02
C ILE L 282 21.25 10.18 65.21
N ARG L 283 20.53 9.40 66.02
CA ARG L 283 19.77 9.99 67.12
C ARG L 283 20.69 10.55 68.20
N ASP L 284 21.72 9.79 68.57
CA ASP L 284 22.61 10.21 69.65
C ASP L 284 23.38 11.47 69.29
N LEU L 285 23.89 11.54 68.05
CA LEU L 285 24.60 12.75 67.63
C LEU L 285 23.66 13.94 67.56
N LEU L 286 22.39 13.72 67.18
CA LEU L 286 21.42 14.81 67.19
C LEU L 286 21.18 15.31 68.61
N ARG L 287 21.06 14.40 69.58
CA ARG L 287 20.86 14.81 70.96
C ARG L 287 22.02 15.62 71.48
N ASP L 288 23.25 15.32 71.03
CA ASP L 288 24.44 16.04 71.42
C ASP L 288 24.74 17.25 70.53
N ASP L 289 23.84 17.59 69.61
CA ASP L 289 23.97 18.76 68.73
C ASP L 289 25.18 18.68 67.82
N LYS L 290 25.67 17.47 67.52
CA LYS L 290 26.72 17.32 66.52
C LYS L 290 26.19 17.45 65.10
N VAL L 291 24.89 17.24 64.89
CA VAL L 291 24.24 17.42 63.60
C VAL L 291 22.93 18.18 63.80
N ALA L 292 22.42 18.74 62.71
CA ALA L 292 21.18 19.49 62.70
C ALA L 292 20.34 19.06 61.51
N LEU L 293 19.06 18.83 61.73
CA LEU L 293 18.16 18.43 60.65
C LEU L 293 17.93 19.58 59.69
N ILE L 294 17.99 19.28 58.40
CA ILE L 294 17.70 20.25 57.35
C ILE L 294 16.20 20.29 57.14
N MET M 1 -10.46 80.63 53.92
CA MET M 1 -9.01 80.37 53.78
C MET M 1 -8.77 79.33 52.68
N TYR M 2 -8.13 79.76 51.59
CA TYR M 2 -8.06 78.95 50.38
C TYR M 2 -6.71 78.30 50.13
N TYR M 3 -5.63 78.77 50.76
CA TYR M 3 -4.29 78.23 50.54
C TYR M 3 -3.91 78.31 49.05
N GLY M 4 -3.66 79.54 48.58
CA GLY M 4 -3.23 79.74 47.21
C GLY M 4 -2.04 78.91 46.78
N ILE M 5 -1.77 78.89 45.46
CA ILE M 5 -0.87 77.92 44.84
C ILE M 5 0.52 77.91 45.47
N SER M 6 0.95 79.02 46.04
CA SER M 6 2.29 79.10 46.61
C SER M 6 2.44 78.36 47.93
N GLN M 7 1.34 77.85 48.53
CA GLN M 7 1.40 77.26 49.88
C GLN M 7 0.51 76.02 50.03
N PHE M 8 0.47 75.15 49.01
CA PHE M 8 -0.17 73.85 49.20
C PHE M 8 0.62 72.97 50.17
N SER M 9 1.94 73.15 50.20
CA SER M 9 2.81 72.36 51.08
C SER M 9 2.41 72.49 52.55
N GLU M 10 1.93 73.67 52.95
CA GLU M 10 1.55 73.86 54.34
C GLU M 10 0.29 73.07 54.67
N ALA M 11 -0.65 73.00 53.71
CA ALA M 11 -1.82 72.14 53.91
C ALA M 11 -1.41 70.68 54.02
N TYR M 12 -0.44 70.26 53.20
CA TYR M 12 0.04 68.88 53.29
C TYR M 12 0.67 68.59 54.65
N ASN M 13 1.48 69.52 55.14
CA ASN M 13 2.09 69.36 56.47
C ASN M 13 1.03 69.33 57.57
N LYS M 14 0.02 70.20 57.46
CA LYS M 14 -1.07 70.18 58.44
C LYS M 14 -1.80 68.85 58.41
N ILE M 15 -1.97 68.27 57.22
CA ILE M 15 -2.64 66.98 57.12
C ILE M 15 -1.82 65.91 57.84
N LEU M 16 -0.51 65.92 57.63
CA LEU M 16 0.31 64.90 58.29
C LEU M 16 0.30 65.05 59.81
N ARG M 17 0.42 66.28 60.30
CA ARG M 17 0.43 66.48 61.75
C ARG M 17 -0.93 66.19 62.37
N ASN M 18 -2.02 66.57 61.68
CA ASN M 18 -3.35 66.54 62.27
C ASN M 18 -3.91 65.14 62.41
N SER M 19 -3.48 64.20 61.55
CA SER M 19 -4.02 62.85 61.49
C SER M 19 -2.95 61.83 61.83
N SER M 20 -2.22 62.07 62.92
CA SER M 20 -1.04 61.28 63.23
C SER M 20 -1.35 59.94 63.89
N SER M 21 -2.43 59.87 64.67
CA SER M 21 -2.63 58.72 65.54
C SER M 21 -2.94 57.46 64.74
N HIS M 22 -2.35 56.34 65.16
CA HIS M 22 -2.56 55.04 64.54
C HIS M 22 -3.67 54.23 65.20
N SER M 23 -4.27 54.71 66.29
CA SER M 23 -5.37 54.00 66.93
C SER M 23 -6.69 54.14 66.17
N SER M 24 -6.74 54.96 65.12
CA SER M 24 -7.99 55.20 64.40
C SER M 24 -7.68 55.64 62.98
N CYS M 25 -8.70 55.55 62.13
CA CYS M 25 -8.58 55.89 60.71
C CYS M 25 -8.84 57.39 60.56
N GLN M 26 -7.80 58.17 60.86
CA GLN M 26 -7.93 59.62 61.01
C GLN M 26 -7.88 60.39 59.68
N LEU M 27 -7.98 59.72 58.53
CA LEU M 27 -8.02 60.40 57.25
C LEU M 27 -8.95 59.65 56.30
N VAL M 28 -9.81 60.39 55.62
CA VAL M 28 -10.81 59.83 54.72
C VAL M 28 -10.82 60.67 53.44
N ILE M 29 -10.97 60.00 52.30
CA ILE M 29 -11.03 60.65 50.99
C ILE M 29 -12.36 60.28 50.35
N PHE M 30 -13.11 61.30 49.96
CA PHE M 30 -14.30 61.15 49.11
C PHE M 30 -13.93 61.59 47.70
N VAL M 31 -14.23 60.73 46.73
CA VAL M 31 -13.88 60.95 45.33
C VAL M 31 -15.11 60.66 44.47
N SER M 32 -15.35 61.52 43.49
CA SER M 32 -16.48 61.36 42.58
C SER M 32 -16.13 60.35 41.49
N CYS M 33 -16.94 59.30 41.37
CA CYS M 33 -16.80 58.38 40.25
C CYS M 33 -17.36 59.01 38.99
N LEU M 34 -17.13 58.34 37.86
CA LEU M 34 -17.45 58.87 36.53
C LEU M 34 -16.71 60.18 36.28
N ASN M 35 -15.43 60.21 36.63
CA ASN M 35 -14.56 61.35 36.35
C ASN M 35 -13.12 60.84 36.35
N ILE M 36 -12.44 60.96 35.22
CA ILE M 36 -11.11 60.36 35.07
C ILE M 36 -10.05 61.16 35.83
N ASP M 37 -10.11 62.49 35.74
CA ASP M 37 -9.10 63.32 36.36
C ASP M 37 -9.11 63.16 37.88
N ALA M 38 -10.30 63.06 38.46
CA ALA M 38 -10.42 62.81 39.90
C ALA M 38 -9.82 61.45 40.26
N LEU M 39 -10.04 60.44 39.42
CA LEU M 39 -9.49 59.12 39.67
C LEU M 39 -7.96 59.15 39.70
N CYS M 40 -7.34 59.81 38.70
CA CYS M 40 -5.89 59.89 38.68
C CYS M 40 -5.35 60.70 39.86
N ALA M 41 -6.04 61.78 40.21
CA ALA M 41 -5.66 62.59 41.36
C ALA M 41 -5.66 61.76 42.65
N THR M 42 -6.72 60.99 42.85
CA THR M 42 -6.82 60.17 44.05
C THR M 42 -5.74 59.09 44.06
N LYS M 43 -5.40 58.54 42.88
CA LYS M 43 -4.32 57.57 42.80
C LYS M 43 -3.00 58.17 43.26
N MET M 44 -2.69 59.38 42.77
CA MET M 44 -1.44 60.05 43.15
C MET M 44 -1.41 60.31 44.65
N LEU M 45 -2.51 60.83 45.20
CA LEU M 45 -2.53 61.12 46.64
C LEU M 45 -2.44 59.84 47.46
N SER M 46 -3.06 58.75 46.99
CA SER M 46 -2.98 57.49 47.71
C SER M 46 -1.55 56.98 47.78
N LEU M 47 -0.81 57.07 46.68
CA LEU M 47 0.59 56.64 46.73
C LEU M 47 1.41 57.55 47.65
N LEU M 48 1.16 58.87 47.60
CA LEU M 48 1.88 59.79 48.47
C LEU M 48 1.66 59.45 49.94
N PHE M 49 0.41 59.23 50.34
CA PHE M 49 0.15 58.89 51.74
C PHE M 49 0.59 57.48 52.08
N LYS M 50 0.66 56.58 51.10
CA LYS M 50 1.22 55.26 51.37
C LYS M 50 2.69 55.39 51.76
N LYS M 51 3.43 56.26 51.10
CA LYS M 51 4.85 56.40 51.45
C LYS M 51 5.04 56.92 52.87
N GLN M 52 4.09 57.71 53.38
CA GLN M 52 4.17 58.27 54.73
C GLN M 52 3.47 57.43 55.80
N LEU M 53 2.87 56.31 55.43
CA LEU M 53 2.27 55.38 56.39
C LEU M 53 1.11 56.01 57.16
N VAL M 54 0.24 56.73 56.44
CA VAL M 54 -0.96 57.31 57.02
C VAL M 54 -2.12 56.37 56.71
N GLN M 55 -2.66 55.75 57.76
CA GLN M 55 -3.84 54.90 57.58
C GLN M 55 -5.02 55.74 57.13
N SER M 56 -5.75 55.26 56.13
CA SER M 56 -6.83 56.04 55.54
C SER M 56 -7.78 55.13 54.79
N GLN M 57 -8.94 55.69 54.45
CA GLN M 57 -9.99 55.00 53.72
C GLN M 57 -10.40 55.82 52.51
N ILE M 58 -10.70 55.15 51.41
CA ILE M 58 -11.16 55.76 50.17
C ILE M 58 -12.58 55.28 49.91
N VAL M 59 -13.49 56.21 49.68
CA VAL M 59 -14.90 55.91 49.42
C VAL M 59 -15.28 56.60 48.10
N PRO M 60 -15.73 55.88 47.07
CA PRO M 60 -16.29 56.56 45.90
C PRO M 60 -17.73 56.97 46.12
N ILE M 61 -18.11 58.10 45.51
CA ILE M 61 -19.41 58.72 45.67
C ILE M 61 -19.94 59.09 44.29
N PHE M 62 -21.25 58.93 44.10
CA PHE M 62 -21.90 59.22 42.82
C PHE M 62 -22.37 60.68 42.73
N GLY M 63 -23.04 61.17 43.76
CA GLY M 63 -23.68 62.47 43.69
C GLY M 63 -23.94 63.04 45.06
N TYR M 64 -24.65 64.17 45.08
CA TYR M 64 -24.97 64.85 46.33
C TYR M 64 -25.86 63.99 47.22
N SER M 65 -26.81 63.27 46.61
CA SER M 65 -27.73 62.41 47.36
C SER M 65 -26.99 61.38 48.19
N GLU M 66 -25.89 60.85 47.65
CA GLU M 66 -25.06 59.92 48.40
C GLU M 66 -24.07 60.66 49.30
N LEU M 67 -23.68 61.88 48.91
CA LEU M 67 -22.73 62.65 49.72
C LEU M 67 -23.29 62.95 51.10
N ARG M 68 -24.56 63.38 51.17
CA ARG M 68 -25.14 63.70 52.47
C ARG M 68 -25.19 62.46 53.36
N ARG M 69 -25.61 61.32 52.79
CA ARG M 69 -25.72 60.09 53.56
C ARG M 69 -24.36 59.65 54.08
N HIS M 70 -23.33 59.74 53.24
CA HIS M 70 -22.01 59.29 53.70
C HIS M 70 -21.41 60.26 54.71
N TYR M 71 -21.67 61.56 54.58
CA TYR M 71 -21.16 62.50 55.57
C TYR M 71 -21.86 62.35 56.92
N SER M 72 -23.12 61.92 56.92
CA SER M 72 -23.89 61.87 58.17
C SER M 72 -23.28 60.90 59.17
N GLN M 73 -22.78 59.76 58.70
CA GLN M 73 -22.39 58.65 59.56
C GLN M 73 -20.92 58.68 60.00
N LEU M 74 -20.19 59.76 59.74
CA LEU M 74 -18.77 59.79 60.08
C LEU M 74 -18.55 59.79 61.59
N ASP M 75 -17.41 59.23 61.99
CA ASP M 75 -16.99 59.22 63.39
C ASP M 75 -16.34 60.56 63.76
N ASP M 76 -16.43 60.90 65.05
CA ASP M 76 -15.93 62.19 65.52
C ASP M 76 -14.40 62.28 65.52
N ASN M 77 -13.70 61.14 65.62
CA ASN M 77 -12.24 61.16 65.66
C ASN M 77 -11.60 61.32 64.28
N ILE M 78 -12.39 61.47 63.22
CA ILE M 78 -11.87 61.60 61.87
C ILE M 78 -11.39 63.04 61.72
N ASN M 79 -10.10 63.27 61.91
CA ASN M 79 -9.58 64.64 62.02
C ASN M 79 -9.53 65.34 60.67
N SER M 80 -9.41 64.61 59.57
CA SER M 80 -9.25 65.18 58.25
C SER M 80 -10.12 64.46 57.24
N LEU M 81 -10.71 65.22 56.32
CA LEU M 81 -11.53 64.69 55.25
C LEU M 81 -11.23 65.48 53.98
N LEU M 82 -11.17 64.77 52.86
CA LEU M 82 -10.87 65.35 51.55
C LEU M 82 -12.04 65.13 50.61
N LEU M 83 -12.44 66.19 49.90
CA LEU M 83 -13.42 66.12 48.82
C LEU M 83 -12.68 66.37 47.52
N VAL M 84 -12.61 65.35 46.67
CA VAL M 84 -11.86 65.39 45.42
C VAL M 84 -12.85 65.31 44.28
N GLY M 85 -12.90 66.37 43.47
CA GLY M 85 -13.66 66.35 42.22
C GLY M 85 -15.10 66.81 42.31
N PHE M 86 -15.50 67.50 43.38
CA PHE M 86 -16.86 68.04 43.45
C PHE M 86 -16.93 69.06 44.59
N GLY M 87 -18.02 69.82 44.59
CA GLY M 87 -18.40 70.64 45.72
C GLY M 87 -17.99 72.10 45.66
N GLY M 88 -17.24 72.51 44.62
CA GLY M 88 -16.75 73.87 44.58
C GLY M 88 -17.80 74.92 44.25
N VAL M 89 -18.93 74.52 43.66
CA VAL M 89 -19.93 75.46 43.17
C VAL M 89 -21.06 75.73 44.16
N ILE M 90 -21.06 75.05 45.31
CA ILE M 90 -22.19 75.05 46.24
C ILE M 90 -21.69 75.43 47.62
N ASP M 91 -22.56 76.08 48.39
CA ASP M 91 -22.27 76.40 49.78
C ASP M 91 -22.24 75.10 50.58
N LEU M 92 -21.04 74.58 50.85
CA LEU M 92 -20.92 73.31 51.55
C LEU M 92 -21.36 73.44 53.00
N GLU M 93 -21.10 74.59 53.63
CA GLU M 93 -21.54 74.79 55.01
C GLU M 93 -23.06 74.80 55.09
N ALA M 94 -23.73 75.39 54.11
CA ALA M 94 -25.19 75.39 54.11
C ALA M 94 -25.73 74.02 53.72
N PHE M 95 -25.10 73.36 52.75
CA PHE M 95 -25.55 72.05 52.32
C PHE M 95 -25.40 71.03 53.44
N LEU M 96 -24.23 70.97 54.06
CA LEU M 96 -24.01 70.10 55.21
C LEU M 96 -24.65 70.69 56.45
N GLU M 97 -24.96 69.81 57.40
CA GLU M 97 -25.63 70.19 58.64
C GLU M 97 -24.61 70.63 59.70
N ILE M 98 -23.91 71.72 59.39
CA ILE M 98 -22.76 72.17 60.16
C ILE M 98 -23.16 73.35 61.03
N ASP M 99 -22.84 73.26 62.32
CA ASP M 99 -22.73 74.40 63.22
C ASP M 99 -21.27 74.52 63.62
N PRO M 100 -20.55 75.63 63.35
CA PRO M 100 -19.12 75.65 63.70
C PRO M 100 -18.82 75.47 65.19
N GLN M 101 -19.73 75.91 66.08
CA GLN M 101 -19.48 75.78 67.51
C GLN M 101 -19.45 74.32 67.98
N GLU M 102 -19.91 73.37 67.16
CA GLU M 102 -19.83 71.95 67.47
C GLU M 102 -18.53 71.30 66.98
N TYR M 103 -17.62 72.08 66.38
CA TYR M 103 -16.38 71.55 65.80
C TYR M 103 -15.11 72.27 66.24
N VAL M 104 -15.21 73.48 66.80
CA VAL M 104 -14.03 74.17 67.29
C VAL M 104 -13.46 73.40 68.48
N ILE M 105 -12.15 73.15 68.46
CA ILE M 105 -11.42 72.70 69.63
C ILE M 105 -10.91 73.94 70.33
N ASP M 106 -10.02 74.68 69.65
CA ASP M 106 -9.28 75.78 70.24
C ASP M 106 -9.28 76.98 69.31
N THR M 107 -9.40 78.17 69.90
CA THR M 107 -9.25 79.44 69.20
C THR M 107 -7.93 80.04 69.62
N ASP M 108 -7.00 80.17 68.66
CA ASP M 108 -5.74 80.83 68.93
C ASP M 108 -5.99 82.29 69.28
N GLU M 109 -5.72 82.66 70.53
CA GLU M 109 -6.02 84.02 71.00
C GLU M 109 -5.24 85.08 70.25
N LYS M 110 -4.08 84.73 69.68
CA LYS M 110 -3.22 85.72 69.03
C LYS M 110 -3.66 85.99 67.60
N SER M 111 -3.88 84.94 66.80
CA SER M 111 -4.27 85.07 65.41
C SER M 111 -5.78 85.16 65.21
N GLY M 112 -6.58 84.67 66.17
CA GLY M 112 -8.00 84.54 65.95
C GLY M 112 -8.39 83.35 65.10
N GLU M 113 -7.43 82.49 64.73
CA GLU M 113 -7.72 81.33 63.90
C GLU M 113 -8.28 80.20 64.76
N GLN M 114 -9.43 79.68 64.36
CA GLN M 114 -10.11 78.61 65.10
C GLN M 114 -9.67 77.26 64.55
N SER M 115 -9.08 76.44 65.42
CA SER M 115 -8.70 75.08 65.07
C SER M 115 -9.90 74.17 65.27
N PHE M 116 -10.33 73.51 64.19
CA PHE M 116 -11.52 72.66 64.19
C PHE M 116 -11.11 71.20 64.30
N ARG M 117 -11.94 70.42 64.99
CA ARG M 117 -11.65 69.00 65.16
C ARG M 117 -11.74 68.23 63.84
N ARG M 118 -12.46 68.75 62.85
CA ARG M 118 -12.56 68.14 61.53
C ARG M 118 -12.27 69.21 60.49
N ASP M 119 -11.35 68.91 59.59
CA ASP M 119 -10.96 69.79 58.49
C ASP M 119 -11.43 69.16 57.18
N ILE M 120 -12.08 69.98 56.35
CA ILE M 120 -12.60 69.55 55.06
C ILE M 120 -11.80 70.28 53.99
N TYR M 121 -11.04 69.51 53.20
CA TYR M 121 -10.28 70.03 52.08
C TYR M 121 -11.01 69.69 50.79
N VAL M 122 -11.06 70.66 49.88
CA VAL M 122 -11.77 70.53 48.61
C VAL M 122 -10.78 70.71 47.47
N LEU M 123 -10.76 69.74 46.55
CA LEU M 123 -10.00 69.81 45.30
C LEU M 123 -11.03 69.77 44.17
N ASP M 124 -11.18 70.88 43.46
CA ASP M 124 -12.20 70.98 42.42
C ASP M 124 -11.80 72.05 41.42
N ALA M 125 -11.99 71.74 40.13
CA ALA M 125 -11.62 72.64 39.05
C ALA M 125 -12.80 73.48 38.54
N HIS M 126 -14.02 73.18 38.94
CA HIS M 126 -15.17 73.92 38.42
C HIS M 126 -15.16 75.35 38.93
N ARG M 127 -15.81 76.22 38.15
CA ARG M 127 -15.93 77.64 38.44
C ARG M 127 -17.35 78.06 38.09
N PRO M 128 -17.84 79.18 38.67
CA PRO M 128 -17.22 80.09 39.66
C PRO M 128 -17.22 79.51 41.07
N TRP M 129 -16.30 79.97 41.91
CA TRP M 129 -16.32 79.59 43.32
C TRP M 129 -17.57 80.12 43.99
N ASN M 130 -18.12 79.34 44.91
CA ASN M 130 -19.14 79.84 45.81
C ASN M 130 -18.45 80.68 46.89
N LEU M 131 -18.90 81.93 47.04
CA LEU M 131 -18.15 82.87 47.87
C LEU M 131 -18.19 82.50 49.35
N ASP M 132 -19.22 81.76 49.79
CA ASP M 132 -19.27 81.38 51.20
C ASP M 132 -18.16 80.40 51.54
N ASN M 133 -17.77 79.54 50.60
CA ASN M 133 -16.67 78.61 50.85
C ASN M 133 -15.34 79.34 50.92
N ILE M 134 -15.11 80.27 49.99
CA ILE M 134 -13.82 80.96 49.92
C ILE M 134 -13.71 81.99 51.04
N PHE M 135 -14.63 82.95 51.07
CA PHE M 135 -14.57 84.05 52.03
C PHE M 135 -15.24 83.70 53.35
N GLY M 136 -16.43 83.10 53.30
CA GLY M 136 -17.22 82.96 54.51
C GLY M 136 -16.67 81.91 55.46
N SER M 137 -16.41 80.71 54.95
CA SER M 137 -16.17 79.57 55.83
C SER M 137 -14.81 79.66 56.52
N GLN M 138 -14.71 78.93 57.64
CA GLN M 138 -13.44 78.62 58.28
C GLN M 138 -13.19 77.12 58.40
N ILE M 139 -14.22 76.29 58.24
CA ILE M 139 -14.03 74.84 58.19
C ILE M 139 -13.62 74.41 56.79
N ILE M 140 -14.33 74.89 55.77
CA ILE M 140 -14.06 74.52 54.39
C ILE M 140 -12.80 75.22 53.92
N GLN M 141 -11.94 74.48 53.22
CA GLN M 141 -10.66 74.99 52.72
C GLN M 141 -10.48 74.48 51.30
N CYS M 142 -10.66 75.37 50.32
CA CYS M 142 -10.65 75.00 48.90
C CYS M 142 -9.32 75.38 48.27
N PHE M 143 -8.64 74.40 47.69
CA PHE M 143 -7.43 74.67 46.91
C PHE M 143 -7.78 75.54 45.71
N ASP M 144 -6.95 76.56 45.47
CA ASP M 144 -7.13 77.48 44.35
C ASP M 144 -5.78 77.71 43.67
N ASP M 145 -5.85 77.90 42.36
CA ASP M 145 -4.66 78.07 41.52
C ASP M 145 -4.25 79.52 41.32
N GLY M 146 -4.93 80.47 41.97
CA GLY M 146 -4.76 81.89 41.73
C GLY M 146 -5.96 82.56 41.11
N THR M 147 -7.03 81.82 40.82
CA THR M 147 -8.24 82.43 40.25
C THR M 147 -8.87 83.43 41.21
N VAL M 148 -8.84 83.11 42.51
CA VAL M 148 -9.57 83.91 43.50
C VAL M 148 -9.00 85.32 43.60
N ASP M 149 -7.69 85.42 43.84
CA ASP M 149 -7.09 86.74 44.03
C ASP M 149 -7.00 87.52 42.73
N ASP M 150 -6.86 86.83 41.60
CA ASP M 150 -6.83 87.51 40.31
C ASP M 150 -8.18 88.09 39.94
N THR M 151 -9.24 87.30 40.13
CA THR M 151 -10.56 87.64 39.59
C THR M 151 -11.40 88.48 40.53
N LEU M 152 -11.49 88.06 41.80
CA LEU M 152 -12.64 88.37 42.65
C LEU M 152 -12.42 89.59 43.54
N GLY M 153 -11.76 90.63 43.06
CA GLY M 153 -11.58 91.83 43.87
C GLY M 153 -12.88 92.52 44.22
N GLU M 154 -13.67 92.86 43.21
CA GLU M 154 -14.95 93.53 43.44
C GLU M 154 -15.89 92.64 44.24
N GLN M 155 -15.85 91.34 43.99
CA GLN M 155 -16.78 90.43 44.66
C GLN M 155 -16.39 90.25 46.12
N LYS M 156 -15.09 90.16 46.40
CA LYS M 156 -14.62 90.15 47.79
C LYS M 156 -15.05 91.41 48.52
N GLU M 157 -14.84 92.57 47.89
CA GLU M 157 -15.24 93.84 48.49
C GLU M 157 -16.75 93.87 48.75
N ALA M 158 -17.54 93.45 47.76
CA ALA M 158 -18.99 93.51 47.90
C ALA M 158 -19.48 92.55 48.98
N TYR M 159 -18.92 91.34 49.03
CA TYR M 159 -19.32 90.37 50.04
C TYR M 159 -19.04 90.90 51.44
N TYR M 160 -17.83 91.39 51.68
CA TYR M 160 -17.50 91.84 53.04
C TYR M 160 -18.25 93.10 53.41
N LYS M 161 -18.47 94.02 52.46
CA LYS M 161 -19.18 95.24 52.80
C LYS M 161 -20.68 95.00 52.98
N LEU M 162 -21.26 94.07 52.21
CA LEU M 162 -22.66 93.71 52.42
C LEU M 162 -22.84 92.98 53.75
N LEU M 163 -21.87 92.16 54.14
CA LEU M 163 -21.93 91.51 55.45
C LEU M 163 -21.77 92.54 56.57
N GLU M 164 -20.90 93.52 56.38
CA GLU M 164 -20.65 94.54 57.41
C GLU M 164 -21.81 95.51 57.53
N LEU M 165 -22.52 95.78 56.43
CA LEU M 165 -23.56 96.80 56.45
C LEU M 165 -24.73 96.42 57.35
N ASP M 166 -24.98 95.14 57.53
CA ASP M 166 -26.05 94.68 58.42
C ASP M 166 -25.71 95.01 59.87
N ARG M 230 -30.52 107.57 55.14
CA ARG M 230 -31.12 106.40 54.51
C ARG M 230 -30.71 106.27 53.05
N LYS M 231 -30.44 107.40 52.39
CA LYS M 231 -30.05 107.37 50.99
C LYS M 231 -28.74 106.60 50.79
N GLN M 232 -27.76 106.84 51.67
CA GLN M 232 -26.47 106.17 51.56
C GLN M 232 -26.62 104.66 51.75
N ARG M 233 -27.39 104.25 52.75
CA ARG M 233 -27.58 102.82 53.02
C ARG M 233 -28.24 102.13 51.83
N LYS M 234 -29.30 102.75 51.29
CA LYS M 234 -30.00 102.20 50.13
C LYS M 234 -29.07 102.07 48.94
N LYS M 235 -28.29 103.12 48.67
CA LYS M 235 -27.36 103.09 47.54
C LYS M 235 -26.32 101.99 47.70
N GLN M 236 -25.73 101.87 48.90
CA GLN M 236 -24.67 100.89 49.10
C GLN M 236 -25.20 99.47 49.02
N ILE M 237 -26.33 99.19 49.67
CA ILE M 237 -26.85 97.82 49.66
C ILE M 237 -27.29 97.43 48.25
N HIS M 238 -27.89 98.37 47.50
CA HIS M 238 -28.21 98.07 46.11
C HIS M 238 -26.96 97.84 45.28
N GLU M 239 -25.89 98.61 45.54
CA GLU M 239 -24.64 98.43 44.82
C GLU M 239 -24.08 97.02 45.00
N TYR M 240 -23.96 96.58 46.25
CA TYR M 240 -23.32 95.29 46.49
C TYR M 240 -24.24 94.12 46.17
N GLU M 241 -25.56 94.29 46.32
CA GLU M 241 -26.49 93.33 45.76
C GLU M 241 -26.30 93.20 44.26
N GLY M 242 -26.13 94.33 43.56
CA GLY M 242 -25.89 94.27 42.14
C GLY M 242 -24.61 93.54 41.78
N VAL M 243 -23.53 93.81 42.53
CA VAL M 243 -22.26 93.16 42.26
C VAL M 243 -22.37 91.65 42.42
N LEU M 244 -22.91 91.21 43.56
CA LEU M 244 -22.97 89.76 43.81
C LEU M 244 -23.99 89.08 42.89
N GLU M 245 -25.07 89.77 42.53
CA GLU M 245 -26.00 89.20 41.56
C GLU M 245 -25.37 89.09 40.18
N GLU M 246 -24.51 90.06 39.81
CA GLU M 246 -23.81 89.98 38.54
C GLU M 246 -22.83 88.82 38.52
N TYR M 247 -22.10 88.61 39.63
CA TYR M 247 -21.14 87.52 39.67
C TYR M 247 -21.84 86.16 39.60
N TYR M 248 -22.84 85.95 40.43
CA TYR M 248 -23.56 84.69 40.42
C TYR M 248 -24.42 84.57 39.16
N SER M 249 -24.95 83.37 38.95
CA SER M 249 -25.82 83.05 37.81
C SER M 249 -25.11 83.21 36.48
N GLN M 250 -23.79 82.99 36.46
CA GLN M 250 -23.04 82.80 35.23
C GLN M 250 -22.99 81.32 34.87
N GLY M 251 -22.51 81.03 33.66
CA GLY M 251 -22.43 79.66 33.22
C GLY M 251 -21.32 78.89 33.90
N THR M 252 -21.50 77.58 33.95
CA THR M 252 -20.51 76.70 34.54
C THR M 252 -19.37 76.44 33.57
N THR M 253 -18.15 76.30 34.11
CA THR M 253 -16.96 76.16 33.29
C THR M 253 -15.86 75.50 34.11
N VAL M 254 -15.05 74.67 33.44
CA VAL M 254 -13.85 74.07 34.01
C VAL M 254 -12.65 74.81 33.45
N VAL M 255 -11.68 75.11 34.31
CA VAL M 255 -10.54 75.97 33.94
C VAL M 255 -9.18 75.33 34.22
N ASN M 256 -9.14 74.17 34.88
CA ASN M 256 -7.85 73.58 35.21
C ASN M 256 -8.00 72.09 35.47
N SER M 257 -6.85 71.43 35.62
CA SER M 257 -6.76 70.00 35.88
C SER M 257 -6.35 69.77 37.34
N ILE M 258 -7.05 68.83 38.00
CA ILE M 258 -6.79 68.54 39.40
C ILE M 258 -5.39 67.93 39.56
N SER M 259 -5.09 66.94 38.73
CA SER M 259 -3.83 66.21 38.84
C SER M 259 -2.63 67.11 38.57
N ALA M 260 -2.80 68.14 37.73
CA ALA M 260 -1.72 69.09 37.52
C ALA M 260 -1.38 69.85 38.80
N GLN M 261 -2.41 70.27 39.53
CA GLN M 261 -2.18 70.93 40.82
C GLN M 261 -1.51 70.00 41.80
N ILE M 262 -1.94 68.73 41.84
CA ILE M 262 -1.28 67.78 42.73
C ILE M 262 0.17 67.56 42.31
N TYR M 263 0.44 67.59 41.00
CA TYR M 263 1.82 67.44 40.56
C TYR M 263 2.66 68.65 40.94
N SER M 264 2.06 69.85 40.96
CA SER M 264 2.77 71.01 41.47
C SER M 264 3.13 70.82 42.94
N LEU M 265 2.19 70.27 43.73
CA LEU M 265 2.51 69.95 45.13
C LEU M 265 3.65 68.95 45.23
N LEU M 266 3.62 67.89 44.41
CA LEU M 266 4.66 66.88 44.47
C LEU M 266 6.00 67.46 44.02
N SER M 267 6.00 68.40 43.08
CA SER M 267 7.22 69.10 42.73
C SER M 267 7.75 69.89 43.90
N ALA M 268 6.85 70.53 44.66
CA ALA M 268 7.28 71.29 45.84
C ALA M 268 7.93 70.37 46.87
N ILE M 269 7.31 69.24 47.18
CA ILE M 269 7.86 68.36 48.21
C ILE M 269 9.14 67.69 47.70
N GLY M 270 9.15 67.27 46.44
CA GLY M 270 10.30 66.63 45.82
C GLY M 270 10.10 65.14 45.57
N GLU M 271 8.88 64.77 45.18
CA GLU M 271 8.49 63.38 44.97
C GLU M 271 8.23 63.07 43.49
N THR M 272 8.84 63.81 42.57
CA THR M 272 8.57 63.61 41.16
C THR M 272 9.26 62.36 40.64
N ASN M 273 8.53 61.58 39.85
CA ASN M 273 9.09 60.43 39.15
C ASN M 273 8.20 60.14 37.95
N LEU M 274 8.65 59.20 37.12
CA LEU M 274 7.92 58.91 35.88
C LEU M 274 6.54 58.31 36.17
N SER M 275 6.40 57.57 37.26
CA SER M 275 5.09 57.01 37.61
C SER M 275 4.07 58.11 37.88
N ASN M 276 4.51 59.19 38.52
CA ASN M 276 3.61 60.31 38.79
C ASN M 276 3.44 61.20 37.57
N LEU M 277 4.49 61.37 36.77
CA LEU M 277 4.38 62.18 35.56
C LEU M 277 3.41 61.55 34.56
N TRP M 278 3.42 60.22 34.46
CA TRP M 278 2.51 59.55 33.54
C TRP M 278 1.06 59.72 33.98
N LEU M 279 0.80 59.68 35.30
CA LEU M 279 -0.54 59.95 35.79
C LEU M 279 -0.94 61.40 35.55
N ASN M 280 0.02 62.32 35.70
CA ASN M 280 -0.25 63.72 35.38
C ASN M 280 -0.63 63.88 33.91
N ILE M 281 0.05 63.16 33.02
CA ILE M 281 -0.27 63.23 31.60
C ILE M 281 -1.64 62.63 31.34
N LEU M 282 -1.96 61.50 31.99
CA LEU M 282 -3.25 60.86 31.76
C LEU M 282 -4.40 61.74 32.23
N GLY M 283 -4.26 62.37 33.39
CA GLY M 283 -5.32 63.24 33.87
C GLY M 283 -5.56 64.44 32.96
N THR M 284 -4.47 65.07 32.51
CA THR M 284 -4.58 66.23 31.63
C THR M 284 -5.20 65.86 30.28
N THR M 285 -4.82 64.69 29.75
CA THR M 285 -5.24 64.32 28.40
C THR M 285 -6.76 64.15 28.29
N SER M 286 -7.43 63.83 29.40
CA SER M 286 -8.88 63.62 29.36
C SER M 286 -9.65 64.90 28.99
N LEU M 287 -9.06 66.08 29.18
CA LEU M 287 -9.74 67.33 28.90
C LEU M 287 -9.72 67.73 27.43
N ASP M 288 -8.89 67.09 26.60
CA ASP M 288 -8.65 67.60 25.25
C ASP M 288 -9.89 67.49 24.36
N ILE M 289 -10.78 66.53 24.63
CA ILE M 289 -11.95 66.36 23.77
C ILE M 289 -12.93 67.51 23.93
N ALA M 290 -13.18 67.94 25.17
CA ALA M 290 -14.22 68.90 25.51
C ALA M 290 -13.69 70.30 25.80
N TYR M 291 -12.50 70.40 26.40
CA TYR M 291 -11.93 71.64 26.89
C TYR M 291 -10.56 71.89 26.26
N ALA M 292 -10.50 71.89 24.92
CA ALA M 292 -9.24 71.96 24.20
C ALA M 292 -8.38 73.15 24.58
N GLN M 293 -9.01 74.28 24.93
CA GLN M 293 -8.26 75.47 25.29
C GLN M 293 -7.43 75.23 26.56
N VAL M 294 -8.02 74.56 27.54
CA VAL M 294 -7.30 74.26 28.79
C VAL M 294 -6.10 73.36 28.49
N TYR M 295 -6.31 72.33 27.68
CA TYR M 295 -5.22 71.42 27.33
C TYR M 295 -4.10 72.15 26.59
N ASN M 296 -4.46 73.02 25.65
CA ASN M 296 -3.44 73.77 24.93
C ASN M 296 -2.69 74.72 25.84
N ARG M 297 -3.35 75.22 26.89
CA ARG M 297 -2.64 76.03 27.87
C ARG M 297 -1.65 75.19 28.66
N LEU M 298 -2.06 74.00 29.11
CA LEU M 298 -1.21 73.20 29.99
C LEU M 298 -0.10 72.45 29.25
N TYR M 299 -0.28 72.19 27.95
CA TYR M 299 0.57 71.24 27.23
C TYR M 299 2.08 71.52 27.26
N PRO M 300 2.57 72.77 27.12
CA PRO M 300 4.04 72.96 27.08
C PRO M 300 4.77 72.51 28.34
N LEU M 301 4.13 72.59 29.51
CA LEU M 301 4.79 72.16 30.74
C LEU M 301 5.12 70.68 30.70
N LEU M 302 4.20 69.86 30.16
CA LEU M 302 4.43 68.43 30.11
C LEU M 302 5.62 68.07 29.22
N GLN M 303 5.84 68.83 28.14
CA GLN M 303 7.01 68.61 27.30
C GLN M 303 8.30 68.80 28.09
N ASP M 304 8.35 69.86 28.91
CA ASP M 304 9.55 70.14 29.70
C ASP M 304 9.82 69.01 30.69
N GLU M 305 8.79 68.52 31.38
CA GLU M 305 9.00 67.44 32.35
C GLU M 305 9.40 66.14 31.66
N VAL M 306 8.77 65.83 30.52
CA VAL M 306 9.12 64.61 29.79
C VAL M 306 10.56 64.67 29.31
N LYS M 307 10.99 65.84 28.83
CA LYS M 307 12.39 65.98 28.41
C LYS M 307 13.34 65.98 29.60
N ARG M 308 12.87 66.42 30.77
CA ARG M 308 13.74 66.49 31.94
C ARG M 308 14.00 65.11 32.52
N LEU M 309 12.95 64.35 32.79
CA LEU M 309 13.11 63.10 33.52
C LEU M 309 13.57 61.93 32.64
N THR M 310 13.56 62.07 31.32
CA THR M 310 14.02 60.99 30.45
C THR M 310 15.51 60.76 30.67
N PRO M 311 15.99 59.52 30.86
CA PRO M 311 17.39 59.34 31.23
C PRO M 311 18.33 59.62 30.07
N SER M 312 19.62 59.64 30.40
CA SER M 312 20.69 59.81 29.44
C SER M 312 20.91 58.51 28.66
N SER M 313 21.86 58.55 27.72
CA SER M 313 22.19 57.40 26.87
C SER M 313 20.98 56.94 26.08
N ARG M 314 20.26 57.90 25.51
CA ARG M 314 19.01 57.64 24.83
C ARG M 314 19.25 56.86 23.54
N ASN M 315 18.19 56.18 23.07
CA ASN M 315 18.23 55.34 21.87
C ASN M 315 19.20 54.17 22.03
N SER M 316 19.28 53.61 23.23
CA SER M 316 20.04 52.40 23.48
C SER M 316 19.21 51.16 23.10
N VAL M 317 19.88 50.01 23.06
CA VAL M 317 19.23 48.77 22.68
C VAL M 317 18.19 48.38 23.74
N LYS M 318 17.13 47.72 23.30
CA LYS M 318 16.08 47.26 24.19
C LYS M 318 16.62 46.27 25.22
N THR M 319 15.88 46.13 26.30
CA THR M 319 15.99 45.02 27.23
C THR M 319 14.58 44.67 27.67
N PRO M 320 14.37 43.49 28.27
CA PRO M 320 13.03 43.19 28.81
C PRO M 320 12.58 44.13 29.92
N ASP M 321 13.50 44.83 30.58
CA ASP M 321 13.18 45.74 31.68
C ASP M 321 13.08 47.20 31.28
N THR M 322 13.47 47.55 30.05
CA THR M 322 13.58 48.96 29.67
C THR M 322 12.20 49.61 29.56
N LEU M 323 12.05 50.75 30.23
CA LEU M 323 10.87 51.60 30.14
C LEU M 323 11.28 52.94 29.55
N THR M 324 10.42 53.50 28.70
CA THR M 324 10.69 54.80 28.07
C THR M 324 9.40 55.57 27.90
N LEU M 325 9.51 56.90 27.96
CA LEU M 325 8.42 57.83 27.74
C LEU M 325 8.95 58.92 26.82
N ASN M 326 8.24 59.18 25.72
CA ASN M 326 8.80 60.00 24.65
C ASN M 326 7.69 60.71 23.89
N ILE M 327 8.07 61.81 23.24
CA ILE M 327 7.17 62.64 22.46
C ILE M 327 7.30 62.23 21.00
N GLN M 328 6.18 62.00 20.34
CA GLN M 328 6.19 61.60 18.94
C GLN M 328 4.77 61.79 18.39
N PRO M 329 4.59 61.71 17.06
CA PRO M 329 3.28 62.08 16.49
C PRO M 329 2.11 61.24 16.97
N ASP M 330 0.96 61.91 17.06
CA ASP M 330 -0.33 61.31 17.36
C ASP M 330 -1.35 62.04 16.51
N TYR M 331 -2.50 61.40 16.25
CA TYR M 331 -3.26 61.69 15.04
C TYR M 331 -4.75 62.01 15.19
N TYR M 332 -5.34 61.98 16.38
CA TYR M 332 -6.80 62.13 16.53
C TYR M 332 -7.55 61.06 15.72
N LEU M 333 -6.96 59.87 15.58
CA LEU M 333 -7.61 58.73 14.93
C LEU M 333 -7.99 57.73 16.01
N PHE M 334 -9.20 57.19 15.91
CA PHE M 334 -9.78 56.40 16.98
C PHE M 334 -9.01 55.08 17.13
N LEU M 335 -8.13 55.03 18.12
CA LEU M 335 -7.36 53.83 18.46
C LEU M 335 -6.57 53.31 17.26
N LEU M 336 -5.58 54.10 16.86
CA LEU M 336 -4.79 53.77 15.68
C LEU M 336 -4.06 52.45 15.84
N ARG M 337 -3.34 52.28 16.95
CA ARG M 337 -2.45 51.14 17.13
C ARG M 337 -3.18 49.85 17.51
N HIS M 338 -4.51 49.85 17.52
CA HIS M 338 -5.31 48.65 17.66
C HIS M 338 -6.37 48.68 16.56
N SER M 339 -6.96 47.54 16.29
CA SER M 339 -7.86 47.38 15.13
C SER M 339 -7.01 47.66 13.89
N SER M 340 -7.46 48.51 12.96
CA SER M 340 -6.80 48.69 11.67
C SER M 340 -6.82 50.16 11.29
N LEU M 341 -6.01 50.50 10.28
CA LEU M 341 -5.94 51.87 9.79
C LEU M 341 -7.28 52.33 9.22
N TYR M 342 -7.94 51.45 8.45
CA TYR M 342 -9.23 51.80 7.87
C TYR M 342 -10.26 52.08 8.94
N ASP M 343 -10.30 51.26 9.99
CA ASP M 343 -11.18 51.53 11.11
C ASP M 343 -10.75 52.76 11.89
N SER M 344 -9.45 53.08 11.88
CA SER M 344 -8.99 54.28 12.54
C SER M 344 -9.55 55.53 11.87
N PHE M 345 -9.57 55.54 10.53
CA PHE M 345 -10.18 56.68 9.83
C PHE M 345 -11.70 56.63 9.91
N TYR M 346 -12.28 55.44 9.81
CA TYR M 346 -13.72 55.30 9.61
C TYR M 346 -14.51 55.78 10.82
N TYR M 347 -14.06 55.42 12.03
CA TYR M 347 -14.76 55.74 13.26
C TYR M 347 -14.24 57.01 13.94
N SER M 348 -13.29 57.71 13.34
CA SER M 348 -12.78 58.94 13.93
C SER M 348 -13.88 59.99 14.02
N ASN M 349 -13.97 60.65 15.17
CA ASN M 349 -15.04 61.61 15.39
C ASN M 349 -14.89 62.84 14.49
N TYR M 350 -13.64 63.21 14.18
CA TYR M 350 -13.37 64.37 13.34
C TYR M 350 -13.59 64.06 11.86
N VAL M 351 -13.23 62.86 11.44
CA VAL M 351 -13.36 62.48 10.03
C VAL M 351 -14.81 62.43 9.62
N ASN M 352 -15.70 62.00 10.52
CA ASN M 352 -17.11 61.94 10.19
C ASN M 352 -17.66 63.34 9.90
N ALA M 353 -17.25 64.33 10.68
CA ALA M 353 -17.65 65.70 10.41
C ALA M 353 -17.03 66.23 9.13
N LYS M 354 -15.78 65.85 8.86
CA LYS M 354 -15.06 66.43 7.72
C LYS M 354 -15.48 65.84 6.38
N LEU M 355 -15.87 64.55 6.34
CA LEU M 355 -16.19 63.85 5.09
C LEU M 355 -17.59 63.26 5.05
N SER M 356 -18.39 63.40 6.10
CA SER M 356 -19.81 63.03 6.09
C SER M 356 -20.00 61.54 5.85
N LEU M 357 -19.41 60.73 6.73
CA LEU M 357 -19.41 59.28 6.57
C LEU M 357 -20.77 58.63 6.81
N TRP M 358 -21.81 59.37 7.21
CA TRP M 358 -23.11 58.75 7.45
C TRP M 358 -23.83 58.35 6.18
N ASN M 359 -23.32 58.70 5.00
CA ASN M 359 -23.94 58.34 3.72
C ASN M 359 -22.86 57.87 2.76
N GLU M 360 -23.30 57.23 1.68
CA GLU M 360 -22.37 56.59 0.74
C GLU M 360 -21.47 57.61 0.04
N ASN M 361 -21.98 58.82 -0.20
CA ASN M 361 -21.17 59.86 -0.84
C ASN M 361 -20.00 60.33 0.05
N GLY M 362 -19.99 59.97 1.34
CA GLY M 362 -18.83 60.17 2.19
C GLY M 362 -17.86 58.99 2.19
N LYS M 363 -18.43 57.79 2.26
CA LYS M 363 -17.62 56.59 2.33
C LYS M 363 -16.81 56.41 1.06
N LYS M 364 -17.40 56.78 -0.08
CA LYS M 364 -16.65 56.72 -1.33
C LYS M 364 -15.48 57.70 -1.34
N ARG M 365 -15.59 58.82 -0.61
CA ARG M 365 -14.43 59.71 -0.47
C ARG M 365 -13.31 59.02 0.27
N LEU M 366 -13.64 58.25 1.30
CA LEU M 366 -12.59 57.54 2.03
C LEU M 366 -11.90 56.49 1.15
N HIS M 367 -12.70 55.73 0.39
CA HIS M 367 -12.14 54.77 -0.57
C HIS M 367 -11.24 55.48 -1.58
N LYS M 368 -11.69 56.63 -2.07
CA LYS M 368 -10.93 57.43 -3.04
C LYS M 368 -9.62 57.91 -2.46
N MET M 369 -9.63 58.34 -1.19
CA MET M 369 -8.42 58.79 -0.53
C MET M 369 -7.40 57.65 -0.44
N PHE M 370 -7.84 56.48 0.02
CA PHE M 370 -6.90 55.37 0.12
C PHE M 370 -6.40 54.93 -1.25
N ALA M 371 -7.23 55.05 -2.28
CA ALA M 371 -6.75 54.73 -3.63
C ALA M 371 -5.66 55.70 -4.07
N ARG M 372 -5.85 57.00 -3.82
CA ARG M 372 -4.83 57.96 -4.26
C ARG M 372 -3.55 57.85 -3.42
N MET M 373 -3.68 57.53 -2.13
CA MET M 373 -2.50 57.47 -1.27
C MET M 373 -1.54 56.34 -1.64
N GLY M 374 -1.98 55.38 -2.44
CA GLY M 374 -1.12 54.27 -2.82
C GLY M 374 -1.06 53.14 -1.83
N ILE M 375 -2.07 53.02 -0.96
CA ILE M 375 -2.20 51.93 0.00
C ILE M 375 -3.27 50.99 -0.53
N PRO M 376 -2.98 49.71 -0.81
CA PRO M 376 -4.06 48.81 -1.24
C PRO M 376 -5.12 48.67 -0.16
N LEU M 377 -6.39 48.74 -0.58
CA LEU M 377 -7.49 48.82 0.37
C LEU M 377 -7.61 47.56 1.22
N SER M 378 -7.19 46.41 0.69
CA SER M 378 -7.24 45.17 1.45
C SER M 378 -6.16 45.11 2.53
N THR M 379 -5.07 45.85 2.38
CA THR M 379 -4.05 45.94 3.42
C THR M 379 -4.40 47.00 4.47
N ALA M 380 -5.14 48.04 4.07
CA ALA M 380 -5.56 49.05 5.04
C ALA M 380 -6.46 48.46 6.12
N GLN M 381 -7.19 47.40 5.79
CA GLN M 381 -8.09 46.74 6.74
C GLN M 381 -7.40 45.67 7.58
N GLU M 382 -6.12 45.39 7.34
CA GLU M 382 -5.40 44.43 8.18
C GLU M 382 -5.15 45.02 9.56
N THR M 383 -5.01 44.13 10.55
CA THR M 383 -4.69 44.54 11.91
C THR M 383 -3.36 45.29 11.92
N TRP M 384 -3.33 46.40 12.66
CA TRP M 384 -2.22 47.35 12.55
C TRP M 384 -0.91 46.75 13.05
N LEU M 385 -0.96 45.79 13.97
CA LEU M 385 0.27 45.12 14.39
C LEU M 385 0.87 44.31 13.25
N TYR M 386 0.04 43.59 12.50
CA TYR M 386 0.49 42.72 11.42
C TYR M 386 0.66 43.43 10.09
N MET M 387 0.27 44.70 9.99
CA MET M 387 0.43 45.43 8.74
C MET M 387 1.92 45.55 8.38
N ASP M 388 2.18 45.61 7.08
CA ASP M 388 3.55 45.51 6.58
C ASP M 388 4.43 46.66 7.09
N HIS M 389 5.68 46.32 7.38
CA HIS M 389 6.62 47.25 8.00
C HIS M 389 6.87 48.49 7.13
N SER M 390 6.94 48.29 5.82
CA SER M 390 7.25 49.41 4.91
C SER M 390 6.17 50.48 4.98
N ILE M 391 4.89 50.07 4.97
CA ILE M 391 3.80 51.03 5.07
C ILE M 391 3.86 51.73 6.41
N LYS M 392 4.19 51.00 7.48
CA LYS M 392 4.29 51.60 8.81
C LYS M 392 5.30 52.74 8.82
N ARG M 393 6.48 52.51 8.24
CA ARG M 393 7.50 53.58 8.29
C ARG M 393 7.26 54.67 7.26
N GLU M 394 6.55 54.39 6.15
CA GLU M 394 6.26 55.41 5.15
C GLU M 394 5.00 56.22 5.44
N LEU M 395 4.18 55.79 6.41
CA LEU M 395 2.93 56.48 6.69
C LEU M 395 3.14 57.94 7.12
N GLY M 396 4.24 58.22 7.81
CA GLY M 396 4.48 59.58 8.28
C GLY M 396 4.67 60.57 7.16
N ILE M 397 5.20 60.13 6.02
CA ILE M 397 5.39 60.99 4.86
C ILE M 397 4.18 60.94 3.93
N ILE M 398 3.46 59.82 3.88
CA ILE M 398 2.32 59.72 2.98
C ILE M 398 1.24 60.74 3.36
N PHE M 399 1.05 60.99 4.66
CA PHE M 399 0.01 61.93 5.08
C PHE M 399 0.35 63.37 4.69
N ASP M 400 1.63 63.73 4.64
CA ASP M 400 1.99 65.11 4.30
C ASP M 400 1.60 65.48 2.88
N LYS M 401 1.51 64.49 1.98
CA LYS M 401 1.28 64.76 0.57
C LYS M 401 -0.19 64.75 0.16
N ASN M 402 -1.09 64.21 1.00
CA ASN M 402 -2.42 63.82 0.55
C ASN M 402 -3.56 64.42 1.37
N LEU M 403 -3.35 64.67 2.67
CA LEU M 403 -4.44 65.15 3.50
C LEU M 403 -4.91 66.55 3.12
N ASP M 404 -4.07 67.34 2.45
CA ASP M 404 -4.47 68.69 2.07
C ASP M 404 -5.60 68.68 1.05
N ARG M 405 -5.56 67.73 0.11
CA ARG M 405 -6.56 67.68 -0.95
C ARG M 405 -7.96 67.41 -0.42
N TYR M 406 -8.09 66.80 0.76
CA TYR M 406 -9.37 66.52 1.40
C TYR M 406 -9.67 67.46 2.57
N GLY M 407 -8.94 68.55 2.71
CA GLY M 407 -9.21 69.50 3.79
C GLY M 407 -9.02 68.91 5.17
N LEU M 408 -8.10 67.96 5.30
CA LEU M 408 -7.96 67.12 6.48
C LEU M 408 -6.58 67.25 7.12
N GLN M 409 -5.94 68.42 6.96
CA GLN M 409 -4.60 68.62 7.47
C GLN M 409 -4.53 68.61 9.00
N ASP M 410 -5.65 68.83 9.68
CA ASP M 410 -5.65 68.91 11.14
C ASP M 410 -5.36 67.58 11.82
N ILE M 411 -5.33 66.47 11.07
CA ILE M 411 -5.05 65.15 11.64
C ILE M 411 -3.68 65.12 12.31
N ILE M 412 -2.72 65.87 11.80
CA ILE M 412 -1.34 65.78 12.26
C ILE M 412 -1.21 66.55 13.58
N ARG M 413 -0.56 65.93 14.57
CA ARG M 413 -0.16 66.63 15.79
C ARG M 413 0.92 65.80 16.48
N ASP M 414 1.30 66.24 17.68
CA ASP M 414 2.28 65.59 18.53
C ASP M 414 1.63 65.10 19.81
N GLY M 415 2.15 64.00 20.35
CA GLY M 415 1.62 63.43 21.58
C GLY M 415 2.67 62.58 22.26
N PHE M 416 2.26 61.98 23.38
CA PHE M 416 3.14 61.20 24.24
C PHE M 416 2.87 59.71 24.06
N VAL M 417 3.95 58.93 24.04
CA VAL M 417 3.88 57.48 23.82
C VAL M 417 4.77 56.80 24.85
N ARG M 418 4.30 55.66 25.37
CA ARG M 418 4.96 54.91 26.43
C ARG M 418 5.10 53.46 26.01
N THR M 419 6.22 52.85 26.38
CA THR M 419 6.47 51.44 26.09
C THR M 419 7.26 50.84 27.22
N LEU M 420 7.06 49.53 27.45
CA LEU M 420 7.64 48.82 28.58
C LEU M 420 8.13 47.47 28.07
N GLY M 421 9.44 47.31 27.95
CA GLY M 421 9.97 46.02 27.55
C GLY M 421 9.63 45.70 26.12
N TYR M 422 9.17 44.48 25.89
CA TYR M 422 8.87 43.95 24.56
C TYR M 422 7.38 43.95 24.22
N ARG M 423 6.51 44.48 25.09
CA ARG M 423 5.08 44.30 24.93
C ARG M 423 4.39 45.37 24.09
N GLY M 424 5.13 46.35 23.58
CA GLY M 424 4.60 47.23 22.56
C GLY M 424 4.13 48.56 23.11
N SER M 425 4.00 49.53 22.20
CA SER M 425 3.75 50.92 22.56
C SER M 425 2.26 51.19 22.77
N ILE M 426 1.99 52.28 23.49
CA ILE M 426 0.64 52.82 23.64
C ILE M 426 0.77 54.31 23.96
N SER M 427 -0.15 55.10 23.42
CA SER M 427 -0.22 56.53 23.66
C SER M 427 -1.31 56.82 24.69
N ALA M 428 -1.20 58.00 25.31
CA ALA M 428 -2.15 58.40 26.35
C ALA M 428 -3.57 58.50 25.81
N SER M 429 -3.71 58.96 24.57
CA SER M 429 -5.03 59.16 23.97
C SER M 429 -5.81 57.86 23.85
N GLU M 430 -5.12 56.75 23.65
CA GLU M 430 -5.75 55.43 23.64
C GLU M 430 -6.03 54.95 25.06
N PHE M 431 -5.12 55.26 25.97
CA PHE M 431 -5.23 54.82 27.37
C PHE M 431 -6.50 55.36 28.00
N VAL M 432 -6.77 56.66 27.81
CA VAL M 432 -7.94 57.26 28.43
C VAL M 432 -9.23 56.69 27.85
N GLU M 433 -9.23 56.36 26.55
CA GLU M 433 -10.40 55.73 25.96
C GLU M 433 -10.66 54.35 26.58
N ALA M 434 -9.58 53.60 26.82
CA ALA M 434 -9.73 52.31 27.49
C ALA M 434 -10.33 52.48 28.88
N LEU M 435 -9.82 53.43 29.65
CA LEU M 435 -10.31 53.64 31.01
C LEU M 435 -11.77 54.06 31.02
N THR M 436 -12.16 54.98 30.12
CA THR M 436 -13.56 55.42 30.07
C THR M 436 -14.48 54.27 29.66
N ALA M 437 -14.04 53.43 28.72
CA ALA M 437 -14.84 52.27 28.36
C ALA M 437 -15.05 51.34 29.54
N LEU M 438 -13.99 51.10 30.33
CA LEU M 438 -14.14 50.27 31.52
C LEU M 438 -15.10 50.89 32.52
N LEU M 439 -15.05 52.21 32.67
CA LEU M 439 -16.02 52.88 33.55
C LEU M 439 -17.46 52.65 33.06
N GLU M 440 -17.66 52.77 31.75
CA GLU M 440 -19.03 52.71 31.23
C GLU M 440 -19.62 51.31 31.32
N VAL M 441 -18.88 50.29 30.86
CA VAL M 441 -19.46 48.99 30.56
C VAL M 441 -19.05 47.90 31.56
N GLY M 442 -18.05 48.15 32.40
CA GLY M 442 -17.58 47.17 33.38
C GLY M 442 -18.66 46.54 34.26
N ASN M 443 -18.47 45.28 34.63
CA ASN M 443 -19.47 44.51 35.36
C ASN M 443 -19.00 44.19 36.78
N ASN M 468 -40.20 50.56 44.74
CA ASN M 468 -39.89 49.88 43.49
C ASN M 468 -38.82 50.62 42.72
N SER M 469 -39.11 51.87 42.33
CA SER M 469 -38.19 52.64 41.52
C SER M 469 -36.91 52.96 42.28
N ALA M 470 -37.03 53.30 43.56
CA ALA M 470 -35.86 53.69 44.35
C ALA M 470 -34.88 52.53 44.47
N GLN M 471 -35.37 51.31 44.67
CA GLN M 471 -34.50 50.16 44.80
C GLN M 471 -33.74 49.89 43.50
N LYS M 472 -34.43 50.00 42.37
CA LYS M 472 -33.77 49.78 41.07
C LYS M 472 -32.72 50.87 40.80
N LEU M 473 -33.04 52.13 41.13
CA LEU M 473 -32.05 53.19 40.99
C LEU M 473 -30.84 52.94 41.88
N THR M 474 -31.09 52.47 43.11
CA THR M 474 -29.99 52.15 44.02
C THR M 474 -29.12 51.04 43.44
N ASN M 475 -29.74 50.00 42.88
CA ASN M 475 -28.97 48.91 42.28
C ASN M 475 -28.12 49.41 41.11
N LEU M 476 -28.69 50.26 40.26
CA LEU M 476 -27.95 50.78 39.12
C LEU M 476 -26.77 51.62 39.57
N ARG M 477 -27.00 52.54 40.51
CA ARG M 477 -25.91 53.41 40.97
C ARG M 477 -24.83 52.61 41.71
N LYS M 478 -25.24 51.55 42.42
CA LYS M 478 -24.26 50.68 43.06
C LYS M 478 -23.43 49.92 42.03
N ARG M 479 -24.08 49.46 40.96
CA ARG M 479 -23.34 48.78 39.89
C ARG M 479 -22.33 49.72 39.26
N TRP M 480 -22.72 50.98 39.04
CA TRP M 480 -21.78 51.93 38.47
C TRP M 480 -20.60 52.22 39.38
N VAL M 481 -20.75 52.04 40.69
CA VAL M 481 -19.61 52.30 41.58
C VAL M 481 -18.53 51.21 41.47
N SER M 482 -18.93 49.95 41.22
CA SER M 482 -17.95 48.88 41.11
C SER M 482 -16.98 49.10 39.95
N ASN M 483 -17.44 49.75 38.88
CA ASN M 483 -16.57 50.03 37.75
C ASN M 483 -15.44 51.00 38.10
N PHE M 484 -15.59 51.77 39.18
CA PHE M 484 -14.49 52.60 39.63
C PHE M 484 -13.28 51.75 40.00
N TRP M 485 -13.51 50.63 40.70
CA TRP M 485 -12.41 49.74 41.06
C TRP M 485 -11.95 48.90 39.88
N LEU M 486 -12.85 48.59 38.94
CA LEU M 486 -12.42 47.88 37.74
C LEU M 486 -11.50 48.74 36.88
N SER M 487 -11.60 50.07 36.99
CA SER M 487 -10.68 50.99 36.33
C SER M 487 -9.45 51.29 37.17
N TRP M 488 -9.63 51.36 38.51
CA TRP M 488 -8.52 51.64 39.40
C TRP M 488 -7.44 50.57 39.28
N ASP M 489 -7.84 49.30 39.21
CA ASP M 489 -6.87 48.21 39.12
C ASP M 489 -6.18 48.15 37.76
N ALA M 490 -6.66 48.86 36.75
CA ALA M 490 -6.05 48.87 35.43
C ALA M 490 -4.92 49.89 35.29
N LEU M 491 -4.68 50.72 36.30
CA LEU M 491 -3.56 51.65 36.31
C LEU M 491 -2.25 51.02 36.78
N ASP M 492 -2.21 49.69 36.93
CA ASP M 492 -1.03 48.96 37.38
C ASP M 492 -0.43 48.21 36.21
N ASP M 493 0.89 48.33 36.04
CA ASP M 493 1.57 47.63 34.96
C ASP M 493 1.48 46.12 35.09
N ARG M 494 1.27 45.60 36.31
CA ARG M 494 1.15 44.17 36.52
C ARG M 494 -0.16 43.59 35.98
N LYS M 495 -1.13 44.43 35.61
CA LYS M 495 -2.47 44.00 35.19
C LYS M 495 -2.82 44.55 33.79
N VAL M 496 -1.93 44.34 32.83
CA VAL M 496 -2.21 44.74 31.44
C VAL M 496 -3.40 43.96 30.86
N GLU M 497 -3.66 42.75 31.39
CA GLU M 497 -4.77 41.92 30.93
C GLU M 497 -6.11 42.67 30.99
N LEU M 498 -6.31 43.41 32.08
CA LEU M 498 -7.53 44.18 32.25
C LEU M 498 -7.59 45.34 31.26
N LEU M 499 -6.44 45.94 30.97
CA LEU M 499 -6.40 47.06 30.02
C LEU M 499 -6.79 46.59 28.62
N ASN M 500 -6.34 45.40 28.23
CA ASN M 500 -6.75 44.86 26.93
C ASN M 500 -8.25 44.67 26.87
N ARG M 501 -8.85 44.13 27.95
CA ARG M 501 -10.32 44.04 28.01
C ARG M 501 -10.98 45.41 27.83
N GLY M 502 -10.41 46.44 28.46
CA GLY M 502 -10.96 47.79 28.31
C GLY M 502 -10.94 48.27 26.87
N ILE M 503 -9.86 48.00 26.15
CA ILE M 503 -9.78 48.40 24.74
C ILE M 503 -10.84 47.67 23.92
N GLN M 504 -11.00 46.37 24.18
CA GLN M 504 -12.02 45.60 23.46
C GLN M 504 -13.42 46.17 23.69
N LEU M 505 -13.70 46.63 24.91
CA LEU M 505 -15.00 47.25 25.16
C LEU M 505 -15.13 48.60 24.47
N ALA M 506 -14.05 49.37 24.41
CA ALA M 506 -14.08 50.70 23.80
C ALA M 506 -14.48 50.63 22.33
N GLN M 507 -13.95 49.64 21.61
CA GLN M 507 -14.27 49.51 20.19
C GLN M 507 -15.77 49.28 19.98
N ASP M 508 -16.37 48.37 20.76
CA ASP M 508 -17.80 48.10 20.64
C ASP M 508 -18.64 49.32 20.99
N LEU M 509 -18.23 50.08 22.01
CA LEU M 509 -18.96 51.28 22.38
C LEU M 509 -19.01 52.28 21.22
N GLN M 510 -17.86 52.52 20.59
CA GLN M 510 -17.85 53.49 19.48
C GLN M 510 -18.68 52.97 18.31
N ARG M 511 -18.64 51.66 18.05
CA ARG M 511 -19.46 51.08 16.99
C ARG M 511 -20.95 51.35 17.22
N ALA M 512 -21.43 51.08 18.43
CA ALA M 512 -22.84 51.28 18.75
C ALA M 512 -23.22 52.76 18.64
N ILE M 513 -22.33 53.65 19.08
CA ILE M 513 -22.61 55.09 19.00
C ILE M 513 -22.77 55.51 17.56
N PHE M 514 -21.88 55.04 16.68
CA PHE M 514 -21.95 55.39 15.26
C PHE M 514 -23.26 54.92 14.64
N ASN M 515 -23.66 53.68 14.97
CA ASN M 515 -24.88 53.12 14.38
C ASN M 515 -26.13 53.84 14.86
N THR M 516 -26.07 54.55 15.98
CA THR M 516 -27.20 55.41 16.38
C THR M 516 -27.14 56.80 15.74
N GLY M 517 -25.94 57.35 15.60
CA GLY M 517 -25.81 58.67 14.98
C GLY M 517 -26.31 58.69 13.56
N VAL M 518 -26.03 57.64 12.78
CA VAL M 518 -26.51 57.60 11.40
C VAL M 518 -28.04 57.57 11.37
N ALA M 519 -28.66 56.83 12.29
CA ALA M 519 -30.12 56.78 12.33
C ALA M 519 -30.71 58.14 12.68
N ILE M 520 -30.08 58.86 13.61
CA ILE M 520 -30.59 60.18 13.97
C ILE M 520 -30.52 61.11 12.76
N LEU M 521 -29.39 61.13 12.06
CA LEU M 521 -29.25 62.10 10.98
C LEU M 521 -30.11 61.74 9.77
N GLU M 522 -30.14 60.47 9.37
CA GLU M 522 -30.84 60.10 8.15
C GLU M 522 -32.35 60.29 8.26
N LYS M 523 -32.93 59.96 9.42
CA LYS M 523 -34.34 60.21 9.65
C LYS M 523 -34.65 61.67 10.00
N LYS M 524 -33.62 62.50 10.20
CA LYS M 524 -33.78 63.94 10.45
C LYS M 524 -34.62 64.19 11.71
N LEU M 525 -34.25 63.51 12.79
CA LEU M 525 -34.93 63.68 14.06
C LEU M 525 -34.54 64.96 14.78
N ILE M 526 -33.48 65.65 14.35
CA ILE M 526 -33.11 66.92 14.97
C ILE M 526 -34.16 67.96 14.63
N LYS M 527 -34.77 68.55 15.66
CA LYS M 527 -35.79 69.59 15.51
C LYS M 527 -35.12 70.95 15.67
N HIS M 528 -35.27 71.81 14.66
CA HIS M 528 -34.57 73.08 14.60
C HIS M 528 -35.47 74.20 15.13
N LEU M 529 -35.52 74.31 16.46
CA LEU M 529 -36.18 75.44 17.08
C LEU M 529 -35.32 76.68 16.96
N ARG M 530 -35.94 77.85 17.17
CA ARG M 530 -35.27 79.11 16.88
C ARG M 530 -34.11 79.37 17.83
N ILE M 531 -34.28 79.04 19.11
CA ILE M 531 -33.29 79.39 20.13
C ILE M 531 -32.24 78.29 20.31
N TYR M 532 -32.62 77.04 20.13
CA TYR M 532 -31.70 75.91 20.37
C TYR M 532 -32.17 74.73 19.54
N ARG M 533 -31.32 73.71 19.47
CA ARG M 533 -31.61 72.48 18.75
C ARG M 533 -32.04 71.41 19.75
N LEU M 534 -33.13 70.71 19.43
CA LEU M 534 -33.71 69.68 20.29
C LEU M 534 -33.66 68.34 19.58
N CYS M 535 -33.33 67.29 20.34
CA CYS M 535 -33.33 65.92 19.85
C CYS M 535 -33.77 65.01 20.99
N VAL M 536 -34.69 64.09 20.69
CA VAL M 536 -35.20 63.14 21.67
C VAL M 536 -35.25 61.77 21.02
N LEU M 537 -34.71 60.77 21.72
CA LEU M 537 -34.70 59.39 21.26
C LEU M 537 -35.86 58.65 21.91
N GLN M 538 -36.91 58.37 21.13
CA GLN M 538 -38.05 57.62 21.62
C GLN M 538 -37.86 56.11 21.53
N ASP M 539 -36.96 55.64 20.65
CA ASP M 539 -36.73 54.22 20.47
C ASP M 539 -35.36 54.04 19.83
N GLY M 540 -34.83 52.83 19.94
CA GLY M 540 -33.53 52.53 19.38
C GLY M 540 -33.25 51.04 19.33
N PRO M 541 -32.09 50.67 18.78
CA PRO M 541 -31.73 49.24 18.77
C PRO M 541 -31.56 48.68 20.17
N ASP M 542 -30.80 49.37 21.02
CA ASP M 542 -30.81 49.11 22.46
C ASP M 542 -30.54 50.45 23.14
N LEU M 543 -31.59 51.07 23.65
CA LEU M 543 -31.50 52.38 24.27
C LEU M 543 -30.93 52.34 25.69
N ASP M 544 -30.67 51.15 26.24
CA ASP M 544 -30.15 51.05 27.60
C ASP M 544 -28.76 51.65 27.74
N LEU M 545 -27.96 51.62 26.65
CA LEU M 545 -26.58 52.10 26.74
C LEU M 545 -26.50 53.58 27.07
N TYR M 546 -27.53 54.35 26.74
CA TYR M 546 -27.55 55.79 27.00
C TYR M 546 -28.10 56.12 28.38
N ARG M 547 -28.43 55.12 29.20
CA ARG M 547 -28.83 55.38 30.57
C ARG M 547 -27.66 55.84 31.45
N ASN M 548 -26.43 55.48 31.08
CA ASN M 548 -25.26 55.99 31.79
C ASN M 548 -24.93 57.40 31.29
N PRO M 549 -24.54 58.35 32.16
CA PRO M 549 -24.22 59.70 31.65
C PRO M 549 -23.08 59.77 30.64
N LEU M 550 -22.01 59.00 30.85
CA LEU M 550 -20.82 59.13 30.00
C LEU M 550 -21.10 58.71 28.56
N THR M 551 -21.86 57.63 28.38
CA THR M 551 -22.24 57.19 27.03
C THR M 551 -23.09 58.26 26.33
N LEU M 552 -24.03 58.85 27.07
CA LEU M 552 -24.85 59.93 26.52
C LEU M 552 -23.98 61.10 26.09
N LEU M 553 -22.96 61.44 26.89
CA LEU M 553 -22.09 62.54 26.52
C LEU M 553 -21.24 62.20 25.30
N ARG M 554 -20.85 60.92 25.14
CA ARG M 554 -20.13 60.54 23.92
C ARG M 554 -21.01 60.75 22.68
N LEU M 555 -22.27 60.32 22.76
CA LEU M 555 -23.19 60.53 21.63
C LEU M 555 -23.38 62.01 21.34
N GLY M 556 -23.51 62.81 22.41
CA GLY M 556 -23.63 64.24 22.24
C GLY M 556 -22.41 64.86 21.58
N ASN M 557 -21.22 64.40 21.95
CA ASN M 557 -20.01 64.93 21.33
C ASN M 557 -19.93 64.58 19.85
N TRP M 558 -20.40 63.37 19.49
CA TRP M 558 -20.51 62.99 18.07
C TRP M 558 -21.40 63.98 17.32
N LEU M 559 -22.61 64.20 17.84
CA LEU M 559 -23.55 65.09 17.16
C LEU M 559 -23.06 66.52 17.14
N ILE M 560 -22.29 66.94 18.15
CA ILE M 560 -21.81 68.32 18.20
C ILE M 560 -20.77 68.55 17.13
N GLU M 561 -19.87 67.59 16.89
CA GLU M 561 -18.93 67.75 15.79
C GLU M 561 -19.65 67.83 14.45
N CYS M 562 -20.66 66.96 14.26
CA CYS M 562 -21.42 67.00 13.01
C CYS M 562 -22.10 68.37 12.81
N CYS M 563 -22.77 68.87 13.85
CA CYS M 563 -23.45 70.15 13.74
C CYS M 563 -22.48 71.30 13.58
N ALA M 564 -21.30 71.21 14.20
CA ALA M 564 -20.32 72.28 14.10
C ALA M 564 -19.82 72.43 12.67
N GLU M 565 -19.58 71.31 11.98
CA GLU M 565 -19.03 71.37 10.62
C GLU M 565 -20.07 71.38 9.51
N SER M 566 -21.35 71.07 9.82
CA SER M 566 -22.33 70.97 8.74
C SER M 566 -22.62 72.31 8.08
N GLU M 567 -22.66 73.40 8.87
CA GLU M 567 -22.91 74.74 8.35
C GLU M 567 -22.05 75.74 9.10
N ASP M 568 -21.72 76.83 8.40
CA ASP M 568 -20.94 77.91 9.02
C ASP M 568 -21.77 78.69 10.04
N LYS M 569 -23.09 78.70 9.90
CA LYS M 569 -23.96 79.58 10.66
C LYS M 569 -24.52 78.90 11.91
N GLN M 570 -24.97 79.75 12.85
CA GLN M 570 -25.86 79.37 13.95
C GLN M 570 -25.23 78.31 14.86
N LEU M 571 -24.16 78.73 15.55
CA LEU M 571 -23.70 78.01 16.73
C LEU M 571 -24.75 78.17 17.83
N LEU M 572 -25.43 77.09 18.19
CA LEU M 572 -26.56 77.08 19.11
C LEU M 572 -26.34 76.08 20.23
N PRO M 573 -26.98 76.27 21.39
CA PRO M 573 -27.01 75.18 22.37
C PRO M 573 -27.88 74.03 21.86
N MET M 574 -27.63 72.85 22.44
CA MET M 574 -28.35 71.63 22.07
C MET M 574 -28.82 70.90 23.31
N VAL M 575 -29.99 70.26 23.19
CA VAL M 575 -30.59 69.45 24.25
C VAL M 575 -30.84 68.06 23.69
N LEU M 576 -30.43 67.04 24.45
CA LEU M 576 -30.53 65.64 24.05
C LEU M 576 -31.18 64.85 25.18
N ALA M 577 -32.10 63.96 24.83
CA ALA M 577 -32.88 63.21 25.82
C ALA M 577 -33.09 61.78 25.35
N SER M 578 -33.31 60.88 26.32
CA SER M 578 -33.53 59.47 26.06
C SER M 578 -34.48 58.90 27.10
N ILE M 579 -35.46 58.11 26.64
CA ILE M 579 -36.46 57.53 27.52
C ILE M 579 -35.94 56.23 28.12
N ASP M 580 -36.47 55.88 29.28
CA ASP M 580 -36.26 54.58 29.91
C ASP M 580 -37.61 53.95 30.19
N GLU M 581 -37.78 52.69 29.78
CA GLU M 581 -39.08 52.03 29.91
C GLU M 581 -39.36 51.56 31.34
N ASN M 582 -38.34 51.41 32.18
CA ASN M 582 -38.55 50.91 33.53
C ASN M 582 -38.98 52.03 34.48
N THR M 583 -38.37 53.20 34.34
CA THR M 583 -38.71 54.36 35.16
C THR M 583 -39.79 55.24 34.53
N ASP M 584 -39.98 55.16 33.21
CA ASP M 584 -40.79 56.12 32.47
C ASP M 584 -40.31 57.54 32.74
N THR M 585 -38.98 57.72 32.72
CA THR M 585 -38.35 59.02 32.87
C THR M 585 -37.38 59.27 31.73
N TYR M 586 -37.29 60.53 31.30
CA TYR M 586 -36.32 60.96 30.32
C TYR M 586 -35.06 61.46 31.03
N LEU M 587 -33.90 61.01 30.55
CA LEU M 587 -32.60 61.51 31.02
C LEU M 587 -32.14 62.57 30.03
N VAL M 588 -32.01 63.82 30.52
CA VAL M 588 -31.82 64.99 29.68
C VAL M 588 -30.45 65.59 29.99
N ALA M 589 -29.80 66.12 28.94
CA ALA M 589 -28.49 66.76 29.07
C ALA M 589 -28.46 68.00 28.19
N GLY M 590 -27.89 69.08 28.73
CA GLY M 590 -27.72 70.34 28.02
C GLY M 590 -26.29 70.56 27.61
N LEU M 591 -26.06 70.76 26.32
CA LEU M 591 -24.73 70.77 25.72
C LEU M 591 -24.47 72.10 25.01
N THR M 592 -23.25 72.59 25.11
CA THR M 592 -22.83 73.83 24.47
C THR M 592 -22.39 73.55 23.03
N PRO M 593 -22.24 74.60 22.21
CA PRO M 593 -21.47 74.48 20.98
C PRO M 593 -19.99 74.61 21.28
N ARG M 594 -19.16 74.51 20.24
CA ARG M 594 -17.75 74.81 20.37
C ARG M 594 -17.17 75.11 19.00
N TYR M 595 -16.06 75.85 19.00
CA TYR M 595 -15.44 76.28 17.75
C TYR M 595 -14.58 75.15 17.16
N PRO M 596 -14.33 75.15 15.84
CA PRO M 596 -13.49 74.10 15.25
C PRO M 596 -12.08 74.05 15.83
N ARG M 597 -11.40 72.94 15.54
CA ARG M 597 -10.09 72.67 16.14
C ARG M 597 -9.04 73.67 15.71
N GLY M 598 -9.00 74.00 14.42
CA GLY M 598 -7.85 74.67 13.83
C GLY M 598 -7.82 76.18 13.94
N LEU M 599 -8.83 76.80 14.53
CA LEU M 599 -8.89 78.26 14.59
C LEU M 599 -8.00 78.81 15.70
N LYS M 605 -10.82 85.79 21.88
CA LYS M 605 -10.93 84.34 21.81
C LYS M 605 -11.18 83.74 23.19
N LYS M 606 -12.07 84.39 23.96
CA LYS M 606 -12.42 83.90 25.27
C LYS M 606 -13.26 82.62 25.13
N PRO M 607 -13.27 81.75 26.14
CA PRO M 607 -14.16 80.58 26.09
C PRO M 607 -15.58 80.94 26.42
N ILE M 608 -16.51 80.15 25.88
CA ILE M 608 -17.93 80.28 26.20
C ILE M 608 -18.23 79.50 27.47
N LEU M 609 -19.45 79.66 27.99
CA LEU M 609 -19.88 79.05 29.25
C LEU M 609 -21.25 78.42 29.07
N ASN M 610 -21.43 77.25 29.69
CA ASN M 610 -22.70 76.53 29.64
C ASN M 610 -23.70 77.18 30.60
N ASN M 611 -24.81 77.66 30.06
CA ASN M 611 -25.83 78.36 30.83
C ASN M 611 -27.04 77.51 31.19
N PHE M 612 -27.06 76.23 30.81
CA PHE M 612 -28.23 75.41 31.10
C PHE M 612 -28.44 75.16 32.59
N SER M 613 -27.39 75.33 33.41
CA SER M 613 -27.52 75.06 34.83
C SER M 613 -28.55 75.98 35.48
N MET M 614 -28.42 77.29 35.27
CA MET M 614 -29.34 78.23 35.89
C MET M 614 -30.75 78.08 35.32
N ALA M 615 -30.86 77.76 34.03
CA ALA M 615 -32.19 77.57 33.43
C ALA M 615 -32.90 76.37 34.03
N PHE M 616 -32.22 75.22 34.09
CA PHE M 616 -32.82 74.04 34.69
C PHE M 616 -33.14 74.27 36.16
N GLN M 617 -32.26 74.98 36.88
CA GLN M 617 -32.52 75.28 38.29
C GLN M 617 -33.77 76.14 38.46
N GLN M 618 -33.93 77.15 37.60
CA GLN M 618 -35.08 78.04 37.74
C GLN M 618 -36.38 77.33 37.40
N ILE M 619 -36.40 76.55 36.31
CA ILE M 619 -37.62 75.82 35.97
C ILE M 619 -37.92 74.78 37.04
N THR M 620 -36.88 74.16 37.60
CA THR M 620 -37.08 73.19 38.68
C THR M 620 -37.68 73.86 39.91
N ALA M 621 -37.21 75.06 40.24
CA ALA M 621 -37.79 75.80 41.36
C ALA M 621 -39.24 76.16 41.08
N GLU M 622 -39.57 76.48 39.83
CA GLU M 622 -40.92 76.90 39.50
C GLU M 622 -41.88 75.72 39.33
N THR M 623 -41.41 74.63 38.72
CA THR M 623 -42.30 73.75 38.00
C THR M 623 -43.10 72.81 38.90
N ASP M 624 -44.35 72.57 38.48
CA ASP M 624 -45.14 71.44 38.98
C ASP M 624 -44.46 70.10 38.75
N ALA M 625 -43.61 70.00 37.73
CA ALA M 625 -43.16 68.71 37.22
C ALA M 625 -42.37 67.92 38.26
N LYS M 626 -42.45 66.58 38.13
CA LYS M 626 -41.71 65.66 38.97
C LYS M 626 -40.33 65.45 38.35
N VAL M 627 -39.29 65.93 39.04
CA VAL M 627 -37.94 66.02 38.49
C VAL M 627 -36.94 65.65 39.57
N ARG M 628 -35.70 65.40 39.14
CA ARG M 628 -34.58 65.08 40.01
C ARG M 628 -33.37 65.88 39.60
N ILE M 629 -32.68 66.46 40.58
CA ILE M 629 -31.36 67.07 40.38
C ILE M 629 -30.48 66.67 41.56
N ASP M 630 -29.57 65.71 41.32
CA ASP M 630 -28.58 65.33 42.32
C ASP M 630 -27.19 65.08 41.75
N ASN M 631 -27.00 65.16 40.43
CA ASN M 631 -25.70 64.87 39.84
C ASN M 631 -24.75 66.03 40.03
N PHE M 632 -23.45 65.72 40.13
CA PHE M 632 -22.45 66.75 40.33
C PHE M 632 -22.41 67.73 39.16
N GLU M 633 -22.47 67.22 37.94
CA GLU M 633 -22.63 68.08 36.77
C GLU M 633 -24.10 68.45 36.66
N SER M 634 -24.42 69.70 37.01
CA SER M 634 -25.81 70.17 37.05
C SER M 634 -26.46 70.27 35.68
N SER M 635 -25.70 70.14 34.60
CA SER M 635 -26.27 70.21 33.25
C SER M 635 -27.07 68.98 32.86
N ILE M 636 -27.16 67.96 33.72
CA ILE M 636 -27.87 66.71 33.43
C ILE M 636 -29.00 66.58 34.46
N ILE M 637 -30.22 66.32 33.99
CA ILE M 637 -31.39 66.21 34.83
C ILE M 637 -32.22 65.01 34.38
N GLU M 638 -33.27 64.73 35.15
CA GLU M 638 -34.19 63.63 34.87
C GLU M 638 -35.62 64.11 35.13
N ILE M 639 -36.57 63.55 34.36
CA ILE M 639 -37.95 64.00 34.41
C ILE M 639 -38.84 62.88 33.91
N ARG M 640 -40.05 62.79 34.45
CA ARG M 640 -40.98 61.72 34.10
C ARG M 640 -41.52 61.92 32.68
N ARG M 641 -42.17 60.88 32.18
CA ARG M 641 -42.60 60.82 30.78
C ARG M 641 -43.56 61.95 30.43
N GLU M 642 -44.63 62.09 31.20
CA GLU M 642 -45.67 63.05 30.85
C GLU M 642 -45.23 64.50 31.04
N ASP M 643 -44.21 64.73 31.87
CA ASP M 643 -43.81 66.08 32.24
C ASP M 643 -42.70 66.66 31.37
N LEU M 644 -42.21 65.93 30.36
CA LEU M 644 -41.17 66.47 29.51
C LEU M 644 -41.67 67.67 28.71
N SER M 645 -42.82 67.52 28.05
CA SER M 645 -43.31 68.60 27.20
C SER M 645 -43.64 69.87 27.96
N PRO M 646 -44.35 69.86 29.10
CA PRO M 646 -44.52 71.13 29.84
C PRO M 646 -43.21 71.72 30.34
N PHE M 647 -42.27 70.88 30.76
CA PHE M 647 -40.97 71.38 31.21
C PHE M 647 -40.25 72.10 30.08
N LEU M 648 -40.19 71.47 28.90
CA LEU M 648 -39.53 72.10 27.77
C LEU M 648 -40.29 73.32 27.28
N GLU M 649 -41.62 73.32 27.38
CA GLU M 649 -42.40 74.50 27.02
C GLU M 649 -42.04 75.68 27.92
N LYS M 650 -42.01 75.45 29.24
CA LYS M 650 -41.62 76.51 30.15
C LYS M 650 -40.16 76.91 29.95
N LEU M 651 -39.31 75.96 29.54
CA LEU M 651 -37.91 76.27 29.29
C LEU M 651 -37.75 77.20 28.09
N THR M 652 -38.37 76.86 26.96
CA THR M 652 -38.24 77.70 25.78
C THR M 652 -38.96 79.03 25.95
N LEU M 653 -40.05 79.06 26.74
CA LEU M 653 -40.67 80.33 27.06
C LEU M 653 -39.75 81.22 27.89
N SER M 654 -38.86 80.62 28.68
CA SER M 654 -37.96 81.40 29.52
C SER M 654 -36.92 82.13 28.68
N GLY M 655 -36.49 83.29 29.17
CA GLY M 655 -35.42 84.05 28.58
C GLY M 655 -34.02 83.65 28.99
N LEU M 656 -33.88 82.62 29.83
CA LEU M 656 -32.58 82.25 30.36
C LEU M 656 -31.72 81.48 29.36
N LEU M 657 -32.30 80.95 28.29
CA LEU M 657 -31.54 80.20 27.30
C LEU M 657 -30.67 81.14 26.49
N LYS N 323 10.14 45.02 -100.61
CA LYS N 323 10.92 45.07 -99.34
C LYS N 323 10.42 46.19 -98.44
N LYS N 324 10.38 45.92 -97.14
CA LYS N 324 9.88 46.91 -96.18
C LYS N 324 10.98 47.91 -95.86
N PHE N 325 10.59 49.06 -95.28
CA PHE N 325 11.55 50.04 -94.79
C PHE N 325 11.25 50.62 -93.40
N PHE N 326 9.98 50.74 -93.00
CA PHE N 326 9.55 51.20 -91.67
C PHE N 326 10.27 52.50 -91.25
N SER N 327 10.01 53.57 -91.99
CA SER N 327 10.78 54.79 -91.79
C SER N 327 10.36 55.56 -90.53
N LYS N 328 11.27 56.43 -90.10
CA LYS N 328 11.12 57.24 -88.88
C LYS N 328 9.86 58.11 -88.92
N GLU N 329 9.70 58.88 -90.01
CA GLU N 329 8.67 59.91 -90.07
C GLU N 329 7.27 59.32 -89.98
N SER N 330 7.07 58.14 -90.58
CA SER N 330 5.79 57.46 -90.46
C SER N 330 5.49 57.09 -89.02
N PHE N 331 6.50 56.58 -88.29
CA PHE N 331 6.27 56.15 -86.93
C PHE N 331 5.95 57.33 -86.01
N LEU N 332 6.67 58.45 -86.18
CA LEU N 332 6.36 59.64 -85.39
C LEU N 332 4.93 60.09 -85.64
N ALA N 333 4.49 60.08 -86.89
CA ALA N 333 3.11 60.48 -87.18
C ALA N 333 2.10 59.51 -86.58
N ASP N 334 2.34 58.20 -86.72
CA ASP N 334 1.34 57.21 -86.34
C ASP N 334 1.31 56.90 -84.85
N PHE N 335 2.33 57.30 -84.09
CA PHE N 335 2.40 56.94 -82.68
C PHE N 335 1.23 57.52 -81.89
N ASP N 336 0.90 58.80 -82.12
CA ASP N 336 -0.11 59.49 -81.32
C ASP N 336 -1.52 59.29 -81.85
N ASP N 337 -1.71 59.31 -83.17
CA ASP N 337 -3.06 59.30 -83.74
C ASP N 337 -3.78 57.97 -83.59
N SER N 338 -3.09 56.90 -83.21
CA SER N 338 -3.72 55.59 -83.14
C SER N 338 -4.78 55.56 -82.04
N SER N 339 -5.84 54.80 -82.30
CA SER N 339 -6.94 54.64 -81.35
C SER N 339 -7.65 53.32 -81.56
N ASP N 468 -22.29 42.22 -41.47
CA ASP N 468 -21.56 42.06 -42.72
C ASP N 468 -20.41 43.07 -42.78
N HIS N 469 -19.18 42.56 -42.82
CA HIS N 469 -18.01 43.44 -42.85
C HIS N 469 -17.89 44.20 -44.16
N ASN N 470 -18.57 43.75 -45.22
CA ASN N 470 -18.58 44.53 -46.46
C ASN N 470 -19.21 45.90 -46.25
N VAL N 471 -20.26 45.98 -45.44
CA VAL N 471 -20.87 47.27 -45.11
C VAL N 471 -19.95 48.07 -44.20
N LEU N 472 -19.39 47.40 -43.17
CA LEU N 472 -18.65 48.11 -42.14
C LEU N 472 -17.33 48.67 -42.67
N LEU N 473 -16.70 47.95 -43.60
CA LEU N 473 -15.46 48.44 -44.19
C LEU N 473 -15.68 49.75 -44.95
N ASN N 474 -16.72 49.77 -45.80
CA ASN N 474 -17.06 51.00 -46.53
C ASN N 474 -17.42 52.12 -45.56
N THR N 475 -18.20 51.80 -44.52
CA THR N 475 -18.58 52.78 -43.52
C THR N 475 -17.36 53.41 -42.86
N LEU N 476 -16.45 52.56 -42.37
CA LEU N 476 -15.29 53.06 -41.64
C LEU N 476 -14.32 53.79 -42.57
N ARG N 477 -14.15 53.31 -43.80
CA ARG N 477 -13.28 54.01 -44.74
C ARG N 477 -13.81 55.41 -45.06
N LYS N 478 -15.12 55.51 -45.34
CA LYS N 478 -15.71 56.81 -45.62
C LYS N 478 -15.65 57.73 -44.40
N ALA N 479 -15.90 57.19 -43.21
CA ALA N 479 -15.80 57.99 -42.00
C ALA N 479 -14.37 58.48 -41.77
N SER N 480 -13.39 57.61 -41.99
CA SER N 480 -11.99 58.00 -41.83
C SER N 480 -11.60 59.10 -42.81
N ARG N 481 -12.08 59.00 -44.05
CA ARG N 481 -11.80 60.07 -45.00
C ARG N 481 -12.50 61.37 -44.59
N LYS N 482 -13.71 61.26 -44.04
CA LYS N 482 -14.52 62.43 -43.73
C LYS N 482 -14.02 63.13 -42.46
N GLN N 483 -13.68 62.36 -41.43
CA GLN N 483 -13.26 62.91 -40.15
C GLN N 483 -11.97 63.73 -40.28
N ASN N 842 -4.10 72.71 -22.42
CA ASN N 842 -4.91 72.30 -23.56
C ASN N 842 -6.40 72.42 -23.23
N PRO N 843 -7.22 73.14 -24.06
CA PRO N 843 -8.62 73.33 -23.69
C PRO N 843 -9.50 72.12 -23.96
N LYS N 844 -9.18 71.35 -25.01
CA LYS N 844 -10.04 70.25 -25.41
C LYS N 844 -10.12 69.17 -24.33
N SER N 845 -9.00 68.86 -23.69
CA SER N 845 -8.97 67.87 -22.62
C SER N 845 -9.41 68.43 -21.27
N SER N 846 -9.97 69.64 -21.23
CA SER N 846 -10.30 70.28 -19.96
C SER N 846 -11.37 69.50 -19.18
N ALA N 847 -12.27 68.82 -19.87
CA ALA N 847 -13.32 68.08 -19.18
C ALA N 847 -12.76 66.96 -18.32
N PHE N 848 -11.74 66.27 -18.82
CA PHE N 848 -11.07 65.21 -18.06
C PHE N 848 -10.50 65.75 -16.75
N PHE N 849 -9.71 66.83 -16.83
CA PHE N 849 -9.13 67.41 -15.62
C PHE N 849 -10.20 67.99 -14.71
N GLU N 850 -11.30 68.50 -15.27
CA GLU N 850 -12.42 68.96 -14.47
C GLU N 850 -13.01 67.81 -13.66
N SER N 851 -13.20 66.66 -14.30
CA SER N 851 -13.68 65.48 -13.57
C SER N 851 -12.68 65.08 -12.49
N MET N 852 -11.38 65.21 -12.77
CA MET N 852 -10.38 64.99 -11.75
C MET N 852 -10.49 66.01 -10.63
N VAL N 853 -10.64 67.29 -10.98
CA VAL N 853 -10.60 68.35 -9.98
C VAL N 853 -11.87 68.36 -9.13
N GLU N 854 -12.98 67.82 -9.64
CA GLU N 854 -14.23 67.80 -8.86
C GLU N 854 -14.09 67.02 -7.56
N ASP N 855 -13.18 66.04 -7.52
CA ASP N 855 -12.87 65.38 -6.25
C ASP N 855 -12.33 66.37 -5.23
N ILE N 856 -11.55 67.35 -5.69
CA ILE N 856 -11.04 68.37 -4.78
C ILE N 856 -12.18 69.28 -4.33
N ILE N 857 -13.10 69.62 -5.23
CA ILE N 857 -14.10 70.63 -4.95
C ILE N 857 -15.21 70.07 -4.06
N GLU N 858 -15.82 68.97 -4.48
CA GLU N 858 -17.05 68.46 -3.86
C GLU N 858 -16.91 68.16 -2.38
N SER Q 47 103.32 -32.37 -1.73
CA SER Q 47 103.32 -32.37 -0.25
C SER Q 47 104.33 -31.36 0.31
N SER Q 48 105.50 -31.28 -0.32
CA SER Q 48 106.52 -30.34 0.11
C SER Q 48 106.05 -28.90 -0.08
N ASP Q 49 105.33 -28.63 -1.16
CA ASP Q 49 104.82 -27.28 -1.40
C ASP Q 49 103.84 -26.87 -0.30
N MET Q 50 102.98 -27.79 0.13
CA MET Q 50 102.05 -27.48 1.21
C MET Q 50 102.77 -27.24 2.52
N GLU Q 51 103.83 -28.03 2.80
CA GLU Q 51 104.63 -27.81 3.99
C GLU Q 51 105.26 -26.43 3.97
N TYR Q 52 105.82 -26.04 2.82
CA TYR Q 52 106.39 -24.70 2.67
C TYR Q 52 105.32 -23.63 2.85
N TYR Q 53 104.12 -23.88 2.33
CA TYR Q 53 103.03 -22.90 2.44
C TYR Q 53 102.63 -22.68 3.89
N TYR Q 54 102.45 -23.76 4.65
CA TYR Q 54 102.08 -23.60 6.05
C TYR Q 54 103.21 -22.99 6.85
N LYS Q 55 104.46 -23.32 6.53
CA LYS Q 55 105.59 -22.82 7.30
C LYS Q 55 105.99 -21.39 6.94
N SER Q 56 105.55 -20.87 5.80
CA SER Q 56 106.01 -19.59 5.28
C SER Q 56 104.91 -18.57 5.01
N LEU Q 57 103.69 -19.01 4.66
CA LEU Q 57 102.72 -18.14 4.00
C LEU Q 57 101.35 -18.08 4.69
N TYR Q 58 100.90 -19.16 5.31
CA TYR Q 58 99.54 -19.17 5.83
C TYR Q 58 99.42 -18.18 7.01
N PRO Q 59 98.34 -17.35 7.07
CA PRO Q 59 98.21 -16.42 8.21
C PRO Q 59 97.54 -17.06 9.43
N PHE Q 60 98.33 -17.81 10.21
CA PHE Q 60 97.78 -18.50 11.36
C PHE Q 60 97.35 -17.54 12.46
N LYS Q 61 98.07 -16.42 12.63
CA LYS Q 61 97.75 -15.50 13.72
C LYS Q 61 96.40 -14.83 13.49
N HIS Q 62 96.16 -14.33 12.28
CA HIS Q 62 94.90 -13.65 12.00
C HIS Q 62 93.73 -14.62 12.03
N ILE Q 63 93.92 -15.83 11.52
CA ILE Q 63 92.86 -16.84 11.58
C ILE Q 63 92.57 -17.22 13.02
N PHE Q 64 93.61 -17.33 13.85
CA PHE Q 64 93.41 -17.62 15.26
C PHE Q 64 92.64 -16.51 15.94
N ASN Q 65 92.96 -15.25 15.63
CA ASN Q 65 92.22 -14.14 16.23
C ASN Q 65 90.77 -14.12 15.76
N TRP Q 66 90.54 -14.46 14.49
CA TRP Q 66 89.17 -14.51 13.98
C TRP Q 66 88.36 -15.60 14.68
N LEU Q 67 88.89 -16.82 14.72
CA LEU Q 67 88.13 -17.94 15.26
C LEU Q 67 88.05 -17.93 16.78
N ASN Q 68 89.06 -17.38 17.45
CA ASN Q 68 89.07 -17.29 18.90
C ASN Q 68 88.32 -16.09 19.44
N HIS Q 69 88.18 -15.03 18.62
CA HIS Q 69 87.53 -13.78 19.04
C HIS Q 69 88.25 -13.13 20.22
N SER Q 70 89.56 -13.34 20.33
CA SER Q 70 90.33 -12.80 21.44
C SER Q 70 91.83 -12.98 21.16
N PRO Q 71 92.70 -12.01 21.47
CA PRO Q 71 94.14 -12.30 21.36
C PRO Q 71 94.61 -13.41 22.26
N LYS Q 72 94.03 -13.51 23.50
CA LYS Q 72 94.37 -14.57 24.43
C LYS Q 72 93.49 -15.80 24.18
N PRO Q 73 93.93 -17.01 24.54
CA PRO Q 73 93.10 -18.20 24.23
C PRO Q 73 91.78 -18.20 24.99
N SER Q 74 90.82 -18.93 24.41
CA SER Q 74 89.48 -19.06 24.97
C SER Q 74 88.88 -20.36 24.47
N ARG Q 75 87.66 -20.65 24.91
CA ARG Q 75 86.94 -21.85 24.44
C ARG Q 75 86.61 -21.76 22.95
N ASP Q 76 86.54 -20.55 22.38
CA ASP Q 76 86.19 -20.39 20.98
C ASP Q 76 87.22 -20.99 20.04
N MET Q 77 88.45 -21.24 20.52
CA MET Q 77 89.48 -21.98 19.80
C MET Q 77 89.78 -23.34 20.42
N ILE Q 78 89.73 -23.45 21.75
CA ILE Q 78 90.05 -24.71 22.40
C ILE Q 78 89.02 -25.77 22.07
N ASN Q 79 87.74 -25.37 22.02
CA ASN Q 79 86.63 -26.28 21.78
C ASN Q 79 86.14 -26.27 20.34
N ARG Q 80 86.83 -25.56 19.43
CA ARG Q 80 86.42 -25.52 18.03
C ARG Q 80 86.93 -26.74 17.30
N GLU Q 81 86.05 -27.40 16.56
CA GLU Q 81 86.44 -28.54 15.76
C GLU Q 81 87.13 -28.07 14.49
N PHE Q 82 88.22 -28.77 14.14
CA PHE Q 82 88.90 -28.62 12.87
C PHE Q 82 89.06 -30.00 12.25
N ALA Q 83 88.96 -30.06 10.93
CA ALA Q 83 89.12 -31.28 10.17
C ALA Q 83 90.19 -31.08 9.11
N MET Q 84 90.93 -32.15 8.81
CA MET Q 84 92.06 -32.13 7.89
C MET Q 84 91.89 -33.19 6.81
N ALA Q 85 92.17 -32.80 5.57
CA ALA Q 85 92.10 -33.68 4.41
C ALA Q 85 93.49 -33.87 3.82
N PHE Q 86 93.82 -35.10 3.44
CA PHE Q 86 95.17 -35.49 3.08
C PHE Q 86 95.21 -36.10 1.69
N ARG Q 87 96.40 -36.05 1.08
CA ARG Q 87 96.58 -36.56 -0.27
C ARG Q 87 96.42 -38.07 -0.36
N SER Q 88 96.51 -38.79 0.77
CA SER Q 88 96.25 -40.22 0.79
C SER Q 88 94.76 -40.55 0.64
N GLY Q 89 93.87 -39.57 0.69
CA GLY Q 89 92.45 -39.79 0.74
C GLY Q 89 91.86 -39.83 2.14
N ALA Q 90 92.69 -39.72 3.18
CA ALA Q 90 92.21 -39.76 4.55
C ALA Q 90 91.56 -38.44 4.94
N TYR Q 91 90.66 -38.52 5.91
CA TYR Q 91 89.96 -37.35 6.44
C TYR Q 91 89.73 -37.56 7.93
N LYS Q 92 90.20 -36.62 8.74
CA LYS Q 92 90.21 -36.73 10.20
C LYS Q 92 89.40 -35.60 10.78
N ARG Q 93 88.39 -35.93 11.57
CA ARG Q 93 87.53 -34.96 12.24
C ARG Q 93 87.97 -34.74 13.69
N TYR Q 94 87.38 -33.74 14.33
CA TYR Q 94 87.44 -33.53 15.78
C TYR Q 94 88.83 -33.15 16.27
N ASN Q 95 89.55 -32.35 15.47
CA ASN Q 95 90.76 -31.70 15.93
C ASN Q 95 90.43 -30.35 16.54
N SER Q 96 91.19 -29.99 17.59
CA SER Q 96 91.05 -28.67 18.20
C SER Q 96 92.39 -28.29 18.81
N PHE Q 97 92.58 -26.98 18.98
CA PHE Q 97 93.88 -26.40 19.24
C PHE Q 97 93.83 -25.45 20.43
N ASN Q 98 94.87 -25.52 21.27
CA ASN Q 98 94.89 -24.76 22.52
C ASN Q 98 95.34 -23.32 22.31
N SER Q 99 96.13 -23.04 21.26
CA SER Q 99 96.72 -21.72 21.09
C SER Q 99 97.10 -21.57 19.62
N VAL Q 100 97.55 -20.35 19.28
CA VAL Q 100 98.02 -20.10 17.92
C VAL Q 100 99.27 -20.92 17.64
N GLN Q 101 100.14 -21.08 18.64
CA GLN Q 101 101.32 -21.91 18.46
C GLN Q 101 100.94 -23.36 18.24
N ASP Q 102 100.00 -23.87 19.05
CA ASP Q 102 99.54 -25.25 18.87
C ASP Q 102 98.83 -25.43 17.53
N PHE Q 103 97.98 -24.46 17.15
CA PHE Q 103 97.29 -24.50 15.86
C PHE Q 103 98.28 -24.57 14.71
N LYS Q 104 99.24 -23.64 14.69
CA LYS Q 104 100.23 -23.60 13.63
C LYS Q 104 101.09 -24.86 13.62
N ALA Q 105 101.52 -25.31 14.79
CA ALA Q 105 102.39 -26.49 14.87
C ALA Q 105 101.67 -27.75 14.40
N GLN Q 106 100.40 -27.92 14.79
CA GLN Q 106 99.69 -29.13 14.40
C GLN Q 106 99.37 -29.13 12.91
N ILE Q 107 98.98 -27.98 12.35
CA ILE Q 107 98.72 -27.94 10.91
C ILE Q 107 100.01 -28.15 10.12
N GLU Q 108 101.13 -27.60 10.61
CA GLU Q 108 102.41 -27.85 9.95
C GLU Q 108 102.82 -29.31 10.04
N LYS Q 109 102.66 -29.92 11.22
CA LYS Q 109 103.08 -31.31 11.41
C LYS Q 109 102.24 -32.26 10.58
N ALA Q 110 100.92 -32.08 10.58
CA ALA Q 110 100.08 -32.94 9.75
C ALA Q 110 100.31 -32.69 8.27
N ASN Q 111 100.44 -31.43 7.88
CA ASN Q 111 100.63 -31.02 6.50
C ASN Q 111 99.51 -31.56 5.58
N PRO Q 112 98.27 -31.12 5.77
CA PRO Q 112 97.18 -31.57 4.90
C PRO Q 112 97.13 -30.76 3.61
N ASP Q 113 96.36 -31.28 2.65
CA ASP Q 113 96.02 -30.50 1.47
C ASP Q 113 95.18 -29.28 1.85
N ARG Q 114 94.24 -29.47 2.76
CA ARG Q 114 93.40 -28.39 3.27
C ARG Q 114 92.94 -28.77 4.66
N PHE Q 115 92.43 -27.79 5.41
CA PHE Q 115 91.73 -28.07 6.65
C PHE Q 115 90.46 -27.23 6.70
N GLU Q 116 89.49 -27.75 7.46
CA GLU Q 116 88.12 -27.24 7.48
C GLU Q 116 87.72 -26.85 8.89
N ILE Q 117 86.82 -25.87 8.99
CA ILE Q 117 86.45 -25.23 10.26
C ILE Q 117 85.04 -25.68 10.63
N GLY Q 118 84.86 -26.05 11.90
CA GLY Q 118 83.58 -26.50 12.42
C GLY Q 118 83.08 -25.68 13.59
N ALA Q 119 82.19 -26.26 14.40
CA ALA Q 119 81.51 -25.54 15.46
C ALA Q 119 82.34 -25.49 16.73
N ILE Q 120 82.02 -24.52 17.59
CA ILE Q 120 82.55 -24.46 18.95
C ILE Q 120 81.72 -25.40 19.80
N TYR Q 121 82.40 -26.22 20.61
CA TYR Q 121 81.77 -27.28 21.38
C TYR Q 121 81.80 -26.97 22.87
N ASN Q 122 81.02 -27.74 23.63
CA ASN Q 122 80.99 -27.59 25.07
C ASN Q 122 82.29 -28.07 25.72
N LYS Q 123 82.96 -29.04 25.11
CA LYS Q 123 84.20 -29.62 25.60
C LYS Q 123 85.16 -29.75 24.42
N PRO Q 124 86.46 -29.92 24.66
CA PRO Q 124 87.43 -29.99 23.56
C PRO Q 124 87.15 -31.16 22.62
N PRO Q 125 86.98 -30.94 21.31
CA PRO Q 125 86.85 -32.08 20.40
C PRO Q 125 88.04 -33.04 20.41
N ARG Q 126 89.25 -32.56 20.69
CA ARG Q 126 90.40 -33.45 20.74
C ARG Q 126 90.32 -34.46 21.88
N GLU Q 127 89.51 -34.19 22.91
CA GLU Q 127 89.28 -35.10 24.02
C GLU Q 127 88.02 -35.94 23.83
N ARG Q 128 87.63 -36.21 22.58
CA ARG Q 128 86.41 -36.99 22.36
C ARG Q 128 86.55 -38.42 22.84
N ASP Q 129 87.78 -38.95 22.89
CA ASP Q 129 87.98 -40.30 23.40
C ASP Q 129 87.62 -40.44 24.87
N THR Q 130 87.60 -39.34 25.63
CA THR Q 130 87.19 -39.34 27.02
C THR Q 130 85.68 -39.18 27.20
N LEU Q 131 84.90 -39.08 26.12
CA LEU Q 131 83.51 -38.71 26.16
C LEU Q 131 82.67 -39.73 25.39
N LEU Q 132 81.42 -39.89 25.82
CA LEU Q 132 80.42 -40.53 24.98
C LEU Q 132 80.03 -39.58 23.86
N LYS Q 133 79.48 -40.16 22.79
CA LYS Q 133 79.12 -39.35 21.61
C LYS Q 133 78.03 -38.34 21.94
N SER Q 134 77.15 -38.65 22.89
CA SER Q 134 76.09 -37.73 23.28
C SER Q 134 76.56 -36.61 24.21
N GLU Q 135 77.78 -36.70 24.74
CA GLU Q 135 78.28 -35.71 25.69
C GLU Q 135 79.00 -34.54 25.04
N LEU Q 136 79.43 -34.69 23.79
CA LEU Q 136 80.10 -33.63 23.03
C LEU Q 136 79.05 -32.91 22.19
N LYS Q 137 78.81 -31.62 22.51
CA LYS Q 137 77.71 -30.85 21.95
C LYS Q 137 78.21 -29.50 21.46
N ALA Q 138 77.59 -29.01 20.40
CA ALA Q 138 77.96 -27.73 19.81
C ALA Q 138 77.30 -26.58 20.55
N LEU Q 139 77.97 -25.41 20.54
CA LEU Q 139 77.47 -24.18 21.13
C LEU Q 139 77.35 -23.03 20.13
N GLU Q 140 78.32 -22.87 19.24
CA GLU Q 140 78.33 -21.78 18.29
C GLU Q 140 79.04 -22.20 17.01
N LYS Q 141 78.63 -21.59 15.90
CA LYS Q 141 79.45 -21.55 14.70
C LYS Q 141 79.01 -20.35 13.87
N GLU Q 142 79.98 -19.77 13.16
CA GLU Q 142 79.72 -18.67 12.25
C GLU Q 142 78.69 -19.06 11.20
N LEU Q 143 77.70 -18.20 10.99
CA LEU Q 143 76.70 -18.42 9.95
C LEU Q 143 77.38 -18.27 8.59
N VAL Q 144 77.39 -19.36 7.81
CA VAL Q 144 78.13 -19.43 6.56
C VAL Q 144 77.17 -19.66 5.41
N PHE Q 145 77.40 -18.94 4.32
CA PHE Q 145 76.68 -19.10 3.06
C PHE Q 145 77.68 -19.47 1.98
N ASP Q 146 77.22 -20.32 1.04
CA ASP Q 146 78.06 -20.83 -0.05
C ASP Q 146 77.33 -20.60 -1.37
N ILE Q 147 78.04 -19.99 -2.31
CA ILE Q 147 77.54 -19.74 -3.67
C ILE Q 147 78.51 -20.43 -4.64
N ASP Q 148 77.94 -21.10 -5.64
CA ASP Q 148 78.70 -21.79 -6.67
C ASP Q 148 78.31 -21.27 -8.05
N MET Q 149 79.31 -21.13 -8.91
CA MET Q 149 79.07 -20.69 -10.28
C MET Q 149 78.26 -21.71 -11.08
N ASP Q 150 78.38 -22.99 -10.74
CA ASP Q 150 77.73 -24.04 -11.52
C ASP Q 150 76.21 -23.95 -11.46
N ASP Q 151 75.65 -23.32 -10.43
CA ASP Q 151 74.20 -23.16 -10.32
C ASP Q 151 73.61 -22.21 -11.36
N TYR Q 152 74.45 -21.40 -12.01
CA TYR Q 152 73.99 -20.45 -13.03
C TYR Q 152 74.15 -20.97 -14.45
N ASP Q 153 74.45 -22.25 -14.64
CA ASP Q 153 74.60 -22.81 -15.97
C ASP Q 153 73.27 -22.91 -16.72
N ALA Q 154 72.13 -22.72 -16.05
CA ALA Q 154 70.86 -22.61 -16.75
C ALA Q 154 70.83 -21.40 -17.67
N PHE Q 155 71.64 -20.36 -17.39
CA PHE Q 155 71.68 -19.15 -18.19
C PHE Q 155 73.08 -18.69 -18.56
N ARG Q 156 74.14 -19.26 -17.98
CA ARG Q 156 75.50 -18.94 -18.39
C ARG Q 156 75.82 -19.61 -19.72
N THR Q 157 76.63 -18.92 -20.55
CA THR Q 157 77.03 -19.37 -21.87
C THR Q 157 78.54 -19.36 -22.08
N CYS Q 158 79.25 -18.35 -21.56
CA CYS Q 158 80.67 -18.22 -21.84
C CYS Q 158 81.48 -19.37 -21.23
N CYS Q 159 81.00 -19.94 -20.13
CA CYS Q 159 81.65 -21.09 -19.50
C CYS Q 159 80.57 -22.01 -18.94
N SER Q 160 80.96 -23.25 -18.67
CA SER Q 160 80.08 -24.25 -18.10
C SER Q 160 80.86 -25.10 -17.12
N GLY Q 161 80.15 -25.66 -16.14
CA GLY Q 161 80.82 -26.47 -15.15
C GLY Q 161 81.70 -25.65 -14.21
N ALA Q 162 82.78 -26.28 -13.75
CA ALA Q 162 83.68 -25.64 -12.80
C ALA Q 162 84.58 -24.57 -13.43
N GLN Q 163 84.56 -24.43 -14.75
CA GLN Q 163 85.33 -23.36 -15.39
C GLN Q 163 84.68 -22.02 -15.11
N VAL Q 164 85.51 -20.97 -15.10
CA VAL Q 164 85.08 -19.62 -14.72
C VAL Q 164 85.83 -18.60 -15.56
N CYS Q 165 85.31 -17.37 -15.55
CA CYS Q 165 85.97 -16.23 -16.17
C CYS Q 165 85.29 -14.97 -15.65
N SER Q 166 85.90 -13.82 -15.93
CA SER Q 166 85.39 -12.57 -15.41
C SER Q 166 84.02 -12.20 -15.99
N LYS Q 167 83.67 -12.74 -17.16
CA LYS Q 167 82.39 -12.41 -17.77
C LYS Q 167 81.22 -12.93 -16.93
N CYS Q 168 81.32 -14.17 -16.44
CA CYS Q 168 80.23 -14.78 -15.68
C CYS Q 168 80.30 -14.48 -14.19
N TRP Q 169 81.45 -14.06 -13.66
CA TRP Q 169 81.54 -13.79 -12.24
C TRP Q 169 80.69 -12.60 -11.79
N LYS Q 170 80.16 -11.81 -12.73
CA LYS Q 170 79.18 -10.79 -12.40
C LYS Q 170 77.94 -11.39 -11.73
N PHE Q 171 77.63 -12.65 -12.04
CA PHE Q 171 76.63 -13.39 -11.27
C PHE Q 171 77.01 -13.41 -9.79
N ILE Q 172 78.25 -13.80 -9.49
CA ILE Q 172 78.67 -13.92 -8.10
C ILE Q 172 78.77 -12.54 -7.46
N SER Q 173 79.21 -11.53 -8.23
CA SER Q 173 79.31 -10.19 -7.69
C SER Q 173 77.94 -9.64 -7.31
N LEU Q 174 76.95 -9.80 -8.19
CA LEU Q 174 75.60 -9.35 -7.85
C LEU Q 174 75.01 -10.16 -6.71
N ALA Q 175 75.30 -11.47 -6.66
CA ALA Q 175 74.81 -12.28 -5.56
C ALA Q 175 75.41 -11.81 -4.24
N MET Q 176 76.70 -11.49 -4.24
CA MET Q 176 77.34 -10.95 -3.04
C MET Q 176 76.74 -9.61 -2.66
N LYS Q 177 76.42 -8.77 -3.65
CA LYS Q 177 75.84 -7.46 -3.35
C LYS Q 177 74.46 -7.60 -2.70
N ILE Q 178 73.61 -8.45 -3.27
CA ILE Q 178 72.27 -8.65 -2.71
C ILE Q 178 72.37 -9.28 -1.32
N THR Q 179 73.27 -10.26 -1.16
CA THR Q 179 73.44 -10.90 0.14
C THR Q 179 73.94 -9.91 1.18
N ASN Q 180 74.90 -9.05 0.82
CA ASN Q 180 75.41 -8.07 1.76
C ASN Q 180 74.32 -7.06 2.14
N THR Q 181 73.51 -6.66 1.17
CA THR Q 181 72.39 -5.77 1.47
C THR Q 181 71.43 -6.43 2.45
N ALA Q 182 71.15 -7.72 2.26
CA ALA Q 182 70.28 -8.43 3.19
C ALA Q 182 70.91 -8.53 4.58
N LEU Q 183 72.20 -8.88 4.64
CA LEU Q 183 72.85 -9.08 5.94
C LEU Q 183 72.94 -7.77 6.72
N ARG Q 184 73.16 -6.65 6.03
CA ARG Q 184 73.32 -5.36 6.72
C ARG Q 184 71.98 -4.72 7.03
N GLU Q 185 71.07 -4.65 6.05
CA GLU Q 185 69.83 -3.91 6.24
C GLU Q 185 68.78 -4.73 6.99
N ASP Q 186 68.64 -6.02 6.67
CA ASP Q 186 67.60 -6.83 7.30
C ASP Q 186 68.07 -7.36 8.66
N PHE Q 187 69.18 -8.10 8.67
CA PHE Q 187 69.66 -8.77 9.87
C PHE Q 187 70.57 -7.89 10.73
N GLY Q 188 71.08 -6.78 10.20
CA GLY Q 188 71.91 -5.90 11.00
C GLY Q 188 73.32 -6.40 11.26
N TYR Q 189 73.79 -7.38 10.49
CA TYR Q 189 75.15 -7.87 10.68
C TYR Q 189 76.17 -6.87 10.16
N LYS Q 190 77.36 -6.90 10.76
CA LYS Q 190 78.49 -6.11 10.30
C LYS Q 190 79.78 -6.93 10.20
N ASP Q 191 79.91 -7.96 11.03
CA ASP Q 191 81.15 -8.73 11.15
C ASP Q 191 81.05 -9.97 10.25
N PHE Q 192 81.23 -9.74 8.95
CA PHE Q 192 81.26 -10.81 7.97
C PHE Q 192 82.26 -10.49 6.88
N ILE Q 193 82.69 -11.54 6.18
CA ILE Q 193 83.71 -11.44 5.13
C ILE Q 193 83.46 -12.54 4.12
N TRP Q 194 83.73 -12.23 2.85
CA TRP Q 194 83.60 -13.17 1.75
C TRP Q 194 84.95 -13.81 1.44
N VAL Q 195 84.92 -15.08 1.02
CA VAL Q 195 86.12 -15.85 0.75
C VAL Q 195 85.94 -16.63 -0.55
N PHE Q 196 86.95 -16.56 -1.42
CA PHE Q 196 86.94 -17.29 -2.68
C PHE Q 196 87.16 -18.78 -2.43
N SER Q 197 86.32 -19.61 -3.05
CA SER Q 197 86.40 -21.06 -2.84
C SER Q 197 87.61 -21.70 -3.52
N GLY Q 198 88.32 -20.96 -4.39
CA GLY Q 198 89.53 -21.44 -5.05
C GLY Q 198 89.35 -21.76 -6.51
N ARG Q 199 88.16 -22.26 -6.91
CA ARG Q 199 87.89 -22.56 -8.32
C ARG Q 199 86.60 -21.96 -8.87
N ARG Q 200 85.48 -22.06 -8.12
CA ARG Q 200 84.16 -21.84 -8.72
C ARG Q 200 83.13 -21.17 -7.82
N GLY Q 201 83.49 -20.66 -6.63
CA GLY Q 201 82.47 -20.15 -5.73
C GLY Q 201 83.04 -19.18 -4.72
N ALA Q 202 82.13 -18.66 -3.90
CA ALA Q 202 82.44 -17.68 -2.86
C ALA Q 202 81.74 -18.07 -1.57
N HIS Q 203 82.44 -17.92 -0.45
CA HIS Q 203 81.93 -18.26 0.88
C HIS Q 203 81.91 -17.01 1.74
N CYS Q 204 80.74 -16.71 2.31
CA CYS Q 204 80.57 -15.61 3.26
C CYS Q 204 80.56 -16.17 4.67
N TRP Q 205 81.48 -15.69 5.52
CA TRP Q 205 81.61 -16.15 6.90
C TRP Q 205 81.12 -15.02 7.82
N VAL Q 206 79.91 -15.17 8.35
CA VAL Q 206 79.33 -14.19 9.26
C VAL Q 206 79.70 -14.57 10.68
N SER Q 207 80.34 -13.63 11.40
CA SER Q 207 80.91 -13.88 12.72
C SER Q 207 80.32 -12.97 13.80
N ASP Q 208 79.16 -12.35 13.55
CA ASP Q 208 78.50 -11.58 14.59
C ASP Q 208 78.02 -12.52 15.70
N LYS Q 209 78.08 -12.03 16.94
CA LYS Q 209 77.78 -12.88 18.10
C LYS Q 209 76.36 -13.42 18.05
N ARG Q 210 75.39 -12.59 17.66
CA ARG Q 210 74.03 -13.09 17.48
C ARG Q 210 73.96 -14.06 16.30
N ALA Q 211 74.79 -13.86 15.28
CA ALA Q 211 74.81 -14.79 14.15
C ALA Q 211 75.49 -16.10 14.54
N ARG Q 212 76.57 -16.03 15.34
CA ARG Q 212 77.26 -17.24 15.75
C ARG Q 212 76.37 -18.13 16.63
N ALA Q 213 75.44 -17.54 17.36
CA ALA Q 213 74.62 -18.26 18.33
C ALA Q 213 73.36 -18.86 17.75
N LEU Q 214 73.13 -18.76 16.44
CA LEU Q 214 71.91 -19.29 15.85
C LEU Q 214 71.87 -20.80 15.94
N THR Q 215 70.68 -21.33 16.27
CA THR Q 215 70.46 -22.77 16.31
C THR Q 215 70.27 -23.30 14.88
N ASP Q 216 70.17 -24.63 14.78
CA ASP Q 216 69.97 -25.25 13.47
C ASP Q 216 68.64 -24.84 12.86
N VAL Q 217 67.58 -24.79 13.69
CA VAL Q 217 66.27 -24.35 13.21
C VAL Q 217 66.36 -22.89 12.77
N GLN Q 218 67.01 -22.05 13.56
CA GLN Q 218 67.16 -20.65 13.21
C GLN Q 218 67.99 -20.47 11.96
N ARG Q 219 69.05 -21.27 11.80
CA ARG Q 219 69.86 -21.20 10.59
C ARG Q 219 69.05 -21.60 9.37
N ARG Q 220 68.24 -22.66 9.50
CA ARG Q 220 67.41 -23.09 8.37
C ARG Q 220 66.40 -22.02 7.99
N ASN Q 221 65.81 -21.36 8.99
CA ASN Q 221 64.82 -20.32 8.67
C ASN Q 221 65.48 -19.08 8.09
N VAL Q 222 66.69 -18.72 8.54
CA VAL Q 222 67.43 -17.63 7.92
C VAL Q 222 67.74 -17.96 6.46
N LEU Q 223 68.18 -19.20 6.22
CA LEU Q 223 68.44 -19.66 4.86
C LEU Q 223 67.19 -19.58 4.00
N ASP Q 224 66.05 -19.97 4.55
CA ASP Q 224 64.79 -19.86 3.82
C ASP Q 224 64.44 -18.41 3.54
N TYR Q 225 64.74 -17.51 4.48
CA TYR Q 225 64.48 -16.08 4.25
C TYR Q 225 65.29 -15.57 3.07
N VAL Q 226 66.58 -15.91 3.01
CA VAL Q 226 67.42 -15.43 1.91
C VAL Q 226 67.33 -16.28 0.66
N ASN Q 227 66.75 -17.48 0.74
CA ASN Q 227 66.60 -18.36 -0.43
C ASN Q 227 65.27 -18.03 -1.11
N VAL Q 228 65.36 -17.37 -2.27
CA VAL Q 228 64.19 -16.95 -3.04
C VAL Q 228 63.90 -17.92 -4.17
N ILE Q 229 64.91 -18.26 -4.96
CA ILE Q 229 64.74 -19.23 -6.06
C ILE Q 229 64.95 -20.61 -5.43
N ARG Q 230 63.87 -21.13 -4.85
CA ARG Q 230 63.92 -22.38 -4.11
C ARG Q 230 63.82 -23.61 -5.02
N ASP Q 231 63.44 -23.44 -6.28
CA ASP Q 231 63.45 -24.51 -7.28
C ASP Q 231 64.30 -24.04 -8.47
N ARG Q 232 65.30 -24.83 -8.81
CA ARG Q 232 66.22 -24.49 -9.90
C ARG Q 232 65.69 -24.88 -11.28
N ASN Q 233 64.64 -25.70 -11.36
CA ASN Q 233 64.14 -26.13 -12.65
C ASN Q 233 63.51 -24.97 -13.41
N THR Q 234 63.67 -24.98 -14.73
CA THR Q 234 63.35 -23.84 -15.58
C THR Q 234 61.95 -23.91 -16.19
N ASP Q 235 61.19 -24.98 -15.98
CA ASP Q 235 59.94 -25.20 -16.69
C ASP Q 235 58.72 -24.65 -15.94
N LYS Q 236 58.91 -23.64 -15.09
CA LYS Q 236 57.79 -23.02 -14.39
C LYS Q 236 58.12 -21.57 -14.07
N ARG Q 237 57.07 -20.78 -13.88
CA ARG Q 237 57.21 -19.47 -13.27
C ARG Q 237 57.46 -19.62 -11.78
N LEU Q 238 58.10 -18.62 -11.19
CA LEU Q 238 58.43 -18.67 -9.77
C LEU Q 238 57.16 -18.72 -8.91
N ALA Q 239 57.30 -19.29 -7.73
CA ALA Q 239 56.19 -19.48 -6.79
C ALA Q 239 55.96 -18.27 -5.90
N LEU Q 240 56.63 -17.15 -6.15
CA LEU Q 240 56.57 -16.02 -5.24
C LEU Q 240 55.19 -15.38 -5.24
N LYS Q 241 54.70 -15.06 -4.05
CA LYS Q 241 53.43 -14.38 -3.90
C LYS Q 241 53.57 -12.91 -4.29
N ARG Q 242 52.43 -12.28 -4.58
CA ARG Q 242 52.35 -10.86 -4.91
C ARG Q 242 51.32 -10.19 -3.99
N PRO Q 243 51.53 -8.93 -3.57
CA PRO Q 243 52.65 -7.99 -3.82
C PRO Q 243 53.96 -8.42 -3.13
N TYR Q 244 55.09 -7.97 -3.64
CA TYR Q 244 56.39 -8.46 -3.17
C TYR Q 244 56.63 -8.09 -1.71
N HIS Q 245 57.28 -9.01 -0.99
CA HIS Q 245 57.89 -8.68 0.28
C HIS Q 245 58.99 -7.65 0.02
N PRO Q 246 59.26 -6.73 0.97
CA PRO Q 246 60.26 -5.67 0.68
C PRO Q 246 61.65 -6.18 0.32
N HIS Q 247 62.05 -7.32 0.88
CA HIS Q 247 63.31 -7.95 0.48
C HIS Q 247 63.33 -8.22 -1.03
N LEU Q 248 62.26 -8.84 -1.53
CA LEU Q 248 62.19 -9.17 -2.96
C LEU Q 248 62.16 -7.90 -3.82
N ALA Q 249 61.41 -6.88 -3.40
CA ALA Q 249 61.31 -5.66 -4.18
C ALA Q 249 62.65 -4.95 -4.26
N ARG Q 250 63.35 -4.83 -3.13
CA ARG Q 250 64.66 -4.19 -3.12
C ARG Q 250 65.66 -4.98 -3.94
N SER Q 251 65.63 -6.32 -3.84
CA SER Q 251 66.53 -7.14 -4.64
C SER Q 251 66.27 -6.96 -6.13
N LEU Q 252 64.99 -6.91 -6.51
CA LEU Q 252 64.64 -6.70 -7.91
C LEU Q 252 65.13 -5.34 -8.40
N GLU Q 253 64.92 -4.29 -7.60
CA GLU Q 253 65.37 -2.97 -8.01
C GLU Q 253 66.90 -2.88 -8.08
N GLN Q 254 67.59 -3.66 -7.25
CA GLN Q 254 69.05 -3.70 -7.33
C GLN Q 254 69.54 -4.47 -8.55
N LEU Q 255 68.79 -5.50 -8.97
CA LEU Q 255 69.19 -6.34 -10.09
C LEU Q 255 68.68 -5.85 -11.44
N LYS Q 256 67.70 -4.93 -11.46
CA LYS Q 256 67.16 -4.44 -12.72
C LYS Q 256 68.20 -3.77 -13.63
N PRO Q 257 69.07 -2.87 -13.16
CA PRO Q 257 70.01 -2.22 -14.08
C PRO Q 257 70.99 -3.16 -14.76
N PHE Q 258 71.22 -4.35 -14.20
CA PHE Q 258 72.19 -5.30 -14.72
C PHE Q 258 71.57 -6.41 -15.55
N PHE Q 259 70.24 -6.47 -15.67
CA PHE Q 259 69.63 -7.56 -16.40
C PHE Q 259 69.95 -7.49 -17.89
N VAL Q 260 69.84 -6.30 -18.48
CA VAL Q 260 70.11 -6.15 -19.92
C VAL Q 260 71.55 -6.53 -20.21
N SER Q 261 72.49 -5.79 -19.61
CA SER Q 261 73.91 -5.92 -19.94
C SER Q 261 74.43 -7.32 -19.69
N ILE Q 262 74.04 -7.95 -18.59
CA ILE Q 262 74.50 -9.31 -18.32
C ILE Q 262 73.69 -10.29 -19.18
N MET Q 263 72.41 -10.48 -18.85
CA MET Q 263 71.66 -11.59 -19.42
C MET Q 263 71.43 -11.42 -20.91
N LEU Q 264 70.88 -10.29 -21.33
CA LEU Q 264 70.42 -10.20 -22.72
C LEU Q 264 71.58 -9.99 -23.69
N GLU Q 265 72.69 -9.39 -23.23
CA GLU Q 265 73.81 -9.03 -24.09
C GLU Q 265 75.07 -9.84 -23.83
N GLU Q 266 75.56 -9.89 -22.59
CA GLU Q 266 76.82 -10.57 -22.32
C GLU Q 266 76.68 -12.08 -22.47
N GLN Q 267 75.82 -12.69 -21.65
CA GLN Q 267 75.63 -14.13 -21.72
C GLN Q 267 74.81 -14.51 -22.96
N ASN Q 268 73.67 -13.86 -23.16
CA ASN Q 268 72.80 -14.09 -24.30
C ASN Q 268 72.39 -15.56 -24.43
N PRO Q 269 71.78 -16.16 -23.39
CA PRO Q 269 71.46 -17.60 -23.47
C PRO Q 269 70.26 -17.92 -24.34
N TRP Q 270 69.36 -16.97 -24.55
CA TRP Q 270 68.11 -17.22 -25.26
C TRP Q 270 68.21 -16.98 -26.76
N GLU Q 271 69.41 -16.73 -27.29
CA GLU Q 271 69.57 -16.68 -28.74
C GLU Q 271 69.23 -18.02 -29.37
N ASP Q 272 69.62 -19.10 -28.70
CA ASP Q 272 69.13 -20.43 -29.08
C ASP Q 272 67.62 -20.49 -28.86
N ASP Q 273 66.88 -20.79 -29.93
CA ASP Q 273 65.41 -20.81 -29.83
C ASP Q 273 64.92 -21.90 -28.90
N GLN Q 274 65.54 -23.08 -28.95
CA GLN Q 274 65.11 -24.17 -28.09
C GLN Q 274 65.36 -23.84 -26.62
N HIS Q 275 66.50 -23.22 -26.32
CA HIS Q 275 66.77 -22.82 -24.94
C HIS Q 275 65.77 -21.78 -24.46
N ALA Q 276 65.40 -20.83 -25.34
CA ALA Q 276 64.38 -19.85 -24.98
C ALA Q 276 63.03 -20.52 -24.73
N ILE Q 277 62.67 -21.49 -25.58
CA ILE Q 277 61.40 -22.20 -25.41
C ILE Q 277 61.42 -23.03 -24.13
N GLN Q 278 62.60 -23.49 -23.70
CA GLN Q 278 62.71 -24.35 -22.53
C GLN Q 278 62.91 -23.59 -21.22
N THR Q 279 63.36 -22.31 -21.27
CA THR Q 279 63.70 -21.53 -20.08
C THR Q 279 62.97 -20.20 -19.99
N LEU Q 280 62.79 -19.50 -21.11
CA LEU Q 280 62.19 -18.16 -21.10
C LEU Q 280 60.67 -18.23 -21.15
N LEU Q 281 60.13 -18.99 -22.11
CA LEU Q 281 58.68 -19.09 -22.26
C LEU Q 281 57.94 -19.70 -21.07
N PRO Q 282 58.43 -20.76 -20.41
CA PRO Q 282 57.65 -21.32 -19.28
C PRO Q 282 57.46 -20.34 -18.11
N ALA Q 283 58.28 -19.29 -18.02
CA ALA Q 283 58.09 -18.28 -16.99
C ALA Q 283 56.92 -17.33 -17.30
N LEU Q 284 56.35 -17.37 -18.50
CA LEU Q 284 55.26 -16.48 -18.87
C LEU Q 284 53.92 -17.06 -18.43
N TYR Q 285 52.92 -16.19 -18.32
CA TYR Q 285 51.66 -16.51 -17.65
C TYR Q 285 50.59 -17.10 -18.56
N ASP Q 286 50.71 -16.93 -19.88
CA ASP Q 286 49.62 -17.22 -20.81
C ASP Q 286 50.05 -18.25 -21.84
N LYS Q 287 49.14 -19.16 -22.17
CA LYS Q 287 49.42 -20.22 -23.13
C LYS Q 287 49.43 -19.70 -24.56
N GLN Q 288 48.49 -18.81 -24.91
CA GLN Q 288 48.44 -18.27 -26.26
C GLN Q 288 49.69 -17.44 -26.56
N LEU Q 289 50.15 -16.66 -25.58
CA LEU Q 289 51.38 -15.90 -25.75
C LEU Q 289 52.57 -16.84 -25.99
N ILE Q 290 52.66 -17.92 -25.21
CA ILE Q 290 53.76 -18.87 -25.35
C ILE Q 290 53.71 -19.53 -26.72
N ASP Q 291 52.53 -19.94 -27.18
CA ASP Q 291 52.40 -20.58 -28.49
C ASP Q 291 52.75 -19.61 -29.60
N SER Q 292 52.30 -18.35 -29.49
CA SER Q 292 52.61 -17.36 -30.52
C SER Q 292 54.11 -17.09 -30.59
N LEU Q 293 54.76 -16.94 -29.43
CA LEU Q 293 56.19 -16.70 -29.43
C LEU Q 293 56.96 -17.91 -29.98
N LYS Q 294 56.53 -19.12 -29.61
CA LYS Q 294 57.18 -20.33 -30.12
C LYS Q 294 57.07 -20.42 -31.63
N LYS Q 295 55.86 -20.21 -32.16
CA LYS Q 295 55.66 -20.26 -33.60
C LYS Q 295 56.45 -19.18 -34.32
N TYR Q 296 56.46 -17.96 -33.77
CA TYR Q 296 57.16 -16.85 -34.41
C TYR Q 296 58.66 -17.10 -34.44
N TRP Q 297 59.22 -17.63 -33.34
CA TRP Q 297 60.66 -17.88 -33.31
C TRP Q 297 61.05 -19.11 -34.12
N LEU Q 298 60.17 -20.11 -34.23
CA LEU Q 298 60.47 -21.23 -35.12
C LEU Q 298 60.41 -20.79 -36.57
N ASP Q 299 59.55 -19.83 -36.91
CA ASP Q 299 59.56 -19.25 -38.24
C ASP Q 299 60.71 -18.26 -38.44
N ASN Q 300 61.18 -17.63 -37.35
CA ASN Q 300 62.22 -16.60 -37.40
C ASN Q 300 63.32 -16.97 -36.40
N PRO Q 301 64.15 -17.96 -36.72
CA PRO Q 301 65.07 -18.51 -35.71
C PRO Q 301 66.28 -17.61 -35.45
N ARG Q 302 66.98 -17.97 -34.37
CA ARG Q 302 68.26 -17.37 -33.98
C ARG Q 302 68.16 -15.88 -33.73
N ARG Q 303 67.02 -15.42 -33.23
CA ARG Q 303 66.89 -14.06 -32.72
C ARG Q 303 67.48 -13.99 -31.31
N SER Q 304 68.28 -12.94 -31.06
CA SER Q 304 69.05 -12.84 -29.83
C SER Q 304 68.11 -12.70 -28.62
N SER Q 305 68.72 -12.77 -27.43
CA SER Q 305 67.95 -12.67 -26.19
C SER Q 305 67.28 -11.31 -26.06
N LYS Q 306 67.98 -10.24 -26.46
CA LYS Q 306 67.38 -8.91 -26.47
C LYS Q 306 66.20 -8.84 -27.44
N GLU Q 307 66.38 -9.40 -28.63
CA GLU Q 307 65.31 -9.41 -29.63
C GLU Q 307 64.11 -10.20 -29.15
N LYS Q 308 64.34 -11.37 -28.54
CA LYS Q 308 63.23 -12.16 -28.00
C LYS Q 308 62.56 -11.43 -26.84
N TRP Q 309 63.35 -10.75 -26.01
CA TRP Q 309 62.83 -9.98 -24.89
C TRP Q 309 61.89 -8.88 -25.39
N ASN Q 310 62.23 -8.26 -26.52
CA ASN Q 310 61.33 -7.29 -27.13
C ASN Q 310 60.15 -7.95 -27.84
N ASP Q 311 60.35 -9.13 -28.43
CA ASP Q 311 59.27 -9.85 -29.11
C ASP Q 311 58.17 -10.22 -28.14
N ILE Q 312 58.54 -10.52 -26.89
CA ILE Q 312 57.52 -10.83 -25.87
C ILE Q 312 56.57 -9.65 -25.70
N ASP Q 313 57.12 -8.44 -25.53
CA ASP Q 313 56.28 -7.26 -25.37
C ASP Q 313 55.46 -6.99 -26.62
N GLN Q 314 56.08 -7.10 -27.79
CA GLN Q 314 55.36 -6.76 -29.03
C GLN Q 314 54.21 -7.72 -29.29
N ILE Q 315 54.45 -9.03 -29.13
CA ILE Q 315 53.40 -10.00 -29.38
C ILE Q 315 52.33 -9.92 -28.31
N ALA Q 316 52.71 -9.64 -27.06
CA ALA Q 316 51.70 -9.47 -26.02
C ALA Q 316 50.83 -8.26 -26.30
N THR Q 317 51.43 -7.17 -26.77
CA THR Q 317 50.63 -5.99 -27.14
C THR Q 317 49.71 -6.30 -28.31
N SER Q 318 50.17 -7.11 -29.26
CA SER Q 318 49.33 -7.47 -30.40
C SER Q 318 48.18 -8.37 -29.98
N LEU Q 319 48.38 -9.23 -28.98
CA LEU Q 319 47.39 -10.24 -28.62
C LEU Q 319 46.31 -9.72 -27.68
N PHE Q 320 46.68 -8.91 -26.68
CA PHE Q 320 45.84 -8.63 -25.52
C PHE Q 320 45.17 -7.27 -25.59
N LYS Q 321 44.70 -6.88 -26.77
CA LYS Q 321 43.93 -5.65 -26.91
C LYS Q 321 42.58 -5.79 -26.22
N GLY Q 322 41.99 -4.64 -25.88
CA GLY Q 322 40.67 -4.59 -25.27
C GLY Q 322 40.70 -4.09 -23.84
N PRO Q 323 39.56 -4.17 -23.14
CA PRO Q 323 39.49 -3.68 -21.76
C PRO Q 323 40.45 -4.36 -20.81
N LYS Q 324 40.79 -5.63 -21.03
CA LYS Q 324 41.69 -6.37 -20.15
C LYS Q 324 43.16 -6.12 -20.46
N GLN Q 325 43.49 -5.12 -21.29
CA GLN Q 325 44.87 -4.91 -21.72
C GLN Q 325 45.77 -4.51 -20.55
N ASP Q 326 45.26 -3.68 -19.63
CA ASP Q 326 46.06 -3.25 -18.50
C ASP Q 326 46.42 -4.44 -17.60
N SER Q 327 45.47 -5.33 -17.34
CA SER Q 327 45.74 -6.49 -16.51
C SER Q 327 46.77 -7.42 -17.17
N HIS Q 328 46.64 -7.62 -18.48
CA HIS Q 328 47.60 -8.47 -19.19
C HIS Q 328 49.00 -7.84 -19.19
N ILE Q 329 49.07 -6.51 -19.34
CA ILE Q 329 50.37 -5.83 -19.28
C ILE Q 329 50.97 -6.00 -17.89
N ILE Q 330 50.15 -5.89 -16.84
CA ILE Q 330 50.65 -6.05 -15.48
C ILE Q 330 51.18 -7.47 -15.29
N LYS Q 331 50.44 -8.47 -15.77
CA LYS Q 331 50.88 -9.86 -15.61
C LYS Q 331 52.18 -10.12 -16.39
N LEU Q 332 52.29 -9.55 -17.60
CA LEU Q 332 53.53 -9.68 -18.36
C LEU Q 332 54.70 -9.05 -17.62
N ARG Q 333 54.48 -7.87 -17.03
CA ARG Q 333 55.52 -7.22 -16.26
C ARG Q 333 55.92 -8.06 -15.05
N GLU Q 334 54.92 -8.68 -14.40
CA GLU Q 334 55.21 -9.57 -13.28
C GLU Q 334 56.10 -10.73 -13.72
N CYS Q 335 55.78 -11.31 -14.88
CA CYS Q 335 56.58 -12.42 -15.39
C CYS Q 335 58.01 -11.98 -15.67
N LYS Q 336 58.19 -10.80 -16.25
CA LYS Q 336 59.55 -10.33 -16.54
C LYS Q 336 60.33 -10.04 -15.26
N GLU Q 337 59.67 -9.46 -14.25
CA GLU Q 337 60.33 -9.24 -12.96
C GLU Q 337 60.75 -10.56 -12.33
N ASP Q 338 59.86 -11.55 -12.34
CA ASP Q 338 60.20 -12.87 -11.84
C ASP Q 338 61.32 -13.49 -12.64
N LEU Q 339 61.41 -13.19 -13.94
CA LEU Q 339 62.54 -13.67 -14.74
C LEU Q 339 63.85 -13.04 -14.31
N VAL Q 340 63.83 -11.74 -13.99
CA VAL Q 340 65.04 -11.08 -13.49
C VAL Q 340 65.51 -11.75 -12.20
N LEU Q 341 64.56 -11.99 -11.28
CA LEU Q 341 64.94 -12.67 -10.03
C LEU Q 341 65.39 -14.11 -10.30
N MET Q 342 64.74 -14.79 -11.23
CA MET Q 342 65.09 -16.18 -11.56
C MET Q 342 66.50 -16.27 -12.13
N THR Q 343 66.92 -15.26 -12.90
CA THR Q 343 68.20 -15.31 -13.60
C THR Q 343 69.36 -14.79 -12.76
N LEU Q 344 69.15 -13.72 -11.98
CA LEU Q 344 70.25 -13.01 -11.32
C LEU Q 344 70.25 -13.07 -9.79
N TYR Q 345 69.21 -13.60 -9.15
CA TYR Q 345 69.22 -13.62 -7.70
C TYR Q 345 70.30 -14.59 -7.20
N PRO Q 346 70.84 -14.38 -5.98
CA PRO Q 346 71.78 -15.37 -5.42
C PRO Q 346 71.25 -16.79 -5.39
N LYS Q 347 72.11 -17.73 -5.75
CA LYS Q 347 71.85 -19.17 -5.65
C LYS Q 347 72.81 -19.73 -4.61
N LEU Q 348 72.28 -20.57 -3.71
CA LEU Q 348 72.99 -20.99 -2.51
C LEU Q 348 72.98 -22.50 -2.36
N ASP Q 349 74.06 -23.01 -1.78
CA ASP Q 349 74.15 -24.42 -1.37
C ASP Q 349 73.60 -24.52 0.05
N VAL Q 350 72.46 -25.20 0.19
CA VAL Q 350 71.80 -25.29 1.49
C VAL Q 350 72.57 -26.14 2.48
N GLU Q 351 73.40 -27.07 2.01
CA GLU Q 351 74.08 -27.99 2.92
C GLU Q 351 75.10 -27.28 3.81
N VAL Q 352 75.65 -26.16 3.34
CA VAL Q 352 76.65 -25.44 4.13
C VAL Q 352 76.01 -24.68 5.28
N THR Q 353 74.79 -24.17 5.10
CA THR Q 353 74.15 -23.28 6.05
C THR Q 353 73.19 -23.99 7.00
N LYS Q 354 72.65 -25.14 6.63
CA LYS Q 354 71.51 -25.70 7.36
C LYS Q 354 71.90 -26.44 8.64
N GLN Q 355 73.19 -26.55 8.97
CA GLN Q 355 73.63 -27.20 10.20
C GLN Q 355 74.78 -26.42 10.81
N THR Q 356 74.76 -26.33 12.15
CA THR Q 356 75.85 -25.67 12.86
C THR Q 356 77.13 -26.49 12.83
N ILE Q 357 77.00 -27.82 12.85
CA ILE Q 357 78.18 -28.71 12.96
C ILE Q 357 78.89 -28.93 11.65
N HIS Q 358 78.46 -28.30 10.56
CA HIS Q 358 79.05 -28.58 9.26
C HIS Q 358 80.49 -28.06 9.18
N LEU Q 359 81.30 -28.75 8.39
CA LEU Q 359 82.71 -28.41 8.17
C LEU Q 359 82.89 -27.89 6.76
N LEU Q 360 83.63 -26.78 6.63
CA LEU Q 360 83.88 -26.15 5.34
C LEU Q 360 85.34 -25.73 5.24
N LYS Q 361 85.85 -25.77 4.02
CA LYS Q 361 87.24 -25.42 3.70
C LYS Q 361 87.60 -24.03 4.22
N ALA Q 362 88.68 -23.95 4.98
CA ALA Q 362 89.02 -22.73 5.70
C ALA Q 362 89.57 -21.67 4.75
N PRO Q 363 89.58 -20.39 5.16
CA PRO Q 363 90.21 -19.36 4.33
C PRO Q 363 91.71 -19.58 4.19
N PHE Q 364 92.26 -19.05 3.09
CA PHE Q 364 93.68 -19.14 2.74
C PHE Q 364 94.16 -20.57 2.53
N CYS Q 365 93.24 -21.51 2.28
CA CYS Q 365 93.63 -22.85 1.87
C CYS Q 365 94.03 -22.86 0.40
N ILE Q 366 94.67 -23.96 -0.01
CA ILE Q 366 95.09 -24.17 -1.40
C ILE Q 366 94.09 -25.11 -2.06
N HIS Q 367 93.57 -24.70 -3.21
CA HIS Q 367 92.69 -25.58 -3.96
C HIS Q 367 93.54 -26.69 -4.61
N PRO Q 368 93.18 -27.97 -4.43
CA PRO Q 368 94.10 -29.04 -4.90
C PRO Q 368 94.28 -29.09 -6.41
N ALA Q 369 93.25 -28.74 -7.18
CA ALA Q 369 93.30 -28.85 -8.63
C ALA Q 369 93.88 -27.59 -9.29
N THR Q 370 93.34 -26.41 -8.95
CA THR Q 370 93.76 -25.18 -9.59
C THR Q 370 95.06 -24.63 -9.01
N GLY Q 371 95.33 -24.92 -7.73
CA GLY Q 371 96.45 -24.32 -7.04
C GLY Q 371 96.19 -22.92 -6.49
N ASN Q 372 94.99 -22.39 -6.67
CA ASN Q 372 94.68 -21.05 -6.17
C ASN Q 372 94.58 -21.04 -4.66
N VAL Q 373 94.87 -19.87 -4.08
CA VAL Q 373 94.65 -19.63 -2.66
C VAL Q 373 93.19 -19.26 -2.45
N CYS Q 374 92.59 -19.75 -1.37
CA CYS Q 374 91.21 -19.43 -1.02
C CYS Q 374 91.19 -18.11 -0.24
N VAL Q 375 91.45 -17.02 -0.96
CA VAL Q 375 91.68 -15.71 -0.35
C VAL Q 375 90.36 -15.05 0.04
N PRO Q 376 90.38 -14.08 0.97
CA PRO Q 376 89.20 -13.21 1.13
C PRO Q 376 89.03 -12.34 -0.10
N ILE Q 377 87.78 -11.93 -0.33
CA ILE Q 377 87.40 -11.20 -1.54
C ILE Q 377 86.35 -10.15 -1.20
N ASP Q 378 86.01 -9.34 -2.19
CA ASP Q 378 84.88 -8.42 -2.13
C ASP Q 378 84.16 -8.47 -3.47
N GLU Q 379 83.16 -7.60 -3.64
CA GLU Q 379 82.29 -7.67 -4.81
C GLU Q 379 83.01 -7.38 -6.12
N SER Q 380 84.14 -6.66 -6.08
CA SER Q 380 84.90 -6.35 -7.29
C SER Q 380 85.85 -7.48 -7.69
N PHE Q 381 85.83 -8.61 -7.01
CA PHE Q 381 86.75 -9.70 -7.27
C PHE Q 381 86.39 -10.43 -8.56
N ALA Q 382 87.40 -11.00 -9.22
CA ALA Q 382 87.24 -12.02 -10.23
C ALA Q 382 88.24 -13.15 -9.96
N PRO Q 383 87.96 -14.38 -10.41
CA PRO Q 383 88.89 -15.49 -10.11
C PRO Q 383 90.27 -15.33 -10.71
N GLU Q 384 90.42 -14.53 -11.78
CA GLU Q 384 91.74 -14.33 -12.37
C GLU Q 384 92.68 -13.56 -11.45
N LYS Q 385 92.16 -12.87 -10.44
CA LYS Q 385 92.96 -12.08 -9.51
C LYS Q 385 93.49 -12.90 -8.34
N ALA Q 386 93.13 -14.20 -8.23
CA ALA Q 386 93.54 -14.98 -7.07
C ALA Q 386 95.03 -15.34 -7.17
N PRO Q 387 95.79 -15.35 -6.06
CA PRO Q 387 97.14 -15.89 -6.12
C PRO Q 387 97.14 -17.41 -6.23
N LYS Q 388 98.32 -17.95 -6.56
CA LYS Q 388 98.55 -19.38 -6.69
C LYS Q 388 99.75 -19.79 -5.85
N LEU Q 389 99.77 -21.06 -5.42
CA LEU Q 389 100.81 -21.54 -4.53
C LEU Q 389 102.18 -21.48 -5.20
N ILE Q 390 102.27 -21.87 -6.47
CA ILE Q 390 103.56 -21.88 -7.16
C ILE Q 390 104.08 -20.46 -7.34
N ASP Q 391 103.19 -19.53 -7.70
CA ASP Q 391 103.58 -18.14 -7.87
C ASP Q 391 104.04 -17.54 -6.54
N LEU Q 392 103.34 -17.85 -5.45
CA LEU Q 392 103.74 -17.33 -4.14
C LEU Q 392 105.07 -17.93 -3.70
N GLN Q 393 105.32 -19.20 -4.02
CA GLN Q 393 106.62 -19.80 -3.73
C GLN Q 393 107.72 -19.09 -4.50
N THR Q 394 107.47 -18.78 -5.78
CA THR Q 394 108.46 -18.06 -6.58
C THR Q 394 108.72 -16.67 -6.00
N GLU Q 395 107.66 -15.96 -5.62
CA GLU Q 395 107.82 -14.62 -5.07
C GLU Q 395 108.56 -14.65 -3.73
N MET Q 396 108.28 -15.65 -2.90
CA MET Q 396 108.99 -15.78 -1.63
C MET Q 396 110.45 -16.13 -1.86
N GLU Q 397 110.76 -16.97 -2.85
CA GLU Q 397 112.14 -17.25 -3.19
C GLU Q 397 112.86 -16.00 -3.64
N LYS Q 398 112.15 -15.11 -4.36
CA LYS Q 398 112.79 -13.89 -4.85
C LYS Q 398 112.96 -12.84 -3.76
N ASN Q 399 111.99 -12.72 -2.84
CA ASN Q 399 111.95 -11.65 -1.85
C ASN Q 399 112.16 -12.12 -0.42
N ASN Q 400 111.72 -13.33 -0.08
CA ASN Q 400 111.83 -13.86 1.28
C ASN Q 400 111.06 -12.97 2.28
N ASP Q 401 109.88 -12.51 1.86
CA ASP Q 401 109.04 -11.68 2.71
C ASP Q 401 107.60 -11.79 2.21
N VAL Q 402 106.69 -12.18 3.10
CA VAL Q 402 105.29 -12.34 2.72
C VAL Q 402 104.69 -11.00 2.33
N SER Q 403 105.11 -9.92 2.97
CA SER Q 403 104.51 -8.61 2.71
C SER Q 403 104.78 -8.11 1.29
N LEU Q 404 105.78 -8.64 0.60
CA LEU Q 404 106.10 -8.28 -0.77
C LEU Q 404 105.54 -9.26 -1.80
N THR Q 405 104.69 -10.21 -1.39
CA THR Q 405 104.04 -11.14 -2.29
C THR Q 405 102.67 -10.60 -2.70
N ALA Q 406 102.04 -11.30 -3.64
CA ALA Q 406 100.68 -10.95 -4.07
C ALA Q 406 99.62 -11.31 -3.04
N LEU Q 407 99.96 -12.09 -2.01
CA LEU Q 407 99.00 -12.49 -1.00
C LEU Q 407 98.75 -11.41 0.06
N GLN Q 408 99.59 -10.39 0.15
CA GLN Q 408 99.52 -9.44 1.25
C GLN Q 408 98.31 -8.50 1.21
N PRO Q 409 97.80 -8.07 0.04
CA PRO Q 409 96.54 -7.30 0.08
C PRO Q 409 95.38 -8.06 0.70
N PHE Q 410 95.30 -9.37 0.43
CA PHE Q 410 94.24 -10.17 1.01
C PHE Q 410 94.45 -10.35 2.51
N ILE Q 411 95.71 -10.49 2.93
CA ILE Q 411 96.02 -10.55 4.36
C ILE Q 411 95.67 -9.21 5.02
N ASN Q 412 95.87 -8.10 4.31
CA ASN Q 412 95.49 -6.80 4.84
C ASN Q 412 93.98 -6.70 5.03
N GLN Q 413 93.22 -7.19 4.04
CA GLN Q 413 91.76 -7.22 4.18
C GLN Q 413 91.35 -8.05 5.39
N PHE Q 414 91.95 -9.23 5.55
CA PHE Q 414 91.58 -10.09 6.66
C PHE Q 414 92.00 -9.47 8.00
N GLN Q 415 93.15 -8.79 8.03
CA GLN Q 415 93.59 -8.15 9.27
C GLN Q 415 92.66 -7.01 9.65
N ALA Q 416 92.23 -6.21 8.68
CA ALA Q 416 91.26 -5.14 8.96
C ALA Q 416 89.94 -5.72 9.46
N TYR Q 417 89.49 -6.81 8.83
CA TYR Q 417 88.26 -7.46 9.27
C TYR Q 417 88.40 -8.00 10.69
N VAL Q 418 89.55 -8.59 11.02
CA VAL Q 418 89.77 -9.11 12.36
C VAL Q 418 89.81 -7.99 13.38
N SER Q 419 90.45 -6.87 13.04
CA SER Q 419 90.50 -5.73 13.96
C SER Q 419 89.10 -5.20 14.24
N SER Q 420 88.29 -5.04 13.18
CA SER Q 420 86.91 -4.58 13.38
C SER Q 420 86.11 -5.58 14.21
N LEU Q 421 86.30 -6.88 13.94
CA LEU Q 421 85.59 -7.91 14.68
C LEU Q 421 85.95 -7.88 16.16
N LEU Q 422 87.24 -7.76 16.47
CA LEU Q 422 87.66 -7.73 17.87
C LEU Q 422 87.16 -6.47 18.57
N LYS Q 423 87.19 -5.33 17.88
CA LYS Q 423 86.67 -4.10 18.48
C LYS Q 423 85.18 -4.22 18.77
N ASN Q 424 84.42 -4.79 17.84
CA ASN Q 424 82.98 -4.94 18.07
C ASN Q 424 82.71 -5.96 19.16
N GLU Q 425 83.52 -7.01 19.26
CA GLU Q 425 83.37 -7.99 20.35
C GLU Q 425 83.59 -7.33 21.70
N LEU Q 426 84.65 -6.53 21.82
CA LEU Q 426 84.93 -5.85 23.07
C LEU Q 426 83.83 -4.84 23.41
N GLY Q 427 83.33 -4.12 22.40
CA GLY Q 427 82.22 -3.22 22.64
C GLY Q 427 80.97 -3.94 23.09
N SER Q 428 80.69 -5.11 22.50
CA SER Q 428 79.55 -5.90 22.91
C SER Q 428 79.69 -6.38 24.35
N VAL Q 429 80.91 -6.79 24.74
CA VAL Q 429 81.15 -7.21 26.12
C VAL Q 429 80.92 -6.04 27.08
N LYS Q 430 81.41 -4.86 26.70
CA LYS Q 430 81.22 -3.68 27.55
C LYS Q 430 79.74 -3.33 27.69
N ARG Q 431 78.99 -3.39 26.58
CA ARG Q 431 77.56 -3.10 26.65
C ARG Q 431 76.83 -4.13 27.49
N GLU Q 432 77.20 -5.40 27.37
CA GLU Q 432 76.58 -6.44 28.20
C GLU Q 432 76.87 -6.22 29.67
N ARG Q 433 78.12 -5.85 30.00
CA ARG Q 433 78.46 -5.61 31.40
C ARG Q 433 77.71 -4.39 31.95
N GLU Q 434 77.56 -3.34 31.14
CA GLU Q 434 76.81 -2.18 31.59
C GLU Q 434 75.33 -2.51 31.77
N ASP Q 435 74.77 -3.33 30.88
CA ASP Q 435 73.37 -3.75 31.04
C ASP Q 435 73.18 -4.61 32.28
N ASP Q 436 74.14 -5.51 32.55
CA ASP Q 436 74.07 -6.31 33.77
C ASP Q 436 74.19 -5.43 35.01
N ASP Q 437 75.03 -4.41 34.95
CA ASP Q 437 75.15 -3.44 36.04
C ASP Q 437 73.98 -2.46 36.00
N ALA R 13 26.73 48.86 -37.79
CA ALA R 13 25.90 48.13 -36.79
C ALA R 13 24.47 47.97 -37.29
N ASP R 14 23.65 47.23 -36.53
CA ASP R 14 22.24 47.09 -36.87
C ASP R 14 21.52 48.43 -36.79
N PHE R 15 21.85 49.23 -35.77
CA PHE R 15 21.19 50.52 -35.63
C PHE R 15 21.58 51.48 -36.76
N SER R 16 22.84 51.44 -37.21
CA SER R 16 23.23 52.26 -38.36
C SER R 16 22.49 51.81 -39.62
N LEU R 17 22.37 50.50 -39.81
CA LEU R 17 21.61 49.95 -40.93
C LEU R 17 20.17 50.45 -40.91
N THR R 18 19.51 50.34 -39.75
CA THR R 18 18.12 50.81 -39.66
C THR R 18 18.03 52.33 -39.75
N VAL R 19 19.07 53.05 -39.36
CA VAL R 19 19.09 54.51 -39.54
C VAL R 19 19.08 54.85 -41.03
N LEU R 20 19.90 54.15 -41.82
CA LEU R 20 19.88 54.38 -43.26
C LEU R 20 18.53 53.97 -43.86
N ARG R 21 17.96 52.86 -43.37
CA ARG R 21 16.64 52.44 -43.83
C ARG R 21 15.58 53.50 -43.52
N ALA R 22 15.63 54.08 -42.32
CA ALA R 22 14.67 55.12 -41.95
C ALA R 22 14.88 56.39 -42.77
N ARG R 23 16.14 56.72 -43.07
CA ARG R 23 16.43 57.84 -43.97
C ARG R 23 15.82 57.58 -45.34
N ILE R 24 15.94 56.35 -45.84
CA ILE R 24 15.35 56.00 -47.12
C ILE R 24 13.83 56.08 -47.07
N ALA R 25 13.23 55.73 -45.92
CA ALA R 25 11.77 55.82 -45.79
C ALA R 25 11.30 57.27 -45.76
N LEU R 26 12.00 58.12 -45.01
CA LEU R 26 11.64 59.54 -44.99
C LEU R 26 11.84 60.17 -46.35
N LEU R 27 12.82 59.70 -47.12
CA LEU R 27 12.93 60.12 -48.51
C LEU R 27 11.82 59.51 -49.38
N ALA R 28 11.31 58.35 -48.99
CA ALA R 28 10.19 57.71 -49.67
C ALA R 28 8.85 58.34 -49.31
N THR R 29 8.81 59.27 -48.35
CA THR R 29 7.62 60.07 -48.08
C THR R 29 7.76 61.56 -48.40
N ALA R 30 8.97 62.12 -48.40
CA ALA R 30 9.15 63.49 -48.84
C ALA R 30 8.82 63.66 -50.32
N ILE R 31 9.00 62.58 -51.10
CA ILE R 31 8.71 62.52 -52.53
C ILE R 31 7.36 63.13 -52.92
N GLY R 32 6.35 63.04 -52.05
CA GLY R 32 5.05 63.64 -52.27
C GLY R 32 3.96 62.70 -51.79
N GLY R 33 2.76 62.89 -52.34
CA GLY R 33 1.66 62.02 -52.06
C GLY R 33 0.37 62.50 -52.71
N PRO R 34 -0.65 61.63 -52.80
CA PRO R 34 -1.92 62.06 -53.41
C PRO R 34 -2.65 63.11 -52.58
N ASP R 35 -3.77 63.59 -53.11
CA ASP R 35 -4.50 64.74 -52.57
C ASP R 35 -5.78 64.24 -51.91
N TYR R 36 -5.99 64.66 -50.66
CA TYR R 36 -7.16 64.24 -49.88
C TYR R 36 -8.31 65.23 -49.96
N THR R 37 -8.11 66.40 -50.58
CA THR R 37 -9.22 67.31 -50.88
C THR R 37 -10.04 66.84 -52.07
N SER R 38 -9.52 65.85 -52.83
CA SER R 38 -9.91 65.69 -54.22
C SER R 38 -11.39 65.34 -54.38
N GLN R 39 -11.96 64.57 -53.45
CA GLN R 39 -13.28 63.95 -53.57
C GLN R 39 -13.34 62.94 -54.72
N ILE R 40 -12.20 62.60 -55.32
CA ILE R 40 -12.07 61.64 -56.41
C ILE R 40 -11.43 60.42 -55.78
N ASP R 41 -12.09 59.27 -55.87
CA ASP R 41 -11.89 58.15 -54.95
C ASP R 41 -11.32 56.96 -55.70
N PRO R 42 -9.98 56.84 -55.85
CA PRO R 42 -8.87 57.76 -55.46
C PRO R 42 -8.44 58.68 -56.60
N PRO R 43 -7.67 59.74 -56.33
CA PRO R 43 -7.07 60.52 -57.41
C PRO R 43 -5.72 59.95 -57.78
N PRO R 44 -4.99 60.55 -58.71
CA PRO R 44 -3.59 60.20 -58.90
C PRO R 44 -2.72 60.80 -57.79
N TYR R 45 -1.44 60.44 -57.85
CA TYR R 45 -0.42 60.97 -56.96
C TYR R 45 -0.29 62.49 -57.16
N LYS R 46 0.32 63.15 -56.17
CA LYS R 46 0.58 64.58 -56.24
C LYS R 46 1.99 64.82 -55.69
N LEU R 47 2.60 65.91 -56.17
CA LEU R 47 4.05 66.04 -56.19
C LEU R 47 4.56 66.85 -55.01
N GLY R 48 5.71 66.43 -54.47
CA GLY R 48 6.36 67.11 -53.37
C GLY R 48 7.38 68.13 -53.84
N ASP R 49 8.28 68.48 -52.92
CA ASP R 49 9.38 69.40 -53.21
C ASP R 49 10.63 68.91 -52.47
N ASP R 50 11.77 69.48 -52.87
CA ASP R 50 13.12 68.91 -52.69
C ASP R 50 13.30 67.60 -53.45
N CYS R 51 12.38 67.26 -54.37
CA CYS R 51 12.35 65.93 -54.96
C CYS R 51 13.55 65.68 -55.87
N LEU R 52 14.06 66.73 -56.51
CA LEU R 52 15.32 66.59 -57.24
C LEU R 52 16.43 66.11 -56.31
N ALA R 53 16.54 66.71 -55.14
CA ALA R 53 17.54 66.29 -54.17
C ALA R 53 17.26 64.87 -53.67
N CYS R 54 15.98 64.51 -53.51
CA CYS R 54 15.64 63.16 -53.08
C CYS R 54 16.09 62.11 -54.08
N LEU R 55 15.72 62.30 -55.36
CA LEU R 55 16.12 61.36 -56.39
C LEU R 55 17.65 61.32 -56.53
N LYS R 56 18.29 62.49 -56.50
CA LYS R 56 19.74 62.53 -56.63
C LYS R 56 20.42 61.83 -55.47
N ASP R 57 19.95 62.05 -54.23
CA ASP R 57 20.55 61.40 -53.08
C ASP R 57 20.33 59.91 -53.11
N LEU R 58 19.18 59.46 -53.61
CA LEU R 58 18.95 58.03 -53.78
C LEU R 58 19.93 57.43 -54.78
N LYS R 59 20.15 58.14 -55.90
CA LYS R 59 21.17 57.74 -56.87
C LYS R 59 22.55 57.66 -56.21
N ARG R 60 22.85 58.63 -55.35
CA ARG R 60 24.13 58.62 -54.63
C ARG R 60 24.20 57.43 -53.68
N TRP R 61 23.08 57.08 -53.05
CA TRP R 61 23.07 55.93 -52.15
C TRP R 61 23.40 54.65 -52.90
N PHE R 62 22.91 54.52 -54.13
CA PHE R 62 23.33 53.39 -54.96
C PHE R 62 24.81 53.49 -55.32
N LYS R 63 25.20 54.57 -56.01
CA LYS R 63 26.51 54.61 -56.66
C LYS R 63 27.64 54.87 -55.67
N LEU R 64 27.52 55.93 -54.86
CA LEU R 64 28.60 56.37 -53.99
C LEU R 64 28.80 55.50 -52.76
N VAL R 65 27.81 54.69 -52.37
CA VAL R 65 27.87 53.91 -51.14
C VAL R 65 27.81 52.42 -51.44
N ASP R 66 26.71 51.97 -52.05
CA ASP R 66 26.48 50.53 -52.20
C ASP R 66 27.49 49.91 -53.16
N ASP R 67 27.72 50.55 -54.30
CA ASP R 67 28.72 50.05 -55.25
C ASP R 67 30.12 50.08 -54.65
N GLN R 68 30.45 51.16 -53.93
CA GLN R 68 31.78 51.28 -53.37
C GLN R 68 32.01 50.28 -52.24
N GLN R 69 30.94 49.86 -51.55
CA GLN R 69 31.02 48.85 -50.50
C GLN R 69 30.57 47.47 -50.96
N LYS R 70 29.94 47.36 -52.14
CA LYS R 70 29.55 46.07 -52.74
C LYS R 70 28.61 45.29 -51.81
N ARG R 71 27.41 45.86 -51.62
CA ARG R 71 26.48 45.41 -50.59
C ARG R 71 25.21 44.79 -51.14
N TRP R 72 24.46 45.52 -51.97
CA TRP R 72 23.04 45.32 -52.28
C TRP R 72 22.13 45.58 -51.08
N ASP R 73 22.64 46.16 -49.99
CA ASP R 73 21.79 46.51 -48.85
C ASP R 73 20.83 47.64 -49.21
N VAL R 74 21.30 48.62 -49.97
CA VAL R 74 20.46 49.75 -50.36
C VAL R 74 19.26 49.28 -51.17
N ALA R 75 19.49 48.35 -52.09
CA ALA R 75 18.40 47.75 -52.85
C ALA R 75 17.42 47.03 -51.93
N MET R 76 17.92 46.38 -50.89
CA MET R 76 17.02 45.76 -49.93
C MET R 76 16.16 46.80 -49.22
N ALA R 77 16.75 47.96 -48.89
CA ALA R 77 15.97 49.03 -48.27
C ALA R 77 14.88 49.54 -49.20
N VAL R 78 15.22 49.83 -50.46
CA VAL R 78 14.20 50.38 -51.35
C VAL R 78 13.13 49.33 -51.64
N ALA R 79 13.51 48.05 -51.65
CA ALA R 79 12.52 46.99 -51.79
C ALA R 79 11.62 46.90 -50.55
N GLU R 80 12.19 47.10 -49.36
CA GLU R 80 11.40 47.13 -48.14
C GLU R 80 10.33 48.22 -48.22
N TYR R 81 10.72 49.41 -48.67
CA TYR R 81 9.78 50.53 -48.75
C TYR R 81 9.12 50.68 -50.12
N ARG R 82 9.30 49.71 -51.03
CA ARG R 82 8.45 49.55 -52.21
C ARG R 82 8.43 50.80 -53.09
N ILE R 83 9.61 51.38 -53.32
CA ILE R 83 9.68 52.69 -53.96
C ILE R 83 9.23 52.60 -55.43
N LEU R 84 9.73 51.58 -56.15
CA LEU R 84 9.40 51.39 -57.56
C LEU R 84 7.88 51.29 -57.77
N THR R 85 7.24 50.35 -57.09
CA THR R 85 5.83 50.10 -57.33
C THR R 85 4.96 51.27 -56.90
N ASP R 86 5.37 51.99 -55.86
CA ASP R 86 4.51 52.97 -55.21
C ASP R 86 4.63 54.37 -55.81
N ASP R 87 5.86 54.83 -56.11
CA ASP R 87 6.08 56.22 -56.49
C ASP R 87 6.57 56.39 -57.93
N LEU R 88 7.58 55.63 -58.34
CA LEU R 88 8.22 55.90 -59.63
C LEU R 88 7.26 55.64 -60.79
N LEU R 89 6.54 54.52 -60.77
CA LEU R 89 5.63 54.24 -61.89
C LEU R 89 4.50 55.25 -61.99
N PRO R 90 3.76 55.61 -60.92
CA PRO R 90 2.75 56.66 -61.10
C PRO R 90 3.32 58.02 -61.50
N ILE R 91 4.53 58.38 -61.04
CA ILE R 91 5.15 59.64 -61.48
C ILE R 91 5.35 59.61 -62.99
N LEU R 92 5.97 58.54 -63.50
CA LEU R 92 6.22 58.44 -64.93
C LEU R 92 4.93 58.38 -65.73
N ILE R 93 3.94 57.63 -65.24
CA ILE R 93 2.71 57.44 -65.99
C ILE R 93 1.90 58.73 -66.01
N ASP R 94 1.90 59.48 -64.91
CA ASP R 94 1.24 60.77 -64.89
C ASP R 94 1.88 61.73 -65.87
N TRP R 95 3.22 61.75 -65.90
CA TRP R 95 3.91 62.58 -66.90
C TRP R 95 3.53 62.18 -68.31
N GLU R 96 3.53 60.87 -68.58
CA GLU R 96 3.20 60.36 -69.91
C GLU R 96 1.78 60.72 -70.31
N ASN R 97 0.81 60.53 -69.40
CA ASN R 97 -0.58 60.77 -69.75
C ASN R 97 -0.87 62.26 -69.91
N LYS R 98 -0.27 63.11 -69.06
CA LYS R 98 -0.39 64.55 -69.22
C LYS R 98 0.13 64.99 -70.58
N CYS R 99 1.36 64.60 -70.92
CA CYS R 99 1.92 64.99 -72.21
C CYS R 99 1.15 64.35 -73.36
N SER R 100 0.59 63.15 -73.14
CA SER R 100 -0.21 62.50 -74.17
C SER R 100 -1.45 63.32 -74.49
N LEU R 101 -2.21 63.72 -73.47
CA LEU R 101 -3.39 64.55 -73.69
C LEU R 101 -3.02 65.88 -74.37
N ALA R 102 -1.92 66.50 -73.91
CA ALA R 102 -1.45 67.73 -74.54
C ALA R 102 -1.14 67.50 -76.02
N ALA R 103 -0.60 66.32 -76.35
CA ALA R 103 -0.37 65.98 -77.75
C ALA R 103 -1.66 65.72 -78.50
N LYS R 104 -2.68 65.16 -77.83
CA LYS R 104 -3.99 64.97 -78.47
C LYS R 104 -4.55 66.30 -78.92
N LEU R 105 -4.46 67.33 -78.08
CA LEU R 105 -4.97 68.64 -78.46
C LEU R 105 -4.21 69.20 -79.66
N ALA R 106 -2.87 69.15 -79.61
CA ALA R 106 -2.02 69.54 -80.74
C ALA R 106 -2.26 70.97 -81.19
N ASN R 117 9.06 75.82 -66.58
CA ASN R 117 8.73 74.88 -65.50
C ASN R 117 8.30 73.52 -66.05
N LYS R 118 7.83 73.49 -67.30
CA LYS R 118 7.50 72.21 -67.94
C LYS R 118 8.76 71.37 -68.14
N ALA R 119 9.90 72.03 -68.35
CA ALA R 119 11.17 71.34 -68.38
C ALA R 119 11.43 70.57 -67.10
N TYR R 120 10.99 71.10 -65.95
CA TYR R 120 11.17 70.42 -64.67
C TYR R 120 10.42 69.09 -64.62
N TYR R 121 9.18 69.08 -65.14
CA TYR R 121 8.44 67.83 -65.31
C TYR R 121 9.26 66.84 -66.13
N ASP R 122 9.84 67.31 -67.24
CA ASP R 122 10.64 66.40 -68.07
C ASP R 122 11.88 65.88 -67.34
N LYS R 123 12.51 66.73 -66.52
CA LYS R 123 13.65 66.30 -65.71
C LYS R 123 13.25 65.18 -64.76
N ILE R 124 12.11 65.32 -64.09
CA ILE R 124 11.68 64.30 -63.15
C ILE R 124 11.41 62.99 -63.89
N ALA R 125 10.88 63.07 -65.12
CA ALA R 125 10.68 61.87 -65.92
C ALA R 125 12.00 61.13 -66.17
N LEU R 126 13.02 61.87 -66.61
CA LEU R 126 14.33 61.26 -66.88
C LEU R 126 14.89 60.60 -65.62
N ASN R 127 14.88 61.32 -64.49
CA ASN R 127 15.53 60.81 -63.31
C ASN R 127 14.73 59.68 -62.65
N CYS R 128 13.44 59.54 -62.95
CA CYS R 128 12.72 58.34 -62.53
C CYS R 128 13.08 57.13 -63.39
N LEU R 129 13.21 57.32 -64.72
CA LEU R 129 13.54 56.19 -65.59
C LEU R 129 14.91 55.61 -65.25
N GLN R 130 15.87 56.47 -64.89
CA GLN R 130 17.20 55.95 -64.60
C GLN R 130 17.20 55.02 -63.40
N LEU R 131 16.45 55.36 -62.35
CA LEU R 131 16.31 54.46 -61.22
C LEU R 131 15.62 53.17 -61.62
N LEU R 132 14.62 53.25 -62.51
CA LEU R 132 13.97 52.04 -62.99
C LEU R 132 14.97 51.11 -63.67
N VAL R 133 15.88 51.66 -64.48
CA VAL R 133 16.90 50.82 -65.10
C VAL R 133 17.82 50.24 -64.03
N LEU R 134 18.18 51.05 -63.02
CA LEU R 134 19.16 50.60 -62.04
C LEU R 134 18.64 49.44 -61.20
N MET R 135 17.41 49.54 -60.69
CA MET R 135 16.90 48.52 -59.77
C MET R 135 16.71 47.17 -60.46
N THR R 136 16.22 47.18 -61.70
CA THR R 136 15.96 45.95 -62.44
C THR R 136 17.19 45.41 -63.15
N TRP R 137 18.38 45.94 -62.86
CA TRP R 137 19.60 45.50 -63.51
C TRP R 137 19.88 44.03 -63.16
N PRO R 138 20.27 43.18 -64.12
CA PRO R 138 20.42 41.76 -63.80
C PRO R 138 21.61 41.48 -62.90
N LEU R 139 21.57 40.31 -62.27
CA LEU R 139 22.41 39.99 -61.13
C LEU R 139 23.49 38.99 -61.51
N ILE R 140 24.71 39.23 -61.02
CA ILE R 140 25.87 38.39 -61.27
C ILE R 140 26.52 38.06 -59.92
N VAL R 141 26.96 36.80 -59.79
CA VAL R 141 27.62 36.32 -58.58
C VAL R 141 28.90 35.58 -58.98
N THR R 142 30.00 35.88 -58.30
CA THR R 142 31.30 35.27 -58.55
C THR R 142 31.96 34.95 -57.21
N GLU R 143 33.18 34.44 -57.28
CA GLU R 143 34.00 34.26 -56.08
C GLU R 143 34.65 35.57 -55.62
N GLN R 144 34.46 36.68 -56.34
CA GLN R 144 34.97 37.98 -55.96
C GLN R 144 33.86 38.90 -55.45
N SER R 145 32.60 38.54 -55.62
CA SER R 145 31.51 39.28 -55.00
C SER R 145 31.64 39.22 -53.49
N SER R 146 31.15 40.26 -52.82
CA SER R 146 31.25 40.32 -51.37
C SER R 146 30.36 39.26 -50.74
N SER R 147 30.68 38.92 -49.48
CA SER R 147 29.82 38.03 -48.72
C SER R 147 28.44 38.62 -48.51
N ASN R 148 28.34 39.96 -48.45
CA ASN R 148 27.04 40.61 -48.35
C ASN R 148 26.17 40.32 -49.57
N GLN R 149 26.74 40.50 -50.77
CA GLN R 149 25.99 40.23 -52.00
C GLN R 149 25.62 38.75 -52.10
N ILE R 150 26.55 37.87 -51.73
CA ILE R 150 26.27 36.43 -51.76
C ILE R 150 25.15 36.09 -50.80
N THR R 151 25.10 36.78 -49.65
CA THR R 151 24.00 36.59 -48.71
C THR R 151 22.68 37.07 -49.32
N LEU R 152 22.69 38.21 -49.99
CA LEU R 152 21.46 38.85 -50.44
C LEU R 152 21.00 38.41 -51.83
N TYR R 153 21.71 37.50 -52.50
CA TYR R 153 21.35 37.13 -53.88
C TYR R 153 19.95 36.54 -53.98
N GLY R 154 19.60 35.60 -53.10
CA GLY R 154 18.37 34.86 -53.27
C GLY R 154 17.10 35.68 -53.11
N GLU R 155 17.14 36.71 -52.27
CA GLU R 155 15.96 37.48 -51.90
C GLU R 155 15.67 38.59 -52.91
N LEU R 156 16.73 39.27 -53.37
CA LEU R 156 16.58 40.30 -54.39
C LEU R 156 16.07 39.71 -55.70
N LYS R 157 16.34 38.42 -55.95
CA LYS R 157 15.74 37.73 -57.09
C LYS R 157 14.21 37.74 -57.00
N LYS R 158 13.68 37.39 -55.83
CA LYS R 158 12.24 37.44 -55.59
C LYS R 158 11.70 38.84 -55.86
N HIS R 159 12.38 39.84 -55.31
CA HIS R 159 11.90 41.22 -55.45
C HIS R 159 11.94 41.69 -56.90
N GLN R 160 12.96 41.28 -57.66
CA GLN R 160 13.01 41.64 -59.08
C GLN R 160 11.94 40.93 -59.89
N LEU R 161 11.57 39.71 -59.50
CA LEU R 161 10.42 39.06 -60.13
C LEU R 161 9.15 39.89 -59.90
N VAL R 162 8.97 40.39 -58.68
CA VAL R 162 7.84 41.28 -58.39
C VAL R 162 7.90 42.52 -59.28
N TYR R 163 9.10 43.06 -59.48
CA TYR R 163 9.26 44.23 -60.35
C TYR R 163 8.79 43.94 -61.77
N LYS R 164 9.20 42.79 -62.32
CA LYS R 164 8.80 42.45 -63.69
C LYS R 164 7.28 42.37 -63.82
N LYS R 165 6.63 41.66 -62.88
CA LYS R 165 5.18 41.55 -62.91
C LYS R 165 4.52 42.93 -62.85
N THR R 166 4.95 43.76 -61.89
CA THR R 166 4.32 45.06 -61.70
C THR R 166 4.50 45.96 -62.91
N ILE R 167 5.70 45.97 -63.50
CA ILE R 167 5.96 46.85 -64.64
C ILE R 167 5.10 46.42 -65.82
N LEU R 168 4.97 45.11 -66.05
CA LEU R 168 4.12 44.68 -67.16
C LEU R 168 2.63 44.86 -66.88
N SER R 169 2.23 45.00 -65.61
CA SER R 169 0.80 45.02 -65.28
C SER R 169 0.14 46.39 -65.41
N MET R 170 0.83 47.47 -65.01
CA MET R 170 0.15 48.75 -64.71
C MET R 170 -0.48 49.37 -65.96
N GLU R 171 -1.80 49.59 -65.89
CA GLU R 171 -2.63 50.06 -67.02
C GLU R 171 -2.36 49.24 -68.28
N SER R 172 -2.20 47.93 -68.11
CA SER R 172 -1.76 47.05 -69.19
C SER R 172 -0.41 47.51 -69.75
N GLY R 173 0.49 47.89 -68.84
CA GLY R 173 1.87 48.17 -69.20
C GLY R 173 2.17 49.55 -69.77
N LYS R 174 1.41 50.58 -69.37
CA LYS R 174 1.51 51.87 -70.04
C LYS R 174 2.83 52.59 -69.79
N VAL R 175 3.56 52.23 -68.72
CA VAL R 175 4.85 52.88 -68.44
C VAL R 175 5.84 52.69 -69.58
N LEU R 176 5.72 51.59 -70.33
CA LEU R 176 6.62 51.37 -71.46
C LEU R 176 6.45 52.42 -72.55
N ARG R 177 5.28 53.06 -72.64
CA ARG R 177 5.10 54.14 -73.62
C ARG R 177 5.90 55.39 -73.25
N ALA R 178 6.06 55.66 -71.96
CA ALA R 178 6.87 56.80 -71.53
C ALA R 178 8.31 56.65 -71.99
N ALA R 179 8.87 55.45 -71.86
CA ALA R 179 10.27 55.22 -72.18
C ALA R 179 10.56 55.47 -73.66
N ILE R 180 9.63 55.08 -74.54
CA ILE R 180 9.88 55.29 -75.97
C ILE R 180 9.60 56.74 -76.34
N ARG R 181 8.76 57.45 -75.59
CA ARG R 181 8.61 58.89 -75.83
C ARG R 181 9.89 59.64 -75.48
N LEU R 182 10.56 59.22 -74.39
CA LEU R 182 11.88 59.78 -74.10
C LEU R 182 12.85 59.50 -75.24
N ALA R 183 12.77 58.31 -75.84
CA ALA R 183 13.59 58.05 -77.04
C ALA R 183 13.18 58.96 -78.20
N LEU R 184 11.88 59.14 -78.40
CA LEU R 184 11.38 59.94 -79.52
C LEU R 184 11.86 61.38 -79.45
N ASP R 185 12.06 61.90 -78.24
CA ASP R 185 12.61 63.25 -78.13
C ASP R 185 14.01 63.35 -78.73
N VAL R 186 14.77 62.26 -78.70
CA VAL R 186 16.14 62.23 -79.23
C VAL R 186 16.23 61.67 -80.65
N ILE R 187 15.20 60.95 -81.11
CA ILE R 187 15.05 60.69 -82.55
C ILE R 187 14.84 61.99 -83.31
N LYS R 188 14.32 63.02 -82.64
CA LYS R 188 13.61 64.13 -83.29
C LYS R 188 14.48 64.88 -84.29
N ILE R 189 15.64 65.35 -83.86
CA ILE R 189 16.45 66.30 -84.63
C ILE R 189 17.75 65.64 -85.06
N ASP R 190 18.42 66.29 -86.02
CA ASP R 190 19.44 65.65 -86.86
C ASP R 190 20.61 65.14 -86.04
N ARG R 191 21.21 64.04 -86.52
CA ARG R 191 22.37 63.43 -85.86
C ARG R 191 23.52 64.43 -85.71
N LEU R 192 23.66 65.31 -86.69
CA LEU R 192 24.72 66.31 -86.70
C LEU R 192 24.69 67.20 -85.47
N SER R 193 23.52 67.36 -84.84
CA SER R 193 23.36 68.16 -83.63
C SER R 193 23.56 67.38 -82.34
N ARG R 194 23.54 66.04 -82.38
CA ARG R 194 23.26 65.25 -81.17
C ARG R 194 24.53 65.07 -80.34
N THR R 195 24.56 65.81 -79.22
CA THR R 195 25.54 65.82 -78.14
C THR R 195 25.74 64.42 -77.54
N PRO R 196 26.89 64.11 -76.92
CA PRO R 196 27.02 62.79 -76.26
C PRO R 196 25.97 62.50 -75.19
N ARG R 197 25.68 63.48 -74.32
CA ARG R 197 24.63 63.32 -73.33
C ARG R 197 23.29 63.03 -73.99
N ASP R 198 23.06 63.58 -75.17
CA ASP R 198 21.85 63.28 -75.92
C ASP R 198 21.81 61.81 -76.31
N ASN R 199 22.93 61.28 -76.80
CA ASN R 199 22.99 59.87 -77.24
C ASN R 199 22.84 58.89 -76.07
N MET R 200 23.22 59.31 -74.86
CA MET R 200 23.09 58.40 -73.72
C MET R 200 21.63 58.02 -73.47
N VAL R 201 20.68 58.91 -73.80
CA VAL R 201 19.26 58.59 -73.67
C VAL R 201 18.90 57.42 -74.59
N LEU R 202 19.36 57.48 -75.84
CA LEU R 202 18.99 56.45 -76.81
C LEU R 202 19.61 55.11 -76.46
N LYS R 203 20.78 55.12 -75.80
CA LYS R 203 21.28 53.85 -75.26
C LYS R 203 20.43 53.37 -74.09
N LEU R 204 20.01 54.31 -73.23
CA LEU R 204 19.33 53.95 -71.98
C LEU R 204 17.98 53.28 -72.24
N VAL R 205 17.26 53.75 -73.24
CA VAL R 205 15.88 53.27 -73.44
C VAL R 205 15.88 51.79 -73.86
N LEU R 206 16.87 51.37 -74.65
CA LEU R 206 16.99 49.95 -74.99
C LEU R 206 17.58 49.13 -73.85
N ASN R 207 18.48 49.74 -73.07
CA ASN R 207 19.01 49.06 -71.90
C ASN R 207 17.89 48.70 -70.92
N PHE R 208 16.83 49.51 -70.88
CA PHE R 208 15.64 49.18 -70.08
C PHE R 208 14.99 47.88 -70.57
N PHE R 209 14.70 47.78 -71.87
CA PHE R 209 13.96 46.63 -72.39
C PHE R 209 14.75 45.34 -72.22
N ARG R 210 16.09 45.43 -72.31
CA ARG R 210 16.89 44.22 -72.07
C ARG R 210 16.67 43.67 -70.68
N ASN R 211 16.61 44.55 -69.66
CA ASN R 211 16.40 44.06 -68.30
C ASN R 211 14.99 43.53 -68.12
N VAL R 212 13.99 44.18 -68.73
CA VAL R 212 12.62 43.71 -68.55
C VAL R 212 12.45 42.32 -69.17
N ILE R 213 13.12 42.06 -70.30
CA ILE R 213 13.05 40.72 -70.87
C ILE R 213 13.85 39.73 -70.04
N ALA R 214 14.99 40.15 -69.50
CA ALA R 214 15.95 39.20 -68.92
C ALA R 214 15.52 38.63 -67.58
N ILE R 215 14.68 39.32 -66.82
CA ILE R 215 14.30 38.84 -65.50
C ILE R 215 13.37 37.65 -65.64
N GLU R 216 13.69 36.57 -64.93
CA GLU R 216 12.99 35.30 -65.07
C GLU R 216 13.14 34.53 -63.77
N PRO R 217 12.46 33.39 -63.60
CA PRO R 217 12.49 32.68 -62.32
C PRO R 217 13.89 32.27 -61.87
N GLY R 218 14.08 32.24 -60.56
CA GLY R 218 15.41 32.12 -59.98
C GLY R 218 16.01 30.73 -60.12
N GLU R 219 17.31 30.68 -59.86
CA GLU R 219 18.09 29.44 -59.84
C GLU R 219 18.55 29.19 -58.41
N PHE R 220 18.24 28.00 -57.90
CA PHE R 220 18.55 27.67 -56.52
C PHE R 220 20.06 27.44 -56.35
N THR R 221 20.61 28.01 -55.27
CA THR R 221 22.03 27.94 -54.99
C THR R 221 22.25 27.79 -53.49
N ILE R 222 23.17 26.91 -53.10
CA ILE R 222 23.48 26.65 -51.70
C ILE R 222 24.98 26.43 -51.53
N ASN R 223 25.42 26.58 -50.29
CA ASN R 223 26.81 26.28 -49.93
C ASN R 223 26.98 24.77 -49.80
N THR R 224 28.04 24.24 -50.40
CA THR R 224 28.29 22.79 -50.39
C THR R 224 28.99 22.36 -49.11
N LYS R 225 28.29 22.58 -47.98
CA LYS R 225 28.80 22.19 -46.68
C LYS R 225 28.40 20.76 -46.33
N LYS R 226 27.18 20.37 -46.68
CA LYS R 226 26.63 19.07 -46.34
C LYS R 226 25.72 18.62 -47.46
N SER R 227 25.59 17.31 -47.63
CA SER R 227 24.91 16.71 -48.77
C SER R 227 23.41 16.50 -48.54
N MET R 228 22.85 17.08 -47.47
CA MET R 228 21.43 16.89 -47.12
C MET R 228 21.10 15.40 -46.95
N ASP R 237 11.44 25.84 -55.08
CA ASP R 237 10.77 27.00 -55.68
C ASP R 237 11.16 28.27 -54.92
N THR R 238 11.19 29.39 -55.65
CA THR R 238 11.52 30.68 -55.07
C THR R 238 10.60 31.81 -55.54
N LEU R 239 9.52 31.50 -56.26
CA LEU R 239 8.56 32.54 -56.60
C LEU R 239 7.83 32.96 -55.33
N PRO R 240 7.76 34.26 -55.00
CA PRO R 240 7.07 34.65 -53.76
C PRO R 240 5.58 34.40 -53.87
N PRO R 241 4.83 34.57 -52.77
CA PRO R 241 3.39 34.27 -52.82
C PRO R 241 2.59 35.12 -53.81
N ASN R 242 3.07 36.30 -54.18
CA ASN R 242 2.34 37.22 -55.02
C ASN R 242 2.62 37.05 -56.51
N VAL R 243 3.40 36.04 -56.90
CA VAL R 243 3.89 35.87 -58.27
C VAL R 243 3.52 34.49 -58.76
N SER R 244 3.18 34.38 -60.05
CA SER R 244 2.87 33.10 -60.68
C SER R 244 3.51 33.08 -62.06
N MET R 245 3.48 31.90 -62.69
CA MET R 245 4.19 31.70 -63.95
C MET R 245 3.60 32.56 -65.07
N ASP R 246 2.26 32.59 -65.17
CA ASP R 246 1.63 33.34 -66.27
C ASP R 246 1.92 34.83 -66.19
N ASP R 247 2.20 35.34 -64.99
CA ASP R 247 2.70 36.71 -64.88
C ASP R 247 4.05 36.86 -65.57
N ILE R 248 4.90 35.84 -65.46
CA ILE R 248 6.33 35.95 -65.78
C ILE R 248 6.69 35.37 -67.14
N SER R 249 5.79 34.62 -67.78
CA SER R 249 6.13 33.94 -69.03
C SER R 249 6.38 34.93 -70.16
N LEU R 250 7.13 34.46 -71.15
CA LEU R 250 7.48 35.28 -72.32
C LEU R 250 6.23 35.69 -73.09
N ASN R 251 5.23 34.80 -73.13
CA ASN R 251 3.95 35.06 -73.77
C ASN R 251 3.31 36.37 -73.29
N THR R 252 3.29 36.56 -71.96
CA THR R 252 2.85 37.82 -71.38
C THR R 252 3.66 39.00 -71.90
N VAL R 253 4.97 38.79 -72.08
CA VAL R 253 5.84 39.88 -72.54
C VAL R 253 5.50 40.24 -73.98
N ILE R 254 5.20 39.24 -74.82
CA ILE R 254 4.83 39.51 -76.21
C ILE R 254 3.55 40.34 -76.25
N SER R 255 2.55 39.94 -75.47
CA SER R 255 1.28 40.69 -75.45
C SER R 255 1.50 42.11 -74.96
N SER R 256 2.21 42.26 -73.84
CA SER R 256 2.45 43.57 -73.24
C SER R 256 3.21 44.49 -74.20
N PHE R 257 4.21 43.94 -74.88
CA PHE R 257 4.97 44.74 -75.83
C PHE R 257 4.10 45.18 -77.01
N HIS R 258 3.27 44.27 -77.54
CA HIS R 258 2.49 44.63 -78.72
C HIS R 258 1.48 45.73 -78.41
N LYS R 259 0.76 45.62 -77.28
CA LYS R 259 -0.26 46.63 -77.01
C LYS R 259 0.36 48.00 -76.75
N ASN R 260 1.53 48.05 -76.13
CA ASN R 260 2.21 49.29 -75.79
C ASN R 260 3.19 49.77 -76.86
N LYS R 261 3.14 49.22 -78.07
CA LYS R 261 3.75 49.82 -79.26
C LYS R 261 5.28 49.79 -79.22
N VAL R 262 5.86 48.67 -78.80
CA VAL R 262 7.32 48.54 -78.74
C VAL R 262 7.90 48.00 -80.05
N PHE R 263 7.24 47.00 -80.66
CA PHE R 263 7.83 46.30 -81.81
C PHE R 263 8.05 47.25 -82.98
N GLY R 264 7.14 48.21 -83.18
CA GLY R 264 7.38 49.22 -84.19
C GLY R 264 8.63 50.04 -83.92
N PHE R 265 8.87 50.38 -82.64
CA PHE R 265 10.03 51.17 -82.27
C PHE R 265 11.33 50.43 -82.57
N LEU R 266 11.42 49.17 -82.14
CA LEU R 266 12.60 48.37 -82.44
C LEU R 266 12.78 48.16 -83.95
N LEU R 267 11.68 47.88 -84.66
CA LEU R 267 11.77 47.61 -86.09
C LEU R 267 12.24 48.84 -86.87
N THR R 268 11.67 50.01 -86.56
CA THR R 268 12.08 51.21 -87.28
C THR R 268 13.48 51.65 -86.88
N LEU R 269 13.90 51.36 -85.64
CA LEU R 269 15.24 51.78 -85.21
C LEU R 269 16.32 50.89 -85.82
N THR R 270 16.09 49.58 -85.92
CA THR R 270 17.12 48.69 -86.46
C THR R 270 17.26 48.81 -87.96
N SER R 271 16.16 49.08 -88.66
CA SER R 271 16.16 49.01 -90.12
C SER R 271 16.90 50.20 -90.73
N SER R 272 16.67 51.39 -90.20
CA SER R 272 17.35 52.61 -90.64
C SER R 272 18.65 52.86 -89.88
N LEU R 273 19.23 51.83 -89.29
CA LEU R 273 20.46 51.99 -88.51
C LEU R 273 21.62 52.45 -89.38
N SER R 274 21.65 52.02 -90.66
CA SER R 274 22.79 52.32 -91.52
C SER R 274 22.95 53.81 -91.76
N LYS R 275 21.84 54.56 -91.77
CA LYS R 275 21.88 55.97 -92.15
C LYS R 275 22.08 56.84 -90.91
N GLU R 276 23.32 56.77 -90.42
CA GLU R 276 23.98 57.83 -89.68
C GLU R 276 23.45 57.98 -88.26
N PHE R 277 22.55 57.11 -87.81
CA PHE R 277 22.50 56.84 -86.37
C PHE R 277 23.89 56.34 -86.01
N ASP R 278 24.53 56.97 -85.02
CA ASP R 278 25.89 56.58 -84.69
C ASP R 278 25.88 55.13 -84.21
N GLN R 279 26.43 54.24 -85.06
CA GLN R 279 26.27 52.80 -84.85
C GLN R 279 26.84 52.33 -83.52
N ASP R 280 27.81 53.07 -82.97
CA ASP R 280 28.54 52.60 -81.81
C ASP R 280 27.67 52.53 -80.55
N PHE R 281 26.68 53.41 -80.42
CA PHE R 281 25.91 53.49 -79.18
C PHE R 281 24.76 52.47 -79.10
N ILE R 282 24.29 51.94 -80.23
CA ILE R 282 23.01 51.24 -80.27
C ILE R 282 23.19 49.73 -80.46
N ASN R 283 24.16 49.30 -81.27
CA ASN R 283 24.01 47.99 -81.92
C ASN R 283 24.29 46.79 -81.01
N ILE R 284 25.03 46.94 -79.92
CA ILE R 284 25.30 45.81 -79.01
C ILE R 284 24.09 45.58 -78.09
N PRO R 285 23.51 46.62 -77.46
CA PRO R 285 22.24 46.40 -76.75
C PRO R 285 21.13 45.86 -77.65
N LEU R 286 21.07 46.34 -78.89
CA LEU R 286 20.11 45.84 -79.86
C LEU R 286 20.43 44.43 -80.32
N LEU R 287 21.68 43.96 -80.12
CA LEU R 287 21.96 42.53 -80.25
C LEU R 287 21.43 41.76 -79.05
N GLU R 288 21.61 42.33 -77.86
CA GLU R 288 21.23 41.64 -76.63
C GLU R 288 19.73 41.39 -76.56
N ILE R 289 18.92 42.33 -77.06
CA ILE R 289 17.47 42.13 -77.07
C ILE R 289 17.11 40.89 -77.92
N MET R 290 17.66 40.83 -79.14
CA MET R 290 17.32 39.74 -80.05
C MET R 290 17.78 38.40 -79.51
N PHE R 291 18.92 38.38 -78.81
CA PHE R 291 19.26 37.15 -78.09
C PHE R 291 18.25 36.86 -77.00
N TYR R 292 17.80 37.89 -76.28
CA TYR R 292 17.06 37.66 -75.04
C TYR R 292 15.58 37.34 -75.26
N PHE R 293 15.04 37.37 -76.49
CA PHE R 293 13.82 36.58 -76.69
C PHE R 293 13.81 35.81 -78.03
N THR R 294 14.97 35.33 -78.47
CA THR R 294 15.07 34.13 -79.28
C THR R 294 15.42 32.89 -78.45
N LYS R 295 15.91 33.09 -77.23
CA LYS R 295 16.62 32.07 -76.45
C LYS R 295 15.83 30.77 -76.28
N ASP R 296 14.54 30.88 -75.97
CA ASP R 296 13.73 29.73 -75.54
C ASP R 296 12.60 29.46 -76.51
N VAL R 297 12.92 29.43 -77.80
CA VAL R 297 11.97 29.07 -78.86
C VAL R 297 12.63 28.05 -79.78
N ASN R 298 11.89 27.00 -80.10
CA ASN R 298 12.20 26.12 -81.21
C ASN R 298 11.43 26.59 -82.43
N GLN R 299 12.09 26.56 -83.60
CA GLN R 299 11.50 27.16 -84.78
C GLN R 299 10.33 26.35 -85.30
N GLU R 300 10.32 25.04 -85.07
CA GLU R 300 9.23 24.20 -85.53
C GLU R 300 7.92 24.58 -84.85
N LEU R 301 7.98 25.10 -83.63
CA LEU R 301 6.76 25.51 -82.93
C LEU R 301 6.05 26.66 -83.62
N LEU R 302 6.77 27.47 -84.42
CA LEU R 302 6.18 28.60 -85.11
C LEU R 302 5.59 28.24 -86.47
N PHE R 303 5.74 26.99 -86.93
CA PHE R 303 5.17 26.50 -88.18
C PHE R 303 4.33 25.25 -87.87
N PRO R 304 3.07 25.14 -88.33
CA PRO R 304 2.27 23.97 -87.93
C PRO R 304 2.81 22.63 -88.42
N ARG R 305 3.55 22.61 -89.52
CA ARG R 305 3.95 21.36 -90.19
C ARG R 305 2.69 20.56 -90.53
N THR R 329 -9.67 21.84 -83.14
CA THR R 329 -9.82 20.40 -82.98
C THR R 329 -8.47 19.65 -83.07
N SER R 330 -7.45 20.31 -83.64
CA SER R 330 -6.14 19.68 -83.80
C SER R 330 -5.55 19.30 -82.45
N ALA R 331 -5.68 20.18 -81.46
CA ALA R 331 -5.18 19.90 -80.11
C ALA R 331 -5.81 18.65 -79.53
N GLY R 332 -7.15 18.53 -79.64
CA GLY R 332 -7.83 17.36 -79.14
C GLY R 332 -7.43 16.09 -79.88
N PHE R 333 -7.24 16.20 -81.20
CA PHE R 333 -6.81 15.06 -82.01
C PHE R 333 -5.45 14.53 -81.55
N GLU R 334 -4.47 15.43 -81.42
CA GLU R 334 -3.15 14.98 -80.98
C GLU R 334 -3.18 14.50 -79.53
N LEU R 335 -4.05 15.09 -78.70
CA LEU R 335 -4.23 14.59 -77.34
C LEU R 335 -4.73 13.16 -77.33
N SER R 336 -5.70 12.84 -78.18
CA SER R 336 -6.20 11.47 -78.27
C SER R 336 -5.11 10.52 -78.71
N LYS R 337 -4.31 10.93 -79.71
CA LYS R 337 -3.19 10.10 -80.15
C LYS R 337 -2.19 9.86 -79.02
N LEU R 338 -1.91 10.91 -78.24
CA LEU R 338 -1.03 10.76 -77.09
C LEU R 338 -1.61 9.81 -76.05
N LEU R 339 -2.93 9.83 -75.88
CA LEU R 339 -3.56 8.86 -74.98
C LEU R 339 -3.40 7.44 -75.49
N GLN R 340 -3.40 7.25 -76.82
CA GLN R 340 -3.07 5.93 -77.34
C GLN R 340 -1.66 5.52 -76.94
N LYS R 341 -0.71 6.45 -77.03
CA LYS R 341 0.67 6.14 -76.60
C LYS R 341 0.71 5.78 -75.11
N GLU R 342 -0.05 6.52 -74.30
CA GLU R 342 -0.15 6.21 -72.87
C GLU R 342 -0.70 4.80 -72.66
N HIS R 343 -1.69 4.41 -73.45
CA HIS R 343 -2.22 3.05 -73.37
C HIS R 343 -1.16 2.02 -73.72
N GLN R 344 -0.30 2.31 -74.70
CA GLN R 344 0.78 1.39 -75.02
C GLN R 344 1.74 1.22 -73.84
N MET R 345 2.08 2.32 -73.17
CA MET R 345 2.94 2.20 -71.98
C MET R 345 2.25 1.39 -70.88
N ARG R 346 0.96 1.63 -70.67
CA ARG R 346 0.19 0.85 -69.71
C ARG R 346 0.20 -0.63 -70.06
N LYS R 347 0.08 -0.95 -71.35
CA LYS R 347 0.17 -2.32 -71.81
C LYS R 347 1.53 -2.93 -71.50
N ASN R 348 2.59 -2.13 -71.67
CA ASN R 348 3.93 -2.61 -71.34
C ASN R 348 4.04 -2.97 -69.85
N VAL R 349 3.44 -2.14 -68.98
CA VAL R 349 3.48 -2.48 -67.55
C VAL R 349 2.65 -3.73 -67.28
N ILE R 350 1.52 -3.88 -67.97
CA ILE R 350 0.63 -5.03 -67.72
C ILE R 350 1.31 -6.34 -68.10
N LYS R 351 2.11 -6.33 -69.16
CA LYS R 351 2.74 -7.56 -69.63
C LYS R 351 3.76 -8.11 -68.63
N HIS R 352 4.21 -7.30 -67.67
CA HIS R 352 5.10 -7.74 -66.59
C HIS R 352 4.39 -7.85 -65.25
N THR R 353 3.05 -7.90 -65.25
CA THR R 353 2.24 -7.91 -64.03
C THR R 353 1.64 -9.29 -63.85
N SER R 354 1.75 -9.83 -62.64
CA SER R 354 1.21 -11.15 -62.34
C SER R 354 -0.30 -11.09 -62.21
N ALA R 355 -0.95 -12.23 -62.46
CA ALA R 355 -2.40 -12.30 -62.32
C ALA R 355 -2.81 -12.38 -60.85
N ARG R 356 -2.27 -13.35 -60.12
CA ARG R 356 -2.63 -13.58 -58.73
C ARG R 356 -1.74 -12.76 -57.81
N HIS R 357 -2.22 -12.60 -56.57
CA HIS R 357 -1.75 -11.53 -55.69
C HIS R 357 -0.32 -11.78 -55.23
N SER R 358 0.21 -10.82 -54.47
CA SER R 358 1.63 -10.69 -54.19
C SER R 358 2.15 -11.67 -53.14
N ARG R 359 1.27 -12.26 -52.34
CA ARG R 359 1.65 -13.26 -51.34
C ARG R 359 1.32 -14.70 -51.77
N PHE R 360 0.67 -14.87 -52.93
CA PHE R 360 0.45 -16.19 -53.49
C PHE R 360 1.75 -16.86 -53.96
N GLY R 361 2.79 -16.08 -54.18
CA GLY R 361 3.92 -16.54 -54.99
C GLY R 361 4.68 -17.72 -54.37
N GLY R 362 5.10 -18.64 -55.23
CA GLY R 362 5.97 -19.74 -54.85
C GLY R 362 7.42 -19.35 -54.93
N LEU R 363 8.27 -20.38 -55.13
CA LEU R 363 9.71 -20.22 -55.24
C LEU R 363 10.23 -21.02 -56.42
N LEU R 364 11.32 -20.53 -57.02
CA LEU R 364 11.95 -21.13 -58.19
C LEU R 364 13.42 -21.40 -57.92
N SER R 365 13.92 -22.50 -58.48
CA SER R 365 15.34 -22.84 -58.47
C SER R 365 15.80 -23.09 -59.90
N ILE R 366 16.94 -22.52 -60.26
CA ILE R 366 17.53 -22.63 -61.59
C ILE R 366 18.92 -23.24 -61.43
N GLN R 367 19.19 -24.31 -62.18
CA GLN R 367 20.45 -25.05 -62.10
C GLN R 367 21.30 -24.72 -63.32
N THR R 368 22.56 -24.40 -63.08
CA THR R 368 23.51 -24.05 -64.13
C THR R 368 24.16 -25.32 -64.69
N PRO R 369 25.00 -25.19 -65.70
CA PRO R 369 26.01 -26.23 -65.93
C PRO R 369 26.93 -26.32 -64.73
N ASP R 370 27.50 -27.52 -64.53
CA ASP R 370 28.22 -27.90 -63.32
C ASP R 370 27.30 -28.04 -62.10
N LYS R 371 26.00 -28.17 -62.32
CA LYS R 371 25.03 -28.60 -61.32
C LYS R 371 24.93 -27.66 -60.12
N THR R 372 25.36 -26.41 -60.25
CA THR R 372 25.16 -25.40 -59.21
C THR R 372 23.81 -24.72 -59.42
N ARG R 373 23.16 -24.37 -58.31
CA ARG R 373 21.78 -23.90 -58.30
C ARG R 373 21.66 -22.52 -57.69
N LEU R 374 20.70 -21.76 -58.20
CA LEU R 374 20.35 -20.42 -57.74
C LEU R 374 18.88 -20.43 -57.29
N THR R 375 18.45 -19.33 -56.69
CA THR R 375 17.10 -19.19 -56.18
C THR R 375 16.54 -17.82 -56.52
N VAL R 376 15.32 -17.79 -57.04
CA VAL R 376 14.60 -16.55 -57.31
C VAL R 376 13.13 -16.78 -56.96
N SER R 377 12.45 -15.70 -56.59
CA SER R 377 11.06 -15.70 -56.18
C SER R 377 10.20 -15.04 -57.25
N GLY R 378 8.89 -15.11 -57.05
CA GLY R 378 7.92 -14.50 -57.93
C GLY R 378 7.35 -15.48 -58.93
N SER R 379 6.10 -15.23 -59.33
CA SER R 379 5.39 -16.19 -60.18
C SER R 379 5.81 -16.08 -61.64
N GLN R 380 6.10 -14.87 -62.13
CA GLN R 380 6.49 -14.72 -63.53
C GLN R 380 7.86 -15.34 -63.81
N ALA R 381 8.73 -15.42 -62.80
CA ALA R 381 10.02 -16.06 -62.99
C ALA R 381 9.88 -17.54 -63.34
N LEU R 382 8.77 -18.17 -62.94
CA LEU R 382 8.57 -19.59 -63.23
C LEU R 382 8.55 -19.88 -64.73
N VAL R 383 8.11 -18.92 -65.54
CA VAL R 383 7.82 -19.15 -66.95
C VAL R 383 8.80 -18.42 -67.86
N ASP R 384 9.24 -17.22 -67.48
CA ASP R 384 10.07 -16.36 -68.32
C ASP R 384 11.50 -16.40 -67.82
N GLU R 385 12.37 -17.08 -68.57
CA GLU R 385 13.79 -17.16 -68.19
C GLU R 385 14.50 -15.83 -68.39
N LYS R 386 14.08 -15.05 -69.38
CA LYS R 386 14.69 -13.74 -69.60
C LYS R 386 14.46 -12.84 -68.39
N ILE R 387 13.23 -12.82 -67.89
CA ILE R 387 12.91 -12.01 -66.70
C ILE R 387 13.65 -12.55 -65.50
N ALA R 388 13.78 -13.88 -65.39
CA ALA R 388 14.50 -14.46 -64.25
C ALA R 388 15.97 -14.06 -64.27
N LEU R 389 16.60 -14.11 -65.45
CA LEU R 389 18.00 -13.72 -65.56
C LEU R 389 18.19 -12.24 -65.26
N GLN R 390 17.28 -11.39 -65.74
CA GLN R 390 17.40 -9.96 -65.45
C GLN R 390 17.17 -9.68 -63.97
N LYS R 391 16.18 -10.33 -63.37
CA LYS R 391 15.85 -10.13 -61.97
C LYS R 391 16.96 -10.64 -61.04
N LEU R 392 17.66 -11.69 -61.46
CA LEU R 392 18.75 -12.23 -60.65
C LEU R 392 19.85 -11.20 -60.45
N ASP R 393 20.28 -10.56 -61.55
CA ASP R 393 21.34 -9.57 -61.46
C ASP R 393 20.87 -8.27 -60.82
N ASP R 394 19.57 -7.96 -60.90
CA ASP R 394 19.07 -6.69 -60.41
C ASP R 394 19.17 -6.56 -58.90
N SER R 395 19.22 -7.68 -58.17
CA SER R 395 19.28 -7.61 -56.71
C SER R 395 20.61 -7.09 -56.20
N LYS R 396 21.67 -7.19 -56.99
CA LYS R 396 23.01 -6.92 -56.49
C LYS R 396 23.19 -5.42 -56.26
N LYS R 397 23.91 -5.08 -55.19
CA LYS R 397 23.82 -3.74 -54.60
C LYS R 397 24.64 -2.71 -55.36
N TRP R 398 25.90 -3.02 -55.65
CA TRP R 398 26.88 -2.02 -56.04
C TRP R 398 26.55 -1.40 -57.40
N ASN R 399 26.85 -0.10 -57.52
CA ASN R 399 27.04 0.57 -58.78
C ASN R 399 28.33 1.37 -58.71
N LYS R 400 29.09 1.42 -59.80
CA LYS R 400 30.31 2.20 -59.82
C LYS R 400 29.97 3.68 -59.86
N ARG R 401 30.64 4.47 -59.01
CA ARG R 401 30.36 5.89 -58.98
C ARG R 401 31.04 6.59 -60.16
N ILE R 402 30.55 7.79 -60.47
CA ILE R 402 30.55 8.30 -61.83
C ILE R 402 31.10 9.71 -61.88
N ILE R 403 31.65 10.05 -63.05
CA ILE R 403 32.36 11.29 -63.29
C ILE R 403 31.42 12.24 -64.03
N LYS R 404 31.66 13.54 -63.88
CA LYS R 404 30.92 14.58 -64.60
C LYS R 404 31.86 15.35 -65.53
N ALA R 410 30.09 21.08 -66.82
CA ALA R 410 31.15 21.60 -67.70
C ALA R 410 30.98 23.09 -68.03
N ALA R 411 29.86 23.70 -67.61
CA ALA R 411 29.52 25.07 -67.97
C ALA R 411 28.91 25.78 -66.77
N GLU R 412 29.24 27.06 -66.61
CA GLU R 412 28.67 27.87 -65.54
C GLU R 412 28.83 29.33 -65.89
N GLY R 413 27.99 30.16 -65.27
CA GLY R 413 28.15 31.59 -65.30
C GLY R 413 27.30 32.31 -66.32
N LEU R 414 26.17 31.75 -66.72
CA LEU R 414 25.39 32.25 -67.85
C LEU R 414 23.96 31.80 -67.63
N PRO R 415 22.95 32.63 -67.91
CA PRO R 415 21.57 32.17 -67.71
C PRO R 415 21.21 31.08 -68.69
N ASN R 416 20.09 30.42 -68.41
CA ASN R 416 19.68 29.23 -69.14
C ASN R 416 19.46 29.54 -70.61
N SER R 417 19.89 28.61 -71.45
CA SER R 417 19.92 28.77 -72.90
C SER R 417 20.03 27.39 -73.51
N LEU R 418 20.27 27.32 -74.81
CA LEU R 418 20.41 26.03 -75.47
C LEU R 418 21.66 25.28 -75.01
N LEU R 419 22.65 25.99 -74.46
CA LEU R 419 23.95 25.36 -74.20
C LEU R 419 23.87 24.33 -73.08
N ASN R 420 23.02 24.55 -72.07
CA ASN R 420 23.00 23.72 -70.86
C ASN R 420 21.57 23.36 -70.45
N SER R 421 20.66 23.20 -71.40
CA SER R 421 19.33 22.70 -71.11
C SER R 421 18.83 21.86 -72.27
N GLN R 422 17.96 20.91 -71.95
CA GLN R 422 17.35 20.05 -72.96
C GLN R 422 16.24 20.83 -73.65
N THR R 423 16.43 21.13 -74.94
CA THR R 423 15.56 22.01 -75.67
C THR R 423 14.39 21.29 -76.36
N GLY R 424 14.09 20.05 -75.95
CA GLY R 424 12.89 19.36 -76.38
C GLY R 424 11.68 19.70 -75.54
N LYS R 425 11.48 21.00 -75.29
CA LYS R 425 10.47 21.48 -74.36
C LYS R 425 10.15 22.91 -74.78
N ALA R 426 8.99 23.09 -75.40
CA ALA R 426 8.65 24.36 -76.03
C ALA R 426 8.21 25.38 -74.98
N ILE R 427 7.95 26.60 -75.44
CA ILE R 427 7.21 27.60 -74.67
C ILE R 427 6.03 28.01 -75.52
N PHE R 428 4.95 28.40 -74.86
CA PHE R 428 3.61 28.22 -75.38
C PHE R 428 2.90 29.56 -75.54
N PHE R 429 2.16 29.68 -76.64
CA PHE R 429 1.76 30.97 -77.21
C PHE R 429 0.26 31.01 -77.41
N THR R 430 -0.32 32.20 -77.24
CA THR R 430 -1.66 32.44 -77.73
C THR R 430 -1.62 32.56 -79.26
N GLU R 431 -2.78 32.45 -79.89
CA GLU R 431 -2.83 32.54 -81.35
C GLU R 431 -2.41 33.93 -81.82
N SER R 432 -2.94 34.96 -81.17
CA SER R 432 -2.53 36.34 -81.46
C SER R 432 -1.04 36.54 -81.19
N ASN R 433 -0.54 36.02 -80.07
CA ASN R 433 0.88 36.16 -79.76
C ASN R 433 1.73 35.42 -80.78
N GLY R 434 1.31 34.22 -81.18
CA GLY R 434 2.07 33.48 -82.18
C GLY R 434 2.20 34.25 -83.48
N LYS R 435 1.08 34.78 -83.98
CA LYS R 435 1.15 35.50 -85.25
C LYS R 435 1.89 36.83 -85.09
N HIS R 436 1.72 37.52 -83.96
CA HIS R 436 2.44 38.79 -83.76
C HIS R 436 3.95 38.57 -83.66
N PHE R 437 4.38 37.55 -82.93
CA PHE R 437 5.81 37.25 -82.84
C PHE R 437 6.37 36.84 -84.19
N LYS R 438 5.63 36.00 -84.93
CA LYS R 438 6.05 35.63 -86.27
C LYS R 438 6.21 36.86 -87.16
N GLU R 439 5.24 37.78 -87.09
CA GLU R 439 5.30 39.00 -87.87
C GLU R 439 6.53 39.82 -87.50
N PHE R 440 6.81 39.94 -86.20
CA PHE R 440 7.94 40.75 -85.76
C PHE R 440 9.26 40.21 -86.29
N ILE R 441 9.54 38.92 -86.06
CA ILE R 441 10.86 38.42 -86.48
C ILE R 441 10.91 38.27 -88.00
N ASN R 442 9.79 38.04 -88.69
CA ASN R 442 9.82 38.00 -90.14
C ASN R 442 10.16 39.36 -90.73
N ASN R 443 9.52 40.43 -90.22
CA ASN R 443 9.86 41.77 -90.66
C ASN R 443 11.29 42.13 -90.30
N PHE R 444 11.76 41.65 -89.13
CA PHE R 444 13.15 41.86 -88.73
C PHE R 444 14.11 41.26 -89.74
N ILE R 445 13.86 40.01 -90.15
CA ILE R 445 14.75 39.34 -91.08
C ILE R 445 14.70 40.01 -92.45
N ASP R 446 13.50 40.31 -92.92
CA ASP R 446 13.37 40.93 -94.24
C ASP R 446 13.92 42.35 -94.27
N SER R 447 14.01 43.02 -93.12
CA SER R 447 14.42 44.41 -93.03
C SER R 447 15.84 44.60 -92.47
N GLY R 448 16.14 43.99 -91.32
CA GLY R 448 17.25 44.42 -90.49
C GLY R 448 18.45 43.50 -90.34
N PHE R 449 18.34 42.23 -90.74
CA PHE R 449 19.34 41.24 -90.32
C PHE R 449 20.72 41.53 -90.90
N ASN R 450 20.80 41.75 -92.22
CA ASN R 450 22.09 41.91 -92.88
C ASN R 450 22.84 43.15 -92.37
N ILE R 451 22.13 44.28 -92.28
CA ILE R 451 22.75 45.53 -91.84
C ILE R 451 23.26 45.41 -90.41
N LEU R 452 22.46 44.76 -89.53
CA LEU R 452 22.88 44.58 -88.15
C LEU R 452 24.11 43.68 -88.06
N LEU R 453 24.12 42.57 -88.81
CA LEU R 453 25.24 41.64 -88.70
C LEU R 453 26.51 42.23 -89.29
N HIS R 454 26.40 43.01 -90.38
CA HIS R 454 27.58 43.65 -90.96
C HIS R 454 28.22 44.61 -89.96
N SER R 455 27.39 45.45 -89.31
CA SER R 455 27.95 46.40 -88.36
C SER R 455 28.57 45.70 -87.16
N VAL R 456 27.86 44.72 -86.58
CA VAL R 456 28.37 44.10 -85.36
C VAL R 456 29.58 43.22 -85.65
N THR R 457 29.68 42.64 -86.86
CA THR R 457 30.82 41.79 -87.16
C THR R 457 32.05 42.61 -87.50
N ASN R 458 31.89 43.75 -88.20
CA ASN R 458 33.04 44.61 -88.45
C ASN R 458 33.42 45.43 -87.23
N TYR R 459 32.57 45.46 -86.20
CA TYR R 459 33.03 45.88 -84.87
C TYR R 459 34.03 44.86 -84.32
N PHE R 460 33.59 43.61 -84.17
CA PHE R 460 34.29 42.66 -83.31
C PHE R 460 35.63 42.23 -83.88
N THR R 461 35.83 42.33 -85.19
CA THR R 461 37.15 42.03 -85.74
C THR R 461 38.20 43.00 -85.21
N THR R 462 37.81 44.25 -84.98
CA THR R 462 38.71 45.25 -84.42
C THR R 462 38.79 45.19 -82.90
N GLU R 463 38.01 44.31 -82.24
CA GLU R 463 37.88 44.30 -80.79
C GLU R 463 37.88 42.89 -80.21
N GLN R 464 38.38 41.89 -80.96
CA GLN R 464 38.28 40.50 -80.52
C GLN R 464 39.09 40.24 -79.25
N ASP R 465 40.27 40.85 -79.14
CA ASP R 465 41.15 40.61 -77.99
C ASP R 465 40.49 41.01 -76.67
N ARG R 466 39.66 42.05 -76.69
CA ARG R 466 39.08 42.61 -75.47
C ARG R 466 37.80 41.91 -75.03
N MET R 467 37.40 40.83 -75.70
CA MET R 467 36.07 40.27 -75.51
C MET R 467 35.89 39.66 -74.11
N VAL R 468 34.62 39.50 -73.75
CA VAL R 468 34.17 38.78 -72.56
C VAL R 468 33.27 37.66 -73.05
N THR R 469 33.12 36.62 -72.21
CA THR R 469 32.42 35.40 -72.61
C THR R 469 30.97 35.67 -73.04
N LEU R 470 30.31 36.66 -72.42
CA LEU R 470 28.92 36.96 -72.74
C LEU R 470 28.76 37.33 -74.21
N GLU R 471 29.64 38.21 -74.70
CA GLU R 471 29.45 38.75 -76.03
C GLU R 471 29.71 37.68 -77.09
N GLN R 472 30.70 36.81 -76.85
CA GLN R 472 30.96 35.68 -77.73
C GLN R 472 29.74 34.77 -77.82
N VAL R 473 29.21 34.34 -76.67
CA VAL R 473 28.08 33.41 -76.69
C VAL R 473 26.84 34.09 -77.29
N GLU R 474 26.68 35.39 -77.06
CA GLU R 474 25.56 36.15 -77.63
C GLU R 474 25.61 36.15 -79.16
N TYR R 475 26.77 36.54 -79.71
CA TYR R 475 26.96 36.59 -81.15
C TYR R 475 26.70 35.24 -81.79
N LEU R 476 27.28 34.18 -81.19
CA LEU R 476 27.24 32.88 -81.82
C LEU R 476 25.85 32.26 -81.78
N LEU R 477 25.01 32.63 -80.80
CA LEU R 477 23.64 32.12 -80.74
C LEU R 477 22.60 33.07 -81.32
N PHE R 478 23.01 34.25 -81.82
CA PHE R 478 22.15 35.09 -82.67
C PHE R 478 22.27 34.68 -84.13
N PHE R 479 23.52 34.55 -84.61
CA PHE R 479 23.85 33.97 -85.91
C PHE R 479 23.03 32.72 -86.21
N ALA R 480 23.16 31.73 -85.33
CA ALA R 480 22.62 30.39 -85.57
C ALA R 480 21.12 30.42 -85.71
N TRP R 481 20.45 31.09 -84.76
CA TRP R 481 18.99 31.11 -84.72
C TRP R 481 18.42 31.69 -86.01
N PHE R 482 18.93 32.86 -86.42
CA PHE R 482 18.29 33.50 -87.56
C PHE R 482 18.60 32.79 -88.87
N VAL R 483 19.84 32.27 -89.03
CA VAL R 483 20.15 31.51 -90.25
C VAL R 483 19.27 30.26 -90.35
N LYS R 484 19.15 29.52 -89.25
CA LYS R 484 18.36 28.30 -89.24
C LYS R 484 16.88 28.58 -89.55
N TYR R 485 16.34 29.65 -88.95
CA TYR R 485 14.94 29.96 -89.16
C TYR R 485 14.66 30.34 -90.61
N GLN R 486 15.55 31.12 -91.24
CA GLN R 486 15.32 31.45 -92.65
C GLN R 486 15.41 30.21 -93.53
N LEU R 487 16.35 29.30 -93.23
CA LEU R 487 16.44 28.07 -94.02
C LEU R 487 15.16 27.26 -93.93
N LEU R 488 14.59 27.13 -92.73
CA LEU R 488 13.35 26.38 -92.59
C LEU R 488 12.18 27.08 -93.30
N ARG R 489 12.11 28.40 -93.20
CA ARG R 489 10.98 29.11 -93.82
C ARG R 489 11.03 28.99 -95.34
N SER R 490 12.23 29.06 -95.92
CA SER R 490 12.34 28.89 -97.37
C SER R 490 12.21 27.44 -97.80
N LYS R 491 12.54 26.50 -96.90
CA LYS R 491 12.17 25.11 -97.14
C LYS R 491 10.66 24.96 -97.28
N ILE R 492 9.90 25.71 -96.47
CA ILE R 492 8.45 25.55 -96.48
C ILE R 492 7.82 26.17 -97.72
N ASP R 493 8.17 27.42 -98.05
CA ASP R 493 7.40 28.23 -99.00
C ASP R 493 8.32 29.00 -99.93
N ASN R 494 7.82 29.29 -101.14
CA ASN R 494 8.59 30.00 -102.16
C ASN R 494 8.58 31.52 -101.99
N SER R 495 7.63 32.07 -101.22
CA SER R 495 7.59 33.50 -101.00
C SER R 495 8.85 33.98 -100.29
N ALA R 496 9.33 33.21 -99.33
CA ALA R 496 10.62 33.50 -98.70
C ALA R 496 11.76 33.23 -99.67
N ASP R 497 12.91 33.82 -99.37
CA ASP R 497 14.13 33.63 -100.14
C ASP R 497 15.32 33.59 -99.19
N ILE R 498 16.41 32.98 -99.68
CA ILE R 498 17.63 32.85 -98.88
C ILE R 498 18.50 34.11 -98.93
N LYS R 499 18.26 35.01 -99.89
CA LYS R 499 19.06 36.23 -99.99
C LYS R 499 18.91 37.14 -98.76
N GLN R 500 17.87 36.95 -97.95
CA GLN R 500 17.66 37.83 -96.80
C GLN R 500 18.75 37.67 -95.73
N VAL R 501 19.35 36.48 -95.62
CA VAL R 501 20.36 36.17 -94.61
C VAL R 501 21.76 36.05 -95.23
N SER R 502 21.96 36.60 -96.43
CA SER R 502 23.17 36.29 -97.19
C SER R 502 24.42 37.00 -96.67
N GLU R 503 24.29 37.91 -95.69
CA GLU R 503 25.46 38.60 -95.16
C GLU R 503 26.36 37.66 -94.35
N ALA R 504 25.84 36.53 -93.89
CA ALA R 504 26.63 35.63 -93.06
C ALA R 504 27.80 35.03 -93.82
N LEU R 505 27.67 34.83 -95.13
CA LEU R 505 28.66 34.08 -95.89
C LEU R 505 29.93 34.87 -96.20
N LYS R 506 29.85 36.20 -96.23
CA LYS R 506 30.98 36.99 -96.69
C LYS R 506 32.17 36.83 -95.73
N GLU R 507 33.37 37.05 -96.27
CA GLU R 507 34.58 36.41 -95.74
C GLU R 507 34.89 36.81 -94.30
N VAL R 508 34.59 38.06 -93.93
CA VAL R 508 35.01 38.58 -92.63
C VAL R 508 34.30 37.83 -91.50
N THR R 509 32.99 37.62 -91.65
CA THR R 509 32.23 36.91 -90.63
C THR R 509 32.67 35.45 -90.51
N PHE R 510 32.98 34.83 -91.65
CA PHE R 510 33.50 33.46 -91.62
C PHE R 510 34.81 33.39 -90.85
N ILE R 511 35.71 34.35 -91.10
CA ILE R 511 36.96 34.41 -90.36
C ILE R 511 36.69 34.59 -88.87
N LEU R 512 35.72 35.42 -88.52
CA LEU R 512 35.50 35.71 -87.11
C LEU R 512 34.94 34.50 -86.36
N VAL R 513 33.96 33.82 -86.96
CA VAL R 513 33.42 32.62 -86.32
C VAL R 513 34.51 31.57 -86.17
N SER R 514 35.33 31.41 -87.22
CA SER R 514 36.47 30.50 -87.16
C SER R 514 37.42 30.86 -86.02
N SER R 515 37.73 32.15 -85.89
CA SER R 515 38.68 32.60 -84.89
C SER R 515 38.13 32.38 -83.48
N LEU R 516 36.84 32.63 -83.27
CA LEU R 516 36.23 32.37 -81.97
C LEU R 516 36.35 30.89 -81.61
N LEU R 517 36.00 30.00 -82.56
CA LEU R 517 36.09 28.57 -82.29
C LEU R 517 37.53 28.16 -81.98
N ARG R 518 38.48 28.65 -82.77
CA ARG R 518 39.89 28.39 -82.58
C ARG R 518 40.35 28.78 -81.17
N SER R 519 40.19 30.06 -80.83
CA SER R 519 40.69 30.57 -79.56
C SER R 519 40.00 29.90 -78.38
N ALA R 520 38.70 29.64 -78.51
CA ALA R 520 37.99 28.94 -77.44
C ALA R 520 38.52 27.53 -77.24
N TYR R 521 38.78 26.81 -78.34
CA TYR R 521 39.28 25.44 -78.20
C TYR R 521 40.66 25.40 -77.59
N ASP R 522 41.54 26.33 -77.98
CA ASP R 522 42.92 26.28 -77.50
C ASP R 522 43.00 26.50 -75.99
N LEU R 523 42.28 27.48 -75.46
CA LEU R 523 42.30 27.77 -74.03
C LEU R 523 41.42 26.83 -73.21
N LYS R 524 40.75 25.86 -73.84
CA LYS R 524 39.91 24.88 -73.16
C LYS R 524 38.69 25.51 -72.49
N ASN R 525 38.23 26.66 -72.98
CA ASN R 525 36.96 27.24 -72.58
C ASN R 525 35.85 26.52 -73.35
N TRP R 526 35.12 25.65 -72.67
CA TRP R 526 34.28 24.68 -73.35
C TRP R 526 32.88 25.21 -73.67
N THR R 527 32.40 26.23 -72.96
CA THR R 527 31.09 26.81 -73.27
C THR R 527 31.13 27.58 -74.58
N VAL R 528 32.15 28.43 -74.75
CA VAL R 528 32.30 29.15 -76.02
C VAL R 528 32.62 28.17 -77.13
N THR R 529 33.33 27.08 -76.82
CA THR R 529 33.57 26.04 -77.82
C THR R 529 32.27 25.41 -78.29
N HIS R 530 31.36 25.12 -77.35
CA HIS R 530 30.04 24.59 -77.69
C HIS R 530 29.28 25.56 -78.59
N ALA R 531 29.23 26.83 -78.20
CA ALA R 531 28.46 27.82 -78.97
C ALA R 531 29.05 28.02 -80.35
N GLY R 532 30.38 28.07 -80.45
CA GLY R 532 31.02 28.16 -81.75
C GLY R 532 30.77 26.95 -82.60
N MET R 533 30.68 25.78 -81.97
CA MET R 533 30.31 24.55 -82.69
C MET R 533 28.94 24.72 -83.34
N ILE R 534 27.97 25.23 -82.59
CA ILE R 534 26.62 25.40 -83.12
C ILE R 534 26.63 26.37 -84.31
N ALA R 535 27.36 27.48 -84.17
CA ALA R 535 27.40 28.48 -85.24
C ALA R 535 28.06 27.94 -86.51
N PHE R 536 29.19 27.24 -86.35
CA PHE R 536 29.91 26.70 -87.50
C PHE R 536 29.08 25.63 -88.20
N ASN R 537 28.24 24.91 -87.44
CA ASN R 537 27.32 23.97 -88.04
C ASN R 537 26.36 24.69 -88.98
N GLU R 538 25.79 25.82 -88.53
CA GLU R 538 24.84 26.51 -89.38
C GLU R 538 25.50 27.13 -90.62
N LEU R 539 26.75 27.60 -90.51
CA LEU R 539 27.45 28.09 -91.70
C LEU R 539 27.60 26.98 -92.73
N LEU R 540 27.98 25.78 -92.30
CA LEU R 540 28.15 24.68 -93.25
C LEU R 540 26.81 24.29 -93.89
N ASN R 541 25.74 24.26 -93.10
CA ASN R 541 24.41 23.96 -93.65
C ASN R 541 24.01 24.98 -94.73
N LEU R 542 24.25 26.27 -94.45
CA LEU R 542 23.91 27.31 -95.41
C LEU R 542 24.72 27.17 -96.69
N VAL R 543 25.99 26.79 -96.56
CA VAL R 543 26.81 26.57 -97.75
C VAL R 543 26.25 25.42 -98.58
N SER R 544 25.87 24.33 -97.92
CA SER R 544 25.29 23.20 -98.67
C SER R 544 23.97 23.59 -99.34
N ARG R 545 23.26 24.57 -98.79
CA ARG R 545 22.07 25.08 -99.47
C ARG R 545 22.45 25.83 -100.75
N THR R 546 23.43 26.73 -100.66
CA THR R 546 23.72 27.62 -101.78
C THR R 546 24.41 26.89 -102.93
N LYS R 547 25.17 25.83 -102.64
CA LYS R 547 25.78 25.04 -103.70
C LYS R 547 24.74 24.23 -104.48
N ALA R 548 23.56 23.99 -103.90
CA ALA R 548 22.48 23.30 -104.59
C ALA R 548 21.69 24.22 -105.52
N ALA R 549 22.09 25.48 -105.69
CA ALA R 549 21.40 26.38 -106.60
C ALA R 549 21.72 26.01 -108.05
N THR R 555 30.22 30.20 -107.26
CA THR R 555 31.26 31.12 -107.71
C THR R 555 32.24 31.40 -106.57
N ASP R 556 31.94 32.39 -105.72
CA ASP R 556 32.77 32.66 -104.56
C ASP R 556 32.58 31.61 -103.47
N ILE R 557 31.47 30.87 -103.50
CA ILE R 557 31.16 29.94 -102.42
C ILE R 557 32.14 28.78 -102.43
N GLU R 558 32.61 28.36 -103.61
CA GLU R 558 33.62 27.29 -103.67
C GLU R 558 34.97 27.77 -103.14
N PHE R 559 35.32 29.02 -103.44
CA PHE R 559 36.51 29.63 -102.83
C PHE R 559 36.40 29.63 -101.31
N ILE R 560 35.23 29.99 -100.81
CA ILE R 560 35.00 30.00 -99.36
C ILE R 560 35.09 28.58 -98.80
N VAL R 561 34.62 27.59 -99.56
CA VAL R 561 34.72 26.19 -99.11
C VAL R 561 36.19 25.77 -99.05
N SER R 562 36.95 26.07 -100.10
CA SER R 562 38.36 25.68 -100.13
C SER R 562 39.14 26.30 -98.99
N ARG R 563 38.80 27.55 -98.63
CA ARG R 563 39.44 28.16 -97.48
C ARG R 563 38.90 27.61 -96.16
N LEU R 564 37.64 27.16 -96.15
CA LEU R 564 37.04 26.54 -94.97
C LEU R 564 37.61 25.17 -94.66
N PHE R 565 38.25 24.51 -95.64
CA PHE R 565 38.71 23.13 -95.49
C PHE R 565 40.19 22.99 -95.84
N SER R 566 40.97 24.02 -95.53
CA SER R 566 42.41 23.86 -95.41
C SER R 566 42.73 22.82 -94.33
N ASP R 567 43.92 22.23 -94.43
CA ASP R 567 44.26 21.06 -93.63
C ASP R 567 44.20 21.32 -92.13
N GLU R 568 44.54 22.55 -91.71
CA GLU R 568 44.50 22.92 -90.29
C GLU R 568 43.09 22.74 -89.73
N ARG R 569 42.10 23.23 -90.46
CA ARG R 569 40.72 23.11 -90.03
C ARG R 569 40.27 21.66 -90.05
N ILE R 570 40.78 20.85 -90.97
CA ILE R 570 40.42 19.43 -90.95
C ILE R 570 40.98 18.77 -89.69
N GLN R 571 42.19 19.17 -89.29
CA GLN R 571 42.75 18.65 -88.04
C GLN R 571 41.86 19.01 -86.85
N LEU R 572 41.43 20.27 -86.78
CA LEU R 572 40.56 20.69 -85.68
C LEU R 572 39.23 19.94 -85.71
N LEU R 573 38.53 19.97 -86.84
CA LEU R 573 37.20 19.40 -86.93
C LEU R 573 37.23 17.88 -86.78
N SER R 574 38.34 17.24 -87.12
CA SER R 574 38.50 15.81 -86.84
C SER R 574 38.79 15.57 -85.36
N ASN R 575 39.49 16.50 -84.70
CA ASN R 575 39.80 16.32 -83.29
C ASN R 575 38.56 16.36 -82.40
N LEU R 576 37.50 17.06 -82.83
CA LEU R 576 36.46 17.49 -81.90
C LEU R 576 35.64 16.36 -81.28
N PRO R 577 35.14 15.36 -82.02
CA PRO R 577 34.30 14.34 -81.38
C PRO R 577 35.03 13.51 -80.33
N LYS R 578 36.36 13.41 -80.42
CA LYS R 578 37.10 12.52 -79.54
C LYS R 578 37.00 12.94 -78.08
N ILE R 579 37.13 14.25 -77.81
CA ILE R 579 37.02 14.74 -76.44
C ILE R 579 35.60 14.75 -75.91
N GLY R 580 34.59 14.61 -76.77
CA GLY R 580 33.20 14.72 -76.36
C GLY R 580 32.72 13.64 -75.41
N SER R 581 33.47 12.53 -75.29
CA SER R 581 33.02 11.38 -74.49
C SER R 581 32.74 11.75 -73.03
N LYS R 582 33.48 12.71 -72.49
CA LYS R 582 33.40 13.02 -71.06
C LYS R 582 32.24 13.93 -70.70
N TYR R 583 31.71 14.68 -71.66
CA TYR R 583 30.95 15.89 -71.36
C TYR R 583 29.45 15.59 -71.32
N SER R 584 28.64 16.64 -71.15
CA SER R 584 27.20 16.50 -71.09
C SER R 584 26.64 16.00 -72.43
N LEU R 585 25.35 15.68 -72.43
CA LEU R 585 24.72 15.04 -73.58
C LEU R 585 24.64 15.99 -74.78
N GLN R 586 24.44 17.28 -74.51
CA GLN R 586 24.27 18.26 -75.59
C GLN R 586 25.56 18.41 -76.41
N PHE R 587 26.72 18.37 -75.74
CA PHE R 587 28.01 18.48 -76.40
C PHE R 587 28.18 17.38 -77.45
N MET R 588 27.91 16.12 -77.05
CA MET R 588 28.06 15.00 -77.96
C MET R 588 27.10 15.10 -79.13
N LYS R 589 25.86 15.55 -78.87
CA LYS R 589 24.91 15.72 -79.97
C LYS R 589 25.38 16.77 -80.96
N SER R 590 25.92 17.89 -80.46
CA SER R 590 26.46 18.92 -81.34
C SER R 590 27.60 18.36 -82.20
N CYS R 591 28.48 17.57 -81.57
CA CYS R 591 29.57 16.93 -82.29
C CYS R 591 29.04 16.04 -83.42
N ILE R 592 28.01 15.25 -83.12
CA ILE R 592 27.46 14.32 -84.11
C ILE R 592 26.89 15.07 -85.30
N GLU R 593 26.04 16.07 -85.04
CA GLU R 593 25.40 16.78 -86.14
C GLU R 593 26.42 17.54 -86.99
N LEU R 594 27.41 18.16 -86.34
CA LEU R 594 28.48 18.81 -87.07
C LEU R 594 29.24 17.82 -87.94
N THR R 595 29.54 16.64 -87.40
CA THR R 595 30.26 15.63 -88.16
C THR R 595 29.48 15.20 -89.40
N HIS R 596 28.18 14.99 -89.23
CA HIS R 596 27.32 14.61 -90.35
C HIS R 596 27.38 15.64 -91.47
N SER R 597 27.19 16.92 -91.12
CA SER R 597 27.23 17.98 -92.13
C SER R 597 28.61 18.06 -92.80
N VAL R 598 29.68 17.98 -92.00
CA VAL R 598 31.03 18.13 -92.51
C VAL R 598 31.34 17.04 -93.54
N LEU R 599 31.03 15.79 -93.19
CA LEU R 599 31.32 14.69 -94.10
C LEU R 599 30.45 14.75 -95.35
N LYS R 600 29.19 15.19 -95.21
CA LYS R 600 28.32 15.24 -96.39
C LYS R 600 28.79 16.30 -97.39
N VAL R 601 29.24 17.46 -96.89
CA VAL R 601 29.71 18.50 -97.81
C VAL R 601 30.93 17.99 -98.57
N LEU R 602 31.87 17.35 -97.86
CA LEU R 602 33.02 16.82 -98.60
C LEU R 602 32.66 15.62 -99.47
N GLU R 603 31.54 14.94 -99.21
CA GLU R 603 31.06 13.96 -100.18
C GLU R 603 30.67 14.64 -101.48
N GLN R 604 29.92 15.75 -101.40
CA GLN R 604 29.51 16.43 -102.62
C GLN R 604 30.58 17.36 -103.20
N TYR R 605 31.80 17.35 -102.64
CA TYR R 605 32.90 18.03 -103.31
C TYR R 605 33.28 17.31 -104.60
N SER R 606 33.02 16.00 -104.67
CA SER R 606 33.23 15.20 -105.87
C SER R 606 32.02 14.32 -106.15
N ASN R 658 41.20 13.67 -102.12
CA ASN R 658 41.18 14.24 -100.78
C ASN R 658 40.29 13.44 -99.83
N PHE R 659 39.21 12.86 -100.37
CA PHE R 659 38.16 12.30 -99.54
C PHE R 659 38.65 11.10 -98.73
N GLN R 660 39.44 10.22 -99.35
CA GLN R 660 39.90 9.02 -98.65
C GLN R 660 40.87 9.38 -97.51
N LYS R 661 41.70 10.41 -97.71
CA LYS R 661 42.54 10.90 -96.62
C LYS R 661 41.69 11.38 -95.45
N VAL R 662 40.62 12.14 -95.75
CA VAL R 662 39.83 12.77 -94.71
C VAL R 662 39.03 11.73 -93.93
N GLN R 663 38.40 10.78 -94.62
CA GLN R 663 37.56 9.81 -93.93
C GLN R 663 38.39 8.89 -93.03
N ALA R 664 39.57 8.46 -93.49
CA ALA R 664 40.44 7.65 -92.64
C ALA R 664 40.90 8.42 -91.42
N ASN R 665 40.95 9.75 -91.50
CA ASN R 665 41.28 10.56 -90.33
C ASN R 665 40.25 10.40 -89.22
N TYR R 666 38.99 10.16 -89.57
CA TYR R 666 37.92 10.13 -88.59
C TYR R 666 37.79 8.77 -87.88
N MET R 667 38.12 7.67 -88.56
CA MET R 667 37.77 6.34 -88.08
C MET R 667 38.85 5.83 -87.13
N THR R 668 38.50 5.71 -85.85
CA THR R 668 39.37 5.15 -84.84
C THR R 668 38.54 4.93 -83.58
N GLU R 669 39.16 4.31 -82.58
CA GLU R 669 38.47 3.92 -81.34
C GLU R 669 37.77 5.05 -80.60
N PRO R 670 38.40 6.18 -80.27
CA PRO R 670 37.74 7.14 -79.36
C PRO R 670 36.48 7.78 -79.94
N VAL R 671 36.37 7.89 -81.26
CA VAL R 671 35.15 8.40 -81.87
C VAL R 671 34.02 7.39 -81.69
N ILE R 672 34.31 6.11 -81.92
CA ILE R 672 33.31 5.05 -81.75
C ILE R 672 32.87 4.99 -80.29
N GLU R 673 33.80 5.21 -79.36
CA GLU R 673 33.45 5.26 -77.94
C GLU R 673 32.44 6.36 -77.68
N THR R 674 32.68 7.55 -78.25
CA THR R 674 31.72 8.64 -78.05
C THR R 674 30.37 8.30 -78.64
N TYR R 675 30.36 7.69 -79.83
CA TYR R 675 29.11 7.36 -80.50
C TYR R 675 28.28 6.35 -79.70
N ILE R 676 28.93 5.32 -79.13
CA ILE R 676 28.19 4.35 -78.33
C ILE R 676 27.74 4.98 -77.00
N ASN R 677 28.60 5.78 -76.38
CA ASN R 677 28.24 6.41 -75.11
C ASN R 677 27.04 7.33 -75.27
N PHE R 678 26.95 8.03 -76.41
CA PHE R 678 25.79 8.86 -76.68
C PHE R 678 24.55 8.02 -76.97
N LEU R 679 24.71 6.92 -77.71
CA LEU R 679 23.56 6.21 -78.24
C LEU R 679 22.77 5.47 -77.16
N GLU R 680 23.41 5.10 -76.05
CA GLU R 680 22.74 4.26 -75.07
C GLU R 680 21.72 5.03 -74.22
N ARG R 681 21.68 6.36 -74.31
CA ARG R 681 20.65 7.17 -73.67
C ARG R 681 19.50 7.48 -74.63
N PHE R 682 19.17 6.53 -75.51
CA PHE R 682 18.20 6.75 -76.59
C PHE R 682 16.81 7.10 -76.07
N ARG R 683 16.47 6.71 -74.84
CA ARG R 683 15.15 6.99 -74.31
C ARG R 683 14.86 8.49 -74.19
N GLU R 684 15.89 9.33 -74.12
CA GLU R 684 15.74 10.77 -74.03
C GLU R 684 15.81 11.49 -75.38
N LEU R 685 16.25 10.81 -76.43
CA LEU R 685 16.64 11.45 -77.68
C LEU R 685 15.51 11.42 -78.71
N GLU R 686 15.73 12.13 -79.80
CA GLU R 686 14.78 12.27 -80.89
C GLU R 686 14.86 11.07 -81.84
N ASP R 687 13.90 10.99 -82.75
CA ASP R 687 13.92 9.99 -83.80
C ASP R 687 15.06 10.25 -84.80
N ASP R 688 15.42 11.51 -85.01
CA ASP R 688 16.35 11.89 -86.07
C ASP R 688 17.80 11.59 -85.73
N SER R 689 18.17 11.78 -84.46
CA SER R 689 19.57 11.62 -84.06
C SER R 689 20.02 10.17 -84.23
N ILE R 690 19.11 9.23 -83.98
CA ILE R 690 19.44 7.81 -84.14
C ILE R 690 19.64 7.48 -85.62
N LYS R 691 18.86 8.11 -86.51
CA LYS R 691 19.11 7.98 -87.95
C LYS R 691 20.52 8.46 -88.29
N LYS R 692 20.93 9.60 -87.72
CA LYS R 692 22.28 10.10 -87.97
C LYS R 692 23.34 9.12 -87.49
N VAL R 693 23.14 8.56 -86.29
CA VAL R 693 24.11 7.63 -85.72
C VAL R 693 24.24 6.39 -86.60
N PHE R 694 23.11 5.83 -87.03
CA PHE R 694 23.19 4.63 -87.84
C PHE R 694 23.64 4.91 -89.27
N SER R 695 23.46 6.13 -89.77
CA SER R 695 24.16 6.54 -90.98
C SER R 695 25.67 6.44 -90.80
N PHE R 696 26.18 6.95 -89.68
CA PHE R 696 27.63 6.84 -89.43
C PHE R 696 28.07 5.39 -89.31
N PHE R 697 27.28 4.56 -88.63
CA PHE R 697 27.66 3.16 -88.48
C PHE R 697 27.63 2.43 -89.83
N HIS R 698 26.67 2.76 -90.70
CA HIS R 698 26.69 2.22 -92.05
C HIS R 698 27.98 2.62 -92.77
N ARG R 699 28.37 3.89 -92.63
CA ARG R 699 29.61 4.37 -93.26
C ARG R 699 30.82 3.58 -92.77
N VAL R 700 30.92 3.39 -91.45
CA VAL R 700 32.08 2.66 -90.90
C VAL R 700 32.07 1.21 -91.36
N PHE R 701 30.92 0.54 -91.24
CA PHE R 701 30.89 -0.91 -91.36
C PHE R 701 30.88 -1.36 -92.81
N VAL R 702 29.96 -0.83 -93.62
CA VAL R 702 29.77 -1.35 -94.97
C VAL R 702 30.75 -0.70 -95.95
N GLN R 703 30.70 0.63 -96.06
CA GLN R 703 31.50 1.32 -97.06
C GLN R 703 32.99 1.19 -96.79
N ALA R 704 33.46 1.73 -95.66
CA ALA R 704 34.89 1.73 -95.37
C ALA R 704 35.43 0.33 -95.10
N LYS R 705 34.58 -0.61 -94.70
CA LYS R 705 34.98 -1.99 -94.42
C LYS R 705 36.00 -2.07 -93.30
N GLU R 706 35.85 -1.19 -92.32
CA GLU R 706 36.63 -1.25 -91.07
C GLU R 706 35.81 -1.96 -90.00
N GLN R 707 35.54 -3.25 -90.26
CA GLN R 707 34.60 -4.00 -89.44
C GLN R 707 35.11 -4.20 -88.01
N ALA R 708 36.43 -4.22 -87.80
CA ALA R 708 36.98 -4.63 -86.52
C ALA R 708 36.63 -3.67 -85.38
N LEU R 709 36.26 -2.42 -85.68
CA LEU R 709 36.01 -1.46 -84.61
C LEU R 709 34.80 -1.86 -83.77
N LEU R 710 33.72 -2.33 -84.41
CA LEU R 710 32.45 -2.51 -83.73
C LEU R 710 32.34 -3.85 -82.99
N PHE R 711 33.27 -4.78 -83.19
CA PHE R 711 33.24 -6.05 -82.45
C PHE R 711 33.72 -5.79 -81.03
N ARG R 712 32.80 -5.24 -80.22
CA ARG R 712 33.06 -4.90 -78.84
C ARG R 712 31.75 -5.03 -78.08
N PHE R 713 31.83 -5.53 -76.85
CA PHE R 713 30.68 -6.22 -76.25
C PHE R 713 29.58 -5.27 -75.84
N ASP R 714 29.91 -4.05 -75.39
CA ASP R 714 28.88 -3.13 -74.93
C ASP R 714 27.98 -2.62 -76.06
N LEU R 715 28.35 -2.82 -77.33
CA LEU R 715 27.42 -2.58 -78.42
C LEU R 715 26.40 -3.70 -78.54
N ILE R 716 26.83 -4.94 -78.27
CA ILE R 716 25.92 -6.09 -78.41
C ILE R 716 24.83 -6.05 -77.33
N ILE R 717 25.14 -5.49 -76.16
CA ILE R 717 24.11 -5.30 -75.13
C ILE R 717 23.11 -4.25 -75.61
N LEU R 718 23.61 -3.17 -76.23
CA LEU R 718 22.76 -2.05 -76.61
C LEU R 718 21.73 -2.46 -77.65
N LEU R 719 22.13 -3.28 -78.62
CA LEU R 719 21.19 -3.71 -79.63
C LEU R 719 20.10 -4.59 -79.03
N ARG R 720 20.43 -5.38 -78.01
CA ARG R 720 19.40 -6.13 -77.29
C ARG R 720 18.44 -5.19 -76.59
N GLU R 721 18.96 -4.17 -75.91
CA GLU R 721 18.10 -3.27 -75.15
C GLU R 721 17.19 -2.47 -76.08
N MET R 722 17.78 -1.93 -77.14
CA MET R 722 17.07 -1.05 -78.06
C MET R 722 16.10 -1.82 -78.96
N LEU R 723 16.44 -3.05 -79.35
CA LEU R 723 15.61 -3.84 -80.25
C LEU R 723 14.55 -4.68 -79.55
N SER R 724 14.65 -4.86 -78.24
CA SER R 724 13.73 -5.72 -77.50
C SER R 724 12.32 -5.11 -77.51
N PRO R 725 11.30 -5.87 -77.11
CA PRO R 725 9.99 -5.23 -76.82
C PRO R 725 10.05 -4.16 -75.73
N ASP R 726 11.11 -4.11 -74.93
CA ASP R 726 11.30 -3.04 -73.97
C ASP R 726 11.31 -1.66 -74.63
N GLY R 727 12.22 -1.44 -75.58
CA GLY R 727 12.63 -0.10 -75.95
C GLY R 727 11.89 0.53 -77.12
N LEU R 728 12.56 0.60 -78.28
CA LEU R 728 12.02 1.31 -79.43
C LEU R 728 10.70 0.70 -79.87
N ASP R 729 9.76 1.57 -80.23
CA ASP R 729 8.40 1.16 -80.57
C ASP R 729 8.40 0.20 -81.75
N ARG R 730 7.43 -0.73 -81.74
CA ARG R 730 7.30 -1.73 -82.78
C ARG R 730 7.11 -1.13 -84.18
N MET R 731 6.59 0.10 -84.28
CA MET R 731 6.25 0.71 -85.55
C MET R 731 6.97 2.02 -85.84
N SER R 732 7.80 2.52 -84.93
CA SER R 732 8.63 3.67 -85.24
C SER R 732 9.58 3.34 -86.38
N ARG R 733 9.96 4.37 -87.15
CA ARG R 733 10.85 4.18 -88.29
C ARG R 733 12.25 3.69 -87.87
N SER R 734 12.61 3.85 -86.60
CA SER R 734 13.94 3.46 -86.15
C SER R 734 14.17 1.96 -86.30
N ARG R 735 13.14 1.15 -86.04
CA ARG R 735 13.31 -0.31 -86.01
C ARG R 735 13.72 -0.88 -87.35
N LYS R 736 13.25 -0.28 -88.45
CA LYS R 736 13.70 -0.67 -89.79
C LYS R 736 15.22 -0.63 -89.88
N TYR R 737 15.79 0.55 -89.60
CA TYR R 737 17.24 0.74 -89.62
C TYR R 737 17.94 -0.22 -88.66
N VAL R 738 17.42 -0.34 -87.44
CA VAL R 738 18.13 -1.09 -86.41
C VAL R 738 18.19 -2.57 -86.77
N SER R 739 17.06 -3.16 -87.16
CA SER R 739 17.05 -4.58 -87.50
C SER R 739 17.85 -4.85 -88.78
N GLN R 740 17.71 -3.98 -89.78
CA GLN R 740 18.46 -4.15 -91.02
C GLN R 740 19.96 -4.06 -90.78
N PHE R 741 20.38 -3.29 -89.77
CA PHE R 741 21.79 -3.25 -89.40
C PHE R 741 22.21 -4.50 -88.65
N SER R 742 21.39 -4.95 -87.69
CA SER R 742 21.81 -6.03 -86.79
C SER R 742 21.92 -7.35 -87.53
N ASP R 743 21.05 -7.58 -88.53
CA ASP R 743 21.15 -8.80 -89.34
C ASP R 743 22.53 -8.94 -89.99
N TYR R 744 22.96 -7.91 -90.71
CA TYR R 744 24.26 -7.93 -91.38
C TYR R 744 25.39 -8.02 -90.38
N PHE R 745 25.25 -7.32 -89.26
CA PHE R 745 26.28 -7.35 -88.22
C PHE R 745 26.53 -8.77 -87.73
N LEU R 746 25.46 -9.48 -87.38
CA LEU R 746 25.65 -10.84 -86.87
C LEU R 746 26.09 -11.80 -87.97
N ALA R 747 25.68 -11.57 -89.23
CA ALA R 747 26.18 -12.41 -90.32
C ALA R 747 27.70 -12.34 -90.43
N ARG R 748 28.24 -11.12 -90.52
CA ARG R 748 29.69 -10.98 -90.65
C ARG R 748 30.39 -11.48 -89.39
N LEU R 749 29.78 -11.28 -88.22
CA LEU R 749 30.40 -11.77 -86.99
C LEU R 749 30.47 -13.30 -86.97
N LYS R 750 29.43 -13.97 -87.44
CA LYS R 750 29.45 -15.43 -87.58
C LYS R 750 30.63 -15.87 -88.44
N LYS R 751 30.77 -15.23 -89.61
CA LYS R 751 31.88 -15.57 -90.51
C LYS R 751 33.23 -15.42 -89.83
N ARG R 752 33.45 -14.25 -89.19
CA ARG R 752 34.73 -13.99 -88.56
C ARG R 752 35.01 -14.98 -87.43
N LEU R 753 34.01 -15.26 -86.59
CA LEU R 753 34.25 -16.13 -85.44
C LEU R 753 34.57 -17.55 -85.88
N LYS R 754 33.87 -18.08 -86.89
CA LYS R 754 34.22 -19.44 -87.30
C LYS R 754 35.57 -19.48 -88.01
N LYS R 755 35.97 -18.41 -88.71
CA LYS R 755 37.28 -18.47 -89.36
C LYS R 755 38.42 -18.48 -88.37
N SER R 756 38.28 -17.80 -87.23
CA SER R 756 39.36 -17.65 -86.25
C SER R 756 38.73 -17.65 -84.85
N PRO R 757 38.73 -18.80 -84.15
CA PRO R 757 38.08 -18.84 -82.83
C PRO R 757 38.68 -17.95 -81.74
N ALA R 758 39.83 -17.31 -81.97
CA ALA R 758 40.42 -16.47 -80.92
C ALA R 758 39.58 -15.26 -80.57
N TRP R 759 38.65 -14.86 -81.44
CA TRP R 759 37.87 -13.64 -81.21
C TRP R 759 36.87 -13.75 -80.07
N PHE R 760 36.59 -14.96 -79.57
CA PHE R 760 35.70 -15.09 -78.42
C PHE R 760 36.26 -14.33 -77.21
N VAL R 761 37.55 -14.50 -76.94
CA VAL R 761 38.20 -13.71 -75.90
C VAL R 761 38.45 -12.28 -76.39
N GLY R 762 38.56 -12.08 -77.70
CA GLY R 762 38.75 -10.74 -78.23
C GLY R 762 37.58 -9.80 -77.97
N LEU R 763 36.35 -10.35 -77.97
CA LEU R 763 35.16 -9.51 -77.92
C LEU R 763 35.04 -8.69 -76.65
N LEU R 764 35.69 -9.10 -75.55
CA LEU R 764 35.57 -8.35 -74.30
C LEU R 764 36.41 -7.06 -74.31
N PHE R 765 37.58 -7.11 -74.90
CA PHE R 765 38.64 -6.13 -74.68
C PHE R 765 38.79 -5.18 -75.87
N PRO R 766 39.51 -4.06 -75.70
CA PRO R 766 39.85 -3.23 -76.87
C PRO R 766 40.76 -3.98 -77.81
N PRO R 767 40.89 -3.53 -79.06
CA PRO R 767 41.84 -4.18 -79.96
C PRO R 767 43.28 -3.93 -79.52
N LEU R 768 44.17 -4.77 -80.03
CA LEU R 768 45.54 -4.91 -79.54
C LEU R 768 46.49 -4.29 -80.55
N HIS R 769 47.35 -3.38 -80.08
CA HIS R 769 48.12 -2.48 -80.94
C HIS R 769 49.54 -2.97 -81.23
N ASN R 770 49.82 -4.25 -81.01
CA ASN R 770 51.13 -4.79 -81.32
C ASN R 770 51.33 -4.89 -82.83
N SER R 771 52.56 -4.64 -83.28
CA SER R 771 52.82 -4.59 -84.72
C SER R 771 52.64 -5.95 -85.38
N GLU R 772 53.25 -7.00 -84.83
CA GLU R 772 53.37 -8.25 -85.58
C GLU R 772 52.04 -9.02 -85.64
N VAL R 773 51.27 -9.03 -84.56
CA VAL R 773 49.98 -9.73 -84.53
C VAL R 773 48.79 -8.81 -84.84
N GLY R 774 48.94 -7.50 -84.62
CA GLY R 774 47.80 -6.60 -84.71
C GLY R 774 47.23 -6.47 -86.11
N PHE R 775 48.08 -6.53 -87.13
CA PHE R 775 47.59 -6.39 -88.50
C PHE R 775 46.67 -7.53 -88.87
N TYR R 776 47.06 -8.77 -88.55
CA TYR R 776 46.16 -9.89 -88.81
C TYR R 776 44.95 -9.84 -87.88
N GLN R 777 45.11 -9.31 -86.66
CA GLN R 777 43.97 -9.17 -85.76
C GLN R 777 42.88 -8.29 -86.39
N ARG R 778 43.27 -7.13 -86.91
CA ARG R 778 42.28 -6.19 -87.42
C ARG R 778 41.58 -6.70 -88.67
N TYR R 779 42.25 -7.54 -89.46
CA TYR R 779 41.70 -8.08 -90.71
C TYR R 779 41.74 -9.60 -90.69
N LYS S 49 43.26 -3.01 -38.41
CA LYS S 49 42.71 -2.53 -39.70
C LYS S 49 41.36 -3.14 -40.01
N ARG S 50 40.57 -2.44 -40.82
CA ARG S 50 39.37 -3.02 -41.38
C ARG S 50 39.74 -4.05 -42.44
N ARG S 51 38.79 -4.92 -42.77
CA ARG S 51 39.06 -5.97 -43.74
C ARG S 51 39.32 -5.35 -45.13
N PRO S 52 40.38 -5.74 -45.85
CA PRO S 52 40.59 -5.16 -47.17
C PRO S 52 39.53 -5.60 -48.16
N GLN S 53 39.31 -4.75 -49.16
CA GLN S 53 38.27 -5.01 -50.16
C GLN S 53 38.71 -6.09 -51.14
N VAL S 54 37.73 -6.75 -51.74
CA VAL S 54 37.93 -7.82 -52.71
C VAL S 54 37.56 -7.27 -54.08
N LYS S 55 38.39 -7.58 -55.09
CA LYS S 55 38.27 -6.98 -56.41
C LYS S 55 38.49 -8.01 -57.50
N LEU S 56 38.01 -7.67 -58.69
CA LEU S 56 38.43 -8.38 -59.90
C LEU S 56 39.89 -8.06 -60.20
N THR S 57 40.63 -9.06 -60.64
CA THR S 57 42.04 -8.88 -60.97
C THR S 57 42.43 -9.85 -62.08
N ALA S 58 43.55 -9.53 -62.74
CA ALA S 58 44.02 -10.34 -63.87
C ALA S 58 44.36 -11.76 -63.46
N GLU S 59 44.71 -11.98 -62.17
CA GLU S 59 45.02 -13.33 -61.71
C GLU S 59 43.80 -14.23 -61.82
N LYS S 60 42.62 -13.72 -61.49
CA LYS S 60 41.40 -14.50 -61.65
C LYS S 60 41.15 -14.83 -63.12
N LEU S 61 41.37 -13.86 -64.01
CA LEU S 61 41.15 -14.09 -65.43
C LEU S 61 42.10 -15.15 -65.97
N LEU S 62 43.38 -15.05 -65.61
CA LEU S 62 44.38 -16.00 -66.08
C LEU S 62 44.34 -17.34 -65.35
N SER S 63 43.54 -17.47 -64.30
CA SER S 63 43.39 -18.76 -63.66
C SER S 63 42.70 -19.75 -64.61
N ASP S 64 42.84 -21.04 -64.29
CA ASP S 64 42.17 -22.07 -65.08
C ASP S 64 40.66 -21.91 -65.01
N LYS S 65 40.14 -21.44 -63.87
CA LYS S 65 38.73 -21.09 -63.76
C LYS S 65 38.33 -19.99 -64.73
N GLY S 66 39.27 -19.12 -65.09
CA GLY S 66 38.95 -17.91 -65.83
C GLY S 66 38.83 -18.06 -67.34
N LEU S 67 39.50 -17.16 -68.06
CA LEU S 67 39.36 -17.04 -69.52
C LEU S 67 39.60 -18.32 -70.32
N PRO S 68 40.52 -19.23 -69.96
CA PRO S 68 40.66 -20.45 -70.77
C PRO S 68 39.40 -21.27 -70.89
N TYR S 69 38.50 -21.21 -69.91
CA TYR S 69 37.22 -21.92 -70.00
C TYR S 69 36.41 -21.45 -71.20
N VAL S 70 36.44 -20.15 -71.49
CA VAL S 70 35.63 -19.63 -72.59
C VAL S 70 36.16 -20.14 -73.92
N LEU S 71 37.48 -20.09 -74.11
CA LEU S 71 38.08 -20.57 -75.34
C LEU S 71 37.98 -22.09 -75.47
N LYS S 72 37.86 -22.81 -74.34
CA LYS S 72 37.69 -24.26 -74.38
C LYS S 72 36.27 -24.69 -74.74
N ASN S 73 35.28 -23.79 -74.62
CA ASN S 73 33.87 -24.17 -74.71
C ASN S 73 33.03 -23.29 -75.63
N ALA S 74 33.51 -22.09 -76.01
CA ALA S 74 32.65 -21.15 -76.73
C ALA S 74 32.24 -21.67 -78.11
N HIS S 75 33.13 -22.42 -78.77
CA HIS S 75 32.79 -23.02 -80.05
C HIS S 75 31.60 -23.96 -79.95
N LYS S 76 31.44 -24.62 -78.80
CA LYS S 76 30.33 -25.54 -78.58
C LYS S 76 29.10 -24.86 -77.96
N ARG S 77 29.30 -23.74 -77.27
CA ARG S 77 28.19 -23.11 -76.54
C ARG S 77 27.23 -22.38 -77.48
N ILE S 78 27.73 -21.37 -78.19
CA ILE S 78 26.87 -20.47 -78.95
C ILE S 78 26.57 -21.09 -80.30
N ARG S 79 25.37 -20.81 -80.83
CA ARG S 79 24.98 -21.29 -82.16
C ARG S 79 23.97 -20.31 -82.75
N ILE S 80 24.35 -19.69 -83.87
CA ILE S 80 23.50 -18.77 -84.61
C ILE S 80 22.68 -19.58 -85.60
N SER S 81 21.52 -19.05 -85.97
CA SER S 81 20.70 -19.61 -87.03
C SER S 81 20.05 -18.49 -87.82
N SER S 82 20.12 -18.57 -89.15
CA SER S 82 19.28 -17.72 -89.99
C SER S 82 17.80 -18.02 -89.78
N LYS S 83 17.47 -19.23 -89.31
CA LYS S 83 16.10 -19.67 -89.07
C LYS S 83 15.44 -18.99 -87.88
N LYS S 84 16.15 -18.11 -87.15
CA LYS S 84 15.58 -17.32 -86.06
C LYS S 84 15.99 -15.87 -86.22
N ASN S 85 15.26 -14.99 -85.53
CA ASN S 85 15.34 -13.56 -85.80
C ASN S 85 16.69 -13.00 -85.34
N SER S 86 16.94 -11.76 -85.76
CA SER S 86 18.11 -11.03 -85.28
C SER S 86 18.06 -10.84 -83.77
N TYR S 87 16.88 -10.50 -83.25
CA TYR S 87 16.71 -10.36 -81.80
C TYR S 87 16.92 -11.69 -81.09
N ASP S 88 16.44 -12.78 -81.69
CA ASP S 88 16.57 -14.10 -81.09
C ASP S 88 18.04 -14.49 -80.96
N ASN S 89 18.79 -14.45 -82.08
CA ASN S 89 20.18 -14.86 -82.05
C ASN S 89 21.02 -13.90 -81.21
N LEU S 90 20.71 -12.60 -81.27
CA LEU S 90 21.44 -11.63 -80.45
C LEU S 90 21.24 -11.91 -78.97
N SER S 91 20.01 -12.27 -78.58
CA SER S 91 19.77 -12.65 -77.19
C SER S 91 20.52 -13.93 -76.81
N ASN S 92 20.81 -14.78 -77.79
CA ASN S 92 21.45 -16.06 -77.49
C ASN S 92 22.91 -15.90 -77.14
N ILE S 93 23.59 -14.93 -77.77
CA ILE S 93 25.04 -14.77 -77.57
C ILE S 93 25.35 -14.38 -76.13
N ILE S 94 24.47 -13.62 -75.47
CA ILE S 94 24.82 -13.05 -74.18
C ILE S 94 24.57 -14.02 -73.02
N GLN S 95 23.86 -15.14 -73.25
CA GLN S 95 23.59 -16.10 -72.19
C GLN S 95 24.88 -16.63 -71.56
N PHE S 96 25.73 -17.23 -72.39
CA PHE S 96 26.94 -17.89 -71.93
C PHE S 96 27.87 -16.90 -71.25
N TYR S 97 28.02 -15.70 -71.83
CA TYR S 97 28.89 -14.70 -71.21
C TYR S 97 28.33 -14.23 -69.87
N GLN S 98 27.01 -14.12 -69.75
CA GLN S 98 26.43 -13.69 -68.47
C GLN S 98 26.63 -14.74 -67.39
N LEU S 99 26.35 -16.01 -67.71
CA LEU S 99 26.55 -17.07 -66.73
C LEU S 99 28.02 -17.22 -66.36
N TRP S 100 28.91 -17.12 -67.35
CA TRP S 100 30.35 -17.19 -67.09
C TRP S 100 30.79 -16.02 -66.20
N ALA S 101 30.28 -14.82 -66.48
CA ALA S 101 30.64 -13.65 -65.68
C ALA S 101 30.18 -13.82 -64.24
N HIS S 102 28.99 -14.37 -64.04
CA HIS S 102 28.53 -14.63 -62.68
C HIS S 102 29.41 -15.66 -61.99
N GLU S 103 29.71 -16.76 -62.68
CA GLU S 103 30.54 -17.80 -62.08
C GLU S 103 31.93 -17.28 -61.73
N LEU S 104 32.45 -16.33 -62.51
CA LEU S 104 33.79 -15.82 -62.26
C LEU S 104 33.85 -14.92 -61.03
N PHE S 105 32.89 -14.00 -60.91
CA PHE S 105 33.01 -12.88 -59.97
C PHE S 105 31.64 -12.29 -59.64
N PRO S 106 30.86 -12.93 -58.74
CA PRO S 106 29.47 -12.49 -58.50
C PRO S 106 29.23 -11.09 -57.91
N LYS S 107 30.26 -10.25 -57.74
CA LYS S 107 30.10 -8.95 -57.07
C LYS S 107 29.00 -8.09 -57.70
N ALA S 108 29.15 -7.75 -58.98
CA ALA S 108 28.59 -6.54 -59.54
C ALA S 108 27.70 -6.84 -60.74
N LYS S 109 27.00 -5.80 -61.19
CA LYS S 109 26.13 -5.89 -62.34
C LYS S 109 26.95 -6.21 -63.59
N PHE S 110 26.26 -6.72 -64.61
CA PHE S 110 26.94 -7.28 -65.78
C PHE S 110 27.69 -6.21 -66.57
N LYS S 111 27.05 -5.05 -66.77
CA LYS S 111 27.71 -3.92 -67.41
C LYS S 111 28.96 -3.53 -66.65
N ASP S 112 28.88 -3.52 -65.32
CA ASP S 112 30.03 -3.18 -64.49
C ASP S 112 31.15 -4.20 -64.68
N PHE S 113 30.81 -5.47 -64.87
CA PHE S 113 31.82 -6.48 -65.16
C PHE S 113 32.58 -6.13 -66.44
N MET S 114 31.85 -5.80 -67.50
CA MET S 114 32.52 -5.45 -68.75
C MET S 114 33.39 -4.21 -68.60
N LYS S 115 32.82 -3.14 -68.03
CA LYS S 115 33.56 -1.88 -67.94
C LYS S 115 34.71 -1.96 -66.95
N ILE S 116 34.65 -2.86 -65.96
CA ILE S 116 35.81 -3.13 -65.12
C ILE S 116 36.86 -3.89 -65.90
N CYS S 117 36.44 -4.84 -66.75
CA CYS S 117 37.40 -5.61 -67.53
C CYS S 117 38.19 -4.72 -68.48
N GLN S 118 37.58 -3.63 -68.97
CA GLN S 118 38.27 -2.73 -69.90
C GLN S 118 39.60 -2.21 -69.33
N THR S 119 39.58 -1.75 -68.07
CA THR S 119 40.75 -1.11 -67.48
C THR S 119 41.92 -2.08 -67.38
N VAL S 120 41.72 -3.20 -66.70
CA VAL S 120 42.79 -4.17 -66.51
C VAL S 120 43.22 -4.75 -67.86
N GLY S 121 42.27 -4.89 -68.80
CA GLY S 121 42.65 -5.37 -70.12
C GLY S 121 43.61 -4.43 -70.83
N LYS S 122 43.37 -3.12 -70.72
CA LYS S 122 44.27 -2.18 -71.37
C LYS S 122 45.60 -2.03 -70.64
N THR S 123 45.60 -2.12 -69.31
CA THR S 123 46.79 -1.74 -68.54
C THR S 123 47.79 -2.87 -68.32
N ASP S 124 47.32 -4.03 -67.82
CA ASP S 124 48.22 -5.07 -67.33
C ASP S 124 49.10 -5.63 -68.45
N PRO S 125 50.43 -5.69 -68.29
CA PRO S 125 51.25 -6.28 -69.37
C PRO S 125 51.17 -7.80 -69.46
N VAL S 126 50.97 -8.51 -68.35
CA VAL S 126 50.94 -9.98 -68.40
C VAL S 126 49.72 -10.46 -69.18
N LEU S 127 48.58 -9.81 -68.96
CA LEU S 127 47.37 -10.14 -69.72
C LEU S 127 47.57 -9.89 -71.21
N ARG S 128 48.21 -8.77 -71.55
CA ARG S 128 48.49 -8.49 -72.96
C ARG S 128 49.46 -9.51 -73.54
N GLU S 129 50.40 -9.99 -72.73
CA GLU S 129 51.29 -11.06 -73.17
C GLU S 129 50.50 -12.32 -73.51
N TYR S 130 49.53 -12.66 -72.66
CA TYR S 130 48.67 -13.81 -72.93
C TYR S 130 47.87 -13.61 -74.22
N ARG S 131 47.39 -12.39 -74.46
CA ARG S 131 46.58 -12.14 -75.64
C ARG S 131 47.41 -12.21 -76.93
N VAL S 132 48.60 -11.61 -76.94
CA VAL S 132 49.47 -11.77 -78.10
C VAL S 132 49.89 -13.22 -78.26
N SER S 133 49.96 -13.98 -77.15
CA SER S 133 50.22 -15.41 -77.27
C SER S 133 49.09 -16.11 -78.03
N LEU S 134 47.83 -15.76 -77.72
CA LEU S 134 46.69 -16.31 -78.46
C LEU S 134 46.82 -16.02 -79.95
N PHE S 135 47.03 -14.76 -80.30
CA PHE S 135 47.04 -14.42 -81.72
C PHE S 135 48.31 -14.94 -82.41
N ARG S 136 49.39 -15.20 -81.66
CA ARG S 136 50.52 -15.92 -82.23
C ARG S 136 50.16 -17.38 -82.50
N ASP S 137 49.37 -17.98 -81.60
CA ASP S 137 48.92 -19.36 -81.83
C ASP S 137 48.14 -19.44 -83.13
N GLU S 138 47.32 -18.43 -83.42
CA GLU S 138 46.66 -18.40 -84.73
C GLU S 138 47.66 -18.09 -85.85
N MET S 139 48.70 -17.30 -85.58
CA MET S 139 49.74 -17.10 -86.60
C MET S 139 50.58 -18.36 -86.81
N GLY S 140 50.59 -19.29 -85.86
CA GLY S 140 51.34 -20.53 -86.01
C GLY S 140 50.74 -21.42 -87.08
N ILE T 1271 40.74 -52.05 36.80
CA ILE T 1271 40.69 -53.39 37.46
C ILE T 1271 39.22 -53.71 37.73
N THR T 1272 38.82 -54.93 37.39
CA THR T 1272 37.46 -55.38 37.65
C THR T 1272 37.24 -55.63 39.14
N ASP T 1273 35.98 -55.57 39.56
CA ASP T 1273 35.64 -55.90 40.95
C ASP T 1273 35.99 -57.34 41.28
N VAL T 1274 35.95 -58.24 40.30
CA VAL T 1274 36.31 -59.64 40.54
C VAL T 1274 37.78 -59.73 40.92
N GLU T 1275 38.64 -59.01 40.20
CA GLU T 1275 40.07 -59.05 40.50
C GLU T 1275 40.40 -58.25 41.75
N ARG T 1276 39.76 -57.09 41.92
CA ARG T 1276 40.06 -56.24 43.06
C ARG T 1276 39.67 -56.90 44.37
N PHE T 1277 38.50 -57.54 44.40
CA PHE T 1277 37.90 -58.08 45.61
C PHE T 1277 38.07 -59.59 45.72
N LYS T 1278 39.12 -60.15 45.11
CA LYS T 1278 39.32 -61.59 45.14
C LYS T 1278 39.57 -62.09 46.56
N ASP T 1279 40.31 -61.31 47.36
CA ASP T 1279 40.69 -61.70 48.72
C ASP T 1279 39.74 -61.15 49.79
N THR T 1280 38.68 -60.46 49.41
CA THR T 1280 37.77 -59.88 50.39
C THR T 1280 36.84 -60.95 50.95
N VAL T 1281 36.41 -60.74 52.19
CA VAL T 1281 35.46 -61.64 52.84
C VAL T 1281 34.05 -61.28 52.36
N THR T 1282 33.30 -62.29 51.92
CA THR T 1282 31.94 -62.08 51.47
C THR T 1282 31.06 -61.60 52.63
N LEU T 1283 30.18 -60.65 52.33
CA LEU T 1283 29.24 -60.16 53.33
C LEU T 1283 28.19 -61.24 53.58
N GLU T 1284 28.05 -61.64 54.85
CA GLU T 1284 27.05 -62.60 55.28
C GLU T 1284 26.01 -61.88 56.14
N LEU T 1285 24.74 -62.07 55.81
CA LEU T 1285 23.62 -61.50 56.55
C LEU T 1285 22.85 -62.62 57.24
N SER T 1286 22.48 -62.38 58.50
CA SER T 1286 21.74 -63.33 59.31
C SER T 1286 20.29 -62.88 59.38
N CYS T 1287 19.37 -63.80 59.09
CA CYS T 1287 17.96 -63.42 59.04
C CYS T 1287 17.46 -63.10 60.45
N PRO T 1288 16.75 -61.99 60.67
CA PRO T 1288 16.28 -61.69 62.03
C PRO T 1288 15.25 -62.67 62.56
N SER T 1289 14.59 -63.45 61.71
CA SER T 1289 13.47 -64.31 62.12
C SER T 1289 13.89 -65.76 62.32
N CYS T 1290 14.56 -66.37 61.34
CA CYS T 1290 14.91 -67.79 61.38
C CYS T 1290 16.40 -68.06 61.58
N ASP T 1291 17.23 -67.04 61.77
CA ASP T 1291 18.66 -67.15 62.09
C ASP T 1291 19.51 -67.72 60.96
N LYS T 1292 18.94 -67.95 59.78
CA LYS T 1292 19.73 -68.51 58.69
C LYS T 1292 20.67 -67.46 58.12
N ARG T 1293 21.95 -67.81 58.03
CA ARG T 1293 22.97 -66.95 57.46
C ARG T 1293 23.17 -67.30 55.99
N PHE T 1294 23.37 -66.28 55.16
CA PHE T 1294 23.55 -66.46 53.73
C PHE T 1294 24.45 -65.37 53.19
N PRO T 1295 25.16 -65.59 52.08
CA PRO T 1295 25.96 -64.52 51.50
C PRO T 1295 25.09 -63.54 50.70
N PHE T 1296 25.38 -62.26 50.86
CA PHE T 1296 24.70 -61.20 50.15
C PHE T 1296 25.59 -60.68 49.04
N GLY T 1297 25.08 -60.69 47.80
CA GLY T 1297 25.81 -60.26 46.63
C GLY T 1297 25.09 -59.19 45.85
N GLY T 1298 24.34 -58.34 46.55
CA GLY T 1298 23.60 -57.27 45.89
C GLY T 1298 22.30 -57.78 45.30
N ILE T 1299 21.88 -57.12 44.22
CA ILE T 1299 20.63 -57.46 43.53
C ILE T 1299 21.01 -58.50 42.49
N VAL T 1300 21.05 -59.75 42.92
CA VAL T 1300 21.38 -60.90 42.07
C VAL T 1300 20.46 -62.05 42.47
N SER T 1301 20.42 -63.06 41.60
CA SER T 1301 19.68 -64.28 41.91
C SER T 1301 20.40 -65.03 43.03
N SER T 1302 19.61 -65.58 43.96
CA SER T 1302 20.18 -66.34 45.06
C SER T 1302 19.14 -67.35 45.55
N ASN T 1303 19.64 -68.49 46.01
CA ASN T 1303 18.77 -69.50 46.61
C ASN T 1303 18.38 -69.19 48.04
N TYR T 1304 19.00 -68.19 48.69
CA TYR T 1304 18.75 -67.86 50.08
C TYR T 1304 17.98 -66.57 50.31
N TYR T 1305 18.01 -65.63 49.35
CA TYR T 1305 17.31 -64.37 49.50
C TYR T 1305 16.74 -63.93 48.16
N ARG T 1306 15.74 -63.05 48.23
CA ARG T 1306 15.10 -62.45 47.07
C ARG T 1306 14.97 -60.95 47.33
N VAL T 1307 15.34 -60.15 46.34
CA VAL T 1307 15.15 -58.70 46.38
C VAL T 1307 13.86 -58.40 45.62
N SER T 1308 12.84 -57.96 46.35
CA SER T 1308 11.55 -57.60 45.78
C SER T 1308 11.45 -56.07 45.73
N TYR T 1309 10.27 -55.59 45.31
CA TYR T 1309 10.03 -54.16 45.30
C TYR T 1309 9.99 -53.58 46.72
N ASN T 1310 9.71 -54.39 47.73
CA ASN T 1310 9.66 -53.94 49.12
C ASN T 1310 11.01 -53.97 49.83
N GLY T 1311 12.02 -54.64 49.27
CA GLY T 1311 13.34 -54.73 49.85
C GLY T 1311 13.84 -56.16 49.86
N LEU T 1312 14.77 -56.43 50.77
CA LEU T 1312 15.41 -57.74 50.89
C LEU T 1312 14.48 -58.68 51.66
N GLN T 1313 14.29 -59.89 51.11
CA GLN T 1313 13.44 -60.92 51.70
C GLN T 1313 14.21 -62.23 51.78
N CYS T 1314 14.11 -62.91 52.92
CA CYS T 1314 14.72 -64.21 53.09
C CYS T 1314 13.84 -65.28 52.46
N LYS T 1315 14.46 -66.15 51.64
CA LYS T 1315 13.69 -67.19 50.95
C LYS T 1315 13.30 -68.33 51.88
N HIS T 1316 13.96 -68.49 53.03
CA HIS T 1316 13.65 -69.61 53.91
C HIS T 1316 12.32 -69.41 54.62
N CYS T 1317 12.09 -68.20 55.16
CA CYS T 1317 10.90 -67.89 55.96
C CYS T 1317 10.12 -66.68 55.47
N GLU T 1318 10.51 -66.08 54.33
CA GLU T 1318 9.80 -64.95 53.73
C GLU T 1318 9.78 -63.72 54.63
N GLN T 1319 10.73 -63.60 55.54
CA GLN T 1319 10.85 -62.40 56.36
C GLN T 1319 11.42 -61.26 55.54
N LEU T 1320 10.74 -60.10 55.57
CA LEU T 1320 11.22 -58.90 54.91
C LEU T 1320 12.13 -58.13 55.85
N PHE T 1321 13.31 -57.76 55.35
CA PHE T 1321 14.27 -57.01 56.14
C PHE T 1321 13.86 -55.53 56.18
N THR T 1322 13.84 -54.96 57.38
CA THR T 1322 13.73 -53.51 57.48
C THR T 1322 15.07 -52.89 57.08
N PRO T 1323 15.09 -51.61 56.71
CA PRO T 1323 16.39 -50.97 56.41
C PRO T 1323 17.36 -51.00 57.59
N LEU T 1324 16.87 -50.84 58.81
CA LEU T 1324 17.75 -50.86 59.98
C LEU T 1324 18.40 -52.23 60.16
N GLN T 1325 17.64 -53.30 59.95
CA GLN T 1325 18.17 -54.64 60.14
C GLN T 1325 19.33 -54.93 59.18
N LEU T 1326 19.22 -54.44 57.94
CA LEU T 1326 20.30 -54.60 56.98
C LEU T 1326 21.49 -53.70 57.31
N THR T 1327 21.22 -52.43 57.60
CA THR T 1327 22.30 -51.46 57.78
C THR T 1327 23.11 -51.76 59.03
N SER T 1328 22.45 -52.22 60.09
CA SER T 1328 23.17 -52.58 61.32
C SER T 1328 24.11 -53.73 61.09
N GLN T 1329 23.67 -54.75 60.34
CA GLN T 1329 24.55 -55.89 60.06
C GLN T 1329 25.74 -55.45 59.22
N ILE T 1330 25.51 -54.56 58.24
CA ILE T 1330 26.63 -54.04 57.45
C ILE T 1330 27.62 -53.31 58.34
N GLU T 1331 27.11 -52.45 59.22
CA GLU T 1331 27.97 -51.67 60.10
C GLU T 1331 28.72 -52.57 61.07
N HIS T 1332 28.07 -53.61 61.55
CA HIS T 1332 28.71 -54.57 62.44
C HIS T 1332 29.85 -55.30 61.73
N SER T 1333 29.65 -55.69 60.47
CA SER T 1333 30.72 -56.33 59.71
C SER T 1333 31.89 -55.36 59.49
N ILE T 1334 31.58 -54.11 59.17
CA ILE T 1334 32.63 -53.10 58.97
C ILE T 1334 33.44 -52.94 60.25
N ARG T 1335 32.75 -52.82 61.37
CA ARG T 1335 33.42 -52.58 62.64
C ARG T 1335 34.21 -53.81 63.07
N ALA T 1336 33.72 -55.01 62.76
CA ALA T 1336 34.49 -56.22 63.02
C ALA T 1336 35.78 -56.23 62.22
N HIS T 1337 35.72 -55.84 60.95
CA HIS T 1337 36.95 -55.78 60.15
C HIS T 1337 37.92 -54.74 60.68
N ILE T 1338 37.40 -53.58 61.12
CA ILE T 1338 38.26 -52.55 61.67
C ILE T 1338 38.95 -53.04 62.94
N SER T 1339 38.19 -53.71 63.81
CA SER T 1339 38.77 -54.23 65.04
C SER T 1339 39.79 -55.32 64.76
N LEU T 1340 39.53 -56.16 63.75
CA LEU T 1340 40.52 -57.15 63.34
C LEU T 1340 41.79 -56.48 62.84
N TYR T 1341 41.66 -55.38 62.10
CA TYR T 1341 42.83 -54.65 61.63
C TYR T 1341 43.63 -54.10 62.79
N TYR T 1342 42.95 -53.51 63.79
CA TYR T 1342 43.65 -52.93 64.93
C TYR T 1342 44.05 -53.97 65.98
N ALA T 1343 43.70 -55.24 65.79
CA ALA T 1343 44.29 -56.29 66.61
C ALA T 1343 45.80 -56.33 66.43
N GLY T 1344 46.29 -55.97 65.26
CA GLY T 1344 47.71 -55.77 65.06
C GLY T 1344 48.52 -57.04 64.90
N TRP T 1345 47.94 -58.08 64.32
CA TRP T 1345 48.71 -59.28 64.03
C TRP T 1345 49.75 -58.98 62.95
N LEU T 1346 51.00 -59.34 63.24
CA LEU T 1346 52.11 -59.22 62.31
C LEU T 1346 52.57 -60.60 61.89
N GLN T 1347 53.07 -60.70 60.66
CA GLN T 1347 53.62 -61.94 60.13
C GLN T 1347 54.95 -61.67 59.44
N CYS T 1348 55.93 -62.52 59.72
CA CYS T 1348 57.20 -62.46 59.01
C CYS T 1348 57.03 -62.97 57.58
N ASP T 1349 57.64 -62.26 56.63
CA ASP T 1349 57.56 -62.66 55.24
C ASP T 1349 58.55 -63.76 54.86
N ASP T 1350 59.48 -64.11 55.74
CA ASP T 1350 60.38 -65.22 55.47
C ASP T 1350 59.59 -66.53 55.54
N SER T 1351 59.68 -67.33 54.48
CA SER T 1351 58.90 -68.56 54.40
C SER T 1351 59.33 -69.57 55.46
N THR T 1352 60.61 -69.60 55.81
CA THR T 1352 61.09 -70.57 56.78
C THR T 1352 60.64 -70.21 58.20
N CYS T 1353 60.63 -68.92 58.53
CA CYS T 1353 60.26 -68.49 59.88
C CYS T 1353 58.74 -68.41 60.01
N GLY T 1354 58.10 -67.53 59.24
CA GLY T 1354 56.66 -67.44 59.18
C GLY T 1354 55.99 -67.17 60.52
N ILE T 1355 56.69 -66.52 61.44
CA ILE T 1355 56.16 -66.31 62.78
C ILE T 1355 55.00 -65.33 62.73
N VAL T 1356 53.97 -65.61 63.53
CA VAL T 1356 52.81 -64.74 63.68
C VAL T 1356 52.78 -64.26 65.12
N THR T 1357 52.79 -62.94 65.29
CA THR T 1357 52.79 -62.33 66.62
C THR T 1357 52.14 -60.96 66.54
N ARG T 1358 51.65 -60.49 67.68
CA ARG T 1358 51.19 -59.13 67.85
C ARG T 1358 52.25 -58.20 68.46
N GLN T 1359 53.39 -58.75 68.87
CA GLN T 1359 54.48 -57.93 69.39
C GLN T 1359 55.11 -57.11 68.29
N VAL T 1360 55.45 -55.86 68.60
CA VAL T 1360 56.10 -54.94 67.68
C VAL T 1360 57.45 -54.55 68.26
N SER T 1361 58.51 -54.75 67.49
CA SER T 1361 59.83 -54.33 67.91
C SER T 1361 59.97 -52.81 67.77
N VAL T 1362 61.00 -52.26 68.43
CA VAL T 1362 61.25 -50.82 68.28
C VAL T 1362 61.73 -50.46 66.88
N PHE T 1363 62.19 -51.44 66.09
CA PHE T 1363 62.46 -51.23 64.67
C PHE T 1363 61.25 -51.53 63.78
N GLY T 1364 60.19 -52.14 64.32
CA GLY T 1364 58.99 -52.37 63.55
C GLY T 1364 59.11 -53.54 62.58
N LYS T 1365 59.93 -53.37 61.54
CA LYS T 1365 60.03 -54.35 60.48
C LYS T 1365 61.00 -55.49 60.79
N ARG T 1366 61.79 -55.39 61.85
CA ARG T 1366 62.71 -56.47 62.21
C ARG T 1366 61.94 -57.64 62.80
N CYS T 1367 62.28 -58.85 62.36
CA CYS T 1367 61.64 -60.04 62.91
C CYS T 1367 62.14 -60.31 64.32
N LEU T 1368 61.21 -60.71 65.20
CA LEU T 1368 61.54 -60.94 66.60
C LEU T 1368 62.19 -62.31 66.83
N ASN T 1369 62.06 -63.24 65.90
CA ASN T 1369 62.77 -64.51 66.03
C ASN T 1369 64.26 -64.28 65.87
N ASP T 1370 65.04 -64.84 66.78
CA ASP T 1370 66.50 -64.65 66.75
C ASP T 1370 67.09 -65.30 65.51
N GLY T 1371 67.97 -64.57 64.83
CA GLY T 1371 68.64 -65.05 63.65
C GLY T 1371 67.89 -64.87 62.35
N CYS T 1372 66.64 -64.42 62.39
CA CYS T 1372 65.83 -64.24 61.20
C CYS T 1372 65.98 -62.83 60.65
N THR T 1373 66.21 -62.73 59.35
CA THR T 1373 66.34 -61.46 58.65
C THR T 1373 65.09 -61.06 57.87
N GLY T 1374 63.99 -61.80 58.01
CA GLY T 1374 62.77 -61.46 57.32
C GLY T 1374 62.13 -60.19 57.85
N VAL T 1375 61.17 -59.69 57.07
CA VAL T 1375 60.52 -58.40 57.31
C VAL T 1375 59.12 -58.66 57.85
N MET T 1376 58.81 -58.07 59.00
CA MET T 1376 57.47 -58.19 59.58
C MET T 1376 56.50 -57.28 58.83
N ARG T 1377 55.30 -57.81 58.59
CA ARG T 1377 54.24 -57.08 57.90
C ARG T 1377 52.91 -57.41 58.58
N TYR T 1378 51.97 -56.48 58.47
CA TYR T 1378 50.64 -56.71 59.02
C TYR T 1378 49.95 -57.85 58.29
N LYS T 1379 49.46 -58.82 59.06
CA LYS T 1379 48.75 -59.95 58.46
C LYS T 1379 47.49 -59.49 57.75
N TYR T 1380 46.76 -58.56 58.35
CA TYR T 1380 45.62 -57.88 57.73
C TYR T 1380 46.06 -56.44 57.48
N SER T 1381 46.47 -56.15 56.25
CA SER T 1381 47.03 -54.86 55.90
C SER T 1381 45.94 -53.82 55.73
N ASP T 1382 46.34 -52.55 55.71
CA ASP T 1382 45.41 -51.47 55.41
C ASP T 1382 44.86 -51.60 53.99
N LYS T 1383 45.64 -52.16 53.06
CA LYS T 1383 45.13 -52.41 51.72
C LYS T 1383 43.96 -53.37 51.74
N GLN T 1384 44.09 -54.47 52.50
CA GLN T 1384 43.02 -55.46 52.56
C GLN T 1384 41.77 -54.89 53.21
N LEU T 1385 41.94 -54.09 54.27
CA LEU T 1385 40.79 -53.44 54.90
C LEU T 1385 40.11 -52.47 53.94
N TYR T 1386 40.90 -51.67 53.22
CA TYR T 1386 40.33 -50.70 52.29
C TYR T 1386 39.58 -51.39 51.16
N ASN T 1387 40.16 -52.48 50.63
CA ASN T 1387 39.47 -53.24 49.60
C ASN T 1387 38.20 -53.90 50.14
N GLN T 1388 38.24 -54.35 51.40
CA GLN T 1388 37.03 -54.90 52.02
C GLN T 1388 35.93 -53.86 52.13
N LEU T 1389 36.28 -52.65 52.57
CA LEU T 1389 35.29 -51.59 52.70
C LEU T 1389 34.73 -51.19 51.32
N LEU T 1390 35.59 -51.15 50.30
CA LEU T 1390 35.09 -50.86 48.96
C LEU T 1390 34.21 -51.99 48.43
N TYR T 1391 34.54 -53.24 48.76
CA TYR T 1391 33.68 -54.36 48.38
C TYR T 1391 32.31 -54.23 49.01
N PHE T 1392 32.25 -53.85 50.29
CA PHE T 1392 30.96 -53.54 50.90
C PHE T 1392 30.28 -52.38 50.18
N ASP T 1393 31.05 -51.35 49.81
CA ASP T 1393 30.47 -50.21 49.11
C ASP T 1393 29.96 -50.60 47.73
N SER T 1394 30.66 -51.50 47.04
CA SER T 1394 30.26 -51.89 45.70
C SER T 1394 28.92 -52.63 45.72
N LEU T 1395 28.68 -53.42 46.77
CA LEU T 1395 27.45 -54.22 46.85
C LEU T 1395 26.20 -53.35 46.84
N PHE T 1396 26.32 -52.09 47.27
CA PHE T 1396 25.20 -51.15 47.35
C PHE T 1396 25.33 -49.99 46.38
N ASP T 1397 26.21 -50.10 45.38
CA ASP T 1397 26.24 -49.18 44.26
C ASP T 1397 25.17 -49.58 43.26
N CYS T 1398 24.22 -48.68 43.00
CA CYS T 1398 23.12 -49.01 42.11
C CYS T 1398 23.60 -49.24 40.68
N GLU T 1399 24.54 -48.42 40.21
CA GLU T 1399 25.01 -48.56 38.83
C GLU T 1399 25.73 -49.89 38.61
N LYS T 1400 26.55 -50.30 39.58
CA LYS T 1400 27.22 -51.60 39.45
C LYS T 1400 26.22 -52.74 39.48
N ASN T 1401 25.17 -52.62 40.30
CA ASN T 1401 24.12 -53.64 40.31
C ASN T 1401 23.40 -53.72 38.97
N LYS T 1402 23.10 -52.55 38.37
CA LYS T 1402 22.45 -52.54 37.07
C LYS T 1402 23.34 -53.15 36.00
N LYS T 1403 24.63 -52.83 36.03
CA LYS T 1403 25.58 -53.36 35.05
C LYS T 1403 26.06 -54.77 35.37
N GLN T 1404 25.68 -55.34 36.53
CA GLN T 1404 26.10 -56.68 36.94
C GLN T 1404 27.63 -56.79 36.98
N GLU T 1405 28.28 -55.75 37.52
CA GLU T 1405 29.72 -55.68 37.65
C GLU T 1405 30.22 -56.08 39.04
N LEU T 1406 29.35 -56.61 39.89
CA LEU T 1406 29.75 -56.99 41.23
C LEU T 1406 30.53 -58.30 41.23
N LYS T 1407 31.26 -58.54 42.31
CA LYS T 1407 31.92 -59.82 42.49
C LYS T 1407 30.85 -60.91 42.61
N PRO T 1408 30.93 -62.00 41.84
CA PRO T 1408 29.91 -63.04 41.99
C PRO T 1408 30.05 -63.78 43.30
N ILE T 1409 28.91 -64.01 43.96
CA ILE T 1409 28.87 -64.84 45.18
C ILE T 1409 28.64 -66.31 44.87
N TYR T 1410 28.28 -66.67 43.64
CA TYR T 1410 28.23 -68.04 43.17
C TYR T 1410 28.93 -68.14 41.83
N LEU T 1411 29.63 -69.26 41.62
CA LEU T 1411 30.19 -69.65 40.34
C LEU T 1411 29.23 -70.63 39.65
N PRO T 1412 29.30 -70.78 38.32
CA PRO T 1412 28.37 -71.71 37.65
C PRO T 1412 28.47 -73.15 38.13
N ASP T 1413 29.65 -73.60 38.58
CA ASP T 1413 29.84 -74.97 39.03
C ASP T 1413 29.51 -75.18 40.51
N ASP T 1414 29.09 -74.13 41.23
CA ASP T 1414 28.76 -74.28 42.63
C ASP T 1414 27.43 -75.00 42.80
N LEU T 1415 27.32 -75.77 43.89
CA LEU T 1415 26.08 -76.47 44.20
C LEU T 1415 24.94 -75.49 44.46
N ASP T 1416 25.24 -74.34 45.06
CA ASP T 1416 24.24 -73.34 45.39
C ASP T 1416 24.03 -72.32 44.26
N TYR T 1417 24.41 -72.65 43.03
CA TYR T 1417 24.19 -71.72 41.93
C TYR T 1417 22.69 -71.63 41.65
N PRO T 1418 22.09 -70.43 41.61
CA PRO T 1418 20.63 -70.37 41.44
C PRO T 1418 20.19 -70.85 40.06
N LYS T 1419 19.09 -71.61 40.05
CA LYS T 1419 18.58 -72.16 38.79
C LYS T 1419 17.94 -71.07 37.95
N GLU T 1420 17.15 -70.19 38.57
CA GLU T 1420 16.44 -69.11 37.88
C GLU T 1420 17.28 -67.84 37.98
N GLN T 1421 17.60 -67.25 36.82
CA GLN T 1421 18.41 -66.04 36.74
C GLN T 1421 17.53 -64.83 36.48
N LEU T 1422 17.81 -63.75 37.20
CA LEU T 1422 17.10 -62.50 36.98
C LEU T 1422 17.51 -61.89 35.64
N THR T 1423 16.52 -61.39 34.90
CA THR T 1423 16.81 -60.71 33.65
C THR T 1423 17.43 -59.34 33.90
N GLU T 1424 18.08 -58.80 32.87
CA GLU T 1424 18.69 -57.49 32.99
C GLU T 1424 17.63 -56.41 33.24
N SER T 1425 16.49 -56.52 32.56
CA SER T 1425 15.39 -55.59 32.80
C SER T 1425 14.89 -55.70 34.23
N SER T 1426 14.77 -56.94 34.74
CA SER T 1426 14.33 -57.14 36.12
C SER T 1426 15.32 -56.56 37.10
N ILE T 1427 16.63 -56.72 36.84
CA ILE T 1427 17.64 -56.17 37.74
C ILE T 1427 17.57 -54.65 37.74
N LYS T 1428 17.42 -54.03 36.57
CA LYS T 1428 17.31 -52.58 36.50
C LYS T 1428 16.06 -52.08 37.23
N ALA T 1429 14.93 -52.77 37.04
CA ALA T 1429 13.69 -52.36 37.71
C ALA T 1429 13.81 -52.50 39.22
N LEU T 1430 14.39 -53.61 39.70
CA LEU T 1430 14.54 -53.80 41.13
C LEU T 1430 15.52 -52.80 41.73
N THR T 1431 16.57 -52.45 40.99
CA THR T 1431 17.51 -51.45 41.48
C THR T 1431 16.85 -50.08 41.58
N GLU T 1432 16.03 -49.72 40.58
CA GLU T 1432 15.30 -48.46 40.66
C GLU T 1432 14.31 -48.47 41.81
N GLN T 1433 13.63 -49.59 42.03
CA GLN T 1433 12.63 -49.66 43.10
C GLN T 1433 13.26 -49.60 44.48
N ASN T 1434 14.48 -50.13 44.63
CA ASN T 1434 15.17 -50.21 45.92
C ASN T 1434 16.29 -49.18 46.05
N ARG T 1435 16.20 -48.06 45.32
CA ARG T 1435 17.28 -47.08 45.29
C ARG T 1435 17.55 -46.50 46.68
N GLU T 1436 16.49 -46.22 47.44
CA GLU T 1436 16.64 -45.64 48.77
C GLU T 1436 17.41 -46.56 49.72
N LEU T 1437 17.06 -47.86 49.71
CA LEU T 1437 17.73 -48.82 50.58
C LEU T 1437 19.21 -48.96 50.23
N MET T 1438 19.51 -49.06 48.93
CA MET T 1438 20.89 -49.19 48.49
C MET T 1438 21.69 -47.94 48.84
N GLU T 1439 21.09 -46.76 48.66
CA GLU T 1439 21.78 -45.53 49.03
C GLU T 1439 22.02 -45.45 50.53
N THR T 1440 21.08 -45.94 51.33
CA THR T 1440 21.27 -45.92 52.79
C THR T 1440 22.43 -46.81 53.20
N GLY T 1441 22.45 -48.05 52.68
CA GLY T 1441 23.56 -48.94 53.00
C GLY T 1441 24.89 -48.39 52.51
N ARG T 1442 24.90 -47.81 51.31
CA ARG T 1442 26.12 -47.21 50.79
C ARG T 1442 26.57 -46.01 51.63
N SER T 1443 25.63 -45.25 52.19
CA SER T 1443 26.00 -44.16 53.09
C SER T 1443 26.64 -44.72 54.36
N VAL T 1444 26.11 -45.84 54.87
CA VAL T 1444 26.73 -46.46 56.05
C VAL T 1444 28.16 -46.88 55.73
N VAL T 1445 28.39 -47.45 54.53
CA VAL T 1445 29.77 -47.81 54.18
C VAL T 1445 30.62 -46.55 54.00
N GLN T 1446 30.08 -45.51 53.36
CA GLN T 1446 30.85 -44.32 53.06
C GLN T 1446 31.21 -43.52 54.31
N LYS T 1447 30.47 -43.71 55.40
CA LYS T 1447 30.83 -43.10 56.68
C LYS T 1447 32.26 -43.49 57.07
N TYR T 1448 32.61 -44.77 56.93
CA TYR T 1448 33.92 -45.25 57.35
C TYR T 1448 34.98 -45.00 56.29
N LEU T 1449 34.62 -45.10 55.01
CA LEU T 1449 35.60 -44.87 53.95
C LEU T 1449 36.13 -43.45 53.96
N ASN T 1450 35.30 -42.49 54.39
CA ASN T 1450 35.78 -41.11 54.50
C ASN T 1450 36.80 -40.94 55.62
N ASP T 1451 36.80 -41.80 56.63
CA ASP T 1451 37.79 -41.77 57.70
C ASP T 1451 38.99 -42.67 57.43
N CYS T 1452 39.02 -43.41 56.33
CA CYS T 1452 40.15 -44.26 56.01
C CYS T 1452 41.31 -43.40 55.52
N GLY T 1453 42.48 -43.56 56.15
CA GLY T 1453 43.65 -42.75 55.81
C GLY T 1453 44.26 -43.06 54.47
N ARG T 1454 43.89 -44.17 53.83
CA ARG T 1454 44.49 -44.61 52.58
C ARG T 1454 44.00 -43.81 51.37
N ARG T 1455 43.08 -42.86 51.56
CA ARG T 1455 42.31 -42.32 50.45
C ARG T 1455 43.01 -41.15 49.75
N TYR T 1456 43.29 -40.07 50.48
CA TYR T 1456 43.53 -38.77 49.88
C TYR T 1456 45.01 -38.49 49.65
N VAL T 1457 45.27 -37.44 48.87
CA VAL T 1457 46.61 -37.05 48.41
C VAL T 1457 46.72 -35.54 48.61
N ASP T 1458 47.65 -35.10 49.45
CA ASP T 1458 47.76 -33.68 49.82
C ASP T 1458 48.75 -32.96 48.91
N MET T 1459 48.25 -32.05 48.08
CA MET T 1459 49.12 -31.31 47.17
C MET T 1459 49.99 -30.29 47.89
N THR T 1460 49.52 -29.76 49.03
CA THR T 1460 50.25 -28.71 49.74
C THR T 1460 51.64 -29.21 50.18
N SER T 1461 51.68 -30.40 50.80
CA SER T 1461 52.96 -30.97 51.19
C SER T 1461 53.75 -31.47 49.98
N ILE T 1462 53.06 -31.91 48.92
CA ILE T 1462 53.73 -32.58 47.81
C ILE T 1462 54.64 -31.62 47.04
N PHE T 1463 54.35 -30.32 47.05
CA PHE T 1463 55.04 -29.34 46.21
C PHE T 1463 56.19 -28.64 46.95
N ASP T 1464 56.91 -29.45 47.72
CA ASP T 1464 58.11 -29.00 48.42
C ASP T 1464 59.17 -28.39 47.52
N PHE T 1465 59.22 -28.72 46.21
CA PHE T 1465 60.23 -28.07 45.38
C PHE T 1465 59.95 -26.57 45.24
N MET T 1466 58.69 -26.18 45.11
CA MET T 1466 58.40 -24.75 45.13
C MET T 1466 58.71 -24.11 46.49
N LEU T 1467 58.90 -24.92 47.53
CA LEU T 1467 59.44 -24.51 48.81
C LEU T 1467 60.98 -24.61 48.89
N ASN T 1468 61.66 -25.02 47.82
CA ASN T 1468 63.12 -24.86 47.77
C ASN T 1468 63.42 -23.36 47.77
PG ANP U . -52.70 17.53 -16.05
O1G ANP U . -51.82 18.42 -15.24
O2G ANP U . -51.79 16.60 -16.95
O3G ANP U . -53.58 16.62 -15.09
PB ANP U . -52.77 19.40 -18.05
O1B ANP U . -52.62 18.72 -19.37
O2B ANP U . -51.36 19.60 -17.42
N3B ANP U . -53.71 18.47 -17.03
PA ANP U . -53.37 21.82 -17.04
O1A ANP U . -53.26 21.13 -15.73
O2A ANP U . -52.24 22.79 -17.35
O3A ANP U . -53.45 20.78 -18.23
O5' ANP U . -54.78 22.55 -17.05
C5' ANP U . -55.06 23.62 -17.98
C4' ANP U . -55.36 23.03 -19.34
O4' ANP U . -56.58 23.60 -19.82
C3' ANP U . -54.34 23.34 -20.42
O3' ANP U . -54.42 22.39 -21.48
C2' ANP U . -54.76 24.74 -20.86
O2' ANP U . -54.43 25.00 -22.22
C1' ANP U . -56.29 24.71 -20.65
N9 ANP U . -56.82 25.94 -20.05
C8 ANP U . -56.54 27.22 -20.46
N7 ANP U . -57.14 28.15 -19.76
C5 ANP U . -57.87 27.44 -18.82
C6 ANP U . -58.73 27.84 -17.77
N6 ANP U . -59.00 29.12 -17.49
N1 ANP U . -59.29 26.88 -17.01
C2 ANP U . -59.02 25.60 -17.28
N3 ANP U . -58.24 25.10 -18.25
C4 ANP U . -57.68 26.07 -18.97
HNB1 ANP U . -54.24 17.92 -17.52
H5'1 ANP U . -54.28 24.21 -18.03
H5'2 ANP U . -55.83 24.12 -17.65
H4' ANP U . -55.49 22.06 -19.27
H3' ANP U . -53.46 23.35 -20.04
HO3' ANP U . -54.61 22.81 -22.24
H2' ANP U . -54.36 25.39 -20.27
HO2' ANP U . -54.79 25.79 -22.47
H1' ANP U . -56.69 24.58 -21.52
H8 ANP U . -55.96 27.40 -21.19
HN61 ANP U . -58.58 29.80 -17.97
HN62 ANP U . -59.58 29.33 -16.82
H2 ANP U . -59.46 24.95 -16.72
MG MG V . -51.46 20.35 -15.58
PG ANP W . -41.65 -19.33 21.27
O1G ANP W . -41.66 -20.50 20.34
O2G ANP W . -40.42 -18.39 20.93
O3G ANP W . -42.99 -18.51 21.09
PB ANP W . -40.24 -20.81 23.22
O1B ANP W . -39.12 -20.54 22.27
O2B ANP W . -40.66 -22.30 23.13
N3B ANP W . -41.56 -19.86 22.87
PA ANP W . -38.39 -19.85 24.96
O1A ANP W . -37.28 -20.77 24.68
O2A ANP W . -38.39 -18.55 24.15
O3A ANP W . -39.79 -20.54 24.69
O5' ANP W . -38.40 -19.54 26.51
C5' ANP W . -39.45 -18.72 27.05
C4' ANP W . -39.07 -18.21 28.42
O4' ANP W . -39.24 -19.26 29.40
C3' ANP W . -37.62 -17.70 28.56
O3' ANP W . -37.61 -16.39 29.10
C2' ANP W . -36.99 -18.71 29.53
O2' ANP W . -36.00 -18.10 30.36
C1' ANP W . -38.19 -19.15 30.34
N9 ANP W . -38.02 -20.41 31.06
C8 ANP W . -37.02 -20.66 31.97
N7 ANP W . -37.06 -21.86 32.51
C5 ANP W . -38.16 -22.45 31.90
C6 ANP W . -38.75 -23.72 32.03
N6 ANP W . -38.28 -24.67 32.85
N1 ANP W . -39.84 -24.00 31.28
C2 ANP W . -40.31 -23.05 30.46
N3 ANP W . -39.85 -21.81 30.26
C4 ANP W . -38.76 -21.57 31.01
HNB1 ANP W . -41.60 -19.15 23.45
H5'1 ANP W . -40.27 -19.24 27.11
H5'2 ANP W . -39.60 -17.96 26.45
H4' ANP W . -39.67 -17.49 28.68
H3' ANP W . -37.18 -17.73 27.71
HO3' ANP W . -37.89 -16.41 29.94
H2' ANP W . -36.63 -19.46 29.05
HO2' ANP W . -36.40 -17.52 30.91
H1' ANP W . -38.41 -18.44 30.97
H8 ANP W . -36.36 -20.01 32.21
HN61 ANP W . -37.63 -24.45 33.47
HN62 ANP W . -38.60 -25.52 32.79
H2 ANP W . -41.10 -23.30 29.95
PG ANP X . -45.13 -34.06 -29.85
O1G ANP X . -43.70 -33.70 -30.05
O2G ANP X . -46.04 -32.77 -29.97
O3G ANP X . -45.30 -34.66 -28.39
PB ANP X . -45.16 -35.05 -32.52
O1B ANP X . -44.04 -34.07 -32.64
O2B ANP X . -46.35 -34.58 -33.39
N3B ANP X . -45.67 -35.22 -30.94
PA ANP X . -43.09 -36.67 -33.05
O1A ANP X . -42.52 -36.23 -34.34
O2A ANP X . -42.55 -35.92 -31.83
O3A ANP X . -44.65 -36.43 -33.03
O5' ANP X . -42.88 -38.23 -32.91
C5' ANP X . -43.92 -39.17 -33.26
C4' ANP X . -43.34 -40.57 -33.25
O4' ANP X . -44.34 -41.51 -33.68
C3' ANP X . -42.16 -40.79 -34.19
O3' ANP X . -41.30 -41.80 -33.67
C2' ANP X . -42.84 -41.20 -35.49
O2' ANP X . -42.01 -42.02 -36.31
C1' ANP X . -44.06 -41.98 -34.98
N9 ANP X . -45.26 -41.80 -35.80
C8 ANP X . -46.51 -41.46 -35.34
N7 ANP X . -47.41 -41.36 -36.30
C5 ANP X . -46.70 -41.65 -37.45
C6 ANP X . -47.08 -41.71 -38.81
N6 ANP X . -48.31 -41.46 -39.24
N1 ANP X . -46.12 -42.02 -39.71
C2 ANP X . -44.88 -42.27 -39.28
N3 ANP X . -44.41 -42.24 -38.03
C4 ANP X . -45.37 -41.92 -37.15
HNB1 ANP X . -46.58 -35.25 -30.93
H5'1 ANP X . -44.26 -38.96 -34.15
H5'2 ANP X . -44.64 -39.12 -32.61
H4' ANP X . -43.07 -40.82 -32.35
H3' ANP X . -41.69 -39.96 -34.32
HO3' ANP X . -41.12 -42.40 -34.30
H2' ANP X . -43.16 -40.43 -35.98
HO2' ANP X . -41.99 -41.71 -37.13
H1' ANP X . -43.82 -42.92 -34.94
H8 ANP X . -46.71 -41.31 -34.42
HN61 ANP X . -48.99 -41.27 -38.64
HN62 ANP X . -48.49 -41.49 -40.14
H2 ANP X . -44.24 -42.49 -39.97
MG MG Y . -42.39 -33.82 -31.54
ZN ZN Z . 15.37 13.18 -59.66
MG MG AA . -39.03 -18.58 22.27
ZN ZN BA . 32.27 5.22 -6.66
ZN ZN CA . 18.31 28.89 -38.93
PG ANP DA . -37.45 -40.12 -0.62
O1G ANP DA . -36.44 -39.29 -1.33
O2G ANP DA . -38.08 -39.32 0.58
O3G ANP DA . -38.59 -40.60 -1.60
PB ANP DA . -36.24 -42.57 -1.03
O1B ANP DA . -35.46 -41.96 -2.14
O2B ANP DA . -37.47 -43.34 -1.58
N3B ANP DA . -36.70 -41.44 0.08
PA ANP DA . -33.83 -43.44 -0.09
O1A ANP DA . -33.23 -43.83 -1.38
O2A ANP DA . -33.41 -42.04 0.37
O3A ANP DA . -35.39 -43.53 -0.17
O5' ANP DA . -33.53 -44.53 1.01
C5' ANP DA . -33.82 -44.23 2.40
C4' ANP DA . -33.35 -45.38 3.26
O4' ANP DA . -34.19 -46.54 3.09
C3' ANP DA . -31.91 -45.83 2.98
O3' ANP DA . -31.10 -45.81 4.15
C2' ANP DA . -32.07 -47.28 2.50
O2' ANP DA . -30.97 -48.05 2.97
C1' ANP DA . -33.38 -47.69 3.16
N9 ANP DA . -34.06 -48.77 2.44
C8 ANP DA . -35.33 -48.77 1.94
N7 ANP DA . -35.65 -49.87 1.30
C5 ANP DA . -34.51 -50.65 1.38
C6 ANP DA . -34.20 -51.93 0.90
N6 ANP DA . -35.05 -52.68 0.19
N1 ANP DA . -32.96 -52.42 1.15
C2 ANP DA . -32.10 -51.66 1.83
N3 ANP DA . -32.29 -50.44 2.34
C4 ANP DA . -33.52 -49.98 2.07
HNB1 ANP DA . -37.27 -41.83 0.68
H5'1 ANP DA . -34.78 -44.09 2.54
H5'2 ANP DA . -33.33 -43.42 2.66
H4' ANP DA . -33.41 -45.13 4.22
H3' ANP DA . -31.52 -45.29 2.29
HO3' ANP DA . -30.63 -46.56 4.18
H2' ANP DA . -32.17 -47.31 1.54
HO2' ANP DA . -30.76 -48.67 2.38
H1' ANP DA . -33.21 -47.94 4.08
H8 ANP DA . -35.93 -48.04 2.05
HN61 ANP DA . -35.92 -52.38 0.06
HN62 ANP DA . -34.74 -53.43 -0.22
H2 ANP DA . -31.23 -52.05 1.99
MG MG EA . -34.99 -40.07 -2.36
ZN ZN FA . 24.50 -15.56 -49.03
#